data_8FNV
#
_entry.id   8FNV
#
_cell.length_a   1.00
_cell.length_b   1.00
_cell.length_c   1.00
_cell.angle_alpha   90.00
_cell.angle_beta   90.00
_cell.angle_gamma   90.00
#
_symmetry.space_group_name_H-M   'P 1'
#
loop_
_entity.id
_entity.type
_entity.pdbx_description
1 polymer 'Adenosine deaminase'
2 non-polymer 'ZINC ION'
#
_entity_poly.entity_id   1
_entity_poly.type   'polypeptide(L)'
_entity_poly.pdbx_seq_one_letter_code
;MERFLLNSTVLLYRLSTVSLDEVSLDERVESSVFLAQYEQARSLPDHVAKSAWSYLVQQIKQRNMKLGPVAILRLIAEKF
IKNEKGGPKIDLPMFSEWQTLMSRVSCLPIIACHQVFNPGPASQEYSFRWPLYPYHPTVEDYITRECLHETHQHLNGSTS
AEECWLDALKHPEACLRDFEKGWASQEMKQLCAQIDPSLTPRIFKDRLQIACNIREILCRVAQGVELPEWIASMQNPQQL
ANSTILHNGREYGFATVWPIDDKYSQESEFCWLTGLLEKWRFNAPEGLERLLWIYLLIQNQYLTLLVQRDDFFGFEQFQN
YTMTELREETEKSYLSRFKHAHGAGVYSQVRYLEGRFAPKSDPNKMQKLLFSVLRGYWEYLSAHMSMEWVHEKPLTISQV
LDNLELVEPHGKCVELALVPHFIKRKPKNGEAYPHALLFKDLKNQAAILMDMLKSEPRLTGWIRGVDAAANEMHAPPELF
CPLFRVLAKSGIAHFTYHVGEDFPHLISGIRSIDDALRFLPLRNGDRLGHCTAIGITPSIWKRSLPLSLSMTKETRLLDL
VFIWRELRSHPELLRYASDAAIEAVRLAHKVFSLEEEVSITTLDQVFEMRGLLAESEGLLSELNEPLKPKSLWLEEYERA
RELVKTTGMKRPLKLYKQWLTSDNVRKQRAEYVEVALEYLPDEAVVALQQAVMAKMADRNIAIECPPTSNTRISQYRNVS
EHHIFRWMGLPGEAIEGDVPMSICLGSDDPGIFAADLKSEFYHLFVVLTRKFGLSPADALRKVAEVNENGRIYRFHDV
;
_entity_poly.pdbx_strand_id   A,B,C,D,E,F,G,H,I,J,K,L
#
loop_
_chem_comp.id
_chem_comp.type
_chem_comp.name
_chem_comp.formula
ZN non-polymer 'ZINC ION' 'Zn 2'
#
# COMPACT_ATOMS: atom_id res chain seq x y z
N MET A 1 39.54 -31.93 -28.90
CA MET A 1 40.75 -31.89 -29.77
C MET A 1 40.81 -33.06 -30.74
N GLU A 2 39.93 -34.04 -30.52
CA GLU A 2 39.95 -35.24 -31.36
C GLU A 2 39.50 -34.94 -32.78
N ARG A 3 38.68 -33.90 -32.98
CA ARG A 3 38.18 -33.60 -34.31
C ARG A 3 39.29 -33.12 -35.24
N PHE A 4 40.33 -32.48 -34.70
CA PHE A 4 41.42 -31.98 -35.52
C PHE A 4 42.34 -33.07 -36.04
N LEU A 5 42.28 -34.27 -35.47
CA LEU A 5 43.03 -35.40 -35.98
C LEU A 5 42.28 -36.18 -37.04
N LEU A 6 40.98 -35.94 -37.20
CA LEU A 6 40.18 -36.57 -38.24
C LEU A 6 39.76 -35.62 -39.34
N ASN A 7 39.85 -34.31 -39.11
CA ASN A 7 39.52 -33.31 -40.13
C ASN A 7 40.60 -32.23 -40.07
N SER A 8 41.58 -32.31 -40.98
CA SER A 8 42.69 -31.37 -40.99
C SER A 8 43.36 -31.41 -42.36
N THR A 9 43.40 -30.27 -43.04
CA THR A 9 44.11 -30.19 -44.31
C THR A 9 45.61 -30.39 -44.12
N VAL A 10 46.19 -29.76 -43.09
CA VAL A 10 47.62 -29.87 -42.86
C VAL A 10 48.01 -31.32 -42.57
N LEU A 11 47.25 -31.97 -41.68
CA LEU A 11 47.54 -33.36 -41.34
C LEU A 11 47.41 -34.26 -42.57
N LEU A 12 46.39 -34.02 -43.39
CA LEU A 12 46.22 -34.82 -44.59
C LEU A 12 47.41 -34.65 -45.51
N TYR A 13 47.82 -33.40 -45.74
CA TYR A 13 48.91 -33.14 -46.66
C TYR A 13 50.16 -33.87 -46.19
N ARG A 14 50.49 -33.67 -44.90
CA ARG A 14 51.70 -34.26 -44.30
C ARG A 14 51.68 -35.78 -44.39
N LEU A 15 50.59 -36.42 -43.97
CA LEU A 15 50.50 -37.87 -43.97
C LEU A 15 50.51 -38.44 -45.37
N SER A 16 49.92 -37.75 -46.35
CA SER A 16 49.85 -38.23 -47.71
C SER A 16 51.13 -37.97 -48.50
N THR A 17 52.02 -37.11 -47.99
CA THR A 17 53.27 -36.84 -48.70
C THR A 17 54.47 -37.60 -48.16
N VAL A 18 54.52 -37.92 -46.87
CA VAL A 18 55.69 -38.60 -46.35
C VAL A 18 55.54 -40.10 -46.57
N SER A 19 56.68 -40.80 -46.58
CA SER A 19 56.70 -42.22 -46.87
C SER A 19 56.00 -43.01 -45.77
N LEU A 20 55.55 -44.21 -46.12
CA LEU A 20 54.82 -45.07 -45.19
C LEU A 20 55.71 -45.75 -44.17
N ASP A 21 57.04 -45.65 -44.30
CA ASP A 21 57.97 -46.23 -43.36
C ASP A 21 58.72 -45.17 -42.55
N GLU A 22 58.16 -43.96 -42.47
CA GLU A 22 58.84 -42.89 -41.74
C GLU A 22 58.85 -43.16 -40.24
N VAL A 23 57.70 -43.51 -39.67
CA VAL A 23 57.58 -43.78 -38.24
C VAL A 23 57.85 -42.51 -37.45
N SER A 24 57.32 -42.44 -36.22
CA SER A 24 57.60 -41.36 -35.27
C SER A 24 57.14 -40.01 -35.81
N LEU A 25 55.82 -39.86 -35.95
CA LEU A 25 55.23 -38.65 -36.52
C LEU A 25 54.46 -37.85 -35.47
N ASP A 26 54.72 -38.09 -34.19
CA ASP A 26 53.95 -37.43 -33.14
C ASP A 26 54.15 -35.92 -33.14
N GLU A 27 55.41 -35.47 -33.27
CA GLU A 27 55.69 -34.05 -33.28
C GLU A 27 54.82 -33.36 -34.32
N ARG A 28 54.67 -34.03 -35.47
CA ARG A 28 54.10 -33.37 -36.64
C ARG A 28 52.60 -33.42 -36.60
N VAL A 29 52.07 -34.54 -36.11
CA VAL A 29 50.64 -34.62 -35.87
C VAL A 29 50.23 -33.53 -34.88
N GLU A 30 51.06 -33.29 -33.86
CA GLU A 30 50.77 -32.25 -32.88
C GLU A 30 50.80 -30.86 -33.51
N SER A 31 51.86 -30.55 -34.26
CA SER A 31 51.96 -29.24 -34.90
C SER A 31 50.80 -29.00 -35.87
N SER A 32 50.49 -30.00 -36.69
CA SER A 32 49.37 -29.87 -37.63
C SER A 32 48.06 -29.72 -36.89
N VAL A 33 47.91 -30.36 -35.72
CA VAL A 33 46.69 -30.19 -34.95
C VAL A 33 46.56 -28.74 -34.49
N PHE A 34 47.64 -28.14 -34.03
CA PHE A 34 47.55 -26.76 -33.60
C PHE A 34 47.24 -25.82 -34.76
N LEU A 35 47.84 -26.07 -35.93
CA LEU A 35 47.49 -25.28 -37.11
C LEU A 35 46.03 -25.45 -37.50
N ALA A 36 45.52 -26.68 -37.47
CA ALA A 36 44.12 -26.90 -37.80
C ALA A 36 43.21 -26.18 -36.81
N GLN A 37 43.55 -26.23 -35.52
CA GLN A 37 42.73 -25.55 -34.53
C GLN A 37 42.77 -24.03 -34.70
N TYR A 38 43.93 -23.48 -35.02
CA TYR A 38 44.01 -22.04 -35.28
C TYR A 38 43.18 -21.67 -36.49
N GLU A 39 43.22 -22.48 -37.55
CA GLU A 39 42.46 -22.21 -38.75
C GLU A 39 40.95 -22.34 -38.53
N GLN A 40 40.51 -23.34 -37.77
CA GLN A 40 39.10 -23.65 -37.62
C GLN A 40 38.46 -22.94 -36.44
N ALA A 41 38.94 -23.20 -35.22
CA ALA A 41 38.44 -22.60 -34.00
C ALA A 41 39.53 -21.68 -33.46
N ARG A 42 39.54 -20.44 -33.96
CA ARG A 42 40.61 -19.50 -33.64
C ARG A 42 40.53 -19.00 -32.20
N SER A 43 39.37 -19.01 -31.58
CA SER A 43 39.18 -18.35 -30.30
C SER A 43 39.71 -19.14 -29.11
N LEU A 44 40.22 -20.36 -29.33
CA LEU A 44 40.85 -21.09 -28.24
C LEU A 44 42.10 -20.34 -27.78
N PRO A 45 42.27 -20.05 -26.48
CA PRO A 45 43.33 -19.12 -26.07
C PRO A 45 44.73 -19.73 -26.03
N ASP A 46 45.07 -20.54 -27.04
CA ASP A 46 46.46 -20.88 -27.32
C ASP A 46 47.13 -21.73 -26.25
N HIS A 47 46.44 -21.99 -25.14
CA HIS A 47 47.00 -22.85 -24.09
C HIS A 47 46.00 -23.90 -23.67
N VAL A 48 44.70 -23.60 -23.81
CA VAL A 48 43.69 -24.63 -23.67
C VAL A 48 43.95 -25.73 -24.68
N ALA A 49 44.37 -25.35 -25.90
CA ALA A 49 44.70 -26.33 -26.92
C ALA A 49 45.92 -27.17 -26.51
N LYS A 50 46.98 -26.52 -26.02
CA LYS A 50 48.14 -27.26 -25.53
C LYS A 50 47.71 -28.29 -24.49
N SER A 51 46.92 -27.84 -23.50
CA SER A 51 46.52 -28.73 -22.41
C SER A 51 45.64 -29.87 -22.90
N ALA A 52 44.71 -29.58 -23.82
CA ALA A 52 43.86 -30.64 -24.36
C ALA A 52 44.68 -31.68 -25.10
N TRP A 53 45.65 -31.23 -25.90
CA TRP A 53 46.51 -32.18 -26.59
C TRP A 53 47.33 -33.01 -25.61
N SER A 54 47.84 -32.37 -24.55
CA SER A 54 48.59 -33.11 -23.53
C SER A 54 47.72 -34.18 -22.89
N TYR A 55 46.47 -33.83 -22.56
CA TYR A 55 45.57 -34.83 -21.98
C TYR A 55 45.29 -35.96 -22.95
N LEU A 56 45.16 -35.64 -24.24
CA LEU A 56 44.91 -36.67 -25.24
C LEU A 56 46.07 -37.65 -25.33
N VAL A 57 47.31 -37.13 -25.40
CA VAL A 57 48.46 -38.03 -25.43
C VAL A 57 48.53 -38.83 -24.14
N GLN A 58 48.21 -38.21 -23.01
CA GLN A 58 48.24 -38.91 -21.73
C GLN A 58 47.26 -40.08 -21.73
N GLN A 59 46.04 -39.85 -22.22
CA GLN A 59 45.06 -40.93 -22.29
C GLN A 59 45.55 -42.05 -23.19
N ILE A 60 46.05 -41.70 -24.39
CA ILE A 60 46.51 -42.71 -25.32
C ILE A 60 47.62 -43.55 -24.71
N LYS A 61 48.61 -42.89 -24.12
CA LYS A 61 49.75 -43.60 -23.53
C LYS A 61 49.31 -44.47 -22.35
N GLN A 62 48.44 -43.96 -21.48
CA GLN A 62 48.00 -44.75 -20.35
C GLN A 62 47.23 -45.99 -20.80
N ARG A 63 46.39 -45.85 -21.82
CA ARG A 63 45.63 -46.98 -22.34
C ARG A 63 46.41 -47.77 -23.38
N ASN A 64 47.70 -47.48 -23.53
CA ASN A 64 48.62 -48.35 -24.26
C ASN A 64 48.27 -48.40 -25.74
N MET A 65 47.84 -47.26 -26.26
CA MET A 65 47.47 -47.11 -27.65
C MET A 65 48.50 -46.21 -28.34
N LYS A 66 48.46 -46.25 -29.66
CA LYS A 66 49.32 -45.41 -30.49
C LYS A 66 48.49 -44.28 -31.08
N LEU A 67 49.10 -43.10 -31.19
CA LEU A 67 48.42 -41.96 -31.80
C LEU A 67 47.98 -42.32 -33.20
N GLY A 68 46.67 -42.45 -33.42
CA GLY A 68 46.15 -42.86 -34.70
C GLY A 68 44.64 -42.93 -34.74
N PRO A 69 44.11 -43.23 -35.94
CA PRO A 69 42.65 -43.24 -36.10
C PRO A 69 41.95 -44.18 -35.16
N VAL A 70 42.52 -45.36 -34.90
CA VAL A 70 41.87 -46.33 -34.02
C VAL A 70 41.71 -45.74 -32.62
N ALA A 71 42.79 -45.18 -32.08
CA ALA A 71 42.73 -44.61 -30.73
C ALA A 71 41.76 -43.44 -30.68
N ILE A 72 41.80 -42.55 -31.69
CA ILE A 72 40.93 -41.39 -31.67
C ILE A 72 39.46 -41.82 -31.75
N LEU A 73 39.15 -42.77 -32.64
CA LEU A 73 37.79 -43.26 -32.75
C LEU A 73 37.33 -43.93 -31.46
N ARG A 74 38.21 -44.71 -30.84
CA ARG A 74 37.84 -45.35 -29.57
C ARG A 74 37.52 -44.29 -28.51
N LEU A 75 38.36 -43.26 -28.41
CA LEU A 75 38.11 -42.23 -27.40
C LEU A 75 36.78 -41.54 -27.67
N ILE A 76 36.52 -41.16 -28.92
CA ILE A 76 35.26 -40.50 -29.25
C ILE A 76 34.08 -41.40 -28.92
N ALA A 77 34.17 -42.68 -29.29
CA ALA A 77 33.05 -43.59 -29.07
C ALA A 77 32.78 -43.80 -27.58
N GLU A 78 33.82 -44.00 -26.78
CA GLU A 78 33.61 -44.12 -25.34
C GLU A 78 33.04 -42.83 -24.76
N LYS A 79 33.40 -41.68 -25.31
CA LYS A 79 32.95 -40.41 -24.75
C LYS A 79 31.51 -40.07 -25.12
N PHE A 80 31.04 -40.49 -26.29
CA PHE A 80 29.73 -40.09 -26.79
C PHE A 80 28.72 -41.23 -26.81
N ILE A 81 29.08 -42.41 -27.33
CA ILE A 81 28.13 -43.47 -27.60
C ILE A 81 28.11 -44.45 -26.44
N LYS A 82 26.93 -44.96 -26.13
CA LYS A 82 26.68 -46.12 -25.30
C LYS A 82 25.75 -47.13 -25.94
N ASN A 83 25.29 -48.04 -25.10
CA ASN A 83 24.18 -48.93 -25.38
C ASN A 83 23.06 -48.62 -24.38
N GLU A 84 21.86 -48.30 -24.90
CA GLU A 84 20.71 -48.21 -24.02
C GLU A 84 19.46 -48.70 -24.72
N LYS A 85 18.75 -49.63 -24.07
CA LYS A 85 17.47 -50.13 -24.55
C LYS A 85 17.62 -50.88 -25.86
N GLY A 86 17.67 -50.14 -26.96
CA GLY A 86 17.86 -50.63 -28.31
C GLY A 86 18.94 -49.90 -29.06
N GLY A 87 20.02 -50.59 -29.38
CA GLY A 87 21.08 -50.03 -30.20
C GLY A 87 21.81 -48.90 -29.51
N PRO A 88 22.90 -48.44 -30.13
CA PRO A 88 23.68 -47.36 -29.53
C PRO A 88 22.95 -46.02 -29.57
N LYS A 89 23.14 -45.22 -28.53
CA LYS A 89 22.54 -43.90 -28.44
C LYS A 89 23.58 -42.93 -27.88
N ILE A 90 23.28 -41.64 -28.03
CA ILE A 90 24.14 -40.56 -27.56
C ILE A 90 23.61 -40.04 -26.23
N ASP A 91 24.52 -39.64 -25.34
CA ASP A 91 24.12 -38.96 -24.12
C ASP A 91 23.23 -37.76 -24.41
N LEU A 92 22.20 -37.59 -23.60
CA LEU A 92 21.44 -36.36 -23.61
C LEU A 92 22.31 -35.15 -23.29
N PRO A 93 23.12 -35.14 -22.24
CA PRO A 93 24.02 -34.00 -22.02
C PRO A 93 25.08 -33.83 -23.09
N MET A 94 25.38 -34.87 -23.87
CA MET A 94 26.45 -34.83 -24.86
C MET A 94 25.95 -34.66 -26.29
N PHE A 95 24.64 -34.59 -26.50
CA PHE A 95 24.12 -34.56 -27.86
C PHE A 95 24.52 -33.28 -28.59
N SER A 96 24.51 -32.14 -27.89
CA SER A 96 24.91 -30.89 -28.53
C SER A 96 26.35 -30.95 -29.02
N GLU A 97 27.25 -31.45 -28.17
CA GLU A 97 28.65 -31.61 -28.58
C GLU A 97 28.76 -32.61 -29.72
N TRP A 98 27.93 -33.67 -29.69
CA TRP A 98 27.96 -34.64 -30.78
C TRP A 98 27.54 -34.01 -32.09
N GLN A 99 26.53 -33.14 -32.07
CA GLN A 99 26.12 -32.43 -33.28
C GLN A 99 27.24 -31.55 -33.81
N THR A 100 27.87 -30.78 -32.90
CA THR A 100 28.98 -29.94 -33.33
C THR A 100 30.10 -30.80 -33.94
N LEU A 101 30.34 -31.98 -33.36
CA LEU A 101 31.34 -32.88 -33.93
C LEU A 101 30.92 -33.37 -35.30
N MET A 102 29.64 -33.73 -35.45
CA MET A 102 29.14 -34.20 -36.75
C MET A 102 29.30 -33.15 -37.83
N SER A 103 29.39 -31.88 -37.45
CA SER A 103 29.69 -30.86 -38.45
C SER A 103 31.11 -30.99 -39.03
N ARG A 104 31.96 -31.82 -38.43
CA ARG A 104 33.34 -31.97 -38.90
C ARG A 104 33.72 -33.41 -39.24
N VAL A 105 33.17 -34.38 -38.53
CA VAL A 105 33.58 -35.78 -38.62
C VAL A 105 32.39 -36.64 -39.00
N SER A 106 32.65 -37.70 -39.74
CA SER A 106 31.62 -38.66 -40.12
C SER A 106 31.37 -39.65 -38.99
N CYS A 107 30.12 -40.07 -38.85
CA CYS A 107 29.70 -40.88 -37.72
C CYS A 107 29.94 -42.38 -37.91
N LEU A 108 30.08 -42.83 -39.15
CA LEU A 108 30.17 -44.26 -39.42
C LEU A 108 31.42 -44.89 -38.79
N PRO A 109 32.62 -44.31 -38.93
CA PRO A 109 33.79 -44.90 -38.24
C PRO A 109 33.61 -44.97 -36.74
N ILE A 110 33.00 -43.95 -36.14
CA ILE A 110 32.82 -43.94 -34.69
C ILE A 110 31.85 -45.02 -34.27
N ILE A 111 30.77 -45.20 -35.04
CA ILE A 111 29.81 -46.25 -34.70
C ILE A 111 30.43 -47.62 -34.88
N ALA A 112 31.26 -47.79 -35.91
CA ALA A 112 31.96 -49.06 -36.07
C ALA A 112 32.88 -49.33 -34.89
N CYS A 113 33.61 -48.30 -34.44
CA CYS A 113 34.49 -48.47 -33.29
C CYS A 113 33.68 -48.82 -32.04
N HIS A 114 32.53 -48.19 -31.86
CA HIS A 114 31.68 -48.52 -30.71
C HIS A 114 31.20 -49.96 -30.80
N GLN A 115 30.75 -50.39 -31.98
CA GLN A 115 30.27 -51.77 -32.12
C GLN A 115 31.38 -52.76 -31.87
N VAL A 116 32.63 -52.40 -32.18
CA VAL A 116 33.74 -53.32 -31.99
C VAL A 116 34.16 -53.38 -30.53
N PHE A 117 34.40 -52.23 -29.91
CA PHE A 117 35.03 -52.16 -28.60
C PHE A 117 34.05 -52.03 -27.44
N ASN A 118 32.76 -51.90 -27.71
CA ASN A 118 31.75 -51.80 -26.66
C ASN A 118 30.40 -52.22 -27.24
N PRO A 119 30.28 -53.43 -27.75
CA PRO A 119 29.00 -53.85 -28.34
C PRO A 119 27.91 -54.00 -27.30
N GLY A 120 26.67 -53.85 -27.74
CA GLY A 120 25.53 -54.06 -26.89
C GLY A 120 25.27 -55.54 -26.69
N PRO A 121 24.12 -55.87 -26.11
CA PRO A 121 23.78 -57.29 -25.91
C PRO A 121 23.83 -58.06 -27.23
N ALA A 122 24.35 -59.28 -27.16
CA ALA A 122 24.48 -60.12 -28.35
C ALA A 122 23.18 -60.82 -28.66
N SER A 123 22.08 -60.06 -28.71
CA SER A 123 20.78 -60.58 -29.12
C SER A 123 20.05 -59.66 -30.09
N GLN A 124 20.43 -58.39 -30.17
CA GLN A 124 19.83 -57.43 -31.11
C GLN A 124 20.84 -57.25 -32.22
N GLU A 125 20.66 -58.01 -33.30
CA GLU A 125 21.56 -57.90 -34.45
C GLU A 125 21.56 -56.47 -34.95
N TYR A 126 22.70 -55.79 -34.80
CA TYR A 126 22.79 -54.38 -35.12
C TYR A 126 23.00 -54.19 -36.61
N SER A 127 22.07 -53.49 -37.25
CA SER A 127 22.22 -53.04 -38.62
C SER A 127 22.51 -51.54 -38.59
N PHE A 128 23.56 -51.13 -39.28
CA PHE A 128 24.01 -49.75 -39.20
C PHE A 128 22.88 -48.78 -39.54
N ARG A 129 22.72 -47.72 -38.74
CA ARG A 129 21.68 -46.73 -39.01
C ARG A 129 22.22 -45.37 -38.66
N TRP A 130 22.02 -44.43 -39.55
CA TRP A 130 22.40 -43.07 -39.26
C TRP A 130 21.16 -42.21 -39.17
N PRO A 131 21.20 -41.12 -38.41
CA PRO A 131 22.26 -40.77 -37.46
C PRO A 131 21.99 -41.38 -36.10
N LEU A 132 22.90 -41.19 -35.16
CA LEU A 132 22.68 -41.64 -33.80
C LEU A 132 21.88 -40.58 -33.04
N TYR A 133 20.82 -41.04 -32.36
CA TYR A 133 19.96 -40.18 -31.58
C TYR A 133 20.19 -40.41 -30.10
N PRO A 134 19.81 -39.46 -29.26
CA PRO A 134 19.68 -39.74 -27.82
C PRO A 134 18.39 -40.51 -27.57
N TYR A 135 18.18 -40.85 -26.31
CA TYR A 135 16.97 -41.55 -25.90
C TYR A 135 16.27 -40.77 -24.80
N HIS A 136 14.97 -40.55 -24.98
CA HIS A 136 14.12 -40.05 -23.92
C HIS A 136 12.73 -40.65 -24.09
N PRO A 137 12.18 -41.33 -23.09
CA PRO A 137 10.89 -42.00 -23.29
C PRO A 137 9.78 -41.07 -23.71
N THR A 138 9.75 -39.84 -23.19
CA THR A 138 8.70 -38.90 -23.60
C THR A 138 8.78 -38.60 -25.09
N VAL A 139 9.98 -38.32 -25.59
CA VAL A 139 10.15 -38.01 -27.01
C VAL A 139 9.81 -39.23 -27.86
N GLU A 140 10.26 -40.42 -27.44
CA GLU A 140 9.97 -41.62 -28.23
C GLU A 140 8.47 -41.90 -28.26
N ASP A 141 7.78 -41.73 -27.14
CA ASP A 141 6.34 -41.94 -27.12
C ASP A 141 5.63 -40.93 -28.01
N TYR A 142 6.05 -39.66 -27.94
CA TYR A 142 5.45 -38.65 -28.80
C TYR A 142 5.65 -38.98 -30.28
N ILE A 143 6.85 -39.42 -30.65
CA ILE A 143 7.11 -39.75 -32.04
C ILE A 143 6.28 -40.95 -32.47
N THR A 144 6.18 -41.97 -31.61
CA THR A 144 5.37 -43.13 -31.92
C THR A 144 3.90 -42.77 -32.10
N ARG A 145 3.39 -41.84 -31.29
CA ARG A 145 1.97 -41.51 -31.33
C ARG A 145 1.62 -40.57 -32.48
N GLU A 146 2.42 -39.52 -32.67
CA GLU A 146 2.10 -38.45 -33.61
C GLU A 146 2.99 -38.44 -34.84
N CYS A 147 4.17 -39.07 -34.78
CA CYS A 147 5.10 -39.09 -35.89
C CYS A 147 5.65 -37.69 -36.15
N LEU A 148 6.68 -37.59 -36.98
CA LEU A 148 7.32 -36.33 -37.30
C LEU A 148 6.94 -35.90 -38.71
N HIS A 149 6.93 -34.59 -38.94
CA HIS A 149 6.47 -34.00 -40.19
C HIS A 149 7.58 -33.16 -40.80
N GLU A 150 7.92 -33.44 -42.05
CA GLU A 150 9.02 -32.78 -42.74
C GLU A 150 8.45 -31.78 -43.75
N THR A 151 8.84 -30.51 -43.58
CA THR A 151 8.40 -29.43 -44.44
C THR A 151 9.54 -28.72 -45.17
N HIS A 152 10.80 -29.07 -44.89
CA HIS A 152 11.93 -28.36 -45.47
C HIS A 152 13.07 -29.35 -45.67
N GLN A 153 13.19 -29.89 -46.90
CA GLN A 153 14.26 -30.84 -47.22
C GLN A 153 14.74 -30.59 -48.65
N HIS A 154 15.72 -29.70 -48.83
CA HIS A 154 16.26 -29.23 -50.10
C HIS A 154 17.76 -28.94 -50.09
N LEU A 155 18.55 -29.56 -49.19
CA LEU A 155 19.93 -29.10 -48.99
C LEU A 155 20.96 -29.75 -49.92
N ASN A 156 21.19 -31.07 -49.85
CA ASN A 156 22.20 -31.67 -50.72
C ASN A 156 21.27 -32.60 -51.47
N GLY A 157 20.69 -32.17 -52.56
CA GLY A 157 19.55 -32.92 -53.10
C GLY A 157 18.50 -33.04 -51.99
N SER A 158 18.31 -34.27 -51.48
CA SER A 158 17.58 -34.45 -50.22
C SER A 158 18.23 -35.48 -49.32
N THR A 159 19.45 -35.92 -49.65
CA THR A 159 20.15 -36.94 -48.91
C THR A 159 21.22 -36.31 -48.03
N SER A 160 21.62 -37.04 -46.99
CA SER A 160 22.72 -36.58 -46.15
C SER A 160 24.01 -36.58 -46.94
N ALA A 161 24.96 -35.76 -46.50
CA ALA A 161 26.21 -35.58 -47.22
C ALA A 161 27.08 -36.84 -47.13
N GLU A 162 26.72 -37.75 -46.22
CA GLU A 162 27.55 -38.92 -45.96
C GLU A 162 27.41 -40.00 -47.01
N GLU A 163 26.24 -40.18 -47.61
CA GLU A 163 26.10 -41.09 -48.74
C GLU A 163 26.69 -40.50 -50.01
N CYS A 164 26.85 -39.17 -50.06
CA CYS A 164 27.49 -38.55 -51.21
C CYS A 164 28.96 -38.94 -51.32
N TRP A 165 29.62 -39.20 -50.19
CA TRP A 165 31.00 -39.68 -50.25
C TRP A 165 31.08 -41.01 -50.99
N LEU A 166 30.23 -41.97 -50.63
CA LEU A 166 30.23 -43.24 -51.32
C LEU A 166 29.74 -43.11 -52.76
N ASP A 167 28.81 -42.19 -53.01
CA ASP A 167 28.39 -41.94 -54.39
C ASP A 167 29.55 -41.43 -55.23
N ALA A 168 30.37 -40.54 -54.65
CA ALA A 168 31.56 -40.07 -55.37
C ALA A 168 32.54 -41.20 -55.62
N LEU A 169 32.76 -42.06 -54.62
CA LEU A 169 33.64 -43.20 -54.83
C LEU A 169 33.08 -44.15 -55.89
N LYS A 170 31.76 -44.23 -56.00
CA LYS A 170 31.12 -45.05 -57.03
C LYS A 170 31.27 -44.43 -58.41
N HIS A 171 31.17 -43.12 -58.49
CA HIS A 171 31.25 -42.37 -59.74
C HIS A 171 32.33 -41.31 -59.58
N PRO A 172 33.58 -41.73 -59.40
CA PRO A 172 34.68 -40.77 -59.24
C PRO A 172 34.77 -39.81 -60.41
N GLU A 173 34.51 -40.31 -61.61
CA GLU A 173 34.64 -39.49 -62.80
C GLU A 173 33.43 -38.57 -62.99
N ALA A 174 32.25 -38.96 -62.49
CA ALA A 174 31.13 -38.01 -62.43
C ALA A 174 31.43 -36.89 -61.45
N CYS A 175 31.92 -37.23 -60.25
CA CYS A 175 32.25 -36.23 -59.27
C CYS A 175 33.36 -35.31 -59.77
N LEU A 176 34.38 -35.88 -60.40
CA LEU A 176 35.44 -35.07 -60.99
C LEU A 176 34.89 -34.15 -62.07
N ARG A 177 34.01 -34.67 -62.93
CA ARG A 177 33.36 -33.85 -63.93
C ARG A 177 32.62 -32.66 -63.31
N ASP A 178 31.83 -32.90 -62.26
CA ASP A 178 31.14 -31.79 -61.62
C ASP A 178 32.13 -30.79 -61.03
N PHE A 179 33.14 -31.28 -60.31
CA PHE A 179 34.10 -30.40 -59.68
C PHE A 179 34.76 -29.49 -60.71
N GLU A 180 35.18 -30.06 -61.84
CA GLU A 180 35.80 -29.23 -62.88
C GLU A 180 34.79 -28.23 -63.44
N LYS A 181 33.60 -28.72 -63.81
CA LYS A 181 32.55 -27.83 -64.30
C LYS A 181 31.89 -27.18 -63.08
N GLY A 182 32.52 -26.12 -62.60
CA GLY A 182 32.11 -25.41 -61.41
C GLY A 182 33.33 -24.88 -60.68
N TRP A 183 34.50 -25.47 -60.95
CA TRP A 183 35.77 -24.89 -60.51
C TRP A 183 36.18 -23.71 -61.38
N ALA A 184 35.70 -23.65 -62.62
CA ALA A 184 35.87 -22.43 -63.40
C ALA A 184 35.10 -21.28 -62.80
N SER A 185 34.12 -21.56 -61.94
CA SER A 185 33.38 -20.52 -61.27
C SER A 185 34.18 -19.96 -60.12
N GLN A 186 34.14 -18.63 -60.04
CA GLN A 186 34.84 -17.93 -59.00
C GLN A 186 34.37 -18.30 -57.61
N GLU A 187 33.06 -18.39 -57.44
CA GLU A 187 32.52 -18.61 -56.12
C GLU A 187 33.25 -19.78 -55.53
N MET A 188 33.35 -20.81 -56.37
CA MET A 188 33.91 -22.12 -56.08
C MET A 188 35.41 -22.06 -55.88
N LYS A 189 36.13 -21.32 -56.73
CA LYS A 189 37.56 -21.17 -56.48
C LYS A 189 37.80 -20.61 -55.10
N GLN A 190 37.04 -19.57 -54.72
CA GLN A 190 37.18 -18.97 -53.41
C GLN A 190 36.88 -19.98 -52.31
N LEU A 191 35.80 -20.74 -52.47
CA LEU A 191 35.45 -21.75 -51.45
C LEU A 191 36.55 -22.80 -51.31
N CYS A 192 37.07 -23.29 -52.44
CA CYS A 192 38.13 -24.29 -52.40
C CYS A 192 39.37 -23.75 -51.74
N ALA A 193 39.73 -22.51 -52.04
CA ALA A 193 40.89 -21.91 -51.39
C ALA A 193 40.65 -21.77 -49.89
N GLN A 194 39.43 -21.42 -49.49
CA GLN A 194 39.14 -21.20 -48.08
C GLN A 194 39.14 -22.51 -47.30
N ILE A 195 38.78 -23.62 -47.94
CA ILE A 195 38.84 -24.91 -47.25
C ILE A 195 40.24 -25.51 -47.34
N ASP A 196 40.69 -25.82 -48.55
CA ASP A 196 42.04 -26.34 -48.80
C ASP A 196 42.71 -25.45 -49.83
N PRO A 197 43.68 -24.61 -49.44
CA PRO A 197 44.26 -23.67 -50.41
C PRO A 197 44.71 -24.32 -51.72
N SER A 198 45.53 -25.36 -51.65
CA SER A 198 46.07 -26.00 -52.84
C SER A 198 45.27 -27.27 -53.17
N LEU A 199 43.99 -27.08 -53.47
CA LEU A 199 43.13 -28.23 -53.79
C LEU A 199 43.23 -28.62 -55.27
N THR A 200 42.78 -27.74 -56.16
CA THR A 200 42.77 -27.98 -57.60
C THR A 200 42.01 -29.25 -57.99
N PRO A 201 41.47 -29.31 -59.21
CA PRO A 201 40.81 -30.54 -59.67
C PRO A 201 41.72 -31.74 -59.70
N ARG A 202 43.01 -31.54 -59.98
CA ARG A 202 43.91 -32.68 -60.12
C ARG A 202 44.13 -33.37 -58.76
N ILE A 203 44.41 -32.60 -57.72
CA ILE A 203 44.55 -33.24 -56.41
C ILE A 203 43.19 -33.72 -55.92
N PHE A 204 42.09 -33.07 -56.33
CA PHE A 204 40.78 -33.64 -56.04
C PHE A 204 40.67 -35.07 -56.58
N LYS A 205 41.00 -35.24 -57.85
CA LYS A 205 40.97 -36.56 -58.48
C LYS A 205 41.92 -37.53 -57.79
N ASP A 206 43.14 -37.07 -57.49
CA ASP A 206 44.12 -37.93 -56.84
C ASP A 206 43.63 -38.38 -55.47
N ARG A 207 43.00 -37.48 -54.73
CA ARG A 207 42.49 -37.83 -53.40
C ARG A 207 41.35 -38.85 -53.51
N LEU A 208 40.45 -38.67 -54.48
CA LEU A 208 39.40 -39.67 -54.66
C LEU A 208 40.00 -41.03 -54.99
N GLN A 209 40.98 -41.08 -55.88
CA GLN A 209 41.60 -42.35 -56.24
C GLN A 209 42.33 -42.96 -55.05
N ILE A 210 43.01 -42.12 -54.26
CA ILE A 210 43.70 -42.62 -53.07
C ILE A 210 42.71 -43.22 -52.09
N ALA A 211 41.56 -42.56 -51.91
CA ALA A 211 40.54 -43.09 -51.02
C ALA A 211 40.04 -44.45 -51.51
N CYS A 212 39.78 -44.56 -52.82
CA CYS A 212 39.30 -45.84 -53.35
C CYS A 212 40.34 -46.94 -53.14
N ASN A 213 41.61 -46.65 -53.46
CA ASN A 213 42.65 -47.66 -53.33
C ASN A 213 42.86 -48.07 -51.87
N ILE A 214 42.85 -47.09 -50.97
CA ILE A 214 42.98 -47.40 -49.55
C ILE A 214 41.82 -48.26 -49.08
N ARG A 215 40.61 -47.96 -49.56
CA ARG A 215 39.46 -48.76 -49.20
C ARG A 215 39.65 -50.21 -49.65
N GLU A 216 40.13 -50.41 -50.88
CA GLU A 216 40.37 -51.77 -51.36
C GLU A 216 41.41 -52.49 -50.50
N ILE A 217 42.54 -51.83 -50.23
CA ILE A 217 43.61 -52.45 -49.46
C ILE A 217 43.13 -52.81 -48.06
N LEU A 218 42.43 -51.87 -47.41
CA LEU A 218 41.98 -52.12 -46.06
C LEU A 218 40.85 -53.14 -46.02
N CYS A 219 40.07 -53.28 -47.09
CA CYS A 219 39.13 -54.39 -47.17
C CYS A 219 39.87 -55.71 -47.20
N ARG A 220 40.99 -55.77 -47.93
CA ARG A 220 41.77 -57.01 -47.94
C ARG A 220 42.17 -57.40 -46.53
N VAL A 221 42.66 -56.45 -45.73
CA VAL A 221 43.09 -56.82 -44.38
C VAL A 221 41.90 -57.04 -43.46
N ALA A 222 40.77 -56.37 -43.72
CA ALA A 222 39.58 -56.62 -42.92
C ALA A 222 39.09 -58.05 -43.11
N GLN A 223 39.12 -58.55 -44.33
CA GLN A 223 38.83 -59.96 -44.59
C GLN A 223 39.99 -60.88 -44.23
N GLY A 224 41.18 -60.34 -44.03
CA GLY A 224 42.34 -61.16 -43.74
C GLY A 224 42.71 -62.04 -44.92
N VAL A 225 43.02 -61.44 -46.08
CA VAL A 225 43.35 -62.18 -47.28
C VAL A 225 44.76 -61.78 -47.71
N GLU A 226 45.76 -62.45 -47.14
CA GLU A 226 47.06 -62.72 -47.75
C GLU A 226 47.90 -61.51 -48.17
N LEU A 227 47.45 -60.27 -47.93
CA LEU A 227 48.27 -59.09 -48.15
C LEU A 227 49.02 -59.18 -49.48
N PRO A 228 48.39 -58.88 -50.62
CA PRO A 228 49.02 -59.23 -51.90
C PRO A 228 50.44 -58.67 -52.00
N GLU A 229 51.26 -59.30 -52.85
CA GLU A 229 52.69 -59.05 -52.83
C GLU A 229 53.03 -57.60 -53.16
N TRP A 230 52.26 -56.96 -54.04
CA TRP A 230 52.62 -55.62 -54.50
C TRP A 230 52.54 -54.58 -53.39
N ILE A 231 52.09 -54.96 -52.18
CA ILE A 231 52.05 -54.02 -51.07
C ILE A 231 53.46 -53.55 -50.73
N ALA A 232 54.48 -54.40 -50.93
CA ALA A 232 55.85 -54.01 -50.61
C ALA A 232 56.30 -52.83 -51.45
N SER A 233 55.93 -52.81 -52.73
CA SER A 233 56.30 -51.69 -53.59
C SER A 233 55.64 -50.40 -53.16
N MET A 234 54.47 -50.50 -52.56
CA MET A 234 53.75 -49.32 -52.07
C MET A 234 54.51 -48.66 -50.92
N GLN A 235 55.17 -47.54 -51.20
CA GLN A 235 55.98 -46.91 -50.17
C GLN A 235 55.52 -45.53 -49.81
N ASN A 236 54.79 -44.83 -50.69
CA ASN A 236 54.47 -43.42 -50.51
C ASN A 236 53.00 -43.22 -50.91
N PRO A 237 52.18 -42.67 -50.02
CA PRO A 237 50.72 -42.68 -50.28
C PRO A 237 50.33 -42.11 -51.63
N GLN A 238 51.16 -41.24 -52.21
CA GLN A 238 50.86 -40.71 -53.53
C GLN A 238 50.83 -41.81 -54.59
N GLN A 239 51.46 -42.95 -54.33
CA GLN A 239 51.39 -44.07 -55.27
C GLN A 239 49.97 -44.54 -55.48
N LEU A 240 49.10 -44.33 -54.49
CA LEU A 240 47.70 -44.75 -54.59
C LEU A 240 46.85 -43.79 -55.40
N ALA A 241 47.41 -42.68 -55.86
CA ALA A 241 46.65 -41.74 -56.68
C ALA A 241 46.23 -42.33 -58.02
N ASN A 242 46.67 -43.54 -58.34
CA ASN A 242 46.52 -44.08 -59.67
C ASN A 242 45.76 -45.40 -59.61
N SER A 243 45.25 -45.84 -60.76
CA SER A 243 44.43 -47.04 -60.81
C SER A 243 45.24 -48.32 -60.68
N THR A 244 46.56 -48.28 -60.90
CA THR A 244 47.38 -49.47 -60.81
C THR A 244 48.70 -49.13 -60.14
N ILE A 245 49.31 -50.15 -59.52
CA ILE A 245 50.62 -50.04 -58.91
C ILE A 245 51.60 -50.89 -59.70
N LEU A 246 52.84 -50.42 -59.78
CA LEU A 246 53.90 -51.09 -60.52
C LEU A 246 54.92 -51.66 -59.53
N HIS A 247 54.96 -52.98 -59.41
CA HIS A 247 55.86 -53.61 -58.45
C HIS A 247 57.23 -53.88 -59.07
N ASN A 248 57.28 -54.76 -60.07
CA ASN A 248 58.49 -54.96 -60.88
C ASN A 248 58.04 -55.24 -62.31
N GLY A 249 57.99 -54.20 -63.14
CA GLY A 249 57.65 -54.36 -64.54
C GLY A 249 56.17 -54.49 -64.81
N ARG A 250 55.43 -55.04 -63.84
CA ARG A 250 54.00 -55.32 -64.00
C ARG A 250 53.16 -54.22 -63.37
N GLU A 251 51.93 -54.09 -63.87
CA GLU A 251 50.97 -53.13 -63.33
C GLU A 251 49.82 -53.91 -62.69
N TYR A 252 49.75 -53.86 -61.37
CA TYR A 252 48.73 -54.58 -60.61
C TYR A 252 47.59 -53.64 -60.23
N GLY A 253 46.36 -54.13 -60.37
CA GLY A 253 45.21 -53.37 -59.96
C GLY A 253 44.91 -53.54 -58.47
N PHE A 254 44.28 -52.51 -57.90
CA PHE A 254 43.96 -52.51 -56.48
C PHE A 254 42.65 -53.21 -56.15
N ALA A 255 41.84 -53.53 -57.15
CA ALA A 255 40.52 -54.09 -56.90
C ALA A 255 40.63 -55.49 -56.28
N THR A 256 39.61 -55.83 -55.49
CA THR A 256 39.51 -57.14 -54.87
C THR A 256 38.04 -57.56 -54.87
N VAL A 257 37.77 -58.71 -54.25
CA VAL A 257 36.41 -59.23 -54.17
C VAL A 257 35.76 -58.71 -52.89
N TRP A 258 34.47 -58.37 -52.98
CA TRP A 258 33.71 -57.84 -51.87
C TRP A 258 32.55 -58.75 -51.55
N PRO A 259 32.22 -58.95 -50.26
CA PRO A 259 31.09 -59.84 -49.94
C PRO A 259 29.77 -59.38 -50.52
N ILE A 260 29.40 -58.12 -50.27
CA ILE A 260 28.10 -57.61 -50.67
C ILE A 260 28.13 -57.19 -52.13
N ASP A 261 26.98 -57.32 -52.79
CA ASP A 261 26.90 -56.97 -54.21
C ASP A 261 27.23 -55.50 -54.43
N ASP A 262 26.69 -54.62 -53.58
CA ASP A 262 26.98 -53.19 -53.66
C ASP A 262 28.12 -52.90 -52.68
N LYS A 263 29.33 -52.77 -53.22
CA LYS A 263 30.53 -52.58 -52.40
C LYS A 263 30.69 -51.13 -51.92
N TYR A 264 29.91 -50.22 -52.49
CA TYR A 264 29.92 -48.79 -52.18
C TYR A 264 28.74 -48.39 -51.29
N SER A 265 28.10 -49.36 -50.68
CA SER A 265 26.97 -49.11 -49.80
C SER A 265 27.47 -48.85 -48.38
N GLN A 266 26.64 -48.16 -47.59
CA GLN A 266 27.05 -47.85 -46.23
C GLN A 266 27.09 -49.09 -45.37
N GLU A 267 26.27 -50.09 -45.68
CA GLU A 267 26.40 -51.38 -45.02
C GLU A 267 27.76 -52.01 -45.30
N SER A 268 28.20 -51.97 -46.57
CA SER A 268 29.51 -52.52 -46.91
C SER A 268 30.62 -51.75 -46.20
N GLU A 269 30.51 -50.42 -46.17
CA GLU A 269 31.51 -49.61 -45.49
C GLU A 269 31.56 -49.96 -44.00
N PHE A 270 30.39 -50.09 -43.37
CA PHE A 270 30.35 -50.44 -41.95
C PHE A 270 30.94 -51.82 -41.69
N CYS A 271 30.62 -52.79 -42.55
CA CYS A 271 31.16 -54.13 -42.37
C CYS A 271 32.68 -54.12 -42.50
N TRP A 272 33.20 -53.43 -43.51
CA TRP A 272 34.65 -53.37 -43.70
C TRP A 272 35.33 -52.69 -42.51
N LEU A 273 34.78 -51.58 -42.05
CA LEU A 273 35.39 -50.87 -40.93
C LEU A 273 35.34 -51.69 -39.66
N THR A 274 34.22 -52.39 -39.41
CA THR A 274 34.11 -53.23 -38.23
C THR A 274 35.13 -54.36 -38.29
N GLY A 275 35.28 -55.00 -39.45
CA GLY A 275 36.28 -56.05 -39.56
C GLY A 275 37.70 -55.52 -39.36
N LEU A 276 38.00 -54.36 -39.95
CA LEU A 276 39.33 -53.78 -39.80
C LEU A 276 39.63 -53.48 -38.34
N LEU A 277 38.68 -52.86 -37.64
CA LEU A 277 38.91 -52.52 -36.24
C LEU A 277 38.97 -53.77 -35.36
N GLU A 278 38.18 -54.80 -35.69
CA GLU A 278 38.28 -56.06 -34.96
C GLU A 278 39.65 -56.68 -35.12
N LYS A 279 40.20 -56.66 -36.34
CA LYS A 279 41.54 -57.20 -36.56
C LYS A 279 42.60 -56.34 -35.88
N TRP A 280 42.40 -55.02 -35.83
CA TRP A 280 43.33 -54.10 -35.19
C TRP A 280 42.95 -53.79 -33.75
N ARG A 281 42.17 -54.66 -33.10
CA ARG A 281 41.70 -54.40 -31.75
C ARG A 281 42.86 -54.06 -30.81
N PHE A 282 43.92 -54.86 -30.83
CA PHE A 282 45.02 -54.72 -29.89
C PHE A 282 46.14 -53.82 -30.42
N ASN A 283 46.47 -53.96 -31.70
CA ASN A 283 47.41 -53.07 -32.39
C ASN A 283 47.06 -53.02 -33.86
N ALA A 284 47.86 -52.28 -34.63
CA ALA A 284 47.75 -52.21 -36.07
C ALA A 284 49.11 -51.89 -36.68
N PRO A 285 49.38 -52.36 -37.89
CA PRO A 285 50.59 -51.91 -38.59
C PRO A 285 50.57 -50.40 -38.79
N GLU A 286 51.74 -49.78 -38.64
CA GLU A 286 51.81 -48.32 -38.72
C GLU A 286 51.37 -47.83 -40.09
N GLY A 287 51.85 -48.48 -41.16
CA GLY A 287 51.53 -48.03 -42.50
C GLY A 287 50.05 -48.14 -42.82
N LEU A 288 49.45 -49.28 -42.47
CA LEU A 288 48.03 -49.46 -42.76
C LEU A 288 47.16 -48.56 -41.88
N GLU A 289 47.57 -48.35 -40.63
CA GLU A 289 46.85 -47.41 -39.78
C GLU A 289 46.92 -45.99 -40.37
N ARG A 290 48.08 -45.61 -40.90
CA ARG A 290 48.19 -44.31 -41.56
C ARG A 290 47.34 -44.25 -42.81
N LEU A 291 47.23 -45.37 -43.54
CA LEU A 291 46.32 -45.40 -44.69
C LEU A 291 44.88 -45.17 -44.26
N LEU A 292 44.46 -45.81 -43.17
CA LEU A 292 43.12 -45.56 -42.64
C LEU A 292 42.95 -44.11 -42.23
N TRP A 293 43.97 -43.53 -41.59
CA TRP A 293 43.93 -42.13 -41.20
C TRP A 293 43.76 -41.24 -42.42
N ILE A 294 44.50 -41.51 -43.48
CA ILE A 294 44.41 -40.72 -44.72
C ILE A 294 43.03 -40.86 -45.33
N TYR A 295 42.47 -42.08 -45.33
CA TYR A 295 41.13 -42.28 -45.86
C TYR A 295 40.12 -41.46 -45.09
N LEU A 296 40.19 -41.49 -43.76
CA LEU A 296 39.26 -40.73 -42.94
C LEU A 296 39.41 -39.24 -43.20
N LEU A 297 40.66 -38.76 -43.29
CA LEU A 297 40.89 -37.33 -43.54
C LEU A 297 40.34 -36.91 -44.89
N ILE A 298 40.56 -37.74 -45.92
CA ILE A 298 40.06 -37.41 -47.25
C ILE A 298 38.53 -37.37 -47.25
N GLN A 299 37.90 -38.37 -46.60
CA GLN A 299 36.45 -38.39 -46.53
C GLN A 299 35.91 -37.14 -45.84
N ASN A 300 36.52 -36.78 -44.70
CA ASN A 300 36.04 -35.62 -43.97
C ASN A 300 36.25 -34.33 -44.75
N GLN A 301 37.39 -34.19 -45.43
CA GLN A 301 37.62 -33.00 -46.25
C GLN A 301 36.58 -32.91 -47.37
N TYR A 302 36.32 -34.03 -48.05
CA TYR A 302 35.34 -34.04 -49.11
C TYR A 302 33.96 -33.65 -48.59
N LEU A 303 33.58 -34.20 -47.43
CA LEU A 303 32.27 -33.88 -46.87
C LEU A 303 32.19 -32.41 -46.46
N THR A 304 33.27 -31.85 -45.90
CA THR A 304 33.29 -30.44 -45.58
C THR A 304 33.07 -29.59 -46.82
N LEU A 305 33.83 -29.87 -47.88
CA LEU A 305 33.66 -29.14 -49.14
C LEU A 305 32.24 -29.27 -49.66
N LEU A 306 31.68 -30.48 -49.65
CA LEU A 306 30.35 -30.71 -50.17
C LEU A 306 29.29 -29.95 -49.38
N VAL A 307 29.36 -29.99 -48.05
CA VAL A 307 28.36 -29.30 -47.25
C VAL A 307 28.48 -27.79 -47.42
N GLN A 308 29.68 -27.27 -47.58
CA GLN A 308 29.84 -25.83 -47.72
C GLN A 308 29.54 -25.32 -49.12
N ARG A 309 29.28 -26.21 -50.08
CA ARG A 309 28.82 -25.78 -51.39
C ARG A 309 27.40 -25.23 -51.30
N THR A 322 25.52 -30.59 -60.77
CA THR A 322 24.22 -30.80 -61.39
C THR A 322 24.17 -32.27 -61.76
N MET A 323 25.35 -32.72 -62.18
CA MET A 323 25.49 -33.99 -62.87
C MET A 323 25.37 -35.16 -61.90
N THR A 324 26.20 -35.17 -60.86
CA THR A 324 26.06 -36.16 -59.79
C THR A 324 24.63 -36.15 -59.26
N GLU A 325 23.99 -34.98 -59.28
CA GLU A 325 22.58 -34.92 -58.93
C GLU A 325 21.70 -35.62 -59.95
N LEU A 326 22.01 -35.48 -61.24
CA LEU A 326 21.28 -36.22 -62.27
C LEU A 326 21.34 -37.70 -61.97
N ARG A 327 22.46 -38.16 -61.44
CA ARG A 327 22.60 -39.58 -61.13
C ARG A 327 21.69 -40.02 -59.99
N GLU A 328 21.06 -39.08 -59.29
CA GLU A 328 20.00 -39.39 -58.34
C GLU A 328 18.62 -39.37 -59.00
N GLU A 329 18.55 -39.66 -60.30
CA GLU A 329 17.30 -39.67 -61.06
C GLU A 329 16.84 -41.10 -61.35
N THR A 330 17.09 -42.01 -60.43
CA THR A 330 16.60 -43.38 -60.48
C THR A 330 15.69 -43.62 -59.28
N GLU A 331 14.95 -44.73 -59.33
CA GLU A 331 14.07 -45.07 -58.21
C GLU A 331 14.81 -45.85 -57.12
N LYS A 332 16.00 -45.37 -56.75
CA LYS A 332 16.91 -45.87 -55.71
C LYS A 332 17.17 -44.85 -54.63
N SER A 333 17.61 -43.65 -55.00
CA SER A 333 17.86 -42.61 -54.01
C SER A 333 16.55 -42.24 -53.30
N TYR A 334 15.45 -42.18 -54.05
CA TYR A 334 14.16 -41.86 -53.43
C TYR A 334 13.65 -43.02 -52.59
N LEU A 335 13.85 -44.26 -53.04
CA LEU A 335 13.45 -45.40 -52.22
C LEU A 335 14.22 -45.42 -50.90
N SER A 336 15.53 -45.17 -50.96
CA SER A 336 16.31 -45.08 -49.73
C SER A 336 15.86 -43.92 -48.88
N ARG A 337 15.53 -42.79 -49.51
CA ARG A 337 15.01 -41.64 -48.79
C ARG A 337 13.77 -42.01 -47.99
N PHE A 338 12.83 -42.70 -48.63
CA PHE A 338 11.58 -43.05 -47.95
C PHE A 338 11.81 -44.12 -46.88
N LYS A 339 12.66 -45.11 -47.18
CA LYS A 339 12.98 -46.12 -46.17
C LYS A 339 13.66 -45.49 -44.96
N HIS A 340 14.47 -44.46 -45.17
CA HIS A 340 15.16 -43.78 -44.08
C HIS A 340 14.21 -42.90 -43.28
N ALA A 341 13.32 -42.18 -43.97
CA ALA A 341 12.29 -41.42 -43.26
C ALA A 341 11.44 -42.35 -42.40
N HIS A 342 11.04 -43.48 -42.95
CA HIS A 342 10.50 -44.57 -42.15
C HIS A 342 11.58 -45.08 -41.21
N GLY A 343 11.21 -45.31 -39.96
CA GLY A 343 12.18 -45.83 -39.00
C GLY A 343 12.50 -47.28 -39.26
N ALA A 344 13.03 -47.96 -38.23
CA ALA A 344 13.26 -49.40 -38.30
C ALA A 344 12.03 -50.20 -37.90
N GLY A 345 10.97 -49.54 -37.44
CA GLY A 345 9.77 -50.23 -37.01
C GLY A 345 8.74 -50.37 -38.11
N VAL A 346 7.61 -50.97 -37.75
CA VAL A 346 6.54 -51.22 -38.71
C VAL A 346 5.88 -49.91 -39.11
N TYR A 347 5.67 -49.01 -38.16
CA TYR A 347 5.01 -47.74 -38.37
C TYR A 347 6.04 -46.63 -38.56
N SER A 348 5.85 -45.83 -39.60
CA SER A 348 6.85 -44.84 -39.99
C SER A 348 7.00 -43.77 -38.92
N GLN A 349 8.26 -43.37 -38.70
CA GLN A 349 8.56 -42.25 -37.82
C GLN A 349 8.08 -40.93 -38.39
N VAL A 350 8.10 -40.79 -39.71
CA VAL A 350 7.73 -39.56 -40.39
C VAL A 350 6.39 -39.79 -41.09
N ARG A 351 5.42 -38.93 -40.80
CA ARG A 351 4.07 -39.09 -41.35
C ARG A 351 3.90 -38.31 -42.66
N TYR A 352 4.13 -37.00 -42.64
CA TYR A 352 3.93 -36.15 -43.80
C TYR A 352 5.28 -35.63 -44.27
N LEU A 353 5.74 -36.13 -45.42
CA LEU A 353 7.03 -35.76 -45.96
C LEU A 353 6.84 -34.88 -47.19
N GLU A 354 7.44 -33.68 -47.17
CA GLU A 354 7.53 -32.83 -48.33
C GLU A 354 8.87 -33.08 -49.00
N GLY A 355 8.83 -33.41 -50.29
CA GLY A 355 9.93 -33.74 -51.19
C GLY A 355 10.14 -32.66 -52.23
N ARG A 356 11.25 -31.95 -52.13
CA ARG A 356 11.52 -30.79 -52.97
C ARG A 356 12.58 -31.15 -54.02
N PHE A 357 12.29 -30.84 -55.27
CA PHE A 357 13.19 -31.19 -56.38
C PHE A 357 13.28 -30.05 -57.36
N ALA A 358 14.44 -29.93 -58.00
CA ALA A 358 14.63 -28.87 -58.99
C ALA A 358 13.87 -29.21 -60.27
N PRO A 359 13.01 -28.33 -60.79
CA PRO A 359 12.31 -28.63 -62.04
C PRO A 359 13.24 -28.52 -63.24
N LYS A 360 13.14 -29.49 -64.14
CA LYS A 360 14.03 -29.55 -65.29
C LYS A 360 13.46 -28.78 -66.47
N SER A 361 14.36 -28.19 -67.25
CA SER A 361 14.00 -27.42 -68.43
C SER A 361 13.71 -28.29 -69.65
N ASP A 362 13.91 -29.60 -69.54
CA ASP A 362 13.62 -30.54 -70.60
C ASP A 362 12.40 -31.38 -70.20
N PRO A 363 11.32 -31.40 -71.00
CA PRO A 363 10.14 -32.17 -70.60
C PRO A 363 10.46 -33.63 -70.33
N ASN A 364 11.32 -34.21 -71.16
CA ASN A 364 11.77 -35.58 -70.94
C ASN A 364 12.42 -35.75 -69.57
N LYS A 365 13.38 -34.87 -69.24
CA LYS A 365 14.06 -34.99 -67.95
C LYS A 365 13.08 -34.80 -66.79
N MET A 366 12.09 -33.91 -66.96
CA MET A 366 11.12 -33.70 -65.90
C MET A 366 10.24 -34.93 -65.69
N GLN A 367 9.70 -35.47 -66.79
CA GLN A 367 8.94 -36.73 -66.69
C GLN A 367 9.79 -37.79 -66.03
N LYS A 368 11.07 -37.79 -66.39
CA LYS A 368 12.02 -38.77 -65.89
C LYS A 368 12.18 -38.69 -64.38
N LEU A 369 12.46 -37.49 -63.89
CA LEU A 369 12.63 -37.28 -62.47
C LEU A 369 11.36 -37.64 -61.71
N LEU A 370 10.20 -37.26 -62.26
CA LEU A 370 8.96 -37.49 -61.54
C LEU A 370 8.59 -38.98 -61.52
N PHE A 371 8.82 -39.69 -62.63
CA PHE A 371 8.60 -41.12 -62.62
C PHE A 371 9.51 -41.80 -61.61
N SER A 372 10.77 -41.37 -61.54
CA SER A 372 11.69 -41.96 -60.56
C SER A 372 11.15 -41.76 -59.14
N VAL A 373 10.74 -40.53 -58.82
CA VAL A 373 10.28 -40.26 -57.45
C VAL A 373 9.04 -41.08 -57.14
N LEU A 374 8.05 -41.06 -58.04
CA LEU A 374 6.80 -41.76 -57.78
C LEU A 374 7.01 -43.27 -57.68
N ARG A 375 7.89 -43.83 -58.52
CA ARG A 375 8.12 -45.26 -58.47
C ARG A 375 8.88 -45.65 -57.21
N GLY A 376 9.83 -44.83 -56.76
CA GLY A 376 10.47 -45.09 -55.49
C GLY A 376 9.47 -45.08 -54.35
N TYR A 377 8.56 -44.12 -54.35
CA TYR A 377 7.51 -44.08 -53.34
C TYR A 377 6.64 -45.32 -53.40
N TRP A 378 6.28 -45.76 -54.61
CA TRP A 378 5.44 -46.94 -54.74
C TRP A 378 6.15 -48.19 -54.23
N GLU A 379 7.44 -48.34 -54.54
CA GLU A 379 8.20 -49.48 -54.04
C GLU A 379 8.28 -49.46 -52.53
N TYR A 380 8.52 -48.28 -51.95
CA TYR A 380 8.54 -48.15 -50.50
C TYR A 380 7.21 -48.59 -49.90
N LEU A 381 6.11 -48.17 -50.51
CA LEU A 381 4.79 -48.57 -50.00
C LEU A 381 4.56 -50.06 -50.16
N SER A 382 4.99 -50.63 -51.28
CA SER A 382 4.83 -52.06 -51.51
C SER A 382 5.60 -52.88 -50.49
N ALA A 383 6.71 -52.36 -49.98
CA ALA A 383 7.46 -53.06 -48.95
C ALA A 383 6.82 -52.95 -47.57
N HIS A 384 5.69 -52.26 -47.43
CA HIS A 384 5.03 -52.11 -46.14
C HIS A 384 3.54 -52.42 -46.16
N MET A 385 2.92 -52.59 -47.32
CA MET A 385 1.53 -53.05 -47.38
C MET A 385 1.35 -54.01 -48.53
N SER A 386 0.41 -54.94 -48.36
CA SER A 386 0.06 -55.93 -49.37
C SER A 386 -1.34 -55.65 -49.88
N MET A 387 -1.45 -55.45 -51.20
CA MET A 387 -2.73 -55.14 -51.82
C MET A 387 -2.63 -55.44 -53.30
N GLU A 388 -3.80 -55.53 -53.94
CA GLU A 388 -3.86 -55.72 -55.39
C GLU A 388 -3.35 -54.45 -56.07
N TRP A 389 -2.19 -54.53 -56.72
CA TRP A 389 -1.47 -53.37 -57.20
C TRP A 389 -1.77 -53.05 -58.67
N VAL A 390 -2.77 -53.69 -59.28
CA VAL A 390 -3.09 -53.46 -60.69
C VAL A 390 -1.90 -53.83 -61.55
N HIS A 391 -1.04 -52.85 -61.82
CA HIS A 391 0.23 -53.06 -62.53
C HIS A 391 1.28 -53.47 -61.52
N GLU A 392 1.64 -54.75 -61.52
CA GLU A 392 2.65 -55.22 -60.59
C GLU A 392 4.00 -54.60 -60.88
N LYS A 393 4.23 -54.20 -62.12
CA LYS A 393 5.50 -53.61 -62.55
C LYS A 393 5.21 -52.34 -63.35
N PRO A 394 4.88 -51.23 -62.68
CA PRO A 394 4.61 -50.00 -63.42
C PRO A 394 5.83 -49.52 -64.19
N LEU A 395 5.58 -49.00 -65.39
CA LEU A 395 6.62 -48.47 -66.25
C LEU A 395 6.44 -47.00 -66.56
N THR A 396 5.23 -46.46 -66.39
CA THR A 396 4.92 -45.08 -66.73
C THR A 396 4.30 -44.38 -65.53
N ILE A 397 4.31 -43.05 -65.58
CA ILE A 397 3.72 -42.26 -64.50
C ILE A 397 2.25 -42.60 -64.35
N SER A 398 1.55 -42.83 -65.46
CA SER A 398 0.15 -43.19 -65.38
C SER A 398 -0.05 -44.49 -64.61
N GLN A 399 0.78 -45.50 -64.88
CA GLN A 399 0.67 -46.76 -64.18
C GLN A 399 1.01 -46.60 -62.69
N VAL A 400 2.04 -45.82 -62.38
CA VAL A 400 2.40 -45.60 -60.98
C VAL A 400 1.26 -44.89 -60.25
N LEU A 401 0.60 -43.95 -60.92
CA LEU A 401 -0.53 -43.25 -60.32
C LEU A 401 -1.72 -44.18 -60.13
N ASP A 402 -1.95 -45.07 -61.10
CA ASP A 402 -2.99 -46.09 -60.93
C ASP A 402 -2.71 -46.92 -59.69
N ASN A 403 -1.45 -47.30 -59.49
CA ASN A 403 -1.06 -48.02 -58.28
C ASN A 403 -1.34 -47.19 -57.02
N LEU A 404 -0.91 -45.93 -57.03
CA LEU A 404 -0.95 -45.11 -55.82
C LEU A 404 -2.36 -44.68 -55.46
N GLU A 405 -3.29 -44.67 -56.41
CA GLU A 405 -4.66 -44.29 -56.11
C GLU A 405 -5.30 -45.22 -55.08
N LEU A 406 -4.82 -46.45 -54.98
CA LEU A 406 -5.39 -47.43 -54.07
C LEU A 406 -4.89 -47.26 -52.63
N VAL A 407 -3.90 -46.42 -52.41
CA VAL A 407 -3.28 -46.28 -51.09
C VAL A 407 -4.14 -45.35 -50.25
N GLU A 408 -4.57 -45.83 -49.09
CA GLU A 408 -5.36 -45.04 -48.17
C GLU A 408 -4.46 -44.35 -47.15
N PRO A 409 -4.85 -43.17 -46.66
CA PRO A 409 -4.03 -42.48 -45.65
C PRO A 409 -4.21 -43.06 -44.26
N HIS A 410 -3.93 -44.35 -44.12
CA HIS A 410 -4.06 -45.01 -42.83
C HIS A 410 -3.11 -44.41 -41.80
N GLY A 411 -1.89 -44.10 -42.21
CA GLY A 411 -0.88 -43.54 -41.33
C GLY A 411 0.30 -44.45 -41.07
N LYS A 412 0.32 -45.64 -41.66
CA LYS A 412 1.41 -46.58 -41.42
C LYS A 412 2.71 -46.09 -42.04
N CYS A 413 2.65 -45.56 -43.25
CA CYS A 413 3.82 -45.19 -44.03
C CYS A 413 3.88 -43.68 -44.21
N VAL A 414 4.94 -43.21 -44.86
CA VAL A 414 5.07 -41.80 -45.17
C VAL A 414 4.06 -41.43 -46.24
N GLU A 415 3.64 -40.17 -46.23
CA GLU A 415 2.77 -39.61 -47.26
C GLU A 415 3.53 -38.49 -47.94
N LEU A 416 3.71 -38.64 -49.25
CA LEU A 416 4.58 -37.78 -50.05
C LEU A 416 3.81 -36.58 -50.58
N ALA A 417 4.46 -35.42 -50.53
CA ALA A 417 3.97 -34.22 -51.21
C ALA A 417 5.14 -33.61 -51.96
N LEU A 418 5.05 -33.56 -53.28
CA LEU A 418 6.14 -33.07 -54.12
C LEU A 418 6.03 -31.56 -54.32
N VAL A 419 7.17 -30.89 -54.19
CA VAL A 419 7.24 -29.45 -54.36
C VAL A 419 8.42 -29.14 -55.30
N PRO A 420 8.16 -28.75 -56.54
CA PRO A 420 9.24 -28.25 -57.39
C PRO A 420 9.82 -26.94 -56.88
N HIS A 421 11.12 -26.81 -57.03
CA HIS A 421 11.85 -25.59 -56.72
C HIS A 421 11.63 -24.54 -57.80
N PHE A 422 12.25 -23.38 -57.59
CA PHE A 422 12.55 -22.46 -58.68
C PHE A 422 13.83 -21.75 -58.26
N ILE A 423 14.92 -22.05 -58.95
CA ILE A 423 16.23 -21.52 -58.61
C ILE A 423 16.35 -20.13 -59.21
N LYS A 424 16.60 -19.14 -58.37
CA LYS A 424 16.78 -17.76 -58.81
C LYS A 424 18.25 -17.48 -59.04
N ARG A 425 18.57 -16.89 -60.18
CA ARG A 425 19.94 -16.57 -60.57
C ARG A 425 20.11 -15.06 -60.63
N LYS A 426 21.36 -14.63 -60.50
CA LYS A 426 21.65 -13.20 -60.56
C LYS A 426 21.35 -12.66 -61.96
N PRO A 427 20.91 -11.40 -62.05
CA PRO A 427 20.66 -10.82 -63.37
C PRO A 427 21.94 -10.71 -64.18
N LYS A 428 21.80 -10.81 -65.50
CA LYS A 428 22.96 -10.79 -66.37
C LYS A 428 23.22 -9.39 -66.90
N ASN A 429 24.33 -9.26 -67.64
CA ASN A 429 24.82 -7.94 -68.03
C ASN A 429 23.80 -7.20 -68.90
N GLY A 430 23.24 -7.88 -69.90
CA GLY A 430 22.33 -7.24 -70.83
C GLY A 430 21.03 -7.98 -71.02
N GLU A 431 19.92 -7.32 -70.68
CA GLU A 431 18.59 -7.89 -70.90
C GLU A 431 17.59 -6.75 -70.93
N ALA A 432 16.39 -7.07 -71.44
CA ALA A 432 15.36 -6.05 -71.57
C ALA A 432 15.03 -5.42 -70.22
N TYR A 433 14.78 -6.24 -69.22
CA TYR A 433 14.51 -5.81 -67.86
C TYR A 433 15.24 -6.73 -66.90
N PRO A 434 15.46 -6.29 -65.66
CA PRO A 434 16.21 -7.13 -64.71
C PRO A 434 15.55 -8.50 -64.57
N HIS A 435 16.38 -9.53 -64.53
CA HIS A 435 15.92 -10.91 -64.40
C HIS A 435 14.99 -11.31 -65.54
N ALA A 436 15.19 -10.74 -66.73
CA ALA A 436 14.37 -11.14 -67.88
C ALA A 436 14.65 -12.58 -68.27
N LEU A 437 15.93 -12.94 -68.42
CA LEU A 437 16.29 -14.29 -68.81
C LEU A 437 15.96 -15.29 -67.70
N LEU A 438 16.13 -14.90 -66.44
CA LEU A 438 15.73 -15.76 -65.33
C LEU A 438 14.22 -15.99 -65.34
N PHE A 439 13.44 -14.92 -65.46
CA PHE A 439 12.00 -15.07 -65.56
C PHE A 439 11.63 -15.97 -66.71
N LYS A 440 12.37 -15.86 -67.82
CA LYS A 440 12.19 -16.77 -68.93
C LYS A 440 12.34 -18.22 -68.51
N ASP A 441 13.54 -18.57 -68.04
CA ASP A 441 13.83 -19.97 -67.72
C ASP A 441 12.79 -20.51 -66.76
N LEU A 442 12.38 -19.68 -65.79
CA LEU A 442 11.29 -20.05 -64.91
C LEU A 442 10.01 -20.27 -65.68
N LYS A 443 9.77 -19.45 -66.71
CA LYS A 443 8.57 -19.59 -67.51
C LYS A 443 8.56 -20.93 -68.23
N ASN A 444 9.69 -21.32 -68.81
CA ASN A 444 9.76 -22.60 -69.51
C ASN A 444 9.59 -23.76 -68.54
N GLN A 445 10.23 -23.68 -67.37
CA GLN A 445 10.08 -24.74 -66.38
C GLN A 445 8.62 -24.86 -65.93
N ALA A 446 7.98 -23.73 -65.67
CA ALA A 446 6.58 -23.74 -65.27
C ALA A 446 5.69 -24.26 -66.39
N ALA A 447 6.02 -23.93 -67.64
CA ALA A 447 5.26 -24.46 -68.76
C ALA A 447 5.36 -25.98 -68.80
N ILE A 448 6.56 -26.51 -68.63
CA ILE A 448 6.72 -27.96 -68.61
C ILE A 448 5.88 -28.56 -67.49
N LEU A 449 5.93 -27.94 -66.31
CA LEU A 449 5.16 -28.45 -65.18
C LEU A 449 3.66 -28.45 -65.48
N MET A 450 3.16 -27.36 -66.07
CA MET A 450 1.74 -27.26 -66.38
C MET A 450 1.32 -28.27 -67.45
N ASP A 451 2.16 -28.49 -68.47
CA ASP A 451 1.83 -29.52 -69.45
C ASP A 451 1.81 -30.90 -68.82
N MET A 452 2.72 -31.17 -67.88
CA MET A 452 2.66 -32.44 -67.15
C MET A 452 1.34 -32.57 -66.40
N LEU A 453 1.00 -31.55 -65.61
CA LEU A 453 -0.24 -31.60 -64.84
C LEU A 453 -1.44 -31.77 -65.75
N LYS A 454 -1.43 -31.13 -66.91
CA LYS A 454 -2.50 -31.35 -67.87
C LYS A 454 -2.57 -32.81 -68.27
N SER A 455 -1.52 -33.27 -68.97
CA SER A 455 -1.54 -34.59 -69.56
C SER A 455 -1.80 -35.66 -68.52
N GLU A 456 -1.68 -35.32 -67.23
CA GLU A 456 -2.01 -36.23 -66.15
C GLU A 456 -2.60 -35.43 -65.00
N PRO A 457 -3.92 -35.22 -64.99
CA PRO A 457 -4.53 -34.44 -63.89
C PRO A 457 -4.29 -35.05 -62.52
N ARG A 458 -4.13 -36.36 -62.43
CA ARG A 458 -3.92 -37.00 -61.14
C ARG A 458 -2.62 -36.54 -60.48
N LEU A 459 -1.70 -35.96 -61.25
CA LEU A 459 -0.46 -35.48 -60.67
C LEU A 459 -0.66 -34.27 -59.76
N THR A 460 -1.84 -33.67 -59.75
CA THR A 460 -2.12 -32.59 -58.82
C THR A 460 -2.28 -33.10 -57.39
N GLY A 461 -2.56 -34.38 -57.21
CA GLY A 461 -2.60 -34.97 -55.90
C GLY A 461 -1.26 -35.32 -55.32
N TRP A 462 -0.18 -35.15 -56.09
CA TRP A 462 1.17 -35.43 -55.62
C TRP A 462 2.12 -34.26 -55.77
N ILE A 463 1.87 -33.34 -56.70
CA ILE A 463 2.62 -32.11 -56.81
C ILE A 463 1.79 -31.04 -56.13
N ARG A 464 2.16 -30.71 -54.90
CA ARG A 464 1.43 -29.76 -54.06
C ARG A 464 2.42 -28.68 -53.62
N GLY A 465 2.60 -27.68 -54.46
CA GLY A 465 3.37 -26.53 -54.07
C GLY A 465 4.47 -26.21 -55.06
N VAL A 466 4.70 -24.91 -55.26
CA VAL A 466 5.87 -24.45 -55.97
C VAL A 466 6.66 -23.57 -55.01
N ASP A 467 7.81 -24.07 -54.58
CA ASP A 467 8.74 -23.30 -53.75
C ASP A 467 9.77 -22.62 -54.64
N ALA A 468 10.12 -21.38 -54.29
CA ALA A 468 11.24 -20.70 -54.93
C ALA A 468 12.34 -20.53 -53.88
N ALA A 469 13.34 -21.40 -53.96
CA ALA A 469 14.53 -21.34 -53.11
C ALA A 469 15.67 -20.71 -53.91
N ALA A 470 16.89 -20.84 -53.40
CA ALA A 470 18.15 -20.29 -53.90
C ALA A 470 18.41 -18.96 -53.22
N ASN A 471 19.47 -18.28 -53.64
CA ASN A 471 19.94 -17.07 -52.99
C ASN A 471 18.90 -15.97 -53.09
N GLU A 472 18.71 -15.25 -51.99
CA GLU A 472 17.65 -14.25 -51.94
C GLU A 472 17.98 -13.06 -52.83
N MET A 473 19.23 -12.59 -52.77
CA MET A 473 19.67 -11.35 -53.37
C MET A 473 19.68 -11.42 -54.89
N HIS A 474 19.51 -12.61 -55.45
CA HIS A 474 19.62 -12.82 -56.87
C HIS A 474 18.31 -12.55 -57.61
N ALA A 475 17.18 -12.61 -56.91
CA ALA A 475 15.89 -12.31 -57.49
C ALA A 475 14.92 -11.95 -56.36
N PRO A 476 14.22 -10.82 -56.45
CA PRO A 476 13.29 -10.43 -55.39
C PRO A 476 12.00 -11.24 -55.48
N PRO A 477 11.20 -11.25 -54.40
CA PRO A 477 9.93 -12.01 -54.45
C PRO A 477 8.97 -11.52 -55.52
N GLU A 478 8.98 -10.22 -55.84
CA GLU A 478 8.01 -9.70 -56.80
C GLU A 478 8.18 -10.30 -58.19
N LEU A 479 9.33 -10.91 -58.49
CA LEU A 479 9.55 -11.51 -59.80
C LEU A 479 8.75 -12.79 -59.99
N PHE A 480 8.48 -13.52 -58.92
CA PHE A 480 7.81 -14.81 -58.99
C PHE A 480 6.29 -14.72 -58.90
N CYS A 481 5.74 -13.54 -58.64
CA CYS A 481 4.29 -13.43 -58.47
C CYS A 481 3.51 -13.86 -59.69
N PRO A 482 3.83 -13.40 -60.91
CA PRO A 482 3.07 -13.89 -62.08
C PRO A 482 3.15 -15.39 -62.24
N LEU A 483 4.33 -15.97 -62.02
CA LEU A 483 4.52 -17.41 -62.14
C LEU A 483 3.65 -18.14 -61.14
N PHE A 484 3.64 -17.68 -59.88
CA PHE A 484 2.85 -18.35 -58.86
C PHE A 484 1.35 -18.24 -59.14
N ARG A 485 0.90 -17.09 -59.64
CA ARG A 485 -0.50 -16.94 -60.00
C ARG A 485 -0.90 -17.93 -61.10
N VAL A 486 -0.09 -17.98 -62.17
CA VAL A 486 -0.39 -18.88 -63.28
C VAL A 486 -0.40 -20.32 -62.80
N LEU A 487 0.56 -20.69 -61.95
CA LEU A 487 0.60 -22.06 -61.43
C LEU A 487 -0.61 -22.36 -60.55
N ALA A 488 -1.02 -21.40 -59.71
CA ALA A 488 -2.23 -21.55 -58.92
C ALA A 488 -3.39 -21.95 -59.81
N LYS A 489 -3.53 -21.30 -60.96
CA LYS A 489 -4.61 -21.68 -61.87
C LYS A 489 -4.36 -23.00 -62.57
N SER A 490 -3.11 -23.31 -62.89
CA SER A 490 -2.81 -24.60 -63.50
C SER A 490 -3.07 -25.76 -62.54
N GLY A 491 -3.32 -25.46 -61.27
CA GLY A 491 -3.73 -26.47 -60.32
C GLY A 491 -2.75 -26.71 -59.19
N ILE A 492 -1.77 -25.82 -59.01
CA ILE A 492 -0.78 -25.97 -57.97
C ILE A 492 -1.26 -25.25 -56.73
N ALA A 493 -1.72 -26.01 -55.74
CA ALA A 493 -2.08 -25.49 -54.44
C ALA A 493 -0.83 -25.30 -53.60
N HIS A 494 -0.88 -24.34 -52.69
CA HIS A 494 0.18 -24.04 -51.74
C HIS A 494 1.41 -23.46 -52.45
N PHE A 495 1.97 -22.42 -51.86
CA PHE A 495 3.14 -21.77 -52.42
C PHE A 495 4.16 -21.54 -51.32
N THR A 496 5.44 -21.61 -51.69
CA THR A 496 6.51 -21.38 -50.73
C THR A 496 7.59 -20.53 -51.37
N TYR A 497 8.26 -19.74 -50.54
CA TYR A 497 9.27 -18.81 -51.05
C TYR A 497 10.28 -18.50 -49.94
N HIS A 498 11.54 -18.80 -50.19
CA HIS A 498 12.57 -18.51 -49.21
C HIS A 498 12.73 -16.99 -49.03
N VAL A 499 12.60 -16.52 -47.79
CA VAL A 499 12.77 -15.11 -47.47
C VAL A 499 13.48 -14.98 -46.14
N GLY A 500 14.25 -13.90 -45.99
CA GLY A 500 14.91 -13.57 -44.75
C GLY A 500 16.17 -14.35 -44.42
N GLU A 501 16.64 -15.21 -45.33
CA GLU A 501 17.82 -16.02 -45.05
C GLU A 501 19.10 -15.17 -45.04
N ASP A 502 19.46 -14.59 -46.19
CA ASP A 502 20.63 -13.73 -46.29
C ASP A 502 20.22 -12.38 -46.84
N PHE A 503 20.64 -11.32 -46.16
CA PHE A 503 20.23 -9.96 -46.46
C PHE A 503 21.40 -9.01 -46.23
N PRO A 504 21.54 -7.96 -47.03
CA PRO A 504 22.60 -6.98 -46.74
C PRO A 504 22.38 -6.24 -45.43
N HIS A 505 21.13 -6.14 -44.98
CA HIS A 505 20.80 -5.47 -43.73
C HIS A 505 19.57 -6.15 -43.14
N LEU A 506 19.43 -6.05 -41.82
CA LEU A 506 18.28 -6.64 -41.15
C LEU A 506 16.98 -5.97 -41.62
N ILE A 507 17.02 -4.65 -41.81
CA ILE A 507 15.87 -3.95 -42.37
C ILE A 507 15.57 -4.48 -43.78
N SER A 508 16.62 -4.78 -44.54
CA SER A 508 16.42 -5.32 -45.88
C SER A 508 15.73 -6.69 -45.82
N GLY A 509 16.13 -7.54 -44.88
CA GLY A 509 15.48 -8.84 -44.75
C GLY A 509 14.02 -8.72 -44.32
N ILE A 510 13.75 -7.85 -43.35
CA ILE A 510 12.37 -7.64 -42.92
C ILE A 510 11.53 -7.11 -44.08
N ARG A 511 12.10 -6.18 -44.86
CA ARG A 511 11.40 -5.64 -46.01
C ARG A 511 11.15 -6.73 -47.04
N SER A 512 12.11 -7.64 -47.23
CA SER A 512 11.91 -8.73 -48.17
C SER A 512 10.75 -9.62 -47.73
N ILE A 513 10.67 -9.93 -46.44
CA ILE A 513 9.55 -10.73 -45.96
C ILE A 513 8.24 -10.01 -46.18
N ASP A 514 8.20 -8.70 -45.91
CA ASP A 514 6.97 -7.94 -46.11
C ASP A 514 6.58 -7.90 -47.58
N ASP A 515 7.56 -7.73 -48.47
CA ASP A 515 7.28 -7.75 -49.91
C ASP A 515 6.74 -9.11 -50.35
N ALA A 516 7.32 -10.19 -49.83
CA ALA A 516 6.79 -11.52 -50.13
C ALA A 516 5.34 -11.62 -49.68
N LEU A 517 5.04 -11.11 -48.49
CA LEU A 517 3.68 -11.18 -47.97
C LEU A 517 2.70 -10.41 -48.86
N ARG A 518 3.06 -9.20 -49.25
CA ARG A 518 2.12 -8.30 -49.92
C ARG A 518 2.19 -8.39 -51.44
N PHE A 519 3.03 -9.25 -52.00
CA PHE A 519 3.08 -9.43 -53.44
C PHE A 519 2.81 -10.87 -53.88
N LEU A 520 3.33 -11.86 -53.17
CA LEU A 520 3.10 -13.24 -53.56
C LEU A 520 1.65 -13.63 -53.29
N PRO A 521 1.10 -14.55 -54.08
CA PRO A 521 -0.29 -15.01 -53.86
C PRO A 521 -0.37 -16.06 -52.75
N LEU A 522 0.08 -15.67 -51.55
CA LEU A 522 0.07 -16.57 -50.41
C LEU A 522 -1.33 -16.58 -49.79
N ARG A 523 -1.96 -17.75 -49.78
CA ARG A 523 -3.30 -17.90 -49.24
C ARG A 523 -3.22 -18.36 -47.79
N ASN A 524 -4.38 -18.61 -47.18
CA ASN A 524 -4.40 -19.08 -45.80
C ASN A 524 -3.80 -20.47 -45.72
N GLY A 525 -2.87 -20.66 -44.78
CA GLY A 525 -2.21 -21.93 -44.60
C GLY A 525 -0.92 -22.11 -45.35
N ASP A 526 -0.50 -21.13 -46.15
CA ASP A 526 0.75 -21.23 -46.88
C ASP A 526 1.92 -21.00 -45.94
N ARG A 527 3.11 -21.41 -46.40
CA ARG A 527 4.34 -21.28 -45.64
C ARG A 527 5.34 -20.46 -46.43
N LEU A 528 6.16 -19.68 -45.72
CA LEU A 528 7.14 -18.83 -46.39
C LEU A 528 8.51 -19.50 -46.48
N GLY A 529 9.14 -19.79 -45.34
CA GLY A 529 10.49 -20.30 -45.36
C GLY A 529 11.24 -20.03 -44.07
N HIS A 530 12.52 -19.65 -44.19
CA HIS A 530 13.33 -19.43 -43.01
C HIS A 530 12.89 -18.20 -42.24
N CYS A 531 12.72 -17.08 -42.93
CA CYS A 531 12.27 -15.83 -42.31
C CYS A 531 13.15 -15.45 -41.10
N THR A 532 14.47 -15.62 -41.27
CA THR A 532 15.39 -15.29 -40.19
C THR A 532 15.39 -13.81 -39.83
N ALA A 533 15.03 -12.94 -40.77
CA ALA A 533 15.13 -11.50 -40.51
C ALA A 533 14.16 -11.05 -39.42
N ILE A 534 13.05 -11.75 -39.24
CA ILE A 534 12.07 -11.39 -38.22
C ILE A 534 12.22 -12.26 -36.97
N GLY A 535 13.24 -13.11 -36.92
CA GLY A 535 13.49 -13.90 -35.73
C GLY A 535 14.78 -13.50 -35.04
N ILE A 536 15.78 -13.11 -35.82
CA ILE A 536 17.08 -12.72 -35.26
C ILE A 536 16.93 -11.34 -34.62
N THR A 537 17.47 -11.20 -33.42
CA THR A 537 17.39 -9.92 -32.75
C THR A 537 18.44 -8.95 -33.28
N PRO A 538 18.16 -7.65 -33.25
CA PRO A 538 19.21 -6.69 -33.60
C PRO A 538 20.43 -6.80 -32.70
N SER A 539 20.24 -7.14 -31.42
CA SER A 539 21.36 -7.34 -30.52
C SER A 539 22.27 -8.42 -31.08
N ILE A 540 21.80 -9.66 -31.16
CA ILE A 540 22.56 -10.68 -31.89
C ILE A 540 22.06 -10.71 -33.33
N TRP A 541 22.42 -9.66 -34.08
CA TRP A 541 22.65 -9.71 -35.51
C TRP A 541 23.90 -8.94 -35.91
N LYS A 542 24.32 -7.97 -35.10
CA LYS A 542 25.51 -7.16 -35.33
C LYS A 542 26.49 -7.48 -34.21
N ARG A 543 27.30 -8.51 -34.42
CA ARG A 543 28.25 -8.97 -33.43
C ARG A 543 29.68 -9.01 -33.95
N SER A 544 29.86 -9.29 -35.24
CA SER A 544 31.17 -9.20 -35.89
C SER A 544 31.06 -8.43 -37.20
N LEU A 545 30.05 -7.58 -37.33
CA LEU A 545 29.76 -6.89 -38.57
C LEU A 545 30.40 -5.51 -38.57
N PRO A 546 30.85 -5.03 -39.74
CA PRO A 546 31.41 -3.68 -39.80
C PRO A 546 30.36 -2.63 -39.47
N LEU A 547 30.82 -1.50 -38.95
CA LEU A 547 29.91 -0.44 -38.54
C LEU A 547 29.13 0.13 -39.72
N SER A 548 29.57 -0.10 -40.95
CA SER A 548 28.85 0.34 -42.14
C SER A 548 28.74 -0.84 -43.10
N LEU A 549 27.51 -1.11 -43.56
CA LEU A 549 27.25 -2.16 -44.53
C LEU A 549 26.82 -1.53 -45.84
N SER A 550 27.36 -2.01 -46.95
CA SER A 550 27.04 -1.47 -48.26
C SER A 550 25.98 -2.33 -48.92
N MET A 551 25.01 -1.68 -49.54
CA MET A 551 23.92 -2.35 -50.23
C MET A 551 23.77 -1.72 -51.61
N THR A 552 22.82 -2.23 -52.38
CA THR A 552 22.47 -1.60 -53.65
C THR A 552 21.45 -0.48 -53.42
N LYS A 553 21.46 0.48 -54.34
CA LYS A 553 20.56 1.63 -54.19
C LYS A 553 19.09 1.21 -54.26
N GLU A 554 18.77 0.21 -55.07
CA GLU A 554 17.38 -0.24 -55.14
C GLU A 554 16.92 -0.81 -53.80
N THR A 555 17.74 -1.65 -53.19
CA THR A 555 17.42 -2.17 -51.87
C THR A 555 17.36 -1.06 -50.83
N ARG A 556 18.26 -0.08 -50.89
CA ARG A 556 18.26 1.03 -49.96
C ARG A 556 16.96 1.84 -50.07
N LEU A 557 16.55 2.17 -51.30
CA LEU A 557 15.33 2.94 -51.50
C LEU A 557 14.10 2.16 -51.04
N LEU A 558 14.04 0.87 -51.38
CA LEU A 558 12.90 0.06 -50.95
C LEU A 558 12.86 -0.07 -49.44
N ASP A 559 14.03 -0.21 -48.81
CA ASP A 559 14.07 -0.28 -47.34
C ASP A 559 13.59 1.02 -46.72
N LEU A 560 14.00 2.17 -47.28
CA LEU A 560 13.54 3.44 -46.74
C LEU A 560 12.02 3.57 -46.88
N VAL A 561 11.49 3.18 -48.03
CA VAL A 561 10.04 3.25 -48.23
C VAL A 561 9.33 2.34 -47.24
N PHE A 562 9.87 1.14 -47.02
CA PHE A 562 9.28 0.21 -46.05
C PHE A 562 9.32 0.78 -44.64
N ILE A 563 10.44 1.38 -44.26
CA ILE A 563 10.55 1.99 -42.93
C ILE A 563 9.49 3.06 -42.77
N TRP A 564 9.34 3.93 -43.78
CA TRP A 564 8.31 4.96 -43.72
C TRP A 564 6.93 4.34 -43.57
N ARG A 565 6.62 3.34 -44.41
CA ARG A 565 5.29 2.73 -44.38
C ARG A 565 4.99 2.16 -43.01
N GLU A 566 5.96 1.48 -42.39
CA GLU A 566 5.70 0.78 -41.15
C GLU A 566 5.80 1.66 -39.91
N LEU A 567 6.53 2.77 -39.97
CA LEU A 567 6.69 3.65 -38.82
C LEU A 567 5.93 4.96 -38.95
N ARG A 568 5.11 5.12 -40.01
CA ARG A 568 4.21 6.26 -40.08
C ARG A 568 3.35 6.38 -38.83
N SER A 569 2.70 5.28 -38.46
CA SER A 569 1.71 5.29 -37.39
C SER A 569 2.31 5.12 -36.00
N HIS A 570 3.61 4.90 -35.91
CA HIS A 570 4.24 4.69 -34.61
C HIS A 570 4.55 6.04 -33.97
N PRO A 571 3.87 6.43 -32.89
CA PRO A 571 4.14 7.76 -32.31
C PRO A 571 5.56 7.92 -31.82
N GLU A 572 6.19 6.84 -31.37
CA GLU A 572 7.54 6.91 -30.83
C GLU A 572 8.63 6.84 -31.89
N LEU A 573 8.27 6.55 -33.15
CA LEU A 573 9.24 6.38 -34.22
C LEU A 573 8.94 7.29 -35.41
N LEU A 574 8.18 8.37 -35.17
CA LEU A 574 7.83 9.30 -36.23
C LEU A 574 9.07 9.97 -36.80
N ARG A 575 10.07 10.25 -35.96
CA ARG A 575 11.30 10.84 -36.45
C ARG A 575 11.97 9.94 -37.47
N TYR A 576 12.07 8.65 -37.16
CA TYR A 576 12.67 7.70 -38.08
C TYR A 576 11.84 7.58 -39.36
N ALA A 577 10.52 7.57 -39.24
CA ALA A 577 9.68 7.54 -40.44
C ALA A 577 9.94 8.75 -41.34
N SER A 578 10.01 9.94 -40.74
CA SER A 578 10.22 11.16 -41.51
C SER A 578 11.59 11.17 -42.18
N ASP A 579 12.63 10.76 -41.44
CA ASP A 579 13.96 10.70 -42.03
C ASP A 579 14.02 9.69 -43.16
N ALA A 580 13.34 8.55 -42.99
CA ALA A 580 13.27 7.57 -44.06
C ALA A 580 12.60 8.15 -45.30
N ALA A 581 11.51 8.88 -45.10
CA ALA A 581 10.83 9.50 -46.24
C ALA A 581 11.75 10.47 -46.98
N ILE A 582 12.45 11.32 -46.21
CA ILE A 582 13.32 12.33 -46.83
C ILE A 582 14.46 11.65 -47.59
N GLU A 583 15.09 10.66 -46.97
CA GLU A 583 16.18 9.95 -47.65
C GLU A 583 15.67 9.20 -48.87
N ALA A 584 14.45 8.64 -48.80
CA ALA A 584 13.89 7.94 -49.94
C ALA A 584 13.67 8.89 -51.11
N VAL A 585 13.12 10.07 -50.85
CA VAL A 585 12.92 11.04 -51.91
C VAL A 585 14.26 11.42 -52.53
N ARG A 586 15.27 11.66 -51.68
CA ARG A 586 16.59 12.02 -52.19
C ARG A 586 17.17 10.93 -53.09
N LEU A 587 17.19 9.71 -52.58
CA LEU A 587 17.79 8.63 -53.34
C LEU A 587 17.03 8.37 -54.63
N ALA A 588 15.70 8.52 -54.60
CA ALA A 588 14.92 8.42 -55.83
C ALA A 588 15.34 9.50 -56.81
N HIS A 589 15.67 10.70 -56.31
CA HIS A 589 16.04 11.80 -57.19
C HIS A 589 17.20 11.43 -58.11
N LYS A 590 18.26 10.81 -57.61
CA LYS A 590 19.29 10.34 -58.58
C LYS A 590 18.89 9.06 -59.26
N VAL A 591 18.35 8.08 -58.53
CA VAL A 591 18.11 6.77 -59.14
C VAL A 591 17.27 6.93 -60.39
N PHE A 592 16.28 7.81 -60.34
CA PHE A 592 15.43 8.09 -61.49
C PHE A 592 15.91 9.26 -62.32
N SER A 593 16.97 9.97 -61.90
CA SER A 593 17.45 11.15 -62.61
C SER A 593 16.31 12.13 -62.84
N LEU A 594 15.49 12.33 -61.81
CA LEU A 594 14.30 13.14 -61.91
C LEU A 594 14.65 14.61 -61.74
N GLU A 595 14.00 15.46 -62.52
CA GLU A 595 14.20 16.88 -62.35
C GLU A 595 13.08 17.49 -61.51
N GLU A 596 11.89 16.90 -61.58
CA GLU A 596 10.71 17.37 -60.89
C GLU A 596 10.73 16.90 -59.44
N GLU A 597 9.62 17.06 -58.74
CA GLU A 597 9.50 16.65 -57.35
C GLU A 597 8.64 15.39 -57.27
N VAL A 598 9.17 14.37 -56.59
CA VAL A 598 8.48 13.10 -56.37
C VAL A 598 8.30 12.93 -54.87
N SER A 599 7.06 12.77 -54.44
CA SER A 599 6.76 12.61 -53.03
C SER A 599 6.85 11.13 -52.62
N ILE A 600 6.94 10.90 -51.32
CA ILE A 600 6.99 9.54 -50.82
C ILE A 600 5.71 8.80 -51.15
N THR A 601 4.59 9.51 -51.25
CA THR A 601 3.33 8.88 -51.65
C THR A 601 3.43 8.27 -53.05
N THR A 602 3.92 9.06 -54.01
CA THR A 602 4.05 8.55 -55.37
C THR A 602 5.16 7.51 -55.47
N LEU A 603 6.19 7.61 -54.62
CA LEU A 603 7.17 6.53 -54.56
C LEU A 603 6.52 5.23 -54.12
N ASP A 604 5.64 5.29 -53.11
CA ASP A 604 4.89 4.12 -52.68
C ASP A 604 4.02 3.58 -53.82
N GLN A 605 3.35 4.48 -54.54
CA GLN A 605 2.56 4.04 -55.69
C GLN A 605 3.42 3.31 -56.71
N VAL A 606 4.60 3.88 -57.00
CA VAL A 606 5.50 3.27 -57.97
C VAL A 606 5.91 1.87 -57.52
N PHE A 607 6.24 1.73 -56.24
CA PHE A 607 6.78 0.47 -55.75
C PHE A 607 5.72 -0.55 -55.35
N GLU A 608 4.44 -0.19 -55.38
CA GLU A 608 3.41 -1.22 -55.24
C GLU A 608 3.13 -1.97 -56.54
N MET A 609 3.72 -1.54 -57.65
CA MET A 609 3.50 -2.14 -58.96
C MET A 609 4.58 -3.14 -59.33
N ARG A 610 5.43 -3.53 -58.38
CA ARG A 610 6.47 -4.51 -58.65
C ARG A 610 5.90 -5.90 -58.91
N GLY A 611 4.69 -6.18 -58.44
CA GLY A 611 4.06 -7.45 -58.69
C GLY A 611 3.54 -7.64 -60.10
N LEU A 612 3.51 -6.57 -60.90
CA LEU A 612 3.05 -6.66 -62.27
C LEU A 612 4.09 -7.38 -63.13
N LEU A 613 3.61 -8.19 -64.07
CA LEU A 613 4.49 -8.77 -65.06
C LEU A 613 5.11 -7.65 -65.90
N ALA A 614 6.44 -7.72 -66.08
CA ALA A 614 7.13 -6.66 -66.79
C ALA A 614 6.59 -6.49 -68.21
N GLU A 615 6.44 -7.60 -68.92
CA GLU A 615 5.95 -7.59 -70.30
C GLU A 615 4.45 -7.83 -70.37
N SER A 616 3.67 -7.08 -69.60
CA SER A 616 2.21 -7.23 -69.65
C SER A 616 1.59 -6.22 -70.59
N GLU A 617 1.69 -4.93 -70.26
CA GLU A 617 1.30 -3.86 -71.18
C GLU A 617 2.22 -2.65 -71.06
N GLY A 618 3.31 -2.74 -70.29
CA GLY A 618 4.19 -1.62 -70.07
C GLY A 618 5.60 -1.87 -70.56
N LEU A 619 5.77 -2.89 -71.39
CA LEU A 619 7.08 -3.25 -71.91
C LEU A 619 6.96 -4.21 -73.07
N SER A 631 -2.52 -19.13 -72.60
CA SER A 631 -3.92 -18.90 -72.22
C SER A 631 -4.01 -18.42 -70.77
N LEU A 632 -3.42 -19.19 -69.85
CA LEU A 632 -3.44 -18.82 -68.45
C LEU A 632 -2.63 -17.55 -68.18
N TRP A 633 -1.70 -17.20 -69.06
CA TRP A 633 -0.90 -15.99 -68.92
C TRP A 633 -1.65 -14.72 -69.31
N LEU A 634 -2.82 -14.87 -69.92
CA LEU A 634 -3.58 -13.72 -70.40
C LEU A 634 -4.00 -12.81 -69.25
N GLU A 635 -4.42 -13.40 -68.12
CA GLU A 635 -4.90 -12.61 -67.01
C GLU A 635 -3.86 -11.60 -66.56
N GLU A 636 -2.62 -12.05 -66.33
CA GLU A 636 -1.59 -11.13 -65.87
C GLU A 636 -0.88 -10.40 -67.01
N TYR A 637 -1.08 -10.82 -68.26
CA TYR A 637 -0.75 -9.94 -69.39
C TYR A 637 -1.59 -8.68 -69.39
N GLU A 638 -2.89 -8.80 -69.10
CA GLU A 638 -3.76 -7.63 -68.98
C GLU A 638 -3.88 -7.07 -67.57
N ARG A 639 -3.27 -7.68 -66.57
CA ARG A 639 -3.40 -7.15 -65.22
C ARG A 639 -2.99 -5.68 -65.16
N ALA A 640 -2.07 -5.25 -66.02
CA ALA A 640 -1.64 -3.86 -66.04
C ALA A 640 -2.67 -2.92 -66.67
N ARG A 641 -3.65 -3.46 -67.40
CA ARG A 641 -4.62 -2.60 -68.07
C ARG A 641 -5.46 -1.81 -67.08
N GLU A 642 -5.84 -2.43 -65.96
CA GLU A 642 -6.56 -1.69 -64.93
C GLU A 642 -5.74 -0.51 -64.45
N LEU A 643 -4.45 -0.73 -64.21
CA LEU A 643 -3.56 0.35 -63.77
C LEU A 643 -3.52 1.47 -64.80
N VAL A 644 -3.36 1.12 -66.08
CA VAL A 644 -3.22 2.15 -67.11
C VAL A 644 -4.58 2.81 -67.38
N LYS A 645 -5.66 2.17 -66.94
CA LYS A 645 -6.98 2.78 -67.03
C LYS A 645 -7.18 3.87 -65.99
N THR A 646 -6.75 3.61 -64.75
CA THR A 646 -6.86 4.62 -63.69
C THR A 646 -6.17 5.91 -64.15
N THR A 647 -6.97 6.98 -64.29
CA THR A 647 -6.46 8.22 -64.86
C THR A 647 -5.34 8.83 -64.03
N GLY A 648 -5.34 8.59 -62.71
CA GLY A 648 -4.41 9.22 -61.81
C GLY A 648 -3.12 8.45 -61.60
N MET A 649 -2.88 7.40 -62.39
CA MET A 649 -1.77 6.49 -62.15
C MET A 649 -0.67 6.74 -63.19
N LYS A 650 -0.69 7.93 -63.80
CA LYS A 650 0.34 8.40 -64.74
C LYS A 650 1.75 8.24 -64.26
N ARG A 651 2.10 9.03 -63.26
CA ARG A 651 3.48 9.26 -62.90
C ARG A 651 4.05 8.03 -62.24
N PRO A 652 3.29 7.32 -61.40
CA PRO A 652 3.73 5.99 -60.98
C PRO A 652 4.01 5.08 -62.15
N LEU A 653 3.19 5.11 -63.21
CA LEU A 653 3.42 4.18 -64.29
C LEU A 653 4.70 4.49 -65.04
N LYS A 654 4.85 5.75 -65.44
CA LYS A 654 6.05 6.13 -66.19
C LYS A 654 7.30 5.92 -65.35
N LEU A 655 7.22 6.22 -64.05
CA LEU A 655 8.36 6.01 -63.17
C LEU A 655 8.72 4.54 -63.07
N TYR A 656 7.71 3.66 -62.97
CA TYR A 656 8.00 2.24 -62.95
C TYR A 656 8.59 1.76 -64.27
N LYS A 657 8.14 2.33 -65.38
CA LYS A 657 8.72 1.97 -66.67
C LYS A 657 10.19 2.40 -66.75
N GLN A 658 10.51 3.58 -66.22
CA GLN A 658 11.90 3.98 -66.11
C GLN A 658 12.67 3.02 -65.22
N TRP A 659 12.07 2.62 -64.10
CA TRP A 659 12.69 1.68 -63.18
C TRP A 659 13.00 0.35 -63.85
N LEU A 660 12.14 -0.07 -64.79
CA LEU A 660 12.31 -1.36 -65.45
C LEU A 660 13.28 -1.29 -66.63
N THR A 661 13.18 -0.26 -67.47
CA THR A 661 13.86 -0.23 -68.75
C THR A 661 15.04 0.72 -68.81
N SER A 662 14.96 1.87 -68.16
CA SER A 662 15.99 2.90 -68.33
C SER A 662 17.36 2.36 -67.95
N ASP A 663 18.31 2.46 -68.88
CA ASP A 663 19.67 2.01 -68.62
C ASP A 663 20.31 2.79 -67.49
N ASN A 664 20.08 4.11 -67.44
CA ASN A 664 20.62 4.91 -66.36
C ASN A 664 20.05 4.48 -65.01
N VAL A 665 18.74 4.26 -64.95
CA VAL A 665 18.12 3.84 -63.69
C VAL A 665 18.62 2.46 -63.28
N ARG A 666 18.86 1.58 -64.25
CA ARG A 666 19.35 0.24 -63.93
C ARG A 666 20.79 0.28 -63.41
N LYS A 667 21.62 1.12 -64.02
CA LYS A 667 22.98 1.31 -63.50
C LYS A 667 22.95 1.88 -62.09
N GLN A 668 22.09 2.87 -61.85
CA GLN A 668 21.97 3.43 -60.50
C GLN A 668 21.40 2.41 -59.52
N ARG A 669 20.53 1.51 -59.99
CA ARG A 669 20.01 0.45 -59.13
C ARG A 669 21.13 -0.49 -58.71
N ALA A 670 22.01 -0.84 -59.64
CA ALA A 670 23.12 -1.71 -59.31
C ALA A 670 24.23 -1.00 -58.53
N GLU A 671 24.23 0.33 -58.54
CA GLU A 671 25.18 1.08 -57.73
C GLU A 671 25.08 0.66 -56.26
N TYR A 672 26.12 0.99 -55.49
CA TYR A 672 26.20 0.66 -54.08
C TYR A 672 26.28 1.93 -53.23
N VAL A 673 25.70 1.85 -52.04
CA VAL A 673 25.72 2.94 -51.06
C VAL A 673 25.85 2.33 -49.67
N GLU A 674 26.47 3.08 -48.77
CA GLU A 674 26.74 2.61 -47.43
C GLU A 674 25.62 3.03 -46.47
N VAL A 675 25.28 2.14 -45.54
CA VAL A 675 24.28 2.38 -44.51
C VAL A 675 24.88 2.00 -43.17
N ALA A 676 24.69 2.88 -42.18
CA ALA A 676 25.19 2.59 -40.86
C ALA A 676 24.47 1.38 -40.26
N LEU A 677 25.22 0.62 -39.46
CA LEU A 677 24.63 -0.53 -38.78
C LEU A 677 23.53 -0.10 -37.83
N GLU A 678 23.79 0.95 -37.06
CA GLU A 678 22.76 1.57 -36.22
C GLU A 678 22.02 2.67 -36.98
N TYR A 679 21.59 2.38 -38.21
CA TYR A 679 20.77 3.37 -38.91
C TYR A 679 19.42 3.51 -38.22
N LEU A 680 18.83 2.40 -37.81
CA LEU A 680 17.65 2.39 -36.97
C LEU A 680 17.99 1.75 -35.64
N PRO A 681 17.49 2.29 -34.53
CA PRO A 681 17.78 1.68 -33.22
C PRO A 681 17.15 0.30 -33.09
N ASP A 682 17.68 -0.46 -32.12
CA ASP A 682 17.16 -1.79 -31.84
C ASP A 682 15.66 -1.75 -31.66
N GLU A 683 15.13 -0.72 -31.00
CA GLU A 683 13.70 -0.63 -30.79
C GLU A 683 12.96 -0.54 -32.12
N ALA A 684 13.44 0.30 -33.03
CA ALA A 684 12.78 0.46 -34.32
C ALA A 684 12.84 -0.82 -35.15
N VAL A 685 13.99 -1.49 -35.13
CA VAL A 685 14.12 -2.74 -35.88
C VAL A 685 13.16 -3.78 -35.33
N VAL A 686 13.04 -3.86 -34.00
CA VAL A 686 12.10 -4.80 -33.40
C VAL A 686 10.68 -4.42 -33.73
N ALA A 687 10.38 -3.13 -33.83
CA ALA A 687 9.04 -2.70 -34.21
C ALA A 687 8.72 -3.15 -35.63
N LEU A 688 9.67 -3.01 -36.55
CA LEU A 688 9.45 -3.50 -37.91
C LEU A 688 9.25 -5.01 -37.92
N GLN A 689 10.08 -5.73 -37.15
CA GLN A 689 9.95 -7.18 -37.07
C GLN A 689 8.56 -7.57 -36.57
N GLN A 690 8.07 -6.87 -35.55
CA GLN A 690 6.77 -7.20 -34.97
C GLN A 690 5.62 -6.81 -35.89
N ALA A 691 5.79 -5.75 -36.69
CA ALA A 691 4.79 -5.43 -37.69
C ALA A 691 4.68 -6.55 -38.72
N VAL A 692 5.83 -7.05 -39.19
CA VAL A 692 5.80 -8.17 -40.13
C VAL A 692 5.23 -9.42 -39.46
N MET A 693 5.54 -9.61 -38.17
CA MET A 693 4.96 -10.70 -37.41
C MET A 693 3.45 -10.63 -37.41
N ALA A 694 2.91 -9.44 -37.14
CA ALA A 694 1.47 -9.25 -37.10
C ALA A 694 0.85 -9.53 -38.45
N LYS A 695 1.50 -9.06 -39.52
CA LYS A 695 1.00 -9.37 -40.86
C LYS A 695 0.94 -10.87 -41.10
N MET A 696 2.01 -11.57 -40.71
CA MET A 696 2.06 -13.02 -40.91
C MET A 696 0.98 -13.73 -40.12
N ALA A 697 0.78 -13.32 -38.86
CA ALA A 697 -0.26 -13.95 -38.05
C ALA A 697 -1.65 -13.67 -38.62
N ASP A 698 -1.88 -12.45 -39.09
CA ASP A 698 -3.18 -12.12 -39.67
C ASP A 698 -3.45 -12.95 -40.92
N ARG A 699 -2.45 -13.12 -41.78
CA ARG A 699 -2.64 -13.90 -43.00
C ARG A 699 -2.48 -15.40 -42.77
N ASN A 700 -2.15 -15.81 -41.54
CA ASN A 700 -2.00 -17.22 -41.19
C ASN A 700 -0.97 -17.90 -42.10
N ILE A 701 0.22 -17.30 -42.15
CA ILE A 701 1.34 -17.82 -42.92
C ILE A 701 2.34 -18.44 -41.95
N ALA A 702 2.68 -19.70 -42.19
CA ALA A 702 3.60 -20.41 -41.33
C ALA A 702 5.06 -20.19 -41.77
N ILE A 703 5.97 -20.49 -40.85
CA ILE A 703 7.40 -20.31 -41.07
C ILE A 703 8.08 -21.66 -40.85
N GLU A 704 8.65 -22.22 -41.91
CA GLU A 704 9.50 -23.41 -41.76
C GLU A 704 10.86 -22.95 -41.24
N CYS A 705 11.19 -23.36 -40.02
CA CYS A 705 12.44 -22.94 -39.39
C CYS A 705 13.33 -24.16 -39.17
N PRO A 706 14.30 -24.42 -40.03
CA PRO A 706 15.29 -25.45 -39.73
C PRO A 706 16.42 -24.87 -38.90
N PRO A 707 17.25 -25.72 -38.30
CA PRO A 707 18.33 -25.20 -37.44
C PRO A 707 19.58 -24.89 -38.25
N THR A 708 20.05 -23.65 -38.16
CA THR A 708 21.23 -23.22 -38.89
C THR A 708 22.37 -22.88 -37.94
N SER A 714 24.93 -18.15 -38.27
CA SER A 714 26.35 -17.85 -38.42
C SER A 714 26.83 -17.00 -37.25
N GLN A 715 25.93 -16.14 -36.77
CA GLN A 715 26.17 -15.24 -35.66
C GLN A 715 25.82 -15.85 -34.32
N TYR A 716 25.29 -17.07 -34.31
CA TYR A 716 24.98 -17.78 -33.07
C TYR A 716 26.20 -18.58 -32.62
N ARG A 717 26.74 -18.26 -31.45
CA ARG A 717 27.78 -19.09 -30.86
C ARG A 717 27.21 -20.44 -30.46
N ASN A 718 26.15 -20.42 -29.66
CA ASN A 718 25.51 -21.61 -29.12
C ASN A 718 24.10 -21.70 -29.67
N VAL A 719 23.59 -22.94 -29.72
CA VAL A 719 22.25 -23.17 -30.25
C VAL A 719 21.18 -22.50 -29.42
N SER A 720 21.46 -22.19 -28.16
CA SER A 720 20.46 -21.55 -27.30
C SER A 720 20.13 -20.13 -27.73
N GLU A 721 20.95 -19.53 -28.60
CA GLU A 721 20.70 -18.20 -29.11
C GLU A 721 19.87 -18.19 -30.38
N HIS A 722 19.44 -19.35 -30.86
CA HIS A 722 18.65 -19.42 -32.07
C HIS A 722 17.29 -18.74 -31.88
N HIS A 723 16.80 -18.14 -32.96
CA HIS A 723 15.54 -17.39 -32.93
C HIS A 723 14.31 -18.29 -32.85
N ILE A 724 14.46 -19.60 -33.04
CA ILE A 724 13.33 -20.50 -32.90
C ILE A 724 12.77 -20.43 -31.49
N PHE A 725 13.63 -20.25 -30.50
CA PHE A 725 13.17 -20.14 -29.12
C PHE A 725 12.43 -18.83 -28.88
N ARG A 726 12.90 -17.73 -29.50
CA ARG A 726 12.13 -16.50 -29.44
C ARG A 726 10.75 -16.68 -30.04
N TRP A 727 10.67 -17.37 -31.19
CA TRP A 727 9.38 -17.60 -31.82
C TRP A 727 8.50 -18.49 -30.95
N MET A 728 9.10 -19.47 -30.28
CA MET A 728 8.36 -20.37 -29.40
C MET A 728 7.96 -19.69 -28.09
N GLY A 729 8.54 -18.52 -27.79
CA GLY A 729 8.11 -17.74 -26.66
C GLY A 729 8.78 -18.05 -25.34
N LEU A 730 9.99 -18.59 -25.38
CA LEU A 730 10.70 -18.91 -24.14
C LEU A 730 10.98 -17.62 -23.37
N PRO A 731 10.84 -17.63 -22.05
CA PRO A 731 11.22 -16.44 -21.26
C PRO A 731 12.69 -16.12 -21.48
N GLY A 732 12.97 -14.81 -21.58
CA GLY A 732 14.32 -14.35 -21.83
C GLY A 732 14.71 -14.26 -23.29
N GLU A 733 13.95 -14.89 -24.18
CA GLU A 733 14.17 -14.82 -25.61
C GLU A 733 13.09 -14.08 -26.36
N ALA A 734 11.83 -14.20 -25.91
CA ALA A 734 10.74 -13.47 -26.54
C ALA A 734 10.79 -12.01 -26.16
N ILE A 735 10.40 -11.16 -27.10
CA ILE A 735 10.37 -9.71 -26.88
C ILE A 735 8.93 -9.29 -26.64
N GLU A 736 8.77 -8.14 -25.98
CA GLU A 736 7.47 -7.78 -25.41
C GLU A 736 6.37 -7.80 -26.46
N GLY A 737 6.61 -7.19 -27.61
CA GLY A 737 5.57 -7.04 -28.61
C GLY A 737 5.56 -8.09 -29.70
N ASP A 738 6.01 -9.30 -29.38
CA ASP A 738 6.06 -10.36 -30.37
C ASP A 738 4.68 -10.95 -30.60
N VAL A 739 4.52 -11.63 -31.73
CA VAL A 739 3.28 -12.27 -32.13
C VAL A 739 3.58 -13.70 -32.55
N PRO A 740 2.84 -14.70 -32.05
CA PRO A 740 3.06 -16.07 -32.53
C PRO A 740 2.82 -16.20 -34.02
N MET A 741 3.55 -17.12 -34.66
CA MET A 741 3.63 -17.14 -36.11
C MET A 741 3.54 -18.53 -36.75
N SER A 742 3.18 -19.57 -36.01
CA SER A 742 3.01 -20.90 -36.59
C SER A 742 4.31 -21.39 -37.25
N ILE A 743 5.27 -21.68 -36.38
CA ILE A 743 6.54 -22.25 -36.82
C ILE A 743 6.36 -23.74 -37.10
N CYS A 744 6.86 -24.19 -38.23
CA CYS A 744 6.96 -25.59 -38.61
C CYS A 744 8.42 -26.02 -38.62
N LEU A 745 8.63 -27.33 -38.50
CA LEU A 745 9.96 -27.91 -38.42
C LEU A 745 10.46 -28.31 -39.81
N GLY A 746 11.78 -28.31 -39.95
CA GLY A 746 12.42 -28.77 -41.17
C GLY A 746 13.79 -29.34 -40.91
N SER A 747 14.12 -30.44 -41.58
CA SER A 747 15.42 -31.10 -41.42
C SER A 747 16.37 -30.57 -42.47
N ASP A 748 16.99 -29.42 -42.17
CA ASP A 748 17.95 -28.79 -43.07
C ASP A 748 19.01 -28.11 -42.22
N ASP A 749 20.13 -28.80 -42.02
CA ASP A 749 21.27 -28.23 -41.30
C ASP A 749 22.39 -27.97 -42.30
N PRO A 750 22.73 -26.71 -42.60
CA PRO A 750 23.71 -26.47 -43.67
C PRO A 750 25.06 -27.14 -43.45
N GLY A 751 25.54 -27.21 -42.22
CA GLY A 751 26.90 -27.64 -41.97
C GLY A 751 27.06 -28.90 -41.13
N ILE A 752 26.23 -29.91 -41.37
CA ILE A 752 26.33 -31.18 -40.66
C ILE A 752 26.25 -32.32 -41.66
N PHE A 753 26.83 -33.45 -41.29
CA PHE A 753 26.70 -34.69 -42.04
C PHE A 753 25.74 -35.61 -41.29
N ALA A 754 24.85 -36.26 -42.04
CA ALA A 754 23.91 -37.24 -41.49
C ALA A 754 23.04 -36.60 -40.40
N ALA A 755 22.20 -35.68 -40.84
CA ALA A 755 21.17 -35.09 -40.00
C ALA A 755 19.81 -35.67 -40.36
N ASP A 756 18.88 -35.56 -39.43
CA ASP A 756 17.55 -36.10 -39.60
C ASP A 756 16.54 -35.23 -38.87
N LEU A 757 15.28 -35.38 -39.25
CA LEU A 757 14.18 -34.71 -38.56
C LEU A 757 14.13 -35.13 -37.09
N LYS A 758 14.32 -36.43 -36.83
CA LYS A 758 14.39 -36.90 -35.45
C LYS A 758 15.57 -36.27 -34.73
N SER A 759 16.71 -36.15 -35.42
CA SER A 759 17.88 -35.54 -34.80
C SER A 759 17.61 -34.11 -34.40
N GLU A 760 16.97 -33.33 -35.28
CA GLU A 760 16.67 -31.94 -34.95
C GLU A 760 15.62 -31.83 -33.86
N PHE A 761 14.61 -32.71 -33.87
CA PHE A 761 13.63 -32.73 -32.80
C PHE A 761 14.30 -32.99 -31.46
N TYR A 762 15.19 -33.99 -31.41
CA TYR A 762 15.90 -34.29 -30.18
C TYR A 762 16.83 -33.16 -29.77
N HIS A 763 17.45 -32.48 -30.74
CA HIS A 763 18.32 -31.35 -30.42
C HIS A 763 17.53 -30.23 -29.77
N LEU A 764 16.36 -29.91 -30.34
CA LEU A 764 15.51 -28.89 -29.73
C LEU A 764 15.07 -29.31 -28.33
N PHE A 765 14.69 -30.57 -28.17
CA PHE A 765 14.29 -31.06 -26.85
C PHE A 765 15.43 -30.93 -25.85
N VAL A 766 16.64 -31.31 -26.25
CA VAL A 766 17.79 -31.26 -25.36
C VAL A 766 18.08 -29.82 -24.96
N VAL A 767 18.07 -28.91 -25.93
CA VAL A 767 18.35 -27.51 -25.62
C VAL A 767 17.30 -26.97 -24.66
N LEU A 768 16.02 -27.26 -24.93
CA LEU A 768 14.95 -26.77 -24.06
C LEU A 768 15.09 -27.30 -22.65
N THR A 769 15.42 -28.60 -22.51
CA THR A 769 15.46 -29.21 -21.18
C THR A 769 16.69 -28.82 -20.38
N ARG A 770 17.84 -28.63 -21.04
CA ARG A 770 19.10 -28.42 -20.34
C ARG A 770 19.48 -26.95 -20.21
N LYS A 771 19.21 -26.14 -21.23
CA LYS A 771 19.64 -24.75 -21.26
C LYS A 771 18.55 -23.79 -20.82
N PHE A 772 17.29 -24.15 -21.01
CA PHE A 772 16.17 -23.32 -20.59
C PHE A 772 15.48 -23.86 -19.34
N GLY A 773 15.92 -25.00 -18.82
CA GLY A 773 15.42 -25.51 -17.56
C GLY A 773 14.04 -26.09 -17.62
N LEU A 774 13.47 -26.25 -18.81
CA LEU A 774 12.11 -26.74 -18.92
C LEU A 774 12.07 -28.24 -18.63
N SER A 775 10.99 -28.67 -17.98
CA SER A 775 10.80 -30.07 -17.70
C SER A 775 10.59 -30.84 -19.01
N PRO A 776 10.79 -32.16 -19.00
CA PRO A 776 10.57 -32.92 -20.24
C PRO A 776 9.18 -32.70 -20.82
N ALA A 777 8.15 -32.62 -19.99
CA ALA A 777 6.80 -32.43 -20.48
C ALA A 777 6.63 -31.08 -21.17
N ASP A 778 7.11 -30.01 -20.53
CA ASP A 778 6.98 -28.68 -21.13
C ASP A 778 7.79 -28.56 -22.41
N ALA A 779 9.02 -29.08 -22.41
CA ALA A 779 9.83 -29.06 -23.62
C ALA A 779 9.16 -29.85 -24.74
N LEU A 780 8.60 -31.01 -24.41
CA LEU A 780 7.89 -31.79 -25.42
C LEU A 780 6.68 -31.03 -25.95
N ARG A 781 5.97 -30.31 -25.08
CA ARG A 781 4.84 -29.52 -25.55
C ARG A 781 5.31 -28.45 -26.54
N LYS A 782 6.40 -27.77 -26.21
CA LYS A 782 6.88 -26.70 -27.08
C LYS A 782 7.35 -27.23 -28.42
N VAL A 783 8.12 -28.33 -28.43
CA VAL A 783 8.57 -28.89 -29.71
C VAL A 783 7.40 -29.48 -30.49
N ALA A 784 6.45 -30.09 -29.78
CA ALA A 784 5.31 -30.72 -30.42
C ALA A 784 4.43 -29.69 -31.11
N GLU A 785 4.35 -28.48 -30.57
CA GLU A 785 3.53 -27.47 -31.22
C GLU A 785 4.08 -27.15 -32.61
N VAL A 786 5.39 -26.98 -32.71
CA VAL A 786 6.02 -26.74 -34.00
C VAL A 786 5.83 -27.95 -34.92
N ASN A 787 6.06 -29.16 -34.39
CA ASN A 787 5.90 -30.35 -35.21
C ASN A 787 4.48 -30.46 -35.75
N GLU A 788 3.47 -30.25 -34.89
CA GLU A 788 2.08 -30.27 -35.31
C GLU A 788 1.75 -29.15 -36.29
N ASN A 789 2.46 -28.02 -36.20
CA ASN A 789 2.29 -26.99 -37.22
C ASN A 789 2.65 -27.54 -38.59
N GLY A 790 3.67 -28.39 -38.64
CA GLY A 790 3.97 -29.06 -39.90
C GLY A 790 2.80 -29.80 -40.51
N ARG A 791 2.04 -30.53 -39.69
CA ARG A 791 0.85 -31.24 -40.14
C ARG A 791 -0.30 -30.30 -40.49
N ILE A 792 -0.51 -29.27 -39.67
CA ILE A 792 -1.61 -28.34 -39.90
C ILE A 792 -1.40 -27.61 -41.23
N TYR A 793 -0.17 -27.20 -41.51
CA TYR A 793 0.15 -26.46 -42.74
C TYR A 793 0.79 -27.35 -43.80
N ARG A 794 0.52 -28.66 -43.75
CA ARG A 794 1.02 -29.56 -44.78
C ARG A 794 0.40 -29.23 -46.13
N PHE A 795 1.13 -29.57 -47.19
CA PHE A 795 0.65 -29.39 -48.55
C PHE A 795 0.01 -30.64 -49.13
N HIS A 796 -0.04 -31.73 -48.36
CA HIS A 796 -0.55 -32.99 -48.88
C HIS A 796 -2.03 -32.89 -49.18
N ASP A 797 -2.48 -33.69 -50.16
CA ASP A 797 -3.88 -33.72 -50.53
C ASP A 797 -4.71 -34.31 -49.38
N VAL A 798 -5.79 -33.64 -49.04
CA VAL A 798 -6.68 -34.11 -47.98
C VAL A 798 -7.78 -34.97 -48.59
N MET B 1 -23.09 -52.97 8.78
CA MET B 1 -23.14 -54.14 9.69
C MET B 1 -23.37 -55.44 8.93
N GLU B 2 -23.71 -55.33 7.64
CA GLU B 2 -24.01 -56.51 6.85
C GLU B 2 -22.77 -57.37 6.61
N ARG B 3 -21.58 -56.75 6.61
CA ARG B 3 -20.36 -57.50 6.35
C ARG B 3 -20.05 -58.51 7.44
N PHE B 4 -20.46 -58.22 8.68
CA PHE B 4 -20.17 -59.11 9.80
C PHE B 4 -21.03 -60.37 9.79
N LEU B 5 -22.11 -60.39 9.01
CA LEU B 5 -22.92 -61.59 8.86
C LEU B 5 -22.44 -62.48 7.72
N LEU B 6 -21.56 -61.97 6.86
CA LEU B 6 -20.99 -62.76 5.78
C LEU B 6 -19.51 -63.07 5.98
N ASN B 7 -18.84 -62.38 6.90
CA ASN B 7 -17.43 -62.64 7.21
C ASN B 7 -17.29 -62.58 8.73
N SER B 8 -17.28 -63.75 9.37
CA SER B 8 -17.19 -63.81 10.82
C SER B 8 -16.75 -65.21 11.23
N THR B 9 -15.63 -65.29 11.94
CA THR B 9 -15.18 -66.58 12.46
C THR B 9 -16.15 -67.12 13.51
N VAL B 10 -16.62 -66.25 14.41
CA VAL B 10 -17.52 -66.70 15.48
C VAL B 10 -18.81 -67.22 14.89
N LEU B 11 -19.38 -66.48 13.93
CA LEU B 11 -20.63 -66.91 13.31
C LEU B 11 -20.44 -68.23 12.58
N LEU B 12 -19.32 -68.37 11.87
CA LEU B 12 -19.06 -69.62 11.17
C LEU B 12 -18.98 -70.78 12.14
N TYR B 13 -18.23 -70.60 13.23
CA TYR B 13 -18.05 -71.68 14.18
C TYR B 13 -19.40 -72.11 14.73
N ARG B 14 -20.20 -71.12 15.19
CA ARG B 14 -21.51 -71.38 15.78
C ARG B 14 -22.45 -72.09 14.81
N LEU B 15 -22.58 -71.56 13.59
CA LEU B 15 -23.49 -72.14 12.61
C LEU B 15 -23.03 -73.52 12.16
N SER B 16 -21.73 -73.77 12.09
CA SER B 16 -21.23 -75.06 11.64
C SER B 16 -21.21 -76.11 12.76
N THR B 17 -21.36 -75.69 14.01
CA THR B 17 -21.40 -76.66 15.10
C THR B 17 -22.78 -77.04 15.59
N VAL B 18 -23.76 -76.15 15.51
CA VAL B 18 -25.09 -76.49 16.02
C VAL B 18 -25.86 -77.25 14.95
N SER B 19 -26.86 -78.01 15.39
CA SER B 19 -27.63 -78.85 14.49
C SER B 19 -28.45 -78.01 13.52
N LEU B 20 -28.81 -78.62 12.40
CA LEU B 20 -29.55 -77.93 11.35
C LEU B 20 -31.02 -77.75 11.67
N ASP B 21 -31.51 -78.35 12.75
CA ASP B 21 -32.91 -78.21 13.17
C ASP B 21 -33.04 -77.42 14.46
N GLU B 22 -32.04 -76.61 14.81
CA GLU B 22 -32.09 -75.85 16.05
C GLU B 22 -33.14 -74.75 15.98
N VAL B 23 -33.15 -73.97 14.90
CA VAL B 23 -34.10 -72.87 14.72
C VAL B 23 -33.87 -71.81 15.78
N SER B 24 -34.28 -70.57 15.50
CA SER B 24 -34.26 -69.46 16.45
C SER B 24 -32.84 -69.14 16.91
N LEU B 25 -32.03 -68.65 15.97
CA LEU B 25 -30.63 -68.36 16.24
C LEU B 25 -30.33 -66.87 16.22
N ASP B 26 -31.36 -66.02 16.35
CA ASP B 26 -31.18 -64.59 16.22
C ASP B 26 -30.29 -64.04 17.32
N GLU B 27 -30.53 -64.45 18.57
CA GLU B 27 -29.72 -63.98 19.68
C GLU B 27 -28.26 -64.18 19.38
N ARG B 28 -27.94 -65.33 18.77
CA ARG B 28 -26.57 -65.76 18.67
C ARG B 28 -25.90 -65.14 17.49
N VAL B 29 -26.64 -65.01 16.40
CA VAL B 29 -26.15 -64.26 15.25
C VAL B 29 -25.82 -62.84 15.68
N GLU B 30 -26.66 -62.25 16.54
CA GLU B 30 -26.40 -60.90 17.03
C GLU B 30 -25.14 -60.83 17.90
N SER B 31 -25.01 -61.74 18.86
CA SER B 31 -23.84 -61.74 19.72
C SER B 31 -22.56 -61.95 18.91
N SER B 32 -22.58 -62.93 18.00
CA SER B 32 -21.41 -63.17 17.15
C SER B 32 -21.11 -61.97 16.28
N VAL B 33 -22.13 -61.24 15.83
CA VAL B 33 -21.89 -60.04 15.04
C VAL B 33 -21.14 -59.01 15.87
N PHE B 34 -21.55 -58.82 17.12
CA PHE B 34 -20.84 -57.84 17.96
C PHE B 34 -19.41 -58.27 18.23
N LEU B 35 -19.18 -59.56 18.47
CA LEU B 35 -17.81 -60.06 18.62
C LEU B 35 -16.98 -59.83 17.36
N ALA B 36 -17.56 -60.12 16.19
CA ALA B 36 -16.83 -59.92 14.94
C ALA B 36 -16.50 -58.45 14.75
N GLN B 37 -17.45 -57.55 15.07
CA GLN B 37 -17.19 -56.12 14.91
C GLN B 37 -16.12 -55.65 15.89
N TYR B 38 -16.12 -56.14 17.13
CA TYR B 38 -15.08 -55.78 18.07
C TYR B 38 -13.72 -56.27 17.58
N GLU B 39 -13.66 -57.48 17.03
CA GLU B 39 -12.41 -58.04 16.55
C GLU B 39 -11.90 -57.30 15.31
N GLN B 40 -12.79 -56.92 14.38
CA GLN B 40 -12.38 -56.36 13.11
C GLN B 40 -12.31 -54.84 13.13
N ALA B 41 -13.42 -54.17 13.41
CA ALA B 41 -13.49 -52.71 13.47
C ALA B 41 -13.73 -52.34 14.93
N ARG B 42 -12.64 -52.22 15.69
CA ARG B 42 -12.72 -51.99 17.13
C ARG B 42 -13.20 -50.58 17.48
N SER B 43 -13.01 -49.62 16.60
CA SER B 43 -13.23 -48.21 16.95
C SER B 43 -14.70 -47.82 16.93
N LEU B 44 -15.61 -48.70 16.56
CA LEU B 44 -17.03 -48.39 16.64
C LEU B 44 -17.41 -48.21 18.12
N PRO B 45 -18.07 -47.10 18.50
CA PRO B 45 -18.21 -46.81 19.94
C PRO B 45 -19.30 -47.60 20.65
N ASP B 46 -19.41 -48.90 20.35
CA ASP B 46 -20.13 -49.84 21.19
C ASP B 46 -21.65 -49.60 21.24
N HIS B 47 -22.13 -48.52 20.61
CA HIS B 47 -23.57 -48.27 20.57
C HIS B 47 -24.02 -47.97 19.15
N VAL B 48 -23.11 -47.42 18.34
CA VAL B 48 -23.38 -47.34 16.91
C VAL B 48 -23.62 -48.73 16.35
N ALA B 49 -22.88 -49.72 16.85
CA ALA B 49 -23.09 -51.10 16.43
C ALA B 49 -24.46 -51.62 16.86
N LYS B 50 -24.83 -51.38 18.12
CA LYS B 50 -26.16 -51.77 18.58
C LYS B 50 -27.23 -51.17 17.68
N SER B 51 -27.14 -49.87 17.40
CA SER B 51 -28.16 -49.20 16.60
C SER B 51 -28.18 -49.73 15.17
N ALA B 52 -27.02 -49.97 14.57
CA ALA B 52 -26.98 -50.50 13.22
C ALA B 52 -27.62 -51.88 13.15
N TRP B 53 -27.34 -52.73 14.13
CA TRP B 53 -27.97 -54.05 14.16
C TRP B 53 -29.48 -53.93 14.34
N SER B 54 -29.92 -53.01 15.19
CA SER B 54 -31.37 -52.80 15.37
C SER B 54 -32.02 -52.37 14.07
N TYR B 55 -31.39 -51.45 13.33
CA TYR B 55 -31.93 -51.03 12.05
C TYR B 55 -31.96 -52.20 11.06
N LEU B 56 -30.94 -53.05 11.09
CA LEU B 56 -30.91 -54.19 10.18
C LEU B 56 -32.07 -55.14 10.46
N VAL B 57 -32.29 -55.49 11.73
CA VAL B 57 -33.41 -56.36 12.07
C VAL B 57 -34.72 -55.68 11.69
N GLN B 58 -34.81 -54.37 11.90
CA GLN B 58 -36.04 -53.65 11.57
C GLN B 58 -36.32 -53.74 10.07
N GLN B 59 -35.30 -53.55 9.23
CA GLN B 59 -35.49 -53.66 7.80
C GLN B 59 -35.93 -55.07 7.41
N ILE B 60 -35.25 -56.08 7.95
CA ILE B 60 -35.58 -57.46 7.62
C ILE B 60 -37.03 -57.76 7.99
N LYS B 61 -37.42 -57.42 9.21
CA LYS B 61 -38.77 -57.69 9.68
C LYS B 61 -39.82 -56.93 8.87
N GLN B 62 -39.57 -55.65 8.57
CA GLN B 62 -40.54 -54.90 7.79
C GLN B 62 -40.71 -55.47 6.39
N ARG B 63 -39.61 -55.90 5.76
CA ARG B 63 -39.69 -56.49 4.43
C ARG B 63 -39.97 -57.97 4.47
N ASN B 64 -40.32 -58.51 5.64
CA ASN B 64 -40.91 -59.83 5.77
C ASN B 64 -39.90 -60.91 5.37
N MET B 65 -38.65 -60.67 5.73
CA MET B 65 -37.56 -61.59 5.45
C MET B 65 -37.07 -62.19 6.76
N LYS B 66 -36.30 -63.26 6.64
CA LYS B 66 -35.70 -63.93 7.78
C LYS B 66 -34.21 -63.59 7.81
N LEU B 67 -33.66 -63.43 9.01
CA LEU B 67 -32.24 -63.16 9.17
C LEU B 67 -31.44 -64.28 8.51
N GLY B 68 -30.77 -63.96 7.41
CA GLY B 68 -30.04 -64.97 6.66
C GLY B 68 -29.33 -64.43 5.45
N PRO B 69 -28.57 -65.30 4.77
CA PRO B 69 -27.78 -64.85 3.63
C PRO B 69 -28.60 -64.19 2.54
N VAL B 70 -29.81 -64.71 2.27
CA VAL B 70 -30.63 -64.14 1.21
C VAL B 70 -30.99 -62.70 1.54
N ALA B 71 -31.46 -62.46 2.77
CA ALA B 71 -31.83 -61.10 3.15
C ALA B 71 -30.63 -60.17 3.14
N ILE B 72 -29.50 -60.63 3.67
CA ILE B 72 -28.32 -59.77 3.73
C ILE B 72 -27.85 -59.42 2.32
N LEU B 73 -27.80 -60.41 1.43
CA LEU B 73 -27.39 -60.16 0.05
C LEU B 73 -28.36 -59.21 -0.65
N ARG B 74 -29.67 -59.39 -0.42
CA ARG B 74 -30.64 -58.48 -1.02
C ARG B 74 -30.41 -57.06 -0.54
N LEU B 75 -30.21 -56.87 0.77
CA LEU B 75 -29.99 -55.52 1.28
C LEU B 75 -28.74 -54.90 0.66
N ILE B 76 -27.64 -55.65 0.62
CA ILE B 76 -26.40 -55.12 0.05
C ILE B 76 -26.61 -54.75 -1.41
N ALA B 77 -27.27 -55.63 -2.17
CA ALA B 77 -27.47 -55.38 -3.60
C ALA B 77 -28.33 -54.16 -3.85
N GLU B 78 -29.45 -54.03 -3.12
CA GLU B 78 -30.25 -52.81 -3.26
C GLU B 78 -29.48 -51.56 -2.87
N LYS B 79 -28.58 -51.67 -1.89
CA LYS B 79 -27.86 -50.51 -1.41
C LYS B 79 -26.72 -50.08 -2.33
N PHE B 80 -26.09 -51.01 -3.04
CA PHE B 80 -24.90 -50.72 -3.83
C PHE B 80 -25.15 -50.80 -5.33
N ILE B 81 -25.78 -51.86 -5.81
CA ILE B 81 -25.87 -52.14 -7.24
C ILE B 81 -27.17 -51.61 -7.80
N LYS B 82 -27.11 -51.09 -9.02
CA LYS B 82 -28.23 -50.80 -9.90
C LYS B 82 -28.05 -51.37 -11.29
N ASN B 83 -28.94 -50.89 -12.17
CA ASN B 83 -28.81 -51.03 -13.60
C ASN B 83 -28.64 -49.66 -14.22
N GLU B 84 -27.56 -49.44 -14.97
CA GLU B 84 -27.46 -48.22 -15.76
C GLU B 84 -26.77 -48.50 -17.08
N LYS B 85 -27.41 -48.07 -18.17
CA LYS B 85 -26.84 -48.14 -19.51
C LYS B 85 -26.63 -49.58 -19.95
N GLY B 86 -25.54 -50.18 -19.50
CA GLY B 86 -25.16 -51.55 -19.75
C GLY B 86 -24.76 -52.29 -18.50
N GLY B 87 -25.55 -53.30 -18.12
CA GLY B 87 -25.22 -54.14 -17.00
C GLY B 87 -25.24 -53.41 -15.68
N PRO B 88 -25.11 -54.16 -14.58
CA PRO B 88 -25.12 -53.53 -13.26
C PRO B 88 -23.87 -52.70 -12.99
N LYS B 89 -24.05 -51.61 -12.28
CA LYS B 89 -22.95 -50.72 -11.89
C LYS B 89 -23.14 -50.29 -10.44
N ILE B 90 -22.07 -49.74 -9.88
CA ILE B 90 -22.05 -49.25 -8.50
C ILE B 90 -22.24 -47.75 -8.51
N ASP B 91 -22.93 -47.22 -7.49
CA ASP B 91 -23.00 -45.78 -7.30
C ASP B 91 -21.62 -45.16 -7.24
N LEU B 92 -21.50 -44.00 -7.90
CA LEU B 92 -20.31 -43.18 -7.71
C LEU B 92 -20.12 -42.77 -6.25
N PRO B 93 -21.13 -42.25 -5.56
CA PRO B 93 -20.95 -41.95 -4.13
C PRO B 93 -20.73 -43.18 -3.27
N MET B 94 -21.09 -44.36 -3.74
CA MET B 94 -21.01 -45.59 -2.95
C MET B 94 -19.82 -46.46 -3.31
N PHE B 95 -19.02 -46.09 -4.31
CA PHE B 95 -17.95 -46.97 -4.76
C PHE B 95 -16.88 -47.16 -3.70
N SER B 96 -16.55 -46.12 -2.94
CA SER B 96 -15.55 -46.27 -1.88
C SER B 96 -16.00 -47.29 -0.84
N GLU B 97 -17.25 -47.17 -0.39
CA GLU B 97 -17.80 -48.14 0.55
C GLU B 97 -17.84 -49.53 -0.06
N TRP B 98 -18.15 -49.62 -1.35
CA TRP B 98 -18.16 -50.92 -2.02
C TRP B 98 -16.77 -51.55 -2.02
N GLN B 99 -15.74 -50.75 -2.27
CA GLN B 99 -14.37 -51.27 -2.22
C GLN B 99 -14.03 -51.77 -0.82
N THR B 100 -14.36 -50.98 0.20
CA THR B 100 -14.11 -51.42 1.57
C THR B 100 -14.84 -52.72 1.85
N LEU B 101 -16.07 -52.85 1.35
CA LEU B 101 -16.81 -54.10 1.52
C LEU B 101 -16.13 -55.25 0.79
N MET B 102 -15.66 -55.01 -0.44
CA MET B 102 -14.96 -56.04 -1.20
C MET B 102 -13.73 -56.54 -0.47
N SER B 103 -13.16 -55.73 0.42
CA SER B 103 -12.06 -56.24 1.24
C SER B 103 -12.49 -57.34 2.21
N ARG B 104 -13.80 -57.57 2.39
CA ARG B 104 -14.28 -58.57 3.33
C ARG B 104 -15.22 -59.60 2.70
N VAL B 105 -16.00 -59.21 1.70
CA VAL B 105 -17.06 -60.04 1.14
C VAL B 105 -16.82 -60.22 -0.35
N SER B 106 -17.21 -61.39 -0.86
CA SER B 106 -17.11 -61.68 -2.29
C SER B 106 -18.30 -61.08 -3.03
N CYS B 107 -18.04 -60.63 -4.26
CA CYS B 107 -19.04 -59.88 -5.03
C CYS B 107 -20.01 -60.77 -5.78
N LEU B 108 -19.65 -62.03 -6.05
CA LEU B 108 -20.49 -62.88 -6.88
C LEU B 108 -21.85 -63.15 -6.28
N PRO B 109 -21.98 -63.50 -4.99
CA PRO B 109 -23.32 -63.67 -4.41
C PRO B 109 -24.17 -62.41 -4.51
N ILE B 110 -23.56 -61.24 -4.30
CA ILE B 110 -24.30 -59.99 -4.33
C ILE B 110 -24.79 -59.71 -5.76
N ILE B 111 -23.94 -59.96 -6.75
CA ILE B 111 -24.35 -59.74 -8.13
C ILE B 111 -25.44 -60.72 -8.53
N ALA B 112 -25.35 -61.97 -8.05
CA ALA B 112 -26.43 -62.93 -8.31
C ALA B 112 -27.73 -62.45 -7.70
N CYS B 113 -27.68 -61.96 -6.46
CA CYS B 113 -28.88 -61.44 -5.81
C CYS B 113 -29.45 -60.25 -6.58
N HIS B 114 -28.58 -59.36 -7.07
CA HIS B 114 -29.05 -58.23 -7.86
C HIS B 114 -29.72 -58.71 -9.15
N GLN B 115 -29.10 -59.67 -9.84
CA GLN B 115 -29.68 -60.17 -11.08
C GLN B 115 -31.02 -60.85 -10.84
N VAL B 116 -31.20 -61.46 -9.66
CA VAL B 116 -32.45 -62.14 -9.37
C VAL B 116 -33.55 -61.15 -8.98
N PHE B 117 -33.26 -60.26 -8.03
CA PHE B 117 -34.29 -59.42 -7.42
C PHE B 117 -34.40 -58.04 -8.03
N ASN B 118 -33.54 -57.67 -8.97
CA ASN B 118 -33.60 -56.38 -9.62
C ASN B 118 -32.88 -56.46 -10.97
N PRO B 119 -33.32 -57.34 -11.87
CA PRO B 119 -32.63 -57.48 -13.15
C PRO B 119 -32.81 -56.25 -14.02
N GLY B 120 -31.85 -56.05 -14.91
CA GLY B 120 -31.93 -54.98 -15.89
C GLY B 120 -32.89 -55.34 -17.00
N PRO B 121 -32.89 -54.54 -18.06
CA PRO B 121 -33.77 -54.84 -19.20
C PRO B 121 -33.53 -56.25 -19.73
N ALA B 122 -34.62 -56.93 -20.09
CA ALA B 122 -34.53 -58.29 -20.58
C ALA B 122 -34.18 -58.31 -22.07
N SER B 123 -33.14 -57.58 -22.44
CA SER B 123 -32.60 -57.60 -23.79
C SER B 123 -31.09 -57.69 -23.83
N GLN B 124 -30.39 -57.36 -22.75
CA GLN B 124 -28.93 -57.46 -22.66
C GLN B 124 -28.64 -58.71 -21.84
N GLU B 125 -28.39 -59.82 -22.54
CA GLU B 125 -28.09 -61.07 -21.87
C GLU B 125 -26.88 -60.89 -20.96
N TYR B 126 -27.09 -60.97 -19.65
CA TYR B 126 -26.02 -60.66 -18.71
C TYR B 126 -25.13 -61.88 -18.51
N SER B 127 -23.84 -61.72 -18.83
CA SER B 127 -22.82 -62.70 -18.52
C SER B 127 -22.00 -62.17 -17.36
N PHE B 128 -21.85 -62.98 -16.33
CA PHE B 128 -21.19 -62.51 -15.10
C PHE B 128 -19.82 -61.92 -15.39
N ARG B 129 -19.53 -60.76 -14.80
CA ARG B 129 -18.22 -60.14 -15.00
C ARG B 129 -17.81 -59.50 -13.71
N TRP B 130 -16.57 -59.74 -13.32
CA TRP B 130 -16.02 -59.09 -12.15
C TRP B 130 -14.93 -58.14 -12.57
N PRO B 131 -14.68 -57.08 -11.80
CA PRO B 131 -15.51 -56.60 -10.70
C PRO B 131 -16.57 -55.64 -11.21
N LEU B 132 -17.44 -55.18 -10.32
CA LEU B 132 -18.42 -54.17 -10.69
C LEU B 132 -17.78 -52.79 -10.62
N TYR B 133 -17.96 -52.01 -11.67
CA TYR B 133 -17.44 -50.65 -11.75
C TYR B 133 -18.57 -49.65 -11.62
N PRO B 134 -18.25 -48.41 -11.27
CA PRO B 134 -19.21 -47.31 -11.45
C PRO B 134 -19.23 -46.91 -12.93
N TYR B 135 -20.10 -45.95 -13.23
CA TYR B 135 -20.20 -45.42 -14.59
C TYR B 135 -19.99 -43.91 -14.56
N HIS B 136 -19.12 -43.43 -15.44
CA HIS B 136 -19.01 -42.01 -15.73
C HIS B 136 -18.61 -41.84 -17.19
N PRO B 137 -19.39 -41.09 -17.98
CA PRO B 137 -19.09 -41.01 -19.41
C PRO B 137 -17.69 -40.51 -19.71
N THR B 138 -17.17 -39.56 -18.93
CA THR B 138 -15.82 -39.07 -19.18
C THR B 138 -14.79 -40.18 -19.02
N VAL B 139 -14.90 -40.95 -17.95
CA VAL B 139 -13.95 -42.04 -17.72
C VAL B 139 -14.09 -43.11 -18.79
N GLU B 140 -15.32 -43.45 -19.17
CA GLU B 140 -15.50 -44.47 -20.19
C GLU B 140 -14.94 -44.02 -21.53
N ASP B 141 -15.16 -42.75 -21.89
CA ASP B 141 -14.61 -42.23 -23.14
C ASP B 141 -13.09 -42.25 -23.10
N TYR B 142 -12.50 -41.83 -21.98
CA TYR B 142 -11.05 -41.85 -21.87
C TYR B 142 -10.51 -43.26 -22.01
N ILE B 143 -11.15 -44.24 -21.37
CA ILE B 143 -10.69 -45.62 -21.47
C ILE B 143 -10.81 -46.13 -22.90
N THR B 144 -11.93 -45.82 -23.56
CA THR B 144 -12.11 -46.24 -24.94
C THR B 144 -11.06 -45.63 -25.86
N ARG B 145 -10.69 -44.38 -25.62
CA ARG B 145 -9.77 -43.69 -26.51
C ARG B 145 -8.31 -44.08 -26.26
N GLU B 146 -7.89 -44.11 -25.00
CA GLU B 146 -6.50 -44.30 -24.63
C GLU B 146 -6.20 -45.65 -24.00
N CYS B 147 -7.22 -46.35 -23.50
CA CYS B 147 -7.04 -47.64 -22.85
C CYS B 147 -6.23 -47.48 -21.56
N LEU B 148 -6.19 -48.53 -20.75
CA LEU B 148 -5.48 -48.51 -19.48
C LEU B 148 -4.19 -49.32 -19.60
N HIS B 149 -3.21 -48.95 -18.78
CA HIS B 149 -1.86 -49.53 -18.85
C HIS B 149 -1.51 -50.12 -17.49
N GLU B 150 -1.12 -51.40 -17.49
CA GLU B 150 -0.82 -52.12 -16.27
C GLU B 150 0.69 -52.28 -16.13
N THR B 151 1.24 -51.76 -15.03
CA THR B 151 2.66 -51.83 -14.74
C THR B 151 3.00 -52.57 -13.46
N HIS B 152 2.00 -53.03 -12.69
CA HIS B 152 2.26 -53.65 -11.39
C HIS B 152 1.17 -54.70 -11.14
N GLN B 153 1.48 -55.96 -11.47
CA GLN B 153 0.53 -57.06 -11.26
C GLN B 153 1.29 -58.31 -10.82
N HIS B 154 1.50 -58.47 -9.51
CA HIS B 154 2.29 -59.53 -8.87
C HIS B 154 1.74 -60.00 -7.52
N LEU B 155 0.43 -59.86 -7.25
CA LEU B 155 -0.05 -60.06 -5.87
C LEU B 155 -0.42 -61.51 -5.55
N ASN B 156 -1.44 -62.10 -6.19
CA ASN B 156 -1.82 -63.48 -5.84
C ASN B 156 -1.53 -64.09 -7.20
N GLY B 157 -0.33 -64.57 -7.45
CA GLY B 157 0.04 -64.85 -8.82
C GLY B 157 -0.17 -63.58 -9.65
N SER B 158 -1.18 -63.61 -10.53
CA SER B 158 -1.68 -62.37 -11.13
C SER B 158 -3.20 -62.35 -11.23
N THR B 159 -3.88 -63.29 -10.57
CA THR B 159 -5.33 -63.40 -10.63
C THR B 159 -5.93 -62.86 -9.35
N SER B 160 -7.21 -62.48 -9.44
CA SER B 160 -7.92 -62.05 -8.25
C SER B 160 -8.10 -63.23 -7.30
N ALA B 161 -8.27 -62.91 -6.02
CA ALA B 161 -8.35 -63.92 -4.98
C ALA B 161 -9.63 -64.73 -5.09
N GLU B 162 -10.60 -64.24 -5.89
CA GLU B 162 -11.91 -64.86 -5.96
C GLU B 162 -11.94 -66.11 -6.82
N GLU B 163 -11.13 -66.20 -7.88
CA GLU B 163 -11.00 -67.44 -8.62
C GLU B 163 -10.16 -68.46 -7.86
N CYS B 164 -9.34 -68.00 -6.92
CA CYS B 164 -8.57 -68.93 -6.10
C CYS B 164 -9.47 -69.78 -5.22
N TRP B 165 -10.62 -69.24 -4.80
CA TRP B 165 -11.57 -70.06 -4.03
C TRP B 165 -12.04 -71.26 -4.85
N LEU B 166 -12.47 -71.01 -6.09
CA LEU B 166 -12.90 -72.12 -6.94
C LEU B 166 -11.74 -73.02 -7.32
N ASP B 167 -10.54 -72.46 -7.47
CA ASP B 167 -9.37 -73.31 -7.73
C ASP B 167 -9.11 -74.24 -6.56
N ALA B 168 -9.26 -73.74 -5.33
CA ALA B 168 -9.11 -74.59 -4.16
C ALA B 168 -10.17 -75.67 -4.12
N LEU B 169 -11.42 -75.32 -4.43
CA LEU B 169 -12.47 -76.33 -4.49
C LEU B 169 -12.20 -77.37 -5.58
N LYS B 170 -11.56 -76.95 -6.67
CA LYS B 170 -11.18 -77.87 -7.74
C LYS B 170 -10.04 -78.79 -7.31
N HIS B 171 -9.09 -78.24 -6.57
CA HIS B 171 -7.91 -78.98 -6.11
C HIS B 171 -7.83 -78.85 -4.60
N PRO B 172 -8.83 -79.39 -3.89
CA PRO B 172 -8.81 -79.30 -2.42
C PRO B 172 -7.56 -79.88 -1.82
N GLU B 173 -7.05 -80.96 -2.41
CA GLU B 173 -5.88 -81.63 -1.87
C GLU B 173 -4.58 -80.91 -2.24
N ALA B 174 -4.57 -80.19 -3.36
CA ALA B 174 -3.44 -79.28 -3.62
C ALA B 174 -3.43 -78.12 -2.63
N CYS B 175 -4.59 -77.51 -2.39
CA CYS B 175 -4.67 -76.41 -1.44
C CYS B 175 -4.31 -76.88 -0.04
N LEU B 176 -4.80 -78.06 0.35
CA LEU B 176 -4.44 -78.62 1.65
C LEU B 176 -2.95 -78.89 1.74
N ARG B 177 -2.36 -79.45 0.67
CA ARG B 177 -0.92 -79.64 0.63
C ARG B 177 -0.15 -78.33 0.83
N ASP B 178 -0.55 -77.27 0.13
CA ASP B 178 0.14 -75.99 0.34
C ASP B 178 -0.03 -75.49 1.77
N PHE B 179 -1.26 -75.53 2.28
CA PHE B 179 -1.51 -75.03 3.63
C PHE B 179 -0.63 -75.76 4.66
N GLU B 180 -0.55 -77.09 4.55
CA GLU B 180 0.30 -77.83 5.48
C GLU B 180 1.76 -77.46 5.30
N LYS B 181 2.24 -77.47 4.05
CA LYS B 181 3.61 -77.06 3.76
C LYS B 181 3.63 -75.54 3.73
N GLY B 182 3.74 -74.96 4.91
CA GLY B 182 3.70 -73.54 5.12
C GLY B 182 3.05 -73.21 6.44
N TRP B 183 2.25 -74.15 6.96
CA TRP B 183 1.77 -74.06 8.33
C TRP B 183 2.84 -74.44 9.34
N ALA B 184 3.84 -75.23 8.93
CA ALA B 184 5.01 -75.42 9.78
C ALA B 184 5.78 -74.13 9.95
N SER B 185 5.56 -73.15 9.07
CA SER B 185 6.22 -71.86 9.18
C SER B 185 5.52 -71.02 10.23
N GLN B 186 6.37 -70.39 11.04
CA GLN B 186 5.87 -69.53 12.10
C GLN B 186 5.05 -68.37 11.59
N GLU B 187 5.53 -67.73 10.51
CA GLU B 187 4.87 -66.55 10.04
C GLU B 187 3.41 -66.85 9.89
N MET B 188 3.18 -68.02 9.28
CA MET B 188 1.89 -68.56 8.91
C MET B 188 1.08 -68.98 10.14
N LYS B 189 1.71 -69.65 11.10
CA LYS B 189 0.97 -69.96 12.31
C LYS B 189 0.41 -68.69 12.94
N GLN B 190 1.24 -67.65 13.02
CA GLN B 190 0.80 -66.39 13.58
C GLN B 190 -0.35 -65.80 12.79
N LEU B 191 -0.24 -65.81 11.46
CA LEU B 191 -1.31 -65.28 10.63
C LEU B 191 -2.61 -66.06 10.82
N CYS B 192 -2.52 -67.39 10.86
CA CYS B 192 -3.72 -68.21 11.03
C CYS B 192 -4.36 -67.94 12.39
N ALA B 193 -3.54 -67.82 13.43
CA ALA B 193 -4.09 -67.51 14.74
C ALA B 193 -4.76 -66.13 14.74
N GLN B 194 -4.17 -65.16 14.03
CA GLN B 194 -4.71 -63.81 14.04
C GLN B 194 -6.02 -63.73 13.26
N ILE B 195 -6.20 -64.57 12.24
CA ILE B 195 -7.47 -64.59 11.52
C ILE B 195 -8.48 -65.48 12.22
N ASP B 196 -8.20 -66.78 12.30
CA ASP B 196 -9.04 -67.74 13.01
C ASP B 196 -8.18 -68.47 14.03
N PRO B 197 -8.34 -68.20 15.33
CA PRO B 197 -7.44 -68.83 16.31
C PRO B 197 -7.31 -70.34 16.16
N SER B 198 -8.43 -71.06 16.15
CA SER B 198 -8.41 -72.52 16.08
C SER B 198 -8.67 -73.00 14.65
N LEU B 199 -7.75 -72.63 13.75
CA LEU B 199 -7.89 -73.03 12.36
C LEU B 199 -7.33 -74.43 12.09
N THR B 200 -6.03 -74.60 12.24
CA THR B 200 -5.33 -75.87 11.99
C THR B 200 -5.58 -76.41 10.58
N PRO B 201 -4.63 -77.20 10.05
CA PRO B 201 -4.85 -77.82 8.74
C PRO B 201 -6.06 -78.73 8.68
N ARG B 202 -6.39 -79.39 9.79
CA ARG B 202 -7.50 -80.35 9.77
C ARG B 202 -8.84 -79.64 9.59
N ILE B 203 -9.08 -78.57 10.36
CA ILE B 203 -10.32 -77.84 10.14
C ILE B 203 -10.27 -77.09 8.81
N PHE B 204 -9.07 -76.70 8.34
CA PHE B 204 -8.98 -76.18 6.98
C PHE B 204 -9.55 -77.18 5.97
N LYS B 205 -9.08 -78.42 6.04
CA LYS B 205 -9.55 -79.46 5.14
C LYS B 205 -11.05 -79.70 5.32
N ASP B 206 -11.51 -79.76 6.56
CA ASP B 206 -12.93 -80.00 6.83
C ASP B 206 -13.78 -78.88 6.25
N ARG B 207 -13.33 -77.63 6.37
CA ARG B 207 -14.07 -76.51 5.84
C ARG B 207 -14.14 -76.55 4.32
N LEU B 208 -13.02 -76.91 3.67
CA LEU B 208 -13.05 -77.04 2.21
C LEU B 208 -14.04 -78.13 1.79
N GLN B 209 -14.02 -79.27 2.48
CA GLN B 209 -14.94 -80.34 2.14
C GLN B 209 -16.39 -79.94 2.39
N ILE B 210 -16.64 -79.22 3.49
CA ILE B 210 -17.98 -78.74 3.79
C ILE B 210 -18.47 -77.81 2.70
N ALA B 211 -17.59 -76.91 2.24
CA ALA B 211 -17.97 -76.00 1.16
C ALA B 211 -18.32 -76.77 -0.10
N CYS B 212 -17.51 -77.77 -0.46
CA CYS B 212 -17.80 -78.55 -1.66
C CYS B 212 -19.14 -79.27 -1.54
N ASN B 213 -19.38 -79.91 -0.40
CA ASN B 213 -20.62 -80.67 -0.21
C ASN B 213 -21.83 -79.74 -0.22
N ILE B 214 -21.72 -78.58 0.44
CA ILE B 214 -22.81 -77.62 0.45
C ILE B 214 -23.08 -77.14 -0.97
N ARG B 215 -22.02 -76.91 -1.75
CA ARG B 215 -22.21 -76.49 -3.13
C ARG B 215 -22.98 -77.54 -3.92
N GLU B 216 -22.63 -78.81 -3.74
CA GLU B 216 -23.35 -79.87 -4.45
C GLU B 216 -24.82 -79.90 -4.03
N ILE B 217 -25.08 -79.87 -2.73
CA ILE B 217 -26.46 -79.94 -2.24
C ILE B 217 -27.28 -78.76 -2.76
N LEU B 218 -26.71 -77.56 -2.67
CA LEU B 218 -27.45 -76.38 -3.09
C LEU B 218 -27.58 -76.31 -4.61
N CYS B 219 -26.68 -76.93 -5.36
CA CYS B 219 -26.89 -77.08 -6.80
C CYS B 219 -28.10 -77.97 -7.06
N ARG B 220 -28.26 -79.03 -6.27
CA ARG B 220 -29.44 -79.88 -6.43
C ARG B 220 -30.71 -79.07 -6.29
N VAL B 221 -30.79 -78.22 -5.26
CA VAL B 221 -32.03 -77.47 -5.08
C VAL B 221 -32.13 -76.32 -6.09
N ALA B 222 -31.00 -75.79 -6.56
CA ALA B 222 -31.05 -74.76 -7.59
C ALA B 222 -31.64 -75.31 -8.87
N GLN B 223 -31.27 -76.54 -9.25
CA GLN B 223 -31.90 -77.22 -10.38
C GLN B 223 -33.26 -77.79 -10.03
N GLY B 224 -33.61 -77.88 -8.75
CA GLY B 224 -34.87 -78.47 -8.36
C GLY B 224 -34.94 -79.94 -8.70
N VAL B 225 -34.02 -80.74 -8.15
CA VAL B 225 -33.97 -82.18 -8.43
C VAL B 225 -34.14 -82.93 -7.11
N GLU B 226 -35.39 -83.15 -6.72
CA GLU B 226 -35.84 -84.30 -5.93
C GLU B 226 -35.21 -84.46 -4.55
N LEU B 227 -34.32 -83.56 -4.11
CA LEU B 227 -33.82 -83.58 -2.73
C LEU B 227 -33.46 -85.01 -2.28
N PRO B 228 -32.30 -85.54 -2.66
CA PRO B 228 -32.09 -86.98 -2.46
C PRO B 228 -32.35 -87.40 -1.02
N GLU B 229 -32.65 -88.69 -0.84
CA GLU B 229 -33.20 -89.16 0.44
C GLU B 229 -32.22 -88.95 1.59
N TRP B 230 -30.92 -89.08 1.34
CA TRP B 230 -29.95 -89.02 2.43
C TRP B 230 -29.88 -87.64 3.10
N ILE B 231 -30.61 -86.66 2.58
CA ILE B 231 -30.63 -85.35 3.21
C ILE B 231 -31.21 -85.44 4.62
N ALA B 232 -32.14 -86.38 4.87
CA ALA B 232 -32.73 -86.51 6.19
C ALA B 232 -31.68 -86.87 7.23
N SER B 233 -30.76 -87.76 6.88
CA SER B 233 -29.69 -88.13 7.81
C SER B 233 -28.79 -86.97 8.14
N MET B 234 -28.63 -86.05 7.21
CA MET B 234 -27.80 -84.86 7.42
C MET B 234 -28.41 -83.96 8.49
N GLN B 235 -27.85 -83.98 9.70
CA GLN B 235 -28.42 -83.21 10.78
C GLN B 235 -27.50 -82.15 11.32
N ASN B 236 -26.18 -82.27 11.14
CA ASN B 236 -25.21 -81.40 11.78
C ASN B 236 -24.14 -81.04 10.75
N PRO B 237 -23.90 -79.75 10.51
CA PRO B 237 -23.04 -79.37 9.36
C PRO B 237 -21.70 -80.06 9.33
N GLN B 238 -21.19 -80.51 10.48
CA GLN B 238 -19.93 -81.23 10.51
C GLN B 238 -20.01 -82.54 9.73
N GLN B 239 -21.22 -83.07 9.52
CA GLN B 239 -21.37 -84.28 8.70
C GLN B 239 -20.87 -84.07 7.29
N LEU B 240 -20.88 -82.82 6.80
CA LEU B 240 -20.43 -82.52 5.45
C LEU B 240 -18.92 -82.41 5.34
N ALA B 241 -18.19 -82.55 6.45
CA ALA B 241 -16.74 -82.50 6.41
C ALA B 241 -16.13 -83.66 5.63
N ASN B 242 -16.95 -84.62 5.18
CA ASN B 242 -16.45 -85.86 4.63
C ASN B 242 -16.99 -86.06 3.23
N SER B 243 -16.35 -86.97 2.49
CA SER B 243 -16.71 -87.19 1.10
C SER B 243 -18.02 -87.95 0.92
N THR B 244 -18.50 -88.64 1.96
CA THR B 244 -19.73 -89.42 1.85
C THR B 244 -20.54 -89.26 3.13
N ILE B 245 -21.85 -89.44 3.00
CA ILE B 245 -22.76 -89.43 4.12
C ILE B 245 -23.35 -90.82 4.31
N LEU B 246 -23.59 -91.20 5.55
CA LEU B 246 -24.11 -92.52 5.90
C LEU B 246 -25.54 -92.36 6.39
N HIS B 247 -26.50 -92.85 5.61
CA HIS B 247 -27.91 -92.69 5.96
C HIS B 247 -28.38 -93.87 6.82
N ASN B 248 -28.39 -95.08 6.24
CA ASN B 248 -28.63 -96.31 7.01
C ASN B 248 -27.77 -97.41 6.39
N GLY B 249 -26.58 -97.61 6.96
CA GLY B 249 -25.71 -98.68 6.51
C GLY B 249 -24.92 -98.34 5.25
N ARG B 250 -25.48 -97.50 4.40
CA ARG B 250 -24.89 -97.16 3.12
C ARG B 250 -24.12 -95.84 3.19
N GLU B 251 -23.16 -95.68 2.28
CA GLU B 251 -22.37 -94.46 2.18
C GLU B 251 -22.70 -93.80 0.84
N TYR B 252 -23.41 -92.68 0.89
CA TYR B 252 -23.83 -91.96 -0.30
C TYR B 252 -22.89 -90.79 -0.57
N GLY B 253 -22.53 -90.61 -1.84
CA GLY B 253 -21.72 -89.48 -2.24
C GLY B 253 -22.55 -88.23 -2.48
N PHE B 254 -21.91 -87.08 -2.29
CA PHE B 254 -22.59 -85.79 -2.43
C PHE B 254 -22.59 -85.29 -3.87
N ALA B 255 -21.82 -85.91 -4.77
CA ALA B 255 -21.71 -85.40 -6.13
C ALA B 255 -23.02 -85.53 -6.88
N THR B 256 -23.22 -84.63 -7.84
CA THR B 256 -24.39 -84.63 -8.70
C THR B 256 -23.96 -84.22 -10.10
N VAL B 257 -24.93 -84.08 -10.99
CA VAL B 257 -24.67 -83.68 -12.37
C VAL B 257 -24.75 -82.16 -12.47
N TRP B 258 -23.85 -81.58 -13.27
CA TRP B 258 -23.79 -80.14 -13.45
C TRP B 258 -24.01 -79.78 -14.92
N PRO B 259 -24.73 -78.70 -15.21
CA PRO B 259 -24.95 -78.35 -16.62
C PRO B 259 -23.68 -78.09 -17.39
N ILE B 260 -22.83 -77.21 -16.86
CA ILE B 260 -21.63 -76.78 -17.58
C ILE B 260 -20.52 -77.80 -17.39
N ASP B 261 -19.66 -77.92 -18.39
CA ASP B 261 -18.57 -78.89 -18.32
C ASP B 261 -17.64 -78.59 -17.17
N ASP B 262 -17.29 -77.31 -16.98
CA ASP B 262 -16.46 -76.89 -15.86
C ASP B 262 -17.39 -76.44 -14.72
N LYS B 263 -17.58 -77.31 -13.73
CA LYS B 263 -18.51 -77.06 -12.64
C LYS B 263 -17.93 -76.12 -11.59
N TYR B 264 -16.62 -75.87 -11.64
CA TYR B 264 -15.87 -75.03 -10.72
C TYR B 264 -15.56 -73.65 -11.31
N SER B 265 -16.24 -73.30 -12.40
CA SER B 265 -16.04 -72.02 -13.06
C SER B 265 -16.95 -70.98 -12.43
N GLN B 266 -16.55 -69.71 -12.58
CA GLN B 266 -17.34 -68.64 -11.97
C GLN B 266 -18.67 -68.48 -12.68
N GLU B 267 -18.74 -68.82 -13.97
CA GLU B 267 -20.03 -68.89 -14.64
C GLU B 267 -20.94 -69.94 -13.99
N SER B 268 -20.39 -71.12 -13.71
CA SER B 268 -21.18 -72.16 -13.05
C SER B 268 -21.63 -71.71 -11.67
N GLU B 269 -20.72 -71.09 -10.91
CA GLU B 269 -21.08 -70.59 -9.59
C GLU B 269 -22.20 -69.56 -9.68
N PHE B 270 -22.09 -68.62 -10.63
CA PHE B 270 -23.12 -67.61 -10.79
C PHE B 270 -24.46 -68.23 -11.19
N CYS B 271 -24.44 -69.20 -12.10
CA CYS B 271 -25.68 -69.85 -12.51
C CYS B 271 -26.33 -70.56 -11.33
N TRP B 272 -25.54 -71.30 -10.56
CA TRP B 272 -26.09 -72.01 -9.41
C TRP B 272 -26.67 -71.05 -8.39
N LEU B 273 -25.94 -69.97 -8.08
CA LEU B 273 -26.43 -69.02 -7.09
C LEU B 273 -27.69 -68.32 -7.58
N THR B 274 -27.73 -67.95 -8.86
CA THR B 274 -28.92 -67.31 -9.41
C THR B 274 -30.13 -68.25 -9.33
N GLY B 275 -29.94 -69.51 -9.68
CA GLY B 275 -31.04 -70.46 -9.57
C GLY B 275 -31.50 -70.65 -8.14
N LEU B 276 -30.55 -70.76 -7.21
CA LEU B 276 -30.90 -70.93 -5.81
C LEU B 276 -31.69 -69.75 -5.29
N LEU B 277 -31.24 -68.53 -5.60
CA LEU B 277 -31.95 -67.35 -5.12
C LEU B 277 -33.30 -67.18 -5.81
N GLU B 278 -33.40 -67.56 -7.08
CA GLU B 278 -34.70 -67.54 -7.75
C GLU B 278 -35.68 -68.49 -7.08
N LYS B 279 -35.21 -69.69 -6.72
CA LYS B 279 -36.08 -70.65 -6.04
C LYS B 279 -36.44 -70.17 -4.64
N TRP B 280 -35.50 -69.49 -3.96
CA TRP B 280 -35.73 -68.96 -2.62
C TRP B 280 -36.18 -67.50 -2.63
N ARG B 281 -36.74 -67.04 -3.74
CA ARG B 281 -37.14 -65.64 -3.85
C ARG B 281 -38.02 -65.20 -2.70
N PHE B 282 -39.05 -65.99 -2.38
CA PHE B 282 -40.04 -65.61 -1.37
C PHE B 282 -39.68 -66.13 0.02
N ASN B 283 -39.18 -67.35 0.11
CA ASN B 283 -38.66 -67.92 1.36
C ASN B 283 -37.60 -68.95 1.03
N ALA B 284 -37.06 -69.58 2.06
CA ALA B 284 -36.12 -70.67 1.95
C ALA B 284 -36.22 -71.59 3.15
N PRO B 285 -35.94 -72.88 3.00
CA PRO B 285 -35.82 -73.75 4.18
C PRO B 285 -34.72 -73.26 5.10
N GLU B 286 -34.96 -73.36 6.40
CA GLU B 286 -34.00 -72.84 7.37
C GLU B 286 -32.66 -73.57 7.26
N GLY B 287 -32.70 -74.89 7.14
CA GLY B 287 -31.46 -75.65 7.11
C GLY B 287 -30.63 -75.37 5.87
N LEU B 288 -31.29 -75.31 4.70
CA LEU B 288 -30.55 -75.05 3.47
C LEU B 288 -30.06 -73.61 3.41
N GLU B 289 -30.84 -72.67 3.95
CA GLU B 289 -30.38 -71.30 4.04
C GLU B 289 -29.15 -71.20 4.95
N ARG B 290 -29.16 -71.94 6.05
CA ARG B 290 -27.98 -71.98 6.92
C ARG B 290 -26.79 -72.62 6.22
N LEU B 291 -27.05 -73.62 5.37
CA LEU B 291 -25.96 -74.21 4.58
C LEU B 291 -25.35 -73.18 3.64
N LEU B 292 -26.20 -72.39 2.98
CA LEU B 292 -25.71 -71.31 2.13
C LEU B 292 -24.91 -70.29 2.94
N TRP B 293 -25.41 -69.95 4.13
CA TRP B 293 -24.70 -69.03 5.01
C TRP B 293 -23.32 -69.56 5.35
N ILE B 294 -23.24 -70.85 5.70
CA ILE B 294 -21.96 -71.46 6.04
C ILE B 294 -21.02 -71.46 4.84
N TYR B 295 -21.56 -71.75 3.65
CA TYR B 295 -20.73 -71.73 2.46
C TYR B 295 -20.15 -70.33 2.23
N LEU B 296 -20.99 -69.30 2.35
CA LEU B 296 -20.51 -67.94 2.16
C LEU B 296 -19.46 -67.58 3.21
N LEU B 297 -19.69 -67.95 4.46
CA LEU B 297 -18.74 -67.65 5.52
C LEU B 297 -17.41 -68.35 5.28
N ILE B 298 -17.44 -69.61 4.87
CA ILE B 298 -16.22 -70.36 4.60
C ILE B 298 -15.47 -69.72 3.44
N GLN B 299 -16.18 -69.36 2.37
CA GLN B 299 -15.53 -68.72 1.23
C GLN B 299 -14.86 -67.42 1.65
N ASN B 300 -15.57 -66.59 2.41
CA ASN B 300 -15.02 -65.30 2.81
C ASN B 300 -13.83 -65.47 3.74
N GLN B 301 -13.88 -66.44 4.67
CA GLN B 301 -12.74 -66.70 5.54
C GLN B 301 -11.53 -67.14 4.73
N TYR B 302 -11.74 -68.06 3.78
CA TYR B 302 -10.64 -68.52 2.94
C TYR B 302 -10.04 -67.37 2.15
N LEU B 303 -10.88 -66.50 1.59
CA LEU B 303 -10.37 -65.38 0.82
C LEU B 303 -9.61 -64.40 1.70
N THR B 304 -10.10 -64.16 2.92
CA THR B 304 -9.36 -63.30 3.85
C THR B 304 -7.98 -63.87 4.14
N LEU B 305 -7.92 -65.15 4.47
CA LEU B 305 -6.63 -65.80 4.73
C LEU B 305 -5.71 -65.70 3.52
N LEU B 306 -6.25 -65.96 2.33
CA LEU B 306 -5.44 -65.95 1.11
C LEU B 306 -4.90 -64.56 0.82
N VAL B 307 -5.73 -63.52 0.93
CA VAL B 307 -5.26 -62.17 0.63
C VAL B 307 -4.25 -61.72 1.66
N GLN B 308 -4.40 -62.12 2.93
CA GLN B 308 -3.45 -61.69 3.94
C GLN B 308 -2.14 -62.49 3.93
N ARG B 309 -2.05 -63.54 3.12
CA ARG B 309 -0.77 -64.23 2.96
C ARG B 309 0.21 -63.34 2.21
N THR B 322 3.14 -72.51 -3.21
CA THR B 322 4.00 -72.59 -4.39
C THR B 322 3.29 -73.48 -5.36
N MET B 323 2.67 -74.50 -4.77
CA MET B 323 2.16 -75.64 -5.50
C MET B 323 0.89 -75.30 -6.27
N THR B 324 -0.12 -74.79 -5.56
CA THR B 324 -1.31 -74.30 -6.23
C THR B 324 -0.93 -73.28 -7.30
N GLU B 325 0.15 -72.55 -7.07
CA GLU B 325 0.67 -71.64 -8.10
C GLU B 325 1.23 -72.42 -9.29
N LEU B 326 1.93 -73.52 -9.03
CA LEU B 326 2.39 -74.37 -10.13
C LEU B 326 1.23 -74.79 -11.00
N ARG B 327 0.07 -75.02 -10.38
CA ARG B 327 -1.10 -75.41 -11.15
C ARG B 327 -1.60 -74.30 -12.06
N GLU B 328 -1.10 -73.08 -11.91
CA GLU B 328 -1.34 -72.02 -12.88
C GLU B 328 -0.28 -71.98 -13.97
N GLU B 329 0.33 -73.13 -14.28
CA GLU B 329 1.37 -73.23 -15.30
C GLU B 329 0.83 -73.88 -16.58
N THR B 330 -0.44 -73.62 -16.89
CA THR B 330 -1.05 -74.04 -18.15
C THR B 330 -1.47 -72.82 -18.93
N GLU B 331 -1.82 -73.01 -20.21
CA GLU B 331 -2.25 -71.90 -21.03
C GLU B 331 -3.76 -71.64 -20.88
N LYS B 332 -4.24 -71.62 -19.64
CA LYS B 332 -5.61 -71.36 -19.18
C LYS B 332 -5.70 -70.16 -18.26
N SER B 333 -4.92 -70.14 -17.20
CA SER B 333 -4.93 -68.99 -16.30
C SER B 333 -4.48 -67.74 -17.03
N TYR B 334 -3.47 -67.87 -17.89
CA TYR B 334 -3.00 -66.71 -18.65
C TYR B 334 -3.99 -66.30 -19.73
N LEU B 335 -4.64 -67.27 -20.37
CA LEU B 335 -5.67 -66.92 -21.35
C LEU B 335 -6.82 -66.18 -20.69
N SER B 336 -7.26 -66.65 -19.51
CA SER B 336 -8.30 -65.94 -18.78
C SER B 336 -7.81 -64.57 -18.35
N ARG B 337 -6.56 -64.48 -17.93
CA ARG B 337 -5.97 -63.19 -17.57
C ARG B 337 -6.08 -62.19 -18.71
N PHE B 338 -5.70 -62.62 -19.91
CA PHE B 338 -5.72 -61.72 -21.07
C PHE B 338 -7.15 -61.39 -21.48
N LYS B 339 -8.04 -62.39 -21.47
CA LYS B 339 -9.44 -62.14 -21.79
C LYS B 339 -10.07 -61.17 -20.80
N HIS B 340 -9.66 -61.24 -19.54
CA HIS B 340 -10.19 -60.35 -18.51
C HIS B 340 -9.61 -58.94 -18.65
N ALA B 341 -8.32 -58.83 -18.93
CA ALA B 341 -7.74 -57.52 -19.20
C ALA B 341 -8.42 -56.87 -20.38
N HIS B 342 -8.65 -57.64 -21.45
CA HIS B 342 -9.57 -57.21 -22.50
C HIS B 342 -10.97 -57.11 -21.92
N GLY B 343 -11.68 -56.05 -22.28
CA GLY B 343 -13.04 -55.88 -21.79
C GLY B 343 -14.00 -56.83 -22.47
N ALA B 344 -15.30 -56.51 -22.43
CA ALA B 344 -16.29 -57.26 -23.16
C ALA B 344 -16.47 -56.77 -24.59
N GLY B 345 -15.79 -55.68 -24.97
CA GLY B 345 -15.91 -55.14 -26.30
C GLY B 345 -14.86 -55.68 -27.26
N VAL B 346 -14.92 -55.18 -28.48
CA VAL B 346 -14.01 -55.62 -29.53
C VAL B 346 -12.59 -55.13 -29.26
N TYR B 347 -12.47 -53.89 -28.79
CA TYR B 347 -11.19 -53.25 -28.51
C TYR B 347 -10.85 -53.36 -27.02
N SER B 348 -9.63 -53.79 -26.74
CA SER B 348 -9.25 -54.09 -25.37
C SER B 348 -9.24 -52.84 -24.50
N GLN B 349 -9.72 -53.01 -23.26
CA GLN B 349 -9.65 -51.94 -22.27
C GLN B 349 -8.22 -51.65 -21.84
N VAL B 350 -7.36 -52.67 -21.83
CA VAL B 350 -5.98 -52.55 -21.38
C VAL B 350 -5.08 -52.67 -22.61
N ARG B 351 -4.23 -51.67 -22.80
CA ARG B 351 -3.35 -51.63 -23.97
C ARG B 351 -2.01 -52.30 -23.70
N TYR B 352 -1.27 -51.83 -22.70
CA TYR B 352 0.07 -52.33 -22.39
C TYR B 352 0.04 -53.03 -21.05
N LEU B 353 0.15 -54.37 -21.08
CA LEU B 353 0.09 -55.18 -19.87
C LEU B 353 1.47 -55.73 -19.55
N GLU B 354 1.93 -55.44 -18.34
CA GLU B 354 3.14 -56.06 -17.79
C GLU B 354 2.72 -57.25 -16.96
N GLY B 355 3.27 -58.42 -17.27
CA GLY B 355 3.04 -59.73 -16.68
C GLY B 355 4.27 -60.20 -15.91
N ARG B 356 4.13 -60.28 -14.59
CA ARG B 356 5.24 -60.59 -13.70
C ARG B 356 5.11 -62.01 -13.18
N PHE B 357 6.18 -62.79 -13.28
CA PHE B 357 6.16 -64.18 -12.88
C PHE B 357 7.43 -64.54 -12.14
N ALA B 358 7.33 -65.48 -11.21
CA ALA B 358 8.51 -65.91 -10.46
C ALA B 358 9.39 -66.79 -11.34
N PRO B 359 10.68 -66.48 -11.48
CA PRO B 359 11.55 -67.34 -12.29
C PRO B 359 11.88 -68.64 -11.57
N LYS B 360 11.81 -69.74 -12.31
CA LYS B 360 12.02 -71.06 -11.75
C LYS B 360 13.49 -71.46 -11.77
N SER B 361 13.90 -72.21 -10.75
CA SER B 361 15.26 -72.69 -10.61
C SER B 361 15.54 -73.92 -11.47
N ASP B 362 14.52 -74.47 -12.12
CA ASP B 362 14.67 -75.61 -13.01
C ASP B 362 14.48 -75.15 -14.45
N PRO B 363 15.46 -75.36 -15.34
CA PRO B 363 15.28 -74.88 -16.73
C PRO B 363 14.03 -75.41 -17.39
N ASN B 364 13.71 -76.68 -17.13
CA ASN B 364 12.48 -77.26 -17.63
C ASN B 364 11.25 -76.49 -17.15
N LYS B 365 11.16 -76.24 -15.84
CA LYS B 365 10.01 -75.52 -15.30
C LYS B 365 9.93 -74.11 -15.86
N MET B 366 11.08 -73.47 -16.08
CA MET B 366 11.07 -72.12 -16.64
C MET B 366 10.58 -72.12 -18.08
N GLN B 367 11.12 -73.01 -18.92
CA GLN B 367 10.61 -73.15 -20.28
C GLN B 367 9.12 -73.42 -20.25
N LYS B 368 8.70 -74.22 -19.28
CA LYS B 368 7.32 -74.61 -19.13
C LYS B 368 6.43 -73.42 -18.87
N LEU B 369 6.78 -72.64 -17.87
CA LEU B 369 6.00 -71.47 -17.51
C LEU B 369 5.94 -70.49 -18.67
N LEU B 370 7.07 -70.30 -19.37
CA LEU B 370 7.09 -69.30 -20.43
C LEU B 370 6.29 -69.77 -21.64
N PHE B 371 6.37 -71.06 -21.99
CA PHE B 371 5.53 -71.58 -23.06
C PHE B 371 4.06 -71.41 -22.71
N SER B 372 3.69 -71.69 -21.46
CA SER B 372 2.30 -71.51 -21.07
C SER B 372 1.86 -70.06 -21.26
N VAL B 373 2.66 -69.11 -20.79
CA VAL B 373 2.28 -67.70 -20.90
C VAL B 373 2.16 -67.29 -22.36
N LEU B 374 3.17 -67.61 -23.16
CA LEU B 374 3.17 -67.19 -24.56
C LEU B 374 2.02 -67.83 -25.33
N ARG B 375 1.72 -69.10 -25.05
CA ARG B 375 0.64 -69.77 -25.78
C ARG B 375 -0.72 -69.22 -25.37
N GLY B 376 -0.89 -68.90 -24.08
CA GLY B 376 -2.12 -68.23 -23.67
C GLY B 376 -2.30 -66.90 -24.36
N TYR B 377 -1.22 -66.12 -24.47
CA TYR B 377 -1.28 -64.86 -25.19
C TYR B 377 -1.64 -65.07 -26.65
N TRP B 378 -1.04 -66.09 -27.28
CA TRP B 378 -1.34 -66.36 -28.68
C TRP B 378 -2.78 -66.77 -28.88
N GLU B 379 -3.33 -67.60 -27.99
CA GLU B 379 -4.73 -67.99 -28.11
C GLU B 379 -5.64 -66.78 -27.93
N TYR B 380 -5.32 -65.92 -26.96
CA TYR B 380 -6.09 -64.70 -26.78
C TYR B 380 -6.09 -63.85 -28.05
N LEU B 381 -4.92 -63.72 -28.68
CA LEU B 381 -4.84 -62.94 -29.92
C LEU B 381 -5.60 -63.60 -31.05
N SER B 382 -5.54 -64.93 -31.13
CA SER B 382 -6.26 -65.65 -32.18
C SER B 382 -7.76 -65.49 -32.03
N ALA B 383 -8.25 -65.30 -30.82
CA ALA B 383 -9.68 -65.07 -30.61
C ALA B 383 -10.11 -63.65 -30.95
N HIS B 384 -9.18 -62.79 -31.38
CA HIS B 384 -9.52 -61.41 -31.72
C HIS B 384 -8.99 -60.94 -33.07
N MET B 385 -8.12 -61.70 -33.74
CA MET B 385 -7.72 -61.38 -35.10
C MET B 385 -7.60 -62.65 -35.92
N SER B 386 -7.84 -62.52 -37.22
CA SER B 386 -7.74 -63.61 -38.17
C SER B 386 -6.57 -63.34 -39.11
N MET B 387 -5.62 -64.27 -39.16
CA MET B 387 -4.44 -64.13 -39.99
C MET B 387 -3.82 -65.50 -40.20
N GLU B 388 -2.94 -65.58 -41.19
CA GLU B 388 -2.18 -66.81 -41.44
C GLU B 388 -1.20 -67.02 -40.30
N TRP B 389 -1.44 -68.06 -39.49
CA TRP B 389 -0.75 -68.26 -38.24
C TRP B 389 0.46 -69.18 -38.35
N VAL B 390 0.88 -69.54 -39.56
CA VAL B 390 2.01 -70.45 -39.77
C VAL B 390 1.69 -71.79 -39.12
N HIS B 391 2.07 -71.95 -37.85
CA HIS B 391 1.73 -73.12 -37.05
C HIS B 391 0.37 -72.91 -36.43
N GLU B 392 -0.64 -73.60 -36.96
CA GLU B 392 -1.98 -73.45 -36.42
C GLU B 392 -2.06 -73.98 -34.99
N LYS B 393 -1.18 -74.91 -34.64
CA LYS B 393 -1.15 -75.52 -33.32
C LYS B 393 0.28 -75.51 -32.79
N PRO B 394 0.77 -74.37 -32.31
CA PRO B 394 2.14 -74.33 -31.79
C PRO B 394 2.30 -75.25 -30.59
N LEU B 395 3.46 -75.91 -30.53
CA LEU B 395 3.81 -76.80 -29.43
C LEU B 395 5.05 -76.37 -28.67
N THR B 396 5.87 -75.51 -29.26
CA THR B 396 7.13 -75.07 -28.65
C THR B 396 7.18 -73.55 -28.62
N ILE B 397 8.07 -73.04 -27.78
CA ILE B 397 8.24 -71.59 -27.67
C ILE B 397 8.65 -71.01 -29.01
N SER B 398 9.48 -71.72 -29.77
CA SER B 398 9.88 -71.24 -31.09
C SER B 398 8.68 -71.09 -32.00
N GLN B 399 7.78 -72.07 -32.01
CA GLN B 399 6.60 -71.98 -32.86
C GLN B 399 5.67 -70.85 -32.39
N VAL B 400 5.49 -70.69 -31.09
CA VAL B 400 4.65 -69.61 -30.58
C VAL B 400 5.24 -68.26 -30.98
N LEU B 401 6.57 -68.13 -30.93
CA LEU B 401 7.21 -66.88 -31.34
C LEU B 401 7.07 -66.65 -32.83
N ASP B 402 7.18 -67.71 -33.64
CA ASP B 402 6.91 -67.58 -35.06
C ASP B 402 5.51 -67.03 -35.28
N ASN B 403 4.54 -67.55 -34.53
CA ASN B 403 3.18 -67.04 -34.62
C ASN B 403 3.11 -65.56 -34.23
N LEU B 404 3.74 -65.20 -33.11
CA LEU B 404 3.59 -63.86 -32.55
C LEU B 404 4.34 -62.81 -33.35
N GLU B 405 5.35 -63.20 -34.12
CA GLU B 405 6.08 -62.23 -34.93
C GLU B 405 5.19 -61.54 -35.95
N LEU B 406 4.09 -62.17 -36.34
CA LEU B 406 3.19 -61.61 -37.34
C LEU B 406 2.23 -60.58 -36.76
N VAL B 407 2.16 -60.45 -35.44
CA VAL B 407 1.19 -59.58 -34.80
C VAL B 407 1.72 -58.15 -34.83
N GLU B 408 0.94 -57.24 -35.39
CA GLU B 408 1.30 -55.84 -35.46
C GLU B 408 0.73 -55.09 -34.27
N PRO B 409 1.40 -54.04 -33.78
CA PRO B 409 0.86 -53.26 -32.65
C PRO B 409 -0.24 -52.30 -33.08
N HIS B 410 -1.30 -52.85 -33.66
CA HIS B 410 -2.43 -52.03 -34.10
C HIS B 410 -3.08 -51.33 -32.92
N GLY B 411 -3.24 -52.03 -31.80
CA GLY B 411 -3.87 -51.49 -30.62
C GLY B 411 -5.19 -52.14 -30.27
N LYS B 412 -5.64 -53.13 -31.03
CA LYS B 412 -6.91 -53.78 -30.76
C LYS B 412 -6.87 -54.60 -29.47
N CYS B 413 -5.78 -55.33 -29.27
CA CYS B 413 -5.65 -56.29 -28.17
C CYS B 413 -4.58 -55.81 -27.19
N VAL B 414 -4.42 -56.58 -26.11
CA VAL B 414 -3.37 -56.29 -25.14
C VAL B 414 -2.01 -56.58 -25.77
N GLU B 415 -1.00 -55.88 -25.29
CA GLU B 415 0.39 -56.11 -25.68
C GLU B 415 1.15 -56.51 -24.42
N LEU B 416 1.72 -57.71 -24.47
CA LEU B 416 2.33 -58.34 -23.30
C LEU B 416 3.80 -57.95 -23.17
N ALA B 417 4.21 -57.68 -21.94
CA ALA B 417 5.63 -57.53 -21.61
C ALA B 417 5.90 -58.35 -20.35
N LEU B 418 6.75 -59.37 -20.47
CA LEU B 418 7.02 -60.28 -19.38
C LEU B 418 8.17 -59.77 -18.53
N VAL B 419 8.00 -59.84 -17.21
CA VAL B 419 8.99 -59.40 -16.25
C VAL B 419 9.17 -60.52 -15.22
N PRO B 420 10.29 -61.24 -15.25
CA PRO B 420 10.58 -62.17 -14.14
C PRO B 420 10.86 -61.43 -12.84
N HIS B 421 10.40 -62.03 -11.76
CA HIS B 421 10.66 -61.56 -10.41
C HIS B 421 12.08 -61.90 -9.99
N PHE B 422 12.42 -61.51 -8.77
CA PHE B 422 13.50 -62.12 -8.02
C PHE B 422 13.11 -62.00 -6.55
N ILE B 423 12.79 -63.13 -5.94
CA ILE B 423 12.30 -63.16 -4.57
C ILE B 423 13.51 -63.10 -3.63
N LYS B 424 13.54 -62.10 -2.77
CA LYS B 424 14.61 -61.96 -1.80
C LYS B 424 14.20 -62.63 -0.49
N ARG B 425 15.11 -63.43 0.05
CA ARG B 425 14.88 -64.16 1.29
C ARG B 425 15.82 -63.65 2.37
N LYS B 426 15.42 -63.86 3.62
CA LYS B 426 16.25 -63.43 4.75
C LYS B 426 17.57 -64.21 4.77
N PRO B 427 18.66 -63.58 5.21
CA PRO B 427 19.92 -64.30 5.30
C PRO B 427 19.85 -65.43 6.31
N LYS B 428 20.62 -66.48 6.06
CA LYS B 428 20.58 -67.66 6.91
C LYS B 428 21.67 -67.60 7.98
N ASN B 429 21.65 -68.60 8.86
CA ASN B 429 22.51 -68.55 10.05
C ASN B 429 23.99 -68.52 9.68
N GLY B 430 24.40 -69.39 8.74
CA GLY B 430 25.80 -69.50 8.40
C GLY B 430 26.06 -69.45 6.91
N GLU B 431 26.83 -68.45 6.48
CA GLU B 431 27.22 -68.32 5.08
C GLU B 431 28.46 -67.46 5.01
N ALA B 432 29.14 -67.51 3.86
CA ALA B 432 30.39 -66.77 3.69
C ALA B 432 30.17 -65.27 3.91
N TYR B 433 29.16 -64.71 3.26
CA TYR B 433 28.78 -63.31 3.42
C TYR B 433 27.27 -63.23 3.47
N PRO B 434 26.72 -62.13 3.99
CA PRO B 434 25.26 -62.02 4.08
C PRO B 434 24.60 -62.20 2.73
N HIS B 435 23.50 -62.96 2.72
CA HIS B 435 22.75 -63.24 1.50
C HIS B 435 23.61 -63.96 0.46
N ALA B 436 24.57 -64.76 0.90
CA ALA B 436 25.38 -65.52 -0.05
C ALA B 436 24.54 -66.57 -0.77
N LEU B 437 23.77 -67.35 -0.01
CA LEU B 437 22.94 -68.39 -0.61
C LEU B 437 21.80 -67.79 -1.42
N LEU B 438 21.24 -66.66 -0.96
CA LEU B 438 20.24 -65.96 -1.74
C LEU B 438 20.81 -65.46 -3.06
N PHE B 439 21.96 -64.78 -3.00
CA PHE B 439 22.61 -64.33 -4.23
C PHE B 439 22.87 -65.50 -5.13
N LYS B 440 23.24 -66.65 -4.57
CA LYS B 440 23.37 -67.87 -5.35
C LYS B 440 22.11 -68.20 -6.11
N ASP B 441 21.02 -68.44 -5.38
CA ASP B 441 19.79 -68.91 -6.02
C ASP B 441 19.37 -67.93 -7.10
N LEU B 442 19.56 -66.63 -6.84
CA LEU B 442 19.32 -65.62 -7.86
C LEU B 442 20.25 -65.83 -9.04
N LYS B 443 21.50 -66.21 -8.77
CA LYS B 443 22.45 -66.44 -9.84
C LYS B 443 22.00 -67.58 -10.74
N ASN B 444 21.54 -68.67 -10.15
CA ASN B 444 21.09 -69.81 -10.94
C ASN B 444 19.84 -69.45 -11.74
N GLN B 445 18.91 -68.73 -11.11
CA GLN B 445 17.71 -68.31 -11.84
C GLN B 445 18.07 -67.40 -13.02
N ALA B 446 18.97 -66.45 -12.79
CA ALA B 446 19.41 -65.56 -13.86
C ALA B 446 20.15 -66.33 -14.94
N ALA B 447 20.94 -67.33 -14.56
CA ALA B 447 21.61 -68.15 -15.55
C ALA B 447 20.59 -68.87 -16.42
N ILE B 448 19.56 -69.45 -15.82
CA ILE B 448 18.52 -70.10 -16.60
C ILE B 448 17.88 -69.11 -17.56
N LEU B 449 17.59 -67.91 -17.07
CA LEU B 449 16.96 -66.90 -17.92
C LEU B 449 17.86 -66.53 -19.10
N MET B 450 19.16 -66.34 -18.82
CA MET B 450 20.10 -65.97 -19.88
C MET B 450 20.26 -67.10 -20.90
N ASP B 451 20.31 -68.35 -20.46
CA ASP B 451 20.36 -69.45 -21.42
C ASP B 451 19.10 -69.51 -22.28
N MET B 452 17.94 -69.24 -21.69
CA MET B 452 16.72 -69.16 -22.47
C MET B 452 16.83 -68.07 -23.53
N LEU B 453 17.21 -66.86 -23.12
CA LEU B 453 17.32 -65.75 -24.05
C LEU B 453 18.31 -66.07 -25.16
N LYS B 454 19.42 -66.74 -24.81
CA LYS B 454 20.34 -67.19 -25.84
C LYS B 454 19.66 -68.09 -26.83
N SER B 455 19.25 -69.28 -26.35
CA SER B 455 18.74 -70.31 -27.23
C SER B 455 17.56 -69.81 -28.05
N GLU B 456 16.99 -68.67 -27.66
CA GLU B 456 15.91 -68.05 -28.43
C GLU B 456 16.06 -66.54 -28.31
N PRO B 457 16.83 -65.91 -29.20
CA PRO B 457 16.99 -64.44 -29.11
C PRO B 457 15.67 -63.68 -29.22
N ARG B 458 14.69 -64.23 -29.92
CA ARG B 458 13.42 -63.54 -30.08
C ARG B 458 12.70 -63.34 -28.74
N LEU B 459 13.09 -64.09 -27.70
CA LEU B 459 12.46 -63.92 -26.41
C LEU B 459 12.81 -62.59 -25.75
N THR B 460 13.78 -61.85 -26.29
CA THR B 460 14.07 -60.53 -25.76
C THR B 460 12.99 -59.52 -26.12
N GLY B 461 12.18 -59.81 -27.13
CA GLY B 461 11.04 -58.97 -27.46
C GLY B 461 9.82 -59.19 -26.61
N TRP B 462 9.87 -60.18 -25.71
CA TRP B 462 8.76 -60.47 -24.81
C TRP B 462 9.15 -60.48 -23.34
N ILE B 463 10.41 -60.76 -23.01
CA ILE B 463 10.93 -60.63 -21.66
C ILE B 463 11.63 -59.29 -21.59
N ARG B 464 10.94 -58.30 -21.03
CA ARG B 464 11.43 -56.93 -20.94
C ARG B 464 11.40 -56.51 -19.47
N GLY B 465 12.46 -56.84 -18.75
CA GLY B 465 12.60 -56.36 -17.40
C GLY B 465 12.85 -57.47 -16.42
N VAL B 466 13.70 -57.17 -15.44
CA VAL B 466 13.86 -58.04 -14.27
C VAL B 466 13.49 -57.20 -13.06
N ASP B 467 12.36 -57.54 -12.44
CA ASP B 467 11.94 -56.93 -11.20
C ASP B 467 12.40 -57.77 -10.02
N ALA B 468 12.82 -57.12 -8.95
CA ALA B 468 13.11 -57.79 -7.69
C ALA B 468 12.07 -57.32 -6.66
N ALA B 469 11.06 -58.16 -6.45
CA ALA B 469 10.04 -57.94 -5.43
C ALA B 469 10.36 -58.78 -4.21
N ALA B 470 9.39 -58.91 -3.30
CA ALA B 470 9.43 -59.61 -2.02
C ALA B 470 9.77 -58.59 -0.94
N ASN B 471 9.96 -59.08 0.29
CA ASN B 471 10.14 -58.24 1.46
C ASN B 471 11.42 -57.43 1.33
N GLU B 472 11.34 -56.15 1.71
CA GLU B 472 12.47 -55.25 1.52
C GLU B 472 13.61 -55.62 2.46
N MET B 473 13.28 -55.88 3.72
CA MET B 473 14.22 -56.03 4.81
C MET B 473 15.06 -57.28 4.68
N HIS B 474 14.68 -58.17 3.77
CA HIS B 474 15.33 -59.46 3.63
C HIS B 474 16.56 -59.40 2.75
N ALA B 475 16.66 -58.40 1.88
CA ALA B 475 17.82 -58.21 1.03
C ALA B 475 17.87 -56.76 0.58
N PRO B 476 19.01 -56.07 0.73
CA PRO B 476 19.08 -54.68 0.32
C PRO B 476 19.22 -54.56 -1.18
N PRO B 477 18.99 -53.37 -1.74
CA PRO B 477 19.13 -53.21 -3.20
C PRO B 477 20.54 -53.47 -3.71
N GLU B 478 21.57 -53.20 -2.91
CA GLU B 478 22.93 -53.35 -3.39
C GLU B 478 23.28 -54.80 -3.72
N LEU B 479 22.50 -55.76 -3.23
CA LEU B 479 22.76 -57.17 -3.52
C LEU B 479 22.42 -57.54 -4.96
N PHE B 480 21.45 -56.87 -5.56
CA PHE B 480 20.97 -57.20 -6.90
C PHE B 480 21.71 -56.47 -8.01
N CYS B 481 22.61 -55.55 -7.69
CA CYS B 481 23.28 -54.76 -8.72
C CYS B 481 24.08 -55.63 -9.68
N PRO B 482 24.95 -56.54 -9.22
CA PRO B 482 25.67 -57.39 -10.18
C PRO B 482 24.74 -58.18 -11.07
N LEU B 483 23.67 -58.73 -10.50
CA LEU B 483 22.71 -59.51 -11.27
C LEU B 483 22.06 -58.66 -12.35
N PHE B 484 21.65 -57.45 -12.00
CA PHE B 484 20.99 -56.57 -12.96
C PHE B 484 21.95 -56.15 -14.06
N ARG B 485 23.21 -55.88 -13.72
CA ARG B 485 24.20 -55.53 -14.75
C ARG B 485 24.39 -56.68 -15.73
N VAL B 486 24.57 -57.90 -15.21
CA VAL B 486 24.78 -59.05 -16.09
C VAL B 486 23.56 -59.28 -16.96
N LEU B 487 22.36 -59.13 -16.40
CA LEU B 487 21.15 -59.30 -17.20
C LEU B 487 21.03 -58.23 -18.27
N ALA B 488 21.37 -56.98 -17.93
CA ALA B 488 21.40 -55.91 -18.91
C ALA B 488 22.21 -56.32 -20.13
N LYS B 489 23.38 -56.93 -19.89
CA LYS B 489 24.18 -57.38 -21.02
C LYS B 489 23.61 -58.61 -21.69
N SER B 490 22.98 -59.51 -20.95
CA SER B 490 22.35 -60.67 -21.56
C SER B 490 21.17 -60.27 -22.43
N GLY B 491 20.74 -59.02 -22.37
CA GLY B 491 19.72 -58.51 -23.25
C GLY B 491 18.44 -58.09 -22.58
N ILE B 492 18.44 -57.97 -21.25
CA ILE B 492 17.25 -57.60 -20.50
C ILE B 492 17.23 -56.09 -20.36
N ALA B 493 16.37 -55.43 -21.12
CA ALA B 493 16.13 -53.99 -21.00
C ALA B 493 15.17 -53.75 -19.86
N HIS B 494 15.28 -52.58 -19.24
CA HIS B 494 14.40 -52.13 -18.17
C HIS B 494 14.62 -52.95 -16.90
N PHE B 495 14.68 -52.26 -15.77
CA PHE B 495 14.86 -52.91 -14.49
C PHE B 495 13.87 -52.34 -13.48
N THR B 496 13.42 -53.20 -12.56
CA THR B 496 12.50 -52.75 -11.53
C THR B 496 12.91 -53.35 -10.19
N TYR B 497 12.61 -52.63 -9.12
CA TYR B 497 13.02 -53.05 -7.79
C TYR B 497 12.10 -52.44 -6.75
N HIS B 498 11.43 -53.28 -5.97
CA HIS B 498 10.56 -52.77 -4.93
C HIS B 498 11.36 -52.06 -3.84
N VAL B 499 11.01 -50.81 -3.57
CA VAL B 499 11.66 -50.02 -2.54
C VAL B 499 10.63 -49.17 -1.82
N GLY B 500 10.87 -48.92 -0.54
CA GLY B 500 10.05 -48.03 0.26
C GLY B 500 8.75 -48.62 0.76
N GLU B 501 8.48 -49.90 0.54
CA GLU B 501 7.23 -50.50 0.97
C GLU B 501 7.15 -50.65 2.48
N ASP B 502 8.02 -51.47 3.06
CA ASP B 502 8.07 -51.69 4.50
C ASP B 502 9.48 -51.40 5.00
N PHE B 503 9.57 -50.56 6.03
CA PHE B 503 10.84 -50.06 6.55
C PHE B 503 10.74 -49.95 8.06
N PRO B 504 11.84 -50.20 8.79
CA PRO B 504 11.80 -49.99 10.25
C PRO B 504 11.61 -48.53 10.61
N HIS B 505 12.03 -47.61 9.75
CA HIS B 505 11.89 -46.19 9.98
C HIS B 505 11.70 -45.49 8.64
N LEU B 506 11.06 -44.33 8.68
CA LEU B 506 10.86 -43.56 7.46
C LEU B 506 12.18 -43.14 6.85
N ILE B 507 13.14 -42.75 7.69
CA ILE B 507 14.48 -42.44 7.20
C ILE B 507 15.09 -43.68 6.55
N SER B 508 14.85 -44.85 7.14
CA SER B 508 15.36 -46.09 6.54
C SER B 508 14.77 -46.32 5.16
N GLY B 509 13.46 -46.09 4.99
CA GLY B 509 12.86 -46.27 3.68
C GLY B 509 13.39 -45.28 2.65
N ILE B 510 13.53 -44.01 3.05
CA ILE B 510 14.09 -43.02 2.13
C ILE B 510 15.50 -43.39 1.75
N ARG B 511 16.29 -43.85 2.73
CA ARG B 511 17.65 -44.28 2.46
C ARG B 511 17.67 -45.48 1.51
N SER B 512 16.72 -46.40 1.67
CA SER B 512 16.65 -47.54 0.77
C SER B 512 16.38 -47.10 -0.66
N ILE B 513 15.46 -46.14 -0.83
CA ILE B 513 15.19 -45.63 -2.17
C ILE B 513 16.44 -44.98 -2.76
N ASP B 514 17.15 -44.18 -1.95
CA ASP B 514 18.36 -43.53 -2.44
C ASP B 514 19.44 -44.55 -2.80
N ASP B 515 19.58 -45.60 -1.99
CA ASP B 515 20.54 -46.65 -2.30
C ASP B 515 20.17 -47.36 -3.61
N ALA B 516 18.90 -47.63 -3.81
CA ALA B 516 18.46 -48.22 -5.07
C ALA B 516 18.82 -47.31 -6.23
N LEU B 517 18.61 -46.00 -6.07
CA LEU B 517 18.92 -45.06 -7.14
C LEU B 517 20.41 -45.06 -7.47
N ARG B 518 21.26 -45.01 -6.44
CA ARG B 518 22.69 -44.79 -6.66
C ARG B 518 23.49 -46.09 -6.75
N PHE B 519 22.85 -47.24 -6.68
CA PHE B 519 23.54 -48.52 -6.84
C PHE B 519 22.99 -49.36 -7.98
N LEU B 520 21.67 -49.42 -8.15
CA LEU B 520 21.11 -50.23 -9.22
C LEU B 520 21.40 -49.58 -10.58
N PRO B 521 21.53 -50.39 -11.63
CA PRO B 521 21.77 -49.83 -12.98
C PRO B 521 20.49 -49.34 -13.64
N LEU B 522 19.82 -48.39 -12.98
CA LEU B 522 18.57 -47.84 -13.48
C LEU B 522 18.88 -46.78 -14.52
N ARG B 523 18.40 -47.00 -15.75
CA ARG B 523 18.64 -46.09 -16.85
C ARG B 523 17.46 -45.14 -16.99
N ASN B 524 17.50 -44.29 -18.00
CA ASN B 524 16.41 -43.34 -18.24
C ASN B 524 15.16 -44.12 -18.64
N GLY B 525 14.04 -43.81 -17.97
CA GLY B 525 12.78 -44.47 -18.26
C GLY B 525 12.48 -45.68 -17.42
N ASP B 526 13.38 -46.08 -16.52
CA ASP B 526 13.13 -47.23 -15.66
C ASP B 526 12.17 -46.85 -14.54
N ARG B 527 11.60 -47.88 -13.92
CA ARG B 527 10.65 -47.71 -12.84
C ARG B 527 11.16 -48.42 -11.59
N LEU B 528 10.86 -47.84 -10.43
CA LEU B 528 11.32 -48.42 -9.17
C LEU B 528 10.28 -49.34 -8.53
N GLY B 529 9.12 -48.79 -8.17
CA GLY B 529 8.14 -49.57 -7.43
C GLY B 529 7.22 -48.71 -6.60
N HIS B 530 6.92 -49.17 -5.39
CA HIS B 530 5.97 -48.46 -4.54
C HIS B 530 6.54 -47.12 -4.06
N CYS B 531 7.75 -47.14 -3.52
CA CYS B 531 8.43 -45.93 -3.05
C CYS B 531 7.55 -45.17 -2.06
N THR B 532 6.90 -45.90 -1.15
CA THR B 532 6.03 -45.28 -0.16
C THR B 532 6.78 -44.35 0.78
N ALA B 533 8.08 -44.59 0.99
CA ALA B 533 8.83 -43.82 1.99
C ALA B 533 8.94 -42.35 1.60
N ILE B 534 8.92 -42.05 0.30
CA ILE B 534 9.03 -40.66 -0.16
C ILE B 534 7.67 -40.08 -0.52
N GLY B 535 6.59 -40.81 -0.26
CA GLY B 535 5.26 -40.29 -0.49
C GLY B 535 4.48 -40.09 0.80
N ILE B 536 4.72 -40.97 1.78
CA ILE B 536 4.04 -40.87 3.06
C ILE B 536 4.62 -39.72 3.86
N THR B 537 3.74 -38.91 4.44
CA THR B 537 4.23 -37.78 5.21
C THR B 537 4.66 -38.22 6.61
N PRO B 538 5.64 -37.55 7.21
CA PRO B 538 5.96 -37.84 8.61
C PRO B 538 4.78 -37.65 9.54
N SER B 539 3.90 -36.70 9.24
CA SER B 539 2.70 -36.51 10.04
C SER B 539 1.88 -37.78 10.05
N ILE B 540 1.34 -38.18 8.89
CA ILE B 540 0.74 -39.51 8.80
C ILE B 540 1.80 -40.48 8.31
N TRP B 541 2.74 -40.79 9.20
CA TRP B 541 3.43 -42.07 9.25
C TRP B 541 3.57 -42.57 10.69
N LYS B 542 3.53 -41.69 11.67
CA LYS B 542 3.62 -42.02 13.09
C LYS B 542 2.28 -41.65 13.72
N ARG B 543 1.35 -42.57 13.68
CA ARG B 543 0.00 -42.35 14.19
C ARG B 543 -0.40 -43.37 15.24
N SER B 544 0.06 -44.61 15.13
CA SER B 544 -0.13 -45.62 16.16
C SER B 544 1.19 -46.32 16.47
N LEU B 545 2.31 -45.66 16.21
CA LEU B 545 3.62 -46.25 16.34
C LEU B 545 4.21 -45.94 17.71
N PRO B 546 5.00 -46.86 18.29
CA PRO B 546 5.64 -46.57 19.57
C PRO B 546 6.64 -45.44 19.44
N LEU B 547 6.85 -44.72 20.55
CA LEU B 547 7.75 -43.57 20.54
C LEU B 547 9.18 -43.96 20.20
N SER B 548 9.53 -45.23 20.33
CA SER B 548 10.87 -45.72 19.96
C SER B 548 10.71 -46.95 19.08
N LEU B 549 11.39 -46.94 17.94
CA LEU B 549 11.40 -48.06 17.02
C LEU B 549 12.79 -48.67 17.00
N SER B 550 12.85 -50.00 17.05
CA SER B 550 14.12 -50.71 17.07
C SER B 550 14.46 -51.18 15.65
N MET B 551 15.72 -51.00 15.27
CA MET B 551 16.22 -51.41 13.96
C MET B 551 17.51 -52.20 14.16
N THR B 552 18.09 -52.65 13.06
CA THR B 552 19.40 -53.27 13.11
C THR B 552 20.48 -52.20 13.02
N LYS B 553 21.65 -52.53 13.59
CA LYS B 553 22.75 -51.57 13.61
C LYS B 553 23.23 -51.21 12.21
N GLU B 554 23.20 -52.16 11.28
CA GLU B 554 23.62 -51.84 9.92
C GLU B 554 22.69 -50.81 9.29
N THR B 555 21.37 -50.99 9.43
CA THR B 555 20.42 -50.00 8.94
C THR B 555 20.58 -48.67 9.66
N ARG B 556 20.82 -48.69 10.97
CA ARG B 556 21.01 -47.45 11.72
C ARG B 556 22.21 -46.67 11.22
N LEU B 557 23.35 -47.37 11.03
CA LEU B 557 24.56 -46.71 10.55
C LEU B 557 24.37 -46.16 9.15
N LEU B 558 23.77 -46.96 8.26
CA LEU B 558 23.54 -46.49 6.90
C LEU B 558 22.59 -45.30 6.88
N ASP B 559 21.56 -45.32 7.73
CA ASP B 559 20.65 -44.18 7.82
C ASP B 559 21.36 -42.93 8.30
N LEU B 560 22.24 -43.07 9.31
CA LEU B 560 22.98 -41.90 9.78
C LEU B 560 23.88 -41.35 8.69
N VAL B 561 24.56 -42.22 7.94
CA VAL B 561 25.41 -41.77 6.85
C VAL B 561 24.58 -41.06 5.80
N PHE B 562 23.40 -41.61 5.48
CA PHE B 562 22.53 -40.98 4.49
C PHE B 562 22.05 -39.61 4.96
N ILE B 563 21.68 -39.51 6.24
CA ILE B 563 21.26 -38.22 6.78
C ILE B 563 22.38 -37.19 6.64
N TRP B 564 23.59 -37.60 7.00
CA TRP B 564 24.74 -36.69 6.87
C TRP B 564 24.91 -36.27 5.41
N ARG B 565 24.90 -37.25 4.50
CA ARG B 565 25.12 -36.94 3.09
C ARG B 565 24.10 -35.94 2.57
N GLU B 566 22.83 -36.12 2.93
CA GLU B 566 21.76 -35.31 2.37
C GLU B 566 21.58 -33.98 3.08
N LEU B 567 21.99 -33.85 4.34
CA LEU B 567 21.81 -32.62 5.09
C LEU B 567 23.12 -31.86 5.32
N ARG B 568 24.22 -32.31 4.71
CA ARG B 568 25.45 -31.53 4.74
C ARG B 568 25.22 -30.12 4.22
N SER B 569 24.59 -30.01 3.05
CA SER B 569 24.45 -28.74 2.35
C SER B 569 23.24 -27.93 2.80
N HIS B 570 22.41 -28.48 3.67
CA HIS B 570 21.21 -27.77 4.11
C HIS B 570 21.57 -26.81 5.24
N PRO B 571 21.53 -25.49 5.01
CA PRO B 571 21.93 -24.56 6.09
C PRO B 571 21.07 -24.69 7.33
N GLU B 572 19.79 -25.04 7.18
CA GLU B 572 18.86 -25.12 8.29
C GLU B 572 18.92 -26.45 9.02
N LEU B 573 19.64 -27.44 8.49
CA LEU B 573 19.68 -28.78 9.07
C LEU B 573 21.11 -29.23 9.33
N LEU B 574 22.04 -28.27 9.43
CA LEU B 574 23.44 -28.60 9.69
C LEU B 574 23.61 -29.28 11.03
N ARG B 575 22.82 -28.88 12.03
CA ARG B 575 22.90 -29.54 13.34
C ARG B 575 22.57 -31.02 13.22
N TYR B 576 21.50 -31.35 12.49
CA TYR B 576 21.13 -32.74 12.31
C TYR B 576 22.20 -33.49 11.52
N ALA B 577 22.77 -32.86 10.50
CA ALA B 577 23.84 -33.51 9.76
C ALA B 577 25.03 -33.82 10.66
N SER B 578 25.43 -32.87 11.49
CA SER B 578 26.57 -33.07 12.38
C SER B 578 26.30 -34.16 13.40
N ASP B 579 25.10 -34.15 14.00
CA ASP B 579 24.77 -35.20 14.97
C ASP B 579 24.74 -36.56 14.30
N ALA B 580 24.23 -36.63 13.07
CA ALA B 580 24.23 -37.89 12.33
C ALA B 580 25.66 -38.37 12.10
N ALA B 581 26.56 -37.46 11.72
CA ALA B 581 27.95 -37.85 11.51
C ALA B 581 28.56 -38.40 12.80
N ILE B 582 28.34 -37.72 13.93
CA ILE B 582 28.93 -38.13 15.19
C ILE B 582 28.39 -39.50 15.60
N GLU B 583 27.07 -39.68 15.51
CA GLU B 583 26.48 -40.97 15.86
C GLU B 583 26.95 -42.07 14.92
N ALA B 584 27.13 -41.75 13.63
CA ALA B 584 27.61 -42.74 12.68
C ALA B 584 29.02 -43.21 13.04
N VAL B 585 29.90 -42.26 13.36
CA VAL B 585 31.26 -42.64 13.76
C VAL B 585 31.21 -43.52 14.99
N ARG B 586 30.39 -43.14 15.99
CA ARG B 586 30.28 -43.95 17.20
C ARG B 586 29.81 -45.37 16.91
N LEU B 587 28.71 -45.49 16.19
CA LEU B 587 28.15 -46.80 15.93
C LEU B 587 29.10 -47.64 15.10
N ALA B 588 29.83 -47.02 14.16
CA ALA B 588 30.86 -47.73 13.43
C ALA B 588 31.94 -48.23 14.36
N HIS B 589 32.26 -47.45 15.40
CA HIS B 589 33.32 -47.86 16.32
C HIS B 589 33.06 -49.24 16.95
N LYS B 590 31.84 -49.53 17.40
CA LYS B 590 31.61 -50.92 17.85
C LYS B 590 31.36 -51.85 16.68
N VAL B 591 30.55 -51.46 15.69
CA VAL B 591 30.17 -52.41 14.65
C VAL B 591 31.40 -53.01 14.02
N PHE B 592 32.44 -52.20 13.82
CA PHE B 592 33.70 -52.65 13.26
C PHE B 592 34.72 -53.04 14.32
N SER B 593 34.41 -52.83 15.60
CA SER B 593 35.37 -53.10 16.68
C SER B 593 36.70 -52.42 16.40
N LEU B 594 36.61 -51.17 15.95
CA LEU B 594 37.78 -50.41 15.53
C LEU B 594 38.47 -49.81 16.74
N GLU B 595 39.81 -49.82 16.72
CA GLU B 595 40.54 -49.15 17.78
C GLU B 595 40.98 -47.76 17.35
N GLU B 596 41.21 -47.59 16.05
CA GLU B 596 41.70 -46.33 15.48
C GLU B 596 40.52 -45.37 15.28
N GLU B 597 40.76 -44.28 14.57
CA GLU B 597 39.74 -43.28 14.30
C GLU B 597 39.28 -43.40 12.85
N VAL B 598 37.96 -43.50 12.66
CA VAL B 598 37.36 -43.57 11.34
C VAL B 598 36.44 -42.35 11.19
N SER B 599 36.69 -41.56 10.15
CA SER B 599 35.90 -40.37 9.90
C SER B 599 34.67 -40.70 9.07
N ILE B 600 33.71 -39.78 9.08
CA ILE B 600 32.50 -39.97 8.29
C ILE B 600 32.83 -40.04 6.80
N THR B 601 33.91 -39.36 6.38
CA THR B 601 34.33 -39.44 4.99
C THR B 601 34.71 -40.86 4.59
N THR B 602 35.54 -41.51 5.41
CA THR B 602 35.93 -42.89 5.10
C THR B 602 34.77 -43.85 5.31
N LEU B 603 33.85 -43.54 6.22
CA LEU B 603 32.64 -44.35 6.31
C LEU B 603 31.83 -44.28 5.00
N ASP B 604 31.73 -43.08 4.43
CA ASP B 604 31.07 -42.92 3.13
C ASP B 604 31.80 -43.71 2.06
N GLN B 605 33.13 -43.64 2.05
CA GLN B 605 33.90 -44.44 1.09
C GLN B 605 33.60 -45.92 1.25
N VAL B 606 33.56 -46.40 2.49
CA VAL B 606 33.30 -47.81 2.75
C VAL B 606 31.94 -48.20 2.21
N PHE B 607 30.93 -47.37 2.46
CA PHE B 607 29.56 -47.71 2.12
C PHE B 607 29.17 -47.39 0.68
N GLU B 608 30.05 -46.74 -0.09
CA GLU B 608 29.79 -46.64 -1.53
C GLU B 608 30.20 -47.90 -2.29
N MET B 609 30.84 -48.86 -1.62
CA MET B 609 31.32 -50.07 -2.26
C MET B 609 30.36 -51.24 -2.08
N ARG B 610 29.14 -50.98 -1.61
CA ARG B 610 28.15 -52.04 -1.44
C ARG B 610 27.67 -52.60 -2.77
N GLY B 611 27.80 -51.84 -3.86
CA GLY B 611 27.42 -52.33 -5.17
C GLY B 611 28.37 -53.33 -5.77
N LEU B 612 29.55 -53.51 -5.17
CA LEU B 612 30.51 -54.48 -5.66
C LEU B 612 30.04 -55.90 -5.36
N LEU B 613 30.30 -56.81 -6.30
CA LEU B 613 30.07 -58.22 -6.04
C LEU B 613 30.98 -58.68 -4.90
N ALA B 614 30.41 -59.39 -3.94
CA ALA B 614 31.18 -59.81 -2.77
C ALA B 614 32.37 -60.66 -3.17
N GLU B 615 32.14 -61.65 -4.04
CA GLU B 615 33.19 -62.57 -4.49
C GLU B 615 33.79 -62.11 -5.81
N SER B 616 34.21 -60.84 -5.90
CA SER B 616 34.84 -60.36 -7.12
C SER B 616 36.36 -60.44 -7.03
N GLU B 617 36.96 -59.67 -6.12
CA GLU B 617 38.38 -59.81 -5.80
C GLU B 617 38.65 -59.57 -4.32
N GLY B 618 37.62 -59.43 -3.50
CA GLY B 618 37.80 -59.14 -2.08
C GLY B 618 37.25 -60.21 -1.19
N LEU B 619 36.97 -61.38 -1.75
CA LEU B 619 36.42 -62.49 -0.98
C LEU B 619 36.52 -63.80 -1.76
N SER B 631 31.10 -65.85 -18.46
CA SER B 631 31.69 -64.87 -19.37
C SER B 631 31.21 -63.46 -19.05
N LEU B 632 29.88 -63.28 -19.02
CA LEU B 632 29.31 -61.98 -18.71
C LEU B 632 29.60 -61.55 -17.28
N TRP B 633 29.89 -62.51 -16.39
CA TRP B 633 30.20 -62.20 -15.00
C TRP B 633 31.61 -61.67 -14.81
N LEU B 634 32.45 -61.76 -15.85
CA LEU B 634 33.85 -61.35 -15.74
C LEU B 634 33.97 -59.86 -15.42
N GLU B 635 33.14 -59.03 -16.06
CA GLU B 635 33.24 -57.60 -15.86
C GLU B 635 33.13 -57.23 -14.39
N GLU B 636 32.10 -57.73 -13.69
CA GLU B 636 31.94 -57.40 -12.28
C GLU B 636 32.73 -58.31 -11.35
N TYR B 637 33.29 -59.41 -11.85
CA TYR B 637 34.35 -60.09 -11.11
C TYR B 637 35.59 -59.22 -10.97
N GLU B 638 35.97 -58.50 -12.03
CA GLU B 638 37.08 -57.56 -11.96
C GLU B 638 36.69 -56.13 -11.62
N ARG B 639 35.40 -55.82 -11.47
CA ARG B 639 35.03 -54.44 -11.15
C ARG B 639 35.75 -53.95 -9.90
N ALA B 640 36.10 -54.85 -8.97
CA ALA B 640 36.81 -54.44 -7.77
C ALA B 640 38.29 -54.15 -8.02
N ARG B 641 38.84 -54.56 -9.16
CA ARG B 641 40.26 -54.35 -9.41
C ARG B 641 40.60 -52.87 -9.50
N GLU B 642 39.73 -52.07 -10.12
CA GLU B 642 39.96 -50.63 -10.15
C GLU B 642 40.05 -50.07 -8.74
N LEU B 643 39.13 -50.50 -7.86
CA LEU B 643 39.15 -50.06 -6.47
C LEU B 643 40.46 -50.43 -5.80
N VAL B 644 40.91 -51.68 -5.96
CA VAL B 644 42.12 -52.13 -5.28
C VAL B 644 43.36 -51.52 -5.93
N LYS B 645 43.21 -50.99 -7.14
CA LYS B 645 44.30 -50.27 -7.79
C LYS B 645 44.50 -48.89 -7.19
N THR B 646 43.40 -48.16 -6.95
CA THR B 646 43.50 -46.85 -6.32
C THR B 646 44.27 -46.94 -5.03
N THR B 647 45.43 -46.28 -4.97
CA THR B 647 46.33 -46.43 -3.83
C THR B 647 45.70 -45.96 -2.52
N GLY B 648 44.79 -44.99 -2.59
CA GLY B 648 44.21 -44.38 -1.42
C GLY B 648 42.97 -45.05 -0.90
N MET B 649 42.63 -46.23 -1.42
CA MET B 649 41.36 -46.88 -1.11
C MET B 649 41.59 -48.06 -0.17
N LYS B 650 42.74 -48.04 0.52
CA LYS B 650 43.10 -49.02 1.55
C LYS B 650 42.02 -49.28 2.58
N ARG B 651 41.79 -48.28 3.41
CA ARG B 651 41.06 -48.45 4.65
C ARG B 651 39.59 -48.66 4.35
N PRO B 652 39.01 -47.97 3.38
CA PRO B 652 37.68 -48.37 2.91
C PRO B 652 37.64 -49.82 2.48
N LEU B 653 38.67 -50.32 1.79
CA LEU B 653 38.58 -51.69 1.32
C LEU B 653 38.62 -52.69 2.46
N LYS B 654 39.58 -52.55 3.35
CA LYS B 654 39.69 -53.48 4.46
C LYS B 654 38.46 -53.40 5.36
N LEU B 655 37.94 -52.19 5.56
CA LEU B 655 36.74 -52.03 6.36
C LEU B 655 35.54 -52.72 5.72
N TYR B 656 35.40 -52.59 4.41
CA TYR B 656 34.32 -53.29 3.72
C TYR B 656 34.49 -54.80 3.81
N LYS B 657 35.73 -55.28 3.75
CA LYS B 657 35.97 -56.71 3.90
C LYS B 657 35.59 -57.20 5.29
N GLN B 658 35.90 -56.39 6.32
CA GLN B 658 35.42 -56.72 7.66
C GLN B 658 33.90 -56.70 7.71
N TRP B 659 33.28 -55.72 7.05
CA TRP B 659 31.82 -55.62 7.00
C TRP B 659 31.20 -56.86 6.35
N LEU B 660 31.89 -57.45 5.37
CA LEU B 660 31.34 -58.60 4.65
C LEU B 660 31.61 -59.92 5.37
N THR B 661 32.83 -60.11 5.89
CA THR B 661 33.26 -61.42 6.36
C THR B 661 33.34 -61.55 7.87
N SER B 662 33.76 -60.50 8.58
CA SER B 662 34.03 -60.63 10.00
C SER B 662 32.78 -61.11 10.75
N ASP B 663 32.95 -62.20 11.50
CA ASP B 663 31.83 -62.74 12.28
C ASP B 663 31.38 -61.75 13.34
N ASN B 664 32.32 -61.06 13.99
CA ASN B 664 31.95 -60.05 14.98
C ASN B 664 31.16 -58.92 14.36
N VAL B 665 31.60 -58.43 13.21
CA VAL B 665 30.90 -57.33 12.54
C VAL B 665 29.53 -57.79 12.07
N ARG B 666 29.41 -59.05 11.65
CA ARG B 666 28.10 -59.55 11.20
C ARG B 666 27.13 -59.70 12.37
N LYS B 667 27.63 -60.18 13.52
CA LYS B 667 26.79 -60.23 14.72
C LYS B 667 26.36 -58.83 15.14
N GLN B 668 27.28 -57.86 15.11
CA GLN B 668 26.91 -56.50 15.45
C GLN B 668 25.95 -55.89 14.44
N ARG B 669 26.06 -56.30 13.17
CA ARG B 669 25.13 -55.84 12.15
C ARG B 669 23.72 -56.35 12.44
N ALA B 670 23.61 -57.61 12.85
CA ALA B 670 22.30 -58.17 13.19
C ALA B 670 21.79 -57.69 14.53
N GLU B 671 22.66 -57.14 15.38
CA GLU B 671 22.21 -56.54 16.64
C GLU B 671 21.13 -55.49 16.38
N TYR B 672 20.41 -55.15 17.45
CA TYR B 672 19.32 -54.18 17.38
C TYR B 672 19.61 -52.99 18.29
N VAL B 673 19.15 -51.81 17.87
CA VAL B 673 19.29 -50.58 18.64
C VAL B 673 18.02 -49.77 18.44
N GLU B 674 17.68 -48.97 19.45
CA GLU B 674 16.45 -48.18 19.43
C GLU B 674 16.72 -46.79 18.89
N VAL B 675 15.75 -46.27 18.13
CA VAL B 675 15.79 -44.93 17.57
C VAL B 675 14.48 -44.24 17.89
N ALA B 676 14.56 -42.99 18.33
CA ALA B 676 13.35 -42.23 18.63
C ALA B 676 12.56 -41.98 17.36
N LEU B 677 11.24 -41.94 17.49
CA LEU B 677 10.38 -41.65 16.36
C LEU B 677 10.64 -40.24 15.84
N GLU B 678 10.76 -39.28 16.75
CA GLU B 678 11.17 -37.93 16.39
C GLU B 678 12.68 -37.78 16.47
N TYR B 679 13.42 -38.71 15.87
CA TYR B 679 14.87 -38.54 15.81
C TYR B 679 15.22 -37.37 14.91
N LEU B 680 14.52 -37.26 13.78
CA LEU B 680 14.60 -36.12 12.90
C LEU B 680 13.25 -35.44 12.85
N PRO B 681 13.20 -34.10 12.87
CA PRO B 681 11.90 -33.44 12.79
C PRO B 681 11.22 -33.65 11.45
N ASP B 682 9.91 -33.40 11.44
CA ASP B 682 9.13 -33.52 10.22
C ASP B 682 9.77 -32.75 9.07
N GLU B 683 10.32 -31.56 9.37
CA GLU B 683 10.95 -30.77 8.33
C GLU B 683 12.14 -31.51 7.73
N ALA B 684 12.99 -32.09 8.57
CA ALA B 684 14.16 -32.80 8.08
C ALA B 684 13.77 -34.03 7.28
N VAL B 685 12.77 -34.77 7.75
CA VAL B 685 12.33 -35.95 7.02
C VAL B 685 11.79 -35.55 5.64
N VAL B 686 11.02 -34.46 5.59
CA VAL B 686 10.51 -33.99 4.31
C VAL B 686 11.65 -33.53 3.41
N ALA B 687 12.68 -32.93 4.00
CA ALA B 687 13.85 -32.52 3.20
C ALA B 687 14.53 -33.73 2.58
N LEU B 688 14.70 -34.80 3.35
CA LEU B 688 15.27 -36.02 2.79
C LEU B 688 14.39 -36.59 1.69
N GLN B 689 13.08 -36.60 1.92
CA GLN B 689 12.14 -37.09 0.91
C GLN B 689 12.27 -36.29 -0.38
N GLN B 690 12.36 -34.96 -0.26
CA GLN B 690 12.44 -34.12 -1.44
C GLN B 690 13.78 -34.23 -2.13
N ALA B 691 14.86 -34.49 -1.39
CA ALA B 691 16.14 -34.76 -2.03
C ALA B 691 16.06 -36.03 -2.88
N VAL B 692 15.45 -37.08 -2.34
CA VAL B 692 15.29 -38.30 -3.12
C VAL B 692 14.36 -38.06 -4.30
N MET B 693 13.33 -37.22 -4.10
CA MET B 693 12.45 -36.83 -5.19
C MET B 693 13.24 -36.18 -6.32
N ALA B 694 14.11 -35.24 -5.97
CA ALA B 694 14.90 -34.54 -6.97
C ALA B 694 15.82 -35.51 -7.71
N LYS B 695 16.43 -36.44 -6.98
CA LYS B 695 17.25 -37.45 -7.63
C LYS B 695 16.44 -38.25 -8.64
N MET B 696 15.23 -38.67 -8.23
CA MET B 696 14.38 -39.46 -9.11
C MET B 696 13.99 -38.68 -10.35
N ALA B 697 13.61 -37.41 -10.17
CA ALA B 697 13.23 -36.59 -11.31
C ALA B 697 14.41 -36.37 -12.25
N ASP B 698 15.60 -36.15 -11.70
CA ASP B 698 16.78 -35.95 -12.53
C ASP B 698 17.10 -37.20 -13.34
N ARG B 699 17.01 -38.37 -12.72
CA ARG B 699 17.30 -39.61 -13.44
C ARG B 699 16.11 -40.13 -14.23
N ASN B 700 14.97 -39.45 -14.16
CA ASN B 700 13.76 -39.81 -14.92
C ASN B 700 13.35 -41.25 -14.60
N ILE B 701 13.19 -41.52 -13.31
CA ILE B 701 12.78 -42.82 -12.81
C ILE B 701 11.32 -42.70 -12.37
N ALA B 702 10.47 -43.57 -12.91
CA ALA B 702 9.05 -43.55 -12.59
C ALA B 702 8.76 -44.40 -11.36
N ILE B 703 7.58 -44.16 -10.79
CA ILE B 703 7.14 -44.84 -9.57
C ILE B 703 5.80 -45.51 -9.87
N GLU B 704 5.77 -46.84 -9.86
CA GLU B 704 4.50 -47.56 -9.93
C GLU B 704 3.84 -47.51 -8.56
N CYS B 705 2.71 -46.82 -8.48
CA CYS B 705 2.00 -46.65 -7.21
C CYS B 705 0.64 -47.33 -7.28
N PRO B 706 0.51 -48.54 -6.74
CA PRO B 706 -0.82 -49.13 -6.60
C PRO B 706 -1.47 -48.68 -5.31
N PRO B 707 -2.78 -48.88 -5.16
CA PRO B 707 -3.45 -48.41 -3.95
C PRO B 707 -3.39 -49.44 -2.84
N THR B 708 -2.86 -49.03 -1.69
CA THR B 708 -2.72 -49.93 -0.54
C THR B 708 -3.61 -49.48 0.61
N SER B 714 -1.56 -48.79 5.54
CA SER B 714 -1.97 -49.37 6.82
C SER B 714 -2.33 -48.26 7.80
N GLN B 715 -1.61 -47.15 7.68
CA GLN B 715 -1.78 -45.96 8.50
C GLN B 715 -2.79 -44.98 7.93
N TYR B 716 -3.35 -45.27 6.75
CA TYR B 716 -4.38 -44.45 6.14
C TYR B 716 -5.75 -44.92 6.61
N ARG B 717 -6.48 -44.05 7.31
CA ARG B 717 -7.88 -44.36 7.61
C ARG B 717 -8.73 -44.37 6.35
N ASN B 718 -8.66 -43.28 5.59
CA ASN B 718 -9.43 -43.08 4.39
C ASN B 718 -8.50 -42.99 3.19
N VAL B 719 -9.03 -43.34 2.02
CA VAL B 719 -8.22 -43.33 0.81
C VAL B 719 -7.74 -41.94 0.44
N SER B 720 -8.42 -40.89 0.94
CA SER B 720 -8.02 -39.53 0.61
C SER B 720 -6.68 -39.15 1.23
N GLU B 721 -6.18 -39.92 2.19
CA GLU B 721 -4.89 -39.67 2.81
C GLU B 721 -3.74 -40.36 2.08
N HIS B 722 -4.02 -41.06 1.00
CA HIS B 722 -2.97 -41.76 0.25
C HIS B 722 -1.99 -40.76 -0.36
N HIS B 723 -0.72 -41.18 -0.42
CA HIS B 723 0.35 -40.33 -0.92
C HIS B 723 0.32 -40.14 -2.44
N ILE B 724 -0.51 -40.91 -3.15
CA ILE B 724 -0.62 -40.71 -4.60
C ILE B 724 -1.12 -39.31 -4.90
N PHE B 725 -2.01 -38.78 -4.05
CA PHE B 725 -2.52 -37.44 -4.25
C PHE B 725 -1.44 -36.39 -3.98
N ARG B 726 -0.59 -36.61 -2.98
CA ARG B 726 0.56 -35.74 -2.78
C ARG B 726 1.46 -35.74 -4.02
N TRP B 727 1.72 -36.92 -4.57
CA TRP B 727 2.55 -37.01 -5.76
C TRP B 727 1.89 -36.33 -6.95
N MET B 728 0.56 -36.43 -7.06
CA MET B 728 -0.17 -35.79 -8.15
C MET B 728 -0.30 -34.30 -7.94
N GLY B 729 0.00 -33.79 -6.74
CA GLY B 729 0.07 -32.36 -6.52
C GLY B 729 -1.23 -31.71 -6.11
N LEU B 730 -2.15 -32.46 -5.52
CA LEU B 730 -3.41 -31.88 -5.09
C LEU B 730 -3.17 -30.83 -4.02
N PRO B 731 -3.87 -29.69 -4.06
CA PRO B 731 -3.73 -28.72 -2.96
C PRO B 731 -4.10 -29.35 -1.63
N GLY B 732 -3.34 -29.00 -0.59
CA GLY B 732 -3.54 -29.55 0.73
C GLY B 732 -2.82 -30.86 0.99
N GLU B 733 -2.34 -31.53 -0.06
CA GLU B 733 -1.57 -32.76 0.08
C GLU B 733 -0.13 -32.60 -0.34
N ALA B 734 0.15 -31.79 -1.36
CA ALA B 734 1.51 -31.54 -1.79
C ALA B 734 2.22 -30.63 -0.80
N ILE B 735 3.52 -30.88 -0.63
CA ILE B 735 4.34 -30.08 0.27
C ILE B 735 5.17 -29.12 -0.57
N GLU B 736 5.61 -28.04 0.08
CA GLU B 736 6.15 -26.89 -0.67
C GLU B 736 7.28 -27.30 -1.61
N GLY B 737 8.24 -28.08 -1.11
CA GLY B 737 9.42 -28.40 -1.88
C GLY B 737 9.37 -29.71 -2.62
N ASP B 738 8.17 -30.16 -3.00
CA ASP B 738 8.03 -31.43 -3.69
C ASP B 738 8.46 -31.30 -5.15
N VAL B 739 8.75 -32.44 -5.76
CA VAL B 739 9.16 -32.52 -7.16
C VAL B 739 8.33 -33.59 -7.85
N PRO B 740 7.74 -33.31 -9.02
CA PRO B 740 7.02 -34.36 -9.74
C PRO B 740 7.92 -35.53 -10.10
N MET B 741 7.34 -36.74 -10.16
CA MET B 741 8.14 -37.95 -10.19
C MET B 741 7.64 -39.02 -11.17
N SER B 742 6.70 -38.71 -12.06
CA SER B 742 6.26 -39.68 -13.07
C SER B 742 5.69 -40.94 -12.41
N ILE B 743 4.53 -40.76 -11.79
CA ILE B 743 3.81 -41.86 -11.20
C ILE B 743 3.08 -42.65 -12.29
N CYS B 744 3.21 -43.97 -12.24
CA CYS B 744 2.47 -44.90 -13.09
C CYS B 744 1.48 -45.69 -12.23
N LEU B 745 0.45 -46.23 -12.88
CA LEU B 745 -0.60 -46.95 -12.20
C LEU B 745 -0.30 -48.44 -12.16
N GLY B 746 -0.86 -49.10 -11.14
CA GLY B 746 -0.76 -50.54 -11.02
C GLY B 746 -1.95 -51.12 -10.29
N SER B 747 -2.44 -52.27 -10.78
CA SER B 747 -3.58 -52.94 -10.17
C SER B 747 -3.07 -53.95 -9.16
N ASP B 748 -2.81 -53.47 -7.94
CA ASP B 748 -2.33 -54.33 -6.85
C ASP B 748 -2.90 -53.79 -5.55
N ASP B 749 -4.00 -54.37 -5.10
CA ASP B 749 -4.61 -54.01 -3.82
C ASP B 749 -4.40 -55.17 -2.85
N PRO B 750 -3.56 -55.03 -1.82
CA PRO B 750 -3.26 -56.18 -0.96
C PRO B 750 -4.48 -56.84 -0.33
N GLY B 751 -5.48 -56.06 0.07
CA GLY B 751 -6.56 -56.60 0.87
C GLY B 751 -7.94 -56.52 0.25
N ILE B 752 -8.06 -56.79 -1.04
CA ILE B 752 -9.35 -56.79 -1.72
C ILE B 752 -9.48 -58.06 -2.56
N PHE B 753 -10.72 -58.48 -2.79
CA PHE B 753 -11.03 -59.55 -3.72
C PHE B 753 -11.59 -58.95 -5.00
N ALA B 754 -11.15 -59.46 -6.14
CA ALA B 754 -11.66 -59.04 -7.45
C ALA B 754 -11.45 -57.54 -7.66
N ALA B 755 -10.19 -57.16 -7.75
CA ALA B 755 -9.79 -55.81 -8.13
C ALA B 755 -9.31 -55.80 -9.57
N ASP B 756 -9.34 -54.62 -10.17
CA ASP B 756 -8.94 -54.45 -11.56
C ASP B 756 -8.30 -53.07 -11.73
N LEU B 757 -7.57 -52.93 -12.84
CA LEU B 757 -7.01 -51.64 -13.22
C LEU B 757 -8.12 -50.61 -13.43
N LYS B 758 -9.20 -51.02 -14.09
CA LYS B 758 -10.34 -50.14 -14.25
C LYS B 758 -10.94 -49.77 -12.89
N SER B 759 -11.00 -50.74 -11.97
CA SER B 759 -11.53 -50.46 -10.64
C SER B 759 -10.69 -49.41 -9.94
N GLU B 760 -9.36 -49.54 -9.99
CA GLU B 760 -8.50 -48.56 -9.32
C GLU B 760 -8.56 -47.21 -10.00
N PHE B 761 -8.63 -47.18 -11.33
CA PHE B 761 -8.81 -45.92 -12.05
C PHE B 761 -10.08 -45.22 -11.60
N TYR B 762 -11.19 -45.96 -11.54
CA TYR B 762 -12.46 -45.38 -11.10
C TYR B 762 -12.39 -44.95 -9.65
N HIS B 763 -11.70 -45.71 -8.81
CA HIS B 763 -11.57 -45.32 -7.40
C HIS B 763 -10.83 -44.00 -7.27
N LEU B 764 -9.73 -43.84 -8.00
CA LEU B 764 -8.99 -42.57 -7.99
C LEU B 764 -9.87 -41.44 -8.51
N PHE B 765 -10.62 -41.69 -9.58
CA PHE B 765 -11.51 -40.66 -10.12
C PHE B 765 -12.56 -40.26 -9.09
N VAL B 766 -13.16 -41.25 -8.42
CA VAL B 766 -14.21 -40.97 -7.44
C VAL B 766 -13.63 -40.15 -6.28
N VAL B 767 -12.48 -40.55 -5.77
CA VAL B 767 -11.87 -39.82 -4.67
C VAL B 767 -11.57 -38.39 -5.08
N LEU B 768 -10.98 -38.20 -6.27
CA LEU B 768 -10.65 -36.86 -6.74
C LEU B 768 -11.89 -36.00 -6.88
N THR B 769 -12.98 -36.57 -7.42
CA THR B 769 -14.16 -35.77 -7.70
C THR B 769 -14.97 -35.46 -6.44
N ARG B 770 -15.02 -36.38 -5.48
CA ARG B 770 -15.90 -36.23 -4.33
C ARG B 770 -15.21 -35.66 -3.10
N LYS B 771 -13.95 -36.04 -2.86
CA LYS B 771 -13.23 -35.65 -1.65
C LYS B 771 -12.33 -34.45 -1.86
N PHE B 772 -11.85 -34.23 -3.09
CA PHE B 772 -11.01 -33.09 -3.40
C PHE B 772 -11.76 -32.03 -4.19
N GLY B 773 -13.02 -32.26 -4.54
CA GLY B 773 -13.85 -31.26 -5.17
C GLY B 773 -13.52 -30.98 -6.63
N LEU B 774 -12.65 -31.78 -7.24
CA LEU B 774 -12.26 -31.53 -8.61
C LEU B 774 -13.38 -31.91 -9.56
N SER B 775 -13.51 -31.12 -10.63
CA SER B 775 -14.50 -31.41 -11.64
C SER B 775 -14.14 -32.71 -12.36
N PRO B 776 -15.10 -33.34 -13.04
CA PRO B 776 -14.77 -34.58 -13.77
C PRO B 776 -13.62 -34.40 -14.73
N ALA B 777 -13.56 -33.25 -15.42
CA ALA B 777 -12.49 -33.04 -16.39
C ALA B 777 -11.12 -32.96 -15.72
N ASP B 778 -11.03 -32.18 -14.63
CA ASP B 778 -9.76 -32.05 -13.93
C ASP B 778 -9.32 -33.37 -13.31
N ALA B 779 -10.26 -34.08 -12.69
CA ALA B 779 -9.93 -35.39 -12.11
C ALA B 779 -9.47 -36.35 -13.20
N LEU B 780 -10.14 -36.35 -14.35
CA LEU B 780 -9.72 -37.20 -15.45
C LEU B 780 -8.34 -36.83 -15.94
N ARG B 781 -8.03 -35.53 -15.99
CA ARG B 781 -6.68 -35.12 -16.39
C ARG B 781 -5.64 -35.66 -15.42
N LYS B 782 -5.91 -35.55 -14.12
CA LYS B 782 -4.94 -35.99 -13.13
C LYS B 782 -4.74 -37.50 -13.18
N VAL B 783 -5.81 -38.28 -13.28
CA VAL B 783 -5.65 -39.74 -13.36
C VAL B 783 -5.02 -40.13 -14.69
N ALA B 784 -5.38 -39.43 -15.77
CA ALA B 784 -4.86 -39.76 -17.09
C ALA B 784 -3.36 -39.52 -17.17
N GLU B 785 -2.85 -38.54 -16.43
CA GLU B 785 -1.41 -38.31 -16.47
C GLU B 785 -0.66 -39.52 -15.92
N VAL B 786 -1.13 -40.07 -14.80
CA VAL B 786 -0.52 -41.27 -14.24
C VAL B 786 -0.68 -42.44 -15.22
N ASN B 787 -1.89 -42.62 -15.76
CA ASN B 787 -2.11 -43.72 -16.69
C ASN B 787 -1.18 -43.63 -17.89
N GLU B 788 -1.06 -42.43 -18.49
CA GLU B 788 -0.15 -42.21 -19.60
C GLU B 788 1.31 -42.41 -19.21
N ASN B 789 1.65 -42.14 -17.95
CA ASN B 789 3.00 -42.46 -17.49
C ASN B 789 3.27 -43.94 -17.64
N GLY B 790 2.25 -44.77 -17.40
CA GLY B 790 2.40 -46.20 -17.65
C GLY B 790 2.84 -46.52 -19.08
N ARG B 791 2.25 -45.86 -20.07
CA ARG B 791 2.63 -46.04 -21.46
C ARG B 791 3.99 -45.45 -21.78
N ILE B 792 4.29 -44.27 -21.24
CA ILE B 792 5.56 -43.62 -21.53
C ILE B 792 6.72 -44.47 -21.00
N TYR B 793 6.56 -45.03 -19.79
CA TYR B 793 7.60 -45.83 -19.17
C TYR B 793 7.33 -47.33 -19.30
N ARG B 794 6.57 -47.74 -20.31
CA ARG B 794 6.34 -49.15 -20.57
C ARG B 794 7.65 -49.85 -20.91
N PHE B 795 7.70 -51.16 -20.63
CA PHE B 795 8.84 -51.99 -20.96
C PHE B 795 8.66 -52.72 -22.29
N HIS B 796 7.53 -52.54 -22.97
CA HIS B 796 7.26 -53.28 -24.19
C HIS B 796 8.22 -52.88 -25.30
N ASP B 797 8.48 -53.84 -26.19
CA ASP B 797 9.34 -53.57 -27.34
C ASP B 797 8.70 -52.56 -28.27
N VAL B 798 9.45 -51.56 -28.68
CA VAL B 798 8.96 -50.53 -29.58
C VAL B 798 9.29 -50.94 -31.02
N MET C 1 30.05 15.47 47.72
CA MET C 1 31.40 15.73 48.28
C MET C 1 31.48 15.39 49.76
N GLU C 2 30.32 15.13 50.37
CA GLU C 2 30.28 14.85 51.80
C GLU C 2 30.93 13.51 52.13
N ARG C 3 30.92 12.57 51.19
CA ARG C 3 31.47 11.24 51.45
C ARG C 3 32.98 11.29 51.66
N PHE C 4 33.66 12.23 51.03
CA PHE C 4 35.11 12.33 51.13
C PHE C 4 35.57 12.87 52.48
N LEU C 5 34.68 13.48 53.26
CA LEU C 5 35.00 13.93 54.60
C LEU C 5 34.75 12.85 55.66
N LEU C 6 34.04 11.78 55.30
CA LEU C 6 33.80 10.68 56.20
C LEU C 6 34.56 9.41 55.81
N ASN C 7 35.06 9.33 54.58
CA ASN C 7 35.86 8.19 54.13
C ASN C 7 37.05 8.73 53.35
N SER C 8 38.20 8.81 54.00
CA SER C 8 39.39 9.37 53.36
C SER C 8 40.61 8.93 54.15
N THR C 9 41.53 8.24 53.48
CA THR C 9 42.79 7.85 54.11
C THR C 9 43.64 9.09 54.45
N VAL C 10 43.72 10.04 53.52
CA VAL C 10 44.54 11.22 53.75
C VAL C 10 44.01 12.02 54.93
N LEU C 11 42.70 12.24 54.97
CA LEU C 11 42.09 12.98 56.06
C LEU C 11 42.32 12.27 57.39
N LEU C 12 42.17 10.95 57.39
CA LEU C 12 42.39 10.20 58.63
C LEU C 12 43.83 10.37 59.10
N TYR C 13 44.78 10.22 58.18
CA TYR C 13 46.18 10.30 58.57
C TYR C 13 46.46 11.66 59.18
N ARG C 14 46.04 12.73 58.47
CA ARG C 14 46.28 14.11 58.90
C ARG C 14 45.66 14.39 60.26
N LEU C 15 44.38 14.06 60.44
CA LEU C 15 43.68 14.33 61.69
C LEU C 15 44.24 13.50 62.84
N SER C 16 44.69 12.28 62.58
CA SER C 16 45.21 11.42 63.64
C SER C 16 46.66 11.73 63.98
N THR C 17 47.37 12.49 63.14
CA THR C 17 48.74 12.82 63.45
C THR C 17 48.94 14.21 64.06
N VAL C 18 48.11 15.18 63.74
CA VAL C 18 48.33 16.52 64.30
C VAL C 18 47.69 16.61 65.68
N SER C 19 48.19 17.55 66.47
CA SER C 19 47.74 17.70 67.85
C SER C 19 46.28 18.13 67.90
N LEU C 20 45.65 17.86 69.04
CA LEU C 20 44.24 18.16 69.23
C LEU C 20 43.97 19.63 69.50
N ASP C 21 45.01 20.45 69.68
CA ASP C 21 44.87 21.89 69.91
C ASP C 21 45.38 22.71 68.73
N GLU C 22 45.49 22.10 67.55
CA GLU C 22 46.01 22.82 66.39
C GLU C 22 45.04 23.90 65.92
N VAL C 23 43.76 23.56 65.78
CA VAL C 23 42.74 24.50 65.33
C VAL C 23 43.04 24.94 63.90
N SER C 24 42.00 25.38 63.18
CA SER C 24 42.12 25.97 61.85
C SER C 24 42.70 24.98 60.84
N LEU C 25 41.92 23.92 60.58
CA LEU C 25 42.36 22.85 59.68
C LEU C 25 41.59 22.83 58.37
N ASP C 26 40.93 23.93 58.02
CA ASP C 26 40.07 23.96 56.84
C ASP C 26 40.88 23.75 55.56
N GLU C 27 42.01 24.45 55.43
CA GLU C 27 42.84 24.30 54.24
C GLU C 27 43.14 22.84 53.99
N ARG C 28 43.40 22.11 55.08
CA ARG C 28 43.95 20.78 54.96
C ARG C 28 42.86 19.76 54.74
N VAL C 29 41.73 19.96 55.40
CA VAL C 29 40.56 19.15 55.12
C VAL C 29 40.19 19.28 53.65
N GLU C 30 40.29 20.50 53.10
CA GLU C 30 39.98 20.71 51.69
C GLU C 30 40.97 19.99 50.78
N SER C 31 42.27 20.16 51.03
CA SER C 31 43.28 19.49 50.20
C SER C 31 43.12 17.98 50.26
N SER C 32 42.95 17.43 51.46
CA SER C 32 42.76 15.99 51.60
C SER C 32 41.49 15.53 50.91
N VAL C 33 40.45 16.36 50.91
CA VAL C 33 39.23 16.00 50.19
C VAL C 33 39.51 15.87 48.70
N PHE C 34 40.26 16.81 48.14
CA PHE C 34 40.56 16.72 46.71
C PHE C 34 41.42 15.50 46.39
N LEU C 35 42.40 15.19 47.24
CA LEU C 35 43.18 13.98 47.05
C LEU C 35 42.31 12.71 47.14
N ALA C 36 41.40 12.67 48.11
CA ALA C 36 40.52 11.51 48.23
C ALA C 36 39.62 11.38 47.00
N GLN C 37 39.12 12.50 46.49
CA GLN C 37 38.26 12.44 45.30
C GLN C 37 39.05 12.01 44.07
N TYR C 38 40.30 12.48 43.93
CA TYR C 38 41.12 12.02 42.81
C TYR C 38 41.40 10.53 42.91
N GLU C 39 41.67 10.04 44.12
CA GLU C 39 41.96 8.62 44.32
C GLU C 39 40.72 7.76 44.08
N GLN C 40 39.55 8.19 44.53
CA GLN C 40 38.34 7.37 44.50
C GLN C 40 37.53 7.56 43.22
N ALA C 41 37.06 8.78 42.97
CA ALA C 41 36.27 9.11 41.79
C ALA C 41 37.13 10.03 40.92
N ARG C 42 37.97 9.42 40.07
CA ARG C 42 38.93 10.17 39.27
C ARG C 42 38.27 10.97 38.16
N SER C 43 37.09 10.57 37.69
CA SER C 43 36.52 11.16 36.49
C SER C 43 35.87 12.52 36.72
N LEU C 44 35.82 13.01 37.96
CA LEU C 44 35.31 14.35 38.19
C LEU C 44 36.25 15.36 37.53
N PRO C 45 35.73 16.30 36.70
CA PRO C 45 36.65 17.11 35.88
C PRO C 45 37.34 18.24 36.62
N ASP C 46 37.81 17.99 37.84
CA ASP C 46 38.79 18.86 38.51
C ASP C 46 38.25 20.25 38.86
N HIS C 47 37.04 20.58 38.45
CA HIS C 47 36.45 21.87 38.80
C HIS C 47 35.05 21.69 39.36
N VAL C 48 34.36 20.63 38.94
CA VAL C 48 33.12 20.24 39.61
C VAL C 48 33.41 19.99 41.09
N ALA C 49 34.56 19.38 41.39
CA ALA C 49 34.95 19.15 42.77
C ALA C 49 35.19 20.46 43.51
N LYS C 50 35.94 21.39 42.90
CA LYS C 50 36.13 22.70 43.50
C LYS C 50 34.79 23.35 43.83
N SER C 51 33.87 23.36 42.87
CA SER C 51 32.58 24.01 43.05
C SER C 51 31.77 23.32 44.14
N ALA C 52 31.77 21.99 44.16
CA ALA C 52 31.01 21.26 45.19
C ALA C 52 31.55 21.59 46.58
N TRP C 53 32.88 21.62 46.72
CA TRP C 53 33.46 21.97 48.01
C TRP C 53 33.11 23.40 48.40
N SER C 54 33.13 24.32 47.44
CA SER C 54 32.75 25.70 47.73
C SER C 54 31.30 25.77 48.22
N TYR C 55 30.41 25.05 47.56
CA TYR C 55 29.02 25.04 48.01
C TYR C 55 28.88 24.43 49.40
N LEU C 56 29.67 23.41 49.70
CA LEU C 56 29.62 22.79 51.02
C LEU C 56 30.04 23.78 52.10
N VAL C 57 31.17 24.47 51.89
CA VAL C 57 31.60 25.47 52.87
C VAL C 57 30.54 26.57 52.99
N GLN C 58 29.95 26.96 51.86
CA GLN C 58 28.94 28.00 51.89
C GLN C 58 27.74 27.59 52.74
N GLN C 59 27.28 26.35 52.57
CA GLN C 59 26.17 25.87 53.39
C GLN C 59 26.53 25.85 54.86
N ILE C 60 27.71 25.32 55.18
CA ILE C 60 28.13 25.24 56.59
C ILE C 60 28.18 26.63 57.20
N LYS C 61 28.83 27.57 56.52
CA LYS C 61 28.97 28.92 57.05
C LYS C 61 27.62 29.62 57.18
N GLN C 62 26.73 29.48 56.18
CA GLN C 62 25.43 30.12 56.29
C GLN C 62 24.62 29.55 57.43
N ARG C 63 24.67 28.24 57.66
CA ARG C 63 23.95 27.62 58.76
C ARG C 63 24.74 27.64 60.05
N ASN C 64 25.85 28.37 60.09
CA ASN C 64 26.52 28.73 61.33
C ASN C 64 27.11 27.49 62.01
N MET C 65 27.60 26.58 61.19
CA MET C 65 28.22 25.35 61.64
C MET C 65 29.71 25.39 61.35
N LYS C 66 30.43 24.48 61.98
CA LYS C 66 31.86 24.34 61.78
C LYS C 66 32.12 23.09 60.94
N LEU C 67 33.12 23.18 60.06
CA LEU C 67 33.49 22.03 59.25
C LEU C 67 33.83 20.85 60.15
N GLY C 68 33.00 19.82 60.14
CA GLY C 68 33.19 18.69 61.01
C GLY C 68 32.13 17.61 60.84
N PRO C 69 32.32 16.50 61.57
CA PRO C 69 31.39 15.36 61.41
C PRO C 69 29.94 15.74 61.69
N VAL C 70 29.68 16.58 62.68
CA VAL C 70 28.31 16.95 63.00
C VAL C 70 27.65 17.64 61.82
N ALA C 71 28.34 18.63 61.26
CA ALA C 71 27.77 19.37 60.12
C ALA C 71 27.58 18.46 58.91
N ILE C 72 28.58 17.60 58.63
CA ILE C 72 28.46 16.73 57.46
C ILE C 72 27.30 15.76 57.63
N LEU C 73 27.17 15.16 58.81
CA LEU C 73 26.08 14.23 59.08
C LEU C 73 24.74 14.94 58.99
N ARG C 74 24.65 16.16 59.52
CA ARG C 74 23.40 16.90 59.42
C ARG C 74 23.02 17.15 57.97
N LEU C 75 23.99 17.57 57.15
CA LEU C 75 23.71 17.83 55.75
C LEU C 75 23.23 16.57 55.05
N ILE C 76 23.93 15.45 55.26
CA ILE C 76 23.54 14.20 54.62
C ILE C 76 22.13 13.80 55.06
N ALA C 77 21.84 13.91 56.36
CA ALA C 77 20.54 13.48 56.87
C ALA C 77 19.42 14.34 56.32
N GLU C 78 19.59 15.67 56.29
CA GLU C 78 18.57 16.51 55.69
C GLU C 78 18.40 16.21 54.21
N LYS C 79 19.47 15.84 53.51
CA LYS C 79 19.40 15.60 52.08
C LYS C 79 18.76 14.27 51.72
N PHE C 80 18.91 13.23 52.56
CA PHE C 80 18.46 11.90 52.23
C PHE C 80 17.28 11.44 53.05
N ILE C 81 17.32 11.61 54.38
CA ILE C 81 16.34 11.00 55.27
C ILE C 81 15.23 12.00 55.58
N LYS C 82 14.02 11.49 55.68
CA LYS C 82 12.85 12.14 56.27
C LYS C 82 12.14 11.29 57.29
N ASN C 83 10.95 11.75 57.62
CA ASN C 83 9.94 10.99 58.34
C ASN C 83 8.73 10.79 57.43
N GLU C 84 8.34 9.55 57.19
CA GLU C 84 7.07 9.31 56.51
C GLU C 84 6.38 8.07 57.07
N LYS C 85 5.12 8.24 57.45
CA LYS C 85 4.28 7.12 57.89
C LYS C 85 4.80 6.51 59.19
N GLY C 86 5.80 5.64 59.06
CA GLY C 86 6.48 4.97 60.15
C GLY C 86 7.98 5.05 60.03
N GLY C 87 8.62 5.75 60.97
CA GLY C 87 10.06 5.80 61.03
C GLY C 87 10.67 6.53 59.85
N PRO C 88 11.97 6.77 59.91
CA PRO C 88 12.66 7.48 58.82
C PRO C 88 12.74 6.62 57.56
N LYS C 89 12.64 7.28 56.41
CA LYS C 89 12.76 6.63 55.12
C LYS C 89 13.57 7.51 54.18
N ILE C 90 14.02 6.90 53.08
CA ILE C 90 14.82 7.56 52.06
C ILE C 90 13.91 7.97 50.91
N ASP C 91 14.22 9.12 50.30
CA ASP C 91 13.53 9.51 49.07
C ASP C 91 13.61 8.42 48.01
N LEU C 92 12.50 8.22 47.32
CA LEU C 92 12.51 7.39 46.13
C LEU C 92 13.48 7.93 45.08
N PRO C 93 13.44 9.21 44.71
CA PRO C 93 14.43 9.73 43.77
C PRO C 93 15.85 9.70 44.29
N MET C 94 16.06 9.63 45.61
CA MET C 94 17.38 9.70 46.21
C MET C 94 17.92 8.34 46.64
N PHE C 95 17.16 7.26 46.47
CA PHE C 95 17.60 5.96 46.99
C PHE C 95 18.84 5.46 46.27
N SER C 96 18.94 5.68 44.96
CA SER C 96 20.13 5.24 44.23
C SER C 96 21.39 5.93 44.76
N GLU C 97 21.31 7.25 44.93
CA GLU C 97 22.43 7.99 45.49
C GLU C 97 22.73 7.53 46.91
N TRP C 98 21.68 7.20 47.69
CA TRP C 98 21.89 6.71 49.04
C TRP C 98 22.63 5.38 49.03
N GLN C 99 22.29 4.49 48.10
CA GLN C 99 23.00 3.23 47.98
C GLN C 99 24.47 3.45 47.64
N THR C 100 24.73 4.32 46.66
CA THR C 100 26.11 4.64 46.32
C THR C 100 26.85 5.19 47.52
N LEU C 101 26.18 6.03 48.31
CA LEU C 101 26.81 6.55 49.53
C LEU C 101 27.08 5.44 50.53
N MET C 102 26.13 4.52 50.71
CA MET C 102 26.32 3.40 51.62
C MET C 102 27.51 2.54 51.24
N SER C 103 27.91 2.58 49.97
CA SER C 103 29.14 1.88 49.59
C SER C 103 30.38 2.50 50.22
N ARG C 104 30.29 3.70 50.81
CA ARG C 104 31.44 4.38 51.39
C ARG C 104 31.27 4.74 52.86
N VAL C 105 30.05 5.05 53.28
CA VAL C 105 29.79 5.61 54.61
C VAL C 105 28.80 4.71 55.33
N SER C 106 28.94 4.64 56.65
CA SER C 106 28.03 3.88 57.49
C SER C 106 26.77 4.70 57.79
N CYS C 107 25.63 4.01 57.88
CA CYS C 107 24.34 4.67 57.98
C CYS C 107 23.97 5.05 59.41
N LEU C 108 24.58 4.40 60.41
CA LEU C 108 24.17 4.63 61.79
C LEU C 108 24.40 6.06 62.25
N PRO C 109 25.57 6.68 62.01
CA PRO C 109 25.73 8.10 62.39
C PRO C 109 24.71 9.00 61.73
N ILE C 110 24.40 8.75 60.46
CA ILE C 110 23.45 9.61 59.75
C ILE C 110 22.06 9.45 60.33
N ILE C 111 21.67 8.22 60.67
CA ILE C 111 20.35 8.01 61.26
C ILE C 111 20.28 8.64 62.65
N ALA C 112 21.37 8.57 63.41
CA ALA C 112 21.40 9.24 64.70
C ALA C 112 21.25 10.74 64.54
N CYS C 113 21.95 11.32 63.56
CA CYS C 113 21.82 12.75 63.31
C CYS C 113 20.39 13.12 62.90
N HIS C 114 19.76 12.28 62.08
CA HIS C 114 18.38 12.53 61.69
C HIS C 114 17.46 12.48 62.90
N GLN C 115 17.64 11.46 63.76
CA GLN C 115 16.79 11.35 64.93
C GLN C 115 16.98 12.52 65.88
N VAL C 116 18.18 13.10 65.92
CA VAL C 116 18.44 14.22 66.81
C VAL C 116 17.88 15.52 66.25
N PHE C 117 18.18 15.84 64.99
CA PHE C 117 17.91 17.14 64.43
C PHE C 117 16.62 17.22 63.62
N ASN C 118 15.93 16.09 63.41
CA ASN C 118 14.68 16.08 62.69
C ASN C 118 13.89 14.84 63.08
N PRO C 119 13.56 14.68 64.37
CA PRO C 119 12.83 13.48 64.79
C PRO C 119 11.41 13.47 64.27
N GLY C 120 10.87 12.26 64.13
CA GLY C 120 9.50 12.09 63.73
C GLY C 120 8.56 12.38 64.88
N PRO C 121 7.28 12.04 64.71
CA PRO C 121 6.32 12.26 65.80
C PRO C 121 6.77 11.59 67.08
N ALA C 122 6.56 12.28 68.21
CA ALA C 122 6.97 11.76 69.51
C ALA C 122 5.92 10.78 70.05
N SER C 123 5.53 9.83 69.21
CA SER C 123 4.60 8.77 69.57
C SER C 123 5.05 7.40 69.11
N GLN C 124 5.91 7.32 68.08
CA GLN C 124 6.46 6.07 67.60
C GLN C 124 7.89 5.96 68.15
N GLU C 125 8.03 5.24 69.27
CA GLU C 125 9.33 5.08 69.88
C GLU C 125 10.28 4.42 68.89
N TYR C 126 11.30 5.15 68.45
CA TYR C 126 12.16 4.68 67.38
C TYR C 126 13.25 3.77 67.94
N SER C 127 13.27 2.53 67.48
CA SER C 127 14.36 1.60 67.75
C SER C 127 15.19 1.47 66.49
N PHE C 128 16.50 1.66 66.62
CA PHE C 128 17.37 1.70 65.45
C PHE C 128 17.20 0.46 64.59
N ARG C 129 17.09 0.66 63.27
CA ARG C 129 16.96 -0.49 62.36
C ARG C 129 17.72 -0.17 61.10
N TRP C 130 18.51 -1.13 60.66
CA TRP C 130 19.21 -0.99 59.41
C TRP C 130 18.66 -1.99 58.42
N PRO C 131 18.73 -1.69 57.11
CA PRO C 131 19.08 -0.39 56.55
C PRO C 131 17.84 0.48 56.39
N LEU C 132 18.03 1.70 55.95
CA LEU C 132 16.90 2.58 55.66
C LEU C 132 16.36 2.28 54.27
N TYR C 133 15.06 2.11 54.18
CA TYR C 133 14.38 1.84 52.92
C TYR C 133 13.59 3.05 52.46
N PRO C 134 13.26 3.14 51.18
CA PRO C 134 12.23 4.07 50.74
C PRO C 134 10.86 3.52 51.08
N TYR C 135 9.83 4.30 50.77
CA TYR C 135 8.45 3.89 50.98
C TYR C 135 7.69 3.97 49.67
N HIS C 136 6.98 2.89 49.35
CA HIS C 136 5.99 2.90 48.28
C HIS C 136 4.87 1.93 48.66
N PRO C 137 3.62 2.40 48.70
CA PRO C 137 2.54 1.50 49.16
C PRO C 137 2.42 0.23 48.36
N THR C 138 2.64 0.28 47.04
CA THR C 138 2.55 -0.94 46.25
C THR C 138 3.59 -1.97 46.69
N VAL C 139 4.83 -1.53 46.87
CA VAL C 139 5.89 -2.44 47.30
C VAL C 139 5.61 -2.98 48.69
N GLU C 140 5.17 -2.11 49.61
CA GLU C 140 4.89 -2.56 50.96
C GLU C 140 3.75 -3.58 50.99
N ASP C 141 2.70 -3.34 50.21
CA ASP C 141 1.60 -4.28 50.13
C ASP C 141 2.05 -5.61 49.56
N TYR C 142 2.87 -5.57 48.50
CA TYR C 142 3.38 -6.81 47.92
C TYR C 142 4.21 -7.59 48.92
N ILE C 143 5.07 -6.89 49.67
CA ILE C 143 5.90 -7.57 50.66
C ILE C 143 5.04 -8.18 51.76
N THR C 144 4.04 -7.43 52.23
CA THR C 144 3.15 -7.95 53.26
C THR C 144 2.39 -9.17 52.78
N ARG C 145 1.97 -9.19 51.51
CA ARG C 145 1.16 -10.29 51.01
C ARG C 145 1.98 -11.52 50.67
N GLU C 146 3.10 -11.34 49.96
CA GLU C 146 3.88 -12.44 49.43
C GLU C 146 5.21 -12.65 50.14
N CYS C 147 5.72 -11.64 50.86
CA CYS C 147 7.00 -11.74 51.54
C CYS C 147 8.14 -11.85 50.53
N LEU C 148 9.37 -11.71 51.00
CA LEU C 148 10.54 -11.77 50.15
C LEU C 148 11.26 -13.09 50.38
N HIS C 149 11.98 -13.54 49.34
CA HIS C 149 12.62 -14.84 49.33
C HIS C 149 14.11 -14.67 49.06
N GLU C 150 14.94 -15.22 49.95
CA GLU C 150 16.39 -15.07 49.88
C GLU C 150 17.01 -16.37 49.39
N THR C 151 17.72 -16.28 48.26
CA THR C 151 18.40 -17.42 47.65
C THR C 151 19.91 -17.27 47.55
N HIS C 152 20.47 -16.12 47.95
CA HIS C 152 21.90 -15.88 47.78
C HIS C 152 22.38 -14.99 48.92
N GLN C 153 22.92 -15.61 49.98
CA GLN C 153 23.43 -14.87 51.13
C GLN C 153 24.70 -15.56 51.67
N HIS C 154 25.86 -15.20 51.13
CA HIS C 154 27.17 -15.78 51.39
C HIS C 154 28.33 -14.78 51.39
N LEU C 155 28.10 -13.48 51.64
CA LEU C 155 29.15 -12.49 51.37
C LEU C 155 30.11 -12.26 52.54
N ASN C 156 29.66 -11.74 53.69
CA ASN C 156 30.59 -11.49 54.79
C ASN C 156 29.96 -12.44 55.79
N GLY C 157 30.37 -13.68 55.84
CA GLY C 157 29.56 -14.66 56.54
C GLY C 157 28.15 -14.62 55.96
N SER C 158 27.19 -14.13 56.76
CA SER C 158 25.89 -13.75 56.21
C SER C 158 25.38 -12.44 56.81
N THR C 159 26.21 -11.72 57.53
CA THR C 159 25.83 -10.48 58.19
C THR C 159 26.35 -9.28 57.41
N SER C 160 25.72 -8.14 57.62
CA SER C 160 26.19 -6.91 57.01
C SER C 160 27.55 -6.53 57.60
N ALA C 161 28.30 -5.76 56.83
CA ALA C 161 29.66 -5.40 57.22
C ALA C 161 29.67 -4.46 58.41
N GLU C 162 28.50 -3.89 58.73
CA GLU C 162 28.42 -2.86 59.76
C GLU C 162 28.44 -3.42 61.17
N GLU C 163 27.90 -4.61 61.40
CA GLU C 163 28.06 -5.26 62.70
C GLU C 163 29.45 -5.83 62.87
N CYS C 164 30.17 -6.07 61.77
CA CYS C 164 31.55 -6.54 61.87
C CYS C 164 32.45 -5.50 62.50
N TRP C 165 32.16 -4.21 62.30
CA TRP C 165 32.93 -3.16 62.97
C TRP C 165 32.84 -3.31 64.49
N LEU C 166 31.62 -3.44 65.01
CA LEU C 166 31.46 -3.61 66.45
C LEU C 166 31.99 -4.96 66.92
N ASP C 167 31.90 -5.99 66.09
CA ASP C 167 32.50 -7.28 66.44
C ASP C 167 34.02 -7.15 66.57
N ALA C 168 34.64 -6.40 65.68
CA ALA C 168 36.08 -6.15 65.79
C ALA C 168 36.41 -5.38 67.05
N LEU C 169 35.62 -4.35 67.37
CA LEU C 169 35.85 -3.61 68.61
C LEU C 169 35.66 -4.51 69.83
N LYS C 170 34.76 -5.48 69.74
CA LYS C 170 34.55 -6.44 70.83
C LYS C 170 35.71 -7.41 70.95
N HIS C 171 36.26 -7.84 69.82
CA HIS C 171 37.36 -8.79 69.77
C HIS C 171 38.48 -8.18 68.96
N PRO C 172 39.05 -7.07 69.45
CA PRO C 172 40.16 -6.42 68.71
C PRO C 172 41.30 -7.36 68.44
N GLU C 173 41.59 -8.25 69.39
CA GLU C 173 42.73 -9.15 69.25
C GLU C 173 42.39 -10.34 68.35
N ALA C 174 41.12 -10.74 68.25
CA ALA C 174 40.72 -11.69 67.21
C ALA C 174 40.86 -11.08 65.83
N CYS C 175 40.36 -9.85 65.66
CA CYS C 175 40.47 -9.17 64.37
C CYS C 175 41.93 -8.95 63.99
N LEU C 176 42.75 -8.54 64.95
CA LEU C 176 44.18 -8.38 64.69
C LEU C 176 44.81 -9.70 64.31
N ARG C 177 44.46 -10.77 65.02
CA ARG C 177 44.94 -12.11 64.65
C ARG C 177 44.59 -12.47 63.22
N ASP C 178 43.33 -12.25 62.81
CA ASP C 178 42.97 -12.57 61.43
C ASP C 178 43.77 -11.70 60.44
N PHE C 179 43.84 -10.40 60.70
CA PHE C 179 44.54 -9.50 59.80
C PHE C 179 45.98 -9.93 59.60
N GLU C 180 46.67 -10.27 60.68
CA GLU C 180 48.05 -10.73 60.54
C GLU C 180 48.11 -12.05 59.78
N LYS C 181 47.28 -13.03 60.17
CA LYS C 181 47.21 -14.29 59.45
C LYS C 181 46.34 -14.09 58.22
N GLY C 182 46.98 -13.56 57.18
CA GLY C 182 46.31 -13.20 55.94
C GLY C 182 46.99 -11.97 55.34
N TRP C 183 47.69 -11.20 56.16
CA TRP C 183 48.57 -10.16 55.67
C TRP C 183 49.87 -10.73 55.11
N ALA C 184 50.27 -11.92 55.55
CA ALA C 184 51.36 -12.61 54.89
C ALA C 184 51.00 -13.00 53.48
N SER C 185 49.71 -13.03 53.17
CA SER C 185 49.26 -13.35 51.82
C SER C 185 49.39 -12.14 50.93
N GLN C 186 49.91 -12.41 49.74
CA GLN C 186 50.10 -11.37 48.75
C GLN C 186 48.82 -10.67 48.35
N GLU C 187 47.77 -11.46 48.13
CA GLU C 187 46.56 -10.90 47.64
C GLU C 187 46.21 -9.72 48.50
N MET C 188 46.31 -9.98 49.80
CA MET C 188 45.96 -9.09 50.90
C MET C 188 46.92 -7.92 50.99
N LYS C 189 48.22 -8.16 50.86
CA LYS C 189 49.13 -7.02 50.86
C LYS C 189 48.76 -6.05 49.76
N GLN C 190 48.46 -6.56 48.56
CA GLN C 190 48.07 -5.72 47.45
C GLN C 190 46.79 -4.96 47.76
N LEU C 191 45.80 -5.64 48.33
CA LEU C 191 44.55 -4.97 48.68
C LEU C 191 44.77 -3.87 49.71
N CYS C 192 45.57 -4.16 50.74
CA CYS C 192 45.83 -3.16 51.77
C CYS C 192 46.56 -1.96 51.19
N ALA C 193 47.52 -2.20 50.30
CA ALA C 193 48.22 -1.09 49.67
C ALA C 193 47.25 -0.27 48.82
N GLN C 194 46.33 -0.93 48.13
CA GLN C 194 45.42 -0.23 47.24
C GLN C 194 44.40 0.60 48.00
N ILE C 195 44.03 0.17 49.21
CA ILE C 195 43.12 0.96 50.03
C ILE C 195 43.88 2.02 50.81
N ASP C 196 44.75 1.59 51.72
CA ASP C 196 45.59 2.49 52.51
C ASP C 196 47.05 2.06 52.32
N PRO C 197 47.87 2.81 51.57
CA PRO C 197 49.23 2.35 51.31
C PRO C 197 50.01 1.93 52.55
N SER C 198 50.08 2.79 53.56
CA SER C 198 50.86 2.49 54.77
C SER C 198 49.94 2.01 55.88
N LEU C 199 49.30 0.86 55.66
CA LEU C 199 48.38 0.30 56.66
C LEU C 199 49.13 -0.53 57.70
N THR C 200 49.71 -1.65 57.28
CA THR C 200 50.42 -2.58 58.16
C THR C 200 49.56 -3.08 59.32
N PRO C 201 49.86 -4.28 59.84
CA PRO C 201 49.12 -4.76 61.02
C PRO C 201 49.25 -3.87 62.23
N ARG C 202 50.39 -3.20 62.40
CA ARG C 202 50.59 -2.40 63.60
C ARG C 202 49.68 -1.17 63.61
N ILE C 203 49.61 -0.44 62.50
CA ILE C 203 48.67 0.67 62.46
C ILE C 203 47.24 0.17 62.44
N PHE C 204 46.99 -1.02 61.88
CA PHE C 204 45.66 -1.62 62.02
C PHE C 204 45.28 -1.73 63.50
N LYS C 205 46.17 -2.32 64.30
CA LYS C 205 45.92 -2.47 65.73
C LYS C 205 45.76 -1.11 66.41
N ASP C 206 46.64 -0.16 66.07
CA ASP C 206 46.59 1.16 66.67
C ASP C 206 45.27 1.85 66.36
N ARG C 207 44.79 1.70 65.12
CA ARG C 207 43.53 2.32 64.73
C ARG C 207 42.35 1.69 65.46
N LEU C 208 42.36 0.36 65.62
CA LEU C 208 41.29 -0.27 66.40
C LEU C 208 41.30 0.24 67.84
N GLN C 209 42.48 0.33 68.45
CA GLN C 209 42.56 0.82 69.82
C GLN C 209 42.12 2.27 69.92
N ILE C 210 42.50 3.10 68.94
CA ILE C 210 42.08 4.49 68.93
C ILE C 210 40.57 4.59 68.84
N ALA C 211 39.96 3.77 67.99
CA ALA C 211 38.51 3.78 67.87
C ALA C 211 37.85 3.40 69.20
N CYS C 212 38.36 2.36 69.85
CA CYS C 212 37.80 1.96 71.14
C CYS C 212 37.91 3.08 72.18
N ASN C 213 39.09 3.69 72.28
CA ASN C 213 39.30 4.73 73.27
C ASN C 213 38.44 5.96 72.98
N ILE C 214 38.34 6.34 71.71
CA ILE C 214 37.49 7.46 71.33
C ILE C 214 36.04 7.16 71.67
N ARG C 215 35.61 5.93 71.45
CA ARG C 215 34.24 5.55 71.79
C ARG C 215 34.00 5.70 73.28
N GLU C 216 34.95 5.26 74.11
CA GLU C 216 34.80 5.42 75.56
C GLU C 216 34.71 6.89 75.94
N ILE C 217 35.64 7.70 75.44
CA ILE C 217 35.67 9.12 75.80
C ILE C 217 34.37 9.80 75.37
N LEU C 218 33.93 9.55 74.15
CA LEU C 218 32.73 10.21 73.66
C LEU C 218 31.47 9.68 74.34
N CYS C 219 31.49 8.44 74.84
CA CYS C 219 30.40 7.98 75.67
C CYS C 219 30.35 8.77 76.97
N ARG C 220 31.52 9.07 77.54
CA ARG C 220 31.53 9.90 78.75
C ARG C 220 30.83 11.24 78.50
N VAL C 221 31.13 11.89 77.38
CA VAL C 221 30.50 13.19 77.16
C VAL C 221 29.05 13.03 76.71
N ALA C 222 28.69 11.92 76.07
CA ALA C 222 27.31 11.66 75.71
C ALA C 222 26.45 11.54 76.97
N GLN C 223 26.95 10.84 77.99
CA GLN C 223 26.28 10.79 79.28
C GLN C 223 26.48 12.05 80.10
N GLY C 224 27.44 12.90 79.73
CA GLY C 224 27.71 14.09 80.51
C GLY C 224 28.26 13.75 81.88
N VAL C 225 29.39 13.06 81.94
CA VAL C 225 29.98 12.64 83.20
C VAL C 225 31.39 13.25 83.30
N GLU C 226 31.46 14.49 83.77
CA GLU C 226 32.59 15.05 84.51
C GLU C 226 33.95 15.07 83.78
N LEU C 227 34.03 14.62 82.52
CA LEU C 227 35.26 14.80 81.73
C LEU C 227 36.49 14.44 82.55
N PRO C 228 36.83 13.16 82.72
CA PRO C 228 37.87 12.82 83.72
C PRO C 228 39.14 13.62 83.51
N GLU C 229 39.92 13.75 84.58
CA GLU C 229 41.02 14.71 84.60
C GLU C 229 42.08 14.40 83.54
N TRP C 230 42.33 13.11 83.27
CA TRP C 230 43.41 12.75 82.38
C TRP C 230 43.18 13.20 80.93
N ILE C 231 42.01 13.79 80.64
CA ILE C 231 41.77 14.31 79.30
C ILE C 231 42.76 15.42 78.96
N ALA C 232 43.20 16.19 79.96
CA ALA C 232 44.14 17.28 79.69
C ALA C 232 45.46 16.75 79.13
N SER C 233 45.94 15.63 79.66
CA SER C 233 47.17 15.04 79.15
C SER C 233 47.03 14.58 77.71
N MET C 234 45.84 14.19 77.32
CA MET C 234 45.57 13.73 75.95
C MET C 234 45.72 14.90 74.97
N GLN C 235 46.83 14.92 74.23
CA GLN C 235 47.08 16.04 73.34
C GLN C 235 47.17 15.65 71.89
N ASN C 236 47.46 14.37 71.57
CA ASN C 236 47.74 13.95 70.22
C ASN C 236 47.05 12.61 69.98
N PRO C 237 46.20 12.50 68.95
CA PRO C 237 45.33 11.31 68.85
C PRO C 237 46.08 9.99 68.90
N GLN C 238 47.37 9.98 68.56
CA GLN C 238 48.16 8.75 68.67
C GLN C 238 48.27 8.27 70.10
N GLN C 239 48.05 9.16 71.08
CA GLN C 239 48.05 8.73 72.48
C GLN C 239 46.97 7.70 72.76
N LEU C 240 45.89 7.70 71.97
CA LEU C 240 44.80 6.76 72.16
C LEU C 240 45.08 5.39 71.56
N ALA C 241 46.23 5.22 70.90
CA ALA C 241 46.58 3.92 70.33
C ALA C 241 46.80 2.85 71.39
N ASN C 242 46.76 3.22 72.67
CA ASN C 242 47.18 2.33 73.74
C ASN C 242 46.04 2.16 74.74
N SER C 243 46.15 1.12 75.56
CA SER C 243 45.09 0.78 76.50
C SER C 243 45.02 1.74 77.69
N THR C 244 46.08 2.50 77.97
CA THR C 244 46.08 3.40 79.10
C THR C 244 46.75 4.71 78.71
N ILE C 245 46.38 5.78 79.41
CA ILE C 245 46.99 7.09 79.24
C ILE C 245 47.75 7.45 80.51
N LEU C 246 48.86 8.15 80.34
CA LEU C 246 49.74 8.54 81.45
C LEU C 246 49.62 10.05 81.64
N HIS C 247 49.00 10.46 82.74
CA HIS C 247 48.80 11.89 82.99
C HIS C 247 49.99 12.49 83.74
N ASN C 248 50.23 12.04 84.99
CA ASN C 248 51.44 12.40 85.73
C ASN C 248 51.82 11.18 86.57
N GLY C 249 52.71 10.35 86.04
CA GLY C 249 53.21 9.20 86.78
C GLY C 249 52.27 8.01 86.77
N ARG C 250 50.97 8.26 86.68
CA ARG C 250 49.95 7.23 86.76
C ARG C 250 49.48 6.82 85.37
N GLU C 251 48.96 5.58 85.28
CA GLU C 251 48.41 5.05 84.04
C GLU C 251 46.91 4.86 84.24
N TYR C 252 46.11 5.69 83.57
CA TYR C 252 44.67 5.67 83.67
C TYR C 252 44.07 4.90 82.49
N GLY C 253 43.09 4.05 82.78
CA GLY C 253 42.37 3.36 81.74
C GLY C 253 41.25 4.18 81.15
N PHE C 254 40.93 3.91 79.89
CA PHE C 254 39.90 4.64 79.16
C PHE C 254 38.50 4.10 79.41
N ALA C 255 38.36 2.92 80.02
CA ALA C 255 37.06 2.30 80.17
C ALA C 255 36.17 3.11 81.12
N THR C 256 34.86 3.02 80.89
CA THR C 256 33.86 3.67 81.71
C THR C 256 32.66 2.74 81.84
N VAL C 257 31.61 3.23 82.50
CA VAL C 257 30.39 2.45 82.70
C VAL C 257 29.44 2.74 81.54
N TRP C 258 28.75 1.69 81.09
CA TRP C 258 27.82 1.79 79.98
C TRP C 258 26.42 1.40 80.43
N PRO C 259 25.38 2.09 79.95
CA PRO C 259 24.01 1.72 80.39
C PRO C 259 23.63 0.30 80.03
N ILE C 260 23.78 -0.07 78.77
CA ILE C 260 23.32 -1.37 78.29
C ILE C 260 24.37 -2.44 78.61
N ASP C 261 23.89 -3.66 78.84
CA ASP C 261 24.80 -4.76 79.19
C ASP C 261 25.80 -5.01 78.07
N ASP C 262 25.32 -5.02 76.82
CA ASP C 262 26.19 -5.19 75.66
C ASP C 262 26.55 -3.80 75.13
N LYS C 263 27.76 -3.34 75.48
CA LYS C 263 28.21 -2.00 75.12
C LYS C 263 28.68 -1.89 73.68
N TYR C 264 28.85 -3.03 73.01
CA TYR C 264 29.31 -3.14 71.63
C TYR C 264 28.16 -3.45 70.67
N SER C 265 26.93 -3.27 71.12
CA SER C 265 25.75 -3.53 70.31
C SER C 265 25.40 -2.27 69.51
N GLN C 266 24.69 -2.48 68.41
CA GLN C 266 24.34 -1.35 67.56
C GLN C 266 23.32 -0.45 68.25
N GLU C 267 22.48 -1.01 69.13
CA GLU C 267 21.64 -0.18 69.97
C GLU C 267 22.47 0.73 70.87
N SER C 268 23.51 0.18 71.50
CA SER C 268 24.38 0.98 72.34
C SER C 268 25.09 2.07 71.53
N GLU C 269 25.57 1.71 70.35
CA GLU C 269 26.23 2.69 69.48
C GLU C 269 25.26 3.81 69.11
N PHE C 270 24.03 3.45 68.74
CA PHE C 270 23.04 4.46 68.37
C PHE C 270 22.71 5.35 69.55
N CYS C 271 22.54 4.78 70.74
CA CYS C 271 22.24 5.58 71.92
C CYS C 271 23.36 6.55 72.21
N TRP C 272 24.61 6.08 72.17
CA TRP C 272 25.75 6.95 72.44
C TRP C 272 25.83 8.07 71.42
N LEU C 273 25.68 7.74 70.13
CA LEU C 273 25.78 8.77 69.10
C LEU C 273 24.64 9.78 69.23
N THR C 274 23.43 9.32 69.52
CA THR C 274 22.31 10.24 69.70
C THR C 274 22.55 11.17 70.87
N GLY C 275 23.04 10.65 71.99
CA GLY C 275 23.35 11.50 73.12
C GLY C 275 24.44 12.51 72.80
N LEU C 276 25.49 12.06 72.11
CA LEU C 276 26.58 12.95 71.76
C LEU C 276 26.10 14.09 70.86
N LEU C 277 25.30 13.76 69.84
CA LEU C 277 24.81 14.79 68.93
C LEU C 277 23.81 15.70 69.63
N GLU C 278 23.00 15.16 70.54
CA GLU C 278 22.10 16.02 71.32
C GLU C 278 22.88 17.02 72.16
N LYS C 279 23.96 16.57 72.79
CA LYS C 279 24.78 17.48 73.58
C LYS C 279 25.51 18.49 72.70
N TRP C 280 25.91 18.07 71.49
CA TRP C 280 26.59 18.95 70.55
C TRP C 280 25.64 19.59 69.55
N ARG C 281 24.36 19.67 69.87
CA ARG C 281 23.37 20.21 68.94
C ARG C 281 23.77 21.58 68.40
N PHE C 282 24.18 22.49 69.27
CA PHE C 282 24.46 23.86 68.90
C PHE C 282 25.94 24.08 68.55
N ASN C 283 26.84 23.47 69.32
CA ASN C 283 28.27 23.46 69.02
C ASN C 283 28.89 22.21 69.60
N ALA C 284 30.21 22.09 69.45
CA ALA C 284 30.99 21.02 70.04
C ALA C 284 32.43 21.49 70.27
N PRO C 285 33.10 20.96 71.29
CA PRO C 285 34.54 21.23 71.41
C PRO C 285 35.29 20.74 70.20
N GLU C 286 36.29 21.52 69.78
CA GLU C 286 37.02 21.18 68.56
C GLU C 286 37.71 19.83 68.70
N GLY C 287 38.37 19.59 69.84
CA GLY C 287 39.12 18.36 70.01
C GLY C 287 38.22 17.14 70.02
N LEU C 288 37.11 17.20 70.74
CA LEU C 288 36.20 16.05 70.80
C LEU C 288 35.49 15.84 69.48
N GLU C 289 35.16 16.92 68.77
CA GLU C 289 34.60 16.77 67.43
C GLU C 289 35.59 16.11 66.49
N ARG C 290 36.87 16.47 66.61
CA ARG C 290 37.89 15.81 65.80
C ARG C 290 38.04 14.34 66.19
N LEU C 291 37.88 14.04 67.48
CA LEU C 291 37.90 12.64 67.89
C LEU C 291 36.76 11.86 67.26
N LEU C 292 35.57 12.45 67.23
CA LEU C 292 34.44 11.80 66.55
C LEU C 292 34.72 11.64 65.06
N TRP C 293 35.32 12.66 64.44
CA TRP C 293 35.68 12.57 63.04
C TRP C 293 36.64 11.42 62.79
N ILE C 294 37.65 11.27 63.65
CA ILE C 294 38.62 10.20 63.50
C ILE C 294 37.95 8.85 63.70
N TYR C 295 37.05 8.74 64.66
CA TYR C 295 36.32 7.50 64.87
C TYR C 295 35.54 7.11 63.63
N LEU C 296 34.82 8.07 63.05
CA LEU C 296 34.04 7.79 61.85
C LEU C 296 34.94 7.39 60.69
N LEU C 297 36.06 8.09 60.52
CA LEU C 297 36.99 7.76 59.44
C LEU C 297 37.56 6.36 59.62
N ILE C 298 37.95 6.01 60.84
CA ILE C 298 38.50 4.68 61.11
C ILE C 298 37.46 3.61 60.81
N GLN C 299 36.22 3.83 61.28
CA GLN C 299 35.15 2.87 61.03
C GLN C 299 34.94 2.68 59.53
N ASN C 300 34.86 3.78 58.78
CA ASN C 300 34.61 3.68 57.35
C ASN C 300 35.77 3.00 56.63
N GLN C 301 37.01 3.30 57.02
CA GLN C 301 38.16 2.64 56.40
C GLN C 301 38.13 1.14 56.67
N TYR C 302 37.84 0.75 57.92
CA TYR C 302 37.76 -0.66 58.25
C TYR C 302 36.67 -1.35 57.45
N LEU C 303 35.50 -0.72 57.32
CA LEU C 303 34.41 -1.32 56.56
C LEU C 303 34.77 -1.44 55.09
N THR C 304 35.45 -0.44 54.52
CA THR C 304 35.89 -0.53 53.14
C THR C 304 36.82 -1.71 52.94
N LEU C 305 37.83 -1.84 53.82
CA LEU C 305 38.75 -2.96 53.73
C LEU C 305 38.01 -4.28 53.85
N LEU C 306 37.08 -4.38 54.80
CA LEU C 306 36.36 -5.63 55.04
C LEU C 306 35.50 -6.01 53.83
N VAL C 307 34.76 -5.05 53.26
CA VAL C 307 33.92 -5.37 52.12
C VAL C 307 34.75 -5.74 50.91
N GLN C 308 35.91 -5.13 50.73
CA GLN C 308 36.73 -5.44 49.57
C GLN C 308 37.55 -6.72 49.73
N ARG C 309 37.53 -7.34 50.90
CA ARG C 309 38.16 -8.65 51.05
C ARG C 309 37.35 -9.70 50.30
N THR C 322 39.10 -16.21 59.05
CA THR C 322 38.48 -17.49 59.33
C THR C 322 38.02 -17.43 60.76
N MET C 323 38.88 -16.80 61.55
CA MET C 323 38.80 -16.86 63.00
C MET C 323 37.65 -16.02 63.55
N THR C 324 37.63 -14.73 63.20
CA THR C 324 36.50 -13.89 63.55
C THR C 324 35.21 -14.53 63.05
N GLU C 325 35.28 -15.26 61.95
CA GLU C 325 34.12 -16.02 61.48
C GLU C 325 33.79 -17.17 62.44
N LEU C 326 34.81 -17.86 62.95
CA LEU C 326 34.56 -18.89 63.95
C LEU C 326 33.79 -18.31 65.11
N ARG C 327 34.07 -17.07 65.46
CA ARG C 327 33.36 -16.43 66.57
C ARG C 327 31.89 -16.19 66.27
N GLU C 328 31.46 -16.37 65.02
CA GLU C 328 30.05 -16.41 64.68
C GLU C 328 29.48 -17.82 64.74
N GLU C 329 30.04 -18.69 65.58
CA GLU C 329 29.61 -20.08 65.75
C GLU C 329 28.83 -20.27 67.05
N THR C 330 28.08 -19.25 67.45
CA THR C 330 27.17 -19.32 68.59
C THR C 330 25.75 -19.10 68.10
N GLU C 331 24.77 -19.39 68.97
CA GLU C 331 23.37 -19.18 68.59
C GLU C 331 22.93 -17.74 68.89
N LYS C 332 23.75 -16.77 68.48
CA LYS C 332 23.57 -15.31 68.59
C LYS C 332 23.58 -14.63 67.24
N SER C 333 24.62 -14.85 66.44
CA SER C 333 24.67 -14.24 65.12
C SER C 333 23.53 -14.76 64.26
N TYR C 334 23.21 -16.06 64.37
CA TYR C 334 22.11 -16.61 63.59
C TYR C 334 20.76 -16.14 64.12
N LEU C 335 20.62 -16.02 65.44
CA LEU C 335 19.37 -15.48 65.99
C LEU C 335 19.14 -14.05 65.53
N SER C 336 20.20 -13.23 65.54
CA SER C 336 20.09 -11.87 65.03
C SER C 336 19.79 -11.88 63.54
N ARG C 337 20.41 -12.80 62.80
CA ARG C 337 20.13 -12.94 61.38
C ARG C 337 18.66 -13.18 61.12
N PHE C 338 18.06 -14.10 61.87
CA PHE C 338 16.66 -14.44 61.66
C PHE C 338 15.75 -13.32 62.13
N LYS C 339 16.07 -12.69 63.26
CA LYS C 339 15.28 -11.56 63.72
C LYS C 339 15.33 -10.40 62.72
N HIS C 340 16.47 -10.21 62.06
CA HIS C 340 16.61 -9.15 61.08
C HIS C 340 15.88 -9.48 59.78
N ALA C 341 15.96 -10.74 59.33
CA ALA C 341 15.19 -11.16 58.17
C ALA C 341 13.70 -10.95 58.44
N HIS C 342 13.23 -11.35 59.62
CA HIS C 342 11.93 -10.93 60.10
C HIS C 342 11.92 -9.42 60.28
N GLY C 343 10.84 -8.78 59.84
CA GLY C 343 10.75 -7.34 60.00
C GLY C 343 10.48 -6.94 61.44
N ALA C 344 9.96 -5.74 61.64
CA ALA C 344 9.53 -5.30 62.96
C ALA C 344 8.10 -5.69 63.27
N GLY C 345 7.39 -6.28 62.31
CA GLY C 345 6.01 -6.66 62.50
C GLY C 345 5.87 -8.10 62.98
N VAL C 346 4.61 -8.51 63.14
CA VAL C 346 4.31 -9.86 63.63
C VAL C 346 4.64 -10.90 62.57
N TYR C 347 4.35 -10.60 61.32
CA TYR C 347 4.57 -11.49 60.19
C TYR C 347 5.87 -11.15 59.49
N SER C 348 6.68 -12.18 59.24
CA SER C 348 8.03 -11.96 58.73
C SER C 348 8.01 -11.38 57.33
N GLN C 349 8.92 -10.44 57.08
CA GLN C 349 9.12 -9.89 55.75
C GLN C 349 9.69 -10.91 54.78
N VAL C 350 10.52 -11.83 55.28
CA VAL C 350 11.19 -12.83 54.47
C VAL C 350 10.56 -14.19 54.77
N ARG C 351 10.09 -14.86 53.72
CA ARG C 351 9.41 -16.14 53.89
C ARG C 351 10.37 -17.33 53.81
N TYR C 352 11.09 -17.45 52.70
CA TYR C 352 11.98 -18.58 52.46
C TYR C 352 13.42 -18.08 52.45
N LEU C 353 14.18 -18.41 53.49
CA LEU C 353 15.56 -17.96 53.63
C LEU C 353 16.50 -19.12 53.41
N GLU C 354 17.43 -18.95 52.47
CA GLU C 354 18.53 -19.88 52.26
C GLU C 354 19.73 -19.34 53.02
N GLY C 355 20.31 -20.16 53.90
CA GLY C 355 21.44 -19.92 54.78
C GLY C 355 22.64 -20.73 54.36
N ARG C 356 23.68 -20.05 53.88
CA ARG C 356 24.84 -20.69 53.31
C ARG C 356 26.01 -20.57 54.29
N PHE C 357 26.67 -21.70 54.55
CA PHE C 357 27.76 -21.73 55.52
C PHE C 357 28.90 -22.60 54.99
N ALA C 358 30.12 -22.25 55.37
CA ALA C 358 31.28 -23.03 54.94
C ALA C 358 31.34 -24.33 55.73
N PRO C 359 31.43 -25.49 55.05
CA PRO C 359 31.51 -26.76 55.78
C PRO C 359 32.90 -26.94 56.39
N LYS C 360 32.93 -27.39 57.64
CA LYS C 360 34.16 -27.54 58.38
C LYS C 360 34.77 -28.92 58.16
N SER C 361 36.11 -28.95 58.16
CA SER C 361 36.87 -30.18 57.97
C SER C 361 36.99 -31.01 59.24
N ASP C 362 36.48 -30.49 60.36
CA ASP C 362 36.47 -31.20 61.63
C ASP C 362 35.05 -31.58 61.98
N PRO C 363 34.75 -32.87 62.18
CA PRO C 363 33.35 -33.25 62.48
C PRO C 363 32.78 -32.52 63.68
N ASN C 364 33.61 -32.34 64.71
CA ASN C 364 33.20 -31.57 65.87
C ASN C 364 32.80 -30.15 65.49
N LYS C 365 33.64 -29.45 64.74
CA LYS C 365 33.33 -28.08 64.35
C LYS C 365 32.08 -28.02 63.48
N MET C 366 31.87 -29.02 62.62
CA MET C 366 30.68 -29.05 61.79
C MET C 366 29.42 -29.24 62.61
N GLN C 367 29.42 -30.23 63.51
CA GLN C 367 28.30 -30.41 64.42
C GLN C 367 28.06 -29.12 65.18
N LYS C 368 29.14 -28.46 65.56
CA LYS C 368 29.09 -27.24 66.34
C LYS C 368 28.36 -26.14 65.59
N LEU C 369 28.81 -25.88 64.37
CA LEU C 369 28.21 -24.85 63.56
C LEU C 369 26.73 -25.14 63.31
N LEU C 370 26.41 -26.41 63.04
CA LEU C 370 25.03 -26.74 62.70
C LEU C 370 24.11 -26.64 63.92
N PHE C 371 24.60 -27.07 65.09
CA PHE C 371 23.82 -26.89 66.30
C PHE C 371 23.58 -25.41 66.57
N SER C 372 24.60 -24.58 66.38
CA SER C 372 24.41 -23.15 66.57
C SER C 372 23.32 -22.61 65.66
N VAL C 373 23.39 -22.95 64.37
CA VAL C 373 22.41 -22.42 63.41
C VAL C 373 21.01 -22.89 63.78
N LEU C 374 20.85 -24.18 64.03
CA LEU C 374 19.53 -24.74 64.31
C LEU C 374 18.96 -24.17 65.61
N ARG C 375 19.80 -23.99 66.63
CA ARG C 375 19.30 -23.47 67.90
C ARG C 375 18.94 -22.00 67.78
N GLY C 376 19.71 -21.23 67.00
CA GLY C 376 19.31 -19.86 66.75
C GLY C 376 17.97 -19.78 66.05
N TYR C 377 17.76 -20.64 65.06
CA TYR C 377 16.47 -20.70 64.38
C TYR C 377 15.35 -21.06 65.35
N TRP C 378 15.60 -22.04 66.23
CA TRP C 378 14.58 -22.44 67.19
C TRP C 378 14.24 -21.31 68.15
N GLU C 379 15.25 -20.59 68.63
CA GLU C 379 14.98 -19.46 69.52
C GLU C 379 14.19 -18.38 68.81
N TYR C 380 14.54 -18.09 67.55
CA TYR C 380 13.78 -17.13 66.78
C TYR C 380 12.32 -17.55 66.65
N LEU C 381 12.08 -18.84 66.39
CA LEU C 381 10.71 -19.32 66.28
C LEU C 381 9.98 -19.25 67.63
N SER C 382 10.68 -19.58 68.71
CA SER C 382 10.07 -19.51 70.04
C SER C 382 9.66 -18.10 70.41
N ALA C 383 10.37 -17.10 69.90
CA ALA C 383 9.99 -15.71 70.15
C ALA C 383 8.81 -15.26 69.31
N HIS C 384 8.25 -16.11 68.46
CA HIS C 384 7.13 -15.74 67.61
C HIS C 384 5.96 -16.72 67.65
N MET C 385 6.12 -17.91 68.23
CA MET C 385 4.99 -18.81 68.43
C MET C 385 5.10 -19.49 69.78
N SER C 386 3.95 -19.82 70.35
CA SER C 386 3.85 -20.51 71.63
C SER C 386 3.29 -21.91 71.39
N MET C 387 4.05 -22.93 71.81
CA MET C 387 3.65 -24.31 71.61
C MET C 387 4.43 -25.18 72.59
N GLU C 388 3.96 -26.41 72.77
CA GLU C 388 4.66 -27.38 73.59
C GLU C 388 5.96 -27.78 72.88
N TRP C 389 7.09 -27.39 73.46
CA TRP C 389 8.38 -27.49 72.78
C TRP C 389 9.15 -28.75 73.14
N VAL C 390 8.52 -29.72 73.82
CA VAL C 390 9.20 -30.95 74.22
C VAL C 390 10.37 -30.61 75.14
N HIS C 391 11.55 -30.41 74.55
CA HIS C 391 12.73 -29.96 75.27
C HIS C 391 12.72 -28.44 75.34
N GLU C 392 12.40 -27.90 76.51
CA GLU C 392 12.36 -26.45 76.65
C GLU C 392 13.74 -25.85 76.46
N LYS C 393 14.79 -26.62 76.74
CA LYS C 393 16.17 -26.16 76.61
C LYS C 393 16.97 -27.19 75.85
N PRO C 394 16.85 -27.22 74.52
CA PRO C 394 17.62 -28.19 73.74
C PRO C 394 19.11 -27.97 73.88
N LEU C 395 19.86 -29.07 73.95
CA LEU C 395 21.31 -29.05 74.05
C LEU C 395 22.01 -29.72 72.89
N THR C 396 21.31 -30.58 72.15
CA THR C 396 21.88 -31.33 71.06
C THR C 396 21.07 -31.12 69.79
N ILE C 397 21.68 -31.45 68.66
CA ILE C 397 21.01 -31.31 67.37
C ILE C 397 19.74 -32.17 67.34
N SER C 398 19.80 -33.36 67.95
CA SER C 398 18.62 -34.20 68.00
C SER C 398 17.48 -33.53 68.74
N GLN C 399 17.77 -32.89 69.88
CA GLN C 399 16.73 -32.20 70.63
C GLN C 399 16.19 -31.00 69.86
N VAL C 400 17.08 -30.24 69.21
CA VAL C 400 16.62 -29.10 68.42
C VAL C 400 15.71 -29.57 67.28
N LEU C 401 16.06 -30.70 66.67
CA LEU C 401 15.22 -31.23 65.59
C LEU C 401 13.89 -31.73 66.11
N ASP C 402 13.89 -32.35 67.30
CA ASP C 402 12.63 -32.72 67.94
C ASP C 402 11.76 -31.50 68.12
N ASN C 403 12.36 -30.39 68.56
CA ASN C 403 11.61 -29.14 68.70
C ASN C 403 11.07 -28.68 67.35
N LEU C 404 11.91 -28.67 66.32
CA LEU C 404 11.55 -28.07 65.04
C LEU C 404 10.55 -28.91 64.27
N GLU C 405 10.46 -30.21 64.56
CA GLU C 405 9.50 -31.05 63.85
C GLU C 405 8.06 -30.59 64.08
N LEU C 406 7.79 -29.90 65.19
CA LEU C 406 6.46 -29.46 65.52
C LEU C 406 6.06 -28.18 64.79
N VAL C 407 6.99 -27.53 64.11
CA VAL C 407 6.72 -26.24 63.49
C VAL C 407 6.05 -26.47 62.14
N GLU C 408 4.88 -25.89 61.95
CA GLU C 408 4.14 -26.00 60.70
C GLU C 408 4.49 -24.84 59.78
N PRO C 409 4.46 -25.06 58.45
CA PRO C 409 4.76 -23.95 57.53
C PRO C 409 3.57 -23.01 57.35
N HIS C 410 3.13 -22.41 58.46
CA HIS C 410 2.01 -21.48 58.41
C HIS C 410 2.35 -20.27 57.56
N GLY C 411 3.57 -19.76 57.68
CA GLY C 411 4.01 -18.58 56.95
C GLY C 411 4.27 -17.37 57.82
N LYS C 412 4.11 -17.48 59.13
CA LYS C 412 4.32 -16.34 60.01
C LYS C 412 5.79 -15.96 60.09
N CYS C 413 6.68 -16.94 60.18
CA CYS C 413 8.09 -16.73 60.41
C CYS C 413 8.90 -17.17 59.19
N VAL C 414 10.21 -16.97 59.26
CA VAL C 414 11.10 -17.41 58.20
C VAL C 414 11.16 -18.93 58.21
N GLU C 415 11.42 -19.50 57.04
CA GLU C 415 11.64 -20.94 56.88
C GLU C 415 13.06 -21.12 56.36
N LEU C 416 13.87 -21.85 57.13
CA LEU C 416 15.30 -21.96 56.89
C LEU C 416 15.59 -23.14 55.97
N ALA C 417 16.52 -22.93 55.04
CA ALA C 417 17.09 -24.00 54.24
C ALA C 417 18.61 -23.82 54.24
N LEU C 418 19.32 -24.80 54.79
CA LEU C 418 20.76 -24.71 54.94
C LEU C 418 21.46 -25.26 53.70
N VAL C 419 22.47 -24.53 53.25
CA VAL C 419 23.26 -24.93 52.08
C VAL C 419 24.74 -24.81 52.45
N PRO C 420 25.44 -25.93 52.63
CA PRO C 420 26.90 -25.86 52.78
C PRO C 420 27.57 -25.41 51.50
N HIS C 421 28.63 -24.63 51.66
CA HIS C 421 29.49 -24.18 50.58
C HIS C 421 30.40 -25.31 50.14
N PHE C 422 31.23 -24.99 49.14
CA PHE C 422 32.46 -25.73 48.89
C PHE C 422 33.42 -24.72 48.28
N ILE C 423 34.44 -24.35 49.06
CA ILE C 423 35.40 -23.33 48.64
C ILE C 423 36.43 -23.97 47.73
N LYS C 424 36.55 -23.44 46.51
CA LYS C 424 37.52 -23.94 45.55
C LYS C 424 38.80 -23.11 45.66
N ARG C 425 39.94 -23.81 45.73
CA ARG C 425 41.24 -23.18 45.86
C ARG C 425 42.06 -23.46 44.61
N LYS C 426 43.04 -22.59 44.36
CA LYS C 426 43.89 -22.75 43.20
C LYS C 426 44.73 -24.03 43.33
N PRO C 427 45.03 -24.69 42.20
CA PRO C 427 45.85 -25.90 42.27
C PRO C 427 47.26 -25.57 42.76
N LYS C 428 47.87 -26.53 43.44
CA LYS C 428 49.19 -26.31 44.03
C LYS C 428 50.29 -26.81 43.09
N ASN C 429 51.54 -26.57 43.50
CA ASN C 429 52.67 -26.79 42.62
C ASN C 429 52.78 -28.25 42.21
N GLY C 430 52.66 -29.17 43.17
CA GLY C 430 52.84 -30.58 42.89
C GLY C 430 51.73 -31.46 43.42
N GLU C 431 51.05 -32.16 42.51
CA GLU C 431 50.00 -33.09 42.88
C GLU C 431 49.83 -34.08 41.75
N ALA C 432 49.14 -35.19 42.06
CA ALA C 432 48.94 -36.24 41.06
C ALA C 432 48.23 -35.70 39.84
N TYR C 433 47.12 -35.01 40.05
CA TYR C 433 46.34 -34.38 38.99
C TYR C 433 45.90 -33.00 39.46
N PRO C 434 45.53 -32.12 38.54
CA PRO C 434 45.14 -30.76 38.97
C PRO C 434 44.00 -30.80 39.97
N HIS C 435 44.11 -29.96 40.99
CA HIS C 435 43.11 -29.88 42.06
C HIS C 435 42.95 -31.21 42.78
N ALA C 436 44.01 -32.01 42.88
CA ALA C 436 43.93 -33.27 43.61
C ALA C 436 43.72 -33.01 45.10
N LEU C 437 44.53 -32.12 45.69
CA LEU C 437 44.41 -31.83 47.11
C LEU C 437 43.11 -31.09 47.41
N LEU C 438 42.69 -30.20 46.50
CA LEU C 438 41.40 -29.54 46.66
C LEU C 438 40.25 -30.55 46.63
N PHE C 439 40.26 -31.42 45.62
CA PHE C 439 39.22 -32.46 45.56
C PHE C 439 39.25 -33.29 46.82
N LYS C 440 40.44 -33.56 47.36
CA LYS C 440 40.55 -34.22 48.65
C LYS C 440 39.78 -33.49 49.74
N ASP C 441 40.19 -32.25 50.01
CA ASP C 441 39.61 -31.52 51.13
C ASP C 441 38.09 -31.46 50.99
N LEU C 442 37.63 -31.30 49.75
CA LEU C 442 36.20 -31.37 49.48
C LEU C 442 35.65 -32.75 49.82
N LYS C 443 36.43 -33.80 49.54
CA LYS C 443 35.99 -35.15 49.84
C LYS C 443 35.81 -35.33 51.34
N ASN C 444 36.76 -34.84 52.14
CA ASN C 444 36.65 -34.98 53.58
C ASN C 444 35.47 -34.18 54.12
N GLN C 445 35.29 -32.95 53.61
CA GLN C 445 34.15 -32.16 54.04
C GLN C 445 32.83 -32.84 53.70
N ALA C 446 32.73 -33.38 52.48
CA ALA C 446 31.52 -34.07 52.08
C ALA C 446 31.32 -35.33 52.91
N ALA C 447 32.41 -36.03 53.26
CA ALA C 447 32.28 -37.20 54.12
C ALA C 447 31.71 -36.81 55.47
N ILE C 448 32.23 -35.73 56.06
CA ILE C 448 31.69 -35.27 57.34
C ILE C 448 30.21 -34.96 57.20
N LEU C 449 29.82 -34.27 56.12
CA LEU C 449 28.42 -33.93 55.91
C LEU C 449 27.56 -35.18 55.80
N MET C 450 28.02 -36.18 55.04
CA MET C 450 27.26 -37.41 54.86
C MET C 450 27.14 -38.19 56.17
N ASP C 451 28.21 -38.25 56.96
CA ASP C 451 28.09 -38.91 58.27
C ASP C 451 27.10 -38.18 59.18
N MET C 452 27.08 -36.85 59.12
CA MET C 452 26.08 -36.11 59.88
C MET C 452 24.67 -36.48 59.42
N LEU C 453 24.43 -36.43 58.11
CA LEU C 453 23.11 -36.75 57.60
C LEU C 453 22.70 -38.18 57.98
N LYS C 454 23.67 -39.11 57.95
CA LYS C 454 23.38 -40.45 58.42
C LYS C 454 22.93 -40.43 59.87
N SER C 455 23.85 -40.07 60.76
CA SER C 455 23.59 -40.18 62.18
C SER C 455 22.35 -39.41 62.59
N GLU C 456 21.85 -38.54 61.71
CA GLU C 456 20.60 -37.83 61.95
C GLU C 456 19.88 -37.65 60.61
N PRO C 457 19.05 -38.62 60.22
CA PRO C 457 18.34 -38.48 58.93
C PRO C 457 17.46 -37.24 58.86
N ARG C 458 16.95 -36.77 59.99
CA ARG C 458 16.07 -35.60 59.97
C ARG C 458 16.80 -34.35 59.49
N LEU C 459 18.14 -34.35 59.48
CA LEU C 459 18.88 -33.20 58.99
C LEU C 459 18.74 -33.00 57.49
N THR C 460 18.18 -33.97 56.78
CA THR C 460 17.93 -33.78 55.34
C THR C 460 16.78 -32.81 55.10
N GLY C 461 15.93 -32.59 56.09
CA GLY C 461 14.88 -31.60 55.99
C GLY C 461 15.33 -30.18 56.24
N TRP C 462 16.58 -29.99 56.63
CA TRP C 462 17.13 -28.67 56.88
C TRP C 462 18.39 -28.37 56.08
N ILE C 463 19.15 -29.38 55.68
CA ILE C 463 20.28 -29.22 54.79
C ILE C 463 19.78 -29.58 53.40
N ARG C 464 19.47 -28.56 52.60
CA ARG C 464 18.91 -28.73 51.26
C ARG C 464 19.81 -27.99 50.28
N GLY C 465 20.85 -28.66 49.82
CA GLY C 465 21.68 -28.11 48.77
C GLY C 465 23.14 -28.07 49.14
N VAL C 466 23.97 -28.35 48.15
CA VAL C 466 25.40 -28.12 48.25
C VAL C 466 25.78 -27.12 47.17
N ASP C 467 26.13 -25.91 47.60
CA ASP C 467 26.63 -24.89 46.70
C ASP C 467 28.14 -24.92 46.69
N ALA C 468 28.73 -24.71 45.51
CA ALA C 468 30.18 -24.51 45.39
C ALA C 468 30.42 -23.07 44.94
N ALA C 469 30.77 -22.23 45.90
CA ALA C 469 31.15 -20.83 45.65
C ALA C 469 32.66 -20.72 45.66
N ALA C 470 33.17 -19.50 45.73
CA ALA C 470 34.56 -19.07 45.70
C ALA C 470 34.94 -18.73 44.27
N ASN C 471 36.21 -18.43 44.04
CA ASN C 471 36.70 -17.95 42.77
C ASN C 471 36.51 -18.99 41.69
N GLU C 472 36.06 -18.54 40.51
CA GLU C 472 35.74 -19.48 39.44
C GLU C 472 36.99 -20.13 38.88
N MET C 473 38.03 -19.32 38.66
CA MET C 473 39.23 -19.70 37.93
C MET C 473 40.07 -20.70 38.69
N HIS C 474 39.75 -20.93 39.97
CA HIS C 474 40.55 -21.77 40.83
C HIS C 474 40.18 -23.24 40.72
N ALA C 475 38.96 -23.55 40.25
CA ALA C 475 38.53 -24.90 40.04
C ALA C 475 37.37 -24.91 39.04
N PRO C 476 37.44 -25.73 38.00
CA PRO C 476 36.34 -25.75 37.02
C PRO C 476 35.14 -26.52 37.54
N PRO C 477 33.98 -26.36 36.93
CA PRO C 477 32.79 -27.10 37.39
C PRO C 477 32.95 -28.61 37.31
N GLU C 478 33.70 -29.11 36.34
CA GLU C 478 33.80 -30.56 36.17
C GLU C 478 34.45 -31.24 37.36
N LEU C 479 35.15 -30.50 38.22
CA LEU C 479 35.80 -31.10 39.38
C LEU C 479 34.79 -31.50 40.45
N PHE C 480 33.67 -30.79 40.55
CA PHE C 480 32.69 -31.02 41.60
C PHE C 480 31.62 -32.04 41.23
N CYS C 481 31.61 -32.52 39.99
CA CYS C 481 30.55 -33.44 39.57
C CYS C 481 30.52 -34.72 40.39
N PRO C 482 31.63 -35.43 40.60
CA PRO C 482 31.56 -36.63 41.45
C PRO C 482 31.04 -36.34 42.85
N LEU C 483 31.50 -35.23 43.43
CA LEU C 483 31.07 -34.86 44.78
C LEU C 483 29.56 -34.62 44.81
N PHE C 484 29.04 -33.88 43.82
CA PHE C 484 27.62 -33.59 43.80
C PHE C 484 26.79 -34.85 43.58
N ARG C 485 27.26 -35.77 42.73
CA ARG C 485 26.56 -37.04 42.55
C ARG C 485 26.48 -37.83 43.86
N VAL C 486 27.63 -37.97 44.53
CA VAL C 486 27.65 -38.72 45.78
C VAL C 486 26.76 -38.07 46.82
N LEU C 487 26.77 -36.74 46.90
CA LEU C 487 25.90 -36.06 47.85
C LEU C 487 24.43 -36.24 47.50
N ALA C 488 24.10 -36.18 46.21
CA ALA C 488 22.73 -36.45 45.78
C ALA C 488 22.25 -37.78 46.35
N LYS C 489 23.10 -38.80 46.29
CA LYS C 489 22.70 -40.09 46.86
C LYS C 489 22.71 -40.08 48.39
N SER C 490 23.62 -39.35 49.01
CA SER C 490 23.62 -39.25 50.47
C SER C 490 22.38 -38.53 50.98
N GLY C 491 21.61 -37.92 50.09
CA GLY C 491 20.34 -37.33 50.46
C GLY C 491 20.27 -35.83 50.31
N ILE C 492 21.24 -35.22 49.62
CA ILE C 492 21.27 -33.79 49.42
C ILE C 492 20.53 -33.45 48.14
N ALA C 493 19.32 -32.93 48.26
CA ALA C 493 18.54 -32.42 47.15
C ALA C 493 19.02 -31.02 46.80
N HIS C 494 18.89 -30.66 45.53
CA HIS C 494 19.21 -29.34 45.01
C HIS C 494 20.72 -29.10 45.03
N PHE C 495 21.23 -28.55 43.94
CA PHE C 495 22.64 -28.25 43.83
C PHE C 495 22.83 -26.84 43.28
N THR C 496 23.90 -26.18 43.73
CA THR C 496 24.19 -24.83 43.26
C THR C 496 25.67 -24.71 42.99
N TYR C 497 26.02 -23.86 42.03
CA TYR C 497 27.41 -23.70 41.63
C TYR C 497 27.61 -22.32 41.01
N HIS C 498 28.50 -21.54 41.58
CA HIS C 498 28.80 -20.21 41.04
C HIS C 498 29.46 -20.33 39.67
N VAL C 499 28.87 -19.68 38.67
CA VAL C 499 29.41 -19.69 37.32
C VAL C 499 29.20 -18.31 36.69
N GLY C 500 30.14 -17.92 35.83
CA GLY C 500 30.01 -16.70 35.07
C GLY C 500 30.36 -15.43 35.80
N GLU C 501 30.84 -15.50 37.04
CA GLU C 501 31.15 -14.31 37.81
C GLU C 501 32.39 -13.60 37.28
N ASP C 502 33.56 -14.25 37.36
CA ASP C 502 34.81 -13.69 36.86
C ASP C 502 35.43 -14.66 35.88
N PHE C 503 35.79 -14.16 34.70
CA PHE C 503 36.27 -14.96 33.59
C PHE C 503 37.36 -14.19 32.86
N PRO C 504 38.38 -14.88 32.33
CA PRO C 504 39.38 -14.17 31.52
C PRO C 504 38.79 -13.61 30.24
N HIS C 505 37.72 -14.20 29.73
CA HIS C 505 37.07 -13.74 28.52
C HIS C 505 35.57 -14.05 28.63
N LEU C 506 34.77 -13.27 27.90
CA LEU C 506 33.33 -13.50 27.90
C LEU C 506 32.99 -14.88 27.34
N ILE C 507 33.71 -15.27 26.28
CA ILE C 507 33.53 -16.62 25.76
C ILE C 507 33.88 -17.66 26.81
N SER C 508 34.93 -17.38 27.60
CA SER C 508 35.31 -18.29 28.67
C SER C 508 34.20 -18.43 29.70
N GLY C 509 33.57 -17.31 30.08
CA GLY C 509 32.48 -17.38 31.04
C GLY C 509 31.27 -18.14 30.51
N ILE C 510 30.91 -17.88 29.25
CA ILE C 510 29.80 -18.60 28.64
C ILE C 510 30.11 -20.08 28.57
N ARG C 511 31.35 -20.43 28.22
CA ARG C 511 31.76 -21.82 28.18
C ARG C 511 31.71 -22.45 29.56
N SER C 512 32.08 -21.70 30.59
CA SER C 512 32.00 -22.21 31.96
C SER C 512 30.56 -22.53 32.33
N ILE C 513 29.63 -21.64 31.98
CA ILE C 513 28.23 -21.91 32.28
C ILE C 513 27.76 -23.16 31.54
N ASP C 514 28.14 -23.30 30.27
CA ASP C 514 27.74 -24.48 29.49
C ASP C 514 28.33 -25.76 30.08
N ASP C 515 29.59 -25.70 30.51
CA ASP C 515 30.21 -26.86 31.14
C ASP C 515 29.49 -27.23 32.44
N ALA C 516 29.13 -26.22 33.24
CA ALA C 516 28.36 -26.50 34.44
C ALA C 516 27.04 -27.18 34.09
N LEU C 517 26.37 -26.70 33.03
CA LEU C 517 25.10 -27.29 32.63
C LEU C 517 25.27 -28.75 32.22
N ARG C 518 26.27 -29.04 31.40
CA ARG C 518 26.39 -30.36 30.79
C ARG C 518 27.27 -31.32 31.57
N PHE C 519 27.79 -30.91 32.72
CA PHE C 519 28.58 -31.81 33.56
C PHE C 519 28.01 -31.96 34.97
N LEU C 520 27.54 -30.89 35.58
CA LEU C 520 26.99 -31.00 36.93
C LEU C 520 25.66 -31.74 36.91
N PRO C 521 25.33 -32.46 37.99
CA PRO C 521 24.04 -33.17 38.05
C PRO C 521 22.89 -32.24 38.42
N LEU C 522 22.69 -31.20 37.62
CA LEU C 522 21.63 -30.24 37.86
C LEU C 522 20.31 -30.78 37.36
N ARG C 523 19.35 -30.95 38.27
CA ARG C 523 18.04 -31.50 37.94
C ARG C 523 17.07 -30.35 37.66
N ASN C 524 15.81 -30.69 37.42
CA ASN C 524 14.79 -29.68 37.16
C ASN C 524 14.56 -28.87 38.44
N GLY C 525 14.59 -27.56 38.32
CA GLY C 525 14.38 -26.67 39.44
C GLY C 525 15.64 -26.24 40.17
N ASP C 526 16.81 -26.70 39.75
CA ASP C 526 18.05 -26.31 40.39
C ASP C 526 18.43 -24.89 39.95
N ARG C 527 19.34 -24.28 40.71
CA ARG C 527 19.82 -22.94 40.45
C ARG C 527 21.32 -22.96 40.26
N LEU C 528 21.83 -22.09 39.39
CA LEU C 528 23.26 -22.04 39.13
C LEU C 528 23.97 -20.99 39.97
N GLY C 529 23.63 -19.72 39.81
CA GLY C 529 24.36 -18.67 40.47
C GLY C 529 24.27 -17.34 39.75
N HIS C 530 25.38 -16.60 39.70
CA HIS C 530 25.36 -15.28 39.09
C HIS C 530 25.15 -15.36 37.58
N CYS C 531 25.93 -16.19 36.90
CA CYS C 531 25.81 -16.38 35.46
C CYS C 531 25.89 -15.03 34.72
N THR C 532 26.83 -14.19 35.15
CA THR C 532 27.00 -12.88 34.53
C THR C 532 27.44 -12.98 33.07
N ALA C 533 28.10 -14.07 32.68
CA ALA C 533 28.65 -14.15 31.33
C ALA C 533 27.56 -14.19 30.27
N ILE C 534 26.37 -14.70 30.62
CA ILE C 534 25.26 -14.77 29.67
C ILE C 534 24.28 -13.62 29.85
N GLY C 535 24.58 -12.68 30.75
CA GLY C 535 23.73 -11.51 30.93
C GLY C 535 24.41 -10.23 30.47
N ILE C 536 25.72 -10.16 30.65
CA ILE C 536 26.48 -8.97 30.26
C ILE C 536 26.61 -8.94 28.75
N THR C 537 26.36 -7.79 28.16
CA THR C 537 26.46 -7.69 26.71
C THR C 537 27.93 -7.52 26.29
N PRO C 538 28.29 -8.01 25.11
CA PRO C 538 29.63 -7.73 24.60
C PRO C 538 29.91 -6.23 24.47
N SER C 539 28.90 -5.43 24.15
CA SER C 539 29.09 -3.99 24.10
C SER C 539 29.57 -3.48 25.44
N ILE C 540 28.74 -3.58 26.48
CA ILE C 540 29.24 -3.31 27.83
C ILE C 540 29.71 -4.62 28.43
N TRP C 541 30.83 -5.11 27.94
CA TRP C 541 31.80 -5.91 28.68
C TRP C 541 33.23 -5.48 28.40
N LYS C 542 33.49 -4.86 27.25
CA LYS C 542 34.80 -4.38 26.85
C LYS C 542 34.70 -2.86 26.76
N ARG C 543 34.93 -2.20 27.89
CA ARG C 543 34.83 -0.76 27.99
C ARG C 543 36.10 -0.10 28.50
N SER C 544 36.84 -0.77 29.37
CA SER C 544 38.15 -0.32 29.81
C SER C 544 39.16 -1.46 29.73
N LEU C 545 38.90 -2.45 28.90
CA LEU C 545 39.72 -3.65 28.83
C LEU C 545 40.77 -3.52 27.73
N PRO C 546 41.95 -4.10 27.92
CA PRO C 546 42.97 -4.06 26.87
C PRO C 546 42.51 -4.82 25.63
N LEU C 547 43.03 -4.40 24.48
CA LEU C 547 42.62 -5.00 23.22
C LEU C 547 42.99 -6.47 23.14
N SER C 548 43.91 -6.95 23.99
CA SER C 548 44.28 -8.35 24.05
C SER C 548 44.23 -8.82 25.49
N LEU C 549 43.53 -9.92 25.74
CA LEU C 549 43.45 -10.52 27.06
C LEU C 549 44.17 -11.86 27.05
N SER C 550 44.98 -12.11 28.08
CA SER C 550 45.73 -13.34 28.16
C SER C 550 45.00 -14.34 29.05
N MET C 551 44.96 -15.59 28.60
CA MET C 551 44.31 -16.67 29.33
C MET C 551 45.27 -17.85 29.40
N THR C 552 44.83 -18.92 30.05
CA THR C 552 45.58 -20.16 30.03
C THR C 552 45.24 -20.97 28.79
N LYS C 553 46.18 -21.81 28.37
CA LYS C 553 45.98 -22.61 27.16
C LYS C 553 44.82 -23.58 27.31
N GLU C 554 44.62 -24.13 28.51
CA GLU C 554 43.50 -25.05 28.70
C GLU C 554 42.16 -24.34 28.50
N THR C 555 42.01 -23.15 29.09
CA THR C 555 40.81 -22.36 28.86
C THR C 555 40.65 -21.96 27.41
N ARG C 556 41.75 -21.59 26.74
CA ARG C 556 41.70 -21.22 25.34
C ARG C 556 41.21 -22.38 24.47
N LEU C 557 41.77 -23.58 24.68
CA LEU C 557 41.38 -24.75 23.91
C LEU C 557 39.92 -25.11 24.17
N LEU C 558 39.51 -25.10 25.44
CA LEU C 558 38.13 -25.42 25.76
C LEU C 558 37.18 -24.40 25.16
N ASP C 559 37.56 -23.11 25.18
CA ASP C 559 36.73 -22.08 24.57
C ASP C 559 36.61 -22.29 23.06
N LEU C 560 37.70 -22.65 22.40
CA LEU C 560 37.63 -22.91 20.96
C LEU C 560 36.72 -24.08 20.67
N VAL C 561 36.83 -25.15 21.44
CA VAL C 561 35.97 -26.31 21.24
C VAL C 561 34.51 -25.93 21.47
N PHE C 562 34.24 -25.13 22.50
CA PHE C 562 32.88 -24.68 22.75
C PHE C 562 32.33 -23.83 21.61
N ILE C 563 33.16 -22.92 21.09
CA ILE C 563 32.74 -22.09 19.97
C ILE C 563 32.39 -22.96 18.78
N TRP C 564 33.23 -23.95 18.48
CA TRP C 564 32.94 -24.86 17.38
C TRP C 564 31.62 -25.60 17.63
N ARG C 565 31.46 -26.14 18.83
CA ARG C 565 30.24 -26.92 19.13
C ARG C 565 29.00 -26.07 18.94
N GLU C 566 29.02 -24.82 19.40
CA GLU C 566 27.83 -24.00 19.40
C GLU C 566 27.57 -23.29 18.07
N LEU C 567 28.60 -23.09 17.25
CA LEU C 567 28.43 -22.39 15.98
C LEU C 567 28.56 -23.32 14.77
N ARG C 568 28.66 -24.63 14.98
CA ARG C 568 28.59 -25.58 13.87
C ARG C 568 27.32 -25.36 13.06
N SER C 569 26.17 -25.31 13.73
CA SER C 569 24.88 -25.29 13.07
C SER C 569 24.43 -23.89 12.66
N HIS C 570 25.18 -22.86 13.03
CA HIS C 570 24.78 -21.50 12.71
C HIS C 570 25.22 -21.16 11.29
N PRO C 571 24.30 -20.99 10.33
CA PRO C 571 24.73 -20.72 8.95
C PRO C 571 25.52 -19.43 8.82
N GLU C 572 25.23 -18.43 9.65
CA GLU C 572 25.89 -17.13 9.57
C GLU C 572 27.22 -17.07 10.30
N LEU C 573 27.56 -18.12 11.07
CA LEU C 573 28.78 -18.12 11.88
C LEU C 573 29.64 -19.34 11.58
N LEU C 574 29.44 -19.96 10.42
CA LEU C 574 30.22 -21.14 10.05
C LEU C 574 31.70 -20.81 9.93
N ARG C 575 32.03 -19.61 9.45
CA ARG C 575 33.43 -19.22 9.37
C ARG C 575 34.08 -19.22 10.75
N TYR C 576 33.40 -18.65 11.74
CA TYR C 576 33.94 -18.63 13.09
C TYR C 576 34.04 -20.04 13.66
N ALA C 577 33.05 -20.90 13.38
CA ALA C 577 33.14 -22.27 13.84
C ALA C 577 34.37 -22.99 13.24
N SER C 578 34.59 -22.80 11.94
CA SER C 578 35.71 -23.46 11.28
C SER C 578 37.04 -22.95 11.81
N ASP C 579 37.17 -21.63 11.98
CA ASP C 579 38.41 -21.08 12.52
C ASP C 579 38.64 -21.58 13.94
N ALA C 580 37.58 -21.68 14.74
CA ALA C 580 37.72 -22.22 16.08
C ALA C 580 38.20 -23.66 16.04
N ALA C 581 37.66 -24.46 15.14
CA ALA C 581 38.12 -25.85 15.02
C ALA C 581 39.60 -25.92 14.67
N ILE C 582 40.02 -25.11 13.69
CA ILE C 582 41.40 -25.15 13.24
C ILE C 582 42.34 -24.71 14.37
N GLU C 583 42.00 -23.62 15.04
CA GLU C 583 42.82 -23.15 16.16
C GLU C 583 42.84 -24.17 17.29
N ALA C 584 41.72 -24.84 17.54
CA ALA C 584 41.67 -25.85 18.60
C ALA C 584 42.60 -27.01 18.28
N VAL C 585 42.58 -27.49 17.03
CA VAL C 585 43.48 -28.57 16.65
C VAL C 585 44.93 -28.13 16.84
N ARG C 586 45.25 -26.92 16.40
CA ARG C 586 46.62 -26.42 16.54
C ARG C 586 47.06 -26.37 18.00
N LEU C 587 46.25 -25.73 18.83
CA LEU C 587 46.63 -25.57 20.22
C LEU C 587 46.72 -26.91 20.91
N ALA C 588 45.85 -27.86 20.56
CA ALA C 588 45.97 -29.21 21.08
C ALA C 588 47.28 -29.84 20.66
N HIS C 589 47.75 -29.53 19.44
CA HIS C 589 48.99 -30.13 18.96
C HIS C 589 50.17 -29.85 19.90
N LYS C 590 50.34 -28.63 20.39
CA LYS C 590 51.41 -28.45 21.40
C LYS C 590 50.96 -28.91 22.78
N VAL C 591 49.74 -28.56 23.20
CA VAL C 591 49.35 -28.84 24.59
C VAL C 591 49.54 -30.31 24.89
N PHE C 592 49.22 -31.18 23.93
CA PHE C 592 49.41 -32.61 24.08
C PHE C 592 50.73 -33.10 23.54
N SER C 593 51.53 -32.24 22.90
CA SER C 593 52.78 -32.65 22.28
C SER C 593 52.56 -33.83 21.35
N LEU C 594 51.48 -33.75 20.57
CA LEU C 594 51.07 -34.84 19.71
C LEU C 594 51.86 -34.82 18.41
N GLU C 595 52.22 -36.00 17.93
CA GLU C 595 52.89 -36.08 16.63
C GLU C 595 51.90 -36.42 15.54
N GLU C 596 50.85 -37.16 15.89
CA GLU C 596 49.84 -37.64 14.95
C GLU C 596 48.82 -36.53 14.71
N GLU C 597 47.72 -36.87 14.04
CA GLU C 597 46.66 -35.93 13.74
C GLU C 597 45.47 -36.18 14.66
N VAL C 598 45.00 -35.12 15.32
CA VAL C 598 43.84 -35.17 16.20
C VAL C 598 42.79 -34.24 15.62
N SER C 599 41.60 -34.78 15.35
CA SER C 599 40.51 -33.99 14.80
C SER C 599 39.71 -33.32 15.91
N ILE C 600 38.93 -32.32 15.51
CA ILE C 600 38.08 -31.63 16.47
C ILE C 600 37.06 -32.59 17.07
N THR C 601 36.65 -33.61 16.32
CA THR C 601 35.72 -34.61 16.84
C THR C 601 36.33 -35.35 18.03
N THR C 602 37.57 -35.84 17.87
CA THR C 602 38.20 -36.55 18.98
C THR C 602 38.58 -35.60 20.10
N LEU C 603 38.85 -34.33 19.80
CA LEU C 603 39.03 -33.34 20.86
C LEU C 603 37.75 -33.21 21.69
N ASP C 604 36.60 -33.16 21.02
CA ASP C 604 35.32 -33.14 21.72
C ASP C 604 35.13 -34.38 22.56
N GLN C 605 35.46 -35.54 22.02
CA GLN C 605 35.38 -36.78 22.80
C GLN C 605 36.24 -36.69 24.04
N VAL C 606 37.48 -36.19 23.89
CA VAL C 606 38.40 -36.08 25.02
C VAL C 606 37.81 -35.18 26.09
N PHE C 607 37.24 -34.05 25.68
CA PHE C 607 36.80 -33.04 26.62
C PHE C 607 35.39 -33.29 27.15
N GLU C 608 34.67 -34.30 26.65
CA GLU C 608 33.41 -34.68 27.31
C GLU C 608 33.65 -35.58 28.52
N MET C 609 34.88 -36.01 28.76
CA MET C 609 35.21 -36.91 29.85
C MET C 609 35.73 -36.18 31.07
N ARG C 610 35.61 -34.85 31.10
CA ARG C 610 36.06 -34.08 32.26
C ARG C 610 35.20 -34.34 33.49
N GLY C 611 33.97 -34.81 33.31
CA GLY C 611 33.12 -35.13 34.45
C GLY C 611 33.48 -36.40 35.17
N LEU C 612 34.39 -37.20 34.61
CA LEU C 612 34.82 -38.44 35.25
C LEU C 612 35.72 -38.12 36.44
N LEU C 613 35.56 -38.91 37.50
CA LEU C 613 36.50 -38.83 38.62
C LEU C 613 37.89 -39.21 38.14
N ALA C 614 38.88 -38.40 38.50
CA ALA C 614 40.24 -38.64 38.01
C ALA C 614 40.74 -40.01 38.44
N GLU C 615 40.56 -40.34 39.72
CA GLU C 615 41.02 -41.62 40.27
C GLU C 615 39.90 -42.66 40.27
N SER C 616 39.25 -42.87 39.13
CA SER C 616 38.20 -43.88 39.04
C SER C 616 38.75 -45.19 38.49
N GLU C 617 39.19 -45.18 37.23
CA GLU C 617 39.91 -46.32 36.67
C GLU C 617 41.02 -45.87 35.71
N GLY C 618 41.28 -44.57 35.62
CA GLY C 618 42.26 -44.05 34.67
C GLY C 618 43.41 -43.35 35.36
N LEU C 619 43.56 -43.55 36.65
CA LEU C 619 44.61 -42.90 37.42
C LEU C 619 44.78 -43.56 38.79
N SER C 631 31.40 -46.47 49.98
CA SER C 631 30.32 -47.23 49.38
C SER C 631 29.64 -46.43 48.27
N LEU C 632 29.19 -45.21 48.61
CA LEU C 632 28.53 -44.36 47.63
C LEU C 632 29.49 -43.92 46.54
N TRP C 633 30.80 -43.94 46.80
CA TRP C 633 31.79 -43.55 45.81
C TRP C 633 32.05 -44.64 44.77
N LEU C 634 31.52 -45.83 44.98
CA LEU C 634 31.77 -46.96 44.08
C LEU C 634 31.22 -46.68 42.69
N GLU C 635 30.03 -46.08 42.61
CA GLU C 635 29.40 -45.84 41.32
C GLU C 635 30.30 -45.04 40.40
N GLU C 636 30.84 -43.92 40.89
CA GLU C 636 31.70 -43.09 40.05
C GLU C 636 33.16 -43.53 40.07
N TYR C 637 33.55 -44.43 40.96
CA TYR C 637 34.81 -45.15 40.80
C TYR C 637 34.78 -46.04 39.55
N GLU C 638 33.65 -46.72 39.31
CA GLU C 638 33.49 -47.52 38.09
C GLU C 638 32.85 -46.78 36.94
N ARG C 639 32.44 -45.53 37.10
CA ARG C 639 31.80 -44.84 35.98
C ARG C 639 32.70 -44.84 34.75
N ALA C 640 34.02 -44.87 34.92
CA ALA C 640 34.94 -44.92 33.80
C ALA C 640 34.98 -46.27 33.10
N ARG C 641 34.49 -47.33 33.74
CA ARG C 641 34.58 -48.66 33.15
C ARG C 641 33.77 -48.75 31.86
N GLU C 642 32.59 -48.13 31.82
CA GLU C 642 31.82 -48.11 30.58
C GLU C 642 32.64 -47.47 29.46
N LEU C 643 33.30 -46.35 29.76
CA LEU C 643 34.14 -45.68 28.77
C LEU C 643 35.25 -46.60 28.28
N VAL C 644 35.94 -47.28 29.20
CA VAL C 644 37.07 -48.11 28.80
C VAL C 644 36.58 -49.39 28.13
N LYS C 645 35.29 -49.71 28.30
CA LYS C 645 34.69 -50.84 27.60
C LYS C 645 34.43 -50.52 26.13
N THR C 646 33.91 -49.32 25.85
CA THR C 646 33.68 -48.91 24.47
C THR C 646 34.97 -49.04 23.67
N THR C 647 34.96 -49.94 22.67
CA THR C 647 36.19 -50.25 21.94
C THR C 647 36.75 -49.04 21.22
N GLY C 648 35.90 -48.10 20.81
CA GLY C 648 36.31 -46.98 19.99
C GLY C 648 36.74 -45.76 20.78
N MET C 649 36.89 -45.88 22.09
CA MET C 649 37.15 -44.74 22.96
C MET C 649 38.61 -44.73 23.42
N LYS C 650 39.46 -45.43 22.66
CA LYS C 650 40.91 -45.46 22.85
C LYS C 650 41.55 -44.10 23.00
N ARG C 651 41.57 -43.36 21.91
CA ARG C 651 42.43 -42.20 21.76
C ARG C 651 41.90 -41.07 22.62
N PRO C 652 40.58 -40.88 22.71
CA PRO C 652 40.08 -39.98 23.76
C PRO C 652 40.54 -40.36 25.14
N LEU C 653 40.58 -41.67 25.46
CA LEU C 653 40.96 -42.02 26.83
C LEU C 653 42.41 -41.70 27.11
N LYS C 654 43.30 -42.15 26.22
CA LYS C 654 44.72 -41.91 26.44
C LYS C 654 45.02 -40.42 26.44
N LEU C 655 44.35 -39.67 25.56
CA LEU C 655 44.55 -38.23 25.52
C LEU C 655 44.10 -37.57 26.81
N TYR C 656 42.96 -38.01 27.36
CA TYR C 656 42.52 -37.46 28.64
C TYR C 656 43.48 -37.83 29.76
N LYS C 657 44.06 -39.03 29.71
CA LYS C 657 45.03 -39.41 30.71
C LYS C 657 46.29 -38.53 30.62
N GLN C 658 46.72 -38.23 29.41
CA GLN C 658 47.81 -37.27 29.23
C GLN C 658 47.42 -35.90 29.78
N TRP C 659 46.18 -35.49 29.51
CA TRP C 659 45.67 -34.20 30.00
C TRP C 659 45.69 -34.15 31.52
N LEU C 660 45.45 -35.28 32.19
CA LEU C 660 45.39 -35.31 33.64
C LEU C 660 46.76 -35.44 34.29
N THR C 661 47.61 -36.32 33.76
CA THR C 661 48.84 -36.72 34.44
C THR C 661 50.10 -36.15 33.84
N SER C 662 50.19 -36.02 32.52
CA SER C 662 51.44 -35.66 31.89
C SER C 662 51.93 -34.31 32.40
N ASP C 663 53.18 -34.31 32.90
CA ASP C 663 53.77 -33.06 33.40
C ASP C 663 53.91 -32.03 32.29
N ASN C 664 54.31 -32.46 31.09
CA ASN C 664 54.41 -31.54 29.96
C ASN C 664 53.06 -30.92 29.63
N VAL C 665 52.01 -31.75 29.58
CA VAL C 665 50.68 -31.24 29.25
C VAL C 665 50.19 -30.31 30.35
N ARG C 666 50.53 -30.59 31.60
CA ARG C 666 50.09 -29.72 32.70
C ARG C 666 50.82 -28.38 32.65
N LYS C 667 52.12 -28.39 32.35
CA LYS C 667 52.83 -27.13 32.16
C LYS C 667 52.25 -26.33 31.01
N GLN C 668 51.96 -27.00 29.89
CA GLN C 668 51.35 -26.29 28.76
C GLN C 668 49.94 -25.80 29.10
N ARG C 669 49.22 -26.52 29.94
CA ARG C 669 47.91 -26.06 30.39
C ARG C 669 48.02 -24.78 31.20
N ALA C 670 49.02 -24.71 32.08
CA ALA C 670 49.23 -23.51 32.87
C ALA C 670 49.85 -22.37 32.07
N GLU C 671 50.45 -22.67 30.91
CA GLU C 671 50.97 -21.63 30.04
C GLU C 671 49.87 -20.61 29.71
N TYR C 672 50.31 -19.45 29.23
CA TYR C 672 49.40 -18.36 28.88
C TYR C 672 49.53 -18.02 27.39
N VAL C 673 48.41 -17.59 26.81
CA VAL C 673 48.35 -17.19 25.41
C VAL C 673 47.37 -16.01 25.32
N GLU C 674 47.62 -15.13 24.35
CA GLU C 674 46.82 -13.93 24.17
C GLU C 674 45.69 -14.17 23.19
N VAL C 675 44.54 -13.56 23.47
CA VAL C 675 43.36 -13.63 22.62
C VAL C 675 42.85 -12.21 22.42
N ALA C 676 42.52 -11.88 21.17
CA ALA C 676 41.98 -10.57 20.88
C ALA C 676 40.62 -10.39 21.53
N LEU C 677 40.34 -9.15 21.95
CA LEU C 677 39.05 -8.83 22.55
C LEU C 677 37.93 -9.06 21.54
N GLU C 678 38.13 -8.61 20.31
CA GLU C 678 37.20 -8.90 19.22
C GLU C 678 37.61 -10.18 18.49
N TYR C 679 37.88 -11.25 19.23
CA TYR C 679 38.14 -12.53 18.57
C TYR C 679 36.89 -13.04 17.91
N LEU C 680 35.75 -12.91 18.59
CA LEU C 680 34.45 -13.18 18.02
C LEU C 680 33.64 -11.89 18.00
N PRO C 681 32.89 -11.61 16.94
CA PRO C 681 32.09 -10.39 16.92
C PRO C 681 30.97 -10.41 17.94
N ASP C 682 30.46 -9.23 18.24
CA ASP C 682 29.35 -9.10 19.18
C ASP C 682 28.21 -10.04 18.83
N GLU C 683 27.93 -10.19 17.54
CA GLU C 683 26.85 -11.08 17.11
C GLU C 683 27.13 -12.52 17.53
N ALA C 684 28.35 -12.99 17.31
CA ALA C 684 28.70 -14.35 17.65
C ALA C 684 28.67 -14.57 19.17
N VAL C 685 29.16 -13.60 19.93
CA VAL C 685 29.13 -13.74 21.39
C VAL C 685 27.69 -13.79 21.88
N VAL C 686 26.82 -12.96 21.31
CA VAL C 686 25.42 -12.99 21.69
C VAL C 686 24.78 -14.32 21.29
N ALA C 687 25.19 -14.87 20.15
CA ALA C 687 24.67 -16.18 19.74
C ALA C 687 25.05 -17.26 20.74
N LEU C 688 26.30 -17.25 21.20
CA LEU C 688 26.72 -18.21 22.22
C LEU C 688 25.93 -18.00 23.52
N GLN C 689 25.75 -16.75 23.91
CA GLN C 689 24.97 -16.44 25.11
C GLN C 689 23.55 -16.99 24.99
N GLN C 690 22.93 -16.80 23.83
CA GLN C 690 21.55 -17.24 23.64
C GLN C 690 21.45 -18.76 23.54
N ALA C 691 22.48 -19.42 23.01
CA ALA C 691 22.50 -20.88 23.04
C ALA C 691 22.53 -21.39 24.48
N VAL C 692 23.38 -20.79 25.32
CA VAL C 692 23.41 -21.19 26.72
C VAL C 692 22.08 -20.85 27.40
N MET C 693 21.49 -19.72 27.03
CA MET C 693 20.16 -19.35 27.52
C MET C 693 19.14 -20.44 27.21
N ALA C 694 19.14 -20.90 25.96
CA ALA C 694 18.18 -21.93 25.54
C ALA C 694 18.41 -23.22 26.31
N LYS C 695 19.68 -23.60 26.51
CA LYS C 695 19.97 -24.78 27.31
C LYS C 695 19.41 -24.63 28.72
N MET C 696 19.62 -23.46 29.33
CA MET C 696 19.14 -23.23 30.69
C MET C 696 17.63 -23.29 30.75
N ALA C 697 16.95 -22.67 29.79
CA ALA C 697 15.48 -22.70 29.78
C ALA C 697 14.97 -24.12 29.58
N ASP C 698 15.61 -24.89 28.70
CA ASP C 698 15.19 -26.27 28.47
C ASP C 698 15.35 -27.12 29.73
N ARG C 699 16.46 -26.95 30.44
CA ARG C 699 16.68 -27.73 31.65
C ARG C 699 16.01 -27.11 32.87
N ASN C 700 15.36 -25.96 32.72
CA ASN C 700 14.64 -25.30 33.81
C ASN C 700 15.58 -25.03 34.99
N ILE C 701 16.70 -24.37 34.68
CA ILE C 701 17.69 -23.99 35.68
C ILE C 701 17.56 -22.50 35.93
N ALA C 702 17.38 -22.13 37.19
CA ALA C 702 17.22 -20.74 37.56
C ALA C 702 18.57 -20.07 37.82
N ILE C 703 18.55 -18.75 37.81
CA ILE C 703 19.76 -17.93 37.99
C ILE C 703 19.52 -17.00 39.16
N GLU C 704 20.27 -17.18 40.25
CA GLU C 704 20.26 -16.21 41.34
C GLU C 704 21.11 -15.02 40.93
N CYS C 705 20.46 -13.86 40.77
CA CYS C 705 21.15 -12.66 40.32
C CYS C 705 21.10 -11.61 41.41
N PRO C 706 22.16 -11.45 42.20
CA PRO C 706 22.23 -10.33 43.13
C PRO C 706 22.78 -9.10 42.42
N PRO C 707 22.65 -7.91 43.01
CA PRO C 707 23.14 -6.70 42.34
C PRO C 707 24.60 -6.45 42.65
N THR C 708 25.42 -6.33 41.61
CA THR C 708 26.85 -6.10 41.77
C THR C 708 27.25 -4.74 41.22
N SER C 714 31.27 -4.25 37.68
CA SER C 714 32.48 -3.43 37.73
C SER C 714 32.51 -2.49 36.52
N GLN C 715 31.99 -3.00 35.40
CA GLN C 715 31.92 -2.29 34.14
C GLN C 715 30.63 -1.49 33.99
N TYR C 716 29.73 -1.56 34.96
CA TYR C 716 28.50 -0.78 34.95
C TYR C 716 28.75 0.56 35.64
N ARG C 717 28.58 1.65 34.89
CA ARG C 717 28.61 2.96 35.53
C ARG C 717 27.39 3.15 36.42
N ASN C 718 26.21 2.95 35.85
CA ASN C 718 24.93 3.13 36.53
C ASN C 718 24.23 1.79 36.64
N VAL C 719 23.36 1.69 37.65
CA VAL C 719 22.64 0.45 37.88
C VAL C 719 21.71 0.10 36.73
N SER C 720 21.32 1.08 35.92
CA SER C 720 20.42 0.81 34.81
C SER C 720 21.06 -0.03 33.71
N GLU C 721 22.38 -0.19 33.73
CA GLU C 721 23.09 -1.01 32.77
C GLU C 721 23.23 -2.46 33.21
N HIS C 722 22.70 -2.82 34.38
CA HIS C 722 22.81 -4.18 34.88
C HIS C 722 22.06 -5.14 33.97
N HIS C 723 22.59 -6.35 33.87
CA HIS C 723 22.03 -7.39 33.00
C HIS C 723 20.74 -7.99 33.54
N ILE C 724 20.38 -7.71 34.79
CA ILE C 724 19.12 -8.21 35.32
C ILE C 724 17.96 -7.67 34.51
N PHE C 725 18.07 -6.43 34.03
CA PHE C 725 17.01 -5.84 33.22
C PHE C 725 16.94 -6.50 31.85
N ARG C 726 18.08 -6.84 31.26
CA ARG C 726 18.06 -7.63 30.03
C ARG C 726 17.35 -8.96 30.25
N TRP C 727 17.67 -9.63 31.36
CA TRP C 727 17.02 -10.91 31.65
C TRP C 727 15.52 -10.74 31.88
N MET C 728 15.13 -9.64 32.52
CA MET C 728 13.72 -9.36 32.76
C MET C 728 13.00 -8.90 31.50
N GLY C 729 13.73 -8.56 30.44
CA GLY C 729 13.12 -8.28 29.16
C GLY C 729 12.71 -6.84 28.93
N LEU C 730 13.34 -5.90 29.62
CA LEU C 730 12.98 -4.49 29.43
C LEU C 730 13.29 -4.07 28.00
N PRO C 731 12.44 -3.27 27.37
CA PRO C 731 12.78 -2.75 26.04
C PRO C 731 14.06 -1.94 26.09
N GLY C 732 14.89 -2.10 25.06
CA GLY C 732 16.17 -1.43 24.98
C GLY C 732 17.30 -2.17 25.66
N GLU C 733 17.01 -3.17 26.49
CA GLU C 733 18.02 -3.98 27.13
C GLU C 733 18.01 -5.43 26.66
N ALA C 734 16.84 -5.98 26.35
CA ALA C 734 16.75 -7.33 25.82
C ALA C 734 17.21 -7.37 24.38
N ILE C 735 17.84 -8.48 24.01
CA ILE C 735 18.33 -8.68 22.66
C ILE C 735 17.38 -9.63 21.94
N GLU C 736 17.39 -9.55 20.61
CA GLU C 736 16.33 -10.16 19.81
C GLU C 736 16.14 -11.64 20.14
N GLY C 737 17.24 -12.38 20.18
CA GLY C 737 17.14 -13.83 20.34
C GLY C 737 17.30 -14.33 21.76
N ASP C 738 16.92 -13.52 22.74
CA ASP C 738 17.05 -13.90 24.14
C ASP C 738 15.96 -14.90 24.53
N VAL C 739 16.21 -15.62 25.62
CA VAL C 739 15.29 -16.61 26.15
C VAL C 739 15.11 -16.35 27.64
N PRO C 740 13.88 -16.31 28.16
CA PRO C 740 13.70 -16.16 29.62
C PRO C 740 14.34 -17.31 30.38
N MET C 741 14.81 -17.02 31.59
CA MET C 741 15.68 -17.94 32.30
C MET C 741 15.38 -18.12 33.79
N SER C 742 14.25 -17.62 34.29
CA SER C 742 13.88 -17.83 35.69
C SER C 742 14.95 -17.26 36.63
N ILE C 743 15.00 -15.94 36.64
CA ILE C 743 15.88 -15.21 37.55
C ILE C 743 15.25 -15.18 38.95
N CYS C 744 16.06 -15.49 39.96
CA CYS C 744 15.74 -15.36 41.36
C CYS C 744 16.57 -14.25 41.99
N LEU C 745 16.07 -13.72 43.10
CA LEU C 745 16.71 -12.60 43.78
C LEU C 745 17.67 -13.09 44.85
N GLY C 746 18.67 -12.27 45.14
CA GLY C 746 19.61 -12.55 46.22
C GLY C 746 20.16 -11.27 46.82
N SER C 747 20.29 -11.24 48.14
CA SER C 747 20.81 -10.08 48.85
C SER C 747 22.31 -10.25 49.03
N ASP C 748 23.06 -9.86 48.00
CA ASP C 748 24.52 -9.95 48.02
C ASP C 748 25.07 -8.78 47.20
N ASP C 749 25.43 -7.71 47.89
CA ASP C 749 26.06 -6.55 47.26
C ASP C 749 27.53 -6.50 47.68
N PRO C 750 28.48 -6.76 46.78
CA PRO C 750 29.88 -6.85 47.23
C PRO C 750 30.40 -5.60 47.93
N GLY C 751 30.00 -4.42 47.50
CA GLY C 751 30.61 -3.20 47.98
C GLY C 751 29.69 -2.24 48.71
N ILE C 752 28.81 -2.75 49.57
CA ILE C 752 27.91 -1.91 50.36
C ILE C 752 27.93 -2.37 51.80
N PHE C 753 27.64 -1.45 52.71
CA PHE C 753 27.43 -1.76 54.11
C PHE C 753 25.94 -1.73 54.41
N ALA C 754 25.46 -2.72 55.18
CA ALA C 754 24.07 -2.76 55.61
C ALA C 754 23.11 -2.79 54.42
N ALA C 755 23.20 -3.89 53.67
CA ALA C 755 22.26 -4.18 52.60
C ALA C 755 21.26 -5.24 53.05
N ASP C 756 20.13 -5.29 52.37
CA ASP C 756 19.06 -6.21 52.71
C ASP C 756 18.34 -6.62 51.44
N LEU C 757 17.60 -7.73 51.54
CA LEU C 757 16.74 -8.18 50.45
C LEU C 757 15.69 -7.13 50.13
N LYS C 758 15.09 -6.53 51.17
CA LYS C 758 14.15 -5.44 50.94
C LYS C 758 14.83 -4.26 50.28
N SER C 759 16.08 -3.96 50.66
CA SER C 759 16.81 -2.86 50.04
C SER C 759 17.00 -3.11 48.55
N GLU C 760 17.40 -4.33 48.19
CA GLU C 760 17.63 -4.64 46.77
C GLU C 760 16.31 -4.66 46.00
N PHE C 761 15.24 -5.18 46.61
CA PHE C 761 13.93 -5.13 45.97
C PHE C 761 13.51 -3.70 45.68
N TYR C 762 13.67 -2.82 46.67
CA TYR C 762 13.33 -1.41 46.48
C TYR C 762 14.24 -0.74 45.45
N HIS C 763 15.52 -1.12 45.43
CA HIS C 763 16.42 -0.55 44.43
C HIS C 763 16.00 -0.93 43.02
N LEU C 764 15.65 -2.20 42.81
CA LEU C 764 15.15 -2.62 41.50
C LEU C 764 13.87 -1.89 41.14
N PHE C 765 12.95 -1.75 42.11
CA PHE C 765 11.71 -1.03 41.85
C PHE C 765 11.99 0.42 41.47
N VAL C 766 12.89 1.08 42.19
CA VAL C 766 13.20 2.49 41.91
C VAL C 766 13.80 2.62 40.52
N VAL C 767 14.75 1.76 40.18
CA VAL C 767 15.38 1.83 38.86
C VAL C 767 14.34 1.62 37.77
N LEU C 768 13.48 0.61 37.94
CA LEU C 768 12.46 0.33 36.94
C LEU C 768 11.51 1.52 36.77
N THR C 769 11.10 2.14 37.88
CA THR C 769 10.10 3.19 37.81
C THR C 769 10.67 4.51 37.29
N ARG C 770 11.92 4.82 37.62
CA ARG C 770 12.49 6.14 37.32
C ARG C 770 13.32 6.16 36.04
N LYS C 771 14.07 5.10 35.77
CA LYS C 771 14.99 5.06 34.65
C LYS C 771 14.41 4.37 33.42
N PHE C 772 13.48 3.44 33.62
CA PHE C 772 12.82 2.75 32.52
C PHE C 772 11.41 3.23 32.29
N GLY C 773 10.91 4.16 33.11
CA GLY C 773 9.62 4.78 32.89
C GLY C 773 8.43 3.89 33.19
N LEU C 774 8.65 2.74 33.79
CA LEU C 774 7.56 1.81 34.06
C LEU C 774 6.70 2.33 35.22
N SER C 775 5.40 2.10 35.11
CA SER C 775 4.50 2.49 36.18
C SER C 775 4.76 1.63 37.41
N PRO C 776 4.32 2.07 38.58
CA PRO C 776 4.53 1.26 39.78
C PRO C 776 4.01 -0.15 39.64
N ALA C 777 2.84 -0.33 39.00
CA ALA C 777 2.27 -1.66 38.86
C ALA C 777 3.14 -2.55 37.97
N ASP C 778 3.59 -2.02 36.82
CA ASP C 778 4.41 -2.81 35.92
C ASP C 778 5.75 -3.15 36.55
N ALA C 779 6.37 -2.17 37.21
CA ALA C 779 7.65 -2.42 37.88
C ALA C 779 7.48 -3.47 38.98
N LEU C 780 6.39 -3.38 39.74
CA LEU C 780 6.13 -4.37 40.76
C LEU C 780 5.93 -5.75 40.16
N ARG C 781 5.25 -5.83 39.02
CA ARG C 781 5.09 -7.12 38.35
C ARG C 781 6.44 -7.71 37.97
N LYS C 782 7.32 -6.87 37.41
CA LYS C 782 8.60 -7.37 36.95
C LYS C 782 9.48 -7.83 38.12
N VAL C 783 9.53 -7.05 39.20
CA VAL C 783 10.33 -7.46 40.36
C VAL C 783 9.69 -8.67 41.04
N ALA C 784 8.36 -8.71 41.09
CA ALA C 784 7.67 -9.82 41.74
C ALA C 784 7.90 -11.13 41.03
N GLU C 785 8.06 -11.09 39.71
CA GLU C 785 8.31 -12.34 39.00
C GLU C 785 9.62 -12.96 39.44
N VAL C 786 10.67 -12.15 39.56
CA VAL C 786 11.95 -12.64 40.07
C VAL C 786 11.81 -13.12 41.51
N ASN C 787 11.15 -12.32 42.35
CA ASN C 787 10.98 -12.72 43.75
C ASN C 787 10.25 -14.06 43.86
N GLU C 788 9.16 -14.22 43.11
CA GLU C 788 8.42 -15.48 43.10
C GLU C 788 9.24 -16.62 42.52
N ASN C 789 10.17 -16.33 41.61
CA ASN C 789 11.09 -17.37 41.16
C ASN C 789 11.87 -17.92 42.33
N GLY C 790 12.24 -17.05 43.28
CA GLY C 790 12.89 -17.54 44.48
C GLY C 790 12.10 -18.59 45.22
N ARG C 791 10.78 -18.41 45.36
CA ARG C 791 9.91 -19.39 45.99
C ARG C 791 9.70 -20.63 45.14
N ILE C 792 9.55 -20.46 43.83
CA ILE C 792 9.33 -21.60 42.95
C ILE C 792 10.54 -22.52 42.96
N TYR C 793 11.75 -21.95 42.94
CA TYR C 793 12.98 -22.72 42.92
C TYR C 793 13.64 -22.79 44.29
N ARG C 794 12.86 -22.64 45.36
CA ARG C 794 13.40 -22.79 46.71
C ARG C 794 13.90 -24.21 46.94
N PHE C 795 14.86 -24.34 47.85
CA PHE C 795 15.39 -25.63 48.25
C PHE C 795 14.72 -26.18 49.50
N HIS C 796 13.77 -25.45 50.08
CA HIS C 796 13.16 -25.87 51.34
C HIS C 796 12.34 -27.15 51.15
N ASP C 797 12.25 -27.92 52.22
CA ASP C 797 11.46 -29.16 52.20
C ASP C 797 9.99 -28.82 52.05
N VAL C 798 9.32 -29.50 51.12
CA VAL C 798 7.90 -29.30 50.88
C VAL C 798 7.11 -30.28 51.74
N MET D 1 50.25 -4.03 29.66
CA MET D 1 50.88 -4.01 31.01
C MET D 1 52.29 -3.45 30.97
N GLU D 2 52.83 -3.28 29.76
CA GLU D 2 54.20 -2.82 29.62
C GLU D 2 54.35 -1.36 30.04
N ARG D 3 53.27 -0.57 29.95
CA ARG D 3 53.36 0.84 30.30
C ARG D 3 53.61 1.06 31.79
N PHE D 4 53.14 0.13 32.63
CA PHE D 4 53.31 0.27 34.07
C PHE D 4 54.73 0.00 34.53
N LEU D 5 55.55 -0.62 33.70
CA LEU D 5 56.96 -0.82 34.01
C LEU D 5 57.83 0.34 33.57
N LEU D 6 57.31 1.23 32.74
CA LEU D 6 58.04 2.41 32.30
C LEU D 6 57.49 3.71 32.89
N ASN D 7 56.27 3.68 33.44
CA ASN D 7 55.68 4.86 34.08
C ASN D 7 55.01 4.39 35.37
N SER D 8 55.70 4.56 36.50
CA SER D 8 55.18 4.11 37.77
C SER D 8 55.93 4.83 38.90
N THR D 9 55.18 5.55 39.74
CA THR D 9 55.79 6.19 40.89
C THR D 9 56.33 5.17 41.89
N VAL D 10 55.55 4.11 42.15
CA VAL D 10 55.96 3.10 43.12
C VAL D 10 57.23 2.40 42.65
N LEU D 11 57.27 2.01 41.37
CA LEU D 11 58.45 1.34 40.84
C LEU D 11 59.66 2.26 40.90
N LEU D 12 59.47 3.53 40.56
CA LEU D 12 60.59 4.47 40.62
C LEU D 12 61.11 4.58 42.04
N TYR D 13 60.21 4.74 43.00
CA TYR D 13 60.64 4.93 44.39
C TYR D 13 61.45 3.72 44.82
N ARG D 14 60.89 2.51 44.60
CA ARG D 14 61.52 1.26 45.00
C ARG D 14 62.90 1.08 44.36
N LEU D 15 62.99 1.24 43.03
CA LEU D 15 64.25 1.06 42.33
C LEU D 15 65.29 2.11 42.71
N SER D 16 64.86 3.33 42.99
CA SER D 16 65.80 4.40 43.35
C SER D 16 66.21 4.36 44.80
N THR D 17 65.51 3.60 45.65
CA THR D 17 65.90 3.51 47.05
C THR D 17 66.71 2.28 47.41
N VAL D 18 66.52 1.15 46.73
CA VAL D 18 67.26 -0.05 47.11
C VAL D 18 68.63 -0.03 46.43
N SER D 19 69.57 -0.77 47.02
CA SER D 19 70.94 -0.79 46.53
C SER D 19 71.02 -1.41 45.15
N LEU D 20 72.09 -1.08 44.43
CA LEU D 20 72.28 -1.56 43.07
C LEU D 20 72.75 -3.00 43.01
N ASP D 21 73.09 -3.62 44.14
CA ASP D 21 73.51 -5.01 44.18
C ASP D 21 72.48 -5.91 44.87
N GLU D 22 71.22 -5.46 44.94
CA GLU D 22 70.20 -6.26 45.61
C GLU D 22 69.87 -7.52 44.84
N VAL D 23 69.65 -7.40 43.52
CA VAL D 23 69.32 -8.53 42.66
C VAL D 23 67.97 -9.12 43.09
N SER D 24 67.31 -9.81 42.16
CA SER D 24 66.07 -10.55 42.43
C SER D 24 64.95 -9.64 42.90
N LEU D 25 64.50 -8.75 42.00
CA LEU D 25 63.47 -7.77 42.33
C LEU D 25 62.15 -8.04 41.62
N ASP D 26 61.96 -9.27 41.14
CA ASP D 26 60.77 -9.59 40.35
C ASP D 26 59.50 -9.45 41.17
N GLU D 27 59.50 -9.98 42.40
CA GLU D 27 58.32 -9.89 43.26
C GLU D 27 57.87 -8.45 43.35
N ARG D 28 58.84 -7.53 43.45
CA ARG D 28 58.54 -6.17 43.83
C ARG D 28 58.15 -5.36 42.62
N VAL D 29 58.80 -5.64 41.49
CA VAL D 29 58.37 -5.05 40.23
C VAL D 29 56.93 -5.44 39.95
N GLU D 30 56.57 -6.68 40.25
CA GLU D 30 55.19 -7.15 40.04
C GLU D 30 54.21 -6.43 40.96
N SER D 31 54.53 -6.36 42.26
CA SER D 31 53.63 -5.69 43.20
C SER D 31 53.46 -4.22 42.83
N SER D 32 54.57 -3.53 42.53
CA SER D 32 54.49 -2.13 42.13
C SER D 32 53.70 -1.97 40.84
N VAL D 33 53.79 -2.92 39.93
CA VAL D 33 53.00 -2.85 38.70
C VAL D 33 51.52 -2.90 39.02
N PHE D 34 51.12 -3.79 39.94
CA PHE D 34 49.71 -3.86 40.28
C PHE D 34 49.23 -2.58 40.97
N LEU D 35 50.06 -2.02 41.85
CA LEU D 35 49.71 -0.73 42.46
C LEU D 35 49.59 0.37 41.43
N ALA D 36 50.52 0.43 40.47
CA ALA D 36 50.44 1.45 39.44
C ALA D 36 49.19 1.28 38.60
N GLN D 37 48.83 0.03 38.26
CA GLN D 37 47.63 -0.20 37.48
C GLN D 37 46.37 0.17 38.25
N TYR D 38 46.33 -0.13 39.55
CA TYR D 38 45.18 0.27 40.36
C TYR D 38 45.07 1.79 40.41
N GLU D 39 46.20 2.48 40.56
CA GLU D 39 46.19 3.93 40.63
C GLU D 39 45.81 4.57 39.30
N GLN D 40 46.27 4.04 38.18
CA GLN D 40 46.08 4.67 36.88
C GLN D 40 44.84 4.18 36.15
N ALA D 41 44.75 2.87 35.88
CA ALA D 41 43.61 2.27 35.19
C ALA D 41 42.91 1.38 36.21
N ARG D 42 42.01 1.98 36.99
CA ARG D 42 41.36 1.28 38.09
C ARG D 42 40.35 0.23 37.62
N SER D 43 39.80 0.38 36.40
CA SER D 43 38.68 -0.44 35.98
C SER D 43 39.09 -1.84 35.52
N LEU D 44 40.39 -2.15 35.49
CA LEU D 44 40.80 -3.51 35.15
C LEU D 44 40.32 -4.46 36.25
N PRO D 45 39.62 -5.56 35.92
CA PRO D 45 38.95 -6.33 36.98
C PRO D 45 39.87 -7.24 37.79
N ASP D 46 41.05 -6.76 38.15
CA ASP D 46 41.86 -7.37 39.21
C ASP D 46 42.39 -8.75 38.87
N HIS D 47 42.01 -9.31 37.73
CA HIS D 47 42.53 -10.62 37.31
C HIS D 47 43.02 -10.57 35.88
N VAL D 48 42.43 -9.68 35.07
CA VAL D 48 43.01 -9.39 33.76
C VAL D 48 44.43 -8.90 33.93
N ALA D 49 44.67 -8.09 34.97
CA ALA D 49 46.02 -7.61 35.26
C ALA D 49 46.95 -8.76 35.65
N LYS D 50 46.50 -9.64 36.55
CA LYS D 50 47.30 -10.81 36.90
C LYS D 50 47.68 -11.60 35.64
N SER D 51 46.70 -11.88 34.78
CA SER D 51 46.95 -12.68 33.59
C SER D 51 47.90 -11.97 32.64
N ALA D 52 47.72 -10.66 32.45
CA ALA D 52 48.62 -9.92 31.55
C ALA D 52 50.05 -9.95 32.07
N TRP D 53 50.23 -9.78 33.38
CA TRP D 53 51.58 -9.86 33.95
C TRP D 53 52.16 -11.25 33.78
N SER D 54 51.35 -12.29 33.97
CA SER D 54 51.83 -13.65 33.78
C SER D 54 52.28 -13.87 32.34
N TYR D 55 51.50 -13.38 31.38
CA TYR D 55 51.90 -13.52 29.98
C TYR D 55 53.19 -12.74 29.70
N LEU D 56 53.36 -11.58 30.32
CA LEU D 56 54.57 -10.79 30.12
C LEU D 56 55.80 -11.54 30.63
N VAL D 57 55.72 -12.09 31.84
CA VAL D 57 56.85 -12.86 32.37
C VAL D 57 57.09 -14.08 31.48
N GLN D 58 56.03 -14.71 31.00
CA GLN D 58 56.18 -15.88 30.14
C GLN D 58 56.93 -15.52 28.86
N GLN D 59 56.57 -14.41 28.23
CA GLN D 59 57.28 -13.98 27.03
C GLN D 59 58.75 -13.70 27.33
N ILE D 60 59.02 -12.97 28.40
CA ILE D 60 60.40 -12.62 28.74
C ILE D 60 61.21 -13.89 28.96
N LYS D 61 60.69 -14.82 29.76
CA LYS D 61 61.41 -16.05 30.06
C LYS D 61 61.62 -16.91 28.82
N GLN D 62 60.59 -17.04 27.97
CA GLN D 62 60.75 -17.84 26.76
C GLN D 62 61.78 -17.25 25.83
N ARG D 63 61.81 -15.92 25.70
CA ARG D 63 62.79 -15.27 24.83
C ARG D 63 64.09 -14.99 25.56
N ASN D 64 64.25 -15.54 26.76
CA ASN D 64 65.56 -15.61 27.42
C ASN D 64 66.06 -14.22 27.79
N MET D 65 65.13 -13.37 28.19
CA MET D 65 65.42 -12.01 28.60
C MET D 65 65.17 -11.87 30.10
N LYS D 66 65.69 -10.79 30.65
CA LYS D 66 65.51 -10.46 32.05
C LYS D 66 64.49 -9.33 32.17
N LEU D 67 63.67 -9.38 33.21
CA LEU D 67 62.69 -8.32 33.45
C LEU D 67 63.42 -6.99 33.58
N GLY D 68 63.24 -6.11 32.60
CA GLY D 68 63.94 -4.85 32.60
C GLY D 68 63.60 -3.98 31.41
N PRO D 69 64.16 -2.76 31.40
CA PRO D 69 63.81 -1.80 30.34
C PRO D 69 64.10 -2.34 28.95
N VAL D 70 65.20 -3.07 28.76
CA VAL D 70 65.54 -3.57 27.43
C VAL D 70 64.45 -4.52 26.94
N ALA D 71 64.05 -5.47 27.79
CA ALA D 71 63.03 -6.43 27.38
C ALA D 71 61.70 -5.74 27.13
N ILE D 72 61.31 -4.80 28.00
CA ILE D 72 60.03 -4.12 27.82
C ILE D 72 60.02 -3.31 26.53
N LEU D 73 61.10 -2.58 26.26
CA LEU D 73 61.19 -1.80 25.04
C LEU D 73 61.18 -2.70 23.82
N ARG D 74 61.88 -3.83 23.87
CA ARG D 74 61.85 -4.76 22.74
C ARG D 74 60.45 -5.26 22.48
N LEU D 75 59.73 -5.65 23.54
CA LEU D 75 58.37 -6.14 23.35
C LEU D 75 57.48 -5.07 22.73
N ILE D 76 57.55 -3.85 23.26
CA ILE D 76 56.72 -2.77 22.72
C ILE D 76 57.06 -2.52 21.26
N ALA D 77 58.36 -2.48 20.92
CA ALA D 77 58.76 -2.19 19.55
C ALA D 77 58.31 -3.27 18.60
N GLU D 78 58.49 -4.55 18.96
CA GLU D 78 57.98 -5.61 18.09
C GLU D 78 56.47 -5.54 17.95
N LYS D 79 55.77 -5.12 18.99
CA LYS D 79 54.30 -5.11 18.94
C LYS D 79 53.74 -3.94 18.15
N PHE D 80 54.42 -2.80 18.12
CA PHE D 80 53.89 -1.59 17.49
C PHE D 80 54.61 -1.20 16.21
N ILE D 81 55.94 -1.18 16.22
CA ILE D 81 56.71 -0.60 15.12
C ILE D 81 57.14 -1.70 14.15
N LYS D 82 57.13 -1.36 12.88
CA LYS D 82 57.78 -2.08 11.79
C LYS D 82 58.65 -1.20 10.92
N ASN D 83 59.01 -1.80 9.79
CA ASN D 83 59.57 -1.09 8.66
C ASN D 83 58.62 -1.21 7.47
N GLU D 84 58.19 -0.07 6.91
CA GLU D 84 57.45 -0.13 5.66
C GLU D 84 57.80 1.07 4.79
N LYS D 85 58.18 0.78 3.54
CA LYS D 85 58.43 1.79 2.52
C LYS D 85 59.62 2.66 2.90
N GLY D 86 59.40 3.64 3.76
CA GLY D 86 60.39 4.55 4.29
C GLY D 86 60.33 4.67 5.80
N GLY D 87 61.38 4.21 6.48
CA GLY D 87 61.48 4.37 7.91
C GLY D 87 60.44 3.59 8.67
N PRO D 88 60.56 3.56 10.00
CA PRO D 88 59.60 2.81 10.81
C PRO D 88 58.25 3.49 10.84
N LYS D 89 57.20 2.67 10.88
CA LYS D 89 55.83 3.14 10.97
C LYS D 89 55.05 2.27 11.95
N ILE D 90 53.89 2.77 12.35
CA ILE D 90 53.00 2.09 13.28
C ILE D 90 51.89 1.39 12.50
N ASP D 91 51.46 0.23 12.99
CA ASP D 91 50.29 -0.42 12.42
C ASP D 91 49.09 0.51 12.40
N LEU D 92 48.34 0.45 11.30
CA LEU D 92 47.04 1.09 11.26
C LEU D 92 46.10 0.56 12.33
N PRO D 93 45.94 -0.76 12.49
CA PRO D 93 45.09 -1.25 13.60
C PRO D 93 45.65 -0.95 14.98
N MET D 94 46.94 -0.66 15.10
CA MET D 94 47.59 -0.45 16.39
C MET D 94 47.83 1.02 16.72
N PHE D 95 47.48 1.94 15.82
CA PHE D 95 47.82 3.35 16.04
C PHE D 95 47.07 3.92 17.24
N SER D 96 45.80 3.54 17.43
CA SER D 96 45.04 4.05 18.57
C SER D 96 45.70 3.63 19.89
N GLU D 97 46.07 2.35 19.99
CA GLU D 97 46.76 1.87 21.18
C GLU D 97 48.10 2.56 21.35
N TRP D 98 48.80 2.83 20.22
CA TRP D 98 50.07 3.53 20.30
C TRP D 98 49.89 4.95 20.85
N GLN D 99 48.83 5.64 20.42
CA GLN D 99 48.54 6.97 20.96
C GLN D 99 48.26 6.91 22.45
N THR D 100 47.43 5.96 22.88
CA THR D 100 47.17 5.80 24.30
C THR D 100 48.47 5.54 25.07
N LEU D 101 49.36 4.73 24.48
CA LEU D 101 50.65 4.48 25.12
C LEU D 101 51.48 5.75 25.18
N MET D 102 51.50 6.54 24.11
CA MET D 102 52.24 7.79 24.09
C MET D 102 51.78 8.75 25.16
N SER D 103 50.54 8.60 25.62
CA SER D 103 50.10 9.40 26.76
C SER D 103 50.83 9.07 28.05
N ARG D 104 51.59 7.97 28.09
CA ARG D 104 52.29 7.55 29.31
C ARG D 104 53.79 7.37 29.11
N VAL D 105 54.23 6.95 27.94
CA VAL D 105 55.61 6.56 27.69
C VAL D 105 56.16 7.39 26.55
N SER D 106 57.47 7.67 26.62
CA SER D 106 58.16 8.39 25.57
C SER D 106 58.54 7.45 24.43
N CYS D 107 58.51 7.97 23.21
CA CYS D 107 58.68 7.15 22.02
C CYS D 107 60.14 6.93 21.64
N LEU D 108 61.04 7.79 22.10
CA LEU D 108 62.44 7.70 21.66
C LEU D 108 63.10 6.40 22.08
N PRO D 109 62.98 5.93 23.33
CA PRO D 109 63.57 4.64 23.66
C PRO D 109 63.02 3.49 22.82
N ILE D 110 61.73 3.52 22.53
CA ILE D 110 61.11 2.44 21.75
C ILE D 110 61.63 2.47 20.31
N ILE D 111 61.78 3.66 19.74
CA ILE D 111 62.30 3.76 18.39
C ILE D 111 63.76 3.33 18.35
N ALA D 112 64.54 3.67 19.38
CA ALA D 112 65.91 3.21 19.44
C ALA D 112 65.97 1.68 19.51
N CYS D 113 65.10 1.08 20.33
CA CYS D 113 65.05 -0.38 20.42
C CYS D 113 64.68 -1.00 19.07
N HIS D 114 63.72 -0.39 18.37
CA HIS D 114 63.34 -0.89 17.06
C HIS D 114 64.50 -0.80 16.09
N GLN D 115 65.21 0.33 16.07
CA GLN D 115 66.33 0.49 15.17
C GLN D 115 67.45 -0.50 15.48
N VAL D 116 67.59 -0.89 16.75
CA VAL D 116 68.65 -1.81 17.12
C VAL D 116 68.27 -3.25 16.77
N PHE D 117 67.08 -3.69 17.18
CA PHE D 117 66.70 -5.10 17.12
C PHE D 117 65.88 -5.46 15.89
N ASN D 118 65.50 -4.50 15.06
CA ASN D 118 64.74 -4.76 13.85
C ASN D 118 64.93 -3.62 12.87
N PRO D 119 66.17 -3.32 12.47
CA PRO D 119 66.40 -2.20 11.56
C PRO D 119 65.84 -2.47 10.18
N GLY D 120 65.52 -1.38 9.48
CA GLY D 120 65.06 -1.47 8.12
C GLY D 120 66.22 -1.73 7.18
N PRO D 121 65.97 -1.61 5.88
CA PRO D 121 67.05 -1.81 4.90
C PRO D 121 68.23 -0.91 5.19
N ALA D 122 69.44 -1.45 5.03
CA ALA D 122 70.65 -0.70 5.30
C ALA D 122 71.03 0.16 4.11
N TYR D 126 68.76 6.25 8.70
CA TYR D 126 67.65 6.68 9.54
C TYR D 126 68.10 7.81 10.45
N SER D 127 67.46 8.97 10.32
CA SER D 127 67.63 10.07 11.24
C SER D 127 66.38 10.14 12.12
N PHE D 128 66.58 10.17 13.44
CA PHE D 128 65.44 10.09 14.35
C PHE D 128 64.40 11.16 14.05
N ARG D 129 63.13 10.77 14.03
CA ARG D 129 62.06 11.74 13.78
C ARG D 129 60.88 11.37 14.64
N TRP D 130 60.33 12.36 15.30
CA TRP D 130 59.12 12.15 16.07
C TRP D 130 57.98 12.90 15.44
N PRO D 131 56.73 12.44 15.60
CA PRO D 131 56.38 11.14 16.16
C PRO D 131 56.32 10.08 15.08
N LEU D 132 56.06 8.84 15.45
CA LEU D 132 55.88 7.79 14.47
C LEU D 132 54.44 7.80 13.96
N TYR D 133 54.29 7.77 12.65
CA TYR D 133 53.00 7.76 12.00
C TYR D 133 52.70 6.38 11.41
N PRO D 134 51.44 6.08 11.16
CA PRO D 134 51.11 4.94 10.30
C PRO D 134 51.33 5.33 8.84
N TYR D 135 51.12 4.37 7.95
CA TYR D 135 51.23 4.60 6.52
C TYR D 135 49.93 4.23 5.84
N HIS D 136 49.43 5.14 5.00
CA HIS D 136 48.35 4.83 4.08
C HIS D 136 48.55 5.66 2.81
N PRO D 137 48.62 5.04 1.64
CA PRO D 137 48.92 5.81 0.42
C PRO D 137 47.94 6.93 0.16
N THR D 138 46.65 6.74 0.44
CA THR D 138 45.68 7.80 0.23
C THR D 138 46.00 9.02 1.09
N VAL D 139 46.28 8.80 2.37
CA VAL D 139 46.59 9.91 3.27
C VAL D 139 47.89 10.59 2.84
N GLU D 140 48.91 9.80 2.49
CA GLU D 140 50.17 10.40 2.09
C GLU D 140 50.01 11.23 0.81
N ASP D 141 49.25 10.72 -0.15
CA ASP D 141 49.01 11.49 -1.38
C ASP D 141 48.26 12.77 -1.08
N TYR D 142 47.24 12.69 -0.22
CA TYR D 142 46.50 13.90 0.13
C TYR D 142 47.40 14.92 0.81
N ILE D 143 48.26 14.48 1.72
CA ILE D 143 49.17 15.41 2.40
C ILE D 143 50.14 16.02 1.41
N THR D 144 50.68 15.22 0.51
CA THR D 144 51.60 15.73 -0.50
C THR D 144 50.94 16.76 -1.40
N ARG D 145 49.67 16.54 -1.76
CA ARG D 145 48.99 17.42 -2.70
C ARG D 145 48.49 18.70 -2.04
N GLU D 146 47.85 18.58 -0.87
CA GLU D 146 47.18 19.70 -0.23
C GLU D 146 47.89 20.20 1.02
N CYS D 147 48.75 19.39 1.63
CA CYS D 147 49.45 19.76 2.85
C CYS D 147 48.47 19.91 4.01
N LEU D 148 48.99 20.01 5.23
CA LEU D 148 48.17 20.13 6.41
C LEU D 148 48.21 21.56 6.94
N HIS D 149 47.15 21.96 7.62
CA HIS D 149 46.95 23.33 8.08
C HIS D 149 46.76 23.33 9.59
N GLU D 150 47.58 24.12 10.29
CA GLU D 150 47.57 24.17 11.74
C GLU D 150 46.90 25.46 12.19
N THR D 151 45.82 25.32 12.97
CA THR D 151 45.07 26.46 13.50
C THR D 151 45.04 26.52 15.02
N HIS D 152 45.60 25.54 15.72
CA HIS D 152 45.52 25.49 17.19
C HIS D 152 46.79 24.84 17.73
N GLN D 153 47.75 25.68 18.12
CA GLN D 153 49.02 25.19 18.69
C GLN D 153 49.47 26.12 19.80
N HIS D 154 49.03 25.87 21.04
CA HIS D 154 49.24 26.67 22.23
C HIS D 154 49.41 25.85 23.53
N LEU D 155 49.84 24.58 23.48
CA LEU D 155 49.75 23.72 24.66
C LEU D 155 50.96 23.80 25.59
N ASN D 156 52.15 23.40 25.16
CA ASN D 156 53.31 23.43 26.06
C ASN D 156 54.15 24.41 25.27
N GLY D 157 54.02 25.69 25.49
CA GLY D 157 54.54 26.64 24.51
C GLY D 157 53.95 26.32 23.15
N SER D 158 54.78 25.80 22.23
CA SER D 158 54.27 25.17 21.02
C SER D 158 55.03 23.89 20.68
N THR D 159 55.88 23.41 21.58
CA THR D 159 56.70 22.24 21.34
C THR D 159 56.12 21.03 22.05
N SER D 160 56.48 19.85 21.58
CA SER D 160 56.07 18.63 22.25
C SER D 160 56.74 18.54 23.62
N ALA D 161 56.11 17.79 24.51
CA ALA D 161 56.59 17.69 25.89
C ALA D 161 57.91 16.93 25.97
N GLU D 162 58.27 16.25 24.89
CA GLU D 162 59.43 15.37 24.91
C GLU D 162 60.75 16.12 24.79
N GLU D 163 60.80 17.24 24.06
CA GLU D 163 61.99 18.09 24.07
C GLU D 163 62.10 18.88 25.35
N CYS D 164 60.99 19.05 26.09
CA CYS D 164 61.05 19.73 27.37
C CYS D 164 61.86 18.93 28.39
N TRP D 165 61.85 17.60 28.28
CA TRP D 165 62.68 16.79 29.17
C TRP D 165 64.16 17.13 28.99
N LEU D 166 64.63 17.15 27.74
CA LEU D 166 66.02 17.50 27.48
C LEU D 166 66.30 18.97 27.81
N ASP D 167 65.32 19.85 27.60
CA ASP D 167 65.50 21.24 28.01
C ASP D 167 65.69 21.36 29.51
N ALA D 168 64.94 20.58 30.28
CA ALA D 168 65.11 20.57 31.73
C ALA D 168 66.48 20.04 32.11
N LEU D 169 66.93 18.96 31.45
CA LEU D 169 68.27 18.45 31.73
C LEU D 169 69.34 19.47 31.36
N LYS D 170 69.08 20.29 30.34
CA LYS D 170 70.01 21.34 29.94
C LYS D 170 70.02 22.47 30.95
N HIS D 171 68.86 22.81 31.48
CA HIS D 171 68.70 23.91 32.44
C HIS D 171 68.01 23.34 33.68
N PRO D 172 68.67 22.42 34.37
CA PRO D 172 68.06 21.84 35.58
C PRO D 172 67.69 22.89 36.60
N GLU D 173 68.51 23.94 36.72
CA GLU D 173 68.26 24.97 37.72
C GLU D 173 67.19 25.95 37.26
N ALA D 174 67.01 26.14 35.95
CA ALA D 174 65.84 26.87 35.48
C ALA D 174 64.55 26.09 35.75
N CYS D 175 64.56 24.80 35.45
CA CYS D 175 63.38 23.97 35.71
C CYS D 175 63.07 23.91 37.20
N LEU D 176 64.11 23.76 38.03
CA LEU D 176 63.91 23.78 39.47
C LEU D 176 63.35 25.12 39.93
N ARG D 177 63.89 26.22 39.41
CA ARG D 177 63.35 27.54 39.70
C ARG D 177 61.87 27.64 39.37
N ASP D 178 61.46 27.19 38.18
CA ASP D 178 60.04 27.24 37.84
C ASP D 178 59.21 26.38 38.79
N PHE D 179 59.67 25.14 39.04
CA PHE D 179 58.92 24.24 39.90
C PHE D 179 58.69 24.86 41.28
N GLU D 180 59.73 25.44 41.87
CA GLU D 180 59.57 26.07 43.16
C GLU D 180 58.62 27.27 43.07
N LYS D 181 58.84 28.15 42.10
CA LYS D 181 57.94 29.27 41.89
C LYS D 181 56.73 28.77 41.11
N GLY D 182 55.79 28.20 41.86
CA GLY D 182 54.61 27.58 41.32
C GLY D 182 54.20 26.39 42.18
N TRP D 183 55.15 25.86 42.95
CA TRP D 183 54.84 24.90 43.99
C TRP D 183 54.24 25.56 45.22
N ALA D 184 54.51 26.85 45.44
CA ALA D 184 53.79 27.60 46.45
C ALA D 184 52.32 27.71 46.09
N SER D 185 51.98 27.53 44.82
CA SER D 185 50.59 27.57 44.40
C SER D 185 49.89 26.28 44.75
N GLN D 186 48.69 26.46 45.27
CA GLN D 186 47.86 25.33 45.66
C GLN D 186 47.54 24.41 44.51
N GLU D 187 47.18 25.00 43.37
CA GLU D 187 46.74 24.20 42.27
C GLU D 187 47.76 23.11 42.05
N MET D 188 49.01 23.57 42.05
CA MET D 188 50.21 22.80 41.78
C MET D 188 50.50 21.80 42.89
N LYS D 189 50.37 22.21 44.15
CA LYS D 189 50.55 21.23 45.21
C LYS D 189 49.60 20.06 45.03
N GLN D 190 48.34 20.36 44.72
CA GLN D 190 47.34 19.32 44.51
C GLN D 190 47.74 18.42 43.33
N LEU D 191 48.17 19.03 42.23
CA LEU D 191 48.58 18.24 41.07
C LEU D 191 49.77 17.34 41.40
N CYS D 192 50.76 17.88 42.10
CA CYS D 192 51.94 17.09 42.45
C CYS D 192 51.56 15.94 43.37
N ALA D 193 50.68 16.19 44.33
CA ALA D 193 50.23 15.11 45.19
C ALA D 193 49.48 14.05 44.41
N GLN D 194 48.68 14.47 43.43
CA GLN D 194 47.88 13.52 42.67
C GLN D 194 48.73 12.68 41.74
N ILE D 195 49.85 13.22 41.26
CA ILE D 195 50.75 12.42 40.43
C ILE D 195 51.70 11.60 41.30
N ASP D 196 52.56 12.28 42.05
CA ASP D 196 53.49 11.63 42.98
C ASP D 196 53.28 12.24 44.37
N PRO D 197 52.68 11.51 45.32
CA PRO D 197 52.37 12.13 46.62
C PRO D 197 53.56 12.84 47.26
N SER D 198 54.69 12.15 47.41
CA SER D 198 55.86 12.72 48.08
C SER D 198 56.87 13.21 47.05
N LEU D 199 56.47 14.21 46.27
CA LEU D 199 57.34 14.77 45.24
C LEU D 199 58.27 15.83 45.80
N THR D 200 57.70 16.96 46.24
CA THR D 200 58.45 18.10 46.77
C THR D 200 59.51 18.62 45.80
N PRO D 201 59.86 19.91 45.91
CA PRO D 201 60.93 20.45 45.05
C PRO D 201 62.27 19.76 45.25
N ARG D 202 62.56 19.30 46.46
CA ARG D 202 63.87 18.71 46.72
C ARG D 202 64.03 17.38 45.99
N ILE D 203 63.04 16.49 46.07
CA ILE D 203 63.14 15.26 45.30
C ILE D 203 63.01 15.54 43.82
N PHE D 204 62.28 16.60 43.43
CA PHE D 204 62.30 17.01 42.02
C PHE D 204 63.74 17.27 41.56
N LYS D 205 64.46 18.08 42.32
CA LYS D 205 65.85 18.40 41.99
C LYS D 205 66.71 17.14 41.99
N ASP D 206 66.54 16.29 43.01
CA ASP D 206 67.33 15.07 43.11
C ASP D 206 67.08 14.16 41.92
N ARG D 207 65.82 14.06 41.48
CA ARG D 207 65.49 13.22 40.34
C ARG D 207 66.10 13.77 39.06
N LEU D 208 66.06 15.09 38.87
CA LEU D 208 66.71 15.67 37.69
C LEU D 208 68.21 15.36 37.69
N GLN D 209 68.86 15.53 38.85
CA GLN D 209 70.29 15.26 38.94
C GLN D 209 70.59 13.79 38.70
N ILE D 210 69.75 12.91 39.24
CA ILE D 210 69.93 11.46 39.03
C ILE D 210 69.82 11.14 37.55
N ALA D 211 68.83 11.74 36.87
CA ALA D 211 68.68 11.50 35.44
C ALA D 211 69.93 11.96 34.67
N CYS D 212 70.44 13.14 35.01
CA CYS D 212 71.64 13.63 34.32
C CYS D 212 72.82 12.70 34.54
N ASN D 213 73.04 12.29 35.80
CA ASN D 213 74.19 11.44 36.11
C ASN D 213 74.06 10.08 35.44
N ILE D 214 72.85 9.50 35.45
CA ILE D 214 72.62 8.23 34.79
C ILE D 214 72.89 8.36 33.30
N ARG D 215 72.46 9.48 32.71
CA ARG D 215 72.71 9.69 31.29
C ARG D 215 74.20 9.71 31.00
N GLU D 216 74.98 10.41 31.84
CA GLU D 216 76.43 10.43 31.64
C GLU D 216 77.03 9.03 31.75
N ILE D 217 76.67 8.30 32.80
CA ILE D 217 77.23 6.97 33.02
C ILE D 217 76.88 6.05 31.85
N LEU D 218 75.62 6.06 31.43
CA LEU D 218 75.20 5.18 30.36
C LEU D 218 75.77 5.60 29.02
N CYS D 219 76.07 6.89 28.83
CA CYS D 219 76.81 7.30 27.65
C CYS D 219 78.20 6.70 27.66
N ARG D 220 78.84 6.65 28.82
CA ARG D 220 80.15 6.01 28.90
C ARG D 220 80.09 4.57 28.41
N VAL D 221 79.09 3.82 28.84
CA VAL D 221 79.04 2.41 28.41
C VAL D 221 78.54 2.30 26.97
N ALA D 222 77.73 3.24 26.51
CA ALA D 222 77.31 3.24 25.10
C ALA D 222 78.50 3.41 24.18
N GLN D 223 79.42 4.31 24.54
CA GLN D 223 80.67 4.45 23.80
C GLN D 223 81.68 3.36 24.14
N GLY D 224 81.47 2.62 25.22
CA GLY D 224 82.41 1.60 25.62
C GLY D 224 83.73 2.20 26.05
N VAL D 225 83.72 3.06 27.08
CA VAL D 225 84.93 3.73 27.55
C VAL D 225 85.14 3.36 29.01
N GLU D 226 85.79 2.22 29.23
CA GLU D 226 86.63 1.93 30.41
C GLU D 226 85.95 2.02 31.78
N LEU D 227 84.65 2.29 31.86
CA LEU D 227 83.92 2.19 33.13
C LEU D 227 84.71 2.83 34.27
N PRO D 228 84.70 4.17 34.41
CA PRO D 228 85.66 4.79 35.34
C PRO D 228 85.60 4.16 36.72
N GLU D 229 86.71 4.30 37.47
CA GLU D 229 86.89 3.52 38.68
C GLU D 229 85.83 3.83 39.74
N TRP D 230 85.38 5.09 39.81
CA TRP D 230 84.47 5.48 40.88
C TRP D 230 83.11 4.79 40.78
N ILE D 231 82.87 4.01 39.72
CA ILE D 231 81.61 3.28 39.61
C ILE D 231 81.46 2.28 40.77
N ALA D 232 82.58 1.74 41.27
CA ALA D 232 82.50 0.78 42.36
C ALA D 232 81.90 1.39 43.61
N SER D 233 82.26 2.64 43.91
CA SER D 233 81.71 3.33 45.07
C SER D 233 80.21 3.56 44.93
N MET D 234 79.74 3.71 43.71
CA MET D 234 78.32 3.92 43.44
C MET D 234 77.52 2.67 43.81
N GLN D 235 76.82 2.70 44.95
CA GLN D 235 76.11 1.52 45.39
C GLN D 235 74.61 1.71 45.49
N ASN D 236 74.13 2.96 45.62
CA ASN D 236 72.74 3.23 45.90
C ASN D 236 72.29 4.40 45.03
N PRO D 237 71.23 4.24 44.23
CA PRO D 237 70.93 5.26 43.21
C PRO D 237 70.82 6.67 43.76
N GLN D 238 70.50 6.82 45.04
CA GLN D 238 70.46 8.15 45.64
C GLN D 238 71.80 8.84 45.62
N GLN D 239 72.89 8.08 45.49
CA GLN D 239 74.22 8.69 45.36
C GLN D 239 74.32 9.59 44.13
N LEU D 240 73.51 9.31 43.10
CA LEU D 240 73.53 10.11 41.88
C LEU D 240 72.74 11.40 42.00
N ALA D 241 72.09 11.65 43.13
CA ALA D 241 71.35 12.88 43.33
C ALA D 241 72.25 14.11 43.34
N ASN D 242 73.56 13.93 43.29
CA ASN D 242 74.51 15.02 43.53
C ASN D 242 75.43 15.15 42.34
N SER D 243 76.10 16.31 42.26
CA SER D 243 76.95 16.61 41.12
C SER D 243 78.26 15.83 41.13
N THR D 244 78.67 15.28 42.27
CA THR D 244 79.94 14.56 42.35
C THR D 244 79.75 13.32 43.21
N ILE D 245 80.60 12.31 42.97
CA ILE D 245 80.63 11.10 43.77
C ILE D 245 81.96 11.04 44.50
N LEU D 246 81.92 10.49 45.71
CA LEU D 246 83.09 10.39 46.58
C LEU D 246 83.50 8.92 46.67
N HIS D 247 84.65 8.59 46.07
CA HIS D 247 85.10 7.19 46.06
C HIS D 247 85.95 6.89 47.28
N ASN D 248 87.12 7.53 47.39
CA ASN D 248 87.94 7.46 48.61
C ASN D 248 88.61 8.84 48.77
N GLY D 249 87.99 9.71 49.57
CA GLY D 249 88.56 11.00 49.85
C GLY D 249 88.35 12.04 48.76
N ARG D 250 88.26 11.58 47.52
CA ARG D 250 88.17 12.46 46.36
C ARG D 250 86.72 12.60 45.89
N GLU D 251 86.43 13.71 45.23
CA GLU D 251 85.12 13.99 44.65
C GLU D 251 85.25 13.97 43.14
N TYR D 252 84.68 12.95 42.50
CA TYR D 252 84.75 12.78 41.05
C TYR D 252 83.45 13.26 40.41
N GLY D 253 83.60 14.00 39.31
CA GLY D 253 82.43 14.43 38.55
C GLY D 253 81.95 13.37 37.59
N PHE D 254 80.65 13.42 37.29
CA PHE D 254 80.02 12.45 36.41
C PHE D 254 80.14 12.81 34.93
N ALA D 255 80.57 14.02 34.61
CA ALA D 255 80.60 14.46 33.22
C ALA D 255 81.62 13.67 32.42
N THR D 256 81.35 13.54 31.11
CA THR D 256 82.24 12.87 30.19
C THR D 256 82.20 13.62 28.85
N VAL D 257 82.89 13.09 27.86
CA VAL D 257 82.94 13.70 26.54
C VAL D 257 81.82 13.12 25.69
N TRP D 258 81.20 13.96 24.88
CA TRP D 258 80.09 13.58 24.02
C TRP D 258 80.45 13.82 22.56
N PRO D 259 80.04 12.93 21.64
CA PRO D 259 80.39 13.14 20.23
C PRO D 259 79.82 14.44 19.67
N ILE D 260 78.52 14.65 19.83
CA ILE D 260 77.85 15.78 19.21
C ILE D 260 78.04 17.02 20.07
N ASP D 261 78.07 18.19 19.42
CA ASP D 261 78.28 19.44 20.14
C ASP D 261 77.15 19.68 21.15
N ASP D 262 75.91 19.45 20.74
CA ASP D 262 74.76 19.58 21.63
C ASP D 262 74.46 18.19 22.20
N LYS D 263 74.88 17.96 23.45
CA LYS D 263 74.75 16.67 24.10
C LYS D 263 73.34 16.43 24.65
N TYR D 264 72.52 17.47 24.68
CA TYR D 264 71.15 17.46 25.19
C TYR D 264 70.12 17.46 24.06
N SER D 265 70.57 17.16 22.84
CA SER D 265 69.70 17.12 21.69
C SER D 265 69.09 15.74 21.55
N GLN D 266 67.94 15.68 20.86
CA GLN D 266 67.27 14.39 20.71
C GLN D 266 68.05 13.47 19.80
N GLU D 267 68.82 14.02 18.86
CA GLU D 267 69.76 13.20 18.09
C GLU D 267 70.80 12.55 19.01
N SER D 268 71.35 13.34 19.93
CA SER D 268 72.34 12.79 20.87
C SER D 268 71.71 11.73 21.75
N GLU D 269 70.50 11.98 22.24
CA GLU D 269 69.80 11.00 23.06
C GLU D 269 69.57 9.71 22.28
N PHE D 270 69.13 9.82 21.04
CA PHE D 270 68.89 8.65 20.21
C PHE D 270 70.17 7.87 19.96
N CYS D 271 71.26 8.59 19.66
CA CYS D 271 72.54 7.92 19.41
C CYS D 271 73.00 7.17 20.66
N TRP D 272 72.91 7.82 21.81
CA TRP D 272 73.35 7.17 23.05
C TRP D 272 72.49 5.94 23.34
N LEU D 273 71.17 6.06 23.21
CA LEU D 273 70.30 4.92 23.49
C LEU D 273 70.54 3.78 22.51
N THR D 274 70.74 4.10 21.23
CA THR D 274 71.01 3.07 20.25
C THR D 274 72.32 2.34 20.57
N GLY D 275 73.36 3.09 20.92
CA GLY D 275 74.62 2.45 21.29
C GLY D 275 74.48 1.58 22.53
N LEU D 276 73.75 2.08 23.53
CA LEU D 276 73.57 1.31 24.76
C LEU D 276 72.83 0.01 24.48
N LEU D 277 71.76 0.07 23.70
CA LEU D 277 71.00 -1.13 23.40
C LEU D 277 71.78 -2.08 22.50
N GLU D 278 72.59 -1.55 21.58
CA GLU D 278 73.46 -2.40 20.78
C GLU D 278 74.45 -3.15 21.65
N LYS D 279 75.04 -2.46 22.62
CA LYS D 279 75.98 -3.12 23.53
C LYS D 279 75.28 -4.13 24.43
N TRP D 280 74.03 -3.84 24.83
CA TRP D 280 73.25 -4.73 25.67
C TRP D 280 72.31 -5.63 24.87
N ARG D 281 72.63 -5.85 23.59
CA ARG D 281 71.76 -6.66 22.73
C ARG D 281 71.43 -8.01 23.35
N PHE D 282 72.44 -8.72 23.83
CA PHE D 282 72.28 -10.08 24.34
C PHE D 282 72.00 -10.13 25.84
N ASN D 283 72.70 -9.29 26.61
CA ASN D 283 72.45 -9.12 28.04
C ASN D 283 72.86 -7.71 28.45
N ALA D 284 72.71 -7.43 29.75
CA ALA D 284 73.16 -6.18 30.34
C ALA D 284 73.49 -6.40 31.81
N PRO D 285 74.44 -5.63 32.37
CA PRO D 285 74.64 -5.67 33.81
C PRO D 285 73.38 -5.25 34.55
N GLU D 286 73.10 -5.93 35.66
CA GLU D 286 71.88 -5.66 36.39
C GLU D 286 71.83 -4.22 36.89
N GLY D 287 72.94 -3.74 37.45
CA GLY D 287 72.95 -2.39 38.00
C GLY D 287 72.76 -1.32 36.95
N LEU D 288 73.46 -1.45 35.82
CA LEU D 288 73.33 -0.45 34.76
C LEU D 288 71.96 -0.53 34.09
N GLU D 289 71.41 -1.74 33.94
CA GLU D 289 70.06 -1.86 33.42
C GLU D 289 69.05 -1.20 34.35
N ARG D 290 69.25 -1.36 35.67
CA ARG D 290 68.38 -0.67 36.62
C ARG D 290 68.55 0.84 36.55
N LEU D 291 69.78 1.30 36.29
CA LEU D 291 69.99 2.74 36.09
C LEU D 291 69.21 3.24 34.88
N LEU D 292 69.25 2.49 33.78
CA LEU D 292 68.45 2.86 32.61
C LEU D 292 66.97 2.86 32.93
N TRP D 293 66.51 1.85 33.69
CA TRP D 293 65.11 1.79 34.11
C TRP D 293 64.73 3.03 34.91
N ILE D 294 65.59 3.43 35.85
CA ILE D 294 65.32 4.61 36.67
C ILE D 294 65.29 5.86 35.81
N TYR D 295 66.21 5.97 34.84
CA TYR D 295 66.21 7.11 33.94
C TYR D 295 64.90 7.20 33.17
N LEU D 296 64.45 6.07 32.61
CA LEU D 296 63.21 6.06 31.87
C LEU D 296 62.02 6.43 32.76
N LEU D 297 61.99 5.88 33.97
CA LEU D 297 60.89 6.18 34.89
C LEU D 297 60.87 7.67 35.26
N ILE D 298 62.05 8.25 35.53
CA ILE D 298 62.12 9.65 35.87
C ILE D 298 61.66 10.51 34.70
N GLN D 299 62.12 10.18 33.49
CA GLN D 299 61.70 10.93 32.32
C GLN D 299 60.18 10.88 32.14
N ASN D 300 59.60 9.68 32.26
CA ASN D 300 58.17 9.54 32.06
C ASN D 300 57.37 10.27 33.15
N GLN D 301 57.84 10.21 34.40
CA GLN D 301 57.17 10.95 35.46
C GLN D 301 57.21 12.44 35.21
N TYR D 302 58.39 12.95 34.81
CA TYR D 302 58.51 14.37 34.52
C TYR D 302 57.59 14.79 33.38
N LEU D 303 57.52 13.97 32.33
CA LEU D 303 56.65 14.29 31.20
C LEU D 303 55.18 14.25 31.60
N THR D 304 54.80 13.29 32.43
CA THR D 304 53.42 13.25 32.93
C THR D 304 53.08 14.52 33.69
N LEU D 305 53.95 14.91 34.63
CA LEU D 305 53.72 16.14 35.38
C LEU D 305 53.63 17.34 34.46
N LEU D 306 54.53 17.44 33.48
CA LEU D 306 54.56 18.58 32.59
C LEU D 306 53.29 18.66 31.74
N VAL D 307 52.85 17.54 31.18
CA VAL D 307 51.66 17.57 30.34
C VAL D 307 50.42 17.88 31.17
N GLN D 308 50.36 17.42 32.42
CA GLN D 308 49.19 17.68 33.23
C GLN D 308 49.18 19.08 33.85
N ARG D 309 50.26 19.85 33.69
CA ARG D 309 50.23 21.24 34.12
C ARG D 309 49.31 22.05 33.20
N THR D 322 57.06 29.91 33.62
CA THR D 322 57.12 31.10 32.80
C THR D 322 58.54 31.19 32.29
N MET D 323 59.44 30.80 33.19
CA MET D 323 60.85 31.06 33.04
C MET D 323 61.50 30.15 32.00
N THR D 324 61.34 28.84 32.18
CA THR D 324 61.77 27.89 31.15
C THR D 324 61.16 28.26 29.81
N GLU D 325 59.95 28.84 29.83
CA GLU D 325 59.36 29.34 28.60
C GLU D 325 60.12 30.55 28.06
N LEU D 326 60.57 31.45 28.96
CA LEU D 326 61.40 32.56 28.52
C LEU D 326 62.61 32.04 27.78
N ARG D 327 63.14 30.91 28.21
CA ARG D 327 64.31 30.35 27.56
C ARG D 327 64.01 29.85 26.15
N GLU D 328 62.74 29.80 25.76
CA GLU D 328 62.36 29.58 24.37
C GLU D 328 62.20 30.89 23.60
N GLU D 329 62.93 31.93 24.00
CA GLU D 329 62.86 33.25 23.37
C GLU D 329 64.11 33.51 22.51
N THR D 330 64.64 32.46 21.89
CA THR D 330 65.72 32.57 20.93
C THR D 330 65.23 32.06 19.57
N GLU D 331 66.02 32.32 18.53
CA GLU D 331 65.65 31.85 17.19
C GLU D 331 66.14 30.43 16.94
N LYS D 332 65.91 29.54 17.91
CA LYS D 332 66.22 28.10 17.93
C LYS D 332 64.99 27.24 18.10
N SER D 333 64.19 27.50 19.14
CA SER D 333 62.97 26.74 19.34
C SER D 333 62.02 26.95 18.17
N TYR D 334 61.92 28.18 17.68
CA TYR D 334 61.05 28.46 16.54
C TYR D 334 61.60 27.88 15.25
N LEU D 335 62.92 27.92 15.07
CA LEU D 335 63.52 27.28 13.89
C LEU D 335 63.25 25.79 13.88
N SER D 336 63.42 25.14 15.03
CA SER D 336 63.12 23.72 15.14
C SER D 336 61.63 23.47 14.91
N ARG D 337 60.78 24.36 15.44
CA ARG D 337 59.35 24.25 15.21
C ARG D 337 59.03 24.23 13.72
N PHE D 338 59.60 25.17 12.98
CA PHE D 338 59.31 25.26 11.56
C PHE D 338 59.92 24.09 10.78
N LYS D 339 61.14 23.69 11.14
CA LYS D 339 61.74 22.52 10.50
C LYS D 339 60.93 21.26 10.75
N HIS D 340 60.33 21.16 11.94
CA HIS D 340 59.51 19.99 12.28
C HIS D 340 58.16 20.02 11.57
N ALA D 341 57.53 21.20 11.49
CA ALA D 341 56.31 21.33 10.72
C ALA D 341 56.56 20.95 9.26
N HIS D 342 57.66 21.45 8.70
CA HIS D 342 58.16 20.91 7.44
C HIS D 342 58.56 19.45 7.64
N GLY D 343 58.20 18.60 6.68
CA GLY D 343 58.57 17.21 6.79
C GLY D 343 60.04 16.99 6.51
N ALA D 344 60.40 15.76 6.16
CA ALA D 344 61.75 15.45 5.74
C ALA D 344 61.97 15.66 4.25
N GLY D 345 60.92 16.00 3.51
CA GLY D 345 61.02 16.21 2.07
C GLY D 345 61.27 17.66 1.71
N VAL D 346 61.33 17.89 0.40
CA VAL D 346 61.62 19.24 -0.11
C VAL D 346 60.43 20.16 0.12
N TYR D 347 59.22 19.64 -0.06
CA TYR D 347 57.98 20.39 0.08
C TYR D 347 57.37 20.15 1.45
N SER D 348 57.00 21.25 2.12
CA SER D 348 56.56 21.16 3.51
C SER D 348 55.26 20.38 3.63
N GLN D 349 55.18 19.56 4.68
CA GLN D 349 53.94 18.87 5.01
C GLN D 349 52.85 19.82 5.48
N VAL D 350 53.23 20.91 6.15
CA VAL D 350 52.30 21.87 6.70
C VAL D 350 52.39 23.14 5.88
N ARG D 351 51.23 23.59 5.36
CA ARG D 351 51.20 24.77 4.50
C ARG D 351 50.97 26.05 5.28
N TYR D 352 49.87 26.12 6.04
CA TYR D 352 49.49 27.33 6.78
C TYR D 352 49.60 27.05 8.26
N LEU D 353 50.59 27.63 8.91
CA LEU D 353 50.84 27.41 10.34
C LEU D 353 50.47 28.66 11.12
N GLU D 354 49.58 28.50 12.10
CA GLU D 354 49.28 29.54 13.07
C GLU D 354 50.14 29.28 14.30
N GLY D 355 50.90 30.30 14.71
CA GLY D 355 51.84 30.36 15.82
C GLY D 355 51.34 31.27 16.91
N ARG D 356 50.99 30.68 18.05
CA ARG D 356 50.36 31.40 19.15
C ARG D 356 51.36 31.59 20.28
N PHE D 357 51.48 32.83 20.75
CA PHE D 357 52.46 33.15 21.79
C PHE D 357 51.84 34.09 22.81
N ALA D 358 52.31 33.98 24.05
CA ALA D 358 51.80 34.86 25.11
C ALA D 358 52.38 36.26 24.94
N PRO D 359 51.54 37.31 24.90
CA PRO D 359 52.09 38.67 24.77
C PRO D 359 52.69 39.14 26.09
N LYS D 360 53.87 39.76 26.00
CA LYS D 360 54.61 40.19 27.16
C LYS D 360 54.20 41.60 27.58
N SER D 361 54.23 41.82 28.90
CA SER D 361 53.89 43.11 29.49
C SER D 361 55.03 44.11 29.42
N ASP D 362 56.20 43.70 28.95
CA ASP D 362 57.35 44.57 28.78
C ASP D 362 57.59 44.79 27.30
N PRO D 363 57.60 46.03 26.81
CA PRO D 363 57.81 46.24 25.37
C PRO D 363 59.09 45.61 24.85
N ASN D 364 60.15 45.70 25.64
CA ASN D 364 61.41 45.04 25.29
C ASN D 364 61.22 43.54 25.10
N LYS D 365 60.60 42.87 26.08
CA LYS D 365 60.41 41.43 25.98
C LYS D 365 59.53 41.07 24.80
N MET D 366 58.53 41.90 24.49
CA MET D 366 57.66 41.63 23.35
C MET D 366 58.42 41.76 22.03
N GLN D 367 59.17 42.85 21.86
CA GLN D 367 60.01 42.99 20.68
C GLN D 367 60.95 41.80 20.58
N LYS D 368 61.44 41.37 21.74
CA LYS D 368 62.39 40.28 21.82
C LYS D 368 61.79 38.98 21.29
N LEU D 369 60.64 38.62 21.82
CA LEU D 369 59.96 37.40 21.42
C LEU D 369 59.64 37.45 19.92
N LEU D 370 59.18 38.59 19.43
CA LEU D 370 58.76 38.67 18.05
C LEU D 370 59.96 38.61 17.10
N PHE D 371 61.06 39.27 17.46
CA PHE D 371 62.27 39.15 16.66
C PHE D 371 62.74 37.71 16.61
N SER D 372 62.70 37.01 17.75
CA SER D 372 63.10 35.62 17.76
C SER D 372 62.24 34.79 16.80
N VAL D 373 60.93 34.96 16.88
CA VAL D 373 60.04 34.16 16.03
C VAL D 373 60.30 34.46 14.55
N LEU D 374 60.35 35.76 14.21
CA LEU D 374 60.51 36.13 12.80
C LEU D 374 61.86 35.68 12.27
N ARG D 375 62.92 35.77 13.08
CA ARG D 375 64.23 35.37 12.60
C ARG D 375 64.33 33.85 12.45
N GLY D 376 63.70 33.10 13.36
CA GLY D 376 63.63 31.67 13.16
C GLY D 376 62.91 31.30 11.88
N TYR D 377 61.80 31.98 11.60
CA TYR D 377 61.08 31.75 10.35
C TYR D 377 61.96 32.07 9.15
N TRP D 378 62.70 33.19 9.22
CA TRP D 378 63.56 33.57 8.11
C TRP D 378 64.67 32.56 7.88
N GLU D 379 65.27 32.05 8.96
CA GLU D 379 66.31 31.04 8.82
C GLU D 379 65.75 29.76 8.20
N TYR D 380 64.56 29.36 8.66
CA TYR D 380 63.91 28.19 8.08
C TYR D 380 63.68 28.38 6.59
N LEU D 381 63.23 29.56 6.18
CA LEU D 381 63.02 29.83 4.76
C LEU D 381 64.34 29.83 3.99
N SER D 382 65.39 30.40 4.58
CA SER D 382 66.69 30.45 3.92
C SER D 382 67.25 29.05 3.70
N ALA D 383 66.90 28.11 4.57
CA ALA D 383 67.35 26.73 4.38
C ALA D 383 66.56 25.98 3.32
N HIS D 384 65.58 26.62 2.68
CA HIS D 384 64.77 25.97 1.66
C HIS D 384 64.63 26.77 0.37
N MET D 385 65.03 28.03 0.33
CA MET D 385 65.07 28.77 -0.92
C MET D 385 66.31 29.66 -0.98
N SER D 386 66.79 29.89 -2.19
CA SER D 386 67.95 30.74 -2.44
C SER D 386 67.50 31.99 -3.18
N MET D 387 67.78 33.15 -2.60
CA MET D 387 67.38 34.43 -3.17
C MET D 387 68.24 35.52 -2.56
N GLU D 388 68.22 36.68 -3.22
CA GLU D 388 68.91 37.86 -2.70
C GLU D 388 68.19 38.34 -1.45
N TRP D 389 68.84 38.20 -0.29
CA TRP D 389 68.20 38.38 1.00
C TRP D 389 68.38 39.79 1.57
N VAL D 390 68.89 40.73 0.78
CA VAL D 390 69.14 42.10 1.25
C VAL D 390 70.12 42.08 2.41
N HIS D 391 69.59 41.96 3.63
CA HIS D 391 70.40 41.80 4.84
C HIS D 391 70.69 40.32 5.04
N GLU D 392 71.93 39.90 4.74
CA GLU D 392 72.28 38.51 4.90
C GLU D 392 72.22 38.08 6.36
N LYS D 393 72.39 39.04 7.28
CA LYS D 393 72.38 38.77 8.71
C LYS D 393 71.48 39.78 9.40
N PRO D 394 70.17 39.61 9.33
CA PRO D 394 69.28 40.57 9.99
C PRO D 394 69.49 40.58 11.50
N LEU D 395 69.41 41.79 12.07
CA LEU D 395 69.56 41.99 13.51
C LEU D 395 68.33 42.59 14.15
N THR D 396 67.45 43.21 13.38
CA THR D 396 66.27 43.89 13.89
C THR D 396 65.03 43.38 13.17
N ILE D 397 63.88 43.64 13.79
CA ILE D 397 62.61 43.22 13.21
C ILE D 397 62.43 43.87 11.84
N SER D 398 62.86 45.13 11.69
CA SER D 398 62.74 45.79 10.40
C SER D 398 63.55 45.07 9.33
N GLN D 399 64.77 44.65 9.66
CA GLN D 399 65.59 43.93 8.69
C GLN D 399 64.99 42.57 8.36
N VAL D 400 64.48 41.86 9.37
CA VAL D 400 63.85 40.56 9.12
C VAL D 400 62.64 40.73 8.22
N LEU D 401 61.87 41.79 8.42
CA LEU D 401 60.71 42.04 7.58
C LEU D 401 61.13 42.42 6.16
N ASP D 402 62.20 43.18 6.02
CA ASP D 402 62.75 43.45 4.69
C ASP D 402 63.09 42.16 3.99
N ASN D 403 63.70 41.22 4.72
CA ASN D 403 64.00 39.90 4.16
C ASN D 403 62.71 39.18 3.75
N LEU D 404 61.72 39.16 4.63
CA LEU D 404 60.54 38.33 4.42
C LEU D 404 59.62 38.90 3.34
N GLU D 405 59.71 40.20 3.05
CA GLU D 405 58.87 40.78 2.02
C GLU D 405 59.13 40.16 0.65
N LEU D 406 60.31 39.60 0.44
CA LEU D 406 60.67 39.01 -0.84
C LEU D 406 60.13 37.60 -1.02
N VAL D 407 59.58 36.99 0.02
CA VAL D 407 59.14 35.61 -0.03
C VAL D 407 57.75 35.55 -0.66
N GLU D 408 57.63 34.78 -1.73
CA GLU D 408 56.36 34.62 -2.41
C GLU D 408 55.61 33.40 -1.87
N PRO D 409 54.27 33.42 -1.86
CA PRO D 409 53.53 32.25 -1.38
C PRO D 409 53.46 31.12 -2.40
N HIS D 410 54.63 30.64 -2.80
CA HIS D 410 54.69 29.56 -3.78
C HIS D 410 54.04 28.28 -3.23
N GLY D 411 54.27 27.99 -1.96
CA GLY D 411 53.72 26.80 -1.33
C GLY D 411 54.76 25.77 -0.93
N LYS D 412 56.04 26.04 -1.18
CA LYS D 412 57.10 25.08 -0.84
C LYS D 412 57.26 24.93 0.66
N CYS D 413 57.22 26.05 1.40
CA CYS D 413 57.52 26.07 2.81
C CYS D 413 56.27 26.44 3.60
N VAL D 414 56.41 26.45 4.93
CA VAL D 414 55.31 26.86 5.79
C VAL D 414 55.10 28.36 5.64
N GLU D 415 53.86 28.80 5.88
CA GLU D 415 53.51 30.21 5.90
C GLU D 415 53.01 30.53 7.29
N LEU D 416 53.68 31.46 7.96
CA LEU D 416 53.46 31.76 9.36
C LEU D 416 52.39 32.82 9.54
N ALA D 417 51.52 32.62 10.53
CA ALA D 417 50.59 33.64 10.98
C ALA D 417 50.65 33.68 12.50
N LEU D 418 51.08 34.83 13.03
CA LEU D 418 51.27 34.97 14.47
C LEU D 418 50.00 35.44 15.14
N VAL D 419 49.67 34.81 16.26
CA VAL D 419 48.48 35.14 17.05
C VAL D 419 48.90 35.30 18.51
N PRO D 420 48.94 36.53 19.03
CA PRO D 420 49.13 36.69 20.47
C PRO D 420 47.94 36.16 21.27
N HIS D 421 48.26 35.58 22.42
CA HIS D 421 47.27 35.12 23.38
C HIS D 421 46.68 36.29 24.15
N PHE D 422 45.77 35.97 25.05
CA PHE D 422 45.44 36.83 26.17
C PHE D 422 45.02 35.89 27.30
N ILE D 423 45.86 35.80 28.32
CA ILE D 423 45.63 34.86 29.43
C ILE D 423 44.65 35.52 30.41
N LYS D 424 43.54 34.85 30.65
CA LYS D 424 42.53 35.35 31.59
C LYS D 424 42.80 34.75 32.97
N ARG D 425 42.79 35.60 33.99
CA ARG D 425 43.04 35.20 35.36
C ARG D 425 41.79 35.40 36.20
N LYS D 426 41.70 34.66 37.29
CA LYS D 426 40.56 34.79 38.17
C LYS D 426 40.51 36.18 38.80
N PRO D 427 39.32 36.70 39.06
CA PRO D 427 39.22 38.01 39.71
C PRO D 427 39.79 37.97 41.12
N LYS D 428 40.34 39.10 41.56
CA LYS D 428 40.98 39.17 42.86
C LYS D 428 40.02 39.68 43.92
N ASN D 429 40.50 39.68 45.17
CA ASN D 429 39.61 39.94 46.31
C ASN D 429 39.00 41.34 46.22
N GLY D 430 39.81 42.35 45.94
CA GLY D 430 39.33 43.72 45.93
C GLY D 430 39.69 44.48 44.68
N GLU D 431 38.68 44.94 43.95
CA GLU D 431 38.88 45.76 42.76
C GLU D 431 37.61 46.55 42.50
N ALA D 432 37.73 47.57 41.66
CA ALA D 432 36.60 48.43 41.36
C ALA D 432 35.44 47.63 40.77
N TYR D 433 35.72 46.81 39.77
CA TYR D 433 34.75 45.94 39.15
C TYR D 433 35.41 44.59 38.88
N PRO D 434 34.62 43.53 38.69
CA PRO D 434 35.22 42.22 38.47
C PRO D 434 36.17 42.23 37.29
N HIS D 435 37.32 41.57 37.47
CA HIS D 435 38.36 41.49 36.44
C HIS D 435 38.87 42.87 36.06
N ALA D 436 38.88 43.82 37.00
CA ALA D 436 39.42 45.15 36.70
C ALA D 436 40.92 45.07 36.46
N LEU D 437 41.65 44.41 37.36
CA LEU D 437 43.10 44.30 37.21
C LEU D 437 43.47 43.42 36.02
N LEU D 438 42.69 42.37 35.77
CA LEU D 438 42.93 41.56 34.58
C LEU D 438 42.70 42.37 33.31
N PHE D 439 41.58 43.08 33.23
CA PHE D 439 41.34 43.94 32.08
C PHE D 439 42.47 44.93 31.92
N LYS D 440 42.99 45.45 33.04
CA LYS D 440 44.17 46.29 32.99
C LYS D 440 45.33 45.62 32.28
N ASP D 441 45.80 44.50 32.85
CA ASP D 441 47.00 43.86 32.32
C ASP D 441 46.83 43.56 30.84
N LEU D 442 45.61 43.16 30.46
CA LEU D 442 45.30 42.98 29.05
C LEU D 442 45.42 44.30 28.31
N LYS D 443 45.01 45.39 28.93
CA LYS D 443 45.11 46.70 28.30
C LYS D 443 46.55 47.07 28.02
N ASN D 444 47.43 46.84 28.99
CA ASN D 444 48.84 47.16 28.80
C ASN D 444 49.46 46.27 27.72
N GLN D 445 49.12 44.98 27.73
CA GLN D 445 49.65 44.09 26.70
C GLN D 445 49.17 44.52 25.32
N ALA D 446 47.89 44.85 25.19
CA ALA D 446 47.35 45.32 23.92
C ALA D 446 47.98 46.63 23.50
N ALA D 447 48.25 47.52 24.46
CA ALA D 447 48.94 48.77 24.14
C ALA D 447 50.32 48.49 23.57
N ILE D 448 51.07 47.59 24.20
CA ILE D 448 52.38 47.24 23.67
C ILE D 448 52.25 46.71 22.25
N LEU D 449 51.27 45.82 22.03
CA LEU D 449 51.09 45.26 20.69
C LEU D 449 50.77 46.34 19.67
N MET D 450 49.88 47.27 20.02
CA MET D 450 49.51 48.34 19.10
C MET D 450 50.68 49.27 18.81
N ASP D 451 51.49 49.60 19.82
CA ASP D 451 52.68 50.41 19.56
C ASP D 451 53.66 49.68 18.64
N MET D 452 53.80 48.37 18.81
CA MET D 452 54.64 47.60 17.89
C MET D 452 54.09 47.70 16.47
N LEU D 453 52.80 47.43 16.29
CA LEU D 453 52.21 47.48 14.96
C LEU D 453 52.36 48.86 14.36
N LYS D 454 52.22 49.92 15.17
CA LYS D 454 52.48 51.25 14.67
C LYS D 454 53.90 51.37 14.16
N SER D 455 54.86 51.28 15.08
CA SER D 455 56.26 51.54 14.75
C SER D 455 56.73 50.67 13.60
N GLU D 456 55.98 49.62 13.27
CA GLU D 456 56.28 48.78 12.12
C GLU D 456 54.97 48.31 11.51
N PRO D 457 54.42 49.08 10.57
CA PRO D 457 53.15 48.65 9.95
C PRO D 457 53.23 47.30 9.26
N ARG D 458 54.40 46.93 8.75
CA ARG D 458 54.54 45.65 8.07
C ARG D 458 54.26 44.46 8.98
N LEU D 459 54.29 44.67 10.30
CA LEU D 459 54.00 43.58 11.22
C LEU D 459 52.54 43.16 11.18
N THR D 460 51.67 43.92 10.53
CA THR D 460 50.28 43.49 10.37
C THR D 460 50.15 42.34 9.38
N GLY D 461 51.14 42.14 8.52
CA GLY D 461 51.14 41.00 7.63
C GLY D 461 51.63 39.71 8.26
N TRP D 462 52.06 39.76 9.52
CA TRP D 462 52.52 38.59 10.24
C TRP D 462 51.81 38.36 11.56
N ILE D 463 51.29 39.41 12.18
CA ILE D 463 50.45 39.29 13.37
C ILE D 463 49.00 39.37 12.89
N ARG D 464 48.36 38.22 12.76
CA ARG D 464 47.00 38.11 12.25
C ARG D 464 46.16 37.38 13.28
N GLY D 465 45.64 38.13 14.23
CA GLY D 465 44.70 37.57 15.18
C GLY D 465 45.11 37.80 16.62
N VAL D 466 44.10 38.05 17.45
CA VAL D 466 44.29 38.05 18.89
C VAL D 466 43.38 36.97 19.46
N ASP D 467 43.98 35.90 19.95
CA ASP D 467 43.25 34.84 20.63
C ASP D 467 43.28 35.09 22.13
N ALA D 468 42.16 34.80 22.79
CA ALA D 468 42.11 34.81 24.25
C ALA D 468 41.88 33.38 24.72
N ALA D 469 42.96 32.73 25.14
CA ALA D 469 42.93 31.39 25.72
C ALA D 469 42.98 31.51 27.24
N ALA D 470 43.24 30.38 27.90
CA ALA D 470 43.32 30.17 29.35
C ALA D 470 41.96 29.69 29.82
N ASN D 471 41.82 29.55 31.15
CA ASN D 471 40.64 28.97 31.76
C ASN D 471 39.41 29.81 31.47
N GLU D 472 38.31 29.14 31.15
CA GLU D 472 37.10 29.85 30.73
C GLU D 472 36.48 30.59 31.92
N MET D 473 36.41 29.92 33.07
CA MET D 473 35.66 30.37 34.23
C MET D 473 36.29 31.58 34.88
N HIS D 474 37.50 31.93 34.48
CA HIS D 474 38.26 33.00 35.11
C HIS D 474 37.93 34.37 34.54
N ALA D 475 37.40 34.42 33.32
CA ALA D 475 36.97 35.67 32.71
C ALA D 475 35.96 35.36 31.60
N PRO D 476 34.80 36.01 31.60
CA PRO D 476 33.80 35.74 30.57
C PRO D 476 34.18 36.39 29.24
N PRO D 477 33.56 35.97 28.14
CA PRO D 477 33.89 36.60 26.84
C PRO D 477 33.59 38.08 26.79
N GLU D 478 32.57 38.55 27.52
CA GLU D 478 32.19 39.96 27.42
C GLU D 478 33.29 40.90 27.91
N LEU D 479 34.27 40.39 28.67
CA LEU D 479 35.34 41.24 29.16
C LEU D 479 36.32 41.62 28.06
N PHE D 480 36.49 40.79 27.04
CA PHE D 480 37.47 41.00 25.99
C PHE D 480 36.92 41.80 24.80
N CYS D 481 35.62 42.10 24.79
CA CYS D 481 35.05 42.78 23.64
C CYS D 481 35.67 44.15 23.38
N PRO D 482 35.81 45.03 24.37
CA PRO D 482 36.47 46.32 24.09
C PRO D 482 37.88 46.16 23.57
N LEU D 483 38.63 45.22 24.15
CA LEU D 483 40.01 44.97 23.71
C LEU D 483 40.04 44.54 22.25
N PHE D 484 39.16 43.60 21.88
CA PHE D 484 39.14 43.10 20.52
C PHE D 484 38.72 44.18 19.53
N ARG D 485 37.76 45.03 19.91
CA ARG D 485 37.37 46.14 19.03
C ARG D 485 38.54 47.09 18.80
N VAL D 486 39.22 47.48 19.87
CA VAL D 486 40.35 48.41 19.74
C VAL D 486 41.45 47.79 18.89
N LEU D 487 41.72 46.50 19.08
CA LEU D 487 42.74 45.83 18.28
C LEU D 487 42.32 45.75 16.81
N ALA D 488 41.06 45.46 16.55
CA ALA D 488 40.55 45.47 15.18
C ALA D 488 40.91 46.77 14.50
N LYS D 489 40.73 47.89 15.20
CA LYS D 489 41.09 49.17 14.60
C LYS D 489 42.59 49.39 14.53
N SER D 490 43.35 48.89 15.51
CA SER D 490 44.80 49.00 15.44
C SER D 490 45.38 48.17 14.31
N GLY D 491 44.57 47.34 13.66
CA GLY D 491 44.99 46.62 12.47
C GLY D 491 45.05 45.13 12.63
N ILE D 492 44.48 44.58 13.70
CA ILE D 492 44.50 43.15 13.95
C ILE D 492 43.26 42.53 13.32
N ALA D 493 43.44 41.86 12.19
CA ALA D 493 42.39 41.09 11.55
C ALA D 493 42.25 39.75 12.24
N HIS D 494 41.04 39.19 12.21
CA HIS D 494 40.73 37.87 12.74
C HIS D 494 40.84 37.87 14.27
N PHE D 495 39.85 37.24 14.90
CA PHE D 495 39.81 37.14 16.35
C PHE D 495 39.49 35.71 16.76
N THR D 496 40.05 35.28 17.88
CA THR D 496 39.80 33.94 18.38
C THR D 496 39.58 34.01 19.89
N TYR D 497 38.77 33.08 20.40
CA TYR D 497 38.43 33.08 21.81
C TYR D 497 38.03 31.68 22.23
N HIS D 498 38.73 31.11 23.20
CA HIS D 498 38.39 29.78 23.69
C HIS D 498 37.04 29.81 24.40
N VAL D 499 36.13 28.95 23.95
CA VAL D 499 34.81 28.83 24.56
C VAL D 499 34.38 27.36 24.57
N GLY D 500 33.61 27.00 25.59
CA GLY D 500 33.03 25.67 25.68
C GLY D 500 33.95 24.59 26.17
N GLU D 501 35.19 24.91 26.57
CA GLU D 501 36.12 23.88 27.01
C GLU D 501 35.73 23.30 28.37
N ASP D 502 35.76 24.12 29.42
CA ASP D 502 35.37 23.69 30.76
C ASP D 502 34.27 24.59 31.27
N PHE D 503 33.19 23.98 31.77
CA PHE D 503 31.99 24.68 32.17
C PHE D 503 31.40 23.99 33.40
N PRO D 504 30.81 24.74 34.33
CA PRO D 504 30.13 24.07 35.46
C PRO D 504 28.93 23.25 35.02
N HIS D 505 28.32 23.60 33.90
CA HIS D 505 27.17 22.89 33.36
C HIS D 505 27.19 23.00 31.85
N LEU D 506 26.58 22.01 31.20
CA LEU D 506 26.51 22.02 29.74
C LEU D 506 25.73 23.23 29.25
N ILE D 507 24.65 23.59 29.93
CA ILE D 507 23.92 24.80 29.60
C ILE D 507 24.83 26.02 29.76
N SER D 508 25.68 26.01 30.79
CA SER D 508 26.61 27.11 30.99
C SER D 508 27.58 27.23 29.83
N GLY D 509 28.11 26.09 29.34
CA GLY D 509 29.02 26.14 28.20
C GLY D 509 28.34 26.63 26.93
N ILE D 510 27.13 26.14 26.67
CA ILE D 510 26.38 26.60 25.49
C ILE D 510 26.12 28.10 25.60
N ARG D 511 25.75 28.56 26.79
CA ARG D 511 25.51 29.98 27.01
C ARG D 511 26.80 30.78 26.79
N SER D 512 27.93 30.24 27.23
CA SER D 512 29.19 30.93 27.01
C SER D 512 29.49 31.08 25.52
N ILE D 513 29.25 30.02 24.75
CA ILE D 513 29.46 30.13 23.30
C ILE D 513 28.54 31.17 22.70
N ASP D 514 27.27 31.19 23.12
CA ASP D 514 26.33 32.17 22.59
C ASP D 514 26.74 33.60 22.97
N ASP D 515 27.20 33.79 24.19
CA ASP D 515 27.67 35.11 24.62
C ASP D 515 28.88 35.54 23.79
N ALA D 516 29.81 34.62 23.54
CA ALA D 516 30.94 34.94 22.68
C ALA D 516 30.46 35.37 21.30
N LEU D 517 29.47 34.65 20.76
CA LEU D 517 28.95 34.98 19.44
C LEU D 517 28.33 36.38 19.41
N ARG D 518 27.50 36.69 20.41
CA ARG D 518 26.71 37.92 20.37
C ARG D 518 27.37 39.10 21.06
N PHE D 519 28.58 38.94 21.58
CA PHE D 519 29.30 40.05 22.19
C PHE D 519 30.65 40.32 21.55
N LEU D 520 31.41 39.28 21.19
CA LEU D 520 32.71 39.50 20.59
C LEU D 520 32.54 40.03 19.16
N PRO D 521 33.50 40.84 18.68
CA PRO D 521 33.42 41.35 17.30
C PRO D 521 33.90 40.33 16.27
N LEU D 522 33.24 39.17 16.27
CA LEU D 522 33.61 38.10 15.34
C LEU D 522 32.99 38.37 13.98
N ARG D 523 33.83 38.51 12.97
CA ARG D 523 33.40 38.82 11.62
C ARG D 523 33.26 37.52 10.83
N ASN D 524 32.94 37.63 9.55
CA ASN D 524 32.82 36.46 8.70
C ASN D 524 34.19 35.82 8.52
N GLY D 525 34.26 34.51 8.74
CA GLY D 525 35.50 33.77 8.61
C GLY D 525 36.32 33.64 9.87
N ASP D 526 35.86 34.20 10.99
CA ASP D 526 36.58 34.07 12.24
C ASP D 526 36.36 32.69 12.84
N ARG D 527 37.23 32.33 13.79
CA ARG D 527 37.18 31.05 14.46
C ARG D 527 37.04 31.27 15.97
N LEU D 528 36.31 30.36 16.62
CA LEU D 528 36.09 30.49 18.05
C LEU D 528 37.10 29.69 18.86
N GLY D 529 37.11 28.37 18.71
CA GLY D 529 37.95 27.53 19.55
C GLY D 529 37.43 26.13 19.68
N HIS D 530 37.51 25.57 20.89
CA HIS D 530 37.10 24.18 21.09
C HIS D 530 35.59 24.01 20.95
N CYS D 531 34.82 24.84 21.63
CA CYS D 531 33.36 24.80 21.54
C CYS D 531 32.82 23.40 21.85
N THR D 532 33.40 22.76 22.88
CA THR D 532 32.99 21.43 23.26
C THR D 532 31.53 21.38 23.75
N ALA D 533 31.01 22.49 24.27
CA ALA D 533 29.67 22.46 24.86
C ALA D 533 28.60 22.19 23.82
N ILE D 534 28.83 22.56 22.57
CA ILE D 534 27.85 22.33 21.51
C ILE D 534 28.18 21.09 20.69
N GLY D 535 29.21 20.33 21.07
CA GLY D 535 29.54 19.10 20.40
C GLY D 535 29.29 17.88 21.26
N ILE D 536 29.52 18.02 22.56
CA ILE D 536 29.32 16.91 23.49
C ILE D 536 27.84 16.69 23.70
N THR D 537 27.41 15.44 23.65
CA THR D 537 26.00 15.16 23.84
C THR D 537 25.64 15.15 25.32
N PRO D 538 24.40 15.51 25.66
CA PRO D 538 23.99 15.36 27.06
C PRO D 538 24.08 13.93 27.56
N SER D 539 23.86 12.95 26.68
CA SER D 539 24.02 11.55 27.07
C SER D 539 25.44 11.31 27.56
N ILE D 540 26.43 11.44 26.67
CA ILE D 540 27.81 11.43 27.14
C ILE D 540 28.23 12.87 27.39
N TRP D 541 27.69 13.45 28.45
CA TRP D 541 28.35 14.48 29.26
C TRP D 541 28.17 14.24 30.75
N LYS D 542 27.12 13.50 31.15
CA LYS D 542 26.83 13.15 32.53
C LYS D 542 26.97 11.64 32.66
N ARG D 543 28.19 11.19 32.91
CA ARG D 543 28.49 9.77 33.02
C ARG D 543 29.12 9.39 34.35
N SER D 544 29.91 10.29 34.94
CA SER D 544 30.44 10.09 36.28
C SER D 544 30.23 11.34 37.13
N LEU D 545 29.24 12.16 36.76
CA LEU D 545 29.02 13.44 37.40
C LEU D 545 27.98 13.32 38.51
N PRO D 546 28.12 14.09 39.59
CA PRO D 546 27.11 14.04 40.66
C PRO D 546 25.76 14.55 40.16
N LEU D 547 24.70 14.05 40.79
CA LEU D 547 23.35 14.40 40.35
C LEU D 547 23.07 15.89 40.52
N SER D 548 23.86 16.61 41.31
CA SER D 548 23.71 18.04 41.47
C SER D 548 25.08 18.69 41.30
N LEU D 549 25.15 19.70 40.44
CA LEU D 549 26.37 20.46 40.21
C LEU D 549 26.19 21.88 40.73
N SER D 550 27.18 22.39 41.44
CA SER D 550 27.10 23.72 42.02
C SER D 550 27.82 24.72 41.11
N MET D 551 27.19 25.87 40.92
CA MET D 551 27.73 26.93 40.10
C MET D 551 27.65 28.25 40.87
N THR D 552 28.13 29.31 40.25
CA THR D 552 27.95 30.64 40.82
C THR D 552 26.59 31.21 40.42
N LYS D 553 26.08 32.11 41.25
CA LYS D 553 24.76 32.69 40.99
C LYS D 553 24.74 33.49 39.71
N GLU D 554 25.84 34.17 39.38
CA GLU D 554 25.87 34.93 38.13
C GLU D 554 25.74 34.01 36.93
N THR D 555 26.49 32.91 36.91
CA THR D 555 26.35 31.93 35.84
C THR D 555 24.96 31.31 35.82
N ARG D 556 24.39 31.01 36.98
CA ARG D 556 23.05 30.45 37.05
C ARG D 556 22.01 31.40 36.45
N LEU D 557 22.07 32.67 36.82
CA LEU D 557 21.11 33.65 36.30
C LEU D 557 21.28 33.83 34.80
N LEU D 558 22.53 33.94 34.33
CA LEU D 558 22.76 34.10 32.90
C LEU D 558 22.30 32.86 32.14
N ASP D 559 22.51 31.68 32.69
CA ASP D 559 22.03 30.45 32.05
C ASP D 559 20.52 30.43 31.97
N LEU D 560 19.83 30.84 33.04
CA LEU D 560 18.38 30.88 33.00
C LEU D 560 17.88 31.86 31.94
N VAL D 561 18.51 33.04 31.86
CA VAL D 561 18.12 34.02 30.85
C VAL D 561 18.35 33.46 29.45
N PHE D 562 19.47 32.78 29.25
CA PHE D 562 19.77 32.17 27.95
C PHE D 562 18.75 31.10 27.60
N ILE D 563 18.38 30.25 28.57
CA ILE D 563 17.38 29.23 28.32
C ILE D 563 16.07 29.86 27.90
N TRP D 564 15.65 30.91 28.61
CA TRP D 564 14.43 31.61 28.24
C TRP D 564 14.53 32.16 26.83
N ARG D 565 15.63 32.85 26.52
CA ARG D 565 15.78 33.46 25.21
C ARG D 565 15.69 32.43 24.10
N GLU D 566 16.32 31.28 24.29
CA GLU D 566 16.41 30.29 23.22
C GLU D 566 15.20 29.39 23.13
N LEU D 567 14.44 29.22 24.21
CA LEU D 567 13.28 28.33 24.21
C LEU D 567 11.96 29.09 24.25
N ARG D 568 11.98 30.41 24.16
CA ARG D 568 10.74 31.17 24.01
C ARG D 568 9.94 30.66 22.82
N SER D 569 10.58 30.54 21.66
CA SER D 569 9.89 30.24 20.41
C SER D 569 9.68 28.74 20.19
N HIS D 570 10.22 27.89 21.06
CA HIS D 570 10.08 26.46 20.88
C HIS D 570 8.74 25.99 21.42
N PRO D 571 7.79 25.57 20.58
CA PRO D 571 6.49 25.16 21.11
C PRO D 571 6.56 23.99 22.08
N GLU D 572 7.53 23.09 21.89
CA GLU D 572 7.64 21.90 22.72
C GLU D 572 8.41 22.15 24.02
N LEU D 573 9.03 23.32 24.18
CA LEU D 573 9.86 23.62 25.33
C LEU D 573 9.42 24.91 26.03
N LEU D 574 8.17 25.31 25.80
CA LEU D 574 7.65 26.52 26.42
C LEU D 574 7.62 26.41 27.93
N ARG D 575 7.34 25.21 28.45
CA ARG D 575 7.35 25.02 29.90
C ARG D 575 8.72 25.32 30.48
N TYR D 576 9.76 24.80 29.84
CA TYR D 576 11.12 25.05 30.32
C TYR D 576 11.48 26.52 30.20
N ALA D 577 11.05 27.18 29.11
CA ALA D 577 11.31 28.61 28.98
C ALA D 577 10.64 29.39 30.11
N SER D 578 9.38 29.07 30.42
CA SER D 578 8.66 29.78 31.47
C SER D 578 9.30 29.55 32.83
N ASP D 579 9.67 28.30 33.14
CA ASP D 579 10.31 28.02 34.41
C ASP D 579 11.65 28.75 34.51
N ALA D 580 12.39 28.79 33.41
CA ALA D 580 13.65 29.53 33.40
C ALA D 580 13.41 31.01 33.68
N ALA D 581 12.38 31.59 33.07
CA ALA D 581 12.08 33.00 33.33
C ALA D 581 11.76 33.23 34.81
N ILE D 582 10.92 32.36 35.38
CA ILE D 582 10.50 32.54 36.77
C ILE D 582 11.71 32.42 37.71
N GLU D 583 12.53 31.39 37.48
CA GLU D 583 13.72 31.21 38.31
C GLU D 583 14.69 32.36 38.15
N ALA D 584 14.82 32.90 36.92
CA ALA D 584 15.71 34.02 36.68
C ALA D 584 15.25 35.25 37.45
N VAL D 585 13.95 35.54 37.43
CA VAL D 585 13.44 36.68 38.17
C VAL D 585 13.71 36.49 39.67
N ARG D 586 13.47 35.27 40.17
CA ARG D 586 13.71 35.01 41.59
C ARG D 586 15.18 35.22 41.97
N LEU D 587 16.07 34.61 41.21
CA LEU D 587 17.48 34.70 41.54
C LEU D 587 17.98 36.13 41.42
N ALA D 588 17.46 36.88 40.44
CA ALA D 588 17.78 38.29 40.34
C ALA D 588 17.31 39.05 41.57
N HIS D 589 16.16 38.64 42.13
CA HIS D 589 15.63 39.34 43.30
C HIS D 589 16.62 39.37 44.46
N LYS D 590 17.30 38.27 44.78
CA LYS D 590 18.36 38.39 45.81
C LYS D 590 19.63 38.96 45.24
N VAL D 591 20.07 38.51 44.06
CA VAL D 591 21.40 38.92 43.57
C VAL D 591 21.49 40.44 43.55
N PHE D 592 20.40 41.10 43.15
CA PHE D 592 20.34 42.55 43.12
C PHE D 592 19.77 43.15 44.39
N SER D 593 19.28 42.34 45.32
CA SER D 593 18.64 42.83 46.55
C SER D 593 17.54 43.82 46.19
N LEU D 594 16.75 43.47 45.18
CA LEU D 594 15.73 44.37 44.65
C LEU D 594 14.48 44.27 45.50
N GLU D 595 13.83 45.42 45.72
CA GLU D 595 12.56 45.40 46.42
C GLU D 595 11.40 45.43 45.45
N GLU D 596 11.61 46.06 44.28
CA GLU D 596 10.59 46.25 43.27
C GLU D 596 10.48 44.98 42.43
N GLU D 597 9.75 45.06 41.32
CA GLU D 597 9.57 43.93 40.41
C GLU D 597 10.41 44.14 39.16
N VAL D 598 11.20 43.12 38.82
CA VAL D 598 12.03 43.14 37.62
C VAL D 598 11.57 41.98 36.74
N SER D 599 11.19 42.30 35.51
CA SER D 599 10.73 41.29 34.57
C SER D 599 11.90 40.68 33.82
N ILE D 600 11.64 39.53 33.20
CA ILE D 600 12.68 38.86 32.41
C ILE D 600 13.10 39.73 31.23
N THR D 601 12.19 40.57 30.73
CA THR D 601 12.54 41.49 29.65
C THR D 601 13.62 42.47 30.09
N THR D 602 13.42 43.10 31.25
CA THR D 602 14.43 44.05 31.72
C THR D 602 15.70 43.33 32.18
N LEU D 603 15.58 42.08 32.64
CA LEU D 603 16.79 41.29 32.90
C LEU D 603 17.59 41.10 31.63
N ASP D 604 16.90 40.78 30.53
CA ASP D 604 17.57 40.66 29.23
C ASP D 604 18.22 41.98 28.82
N GLN D 605 17.52 43.09 29.02
CA GLN D 605 18.10 44.39 28.72
C GLN D 605 19.37 44.62 29.54
N VAL D 606 19.32 44.28 30.83
CA VAL D 606 20.48 44.47 31.70
C VAL D 606 21.65 43.65 31.19
N PHE D 607 21.40 42.39 30.82
CA PHE D 607 22.47 41.48 30.46
C PHE D 607 22.92 41.59 29.02
N GLU D 608 22.25 42.39 28.19
CA GLU D 608 22.82 42.68 26.87
C GLU D 608 23.89 43.77 26.92
N MET D 609 24.09 44.41 28.07
CA MET D 609 25.05 45.49 28.20
C MET D 609 26.39 45.02 28.77
N ARG D 610 26.61 43.71 28.83
CA ARG D 610 27.87 43.19 29.33
C ARG D 610 29.03 43.48 28.39
N GLY D 611 28.75 43.74 27.11
CA GLY D 611 29.80 44.09 26.18
C GLY D 611 30.35 45.49 26.33
N LEU D 612 29.69 46.32 27.13
CA LEU D 612 30.16 47.68 27.35
C LEU D 612 31.41 47.68 28.23
N LEU D 613 32.34 48.58 27.91
CA LEU D 613 33.47 48.80 28.80
C LEU D 613 32.98 49.31 30.14
N ALA D 614 33.48 48.71 31.22
CA ALA D 614 33.00 49.07 32.55
C ALA D 614 33.24 50.55 32.84
N GLU D 615 34.45 51.03 32.56
CA GLU D 615 34.81 52.43 32.80
C GLU D 615 34.64 53.28 31.55
N SER D 616 33.46 53.22 30.92
CA SER D 616 33.20 54.05 29.75
C SER D 616 32.48 55.33 30.14
N GLU D 617 31.24 55.22 30.63
CA GLU D 617 30.54 56.35 31.21
C GLU D 617 29.69 55.95 32.40
N GLY D 618 29.79 54.69 32.86
CA GLY D 618 28.96 54.21 33.93
C GLY D 618 29.77 53.78 35.15
N LEU D 619 31.03 54.18 35.21
CA LEU D 619 31.90 53.81 36.30
C LEU D 619 33.17 54.66 36.31
N SER D 631 43.46 57.13 22.15
CA SER D 631 42.73 57.63 20.99
C SER D 631 41.73 56.59 20.49
N LEU D 632 42.24 55.39 20.21
CA LEU D 632 41.38 54.32 19.72
C LEU D 632 40.38 53.87 20.78
N TRP D 633 40.67 54.12 22.06
CA TRP D 633 39.78 53.74 23.15
C TRP D 633 38.60 54.70 23.29
N LEU D 634 38.61 55.83 22.59
CA LEU D 634 37.56 56.83 22.73
C LEU D 634 36.22 56.29 22.28
N GLU D 635 36.20 55.51 21.19
CA GLU D 635 34.94 55.01 20.66
C GLU D 635 34.17 54.22 21.72
N GLU D 636 34.83 53.27 22.38
CA GLU D 636 34.15 52.47 23.39
C GLU D 636 34.13 53.12 24.77
N TYR D 637 34.91 54.18 24.99
CA TYR D 637 34.66 55.05 26.14
C TYR D 637 33.31 55.73 26.04
N GLU D 638 32.94 56.20 24.84
CA GLU D 638 31.61 56.79 24.63
C GLU D 638 30.54 55.81 24.14
N ARG D 639 30.89 54.54 23.90
CA ARG D 639 29.87 53.62 23.43
C ARG D 639 28.67 53.58 24.37
N ALA D 640 28.88 53.83 25.67
CA ALA D 640 27.78 53.85 26.62
C ALA D 640 26.90 55.08 26.51
N ARG D 641 27.36 56.14 25.84
CA ARG D 641 26.58 57.37 25.77
C ARG D 641 25.28 57.16 25.02
N GLU D 642 25.30 56.37 23.94
CA GLU D 642 24.06 56.06 23.25
C GLU D 642 23.05 55.40 24.19
N LEU D 643 23.53 54.45 24.99
CA LEU D 643 22.67 53.78 25.96
C LEU D 643 22.09 54.77 26.95
N VAL D 644 22.91 55.65 27.50
CA VAL D 644 22.43 56.59 28.52
C VAL D 644 21.56 57.68 27.87
N LYS D 645 21.64 57.82 26.55
CA LYS D 645 20.77 58.74 25.83
C LYS D 645 19.36 58.17 25.69
N THR D 646 19.25 56.89 25.35
CA THR D 646 17.94 56.27 25.24
C THR D 646 17.16 56.47 26.53
N THR D 647 16.04 57.20 26.45
CA THR D 647 15.31 57.58 27.66
C THR D 647 14.78 56.38 28.42
N GLY D 648 14.50 55.28 27.73
CA GLY D 648 13.86 54.12 28.33
C GLY D 648 14.83 53.10 28.89
N MET D 649 16.11 53.43 28.96
CA MET D 649 17.14 52.47 29.34
C MET D 649 17.63 52.74 30.76
N LYS D 650 16.80 53.44 31.55
CA LYS D 650 17.03 53.71 32.97
C LYS D 650 17.39 52.50 33.78
N ARG D 651 16.41 51.62 33.96
CA ARG D 651 16.46 50.59 34.98
C ARG D 651 17.47 49.53 34.57
N PRO D 652 17.55 49.16 33.29
CA PRO D 652 18.70 48.35 32.86
C PRO D 652 20.02 48.99 33.21
N LEU D 653 20.16 50.32 33.05
CA LEU D 653 21.46 50.91 33.30
C LEU D 653 21.82 50.86 34.78
N LYS D 654 20.91 51.29 35.64
CA LYS D 654 21.19 51.31 37.07
C LYS D 654 21.42 49.89 37.57
N LEU D 655 20.65 48.93 37.06
CA LEU D 655 20.82 47.54 37.46
C LEU D 655 22.18 47.02 37.05
N TYR D 656 22.63 47.36 35.84
CA TYR D 656 23.96 46.93 35.41
C TYR D 656 25.04 47.59 36.27
N LYS D 657 24.83 48.84 36.66
CA LYS D 657 25.79 49.50 37.53
C LYS D 657 25.86 48.82 38.88
N GLN D 658 24.72 48.41 39.42
CA GLN D 658 24.72 47.60 40.64
C GLN D 658 25.45 46.28 40.42
N TRP D 659 25.21 45.66 39.27
CA TRP D 659 25.87 44.40 38.93
C TRP D 659 27.38 44.55 38.88
N LEU D 660 27.86 45.72 38.46
CA LEU D 660 29.30 45.95 38.32
C LEU D 660 29.96 46.38 39.62
N THR D 661 29.32 47.29 40.37
CA THR D 661 29.97 47.95 41.50
C THR D 661 29.49 47.49 42.86
N SER D 662 28.20 47.20 43.01
CA SER D 662 27.66 46.93 44.34
C SER D 662 28.39 45.76 44.99
N ASP D 663 28.91 46.00 46.20
CA ASP D 663 29.60 44.95 46.93
C ASP D 663 28.66 43.80 47.28
N ASN D 664 27.42 44.11 47.66
CA ASN D 664 26.44 43.06 47.94
C ASN D 664 26.17 42.21 46.71
N VAL D 665 25.97 42.87 45.56
CA VAL D 665 25.69 42.12 44.34
C VAL D 665 26.90 41.29 43.93
N ARG D 666 28.10 41.79 44.17
CA ARG D 666 29.31 41.04 43.81
C ARG D 666 29.47 39.82 44.71
N LYS D 667 29.20 39.98 46.01
CA LYS D 667 29.23 38.83 46.91
C LYS D 667 28.19 37.79 46.51
N GLN D 668 26.97 38.24 46.17
CA GLN D 668 25.95 37.31 45.72
C GLN D 668 26.31 36.67 44.38
N ARG D 669 27.03 37.38 43.52
CA ARG D 669 27.50 36.80 42.27
C ARG D 669 28.48 35.68 42.53
N ALA D 670 29.40 35.89 43.48
CA ALA D 670 30.36 34.84 43.81
C ALA D 670 29.75 33.71 44.63
N GLU D 671 28.58 33.93 45.24
CA GLU D 671 27.89 32.87 45.94
C GLU D 671 27.67 31.67 45.01
N TYR D 672 27.38 30.52 45.62
CA TYR D 672 27.17 29.27 44.91
C TYR D 672 25.76 28.75 45.14
N VAL D 673 25.21 28.09 44.13
CA VAL D 673 23.89 27.47 44.18
C VAL D 673 23.95 26.18 43.40
N GLU D 674 23.11 25.22 43.81
CA GLU D 674 23.10 23.89 43.21
C GLU D 674 22.06 23.83 42.09
N VAL D 675 22.40 23.10 41.02
CA VAL D 675 21.52 22.88 39.88
C VAL D 675 21.51 21.38 39.60
N ALA D 676 20.32 20.83 39.38
CA ALA D 676 20.21 19.42 39.05
C ALA D 676 20.85 19.14 37.70
N LEU D 677 21.43 17.95 37.57
CA LEU D 677 22.03 17.54 36.31
C LEU D 677 20.98 17.45 35.22
N GLU D 678 19.83 16.87 35.54
CA GLU D 678 18.69 16.86 34.63
C GLU D 678 17.80 18.07 34.88
N TYR D 679 18.38 19.27 34.97
CA TYR D 679 17.55 20.45 35.08
C TYR D 679 16.78 20.68 33.79
N LEU D 680 17.44 20.48 32.66
CA LEU D 680 16.80 20.47 31.35
C LEU D 680 16.95 19.09 30.75
N PRO D 681 15.92 18.56 30.09
CA PRO D 681 16.06 17.24 29.47
C PRO D 681 17.05 17.25 28.32
N ASP D 682 17.50 16.05 27.96
CA ASP D 682 18.41 15.90 26.84
C ASP D 682 17.90 16.60 25.60
N GLU D 683 16.59 16.53 25.35
CA GLU D 683 16.02 17.18 24.18
C GLU D 683 16.24 18.69 24.24
N ALA D 684 15.97 19.29 25.39
CA ALA D 684 16.12 20.73 25.53
C ALA D 684 17.58 21.16 25.39
N VAL D 685 18.49 20.39 25.98
CA VAL D 685 19.91 20.72 25.86
C VAL D 685 20.36 20.64 24.40
N VAL D 686 19.89 19.61 23.69
CA VAL D 686 20.23 19.48 22.28
C VAL D 686 19.62 20.63 21.48
N ALA D 687 18.42 21.08 21.86
CA ALA D 687 17.82 22.22 21.18
C ALA D 687 18.65 23.48 21.36
N LEU D 688 19.15 23.72 22.58
CA LEU D 688 20.03 24.86 22.80
C LEU D 688 21.31 24.73 21.99
N GLN D 689 21.88 23.52 21.97
CA GLN D 689 23.09 23.29 21.19
C GLN D 689 22.86 23.59 19.72
N GLN D 690 21.73 23.16 19.19
CA GLN D 690 21.43 23.36 17.77
C GLN D 690 21.11 24.82 17.46
N ALA D 691 20.52 25.54 18.42
CA ALA D 691 20.33 26.98 18.22
C ALA D 691 21.68 27.69 18.11
N VAL D 692 22.62 27.34 18.99
CA VAL D 692 23.95 27.93 18.90
C VAL D 692 24.64 27.50 17.61
N MET D 693 24.42 26.26 17.20
CA MET D 693 24.93 25.77 15.91
C MET D 693 24.43 26.64 14.77
N ALA D 694 23.13 26.92 14.75
CA ALA D 694 22.54 27.73 13.68
C ALA D 694 23.11 29.13 13.69
N LYS D 695 23.29 29.70 14.88
CA LYS D 695 23.92 31.02 14.96
C LYS D 695 25.32 30.99 14.37
N MET D 696 26.10 29.97 14.71
CA MET D 696 27.47 29.86 14.21
C MET D 696 27.48 29.71 12.70
N ALA D 697 26.60 28.86 12.16
CA ALA D 697 26.55 28.68 10.71
C ALA D 697 26.14 29.96 10.01
N ASP D 698 25.16 30.69 10.58
CA ASP D 698 24.73 31.94 9.97
C ASP D 698 25.85 32.97 9.95
N ARG D 699 26.60 33.08 11.05
CA ARG D 699 27.70 34.05 11.10
C ARG D 699 28.98 33.51 10.47
N ASN D 700 28.98 32.27 9.98
CA ASN D 700 30.14 31.67 9.33
C ASN D 700 31.37 31.72 10.24
N ILE D 701 31.19 31.18 11.45
CA ILE D 701 32.26 31.10 12.44
C ILE D 701 32.72 29.65 12.50
N ALA D 702 34.02 29.44 12.32
CA ALA D 702 34.58 28.11 12.34
C ALA D 702 34.96 27.70 13.76
N ILE D 703 35.15 26.39 13.93
CA ILE D 703 35.47 25.80 15.22
C ILE D 703 36.76 25.01 15.07
N GLU D 704 37.83 25.46 15.73
CA GLU D 704 39.06 24.66 15.81
C GLU D 704 38.85 23.55 16.83
N CYS D 705 38.84 22.31 16.37
CA CYS D 705 38.59 21.16 17.23
C CYS D 705 39.83 20.28 17.29
N PRO D 706 40.65 20.39 18.32
CA PRO D 706 41.74 19.43 18.50
C PRO D 706 41.23 18.22 19.26
N PRO D 707 41.98 17.12 19.27
CA PRO D 707 41.51 15.91 19.95
C PRO D 707 41.89 15.91 21.42
N THR D 708 40.89 15.77 22.29
CA THR D 708 41.13 15.79 23.74
C THR D 708 40.79 14.43 24.34
N SER D 714 37.47 14.04 28.56
CA SER D 714 37.66 13.42 29.86
C SER D 714 36.61 12.34 30.09
N GLN D 715 35.42 12.61 29.56
CA GLN D 715 34.27 11.71 29.64
C GLN D 715 34.21 10.72 28.49
N TYR D 716 35.13 10.80 27.54
CA TYR D 716 35.20 9.85 26.44
C TYR D 716 36.09 8.68 26.82
N ARG D 717 35.52 7.48 26.86
CA ARG D 717 36.33 6.29 27.04
C ARG D 717 37.21 6.05 25.82
N ASN D 718 36.58 6.00 24.65
CA ASN D 718 37.25 5.72 23.39
C ASN D 718 37.14 6.95 22.50
N VAL D 719 38.10 7.06 21.58
CA VAL D 719 38.13 8.21 20.68
C VAL D 719 36.92 8.25 19.76
N SER D 720 36.26 7.11 19.55
CA SER D 720 35.09 7.09 18.67
C SER D 720 33.90 7.85 19.24
N GLU D 721 33.94 8.21 20.53
CA GLU D 721 32.87 8.97 21.15
C GLU D 721 33.11 10.48 21.06
N HIS D 722 34.19 10.91 20.44
CA HIS D 722 34.48 12.33 20.33
C HIS D 722 33.43 13.05 19.49
N HIS D 723 33.17 14.29 19.85
CA HIS D 723 32.15 15.10 19.19
C HIS D 723 32.55 15.58 17.80
N ILE D 724 33.82 15.43 17.43
CA ILE D 724 34.24 15.81 16.09
C ILE D 724 33.49 14.99 15.06
N PHE D 725 33.21 13.72 15.36
CA PHE D 725 32.46 12.88 14.43
C PHE D 725 31.00 13.32 14.33
N ARG D 726 30.41 13.74 15.44
CA ARG D 726 29.07 14.33 15.39
C ARG D 726 29.07 15.56 14.48
N TRP D 727 30.08 16.43 14.64
CA TRP D 727 30.16 17.62 13.81
C TRP D 727 30.37 17.26 12.34
N MET D 728 31.16 16.22 12.07
CA MET D 728 31.40 15.77 10.71
C MET D 728 30.20 15.04 10.12
N GLY D 729 29.23 14.67 10.94
CA GLY D 729 27.99 14.12 10.45
C GLY D 729 27.96 12.62 10.25
N LEU D 730 28.79 11.89 10.97
CA LEU D 730 28.81 10.44 10.82
C LEU D 730 27.46 9.86 11.25
N PRO D 731 26.93 8.87 10.55
CA PRO D 731 25.69 8.22 11.03
C PRO D 731 25.90 7.62 12.40
N GLY D 732 24.88 7.76 13.24
CA GLY D 732 24.94 7.28 14.61
C GLY D 732 25.52 8.26 15.60
N GLU D 733 26.18 9.31 15.13
CA GLU D 733 26.74 10.36 15.98
C GLU D 733 26.05 11.70 15.79
N ALA D 734 25.64 12.02 14.57
CA ALA D 734 24.93 13.26 14.31
C ALA D 734 23.50 13.17 14.84
N ILE D 735 22.98 14.29 15.32
CA ILE D 735 21.64 14.37 15.84
C ILE D 735 20.76 15.06 14.80
N GLU D 736 19.46 14.79 14.87
CA GLU D 736 18.55 15.11 13.78
C GLU D 736 18.65 16.58 13.37
N GLY D 737 18.62 17.49 14.35
CA GLY D 737 18.56 18.91 14.05
C GLY D 737 19.89 19.62 14.07
N ASP D 738 20.97 18.91 13.75
CA ASP D 738 22.29 19.50 13.77
C ASP D 738 22.51 20.37 12.53
N VAL D 739 23.49 21.26 12.63
CA VAL D 739 23.85 22.18 11.55
C VAL D 739 25.36 22.11 11.33
N PRO D 740 25.85 21.96 10.10
CA PRO D 740 27.29 21.99 9.88
C PRO D 740 27.90 23.32 10.31
N MET D 741 29.16 23.27 10.76
CA MET D 741 29.75 24.41 11.46
C MET D 741 31.18 24.74 11.07
N SER D 742 31.72 24.16 10.00
CA SER D 742 33.07 24.52 9.54
C SER D 742 34.10 24.24 10.63
N ILE D 743 34.32 22.95 10.86
CA ILE D 743 35.35 22.50 11.80
C ILE D 743 36.71 22.59 11.12
N CYS D 744 37.68 23.14 11.82
CA CYS D 744 39.08 23.17 11.46
C CYS D 744 39.89 22.28 12.40
N LEU D 745 41.05 21.85 11.94
CA LEU D 745 41.90 20.95 12.69
C LEU D 745 42.92 21.72 13.52
N GLY D 746 43.35 21.10 14.61
CA GLY D 746 44.40 21.66 15.45
C GLY D 746 45.19 20.58 16.15
N SER D 747 46.51 20.75 16.22
CA SER D 747 47.39 19.79 16.87
C SER D 747 47.59 20.20 18.32
N ASP D 748 46.63 19.79 19.16
CA ASP D 748 46.68 20.09 20.59
C ASP D 748 46.07 18.91 21.33
N ASP D 749 46.91 18.01 21.82
CA ASP D 749 46.47 16.89 22.64
C ASP D 749 46.94 17.11 24.07
N PRO D 750 46.04 17.37 25.02
CA PRO D 750 46.49 17.73 26.37
C PRO D 750 47.38 16.69 27.02
N GLY D 751 47.12 15.40 26.82
CA GLY D 751 47.80 14.37 27.57
C GLY D 751 48.63 13.39 26.76
N ILE D 752 49.38 13.88 25.78
CA ILE D 752 50.26 13.04 24.97
C ILE D 752 51.62 13.71 24.87
N PHE D 753 52.65 12.89 24.66
CA PHE D 753 53.98 13.37 24.34
C PHE D 753 54.25 13.15 22.86
N ALA D 754 54.84 14.15 22.21
CA ALA D 754 55.24 14.07 20.81
C ALA D 754 54.02 13.78 19.92
N ALA D 755 53.13 14.76 19.87
CA ALA D 755 52.00 14.75 18.95
C ALA D 755 52.28 15.71 17.80
N ASP D 756 51.56 15.49 16.71
CA ASP D 756 51.73 16.29 15.50
C ASP D 756 50.40 16.40 14.79
N LEU D 757 50.32 17.40 13.90
CA LEU D 757 49.15 17.56 13.03
C LEU D 757 48.97 16.33 12.15
N LYS D 758 50.06 15.81 11.61
CA LYS D 758 49.97 14.57 10.84
C LYS D 758 49.50 13.42 11.71
N SER D 759 49.96 13.36 12.96
CA SER D 759 49.52 12.30 13.87
C SER D 759 48.02 12.37 14.10
N GLU D 760 47.49 13.57 14.34
CA GLU D 760 46.06 13.70 14.58
C GLU D 760 45.25 13.42 13.31
N PHE D 761 45.75 13.86 12.16
CA PHE D 761 45.09 13.53 10.89
C PHE D 761 45.00 12.03 10.71
N TYR D 762 46.11 11.32 10.93
CA TYR D 762 46.12 9.87 10.81
C TYR D 762 45.23 9.21 11.85
N HIS D 763 45.18 9.75 13.05
CA HIS D 763 44.30 9.20 14.08
C HIS D 763 42.84 9.30 13.67
N LEU D 764 42.44 10.47 13.16
CA LEU D 764 41.07 10.63 12.67
C LEU D 764 40.79 9.66 11.52
N PHE D 765 41.75 9.53 10.59
CA PHE D 765 41.57 8.61 9.48
C PHE D 765 41.39 7.18 9.98
N VAL D 766 42.23 6.76 10.93
CA VAL D 766 42.17 5.40 11.45
C VAL D 766 40.83 5.15 12.13
N VAL D 767 40.40 6.09 12.96
CA VAL D 767 39.12 5.92 13.64
C VAL D 767 37.99 5.82 12.64
N LEU D 768 37.98 6.71 11.63
CA LEU D 768 36.92 6.69 10.63
C LEU D 768 36.91 5.37 9.87
N THR D 769 38.08 4.86 9.50
CA THR D 769 38.13 3.67 8.67
C THR D 769 37.84 2.39 9.44
N ARG D 770 38.24 2.31 10.70
CA ARG D 770 38.14 1.07 11.47
C ARG D 770 36.91 0.99 12.35
N LYS D 771 36.51 2.10 12.95
CA LYS D 771 35.41 2.11 13.92
C LYS D 771 34.08 2.53 13.29
N PHE D 772 34.11 3.34 12.24
CA PHE D 772 32.91 3.75 11.55
C PHE D 772 32.73 3.03 10.21
N GLY D 773 33.66 2.18 9.82
CA GLY D 773 33.50 1.35 8.64
C GLY D 773 33.64 2.09 7.34
N LEU D 774 34.06 3.34 7.35
CA LEU D 774 34.16 4.12 6.13
C LEU D 774 35.36 3.65 5.31
N SER D 775 35.19 3.67 3.99
CA SER D 775 36.27 3.31 3.10
C SER D 775 37.37 4.36 3.19
N PRO D 776 38.59 4.03 2.76
CA PRO D 776 39.67 5.02 2.80
C PRO D 776 39.31 6.31 2.08
N ALA D 777 38.62 6.22 0.94
CA ALA D 777 38.26 7.42 0.19
C ALA D 777 37.28 8.29 0.97
N ASP D 778 36.23 7.69 1.53
CA ASP D 778 35.25 8.46 2.28
C ASP D 778 35.86 9.07 3.53
N ALA D 779 36.67 8.29 4.26
CA ALA D 779 37.33 8.82 5.44
C ALA D 779 38.24 9.98 5.08
N LEU D 780 39.00 9.84 3.98
CA LEU D 780 39.86 10.91 3.54
C LEU D 780 39.05 12.15 3.18
N ARG D 781 37.89 11.97 2.54
CA ARG D 781 37.05 13.12 2.23
C ARG D 781 36.61 13.83 3.50
N LYS D 782 36.19 13.06 4.51
CA LYS D 782 35.71 13.67 5.74
C LYS D 782 36.82 14.41 6.48
N VAL D 783 38.00 13.81 6.58
CA VAL D 783 39.10 14.49 7.27
C VAL D 783 39.59 15.69 6.44
N ALA D 784 39.59 15.54 5.11
CA ALA D 784 40.06 16.60 4.24
C ALA D 784 39.17 17.82 4.32
N GLU D 785 37.88 17.62 4.55
CA GLU D 785 36.99 18.79 4.64
C GLU D 785 37.39 19.65 5.84
N VAL D 786 37.65 19.03 6.99
CA VAL D 786 38.11 19.76 8.16
C VAL D 786 39.46 20.41 7.88
N ASN D 787 40.39 19.66 7.30
CA ASN D 787 41.71 20.22 7.01
C ASN D 787 41.60 21.44 6.10
N GLU D 788 40.81 21.33 5.03
CA GLU D 788 40.59 22.46 4.12
C GLU D 788 39.89 23.61 4.80
N ASN D 789 39.05 23.33 5.80
CA ASN D 789 38.48 24.43 6.58
C ASN D 789 39.57 25.24 7.23
N GLY D 790 40.65 24.58 7.68
CA GLY D 790 41.78 25.32 8.19
C GLY D 790 42.33 26.34 7.21
N ARG D 791 42.46 25.98 5.93
CA ARG D 791 42.92 26.90 4.90
C ARG D 791 41.89 27.97 4.57
N ILE D 792 40.61 27.60 4.50
CA ILE D 792 39.57 28.56 4.17
C ILE D 792 39.48 29.64 5.23
N TYR D 793 39.58 29.25 6.50
CA TYR D 793 39.48 30.19 7.62
C TYR D 793 40.84 30.54 8.19
N ARG D 794 41.90 30.43 7.40
CA ARG D 794 43.23 30.85 7.85
C ARG D 794 43.26 32.34 8.12
N PHE D 795 44.16 32.74 9.01
CA PHE D 795 44.38 34.14 9.33
C PHE D 795 45.53 34.76 8.53
N HIS D 796 46.18 33.98 7.68
CA HIS D 796 47.34 34.49 6.96
C HIS D 796 46.96 35.58 5.97
N ASP D 797 47.89 36.49 5.73
CA ASP D 797 47.67 37.56 4.78
C ASP D 797 47.54 37.00 3.36
N VAL D 798 46.49 37.44 2.66
CA VAL D 798 46.26 37.00 1.29
C VAL D 798 46.94 37.98 0.34
N MET E 1 6.63 -52.89 24.00
CA MET E 1 6.27 -54.33 23.89
C MET E 1 6.20 -55.00 25.26
N GLU E 2 6.66 -54.30 26.29
CA GLU E 2 6.68 -54.87 27.64
C GLU E 2 5.29 -55.06 28.20
N ARG E 3 4.32 -54.25 27.75
CA ARG E 3 2.96 -54.34 28.28
C ARG E 3 2.29 -55.66 27.90
N PHE E 4 2.65 -56.23 26.76
CA PHE E 4 2.03 -57.47 26.30
C PHE E 4 2.51 -58.69 27.07
N LEU E 5 3.60 -58.57 27.82
CA LEU E 5 4.06 -59.65 28.69
C LEU E 5 3.44 -59.59 30.08
N LEU E 6 2.82 -58.47 30.44
CA LEU E 6 2.15 -58.33 31.71
C LEU E 6 0.64 -58.28 31.59
N ASN E 7 0.11 -58.05 30.39
CA ASN E 7 -1.34 -58.04 30.16
C ASN E 7 -1.60 -58.79 28.86
N SER E 8 -1.98 -60.06 28.97
CA SER E 8 -2.21 -60.90 27.79
C SER E 8 -3.05 -62.10 28.18
N THR E 9 -4.21 -62.25 27.55
CA THR E 9 -5.05 -63.41 27.79
C THR E 9 -4.36 -64.70 27.31
N VAL E 10 -3.75 -64.64 26.12
CA VAL E 10 -3.10 -65.83 25.56
C VAL E 10 -1.96 -66.28 26.45
N LEU E 11 -1.12 -65.32 26.88
CA LEU E 11 0.01 -65.67 27.75
C LEU E 11 -0.48 -66.24 29.06
N LEU E 12 -1.53 -65.65 29.62
CA LEU E 12 -2.07 -66.16 30.88
C LEU E 12 -2.55 -67.60 30.71
N TYR E 13 -3.31 -67.85 29.64
CA TYR E 13 -3.87 -69.17 29.44
C TYR E 13 -2.73 -70.19 29.34
N ARG E 14 -1.74 -69.89 28.48
CA ARG E 14 -0.61 -70.78 28.23
C ARG E 14 0.17 -71.06 29.52
N LEU E 15 0.55 -70.01 30.26
CA LEU E 15 1.33 -70.18 31.46
C LEU E 15 0.57 -70.89 32.56
N SER E 16 -0.75 -70.69 32.65
CA SER E 16 -1.56 -71.31 33.68
C SER E 16 -1.96 -72.74 33.34
N THR E 17 -1.80 -73.16 32.09
CA THR E 17 -2.14 -74.52 31.72
C THR E 17 -0.95 -75.47 31.64
N VAL E 18 0.24 -75.00 31.29
CA VAL E 18 1.37 -75.93 31.19
C VAL E 18 2.00 -76.14 32.56
N SER E 19 2.69 -77.27 32.70
CA SER E 19 3.28 -77.64 33.97
C SER E 19 4.37 -76.67 34.38
N LEU E 20 4.65 -76.63 35.68
CA LEU E 20 5.64 -75.71 36.23
C LEU E 20 7.07 -76.17 35.99
N ASP E 21 7.29 -77.37 35.47
CA ASP E 21 8.61 -77.88 35.17
C ASP E 21 8.86 -78.01 33.67
N GLU E 22 8.09 -77.28 32.86
CA GLU E 22 8.23 -77.38 31.41
C GLU E 22 9.56 -76.78 30.94
N VAL E 23 9.87 -75.58 31.41
CA VAL E 23 11.11 -74.88 31.04
C VAL E 23 11.09 -74.56 29.54
N SER E 24 11.86 -73.55 29.13
CA SER E 24 12.07 -73.20 27.72
C SER E 24 10.76 -72.79 27.04
N LEU E 25 10.19 -71.68 27.48
CA LEU E 25 8.91 -71.20 26.98
C LEU E 25 9.05 -69.93 26.15
N ASP E 26 10.25 -69.63 25.67
CA ASP E 26 10.49 -68.38 24.96
C ASP E 26 9.70 -68.32 23.65
N GLU E 27 9.70 -69.41 22.88
CA GLU E 27 8.97 -69.42 21.62
C GLU E 27 7.53 -69.00 21.86
N ARG E 28 6.97 -69.48 22.96
CA ARG E 28 5.54 -69.39 23.17
C ARG E 28 5.17 -68.05 23.76
N VAL E 29 6.02 -67.55 24.66
CA VAL E 29 5.86 -66.20 25.14
C VAL E 29 5.89 -65.22 23.97
N GLU E 30 6.78 -65.47 23.01
CA GLU E 30 6.88 -64.60 21.83
C GLU E 30 5.62 -64.68 20.97
N SER E 31 5.16 -65.90 20.66
CA SER E 31 3.96 -66.04 19.85
C SER E 31 2.74 -65.40 20.52
N SER E 32 2.57 -65.67 21.82
CA SER E 32 1.47 -65.07 22.55
C SER E 32 1.58 -63.55 22.59
N VAL E 33 2.80 -63.03 22.65
CA VAL E 33 2.97 -61.57 22.62
C VAL E 33 2.47 -61.02 21.30
N PHE E 34 2.80 -61.67 20.19
CA PHE E 34 2.33 -61.17 18.90
C PHE E 34 0.81 -61.26 18.79
N LEU E 35 0.21 -62.34 19.29
CA LEU E 35 -1.25 -62.43 19.30
C LEU E 35 -1.87 -61.33 20.16
N ALA E 36 -1.30 -61.07 21.34
CA ALA E 36 -1.82 -60.02 22.19
C ALA E 36 -1.72 -58.66 21.51
N GLN E 37 -0.59 -58.40 20.83
CA GLN E 37 -0.43 -57.12 20.15
C GLN E 37 -1.41 -56.99 18.99
N TYR E 38 -1.63 -58.07 18.23
CA TYR E 38 -2.62 -58.01 17.16
C TYR E 38 -4.02 -57.74 17.71
N GLU E 39 -4.37 -58.38 18.84
CA GLU E 39 -5.67 -58.20 19.44
C GLU E 39 -5.85 -56.79 20.01
N GLN E 40 -4.82 -56.24 20.65
CA GLN E 40 -4.94 -54.97 21.36
C GLN E 40 -4.58 -53.77 20.50
N ALA E 41 -3.36 -53.71 19.98
CA ALA E 41 -2.89 -52.61 19.14
C ALA E 41 -2.68 -53.20 17.74
N ARG E 42 -3.76 -53.22 16.95
CA ARG E 42 -3.74 -53.86 15.64
C ARG E 42 -2.92 -53.09 14.61
N SER E 43 -2.76 -51.78 14.79
CA SER E 43 -2.19 -50.94 13.75
C SER E 43 -0.67 -51.02 13.66
N LEU E 44 -0.02 -51.77 14.54
CA LEU E 44 1.43 -51.96 14.42
C LEU E 44 1.71 -52.74 13.13
N PRO E 45 2.62 -52.26 12.25
CA PRO E 45 2.70 -52.87 10.92
C PRO E 45 3.47 -54.19 10.87
N ASP E 46 3.23 -55.07 11.84
CA ASP E 46 3.60 -56.49 11.73
C ASP E 46 5.11 -56.74 11.69
N HIS E 47 5.93 -55.69 11.65
CA HIS E 47 7.37 -55.86 11.67
C HIS E 47 8.01 -54.96 12.71
N VAL E 48 7.37 -53.83 13.01
CA VAL E 48 7.77 -53.04 14.17
C VAL E 48 7.67 -53.90 15.43
N ALA E 49 6.63 -54.74 15.50
CA ALA E 49 6.49 -55.66 16.63
C ALA E 49 7.61 -56.68 16.67
N LYS E 50 7.93 -57.30 15.53
CA LYS E 50 9.05 -58.23 15.48
C LYS E 50 10.33 -57.56 15.99
N SER E 51 10.62 -56.35 15.49
CA SER E 51 11.85 -55.67 15.87
C SER E 51 11.86 -55.30 17.35
N ALA E 52 10.72 -54.83 17.87
CA ALA E 52 10.65 -54.49 19.29
C ALA E 52 10.89 -55.71 20.16
N TRP E 53 10.29 -56.85 19.80
CA TRP E 53 10.53 -58.08 20.55
C TRP E 53 11.99 -58.50 20.47
N SER E 54 12.60 -58.37 19.29
CA SER E 54 14.02 -58.71 19.15
C SER E 54 14.87 -57.83 20.06
N TYR E 55 14.59 -56.54 20.10
CA TYR E 55 15.34 -55.64 20.97
C TYR E 55 15.13 -56.02 22.44
N LEU E 56 13.91 -56.42 22.80
CA LEU E 56 13.64 -56.80 24.18
C LEU E 56 14.46 -58.03 24.58
N VAL E 57 14.46 -59.07 23.74
CA VAL E 57 15.27 -60.25 24.03
C VAL E 57 16.75 -59.86 24.09
N GLN E 58 17.18 -58.98 23.19
CA GLN E 58 18.58 -58.57 23.18
C GLN E 58 18.96 -57.90 24.49
N GLN E 59 18.11 -56.99 24.98
CA GLN E 59 18.38 -56.34 26.26
C GLN E 59 18.44 -57.35 27.40
N ILE E 60 17.47 -58.26 27.45
CA ILE E 60 17.43 -59.25 28.53
C ILE E 60 18.70 -60.10 28.50
N LYS E 61 19.07 -60.61 27.33
CA LYS E 61 20.23 -61.47 27.21
C LYS E 61 21.52 -60.71 27.56
N GLN E 62 21.66 -59.47 27.08
CA GLN E 62 22.86 -58.71 27.39
C GLN E 62 22.99 -58.44 28.88
N ARG E 63 21.87 -58.12 29.54
CA ARG E 63 21.89 -57.86 30.98
C ARG E 63 21.75 -59.14 31.79
N ASN E 64 21.83 -60.30 31.14
CA ASN E 64 22.02 -61.57 31.82
C ASN E 64 20.79 -61.91 32.66
N MET E 65 19.64 -61.59 32.13
CA MET E 65 18.36 -61.85 32.77
C MET E 65 17.61 -62.91 31.98
N LYS E 66 16.59 -63.47 32.60
CA LYS E 66 15.72 -64.45 31.97
C LYS E 66 14.39 -63.79 31.63
N LEU E 67 13.81 -64.18 30.50
CA LEU E 67 12.51 -63.66 30.10
C LEU E 67 11.49 -63.95 31.20
N GLY E 68 11.02 -62.91 31.88
CA GLY E 68 10.12 -63.08 32.98
C GLY E 68 9.69 -61.79 33.63
N PRO E 69 8.79 -61.89 34.60
CA PRO E 69 8.25 -60.67 35.24
C PRO E 69 9.32 -59.80 35.85
N VAL E 70 10.35 -60.38 36.46
CA VAL E 70 11.38 -59.58 37.09
C VAL E 70 12.10 -58.72 36.06
N ALA E 71 12.51 -59.34 34.95
CA ALA E 71 13.22 -58.60 33.91
C ALA E 71 12.32 -57.53 33.30
N ILE E 72 11.06 -57.87 33.01
CA ILE E 72 10.16 -56.90 32.40
C ILE E 72 9.95 -55.71 33.33
N LEU E 73 9.70 -55.98 34.61
CA LEU E 73 9.49 -54.91 35.57
C LEU E 73 10.74 -54.05 35.71
N ARG E 74 11.93 -54.67 35.74
CA ARG E 74 13.15 -53.91 35.82
C ARG E 74 13.30 -52.98 34.61
N LEU E 75 13.04 -53.50 33.41
CA LEU E 75 13.16 -52.67 32.22
C LEU E 75 12.20 -51.49 32.28
N ILE E 76 10.94 -51.75 32.64
CA ILE E 76 9.96 -50.68 32.70
C ILE E 76 10.38 -49.64 33.73
N ALA E 77 10.83 -50.09 34.91
CA ALA E 77 11.20 -49.16 35.97
C ALA E 77 12.40 -48.31 35.57
N GLU E 78 13.44 -48.91 34.98
CA GLU E 78 14.56 -48.10 34.51
C GLU E 78 14.12 -47.12 33.43
N LYS E 79 13.16 -47.50 32.59
CA LYS E 79 12.75 -46.65 31.48
C LYS E 79 11.86 -45.49 31.92
N PHE E 80 11.06 -45.66 32.96
CA PHE E 80 10.08 -44.65 33.36
C PHE E 80 10.41 -43.96 34.66
N ILE E 81 10.76 -44.70 35.70
CA ILE E 81 10.89 -44.15 37.05
C ILE E 81 12.35 -43.78 37.33
N LYS E 82 12.52 -42.69 38.05
CA LYS E 82 13.75 -42.29 38.72
C LYS E 82 13.55 -41.92 40.17
N ASN E 83 14.60 -41.31 40.70
CA ASN E 83 14.56 -40.59 41.96
C ASN E 83 14.85 -39.10 41.70
N GLU E 84 13.93 -38.23 42.11
CA GLU E 84 14.25 -36.81 42.08
C GLU E 84 13.61 -36.10 43.27
N LYS E 85 14.44 -35.34 43.99
CA LYS E 85 14.00 -34.49 45.09
C LYS E 85 13.43 -35.33 46.24
N GLY E 86 12.17 -35.74 46.10
CA GLY E 86 11.46 -36.58 47.03
C GLY E 86 10.76 -37.74 46.37
N GLY E 87 11.20 -38.96 46.67
CA GLY E 87 10.55 -40.15 46.19
C GLY E 87 10.67 -40.31 44.69
N PRO E 88 10.24 -41.46 44.18
CA PRO E 88 10.31 -41.71 42.74
C PRO E 88 9.32 -40.86 41.97
N LYS E 89 9.74 -40.44 40.77
CA LYS E 89 8.90 -39.67 39.87
C LYS E 89 9.07 -40.16 38.45
N ILE E 90 8.16 -39.76 37.58
CA ILE E 90 8.16 -40.13 36.18
C ILE E 90 8.75 -38.99 35.36
N ASP E 91 9.48 -39.34 34.29
CA ASP E 91 9.93 -38.33 33.34
C ASP E 91 8.78 -37.48 32.83
N LEU E 92 9.03 -36.19 32.71
CA LEU E 92 8.11 -35.31 32.00
C LEU E 92 7.91 -35.74 30.56
N PRO E 93 8.96 -36.00 29.78
CA PRO E 93 8.76 -36.51 28.41
C PRO E 93 8.12 -37.89 28.36
N MET E 94 8.19 -38.66 29.44
CA MET E 94 7.70 -40.04 29.45
C MET E 94 6.35 -40.19 30.14
N PHE E 95 5.78 -39.12 30.67
CA PHE E 95 4.54 -39.25 31.45
C PHE E 95 3.37 -39.71 30.59
N SER E 96 3.28 -39.22 29.35
CA SER E 96 2.19 -39.64 28.48
C SER E 96 2.26 -41.14 28.21
N GLU E 97 3.45 -41.65 27.89
CA GLU E 97 3.61 -43.08 27.69
C GLU E 97 3.33 -43.85 28.97
N TRP E 98 3.71 -43.29 30.11
CA TRP E 98 3.41 -43.94 31.39
C TRP E 98 1.92 -44.05 31.62
N GLN E 99 1.16 -42.99 31.29
CA GLN E 99 -0.29 -43.05 31.41
C GLN E 99 -0.89 -44.12 30.51
N THR E 100 -0.43 -44.15 29.25
CA THR E 100 -0.91 -45.19 28.34
C THR E 100 -0.60 -46.58 28.89
N LEU E 101 0.58 -46.74 29.48
CA LEU E 101 0.93 -48.02 30.09
C LEU E 101 0.03 -48.33 31.28
N MET E 102 -0.26 -47.33 32.12
CA MET E 102 -1.15 -47.53 33.26
C MET E 102 -2.53 -47.98 32.83
N SER E 103 -2.93 -47.68 31.60
CA SER E 103 -4.18 -48.22 31.10
C SER E 103 -4.17 -49.74 30.95
N ARG E 104 -3.00 -50.38 31.04
CA ARG E 104 -2.89 -51.82 30.85
C ARG E 104 -2.24 -52.54 32.03
N VAL E 105 -1.28 -51.90 32.71
CA VAL E 105 -0.46 -52.54 33.72
C VAL E 105 -0.61 -51.79 35.04
N SER E 106 -0.51 -52.53 36.13
CA SER E 106 -0.57 -51.95 37.46
C SER E 106 0.81 -51.40 37.85
N CYS E 107 0.79 -50.30 38.60
CA CYS E 107 2.02 -49.56 38.91
C CYS E 107 2.76 -50.11 40.11
N LEU E 108 2.09 -50.85 40.99
CA LEU E 108 2.73 -51.28 42.23
C LEU E 108 3.91 -52.21 41.99
N PRO E 109 3.81 -53.24 41.14
CA PRO E 109 5.00 -54.06 40.87
C PRO E 109 6.17 -53.26 40.31
N ILE E 110 5.89 -52.29 39.44
CA ILE E 110 6.96 -51.50 38.85
C ILE E 110 7.63 -50.62 39.91
N ILE E 111 6.82 -50.04 40.81
CA ILE E 111 7.40 -49.21 41.86
C ILE E 111 8.21 -50.07 42.83
N ALA E 112 7.74 -51.28 43.11
CA ALA E 112 8.52 -52.19 43.95
C ALA E 112 9.85 -52.52 43.30
N CYS E 113 9.83 -52.80 41.99
CA CYS E 113 11.07 -53.08 41.28
C CYS E 113 12.01 -51.89 41.30
N HIS E 114 11.47 -50.68 41.14
CA HIS E 114 12.30 -49.48 41.21
C HIS E 114 12.91 -49.33 42.60
N GLN E 115 12.11 -49.53 43.64
CA GLN E 115 12.63 -49.40 45.00
C GLN E 115 13.70 -50.45 45.29
N VAL E 116 13.61 -51.61 44.66
CA VAL E 116 14.60 -52.66 44.91
C VAL E 116 15.88 -52.40 44.14
N PHE E 117 15.78 -52.15 42.84
CA PHE E 117 16.94 -52.12 41.95
C PHE E 117 17.48 -50.72 41.70
N ASN E 118 16.84 -49.68 42.20
CA ASN E 118 17.31 -48.31 42.04
C ASN E 118 16.72 -47.43 43.14
N PRO E 119 16.97 -47.75 44.41
CA PRO E 119 16.38 -46.96 45.48
C PRO E 119 16.98 -45.57 45.54
N GLY E 120 16.19 -44.64 46.09
CA GLY E 120 16.65 -43.29 46.31
C GLY E 120 17.56 -43.22 47.50
N PRO E 121 17.88 -42.01 47.95
CA PRO E 121 18.74 -41.86 49.13
C PRO E 121 18.16 -42.60 50.33
N ALA E 122 19.04 -43.24 51.10
CA ALA E 122 18.62 -44.01 52.26
C ALA E 122 18.40 -43.11 53.47
N SER E 123 17.64 -42.04 53.28
CA SER E 123 17.26 -41.16 54.38
C SER E 123 15.79 -40.77 54.36
N GLN E 124 15.09 -40.94 53.24
CA GLN E 124 13.67 -40.67 53.14
C GLN E 124 12.96 -42.02 53.09
N GLU E 125 12.46 -42.46 54.25
CA GLU E 125 11.77 -43.74 54.32
C GLU E 125 10.59 -43.74 53.37
N TYR E 126 10.67 -44.56 52.32
CA TYR E 126 9.66 -44.54 51.28
C TYR E 126 8.45 -45.35 51.71
N SER E 127 7.30 -44.70 51.78
CA SER E 127 6.01 -45.35 51.98
C SER E 127 5.28 -45.35 50.65
N PHE E 128 4.81 -46.52 50.23
CA PHE E 128 4.21 -46.65 48.90
C PHE E 128 3.09 -45.65 48.69
N ARG E 129 3.09 -44.98 47.54
CA ARG E 129 2.02 -44.02 47.24
C ARG E 129 1.69 -44.11 45.78
N TRP E 130 0.41 -44.17 45.49
CA TRP E 130 -0.02 -44.16 44.11
C TRP E 130 -0.78 -42.88 43.85
N PRO E 131 -0.79 -42.39 42.60
CA PRO E 131 0.04 -42.85 41.50
C PRO E 131 1.37 -42.12 41.47
N LEU E 132 2.25 -42.49 40.56
CA LEU E 132 3.50 -41.76 40.39
C LEU E 132 3.27 -40.55 39.51
N TYR E 133 3.75 -39.40 39.97
CA TYR E 133 3.64 -38.15 39.25
C TYR E 133 4.99 -37.74 38.67
N PRO E 134 5.00 -36.87 37.67
CA PRO E 134 6.23 -36.18 37.30
C PRO E 134 6.49 -35.06 38.29
N TYR E 135 7.61 -34.36 38.10
CA TYR E 135 7.98 -33.23 38.93
C TYR E 135 8.19 -32.01 38.06
N HIS E 136 7.57 -30.90 38.44
CA HIS E 136 7.88 -29.60 37.89
C HIS E 136 7.68 -28.55 38.98
N PRO E 137 8.69 -27.74 39.28
CA PRO E 137 8.56 -26.80 40.40
C PRO E 137 7.38 -25.84 40.25
N THR E 138 7.09 -25.39 39.03
CA THR E 138 5.95 -24.48 38.84
C THR E 138 4.65 -25.17 39.24
N VAL E 139 4.43 -26.39 38.79
CA VAL E 139 3.21 -27.12 39.11
C VAL E 139 3.14 -27.40 40.61
N GLU E 140 4.25 -27.80 41.22
CA GLU E 140 4.23 -28.09 42.65
C GLU E 140 3.93 -26.83 43.46
N ASP E 141 4.53 -25.70 43.08
CA ASP E 141 4.25 -24.44 43.77
C ASP E 141 2.79 -24.05 43.62
N TYR E 142 2.24 -24.18 42.41
CA TYR E 142 0.83 -23.86 42.20
C TYR E 142 -0.07 -24.74 43.06
N ILE E 143 0.23 -26.04 43.12
CA ILE E 143 -0.59 -26.94 43.93
C ILE E 143 -0.49 -26.58 45.40
N THR E 144 0.72 -26.29 45.87
CA THR E 144 0.91 -25.90 47.27
C THR E 144 0.15 -24.63 47.60
N ARG E 145 0.11 -23.66 46.69
CA ARG E 145 -0.50 -22.38 46.96
C ARG E 145 -2.02 -22.42 46.85
N GLU E 146 -2.54 -23.03 45.77
CA GLU E 146 -3.96 -22.98 45.45
C GLU E 146 -4.66 -24.31 45.66
N CYS E 147 -3.93 -25.43 45.70
CA CYS E 147 -4.53 -26.75 45.86
C CYS E 147 -5.36 -27.11 44.65
N LEU E 148 -5.77 -28.37 44.56
CA LEU E 148 -6.55 -28.87 43.43
C LEU E 148 -7.99 -29.08 43.87
N HIS E 149 -8.90 -28.97 42.90
CA HIS E 149 -10.34 -29.00 43.15
C HIS E 149 -10.97 -30.11 42.33
N GLU E 150 -11.68 -31.01 43.00
CA GLU E 150 -12.29 -32.18 42.36
C GLU E 150 -13.79 -31.96 42.21
N THR E 151 -14.26 -32.00 40.95
CA THR E 151 -15.67 -31.83 40.64
C THR E 151 -16.31 -33.02 39.95
N HIS E 152 -15.54 -34.08 39.65
CA HIS E 152 -16.08 -35.23 38.91
C HIS E 152 -15.35 -36.49 39.37
N GLN E 153 -15.96 -37.21 40.32
CA GLN E 153 -15.38 -38.45 40.83
C GLN E 153 -16.50 -39.46 41.09
N HIS E 154 -16.85 -40.26 40.08
CA HIS E 154 -17.96 -41.22 40.06
C HIS E 154 -17.68 -42.49 39.26
N LEU E 155 -16.41 -42.90 39.06
CA LEU E 155 -16.13 -43.95 38.07
C LEU E 155 -16.20 -45.37 38.64
N ASN E 156 -15.35 -45.76 39.58
CA ASN E 156 -15.39 -47.15 40.09
C ASN E 156 -15.72 -46.79 41.53
N GLY E 157 -16.97 -46.70 41.89
CA GLY E 157 -17.29 -46.05 43.16
C GLY E 157 -16.66 -44.66 43.16
N SER E 158 -15.63 -44.47 43.99
CA SER E 158 -14.76 -43.30 43.85
C SER E 158 -13.29 -43.65 44.05
N THR E 159 -12.96 -44.94 44.09
CA THR E 159 -11.60 -45.40 44.32
C THR E 159 -10.97 -45.86 43.01
N SER E 160 -9.65 -45.87 42.98
CA SER E 160 -8.94 -46.39 41.83
C SER E 160 -9.18 -47.89 41.70
N ALA E 161 -9.04 -48.39 40.47
CA ALA E 161 -9.34 -49.79 40.19
C ALA E 161 -8.32 -50.72 40.84
N GLU E 162 -7.20 -50.15 41.30
CA GLU E 162 -6.11 -50.97 41.82
C GLU E 162 -6.35 -51.49 43.23
N GLU E 163 -7.06 -50.73 44.08
CA GLU E 163 -7.46 -51.27 45.38
C GLU E 163 -8.62 -52.25 45.25
N CYS E 164 -9.36 -52.19 44.14
CA CYS E 164 -10.43 -53.15 43.90
C CYS E 164 -9.87 -54.57 43.72
N TRP E 165 -8.66 -54.70 43.17
CA TRP E 165 -8.04 -56.02 43.06
C TRP E 165 -7.86 -56.64 44.45
N LEU E 166 -7.28 -55.89 45.38
CA LEU E 166 -7.09 -56.41 46.73
C LEU E 166 -8.43 -56.57 47.45
N ASP E 167 -9.40 -55.72 47.16
CA ASP E 167 -10.73 -55.91 47.75
C ASP E 167 -11.34 -57.22 47.26
N ALA E 168 -11.17 -57.55 45.98
CA ALA E 168 -11.65 -58.82 45.48
C ALA E 168 -10.94 -59.99 46.13
N LEU E 169 -9.62 -59.89 46.30
CA LEU E 169 -8.89 -60.95 47.00
C LEU E 169 -9.34 -61.08 48.45
N LYS E 170 -9.75 -59.97 49.07
CA LYS E 170 -10.27 -60.00 50.43
C LYS E 170 -11.65 -60.63 50.49
N HIS E 171 -12.48 -60.36 49.48
CA HIS E 171 -13.85 -60.86 49.42
C HIS E 171 -14.02 -61.58 48.08
N PRO E 172 -13.28 -62.67 47.88
CA PRO E 172 -13.38 -63.39 46.61
C PRO E 172 -14.81 -63.83 46.33
N GLU E 173 -15.53 -64.22 47.37
CA GLU E 173 -16.89 -64.73 47.19
C GLU E 173 -17.89 -63.59 46.98
N ALA E 174 -17.62 -62.39 47.52
CA ALA E 174 -18.42 -61.23 47.13
C ALA E 174 -18.19 -60.86 45.67
N CYS E 175 -16.94 -60.84 45.23
CA CYS E 175 -16.64 -60.52 43.85
C CYS E 175 -17.24 -61.57 42.90
N LEU E 176 -17.11 -62.84 43.27
CA LEU E 176 -17.74 -63.90 42.49
C LEU E 176 -19.25 -63.75 42.43
N ARG E 177 -19.86 -63.44 43.57
CA ARG E 177 -21.30 -63.16 43.59
C ARG E 177 -21.68 -62.03 42.64
N ASP E 178 -20.96 -60.92 42.66
CA ASP E 178 -21.27 -59.84 41.72
C ASP E 178 -21.10 -60.29 40.27
N PHE E 179 -19.98 -60.95 39.98
CA PHE E 179 -19.71 -61.37 38.61
C PHE E 179 -20.84 -62.26 38.10
N GLU E 180 -21.28 -63.22 38.90
CA GLU E 180 -22.38 -64.09 38.46
C GLU E 180 -23.66 -63.28 38.28
N LYS E 181 -24.02 -62.47 39.28
CA LYS E 181 -25.18 -61.61 39.18
C LYS E 181 -24.79 -60.38 38.36
N GLY E 182 -24.83 -60.56 37.06
CA GLY E 182 -24.42 -59.56 36.10
C GLY E 182 -23.81 -60.23 34.87
N TRP E 183 -23.36 -61.47 35.03
CA TRP E 183 -22.98 -62.30 33.89
C TRP E 183 -24.20 -62.85 33.17
N ALA E 184 -25.35 -62.96 33.86
CA ALA E 184 -26.58 -63.26 33.16
C ALA E 184 -26.98 -62.12 32.24
N SER E 185 -26.42 -60.93 32.45
CA SER E 185 -26.71 -59.80 31.58
C SER E 185 -25.90 -59.92 30.32
N GLN E 186 -26.60 -59.63 29.22
CA GLN E 186 -25.97 -59.67 27.91
C GLN E 186 -24.82 -58.70 27.76
N GLU E 187 -25.01 -57.48 28.26
CA GLU E 187 -24.01 -56.48 28.06
C GLU E 187 -22.68 -57.05 28.46
N MET E 188 -22.74 -57.68 29.64
CA MET E 188 -21.61 -58.26 30.35
C MET E 188 -21.07 -59.48 29.64
N LYS E 189 -21.94 -60.37 29.16
CA LYS E 189 -21.42 -61.50 28.40
C LYS E 189 -20.60 -61.01 27.22
N GLN E 190 -21.11 -60.00 26.51
CA GLN E 190 -20.38 -59.44 25.37
C GLN E 190 -19.04 -58.86 25.82
N LEU E 191 -19.04 -58.10 26.92
CA LEU E 191 -17.79 -57.53 27.41
C LEU E 191 -16.78 -58.60 27.78
N CYS E 192 -17.23 -59.64 28.49
CA CYS E 192 -16.34 -60.72 28.89
C CYS E 192 -15.78 -61.44 27.68
N ALA E 193 -16.61 -61.68 26.67
CA ALA E 193 -16.11 -62.32 25.46
C ALA E 193 -15.09 -61.43 24.76
N GLN E 194 -15.32 -60.12 24.76
CA GLN E 194 -14.43 -59.20 24.06
C GLN E 194 -13.08 -59.07 24.77
N ILE E 195 -13.06 -59.22 26.09
CA ILE E 195 -11.79 -59.18 26.81
C ILE E 195 -11.13 -60.56 26.81
N ASP E 196 -11.77 -61.54 27.43
CA ASP E 196 -11.28 -62.92 27.45
C ASP E 196 -12.40 -63.83 26.94
N PRO E 197 -12.29 -64.37 25.73
CA PRO E 197 -13.41 -65.16 25.18
C PRO E 197 -13.94 -66.22 26.12
N SER E 198 -13.06 -67.11 26.63
CA SER E 198 -13.49 -68.21 27.49
C SER E 198 -13.25 -67.86 28.97
N LEU E 199 -13.95 -66.82 29.43
CA LEU E 199 -13.80 -66.40 30.82
C LEU E 199 -14.70 -67.19 31.76
N THR E 200 -16.01 -67.05 31.62
CA THR E 200 -17.01 -67.70 32.47
C THR E 200 -16.80 -67.43 33.96
N PRO E 201 -17.89 -67.49 34.75
CA PRO E 201 -17.74 -67.31 36.21
C PRO E 201 -16.82 -68.33 36.86
N ARG E 202 -16.79 -69.56 36.33
CA ARG E 202 -16.00 -70.61 36.98
C ARG E 202 -14.50 -70.32 36.85
N ILE E 203 -14.03 -69.98 35.64
CA ILE E 203 -12.62 -69.61 35.52
C ILE E 203 -12.36 -68.28 36.21
N PHE E 204 -13.35 -67.39 36.28
CA PHE E 204 -13.17 -66.20 37.11
C PHE E 204 -12.82 -66.58 38.55
N LYS E 205 -13.62 -67.46 39.13
CA LYS E 205 -13.37 -67.92 40.50
C LYS E 205 -12.02 -68.62 40.62
N ASP E 206 -11.71 -69.48 39.65
CA ASP E 206 -10.44 -70.22 39.68
C ASP E 206 -9.27 -69.26 39.63
N ARG E 207 -9.38 -68.21 38.80
CA ARG E 207 -8.29 -67.25 38.68
C ARG E 207 -8.12 -66.45 39.97
N LEU E 208 -9.23 -66.06 40.61
CA LEU E 208 -9.11 -65.37 41.88
C LEU E 208 -8.43 -66.26 42.92
N GLN E 209 -8.83 -67.54 42.99
CA GLN E 209 -8.21 -68.45 43.94
C GLN E 209 -6.73 -68.67 43.63
N ILE E 210 -6.39 -68.79 42.34
CA ILE E 210 -5.00 -68.96 41.95
C ILE E 210 -4.19 -67.75 42.38
N ALA E 211 -4.74 -66.55 42.18
CA ALA E 211 -4.02 -65.34 42.60
C ALA E 211 -3.79 -65.35 44.11
N CYS E 212 -4.82 -65.70 44.89
CA CYS E 212 -4.66 -65.74 46.34
C CYS E 212 -3.58 -66.74 46.75
N ASN E 213 -3.63 -67.94 46.18
CA ASN E 213 -2.67 -68.98 46.56
C ASN E 213 -1.25 -68.59 46.15
N ILE E 214 -1.10 -68.02 44.96
CA ILE E 214 0.22 -67.57 44.52
C ILE E 214 0.73 -66.48 45.44
N ARG E 215 -0.15 -65.58 45.87
CA ARG E 215 0.27 -64.53 46.80
C ARG E 215 0.78 -65.13 48.09
N GLU E 216 0.07 -66.12 48.63
CA GLU E 216 0.53 -66.77 49.86
C GLU E 216 1.90 -67.43 49.67
N ILE E 217 2.04 -68.20 48.59
CA ILE E 217 3.29 -68.92 48.34
C ILE E 217 4.44 -67.93 48.19
N LEU E 218 4.24 -66.88 47.39
CA LEU E 218 5.30 -65.92 47.16
C LEU E 218 5.59 -65.07 48.39
N CYS E 219 4.61 -64.89 49.27
CA CYS E 219 4.91 -64.27 50.56
C CYS E 219 5.83 -65.16 51.38
N ARG E 220 5.61 -66.47 51.33
CA ARG E 220 6.52 -67.38 52.04
C ARG E 220 7.95 -67.18 51.57
N VAL E 221 8.17 -67.09 50.27
CA VAL E 221 9.56 -66.95 49.80
C VAL E 221 10.06 -65.52 50.00
N ALA E 222 9.17 -64.53 50.00
CA ALA E 222 9.58 -63.16 50.30
C ALA E 222 10.12 -63.05 51.72
N GLN E 223 9.45 -63.71 52.68
CA GLN E 223 9.95 -63.79 54.04
C GLN E 223 11.07 -64.81 54.19
N GLY E 224 11.27 -65.69 53.21
CA GLY E 224 12.27 -66.71 53.31
C GLY E 224 11.96 -67.70 54.42
N VAL E 225 10.81 -68.38 54.33
CA VAL E 225 10.40 -69.33 55.35
C VAL E 225 10.23 -70.71 54.69
N GLU E 226 11.33 -71.44 54.60
CA GLU E 226 11.38 -72.90 54.61
C GLU E 226 10.61 -73.63 53.50
N LEU E 227 9.96 -72.92 52.57
CA LEU E 227 9.37 -73.55 51.39
C LEU E 227 8.60 -74.81 51.78
N PRO E 228 7.37 -74.70 52.29
CA PRO E 228 6.74 -75.90 52.90
C PRO E 228 6.75 -77.09 51.96
N GLU E 229 6.66 -78.29 52.55
CA GLU E 229 6.95 -79.50 51.80
C GLU E 229 5.98 -79.71 50.64
N TRP E 230 4.71 -79.31 50.81
CA TRP E 230 3.71 -79.60 49.79
C TRP E 230 3.96 -78.87 48.48
N ILE E 231 4.99 -78.01 48.42
CA ILE E 231 5.32 -77.34 47.16
C ILE E 231 5.72 -78.35 46.10
N ALA E 232 6.33 -79.48 46.50
CA ALA E 232 6.75 -80.47 45.52
C ALA E 232 5.55 -81.05 44.77
N SER E 233 4.44 -81.30 45.48
CA SER E 233 3.25 -81.82 44.82
C SER E 233 2.67 -80.82 43.82
N MET E 234 2.86 -79.54 44.07
CA MET E 234 2.38 -78.50 43.17
C MET E 234 3.11 -78.55 41.84
N GLN E 235 2.46 -79.07 40.80
CA GLN E 235 3.13 -79.24 39.52
C GLN E 235 2.51 -78.44 38.40
N ASN E 236 1.22 -78.07 38.52
CA ASN E 236 0.49 -77.47 37.42
C ASN E 236 -0.35 -76.32 37.99
N PRO E 237 -0.21 -75.11 37.45
CA PRO E 237 -0.81 -73.94 38.12
C PRO E 237 -2.29 -74.09 38.40
N GLN E 238 -3.00 -74.93 37.66
CA GLN E 238 -4.41 -75.17 37.92
C GLN E 238 -4.62 -75.78 39.30
N GLN E 239 -3.60 -76.42 39.87
CA GLN E 239 -3.72 -76.96 41.23
C GLN E 239 -4.01 -75.87 42.25
N LEU E 240 -3.62 -74.62 41.96
CA LEU E 240 -3.85 -73.52 42.87
C LEU E 240 -5.26 -72.95 42.77
N ALA E 241 -6.08 -73.47 41.86
CA ALA E 241 -7.46 -73.01 41.76
C ALA E 241 -8.30 -73.32 42.99
N ASN E 242 -7.74 -74.05 43.95
CA ASN E 242 -8.52 -74.59 45.05
C ASN E 242 -7.94 -74.11 46.37
N SER E 243 -8.74 -74.24 47.43
CA SER E 243 -8.33 -73.74 48.74
C SER E 243 -7.27 -74.61 49.41
N THR E 244 -7.10 -75.85 48.99
CA THR E 244 -6.14 -76.74 49.60
C THR E 244 -5.43 -77.56 48.53
N ILE E 245 -4.20 -78.00 48.85
CA ILE E 245 -3.43 -78.86 47.99
C ILE E 245 -3.27 -80.21 48.66
N LEU E 246 -3.25 -81.27 47.86
CA LEU E 246 -3.16 -82.63 48.34
C LEU E 246 -1.78 -83.19 47.97
N HIS E 247 -0.93 -83.40 48.98
CA HIS E 247 0.42 -83.88 48.71
C HIS E 247 0.47 -85.40 48.70
N ASN E 248 0.20 -86.03 49.85
CA ASN E 248 0.02 -87.49 49.91
C ASN E 248 -1.05 -87.77 50.96
N GLY E 249 -2.29 -87.92 50.50
CA GLY E 249 -3.39 -88.26 51.39
C GLY E 249 -3.95 -87.09 52.17
N ARG E 250 -3.10 -86.10 52.46
CA ARG E 250 -3.46 -84.96 53.29
C ARG E 250 -3.83 -83.76 52.43
N GLU E 251 -4.64 -82.87 53.01
CA GLU E 251 -5.03 -81.62 52.36
C GLU E 251 -4.42 -80.46 53.13
N TYR E 252 -3.43 -79.80 52.52
CA TYR E 252 -2.72 -78.69 53.15
C TYR E 252 -3.27 -77.36 52.65
N GLY E 253 -3.47 -76.42 53.57
CA GLY E 253 -3.90 -75.09 53.20
C GLY E 253 -2.73 -74.21 52.78
N PHE E 254 -3.04 -73.23 51.93
CA PHE E 254 -2.02 -72.32 51.40
C PHE E 254 -1.75 -71.13 52.31
N ALA E 255 -2.58 -70.91 53.34
CA ALA E 255 -2.44 -69.73 54.17
C ALA E 255 -1.15 -69.78 54.98
N THR E 256 -0.62 -68.60 55.29
CA THR E 256 0.57 -68.44 56.11
C THR E 256 0.39 -67.22 56.99
N VAL E 257 1.44 -66.90 57.75
CA VAL E 257 1.42 -65.74 58.65
C VAL E 257 1.92 -64.52 57.90
N TRP E 258 1.29 -63.38 58.15
CA TRP E 258 1.65 -62.13 57.50
C TRP E 258 2.08 -61.11 58.54
N PRO E 259 3.10 -60.29 58.25
CA PRO E 259 3.54 -59.28 59.24
C PRO E 259 2.45 -58.30 59.63
N ILE E 260 1.84 -57.66 58.63
CA ILE E 260 0.88 -56.60 58.89
C ILE E 260 -0.49 -57.20 59.19
N ASP E 261 -1.26 -56.50 60.03
CA ASP E 261 -2.58 -56.99 60.41
C ASP E 261 -3.48 -57.15 59.19
N ASP E 262 -3.47 -56.15 58.31
CA ASP E 262 -4.25 -56.20 57.07
C ASP E 262 -3.33 -56.73 55.97
N LYS E 263 -3.47 -58.01 55.64
CA LYS E 263 -2.61 -58.69 54.67
C LYS E 263 -3.00 -58.38 53.23
N TYR E 264 -4.17 -57.78 53.03
CA TYR E 264 -4.74 -57.42 51.73
C TYR E 264 -4.60 -55.92 51.44
N SER E 265 -3.76 -55.24 52.20
CA SER E 265 -3.54 -53.82 52.03
C SER E 265 -2.44 -53.60 51.00
N GLN E 266 -2.44 -52.41 50.39
CA GLN E 266 -1.45 -52.12 49.37
C GLN E 266 -0.07 -51.97 49.98
N GLU E 267 0.01 -51.55 51.24
CA GLU E 267 1.29 -51.59 51.94
C GLU E 267 1.81 -53.02 52.07
N SER E 268 0.93 -53.95 52.43
CA SER E 268 1.34 -55.35 52.53
C SER E 268 1.77 -55.89 51.18
N GLU E 269 1.02 -55.56 50.13
CA GLU E 269 1.38 -56.01 48.79
C GLU E 269 2.75 -55.47 48.39
N PHE E 270 2.99 -54.18 48.65
CA PHE E 270 4.27 -53.57 48.31
C PHE E 270 5.41 -54.22 49.10
N CYS E 271 5.20 -54.46 50.39
CA CYS E 271 6.24 -55.09 51.20
C CYS E 271 6.56 -56.48 50.67
N TRP E 272 5.53 -57.27 50.38
CA TRP E 272 5.76 -58.61 49.86
C TRP E 272 6.50 -58.59 48.53
N LEU E 273 6.07 -57.71 47.62
CA LEU E 273 6.72 -57.65 46.31
C LEU E 273 8.17 -57.18 46.43
N THR E 274 8.42 -56.19 47.30
CA THR E 274 9.79 -55.72 47.50
C THR E 274 10.67 -56.83 48.05
N GLY E 275 10.17 -57.58 49.04
CA GLY E 275 10.95 -58.69 49.56
C GLY E 275 11.21 -59.76 48.52
N LEU E 276 10.19 -60.09 47.73
CA LEU E 276 10.35 -61.10 46.70
C LEU E 276 11.40 -60.67 45.67
N LEU E 277 11.34 -59.43 45.22
CA LEU E 277 12.30 -58.96 44.23
C LEU E 277 13.70 -58.83 44.82
N GLU E 278 13.80 -58.46 46.10
CA GLU E 278 15.10 -58.42 46.76
C GLU E 278 15.71 -59.82 46.81
N LYS E 279 14.90 -60.83 47.13
CA LYS E 279 15.42 -62.19 47.18
C LYS E 279 15.76 -62.70 45.77
N TRP E 280 15.00 -62.28 44.76
CA TRP E 280 15.25 -62.67 43.38
C TRP E 280 16.09 -61.64 42.61
N ARG E 281 16.85 -60.82 43.32
CA ARG E 281 17.63 -59.76 42.69
C ARG E 281 18.51 -60.31 41.55
N PHE E 282 19.23 -61.39 41.81
CA PHE E 282 20.20 -61.92 40.86
C PHE E 282 19.60 -63.00 39.96
N ASN E 283 18.76 -63.87 40.52
CA ASN E 283 18.01 -64.86 39.76
C ASN E 283 16.73 -65.19 40.52
N ALA E 284 15.94 -66.11 39.95
CA ALA E 284 14.75 -66.64 40.58
C ALA E 284 14.49 -68.05 40.09
N PRO E 285 13.87 -68.91 40.91
CA PRO E 285 13.42 -70.21 40.40
C PRO E 285 12.42 -70.03 39.28
N GLU E 286 12.51 -70.89 38.27
CA GLU E 286 11.66 -70.74 37.10
C GLU E 286 10.19 -70.88 37.48
N GLY E 287 9.86 -71.88 38.30
CA GLY E 287 8.47 -72.11 38.65
C GLY E 287 7.86 -70.97 39.45
N LEU E 288 8.61 -70.47 40.44
CA LEU E 288 8.07 -69.37 41.26
C LEU E 288 8.02 -68.07 40.46
N GLU E 289 8.99 -67.85 39.57
CA GLU E 289 8.90 -66.69 38.69
C GLU E 289 7.69 -66.78 37.78
N ARG E 290 7.39 -67.97 37.27
CA ARG E 290 6.17 -68.14 36.48
C ARG E 290 4.92 -67.93 37.31
N LEU E 291 4.95 -68.33 38.58
CA LEU E 291 3.83 -68.05 39.47
C LEU E 291 3.61 -66.55 39.62
N LEU E 292 4.70 -65.80 39.81
CA LEU E 292 4.60 -64.35 39.88
C LEU E 292 4.05 -63.77 38.58
N TRP E 293 4.52 -64.30 37.44
CA TRP E 293 4.02 -63.86 36.15
C TRP E 293 2.52 -64.10 36.03
N ILE E 294 2.05 -65.27 36.46
CA ILE E 294 0.63 -65.59 36.39
C ILE E 294 -0.16 -64.67 37.31
N TYR E 295 0.38 -64.39 38.50
CA TYR E 295 -0.31 -63.47 39.40
C TYR E 295 -0.46 -62.09 38.78
N LEU E 296 0.63 -61.58 38.18
CA LEU E 296 0.56 -60.27 37.54
C LEU E 296 -0.44 -60.27 36.39
N LEU E 297 -0.41 -61.33 35.57
CA LEU E 297 -1.35 -61.41 34.44
C LEU E 297 -2.79 -61.45 34.92
N ILE E 298 -3.07 -62.24 35.96
CA ILE E 298 -4.43 -62.32 36.49
C ILE E 298 -4.87 -60.97 37.03
N GLN E 299 -3.99 -60.29 37.78
CA GLN E 299 -4.33 -58.98 38.32
C GLN E 299 -4.65 -58.00 37.20
N ASN E 300 -3.80 -57.98 36.15
CA ASN E 300 -4.01 -57.03 35.07
C ASN E 300 -5.29 -57.35 34.29
N GLN E 301 -5.57 -58.64 34.06
CA GLN E 301 -6.81 -59.00 33.38
C GLN E 301 -8.03 -58.57 34.20
N TYR E 302 -7.99 -58.82 35.51
CA TYR E 302 -9.11 -58.41 36.36
C TYR E 302 -9.30 -56.91 36.33
N LEU E 303 -8.20 -56.15 36.39
CA LEU E 303 -8.31 -54.70 36.37
C LEU E 303 -8.85 -54.19 35.03
N THR E 304 -8.42 -54.82 33.93
CA THR E 304 -8.96 -54.46 32.62
C THR E 304 -10.47 -54.68 32.57
N LEU E 305 -10.91 -55.86 33.00
CA LEU E 305 -12.34 -56.14 33.02
C LEU E 305 -13.09 -55.13 33.90
N LEU E 306 -12.55 -54.84 35.08
CA LEU E 306 -13.20 -53.93 36.01
C LEU E 306 -13.32 -52.52 35.43
N VAL E 307 -12.24 -52.01 34.85
CA VAL E 307 -12.30 -50.66 34.30
C VAL E 307 -13.23 -50.58 33.11
N GLN E 308 -13.30 -51.64 32.30
CA GLN E 308 -14.17 -51.60 31.14
C GLN E 308 -15.64 -51.87 31.48
N ARG E 309 -15.96 -52.21 32.72
CA ARG E 309 -17.35 -52.31 33.12
C ARG E 309 -18.00 -50.92 33.17
N THR E 322 -22.88 -54.31 42.47
CA THR E 322 -23.62 -53.47 43.43
C THR E 322 -23.09 -53.84 44.79
N MET E 323 -22.83 -55.14 44.90
CA MET E 323 -22.61 -55.76 46.19
C MET E 323 -21.23 -55.43 46.75
N THR E 324 -20.18 -55.70 45.97
CA THR E 324 -18.85 -55.27 46.35
C THR E 324 -18.83 -53.78 46.64
N GLU E 325 -19.69 -53.03 45.95
CA GLU E 325 -19.85 -51.61 46.27
C GLU E 325 -20.50 -51.40 47.63
N LEU E 326 -21.50 -52.22 47.97
CA LEU E 326 -22.08 -52.15 49.30
C LEU E 326 -21.00 -52.31 50.35
N ARG E 327 -20.02 -53.17 50.07
CA ARG E 327 -18.94 -53.37 51.03
C ARG E 327 -18.07 -52.14 51.21
N GLU E 328 -18.22 -51.13 50.37
CA GLU E 328 -17.62 -49.82 50.60
C GLU E 328 -18.52 -48.89 51.39
N GLU E 329 -19.39 -49.45 52.24
CA GLU E 329 -20.34 -48.68 53.05
C GLU E 329 -19.89 -48.63 54.52
N THR E 330 -18.58 -48.61 54.75
CA THR E 330 -18.00 -48.42 56.07
C THR E 330 -17.19 -47.13 56.07
N GLU E 331 -16.81 -46.69 57.27
CA GLU E 331 -16.00 -45.47 57.37
C GLU E 331 -14.51 -45.77 57.24
N LYS E 332 -14.15 -46.58 56.23
CA LYS E 332 -12.80 -47.00 55.83
C LYS E 332 -12.46 -46.59 54.41
N SER E 333 -13.30 -46.94 53.45
CA SER E 333 -13.04 -46.56 52.07
C SER E 333 -13.06 -45.03 51.94
N TYR E 334 -13.99 -44.38 52.64
CA TYR E 334 -14.05 -42.92 52.59
C TYR E 334 -12.90 -42.28 53.34
N LEU E 335 -12.49 -42.86 54.47
CA LEU E 335 -11.33 -42.34 55.18
C LEU E 335 -10.07 -42.44 54.32
N SER E 336 -9.89 -43.59 53.65
CA SER E 336 -8.76 -43.73 52.74
C SER E 336 -8.89 -42.75 51.57
N ARG E 337 -10.10 -42.55 51.07
CA ARG E 337 -10.33 -41.58 50.01
C ARG E 337 -9.85 -40.20 50.41
N PHE E 338 -10.22 -39.76 51.61
CA PHE E 338 -9.85 -38.43 52.06
C PHE E 338 -8.36 -38.34 52.37
N LYS E 339 -7.79 -39.38 52.98
CA LYS E 339 -6.35 -39.39 53.22
C LYS E 339 -5.56 -39.35 51.92
N HIS E 340 -6.08 -39.99 50.87
CA HIS E 340 -5.42 -40.00 49.58
C HIS E 340 -5.57 -38.67 48.86
N ALA E 341 -6.76 -38.06 48.92
CA ALA E 341 -6.92 -36.71 48.37
C ALA E 341 -5.97 -35.74 49.05
N HIS E 342 -5.88 -35.82 50.38
CA HIS E 342 -4.79 -35.17 51.09
C HIS E 342 -3.47 -35.79 50.68
N GLY E 343 -2.47 -34.96 50.44
CA GLY E 343 -1.17 -35.47 50.08
C GLY E 343 -0.44 -36.11 51.24
N ALA E 344 0.87 -36.24 51.15
CA ALA E 344 1.68 -36.71 52.25
C ALA E 344 2.11 -35.58 53.18
N GLY E 345 1.80 -34.34 52.84
CA GLY E 345 2.18 -33.19 53.64
C GLY E 345 1.11 -32.80 54.65
N VAL E 346 1.41 -31.74 55.39
CA VAL E 346 0.50 -31.26 56.43
C VAL E 346 -0.74 -30.63 55.80
N TYR E 347 -0.56 -29.89 54.72
CA TYR E 347 -1.62 -29.18 54.02
C TYR E 347 -2.10 -30.00 52.83
N SER E 348 -3.41 -30.14 52.72
CA SER E 348 -3.99 -31.04 51.72
C SER E 348 -3.72 -30.53 50.31
N GLN E 349 -3.41 -31.48 49.41
CA GLN E 349 -3.27 -31.17 48.00
C GLN E 349 -4.59 -30.78 47.36
N VAL E 350 -5.70 -31.35 47.84
CA VAL E 350 -7.02 -31.12 47.28
C VAL E 350 -7.81 -30.29 48.28
N ARG E 351 -8.34 -29.16 47.82
CA ARG E 351 -9.07 -28.24 48.69
C ARG E 351 -10.56 -28.53 48.72
N TYR E 352 -11.22 -28.52 47.57
CA TYR E 352 -12.66 -28.70 47.48
C TYR E 352 -12.94 -30.01 46.76
N LEU E 353 -13.42 -31.00 47.50
CA LEU E 353 -13.69 -32.33 46.97
C LEU E 353 -15.20 -32.55 46.87
N GLU E 354 -15.66 -32.88 45.67
CA GLU E 354 -17.03 -33.32 45.46
C GLU E 354 -17.03 -34.85 45.47
N GLY E 355 -17.87 -35.44 46.32
CA GLY E 355 -18.06 -36.85 46.58
C GLY E 355 -19.43 -37.30 46.10
N ARG E 356 -19.43 -38.14 45.06
CA ARG E 356 -20.66 -38.56 44.40
C ARG E 356 -20.97 -40.01 44.76
N PHE E 357 -22.20 -40.25 45.18
CA PHE E 357 -22.61 -41.58 45.62
C PHE E 357 -24.00 -41.91 45.10
N ALA E 358 -24.23 -43.19 44.86
CA ALA E 358 -25.55 -43.63 44.38
C ALA E 358 -26.56 -43.59 45.51
N PRO E 359 -27.69 -42.91 45.34
CA PRO E 359 -28.69 -42.89 46.42
C PRO E 359 -29.43 -44.21 46.51
N LYS E 360 -29.61 -44.69 47.74
CA LYS E 360 -30.22 -45.98 47.98
C LYS E 360 -31.74 -45.87 48.10
N SER E 361 -32.43 -46.91 47.64
CA SER E 361 -33.88 -46.98 47.67
C SER E 361 -34.41 -47.40 49.03
N ASP E 362 -33.54 -47.75 49.97
CA ASP E 362 -33.91 -48.11 51.32
C ASP E 362 -33.48 -47.01 52.28
N PRO E 363 -34.40 -46.41 53.05
CA PRO E 363 -33.98 -45.32 53.95
C PRO E 363 -32.87 -45.72 54.90
N ASN E 364 -32.95 -46.94 55.41
CA ASN E 364 -31.88 -47.47 56.25
C ASN E 364 -30.54 -47.47 55.53
N LYS E 365 -30.49 -48.02 54.31
CA LYS E 365 -29.23 -48.08 53.57
C LYS E 365 -28.71 -46.68 53.26
N MET E 366 -29.62 -45.73 52.99
CA MET E 366 -29.19 -44.36 52.71
C MET E 366 -28.59 -43.70 53.94
N GLN E 367 -29.29 -43.79 55.08
CA GLN E 367 -28.73 -43.29 56.33
C GLN E 367 -27.38 -43.93 56.57
N LYS E 368 -27.29 -45.21 56.26
CA LYS E 368 -26.09 -45.99 56.48
C LYS E 368 -24.91 -45.45 55.68
N LEU E 369 -25.12 -45.29 54.38
CA LEU E 369 -24.09 -44.78 53.50
C LEU E 369 -23.65 -43.39 53.93
N LEU E 370 -24.62 -42.54 54.31
CA LEU E 370 -24.28 -41.17 54.64
C LEU E 370 -23.54 -41.08 55.97
N PHE E 371 -23.94 -41.88 56.95
CA PHE E 371 -23.18 -41.93 58.20
C PHE E 371 -21.76 -42.40 57.95
N SER E 372 -21.59 -43.41 57.10
CA SER E 372 -20.24 -43.88 56.79
C SER E 372 -19.41 -42.76 56.19
N VAL E 373 -19.95 -42.05 55.21
CA VAL E 373 -19.19 -40.99 54.55
C VAL E 373 -18.82 -39.89 55.54
N LEU E 374 -19.82 -39.42 56.30
CA LEU E 374 -19.58 -38.31 57.22
C LEU E 374 -18.59 -38.71 58.31
N ARG E 375 -18.68 -39.94 58.82
CA ARG E 375 -17.77 -40.37 59.87
C ARG E 375 -16.36 -40.54 59.35
N GLY E 376 -16.21 -41.05 58.12
CA GLY E 376 -14.88 -41.10 57.52
C GLY E 376 -14.28 -39.71 57.38
N TYR E 377 -15.09 -38.75 56.93
CA TYR E 377 -14.62 -37.37 56.84
C TYR E 377 -14.21 -36.83 58.20
N TRP E 378 -15.00 -37.12 59.23
CA TRP E 378 -14.69 -36.64 60.57
C TRP E 378 -13.39 -37.24 61.09
N GLU E 379 -13.18 -38.55 60.86
CA GLU E 379 -11.94 -39.18 61.28
C GLU E 379 -10.74 -38.58 60.55
N TYR E 380 -10.90 -38.34 59.25
CA TYR E 380 -9.83 -37.70 58.48
C TYR E 380 -9.49 -36.33 59.06
N LEU E 381 -10.51 -35.56 59.41
CA LEU E 381 -10.28 -34.25 60.00
C LEU E 381 -9.62 -34.35 61.38
N SER E 382 -10.06 -35.32 62.18
CA SER E 382 -9.47 -35.52 63.50
C SER E 382 -8.01 -35.88 63.42
N ALA E 383 -7.59 -36.55 62.35
CA ALA E 383 -6.18 -36.87 62.18
C ALA E 383 -5.34 -35.69 61.71
N HIS E 384 -5.95 -34.52 61.51
CA HIS E 384 -5.21 -33.34 61.05
C HIS E 384 -5.47 -32.08 61.87
N MET E 385 -6.46 -32.07 62.77
CA MET E 385 -6.64 -30.95 63.68
C MET E 385 -7.04 -31.46 65.05
N SER E 386 -6.65 -30.70 66.08
CA SER E 386 -6.98 -31.01 67.46
C SER E 386 -7.93 -29.95 67.99
N MET E 387 -9.10 -30.40 68.46
CA MET E 387 -10.12 -29.49 68.98
C MET E 387 -11.07 -30.27 69.85
N GLU E 388 -11.86 -29.55 70.64
CA GLU E 388 -12.90 -30.16 71.46
C GLU E 388 -13.99 -30.69 70.55
N TRP E 389 -14.11 -32.02 70.48
CA TRP E 389 -14.95 -32.67 69.48
C TRP E 389 -16.35 -33.01 70.00
N VAL E 390 -16.75 -32.50 71.16
CA VAL E 390 -18.06 -32.79 71.74
C VAL E 390 -18.19 -34.28 71.96
N HIS E 391 -18.70 -35.01 70.97
CA HIS E 391 -18.78 -36.46 70.99
C HIS E 391 -17.47 -37.02 70.46
N GLU E 392 -16.65 -37.55 71.37
CA GLU E 392 -15.37 -38.11 70.96
C GLU E 392 -15.56 -39.32 70.08
N LYS E 393 -16.70 -40.01 70.22
CA LYS E 393 -17.00 -41.22 69.46
C LYS E 393 -18.42 -41.10 68.90
N PRO E 394 -18.60 -40.34 67.82
CA PRO E 394 -19.96 -40.22 67.26
C PRO E 394 -20.47 -41.55 66.76
N LEU E 395 -21.77 -41.77 66.97
CA LEU E 395 -22.44 -42.99 66.53
C LEU E 395 -23.58 -42.72 65.55
N THR E 396 -24.09 -41.49 65.49
CA THR E 396 -25.20 -41.14 64.64
C THR E 396 -24.83 -39.95 63.77
N ILE E 397 -25.61 -39.76 62.71
CA ILE E 397 -25.39 -38.65 61.80
C ILE E 397 -25.50 -37.32 62.56
N SER E 398 -26.43 -37.24 63.51
CA SER E 398 -26.57 -36.02 64.29
C SER E 398 -25.29 -35.72 65.08
N GLN E 399 -24.70 -36.74 65.70
CA GLN E 399 -23.47 -36.53 66.45
C GLN E 399 -22.31 -36.16 65.52
N VAL E 400 -22.22 -36.81 64.37
CA VAL E 400 -21.16 -36.46 63.43
C VAL E 400 -21.30 -35.03 62.95
N LEU E 401 -22.55 -34.58 62.74
CA LEU E 401 -22.78 -33.20 62.32
C LEU E 401 -22.45 -32.23 63.45
N ASP E 402 -22.77 -32.59 64.69
CA ASP E 402 -22.36 -31.78 65.81
C ASP E 402 -20.84 -31.61 65.83
N ASN E 403 -20.12 -32.70 65.57
CA ASN E 403 -18.67 -32.63 65.47
C ASN E 403 -18.23 -31.70 64.34
N LEU E 404 -18.83 -31.87 63.15
CA LEU E 404 -18.36 -31.16 61.97
C LEU E 404 -18.72 -29.68 61.98
N GLU E 405 -19.73 -29.28 62.76
CA GLU E 405 -20.09 -27.87 62.82
C GLU E 405 -18.95 -27.01 63.36
N LEU E 406 -18.05 -27.59 64.13
CA LEU E 406 -16.94 -26.86 64.73
C LEU E 406 -15.79 -26.64 63.76
N VAL E 407 -15.80 -27.28 62.60
CA VAL E 407 -14.69 -27.22 61.67
C VAL E 407 -14.79 -25.94 60.85
N GLU E 408 -13.74 -25.13 60.89
CA GLU E 408 -13.69 -23.88 60.13
C GLU E 408 -13.04 -24.12 58.78
N PRO E 409 -13.42 -23.37 57.75
CA PRO E 409 -12.80 -23.54 56.42
C PRO E 409 -11.44 -22.86 56.34
N HIS E 410 -10.52 -23.27 57.22
CA HIS E 410 -9.18 -22.69 57.23
C HIS E 410 -8.46 -22.97 55.92
N GLY E 411 -8.60 -24.19 55.39
CA GLY E 411 -7.95 -24.59 54.16
C GLY E 411 -6.90 -25.66 54.34
N LYS E 412 -6.68 -26.14 55.57
CA LYS E 412 -5.66 -27.16 55.81
C LYS E 412 -6.05 -28.50 55.19
N CYS E 413 -7.31 -28.88 55.33
CA CYS E 413 -7.79 -30.20 54.95
C CYS E 413 -8.77 -30.08 53.78
N VAL E 414 -9.23 -31.23 53.30
CA VAL E 414 -10.23 -31.24 52.24
C VAL E 414 -11.56 -30.76 52.80
N GLU E 415 -12.38 -30.18 51.93
CA GLU E 415 -13.73 -29.77 52.27
C GLU E 415 -14.68 -30.56 51.39
N LEU E 416 -15.57 -31.32 52.02
CA LEU E 416 -16.41 -32.29 51.35
C LEU E 416 -17.73 -31.66 50.91
N ALA E 417 -18.15 -32.01 49.70
CA ALA E 417 -19.50 -31.68 49.22
C ALA E 417 -20.09 -32.94 48.62
N LEU E 418 -21.17 -33.43 49.20
CA LEU E 418 -21.78 -34.68 48.78
C LEU E 418 -22.82 -34.43 47.69
N VAL E 419 -22.78 -35.26 46.65
CA VAL E 419 -23.70 -35.18 45.53
C VAL E 419 -24.27 -36.57 45.27
N PRO E 420 -25.54 -36.82 45.60
CA PRO E 420 -26.16 -38.07 45.17
C PRO E 420 -26.34 -38.13 43.66
N HIS E 421 -26.16 -39.33 43.13
CA HIS E 421 -26.40 -39.64 41.73
C HIS E 421 -27.89 -39.73 41.46
N PHE E 422 -28.20 -40.01 40.20
CA PHE E 422 -29.48 -40.60 39.82
C PHE E 422 -29.20 -41.43 38.57
N ILE E 423 -29.26 -42.75 38.72
CA ILE E 423 -28.92 -43.67 37.64
C ILE E 423 -30.14 -43.81 36.74
N LYS E 424 -29.96 -43.49 35.46
CA LYS E 424 -31.03 -43.61 34.47
C LYS E 424 -30.94 -44.98 33.81
N ARG E 425 -32.08 -45.66 33.71
CA ARG E 425 -32.17 -46.98 33.12
C ARG E 425 -33.02 -46.91 31.86
N LYS E 426 -32.81 -47.88 30.97
CA LYS E 426 -33.57 -47.93 29.74
C LYS E 426 -35.04 -48.18 30.04
N PRO E 427 -35.95 -47.64 29.22
CA PRO E 427 -37.38 -47.89 29.44
C PRO E 427 -37.70 -49.37 29.23
N LYS E 428 -38.71 -49.84 29.96
CA LYS E 428 -39.08 -51.24 29.91
C LYS E 428 -40.19 -51.48 28.90
N ASN E 429 -40.53 -52.76 28.72
CA ASN E 429 -41.44 -53.14 27.63
C ASN E 429 -42.82 -52.51 27.80
N GLY E 430 -43.37 -52.56 29.01
CA GLY E 430 -44.72 -52.07 29.25
C GLY E 430 -44.82 -51.12 30.42
N GLU E 431 -45.23 -49.89 30.17
CA GLU E 431 -45.45 -48.90 31.22
C GLU E 431 -46.40 -47.84 30.69
N ALA E 432 -46.96 -47.06 31.62
CA ALA E 432 -47.93 -46.04 31.24
C ALA E 432 -47.33 -45.05 30.24
N TYR E 433 -46.16 -44.53 30.56
CA TYR E 433 -45.42 -43.62 29.69
C TYR E 433 -43.94 -44.00 29.74
N PRO E 434 -43.16 -43.57 28.74
CA PRO E 434 -41.74 -43.95 28.73
C PRO E 434 -41.04 -43.52 30.01
N HIS E 435 -40.20 -44.42 30.53
CA HIS E 435 -39.46 -44.18 31.76
C HIS E 435 -40.39 -43.93 32.94
N ALA E 436 -41.57 -44.54 32.94
CA ALA E 436 -42.47 -44.39 34.07
C ALA E 436 -41.90 -45.04 35.32
N LEU E 437 -41.44 -46.29 35.20
CA LEU E 437 -40.89 -47.00 36.34
C LEU E 437 -39.56 -46.40 36.77
N LEU E 438 -38.76 -45.93 35.82
CA LEU E 438 -37.53 -45.22 36.18
C LEU E 438 -37.82 -43.94 36.93
N PHE E 439 -38.75 -43.12 36.41
CA PHE E 439 -39.14 -41.91 37.11
C PHE E 439 -39.63 -42.25 38.50
N LYS E 440 -40.35 -43.37 38.63
CA LYS E 440 -40.76 -43.85 39.94
C LYS E 440 -39.57 -44.04 40.86
N ASP E 441 -38.66 -44.94 40.49
CA ASP E 441 -37.55 -45.29 41.37
C ASP E 441 -36.78 -44.05 41.77
N LEU E 442 -36.62 -43.12 40.82
CA LEU E 442 -36.03 -41.83 41.12
C LEU E 442 -36.88 -41.08 42.13
N LYS E 443 -38.20 -41.18 42.01
CA LYS E 443 -39.08 -40.50 42.95
C LYS E 443 -38.89 -41.02 44.36
N ASN E 444 -38.81 -42.34 44.52
CA ASN E 444 -38.62 -42.92 45.84
C ASN E 444 -37.26 -42.54 46.41
N GLN E 445 -36.22 -42.58 45.58
CA GLN E 445 -34.90 -42.18 46.05
C GLN E 445 -34.89 -40.72 46.50
N ALA E 446 -35.50 -39.85 45.70
CA ALA E 446 -35.58 -38.43 46.06
C ALA E 446 -36.41 -38.23 47.31
N ALA E 447 -37.48 -39.01 47.48
CA ALA E 447 -38.26 -38.93 48.70
C ALA E 447 -37.42 -39.28 49.91
N ILE E 448 -36.64 -40.37 49.81
CA ILE E 448 -35.76 -40.74 50.92
C ILE E 448 -34.79 -39.59 51.22
N LEU E 449 -34.20 -39.01 50.17
CA LEU E 449 -33.26 -37.92 50.37
C LEU E 449 -33.92 -36.73 51.06
N MET E 450 -35.13 -36.37 50.63
CA MET E 450 -35.83 -35.24 51.22
C MET E 450 -36.21 -35.50 52.67
N ASP E 451 -36.65 -36.72 52.99
CA ASP E 451 -36.93 -37.04 54.39
C ASP E 451 -35.67 -36.96 55.24
N MET E 452 -34.53 -37.41 54.70
CA MET E 452 -33.27 -37.25 55.42
C MET E 452 -32.98 -35.77 55.69
N LEU E 453 -33.04 -34.96 54.64
CA LEU E 453 -32.75 -33.53 54.79
C LEU E 453 -33.70 -32.89 55.80
N LYS E 454 -34.97 -33.30 55.79
CA LYS E 454 -35.90 -32.82 56.80
C LYS E 454 -35.41 -33.19 58.18
N SER E 455 -35.39 -34.49 58.48
CA SER E 455 -35.11 -34.96 59.83
C SER E 455 -33.78 -34.44 60.32
N GLU E 456 -32.94 -33.92 59.42
CA GLU E 456 -31.68 -33.31 59.81
C GLU E 456 -31.40 -32.14 58.86
N PRO E 457 -31.88 -30.94 59.18
CA PRO E 457 -31.64 -29.79 58.29
C PRO E 457 -30.17 -29.50 58.07
N ARG E 458 -29.31 -29.81 59.04
CA ARG E 458 -27.88 -29.54 58.89
C ARG E 458 -27.26 -30.32 57.74
N LEU E 459 -27.93 -31.37 57.26
CA LEU E 459 -27.39 -32.15 56.15
C LEU E 459 -27.41 -31.37 54.84
N THR E 460 -28.09 -30.22 54.79
CA THR E 460 -28.05 -29.38 53.59
C THR E 460 -26.70 -28.70 53.42
N GLY E 461 -25.93 -28.59 54.50
CA GLY E 461 -24.58 -28.06 54.40
C GLY E 461 -23.55 -29.05 53.91
N TRP E 462 -23.93 -30.31 53.72
CA TRP E 462 -23.04 -31.34 53.23
C TRP E 462 -23.54 -32.06 52.00
N ILE E 463 -24.85 -32.10 51.76
CA ILE E 463 -25.42 -32.60 50.53
C ILE E 463 -25.72 -31.39 49.67
N ARG E 464 -24.84 -31.12 48.71
CA ARG E 464 -24.94 -29.95 47.84
C ARG E 464 -24.91 -30.46 46.40
N GLY E 465 -26.08 -30.81 45.89
CA GLY E 465 -26.20 -31.14 44.49
C GLY E 465 -26.83 -32.50 44.26
N VAL E 466 -27.66 -32.57 43.22
CA VAL E 466 -28.14 -33.85 42.72
C VAL E 466 -27.66 -33.96 41.28
N ASP E 467 -26.72 -34.88 41.05
CA ASP E 467 -26.26 -35.20 39.72
C ASP E 467 -27.03 -36.39 39.17
N ALA E 468 -27.36 -36.35 37.88
CA ALA E 468 -27.92 -37.51 37.19
C ALA E 468 -26.89 -37.99 36.17
N ALA E 469 -26.18 -39.05 36.54
CA ALA E 469 -25.22 -39.72 35.67
C ALA E 469 -25.87 -40.96 35.09
N ALA E 470 -25.06 -41.84 34.50
CA ALA E 470 -25.40 -43.08 33.81
C ALA E 470 -25.53 -42.80 32.33
N ASN E 471 -25.95 -43.80 31.56
CA ASN E 471 -26.00 -43.73 30.11
C ASN E 471 -26.98 -42.68 29.66
N GLU E 472 -26.59 -41.90 28.65
CA GLU E 472 -27.40 -40.78 28.21
C GLU E 472 -28.67 -41.27 27.53
N MET E 473 -28.53 -42.26 26.66
CA MET E 473 -29.58 -42.72 25.76
C MET E 473 -30.72 -43.40 26.48
N HIS E 474 -30.53 -43.70 27.77
CA HIS E 474 -31.50 -44.46 28.54
C HIS E 474 -32.58 -43.58 29.13
N ALA E 475 -32.33 -42.28 29.30
CA ALA E 475 -33.31 -41.35 29.79
C ALA E 475 -32.91 -39.94 29.35
N PRO E 476 -33.82 -39.17 28.75
CA PRO E 476 -33.47 -37.82 28.32
C PRO E 476 -33.44 -36.86 29.48
N PRO E 477 -32.83 -35.68 29.31
CA PRO E 477 -32.80 -34.70 30.42
C PRO E 477 -34.18 -34.24 30.86
N GLU E 478 -35.15 -34.18 29.96
CA GLU E 478 -36.46 -33.66 30.33
C GLU E 478 -37.16 -34.52 31.37
N LEU E 479 -36.72 -35.76 31.57
CA LEU E 479 -37.36 -36.63 32.56
C LEU E 479 -37.00 -36.22 33.98
N PHE E 480 -35.83 -35.62 34.20
CA PHE E 480 -35.36 -35.29 35.53
C PHE E 480 -35.76 -33.89 35.99
N CYS E 481 -36.39 -33.10 35.12
CA CYS E 481 -36.71 -31.72 35.49
C CYS E 481 -37.65 -31.64 36.70
N PRO E 482 -38.77 -32.38 36.75
CA PRO E 482 -39.61 -32.31 37.95
C PRO E 482 -38.88 -32.70 39.21
N LEU E 483 -38.05 -33.74 39.13
CA LEU E 483 -37.28 -34.20 40.28
C LEU E 483 -36.33 -33.10 40.76
N PHE E 484 -35.62 -32.47 39.83
CA PHE E 484 -34.67 -31.43 40.20
C PHE E 484 -35.38 -30.22 40.79
N ARG E 485 -36.53 -29.85 40.25
CA ARG E 485 -37.30 -28.74 40.83
C ARG E 485 -37.71 -29.05 42.27
N VAL E 486 -38.28 -30.23 42.50
CA VAL E 486 -38.72 -30.60 43.83
C VAL E 486 -37.55 -30.63 44.80
N LEU E 487 -36.41 -31.17 44.35
CA LEU E 487 -35.23 -31.19 45.21
C LEU E 487 -34.72 -29.78 45.51
N ALA E 488 -34.72 -28.90 44.51
CA ALA E 488 -34.36 -27.51 44.73
C ALA E 488 -35.15 -26.94 45.90
N LYS E 489 -36.45 -27.21 45.93
CA LYS E 489 -37.25 -26.73 47.05
C LYS E 489 -36.98 -27.47 48.35
N SER E 490 -36.71 -28.77 48.28
CA SER E 490 -36.37 -29.52 49.48
C SER E 490 -35.05 -29.06 50.09
N GLY E 491 -34.30 -28.22 49.37
CA GLY E 491 -33.10 -27.60 49.92
C GLY E 491 -31.82 -28.02 49.23
N ILE E 492 -31.91 -28.66 48.07
CA ILE E 492 -30.73 -29.11 47.35
C ILE E 492 -30.30 -28.00 46.38
N ALA E 493 -29.24 -27.30 46.74
CA ALA E 493 -28.61 -26.31 45.86
C ALA E 493 -27.72 -27.02 44.86
N HIS E 494 -27.56 -26.42 43.68
CA HIS E 494 -26.69 -26.89 42.62
C HIS E 494 -27.23 -28.19 42.02
N PHE E 495 -27.19 -28.25 40.70
CA PHE E 495 -27.65 -29.42 39.97
C PHE E 495 -26.64 -29.80 38.91
N THR E 496 -26.53 -31.11 38.66
CA THR E 496 -25.61 -31.59 37.64
C THR E 496 -26.29 -32.69 36.83
N TYR E 497 -25.88 -32.79 35.57
CA TYR E 497 -26.52 -33.75 34.66
C TYR E 497 -25.55 -34.09 33.54
N HIS E 498 -25.22 -35.37 33.41
CA HIS E 498 -24.33 -35.80 32.34
C HIS E 498 -25.00 -35.62 30.98
N VAL E 499 -24.33 -34.88 30.09
CA VAL E 499 -24.83 -34.65 28.74
C VAL E 499 -23.66 -34.67 27.77
N GLY E 500 -23.94 -35.11 26.54
CA GLY E 500 -22.96 -35.08 25.47
C GLY E 500 -21.93 -36.18 25.49
N GLU E 501 -22.02 -37.14 26.41
CA GLU E 501 -21.01 -38.20 26.49
C GLU E 501 -21.11 -39.17 25.32
N ASP E 502 -22.22 -39.90 25.22
CA ASP E 502 -22.46 -40.85 24.14
C ASP E 502 -23.76 -40.51 23.45
N PHE E 503 -23.71 -40.39 22.12
CA PHE E 503 -24.82 -39.93 21.31
C PHE E 503 -24.84 -40.72 20.00
N PRO E 504 -26.02 -41.01 19.45
CA PRO E 504 -26.05 -41.66 18.12
C PRO E 504 -25.49 -40.77 17.03
N HIS E 505 -25.57 -39.45 17.21
CA HIS E 505 -25.05 -38.49 16.24
C HIS E 505 -24.57 -37.26 16.98
N LEU E 506 -23.63 -36.54 16.35
CA LEU E 506 -23.11 -35.33 16.96
C LEU E 506 -24.22 -34.29 17.12
N ILE E 507 -25.10 -34.19 16.12
CA ILE E 507 -26.25 -33.31 16.24
C ILE E 507 -27.12 -33.74 17.41
N SER E 508 -27.27 -35.06 17.61
CA SER E 508 -28.05 -35.55 18.73
C SER E 508 -27.43 -35.14 20.06
N GLY E 509 -26.11 -35.23 20.18
CA GLY E 509 -25.46 -34.81 21.42
C GLY E 509 -25.61 -33.32 21.68
N ILE E 510 -25.42 -32.50 20.64
CA ILE E 510 -25.59 -31.05 20.79
C ILE E 510 -27.02 -30.75 21.20
N ARG E 511 -27.99 -31.43 20.57
CA ARG E 511 -29.40 -31.24 20.92
C ARG E 511 -29.66 -31.65 22.36
N SER E 512 -29.02 -32.72 22.82
CA SER E 512 -29.19 -33.14 24.21
C SER E 512 -28.68 -32.08 25.17
N ILE E 513 -27.53 -31.49 24.86
CA ILE E 513 -27.01 -30.42 25.72
C ILE E 513 -27.98 -29.24 25.73
N ASP E 514 -28.50 -28.86 24.56
CA ASP E 514 -29.44 -27.73 24.50
C ASP E 514 -30.72 -28.04 25.27
N ASP E 515 -31.22 -29.27 25.17
CA ASP E 515 -32.40 -29.67 25.93
C ASP E 515 -32.14 -29.59 27.42
N ALA E 516 -30.97 -30.06 27.86
CA ALA E 516 -30.61 -29.95 29.26
C ALA E 516 -30.59 -28.48 29.69
N LEU E 517 -30.04 -27.61 28.85
CA LEU E 517 -29.99 -26.19 29.19
C LEU E 517 -31.39 -25.60 29.33
N ARG E 518 -32.28 -25.89 28.38
CA ARG E 518 -33.56 -25.20 28.32
C ARG E 518 -34.68 -25.94 29.05
N PHE E 519 -34.39 -27.07 29.69
CA PHE E 519 -35.40 -27.79 30.46
C PHE E 519 -35.01 -27.97 31.91
N LEU E 520 -33.75 -28.29 32.21
CA LEU E 520 -33.34 -28.49 33.58
C LEU E 520 -33.32 -27.15 34.33
N PRO E 521 -33.59 -27.15 35.64
CA PRO E 521 -33.54 -25.91 36.43
C PRO E 521 -32.12 -25.52 36.80
N LEU E 522 -31.27 -25.33 35.79
CA LEU E 522 -29.88 -24.97 36.01
C LEU E 522 -29.78 -23.47 36.27
N ARG E 523 -29.30 -23.10 37.44
CA ARG E 523 -29.18 -21.71 37.83
C ARG E 523 -27.77 -21.21 37.52
N ASN E 524 -27.48 -19.96 37.89
CA ASN E 524 -26.15 -19.40 37.66
C ASN E 524 -25.14 -20.13 38.52
N GLY E 525 -24.05 -20.57 37.90
CA GLY E 525 -22.99 -21.28 38.60
C GLY E 525 -23.12 -22.79 38.61
N ASP E 526 -24.17 -23.34 38.00
CA ASP E 526 -24.33 -24.78 37.95
C ASP E 526 -23.39 -25.38 36.90
N ARG E 527 -23.19 -26.69 37.00
CA ARG E 527 -22.32 -27.43 36.09
C ARG E 527 -23.11 -28.52 35.40
N LEU E 528 -22.77 -28.79 34.14
CA LEU E 528 -23.48 -29.82 33.39
C LEU E 528 -22.79 -31.18 33.46
N GLY E 529 -21.57 -31.27 32.95
CA GLY E 529 -20.92 -32.57 32.86
C GLY E 529 -19.86 -32.61 31.78
N HIS E 530 -19.80 -33.73 31.05
CA HIS E 530 -18.77 -33.89 30.03
C HIS E 530 -18.98 -32.96 28.85
N CYS E 531 -20.21 -32.94 28.31
CA CYS E 531 -20.55 -32.06 27.19
C CYS E 531 -19.58 -32.24 26.02
N THR E 532 -19.24 -33.50 25.72
CA THR E 532 -18.32 -33.79 24.64
C THR E 532 -18.87 -33.38 23.28
N ALA E 533 -20.20 -33.34 23.12
CA ALA E 533 -20.76 -33.08 21.80
C ALA E 533 -20.44 -31.67 21.32
N ILE E 534 -20.23 -30.72 22.22
CA ILE E 534 -19.91 -29.35 21.84
C ILE E 534 -18.41 -29.08 21.91
N GLY E 535 -17.60 -30.09 22.21
CA GLY E 535 -16.17 -29.93 22.22
C GLY E 535 -15.49 -30.70 21.10
N ILE E 536 -16.03 -31.86 20.75
CA ILE E 536 -15.46 -32.69 19.71
C ILE E 536 -15.77 -32.05 18.35
N THR E 537 -14.76 -31.98 17.50
CA THR E 537 -14.98 -31.38 16.19
C THR E 537 -15.63 -32.40 15.25
N PRO E 538 -16.43 -31.92 14.29
CA PRO E 538 -16.95 -32.85 13.27
C PRO E 538 -15.84 -33.53 12.49
N SER E 539 -14.71 -32.86 12.29
CA SER E 539 -13.58 -33.50 11.62
C SER E 539 -13.14 -34.73 12.40
N ILE E 540 -12.64 -34.55 13.62
CA ILE E 540 -12.42 -35.71 14.48
C ILE E 540 -13.67 -35.91 15.33
N TRP E 541 -14.73 -36.38 14.69
CA TRP E 541 -15.75 -37.22 15.29
C TRP E 541 -16.15 -38.36 14.37
N LYS E 542 -15.95 -38.23 13.07
CA LYS E 542 -16.25 -39.24 12.06
C LYS E 542 -14.93 -39.67 11.44
N ARG E 543 -14.28 -40.64 12.08
CA ARG E 543 -12.98 -41.13 11.65
C ARG E 543 -12.96 -42.61 11.37
N SER E 544 -13.74 -43.40 12.12
CA SER E 544 -13.93 -44.82 11.84
C SER E 544 -15.41 -45.17 11.86
N LEU E 545 -16.27 -44.19 11.60
CA LEU E 545 -17.71 -44.37 11.71
C LEU E 545 -18.32 -44.72 10.35
N PRO E 546 -19.36 -45.54 10.32
CA PRO E 546 -20.00 -45.84 9.04
C PRO E 546 -20.64 -44.60 8.43
N LEU E 547 -20.74 -44.59 7.10
CA LEU E 547 -21.27 -43.44 6.40
C LEU E 547 -22.72 -43.16 6.76
N SER E 548 -23.43 -44.14 7.34
CA SER E 548 -24.80 -43.94 7.78
C SER E 548 -24.93 -44.46 9.21
N LEU E 549 -25.47 -43.63 10.09
CA LEU E 549 -25.72 -44.00 11.49
C LEU E 549 -27.22 -44.09 11.73
N SER E 550 -27.64 -45.14 12.40
CA SER E 550 -29.07 -45.35 12.68
C SER E 550 -29.40 -44.84 14.07
N MET E 551 -30.52 -44.15 14.18
CA MET E 551 -30.99 -43.60 15.45
C MET E 551 -32.45 -43.97 15.61
N THR E 552 -33.04 -43.55 16.73
CA THR E 552 -34.47 -43.70 16.91
C THR E 552 -35.22 -42.51 16.30
N LYS E 553 -36.46 -42.75 15.91
CA LYS E 553 -37.26 -41.72 15.26
C LYS E 553 -37.48 -40.53 16.18
N GLU E 554 -37.64 -40.76 17.49
CA GLU E 554 -37.84 -39.64 18.40
C GLU E 554 -36.61 -38.74 18.43
N THR E 555 -35.42 -39.33 18.53
CA THR E 555 -34.19 -38.55 18.47
C THR E 555 -34.03 -37.85 17.13
N ARG E 556 -34.38 -38.53 16.03
CA ARG E 556 -34.28 -37.92 14.71
C ARG E 556 -35.18 -36.69 14.59
N LEU E 557 -36.44 -36.82 15.03
CA LEU E 557 -37.37 -35.70 14.96
C LEU E 557 -36.92 -34.55 15.84
N LEU E 558 -36.48 -34.85 17.07
CA LEU E 558 -36.01 -33.79 17.96
C LEU E 558 -34.78 -33.11 17.39
N ASP E 559 -33.86 -33.88 16.79
CA ASP E 559 -32.69 -33.30 16.17
C ASP E 559 -33.07 -32.38 15.01
N LEU E 560 -34.02 -32.80 14.18
CA LEU E 560 -34.46 -31.94 13.08
C LEU E 560 -35.06 -30.65 13.60
N VAL E 561 -35.90 -30.74 14.64
CA VAL E 561 -36.49 -29.54 15.22
C VAL E 561 -35.41 -28.63 15.78
N PHE E 562 -34.41 -29.21 16.45
CA PHE E 562 -33.31 -28.42 17.00
C PHE E 562 -32.52 -27.74 15.89
N ILE E 563 -32.24 -28.45 14.79
CA ILE E 563 -31.52 -27.87 13.67
C ILE E 563 -32.30 -26.68 13.12
N TRP E 564 -33.60 -26.86 12.93
CA TRP E 564 -34.43 -25.74 12.45
C TRP E 564 -34.36 -24.57 13.41
N ARG E 565 -34.54 -24.83 14.71
CA ARG E 565 -34.55 -23.75 15.69
C ARG E 565 -33.25 -22.97 15.65
N GLU E 566 -32.12 -23.66 15.56
CA GLU E 566 -30.82 -23.00 15.67
C GLU E 566 -30.33 -22.40 14.37
N LEU E 567 -30.81 -22.88 13.22
CA LEU E 567 -30.34 -22.37 11.93
C LEU E 567 -31.41 -21.54 11.21
N ARG E 568 -32.54 -21.27 11.85
CA ARG E 568 -33.50 -20.32 11.30
C ARG E 568 -32.83 -18.99 10.97
N SER E 569 -32.11 -18.43 11.93
CA SER E 569 -31.56 -17.08 11.82
C SER E 569 -30.22 -17.03 11.11
N HIS E 570 -29.64 -18.18 10.76
CA HIS E 570 -28.34 -18.19 10.12
C HIS E 570 -28.52 -17.96 8.61
N PRO E 571 -28.10 -16.82 8.07
CA PRO E 571 -28.31 -16.58 6.64
C PRO E 571 -27.62 -17.60 5.74
N GLU E 572 -26.48 -18.14 6.18
CA GLU E 572 -25.71 -19.08 5.38
C GLU E 572 -26.20 -20.52 5.51
N LEU E 573 -27.12 -20.80 6.43
CA LEU E 573 -27.58 -22.16 6.69
C LEU E 573 -29.10 -22.26 6.60
N LEU E 574 -29.73 -21.30 5.91
CA LEU E 574 -31.18 -21.31 5.76
C LEU E 574 -31.66 -22.55 5.01
N ARG E 575 -30.88 -23.01 4.03
CA ARG E 575 -31.24 -24.21 3.30
C ARG E 575 -31.34 -25.41 4.24
N TYR E 576 -30.34 -25.56 5.11
CA TYR E 576 -30.36 -26.66 6.07
C TYR E 576 -31.52 -26.52 7.04
N ALA E 577 -31.80 -25.30 7.49
CA ALA E 577 -32.95 -25.10 8.38
C ALA E 577 -34.24 -25.51 7.70
N SER E 578 -34.43 -25.11 6.44
CA SER E 578 -35.66 -25.44 5.72
C SER E 578 -35.79 -26.94 5.51
N ASP E 579 -34.69 -27.60 5.10
CA ASP E 579 -34.75 -29.04 4.91
C ASP E 579 -35.04 -29.76 6.23
N ALA E 580 -34.46 -29.27 7.33
CA ALA E 580 -34.76 -29.85 8.63
C ALA E 580 -36.23 -29.70 8.97
N ALA E 581 -36.81 -28.53 8.69
CA ALA E 581 -38.23 -28.34 8.96
C ALA E 581 -39.08 -29.31 8.16
N ILE E 582 -38.77 -29.45 6.86
CA ILE E 582 -39.57 -30.31 6.00
C ILE E 582 -39.46 -31.77 6.46
N GLU E 583 -38.25 -32.23 6.74
CA GLU E 583 -38.07 -33.60 7.22
C GLU E 583 -38.74 -33.81 8.57
N ALA E 584 -38.71 -32.80 9.45
CA ALA E 584 -39.37 -32.92 10.74
C ALA E 584 -40.87 -33.08 10.57
N VAL E 585 -41.48 -32.28 9.70
CA VAL E 585 -42.92 -32.41 9.47
C VAL E 585 -43.23 -33.81 8.94
N ARG E 586 -42.42 -34.29 7.98
CA ARG E 586 -42.66 -35.62 7.42
C ARG E 586 -42.56 -36.71 8.49
N LEU E 587 -41.48 -36.70 9.25
CA LEU E 587 -41.30 -37.74 10.23
C LEU E 587 -42.37 -37.68 11.31
N ALA E 588 -42.81 -36.47 11.68
CA ALA E 588 -43.93 -36.34 12.60
C ALA E 588 -45.19 -36.95 12.00
N HIS E 589 -45.36 -36.82 10.69
CA HIS E 589 -46.58 -37.37 10.06
C HIS E 589 -46.75 -38.86 10.32
N LYS E 590 -45.71 -39.67 10.21
CA LYS E 590 -45.91 -41.09 10.63
C LYS E 590 -45.84 -41.24 12.13
N VAL E 591 -44.86 -40.61 12.80
CA VAL E 591 -44.67 -40.89 14.22
C VAL E 591 -45.98 -40.67 14.98
N PHE E 592 -46.72 -39.62 14.60
CA PHE E 592 -48.00 -39.33 15.21
C PHE E 592 -49.17 -39.94 14.46
N SER E 593 -48.94 -40.56 13.31
CA SER E 593 -50.02 -41.11 12.48
C SER E 593 -51.07 -40.04 12.22
N LEU E 594 -50.60 -38.84 11.91
CA LEU E 594 -51.48 -37.68 11.74
C LEU E 594 -52.07 -37.69 10.34
N GLU E 595 -53.36 -37.31 10.25
CA GLU E 595 -53.96 -37.17 8.94
C GLU E 595 -53.95 -35.72 8.49
N GLU E 596 -54.01 -34.79 9.45
CA GLU E 596 -54.08 -33.37 9.19
C GLU E 596 -52.68 -32.83 8.92
N GLU E 597 -52.54 -31.51 8.88
CA GLU E 597 -51.26 -30.86 8.65
C GLU E 597 -50.73 -30.28 9.96
N VAL E 598 -49.49 -30.61 10.28
CA VAL E 598 -48.80 -30.11 11.47
C VAL E 598 -47.59 -29.32 11.00
N SER E 599 -47.51 -28.06 11.40
CA SER E 599 -46.40 -27.21 11.01
C SER E 599 -45.25 -27.36 11.99
N ILE E 600 -44.07 -26.90 11.56
CA ILE E 600 -42.89 -26.95 12.42
C ILE E 600 -43.11 -26.09 13.66
N THR E 601 -43.91 -25.02 13.54
CA THR E 601 -44.22 -24.20 14.71
C THR E 601 -44.94 -25.00 15.78
N THR E 602 -45.99 -25.72 15.40
CA THR E 602 -46.71 -26.52 16.38
C THR E 602 -45.90 -27.71 16.84
N LEU E 603 -45.00 -28.24 16.00
CA LEU E 603 -44.07 -29.25 16.47
C LEU E 603 -43.18 -28.70 17.58
N ASP E 604 -42.69 -27.47 17.40
CA ASP E 604 -41.91 -26.81 18.45
C ASP E 604 -42.73 -26.63 19.72
N GLN E 605 -43.98 -26.21 19.57
CA GLN E 605 -44.85 -26.08 20.73
C GLN E 605 -45.00 -27.42 21.45
N VAL E 606 -45.21 -28.49 20.69
CA VAL E 606 -45.37 -29.82 21.28
C VAL E 606 -44.12 -30.20 22.06
N PHE E 607 -42.95 -29.97 21.48
CA PHE E 607 -41.70 -30.44 22.07
C PHE E 607 -41.12 -29.49 23.12
N GLU E 608 -41.71 -28.31 23.33
CA GLU E 608 -41.31 -27.51 24.47
C GLU E 608 -41.98 -27.96 25.77
N MET E 609 -42.92 -28.90 25.70
CA MET E 609 -43.66 -29.38 26.86
C MET E 609 -43.09 -30.67 27.43
N ARG E 610 -41.89 -31.05 27.00
CA ARG E 610 -41.26 -32.25 27.53
C ARG E 610 -40.83 -32.09 28.98
N GLY E 611 -40.66 -30.86 29.46
CA GLY E 611 -40.32 -30.63 30.84
C GLY E 611 -41.45 -30.82 31.82
N LEU E 612 -42.68 -30.97 31.32
CA LEU E 612 -43.83 -31.19 32.18
C LEU E 612 -43.80 -32.59 32.75
N LEU E 613 -44.22 -32.72 34.01
CA LEU E 613 -44.41 -34.04 34.59
C LEU E 613 -45.51 -34.77 33.84
N ALA E 614 -45.24 -36.01 33.48
CA ALA E 614 -46.20 -36.78 32.67
C ALA E 614 -47.54 -36.89 33.37
N GLU E 615 -47.52 -37.25 34.66
CA GLU E 615 -48.74 -37.42 35.44
C GLU E 615 -49.07 -36.18 36.24
N SER E 616 -49.12 -35.02 35.58
CA SER E 616 -49.48 -33.78 36.27
C SER E 616 -50.97 -33.49 36.10
N GLU E 617 -51.40 -33.21 34.87
CA GLU E 617 -52.82 -33.09 34.56
C GLU E 617 -53.15 -33.66 33.18
N GLY E 618 -52.19 -34.29 32.51
CA GLY E 618 -52.40 -34.79 31.17
C GLY E 618 -52.25 -36.29 31.05
N LEU E 619 -52.27 -36.97 32.20
CA LEU E 619 -52.10 -38.42 32.22
C LEU E 619 -52.50 -38.99 33.58
N SER E 631 -46.45 -32.86 49.02
CA SER E 631 -46.67 -31.43 49.19
C SER E 631 -45.84 -30.64 48.18
N LEU E 632 -44.52 -30.88 48.17
CA LEU E 632 -43.64 -30.18 47.24
C LEU E 632 -43.92 -30.57 45.79
N TRP E 633 -44.55 -31.72 45.56
CA TRP E 633 -44.87 -32.17 44.21
C TRP E 633 -46.10 -31.46 43.64
N LEU E 634 -46.83 -30.72 44.48
CA LEU E 634 -48.06 -30.07 44.04
C LEU E 634 -47.80 -29.04 42.94
N GLU E 635 -46.71 -28.28 43.08
CA GLU E 635 -46.42 -27.23 42.11
C GLU E 635 -46.34 -27.78 40.70
N GLU E 636 -45.57 -28.85 40.50
CA GLU E 636 -45.44 -29.42 39.16
C GLU E 636 -46.53 -30.42 38.82
N TYR E 637 -47.33 -30.85 39.79
CA TYR E 637 -48.60 -31.51 39.47
C TYR E 637 -49.55 -30.55 38.76
N GLU E 638 -49.62 -29.29 39.21
CA GLU E 638 -50.43 -28.29 38.53
C GLU E 638 -49.68 -27.46 37.49
N ARG E 639 -48.38 -27.66 37.31
CA ARG E 639 -47.68 -26.86 36.32
C ARG E 639 -48.33 -26.95 34.95
N ALA E 640 -48.99 -28.08 34.64
CA ALA E 640 -49.67 -28.24 33.36
C ALA E 640 -50.97 -27.45 33.27
N ARG E 641 -51.51 -26.99 34.41
CA ARG E 641 -52.79 -26.29 34.37
C ARG E 641 -52.70 -24.99 33.60
N GLU E 642 -51.58 -24.25 33.74
CA GLU E 642 -51.40 -23.05 32.95
C GLU E 642 -51.46 -23.36 31.46
N LEU E 643 -50.78 -24.43 31.06
CA LEU E 643 -50.80 -24.85 29.66
C LEU E 643 -52.21 -25.16 29.19
N VAL E 644 -52.97 -25.92 29.98
CA VAL E 644 -54.31 -26.32 29.56
C VAL E 644 -55.27 -25.14 29.66
N LYS E 645 -54.88 -24.09 30.38
CA LYS E 645 -55.67 -22.86 30.42
C LYS E 645 -55.52 -22.06 29.15
N THR E 646 -54.30 -21.92 28.64
CA THR E 646 -54.07 -21.21 27.38
C THR E 646 -54.96 -21.79 26.29
N THR E 647 -55.88 -20.97 25.79
CA THR E 647 -56.89 -21.47 24.84
C THR E 647 -56.26 -22.00 23.56
N GLY E 648 -55.11 -21.45 23.16
CA GLY E 648 -54.50 -21.77 21.89
C GLY E 648 -53.53 -22.94 21.94
N MET E 649 -53.48 -23.67 23.05
CA MET E 649 -52.48 -24.71 23.27
C MET E 649 -53.12 -26.09 23.12
N LYS E 650 -54.27 -26.15 22.44
CA LYS E 650 -54.97 -27.38 22.10
C LYS E 650 -54.11 -28.45 21.48
N ARG E 651 -53.67 -28.19 20.25
CA ARG E 651 -53.13 -29.22 19.39
C ARG E 651 -51.77 -29.62 19.88
N PRO E 652 -50.92 -28.70 20.35
CA PRO E 652 -49.73 -29.13 21.09
C PRO E 652 -50.06 -30.04 22.25
N LEU E 653 -51.12 -29.77 23.00
CA LEU E 653 -51.37 -30.61 24.16
C LEU E 653 -51.78 -32.01 23.76
N LYS E 654 -52.74 -32.12 22.86
CA LYS E 654 -53.21 -33.44 22.45
C LYS E 654 -52.08 -34.22 21.77
N LEU E 655 -51.27 -33.52 20.97
CA LEU E 655 -50.14 -34.17 20.32
C LEU E 655 -49.14 -34.69 21.33
N TYR E 656 -48.85 -33.91 22.37
CA TYR E 656 -47.95 -34.38 23.41
C TYR E 656 -48.54 -35.56 24.16
N LYS E 657 -49.86 -35.56 24.37
CA LYS E 657 -50.49 -36.70 25.02
C LYS E 657 -50.38 -37.95 24.17
N GLN E 658 -50.54 -37.82 22.85
CA GLN E 658 -50.30 -38.94 21.95
C GLN E 658 -48.83 -39.38 22.04
N TRP E 659 -47.92 -38.42 22.09
CA TRP E 659 -46.49 -38.71 22.21
C TRP E 659 -46.19 -39.50 23.48
N LEU E 660 -46.92 -39.23 24.55
CA LEU E 660 -46.66 -39.89 25.83
C LEU E 660 -47.35 -41.25 25.95
N THR E 661 -48.60 -41.35 25.52
CA THR E 661 -49.43 -42.51 25.82
C THR E 661 -49.67 -43.43 24.63
N SER E 662 -49.84 -42.88 23.43
CA SER E 662 -50.25 -43.70 22.30
C SER E 662 -49.26 -44.83 22.05
N ASP E 663 -49.78 -46.05 22.02
CA ASP E 663 -48.93 -47.21 21.77
C ASP E 663 -48.32 -47.16 20.38
N ASN E 664 -49.09 -46.72 19.38
CA ASN E 664 -48.54 -46.58 18.03
C ASN E 664 -47.40 -45.56 18.00
N VAL E 665 -47.61 -44.41 18.64
CA VAL E 665 -46.57 -43.38 18.64
C VAL E 665 -45.34 -43.87 19.40
N ARG E 666 -45.54 -44.65 20.46
CA ARG E 666 -44.39 -45.15 21.21
C ARG E 666 -43.60 -46.19 20.40
N LYS E 667 -44.31 -47.07 19.68
CA LYS E 667 -43.63 -48.00 18.80
C LYS E 667 -42.86 -47.25 17.71
N GLN E 668 -43.47 -46.24 17.11
CA GLN E 668 -42.77 -45.44 16.10
C GLN E 668 -41.59 -44.68 16.71
N ARG E 669 -41.70 -44.25 17.97
CA ARG E 669 -40.58 -43.60 18.63
C ARG E 669 -39.41 -44.56 18.79
N ALA E 670 -39.69 -45.80 19.16
CA ALA E 670 -38.63 -46.79 19.31
C ALA E 670 -38.12 -47.29 17.96
N GLU E 671 -38.86 -47.09 16.89
CA GLU E 671 -38.38 -47.45 15.56
C GLU E 671 -37.03 -46.78 15.27
N TYR E 672 -36.34 -47.30 14.27
CA TYR E 672 -35.02 -46.80 13.88
C TYR E 672 -35.05 -46.29 12.44
N VAL E 673 -34.24 -45.27 12.19
CA VAL E 673 -34.10 -44.68 10.86
C VAL E 673 -32.64 -44.28 10.68
N GLU E 674 -32.18 -44.31 9.43
CA GLU E 674 -30.78 -44.03 9.11
C GLU E 674 -30.60 -42.56 8.76
N VAL E 675 -29.47 -42.00 9.20
CA VAL E 675 -29.10 -40.62 8.91
C VAL E 675 -27.67 -40.63 8.38
N ALA E 676 -27.44 -39.87 7.31
CA ALA E 676 -26.10 -39.78 6.75
C ALA E 676 -25.17 -39.09 7.73
N LEU E 677 -23.90 -39.51 7.72
CA LEU E 677 -22.90 -38.89 8.57
C LEU E 677 -22.70 -37.43 8.20
N GLU E 678 -22.63 -37.13 6.91
CA GLU E 678 -22.61 -35.76 6.42
C GLU E 678 -24.03 -35.26 6.14
N TYR E 679 -24.95 -35.47 7.08
CA TYR E 679 -26.28 -34.89 6.91
C TYR E 679 -26.20 -33.38 6.99
N LEU E 680 -25.42 -32.86 7.92
CA LEU E 680 -25.10 -31.45 8.01
C LEU E 680 -23.60 -31.27 7.79
N PRO E 681 -23.19 -30.25 7.05
CA PRO E 681 -21.75 -30.04 6.85
C PRO E 681 -21.06 -29.65 8.14
N ASP E 682 -19.73 -29.82 8.12
CA ASP E 682 -18.91 -29.46 9.28
C ASP E 682 -19.22 -28.04 9.73
N GLU E 683 -19.42 -27.12 8.79
CA GLU E 683 -19.72 -25.74 9.16
C GLU E 683 -21.02 -25.66 9.97
N ALA E 684 -22.06 -26.35 9.51
CA ALA E 684 -23.34 -26.30 10.21
C ALA E 684 -23.24 -26.93 11.59
N VAL E 685 -22.52 -28.05 11.69
CA VAL E 685 -22.37 -28.70 13.00
C VAL E 685 -21.63 -27.78 13.96
N VAL E 686 -20.59 -27.10 13.46
CA VAL E 686 -19.85 -26.17 14.30
C VAL E 686 -20.74 -25.00 14.70
N ALA E 687 -21.61 -24.56 13.80
CA ALA E 687 -22.54 -23.47 14.13
C ALA E 687 -23.47 -23.88 15.25
N LEU E 688 -24.01 -25.10 15.19
CA LEU E 688 -24.85 -25.60 16.28
C LEU E 688 -24.06 -25.67 17.59
N GLN E 689 -22.83 -26.19 17.51
CA GLN E 689 -21.99 -26.27 18.70
C GLN E 689 -21.77 -24.89 19.31
N GLN E 690 -21.51 -23.89 18.47
CA GLN E 690 -21.24 -22.55 18.97
C GLN E 690 -22.49 -21.88 19.50
N ALA E 691 -23.66 -22.19 18.93
CA ALA E 691 -24.91 -21.70 19.50
C ALA E 691 -25.11 -22.25 20.91
N VAL E 692 -24.87 -23.55 21.10
CA VAL E 692 -24.98 -24.12 22.44
C VAL E 692 -23.92 -23.53 23.36
N MET E 693 -22.73 -23.27 22.81
CA MET E 693 -21.68 -22.60 23.58
C MET E 693 -22.15 -21.25 24.09
N ALA E 694 -22.76 -20.46 23.20
CA ALA E 694 -23.24 -19.14 23.58
C ALA E 694 -24.32 -19.23 24.64
N LYS E 695 -25.22 -20.20 24.50
CA LYS E 695 -26.24 -20.40 25.54
C LYS E 695 -25.59 -20.71 26.88
N MET E 696 -24.59 -21.59 26.88
CA MET E 696 -23.93 -21.97 28.12
C MET E 696 -23.22 -20.77 28.75
N ALA E 697 -22.53 -19.99 27.93
CA ALA E 697 -21.83 -18.81 28.45
C ALA E 697 -22.82 -17.79 29.01
N ASP E 698 -23.94 -17.59 28.32
CA ASP E 698 -24.94 -16.65 28.81
C ASP E 698 -25.53 -17.09 30.14
N ARG E 699 -25.82 -18.38 30.28
CA ARG E 699 -26.38 -18.88 31.54
C ARG E 699 -25.32 -19.17 32.58
N ASN E 700 -24.04 -18.99 32.24
CA ASN E 700 -22.93 -19.20 33.17
C ASN E 700 -22.96 -20.62 33.74
N ILE E 701 -23.00 -21.60 32.84
CA ILE E 701 -23.00 -23.01 33.19
C ILE E 701 -21.62 -23.56 32.88
N ALA E 702 -20.99 -24.18 33.88
CA ALA E 702 -19.66 -24.73 33.72
C ALA E 702 -19.72 -26.17 33.20
N ILE E 703 -18.58 -26.62 32.69
CA ILE E 703 -18.45 -27.95 32.10
C ILE E 703 -17.34 -28.68 32.84
N GLU E 704 -17.68 -29.74 33.56
CA GLU E 704 -16.65 -30.62 34.14
C GLU E 704 -16.13 -31.52 33.02
N CYS E 705 -14.85 -31.34 32.68
CA CYS E 705 -14.24 -32.09 31.59
C CYS E 705 -13.13 -32.98 32.14
N PRO E 706 -13.38 -34.26 32.37
CA PRO E 706 -12.29 -35.17 32.70
C PRO E 706 -11.65 -35.71 31.43
N PRO E 707 -10.47 -36.32 31.54
CA PRO E 707 -9.79 -36.81 30.33
C PRO E 707 -10.24 -38.22 29.97
N THR E 708 -10.73 -38.39 28.75
CA THR E 708 -11.22 -39.68 28.29
C THR E 708 -10.35 -40.21 27.16
N SER E 714 -12.52 -41.84 22.51
CA SER E 714 -12.42 -43.11 21.81
C SER E 714 -11.84 -42.88 20.42
N GLN E 715 -12.21 -41.73 19.83
CA GLN E 715 -11.79 -41.30 18.51
C GLN E 715 -10.49 -40.51 18.54
N TYR E 716 -9.95 -40.23 19.73
CA TYR E 716 -8.67 -39.54 19.86
C TYR E 716 -7.54 -40.55 19.85
N ARG E 717 -6.65 -40.45 18.86
CA ARG E 717 -5.43 -41.25 18.89
C ARG E 717 -4.52 -40.80 20.01
N ASN E 718 -4.21 -39.50 20.03
CA ASN E 718 -3.31 -38.89 20.99
C ASN E 718 -4.08 -37.91 21.85
N VAL E 719 -3.57 -37.68 23.06
CA VAL E 719 -4.23 -36.79 23.99
C VAL E 719 -4.27 -35.35 23.48
N SER E 720 -3.38 -34.99 22.55
CA SER E 720 -3.35 -33.62 22.03
C SER E 720 -4.58 -33.30 21.19
N GLU E 721 -5.35 -34.30 20.78
CA GLU E 721 -6.57 -34.09 20.02
C GLU E 721 -7.80 -33.90 20.90
N HIS E 722 -7.63 -33.93 22.22
CA HIS E 722 -8.76 -33.77 23.12
C HIS E 722 -9.37 -32.39 22.99
N HIS E 723 -10.70 -32.32 23.18
CA HIS E 723 -11.44 -31.08 23.03
C HIS E 723 -11.23 -30.11 24.18
N ILE E 724 -10.59 -30.54 25.28
CA ILE E 724 -10.32 -29.62 26.37
C ILE E 724 -9.41 -28.49 25.88
N PHE E 725 -8.49 -28.79 24.96
CA PHE E 725 -7.61 -27.76 24.43
C PHE E 725 -8.38 -26.78 23.53
N ARG E 726 -9.34 -27.28 22.75
CA ARG E 726 -10.21 -26.39 22.01
C ARG E 726 -10.95 -25.46 22.95
N TRP E 727 -11.49 -26.01 24.04
CA TRP E 727 -12.21 -25.18 25.01
C TRP E 727 -11.29 -24.17 25.67
N MET E 728 -10.05 -24.56 25.94
CA MET E 728 -9.07 -23.67 26.54
C MET E 728 -8.53 -22.64 25.56
N GLY E 729 -8.79 -22.83 24.26
CA GLY E 729 -8.48 -21.82 23.28
C GLY E 729 -7.09 -21.88 22.69
N LEU E 730 -6.47 -23.05 22.69
CA LEU E 730 -5.14 -23.18 22.13
C LEU E 730 -5.17 -22.88 20.63
N PRO E 731 -4.18 -22.17 20.09
CA PRO E 731 -4.14 -21.98 18.64
C PRO E 731 -4.07 -23.31 17.92
N GLY E 732 -4.79 -23.40 16.80
CA GLY E 732 -4.87 -24.61 16.03
C GLY E 732 -5.94 -25.58 16.47
N GLU E 733 -6.50 -25.40 17.67
CA GLU E 733 -7.59 -26.23 18.17
C GLU E 733 -8.89 -25.47 18.31
N ALA E 734 -8.83 -24.19 18.68
CA ALA E 734 -10.04 -23.38 18.78
C ALA E 734 -10.55 -23.01 17.40
N ILE E 735 -11.87 -22.94 17.28
CA ILE E 735 -12.51 -22.58 16.03
C ILE E 735 -12.98 -21.13 16.11
N GLU E 736 -13.14 -20.51 14.95
CA GLU E 736 -13.27 -19.06 14.88
C GLU E 736 -14.39 -18.55 15.79
N GLY E 737 -15.56 -19.17 15.72
CA GLY E 737 -16.72 -18.65 16.43
C GLY E 737 -16.98 -19.31 17.78
N ASP E 738 -15.93 -19.77 18.44
CA ASP E 738 -16.08 -20.42 19.73
C ASP E 738 -16.32 -19.40 20.84
N VAL E 739 -16.87 -19.88 21.95
CA VAL E 739 -17.17 -19.05 23.12
C VAL E 739 -16.61 -19.74 24.35
N PRO E 740 -15.87 -19.04 25.22
CA PRO E 740 -15.40 -19.66 26.46
C PRO E 740 -16.57 -20.13 27.33
N MET E 741 -16.34 -21.20 28.09
CA MET E 741 -17.44 -21.91 28.72
C MET E 741 -17.18 -22.35 30.16
N SER E 742 -16.11 -21.89 30.81
CA SER E 742 -15.87 -22.20 32.22
C SER E 742 -15.74 -23.72 32.42
N ILE E 743 -14.63 -24.24 31.91
CA ILE E 743 -14.29 -25.64 32.09
C ILE E 743 -13.72 -25.85 33.49
N CYS E 744 -14.21 -26.87 34.18
CA CYS E 744 -13.70 -27.35 35.45
C CYS E 744 -13.04 -28.71 35.26
N LEU E 745 -12.15 -29.07 36.18
CA LEU E 745 -11.40 -30.31 36.12
C LEU E 745 -12.11 -31.43 36.87
N GLY E 746 -11.85 -32.66 36.44
CA GLY E 746 -12.36 -33.82 37.13
C GLY E 746 -11.45 -35.01 36.95
N SER E 747 -11.25 -35.78 38.03
CA SER E 747 -10.39 -36.96 38.00
C SER E 747 -11.25 -38.18 37.69
N ASP E 748 -11.47 -38.40 36.38
CA ASP E 748 -12.26 -39.54 35.92
C ASP E 748 -11.68 -39.99 34.58
N ASP E 749 -10.82 -41.00 34.63
CA ASP E 749 -10.27 -41.61 33.42
C ASP E 749 -10.86 -42.99 33.24
N PRO E 750 -11.71 -43.21 32.23
CA PRO E 750 -12.40 -44.51 32.14
C PRO E 750 -11.48 -45.72 32.08
N GLY E 751 -10.33 -45.61 31.40
CA GLY E 751 -9.51 -46.77 31.14
C GLY E 751 -8.11 -46.75 31.71
N ILE E 752 -7.97 -46.28 32.95
CA ILE E 752 -6.67 -46.26 33.63
C ILE E 752 -6.84 -46.82 35.03
N PHE E 753 -5.75 -47.37 35.56
CA PHE E 753 -5.67 -47.79 36.95
C PHE E 753 -4.85 -46.76 37.73
N ALA E 754 -5.32 -46.41 38.92
CA ALA E 754 -4.61 -45.51 39.81
C ALA E 754 -4.36 -44.15 39.14
N ALA E 755 -5.47 -43.45 38.90
CA ALA E 755 -5.43 -42.07 38.44
C ALA E 755 -5.77 -41.14 39.59
N ASP E 756 -5.36 -39.88 39.43
CA ASP E 756 -5.56 -38.87 40.44
C ASP E 756 -5.77 -37.52 39.78
N LEU E 757 -6.34 -36.59 40.55
CA LEU E 757 -6.49 -35.21 40.11
C LEU E 757 -5.13 -34.59 39.82
N LYS E 758 -4.15 -34.86 40.67
CA LYS E 758 -2.79 -34.38 40.41
C LYS E 758 -2.23 -35.02 39.13
N SER E 759 -2.52 -36.30 38.92
CA SER E 759 -2.06 -36.97 37.71
C SER E 759 -2.63 -36.30 36.47
N GLU E 760 -3.93 -36.00 36.47
CA GLU E 760 -4.55 -35.37 35.30
C GLU E 760 -4.05 -33.94 35.12
N PHE E 761 -3.86 -33.20 36.22
CA PHE E 761 -3.28 -31.87 36.13
C PHE E 761 -1.91 -31.91 35.48
N TYR E 762 -1.05 -32.83 35.93
CA TYR E 762 0.27 -32.98 35.36
C TYR E 762 0.21 -33.42 33.91
N HIS E 763 -0.74 -34.29 33.57
CA HIS E 763 -0.88 -34.73 32.17
C HIS E 763 -1.23 -33.56 31.27
N LEU E 764 -2.18 -32.72 31.71
CA LEU E 764 -2.52 -31.54 30.93
C LEU E 764 -1.32 -30.61 30.81
N PHE E 765 -0.59 -30.41 31.90
CA PHE E 765 0.60 -29.55 31.86
C PHE E 765 1.63 -30.09 30.87
N VAL E 766 1.87 -31.40 30.91
CA VAL E 766 2.86 -32.03 30.03
C VAL E 766 2.46 -31.87 28.57
N VAL E 767 1.18 -32.14 28.27
CA VAL E 767 0.71 -32.01 26.90
C VAL E 767 0.85 -30.56 26.43
N LEU E 768 0.45 -29.61 27.26
CA LEU E 768 0.54 -28.21 26.87
C LEU E 768 1.98 -27.80 26.62
N THR E 769 2.91 -28.24 27.47
CA THR E 769 4.29 -27.79 27.38
C THR E 769 5.03 -28.46 26.23
N ARG E 770 4.75 -29.73 25.94
CA ARG E 770 5.53 -30.50 24.98
C ARG E 770 4.92 -30.54 23.59
N LYS E 771 3.60 -30.61 23.49
CA LYS E 771 2.92 -30.78 22.21
C LYS E 771 2.41 -29.46 21.64
N PHE E 772 2.11 -28.49 22.49
CA PHE E 772 1.65 -27.18 22.05
C PHE E 772 2.74 -26.12 22.18
N GLY E 773 3.90 -26.47 22.71
CA GLY E 773 5.03 -25.55 22.75
C GLY E 773 4.92 -24.44 23.77
N LEU E 774 3.91 -24.49 24.64
CA LEU E 774 3.73 -23.43 25.62
C LEU E 774 4.78 -23.51 26.70
N SER E 775 5.22 -22.34 27.17
CA SER E 775 6.17 -22.29 28.26
C SER E 775 5.52 -22.80 29.54
N PRO E 776 6.33 -23.19 30.52
CA PRO E 776 5.74 -23.66 31.79
C PRO E 776 4.76 -22.67 32.39
N ALA E 777 5.07 -21.37 32.33
CA ALA E 777 4.20 -20.37 32.92
C ALA E 777 2.86 -20.30 32.18
N ASP E 778 2.89 -20.26 30.86
CA ASP E 778 1.65 -20.19 30.09
C ASP E 778 0.81 -21.46 30.27
N ALA E 779 1.45 -22.62 30.23
CA ALA E 779 0.73 -23.87 30.45
C ALA E 779 0.11 -23.90 31.84
N LEU E 780 0.85 -23.45 32.85
CA LEU E 780 0.31 -23.40 34.20
C LEU E 780 -0.87 -22.44 34.27
N ARG E 781 -0.80 -21.31 33.58
CA ARG E 781 -1.93 -20.38 33.57
C ARG E 781 -3.17 -21.05 32.97
N LYS E 782 -2.98 -21.76 31.85
CA LYS E 782 -4.13 -22.40 31.19
C LYS E 782 -4.74 -23.49 32.05
N VAL E 783 -3.91 -24.35 32.66
CA VAL E 783 -4.46 -25.40 33.52
C VAL E 783 -5.06 -24.81 34.79
N ALA E 784 -4.44 -23.76 35.33
CA ALA E 784 -4.92 -23.14 36.55
C ALA E 784 -6.27 -22.49 36.35
N GLU E 785 -6.55 -21.99 35.16
CA GLU E 785 -7.86 -21.38 34.94
C GLU E 785 -8.96 -22.43 35.09
N VAL E 786 -8.77 -23.60 34.50
CA VAL E 786 -9.73 -24.70 34.66
C VAL E 786 -9.81 -25.12 36.13
N ASN E 787 -8.67 -25.29 36.77
CA ASN E 787 -8.68 -25.71 38.17
C ASN E 787 -9.44 -24.71 39.03
N GLU E 788 -9.17 -23.41 38.86
CA GLU E 788 -9.88 -22.37 39.60
C GLU E 788 -11.36 -22.33 39.24
N ASN E 789 -11.73 -22.72 38.03
CA ASN E 789 -13.14 -22.85 37.71
C ASN E 789 -13.80 -23.86 38.63
N GLY E 790 -13.08 -24.93 38.97
CA GLY E 790 -13.60 -25.86 39.96
C GLY E 790 -13.98 -25.21 41.27
N ARG E 791 -13.15 -24.30 41.78
CA ARG E 791 -13.44 -23.58 43.01
C ARG E 791 -14.55 -22.55 42.83
N ILE E 792 -14.55 -21.83 41.70
CA ILE E 792 -15.57 -20.81 41.46
C ILE E 792 -16.95 -21.45 41.39
N TYR E 793 -17.06 -22.60 40.73
CA TYR E 793 -18.33 -23.30 40.57
C TYR E 793 -18.48 -24.47 41.52
N ARG E 794 -17.79 -24.44 42.65
CA ARG E 794 -17.94 -25.47 43.66
C ARG E 794 -19.36 -25.47 44.22
N PHE E 795 -19.78 -26.63 44.71
CA PHE E 795 -21.08 -26.78 45.35
C PHE E 795 -21.00 -26.68 46.87
N HIS E 796 -19.81 -26.48 47.43
CA HIS E 796 -19.65 -26.46 48.87
C HIS E 796 -20.36 -25.26 49.49
N ASP E 797 -20.80 -25.45 50.74
CA ASP E 797 -21.46 -24.37 51.46
C ASP E 797 -20.47 -23.24 51.74
N VAL E 798 -20.89 -22.01 51.45
CA VAL E 798 -20.06 -20.84 51.67
C VAL E 798 -20.36 -20.28 53.06
N MET F 1 -44.19 1.87 38.21
CA MET F 1 -45.26 2.73 38.80
C MET F 1 -45.57 2.36 40.24
N GLU F 2 -45.01 1.22 40.69
CA GLU F 2 -45.28 0.75 42.04
C GLU F 2 -44.65 1.64 43.09
N ARG F 3 -43.57 2.34 42.75
CA ARG F 3 -42.88 3.18 43.73
C ARG F 3 -43.74 4.38 44.14
N PHE F 4 -44.61 4.86 43.26
CA PHE F 4 -45.43 6.02 43.55
C PHE F 4 -46.57 5.70 44.51
N LEU F 5 -46.88 4.43 44.71
CA LEU F 5 -47.88 4.02 45.70
C LEU F 5 -47.29 3.80 47.07
N LEU F 6 -45.96 3.71 47.19
CA LEU F 6 -45.29 3.57 48.47
C LEU F 6 -44.53 4.81 48.88
N ASN F 7 -44.27 5.74 47.96
CA ASN F 7 -43.59 7.00 48.28
C ASN F 7 -44.33 8.11 47.55
N SER F 8 -45.20 8.82 48.26
CA SER F 8 -46.01 9.88 47.66
C SER F 8 -46.55 10.78 48.75
N THR F 9 -46.21 12.07 48.68
CA THR F 9 -46.76 13.03 49.63
C THR F 9 -48.26 13.18 49.47
N VAL F 10 -48.72 13.27 48.21
CA VAL F 10 -50.15 13.45 47.96
C VAL F 10 -50.94 12.26 48.48
N LEU F 11 -50.47 11.06 48.17
CA LEU F 11 -51.17 9.85 48.64
C LEU F 11 -51.19 9.80 50.15
N LEU F 12 -50.08 10.14 50.79
CA LEU F 12 -50.03 10.13 52.24
C LEU F 12 -51.05 11.11 52.81
N TYR F 13 -51.06 12.33 52.27
CA TYR F 13 -51.95 13.35 52.81
C TYR F 13 -53.39 12.86 52.70
N ARG F 14 -53.78 12.40 51.50
CA ARG F 14 -55.14 11.94 51.22
C ARG F 14 -55.55 10.78 52.14
N LEU F 15 -54.71 9.74 52.23
CA LEU F 15 -55.03 8.58 53.05
C LEU F 15 -55.07 8.90 54.53
N SER F 16 -54.22 9.83 54.99
CA SER F 16 -54.19 10.18 56.40
C SER F 16 -55.27 11.17 56.80
N THR F 17 -55.91 11.83 55.83
CA THR F 17 -56.98 12.77 56.16
C THR F 17 -58.38 12.20 56.03
N VAL F 18 -58.64 11.27 55.14
CA VAL F 18 -60.00 10.76 54.98
C VAL F 18 -60.25 9.66 56.02
N SER F 19 -61.52 9.44 56.30
CA SER F 19 -61.92 8.49 57.33
C SER F 19 -61.56 7.07 56.90
N LEU F 20 -61.44 6.19 57.90
CA LEU F 20 -61.04 4.80 57.67
C LEU F 20 -62.18 3.95 57.13
N ASP F 21 -63.41 4.47 57.06
CA ASP F 21 -64.55 3.75 56.52
C ASP F 21 -65.04 4.34 55.20
N GLU F 22 -64.18 5.10 54.51
CA GLU F 22 -64.59 5.73 53.26
C GLU F 22 -64.81 4.69 52.16
N VAL F 23 -63.86 3.78 51.98
CA VAL F 23 -63.93 2.74 50.95
C VAL F 23 -63.91 3.38 49.57
N SER F 24 -63.50 2.60 48.56
CA SER F 24 -63.54 3.01 47.16
C SER F 24 -62.68 4.25 46.89
N LEU F 25 -61.36 4.06 47.05
CA LEU F 25 -60.41 5.16 46.90
C LEU F 25 -59.54 5.01 45.65
N ASP F 26 -59.97 4.18 44.69
CA ASP F 26 -59.14 3.90 43.53
C ASP F 26 -58.92 5.14 42.68
N GLU F 27 -59.98 5.91 42.43
CA GLU F 27 -59.85 7.13 41.62
C GLU F 27 -58.75 7.99 42.19
N ARG F 28 -58.68 8.06 43.51
CA ARG F 28 -57.86 9.07 44.17
C ARG F 28 -56.44 8.59 44.30
N VAL F 29 -56.28 7.29 44.56
CA VAL F 29 -54.95 6.69 44.53
C VAL F 29 -54.34 6.89 43.14
N GLU F 30 -55.16 6.75 42.10
CA GLU F 30 -54.68 6.95 40.72
C GLU F 30 -54.27 8.40 40.47
N SER F 31 -55.13 9.35 40.84
CA SER F 31 -54.80 10.76 40.63
C SER F 31 -53.55 11.15 41.40
N SER F 32 -53.46 10.75 42.67
CA SER F 32 -52.27 11.05 43.46
C SER F 32 -51.04 10.40 42.87
N VAL F 33 -51.17 9.21 42.29
CA VAL F 33 -50.03 8.58 41.65
C VAL F 33 -49.54 9.42 40.49
N PHE F 34 -50.45 9.94 39.68
CA PHE F 34 -50.01 10.77 38.56
C PHE F 34 -49.36 12.06 39.03
N LEU F 35 -49.90 12.68 40.09
CA LEU F 35 -49.25 13.86 40.67
C LEU F 35 -47.86 13.54 41.20
N ALA F 36 -47.71 12.41 41.90
CA ALA F 36 -46.41 12.02 42.42
C ALA F 36 -45.43 11.78 41.28
N GLN F 37 -45.88 11.14 40.20
CA GLN F 37 -44.99 10.88 39.07
C GLN F 37 -44.60 12.19 38.38
N TYR F 38 -45.52 13.13 38.23
CA TYR F 38 -45.17 14.41 37.65
C TYR F 38 -44.16 15.16 38.52
N GLU F 39 -44.34 15.11 39.84
CA GLU F 39 -43.43 15.78 40.76
C GLU F 39 -42.05 15.13 40.78
N GLN F 40 -41.98 13.80 40.74
CA GLN F 40 -40.71 13.09 40.91
C GLN F 40 -40.02 12.80 39.59
N ALA F 41 -40.65 12.07 38.68
CA ALA F 41 -40.10 11.72 37.37
C ALA F 41 -40.94 12.46 36.33
N ARG F 42 -40.57 13.70 36.06
CA ARG F 42 -41.35 14.57 35.18
C ARG F 42 -41.27 14.15 33.71
N SER F 43 -40.21 13.47 33.31
CA SER F 43 -39.94 13.22 31.89
C SER F 43 -40.78 12.09 31.31
N LEU F 44 -41.60 11.41 32.11
CA LEU F 44 -42.49 10.40 31.55
C LEU F 44 -43.52 11.08 30.66
N PRO F 45 -43.71 10.63 29.40
CA PRO F 45 -44.50 11.43 28.46
C PRO F 45 -46.01 11.33 28.65
N ASP F 46 -46.48 11.35 29.89
CA ASP F 46 -47.88 11.62 30.20
C ASP F 46 -48.85 10.54 29.72
N HIS F 47 -48.36 9.53 29.00
CA HIS F 47 -49.22 8.44 28.56
C HIS F 47 -48.58 7.10 28.88
N VAL F 48 -47.25 7.05 28.94
CA VAL F 48 -46.59 5.88 29.48
C VAL F 48 -47.05 5.65 30.91
N ALA F 49 -47.24 6.74 31.66
CA ALA F 49 -47.75 6.62 33.02
C ALA F 49 -49.18 6.08 33.05
N LYS F 50 -50.06 6.62 32.20
CA LYS F 50 -51.41 6.08 32.11
C LYS F 50 -51.38 4.58 31.83
N SER F 51 -50.58 4.16 30.84
CA SER F 51 -50.53 2.75 30.47
C SER F 51 -49.98 1.89 31.58
N ALA F 52 -48.93 2.36 32.26
CA ALA F 52 -48.35 1.59 33.37
C ALA F 52 -49.37 1.41 34.48
N TRP F 53 -50.10 2.47 34.82
CA TRP F 53 -51.13 2.35 35.85
C TRP F 53 -52.23 1.38 35.41
N SER F 54 -52.63 1.43 34.14
CA SER F 54 -53.63 0.50 33.64
C SER F 54 -53.16 -0.94 33.77
N TYR F 55 -51.90 -1.20 33.41
CA TYR F 55 -51.37 -2.54 33.55
C TYR F 55 -51.32 -2.97 35.01
N LEU F 56 -51.01 -2.04 35.92
CA LEU F 56 -50.96 -2.37 37.34
C LEU F 56 -52.35 -2.78 37.85
N VAL F 57 -53.37 -1.98 37.53
CA VAL F 57 -54.72 -2.35 37.93
C VAL F 57 -55.12 -3.68 37.31
N GLN F 58 -54.73 -3.90 36.05
CA GLN F 58 -55.07 -5.15 35.38
C GLN F 58 -54.46 -6.34 36.10
N GLN F 59 -53.19 -6.24 36.49
CA GLN F 59 -52.54 -7.32 37.24
C GLN F 59 -53.24 -7.55 38.56
N ILE F 60 -53.52 -6.49 39.31
CA ILE F 60 -54.16 -6.63 40.61
C ILE F 60 -55.51 -7.33 40.46
N LYS F 61 -56.34 -6.86 39.52
CA LYS F 61 -57.67 -7.42 39.33
C LYS F 61 -57.60 -8.87 38.87
N GLN F 62 -56.70 -9.19 37.94
CA GLN F 62 -56.58 -10.57 37.48
C GLN F 62 -56.15 -11.50 38.60
N ARG F 63 -55.22 -11.06 39.45
CA ARG F 63 -54.76 -11.88 40.56
C ARG F 63 -55.64 -11.71 41.80
N ASN F 64 -56.78 -11.04 41.65
CA ASN F 64 -57.84 -11.06 42.65
C ASN F 64 -57.39 -10.39 43.94
N MET F 65 -56.62 -9.32 43.78
CA MET F 65 -56.10 -8.53 44.88
C MET F 65 -56.78 -7.17 44.87
N LYS F 66 -56.64 -6.46 45.99
CA LYS F 66 -57.16 -5.12 46.13
C LYS F 66 -56.00 -4.14 46.07
N LEU F 67 -56.24 -2.97 45.46
CA LEU F 67 -55.22 -1.93 45.40
C LEU F 67 -54.78 -1.56 46.79
N GLY F 68 -53.54 -1.91 47.15
CA GLY F 68 -53.06 -1.67 48.49
C GLY F 68 -51.63 -2.12 48.70
N PRO F 69 -51.10 -1.84 49.90
CA PRO F 69 -49.68 -2.17 50.16
C PRO F 69 -49.36 -3.63 49.97
N VAL F 70 -50.26 -4.53 50.35
CA VAL F 70 -49.98 -5.96 50.21
C VAL F 70 -49.78 -6.31 48.74
N ALA F 71 -50.71 -5.88 47.88
CA ALA F 71 -50.61 -6.19 46.46
C ALA F 71 -49.36 -5.56 45.85
N ILE F 72 -49.07 -4.29 46.19
CA ILE F 72 -47.91 -3.63 45.62
C ILE F 72 -46.62 -4.34 46.04
N LEU F 73 -46.51 -4.69 47.33
CA LEU F 73 -45.33 -5.38 47.81
C LEU F 73 -45.19 -6.75 47.16
N ARG F 74 -46.31 -7.47 46.99
CA ARG F 74 -46.24 -8.77 46.33
C ARG F 74 -45.73 -8.61 44.90
N LEU F 75 -46.26 -7.62 44.16
CA LEU F 75 -45.81 -7.44 42.78
C LEU F 75 -44.32 -7.12 42.73
N ILE F 76 -43.86 -6.21 43.59
CA ILE F 76 -42.45 -5.85 43.59
C ILE F 76 -41.59 -7.07 43.92
N ALA F 77 -42.00 -7.85 44.93
CA ALA F 77 -41.21 -8.99 45.35
C ALA F 77 -41.14 -10.05 44.26
N GLU F 78 -42.26 -10.37 43.62
CA GLU F 78 -42.20 -11.31 42.49
C GLU F 78 -41.35 -10.79 41.36
N LYS F 79 -41.34 -9.47 41.13
CA LYS F 79 -40.60 -8.91 40.02
C LYS F 79 -39.09 -8.83 40.26
N PHE F 80 -38.67 -8.65 41.51
CA PHE F 80 -37.26 -8.43 41.81
C PHE F 80 -36.60 -9.60 42.54
N ILE F 81 -37.23 -10.12 43.59
CA ILE F 81 -36.59 -11.08 44.48
C ILE F 81 -36.96 -12.50 44.06
N LYS F 82 -35.98 -13.39 44.19
CA LYS F 82 -36.13 -14.84 44.16
C LYS F 82 -35.47 -15.53 45.34
N ASN F 83 -35.37 -16.84 45.18
CA ASN F 83 -34.52 -17.69 45.99
C ASN F 83 -33.44 -18.32 45.10
N GLU F 84 -32.18 -18.11 45.45
CA GLU F 84 -31.12 -18.85 44.77
C GLU F 84 -30.00 -19.19 45.73
N LYS F 85 -29.63 -20.48 45.76
CA LYS F 85 -28.50 -20.98 46.53
C LYS F 85 -28.74 -20.79 48.04
N GLY F 86 -28.50 -19.58 48.53
CA GLY F 86 -28.69 -19.17 49.91
C GLY F 86 -29.46 -17.87 50.03
N GLY F 87 -30.66 -17.94 50.59
CA GLY F 87 -31.44 -16.76 50.86
C GLY F 87 -31.89 -16.05 49.60
N PRO F 88 -32.75 -15.05 49.77
CA PRO F 88 -33.25 -14.30 48.60
C PRO F 88 -32.16 -13.44 47.98
N LYS F 89 -32.22 -13.33 46.65
CA LYS F 89 -31.30 -12.50 45.89
C LYS F 89 -32.06 -11.76 44.80
N ILE F 90 -31.41 -10.75 44.24
CA ILE F 90 -31.98 -9.92 43.18
C ILE F 90 -31.43 -10.40 41.84
N ASP F 91 -32.27 -10.32 40.81
CA ASP F 91 -31.80 -10.57 39.45
C ASP F 91 -30.59 -9.70 39.10
N LEU F 92 -29.64 -10.32 38.42
CA LEU F 92 -28.56 -9.56 37.81
C LEU F 92 -29.08 -8.53 36.82
N PRO F 93 -29.95 -8.89 35.87
CA PRO F 93 -30.51 -7.86 34.97
C PRO F 93 -31.39 -6.84 35.68
N MET F 94 -31.89 -7.14 36.87
CA MET F 94 -32.82 -6.27 37.58
C MET F 94 -32.17 -5.49 38.71
N PHE F 95 -30.88 -5.69 38.97
CA PHE F 95 -30.25 -5.05 40.12
C PHE F 95 -30.21 -3.53 39.98
N SER F 96 -29.96 -3.02 38.77
CA SER F 96 -29.94 -1.57 38.58
C SER F 96 -31.30 -0.95 38.91
N GLU F 97 -32.37 -1.55 38.39
CA GLU F 97 -33.71 -1.08 38.70
C GLU F 97 -33.99 -1.21 40.19
N TRP F 98 -33.51 -2.28 40.82
CA TRP F 98 -33.70 -2.44 42.25
C TRP F 98 -33.02 -1.33 43.03
N GLN F 99 -31.81 -0.94 42.62
CA GLN F 99 -31.11 0.17 43.27
C GLN F 99 -31.89 1.47 43.11
N THR F 100 -32.36 1.75 41.90
CA THR F 100 -33.16 2.94 41.69
C THR F 100 -34.40 2.92 42.56
N LEU F 101 -35.02 1.75 42.71
CA LEU F 101 -36.17 1.63 43.60
C LEU F 101 -35.79 1.88 45.05
N MET F 102 -34.66 1.33 45.49
CA MET F 102 -34.19 1.54 46.85
C MET F 102 -33.97 3.00 47.16
N SER F 103 -33.73 3.82 46.13
CA SER F 103 -33.65 5.26 46.37
C SER F 103 -34.99 5.86 46.81
N ARG F 104 -36.09 5.13 46.71
CA ARG F 104 -37.41 5.64 47.06
C ARG F 104 -38.13 4.81 48.10
N VAL F 105 -37.94 3.49 48.09
CA VAL F 105 -38.72 2.57 48.90
C VAL F 105 -37.78 1.77 49.80
N SER F 106 -38.27 1.41 50.98
CA SER F 106 -37.52 0.59 51.91
C SER F 106 -37.66 -0.89 51.53
N CYS F 107 -36.58 -1.64 51.76
CA CYS F 107 -36.50 -3.02 51.31
C CYS F 107 -37.13 -4.02 52.27
N LEU F 108 -37.28 -3.65 53.54
CA LEU F 108 -37.75 -4.61 54.54
C LEU F 108 -39.17 -5.10 54.26
N PRO F 109 -40.14 -4.23 53.96
CA PRO F 109 -41.48 -4.76 53.61
C PRO F 109 -41.46 -5.69 52.42
N ILE F 110 -40.65 -5.39 51.42
CA ILE F 110 -40.60 -6.23 50.21
C ILE F 110 -40.00 -7.58 50.54
N ILE F 111 -38.96 -7.61 51.38
CA ILE F 111 -38.36 -8.88 51.76
C ILE F 111 -39.31 -9.68 52.61
N ALA F 112 -40.07 -9.02 53.49
CA ALA F 112 -41.08 -9.73 54.26
C ALA F 112 -42.14 -10.33 53.36
N CYS F 113 -42.59 -9.57 52.36
CA CYS F 113 -43.56 -10.10 51.41
C CYS F 113 -43.01 -11.29 50.64
N HIS F 114 -41.74 -11.21 50.24
CA HIS F 114 -41.11 -12.34 49.55
C HIS F 114 -41.05 -13.56 50.45
N GLN F 115 -40.65 -13.38 51.71
CA GLN F 115 -40.56 -14.51 52.62
C GLN F 115 -41.92 -15.12 52.88
N VAL F 116 -42.98 -14.31 52.83
CA VAL F 116 -44.32 -14.84 53.08
C VAL F 116 -44.87 -15.57 51.86
N PHE F 117 -44.81 -14.94 50.69
CA PHE F 117 -45.52 -15.43 49.52
C PHE F 117 -44.65 -16.25 48.57
N ASN F 118 -43.34 -16.36 48.84
CA ASN F 118 -42.45 -17.14 48.00
C ASN F 118 -41.22 -17.53 48.82
N PRO F 119 -41.40 -18.23 49.93
CA PRO F 119 -40.25 -18.59 50.76
C PRO F 119 -39.33 -19.59 50.07
N GLY F 120 -38.07 -19.57 50.47
CA GLY F 120 -37.11 -20.52 49.97
C GLY F 120 -37.29 -21.86 50.64
N PRO F 121 -36.33 -22.77 50.44
CA PRO F 121 -36.42 -24.09 51.09
C PRO F 121 -36.56 -23.95 52.60
N ALA F 122 -37.41 -24.81 53.18
CA ALA F 122 -37.66 -24.77 54.61
C ALA F 122 -36.58 -25.51 55.37
N SER F 123 -35.33 -25.19 55.08
CA SER F 123 -34.18 -25.73 55.79
C SER F 123 -33.16 -24.69 56.18
N GLN F 124 -33.16 -23.53 55.51
CA GLN F 124 -32.26 -22.43 55.82
C GLN F 124 -33.07 -21.39 56.58
N GLU F 125 -32.95 -21.40 57.91
CA GLU F 125 -33.69 -20.45 58.73
C GLU F 125 -33.28 -19.04 58.34
N TYR F 126 -34.20 -18.30 57.73
CA TYR F 126 -33.86 -16.99 57.20
C TYR F 126 -33.89 -15.95 58.31
N SER F 127 -32.74 -15.31 58.53
CA SER F 127 -32.64 -14.16 59.41
C SER F 127 -32.50 -12.91 58.54
N PHE F 128 -33.34 -11.92 58.80
CA PHE F 128 -33.38 -10.75 57.93
C PHE F 128 -32.01 -10.11 57.77
N ARG F 129 -31.64 -9.77 56.53
CA ARG F 129 -30.35 -9.14 56.29
C ARG F 129 -30.51 -8.12 55.21
N TRP F 130 -29.99 -6.93 55.45
CA TRP F 130 -30.00 -5.91 54.42
C TRP F 130 -28.58 -5.64 53.98
N PRO F 131 -28.38 -5.20 52.74
CA PRO F 131 -29.37 -5.14 51.68
C PRO F 131 -29.40 -6.44 50.90
N LEU F 132 -30.30 -6.56 49.93
CA LEU F 132 -30.34 -7.73 49.06
C LEU F 132 -29.33 -7.55 47.94
N TYR F 133 -28.52 -8.57 47.72
CA TYR F 133 -27.52 -8.57 46.67
C TYR F 133 -27.93 -9.50 45.54
N PRO F 134 -27.37 -9.32 44.35
CA PRO F 134 -27.46 -10.36 43.33
C PRO F 134 -26.46 -11.47 43.65
N TYR F 135 -26.46 -12.51 42.82
CA TYR F 135 -25.53 -13.62 42.97
C TYR F 135 -24.74 -13.79 41.69
N HIS F 136 -23.42 -13.88 41.82
CA HIS F 136 -22.56 -14.32 40.73
C HIS F 136 -21.38 -15.08 41.33
N PRO F 137 -21.14 -16.33 40.92
CA PRO F 137 -20.07 -17.10 41.57
C PRO F 137 -18.71 -16.44 41.50
N THR F 138 -18.38 -15.77 40.39
CA THR F 138 -17.09 -15.10 40.29
C THR F 138 -16.95 -14.02 41.37
N VAL F 139 -17.97 -13.19 41.52
CA VAL F 139 -17.93 -12.12 42.51
C VAL F 139 -17.87 -12.70 43.92
N GLU F 140 -18.66 -13.74 44.19
CA GLU F 140 -18.64 -14.33 45.53
C GLU F 140 -17.29 -14.94 45.84
N ASP F 141 -16.68 -15.63 44.88
CA ASP F 141 -15.36 -16.20 45.10
C ASP F 141 -14.32 -15.11 45.34
N TYR F 142 -14.38 -14.03 44.55
CA TYR F 142 -13.45 -12.94 44.76
C TYR F 142 -13.60 -12.33 46.14
N ILE F 143 -14.85 -12.13 46.59
CA ILE F 143 -15.07 -11.55 47.91
C ILE F 143 -14.56 -12.49 49.00
N THR F 144 -14.83 -13.78 48.85
CA THR F 144 -14.35 -14.76 49.83
C THR F 144 -12.83 -14.78 49.90
N ARG F 145 -12.14 -14.64 48.76
CA ARG F 145 -10.70 -14.76 48.73
C ARG F 145 -10.01 -13.47 49.19
N GLU F 146 -10.46 -12.32 48.70
CA GLU F 146 -9.78 -11.06 48.91
C GLU F 146 -10.52 -10.12 49.86
N CYS F 147 -11.82 -10.33 50.06
CA CYS F 147 -12.63 -9.46 50.91
C CYS F 147 -12.73 -8.07 50.31
N LEU F 148 -13.63 -7.24 50.85
CA LEU F 148 -13.86 -5.90 50.36
C LEU F 148 -13.25 -4.89 51.33
N HIS F 149 -12.87 -3.74 50.80
CA HIS F 149 -12.15 -2.71 51.55
C HIS F 149 -12.93 -1.41 51.49
N GLU F 150 -13.22 -0.84 52.65
CA GLU F 150 -14.03 0.37 52.76
C GLU F 150 -13.13 1.55 53.09
N THR F 151 -13.15 2.56 52.22
CA THR F 151 -12.37 3.77 52.38
C THR F 151 -13.19 5.04 52.48
N HIS F 152 -14.52 4.97 52.34
CA HIS F 152 -15.36 6.17 52.34
C HIS F 152 -16.71 5.82 52.96
N GLN F 153 -16.87 6.09 54.25
CA GLN F 153 -18.12 5.83 54.96
C GLN F 153 -18.38 6.94 55.97
N HIS F 154 -19.05 8.02 55.54
CA HIS F 154 -19.35 9.23 56.29
C HIS F 154 -20.71 9.87 55.98
N LEU F 155 -21.71 9.11 55.52
CA LEU F 155 -22.91 9.75 54.97
C LEU F 155 -24.00 10.04 56.02
N ASN F 156 -24.58 9.03 56.67
CA ASN F 156 -25.65 9.32 57.63
C ASN F 156 -24.94 8.74 58.86
N GLY F 157 -24.18 9.51 59.58
CA GLY F 157 -23.24 8.91 60.52
C GLY F 157 -22.37 7.91 59.77
N SER F 158 -22.58 6.61 60.04
CA SER F 158 -22.05 5.58 59.16
C SER F 158 -23.03 4.45 58.93
N THR F 159 -24.29 4.62 59.33
CA THR F 159 -25.31 3.60 59.22
C THR F 159 -26.23 3.91 58.06
N SER F 160 -26.90 2.88 57.56
CA SER F 160 -27.90 3.08 56.52
C SER F 160 -29.08 3.87 57.07
N ALA F 161 -29.78 4.54 56.16
CA ALA F 161 -30.87 5.42 56.55
C ALA F 161 -32.06 4.62 57.10
N GLU F 162 -32.05 3.31 56.88
CA GLU F 162 -33.19 2.48 57.24
C GLU F 162 -33.27 2.16 58.72
N GLU F 163 -32.15 2.03 59.42
CA GLU F 163 -32.17 1.91 60.87
C GLU F 163 -32.46 3.23 61.55
N CYS F 164 -32.23 4.35 60.84
CA CYS F 164 -32.58 5.65 61.39
C CYS F 164 -34.07 5.81 61.57
N TRP F 165 -34.88 5.16 60.73
CA TRP F 165 -36.32 5.20 60.92
C TRP F 165 -36.72 4.60 62.27
N LEU F 166 -36.20 3.41 62.56
CA LEU F 166 -36.50 2.78 63.84
C LEU F 166 -35.86 3.54 65.00
N ASP F 167 -34.69 4.15 64.78
CA ASP F 167 -34.11 4.99 65.83
C ASP F 167 -35.00 6.18 66.14
N ALA F 168 -35.59 6.78 65.11
CA ALA F 168 -36.52 7.89 65.33
C ALA F 168 -37.76 7.41 66.09
N LEU F 169 -38.29 6.24 65.71
CA LEU F 169 -39.44 5.70 66.44
C LEU F 169 -39.07 5.40 67.89
N LYS F 170 -37.83 5.01 68.14
CA LYS F 170 -37.35 4.77 69.50
C LYS F 170 -37.21 6.05 70.29
N HIS F 171 -36.73 7.10 69.64
CA HIS F 171 -36.49 8.40 70.26
C HIS F 171 -37.25 9.45 69.45
N PRO F 172 -38.58 9.35 69.42
CA PRO F 172 -39.37 10.33 68.66
C PRO F 172 -39.10 11.75 69.10
N GLU F 173 -38.88 11.96 70.39
CA GLU F 173 -38.68 13.31 70.91
C GLU F 173 -37.25 13.79 70.67
N ALA F 174 -36.27 12.88 70.57
CA ALA F 174 -34.95 13.29 70.09
C ALA F 174 -34.99 13.71 68.63
N CYS F 175 -35.67 12.91 67.79
CA CYS F 175 -35.79 13.24 66.38
C CYS F 175 -36.55 14.55 66.19
N LEU F 176 -37.63 14.74 66.95
CA LEU F 176 -38.37 16.00 66.90
C LEU F 176 -37.50 17.16 67.34
N ARG F 177 -36.73 16.98 68.42
CA ARG F 177 -35.78 18.01 68.84
C ARG F 177 -34.80 18.38 67.74
N ASP F 178 -34.20 17.39 67.07
CA ASP F 178 -33.29 17.72 65.97
C ASP F 178 -34.01 18.46 64.85
N PHE F 179 -35.18 17.95 64.44
CA PHE F 179 -35.90 18.57 63.35
C PHE F 179 -36.19 20.04 63.64
N GLU F 180 -36.66 20.34 64.86
CA GLU F 180 -36.93 21.73 65.21
C GLU F 180 -35.64 22.54 65.22
N LYS F 181 -34.61 22.03 65.88
CA LYS F 181 -33.30 22.71 65.88
C LYS F 181 -32.60 22.36 64.58
N GLY F 182 -32.95 23.11 63.55
CA GLY F 182 -32.47 22.89 62.20
C GLY F 182 -33.55 23.25 61.19
N TRP F 183 -34.81 23.26 61.65
CA TRP F 183 -35.90 23.82 60.85
C TRP F 183 -35.88 25.35 60.89
N ALA F 184 -35.30 25.94 61.92
CA ALA F 184 -35.06 27.38 61.88
C ALA F 184 -34.06 27.74 60.81
N SER F 185 -33.28 26.77 60.34
CA SER F 185 -32.33 27.02 59.27
C SER F 185 -33.04 27.04 57.94
N GLN F 186 -32.64 28.02 57.15
CA GLN F 186 -33.21 28.20 55.82
C GLN F 186 -32.98 27.01 54.92
N GLU F 187 -31.76 26.48 54.94
CA GLU F 187 -31.43 25.43 54.04
C GLU F 187 -32.50 24.38 54.13
N MET F 188 -32.81 24.07 55.38
CA MET F 188 -33.74 23.03 55.81
C MET F 188 -35.17 23.39 55.48
N LYS F 189 -35.58 24.64 55.71
CA LYS F 189 -36.93 25.01 55.30
C LYS F 189 -37.12 24.77 53.82
N GLN F 190 -36.13 25.15 53.01
CA GLN F 190 -36.21 24.95 51.57
C GLN F 190 -36.30 23.46 51.24
N LEU F 191 -35.47 22.64 51.89
CA LEU F 191 -35.51 21.20 51.64
C LEU F 191 -36.86 20.59 52.01
N CYS F 192 -37.40 20.99 53.17
CA CYS F 192 -38.69 20.47 53.60
C CYS F 192 -39.79 20.87 52.65
N ALA F 193 -39.76 22.12 52.17
CA ALA F 193 -40.75 22.55 51.20
C ALA F 193 -40.63 21.77 49.90
N GLN F 194 -39.38 21.48 49.49
CA GLN F 194 -39.18 20.79 48.22
C GLN F 194 -39.60 19.34 48.29
N ILE F 195 -39.51 18.71 49.47
CA ILE F 195 -39.98 17.34 49.61
C ILE F 195 -41.49 17.30 49.89
N ASP F 196 -41.89 17.86 51.04
CA ASP F 196 -43.31 17.96 51.40
C ASP F 196 -43.62 19.42 51.70
N PRO F 197 -44.35 20.13 50.84
CA PRO F 197 -44.56 21.57 51.08
C PRO F 197 -45.04 21.90 52.48
N SER F 198 -46.13 21.27 52.92
CA SER F 198 -46.73 21.58 54.23
C SER F 198 -46.29 20.54 55.27
N LEU F 199 -44.99 20.49 55.52
CA LEU F 199 -44.44 19.53 56.50
C LEU F 199 -44.52 20.06 57.93
N THR F 200 -43.77 21.12 58.22
CA THR F 200 -43.70 21.73 59.56
C THR F 200 -43.30 20.74 60.65
N PRO F 201 -42.68 21.22 61.73
CA PRO F 201 -42.35 20.32 62.84
C PRO F 201 -43.57 19.65 63.46
N ARG F 202 -44.72 20.31 63.47
CA ARG F 202 -45.89 19.73 64.14
C ARG F 202 -46.41 18.52 63.38
N ILE F 203 -46.55 18.62 62.05
CA ILE F 203 -46.97 17.43 61.30
C ILE F 203 -45.84 16.40 61.29
N PHE F 204 -44.58 16.84 61.37
CA PHE F 204 -43.50 15.86 61.55
C PHE F 204 -43.75 15.01 62.80
N LYS F 205 -44.02 15.67 63.93
CA LYS F 205 -44.29 14.97 65.18
C LYS F 205 -45.52 14.09 65.05
N ASP F 206 -46.60 14.63 64.44
CA ASP F 206 -47.82 13.87 64.30
C ASP F 206 -47.60 12.63 63.45
N ARG F 207 -46.81 12.74 62.39
CA ARG F 207 -46.53 11.60 61.54
C ARG F 207 -45.72 10.54 62.28
N LEU F 208 -44.73 10.96 63.07
CA LEU F 208 -43.98 9.98 63.85
C LEU F 208 -44.90 9.25 64.83
N GLN F 209 -45.78 10.00 65.51
CA GLN F 209 -46.69 9.36 66.45
C GLN F 209 -47.66 8.43 65.74
N ILE F 210 -48.15 8.83 64.57
CA ILE F 210 -49.05 7.99 63.80
C ILE F 210 -48.35 6.69 63.40
N ALA F 211 -47.09 6.80 62.98
CA ALA F 211 -46.33 5.60 62.63
C ALA F 211 -46.20 4.67 63.83
N CYS F 212 -45.86 5.23 64.99
CA CYS F 212 -45.72 4.39 66.19
C CYS F 212 -47.04 3.70 66.53
N ASN F 213 -48.13 4.44 66.53
CA ASN F 213 -49.43 3.88 66.89
C ASN F 213 -49.87 2.81 65.89
N ILE F 214 -49.66 3.07 64.60
CA ILE F 214 -50.00 2.09 63.57
C ILE F 214 -49.16 0.83 63.76
N ARG F 215 -47.89 0.99 64.11
CA ARG F 215 -47.04 -0.17 64.36
C ARG F 215 -47.59 -1.00 65.50
N GLU F 216 -48.00 -0.34 66.59
CA GLU F 216 -48.56 -1.08 67.72
C GLU F 216 -49.82 -1.83 67.31
N ILE F 217 -50.75 -1.13 66.64
CA ILE F 217 -52.01 -1.75 66.24
C ILE F 217 -51.76 -2.95 65.32
N LEU F 218 -50.90 -2.77 64.33
CA LEU F 218 -50.65 -3.83 63.38
C LEU F 218 -49.85 -4.98 64.00
N CYS F 219 -49.06 -4.70 65.04
CA CYS F 219 -48.46 -5.80 65.80
C CYS F 219 -49.53 -6.61 66.50
N ARG F 220 -50.55 -5.95 67.04
CA ARG F 220 -51.64 -6.69 67.65
C ARG F 220 -52.27 -7.67 66.67
N VAL F 221 -52.53 -7.22 65.45
CA VAL F 221 -53.17 -8.15 64.50
C VAL F 221 -52.16 -9.15 63.95
N ALA F 222 -50.88 -8.80 63.89
CA ALA F 222 -49.87 -9.78 63.47
C ALA F 222 -49.79 -10.93 64.45
N GLN F 223 -49.86 -10.64 65.75
CA GLN F 223 -49.94 -11.68 66.77
C GLN F 223 -51.34 -12.28 66.87
N GLY F 224 -52.35 -11.63 66.31
CA GLY F 224 -53.70 -12.12 66.43
C GLY F 224 -54.20 -12.06 67.86
N VAL F 225 -54.23 -10.86 68.45
CA VAL F 225 -54.65 -10.69 69.84
C VAL F 225 -55.86 -9.74 69.85
N GLU F 226 -57.04 -10.30 69.66
CA GLU F 226 -58.31 -9.82 70.20
C GLU F 226 -58.74 -8.40 69.82
N LEU F 227 -57.98 -7.69 68.97
CA LEU F 227 -58.44 -6.40 68.43
C LEU F 227 -59.05 -5.53 69.51
N PRO F 228 -58.27 -4.86 70.36
CA PRO F 228 -58.86 -4.24 71.54
C PRO F 228 -60.06 -3.35 71.20
N GLU F 229 -60.92 -3.14 72.19
CA GLU F 229 -62.24 -2.56 71.92
C GLU F 229 -62.13 -1.14 71.35
N TRP F 230 -61.15 -0.37 71.80
CA TRP F 230 -61.07 1.03 71.40
C TRP F 230 -60.80 1.21 69.91
N ILE F 231 -60.59 0.13 69.17
CA ILE F 231 -60.39 0.24 67.72
C ILE F 231 -61.64 0.81 67.05
N ALA F 232 -62.83 0.54 67.61
CA ALA F 232 -64.05 1.05 67.00
C ALA F 232 -64.09 2.57 67.02
N SER F 233 -63.62 3.19 68.10
CA SER F 233 -63.58 4.65 68.17
C SER F 233 -62.63 5.24 67.15
N MET F 234 -61.59 4.51 66.80
CA MET F 234 -60.61 4.96 65.81
C MET F 234 -61.25 5.05 64.44
N GLN F 235 -61.56 6.27 63.99
CA GLN F 235 -62.25 6.42 62.71
C GLN F 235 -61.46 7.19 61.69
N ASN F 236 -60.48 8.01 62.10
CA ASN F 236 -59.79 8.93 61.20
C ASN F 236 -58.31 8.90 61.54
N PRO F 237 -57.44 8.61 60.58
CA PRO F 237 -56.02 8.34 60.92
C PRO F 237 -55.37 9.43 61.75
N GLN F 238 -55.88 10.67 61.69
CA GLN F 238 -55.33 11.74 62.52
C GLN F 238 -55.52 11.44 64.00
N GLN F 239 -56.46 10.58 64.36
CA GLN F 239 -56.64 10.20 65.76
C GLN F 239 -55.38 9.54 66.32
N LEU F 240 -54.57 8.92 65.47
CA LEU F 240 -53.35 8.26 65.90
C LEU F 240 -52.19 9.22 66.11
N ALA F 241 -52.37 10.51 65.83
CA ALA F 241 -51.32 11.49 66.05
C ALA F 241 -50.97 11.65 67.52
N ASN F 242 -51.69 10.99 68.42
CA ASN F 242 -51.58 11.27 69.84
C ASN F 242 -51.24 9.98 70.59
N SER F 243 -50.76 10.14 71.82
CA SER F 243 -50.32 8.99 72.60
C SER F 243 -51.46 8.13 73.13
N THR F 244 -52.68 8.66 73.17
CA THR F 244 -53.81 7.89 73.69
C THR F 244 -55.04 8.15 72.83
N ILE F 245 -55.96 7.19 72.83
CA ILE F 245 -57.24 7.31 72.15
C ILE F 245 -58.34 7.34 73.18
N LEU F 246 -59.39 8.10 72.89
CA LEU F 246 -60.52 8.28 73.79
C LEU F 246 -61.74 7.57 73.18
N HIS F 247 -62.16 6.47 73.82
CA HIS F 247 -63.28 5.70 73.29
C HIS F 247 -64.60 6.22 73.84
N ASN F 248 -64.81 6.09 75.15
CA ASN F 248 -65.96 6.71 75.82
C ASN F 248 -65.49 7.16 77.21
N GLY F 249 -65.08 8.42 77.32
CA GLY F 249 -64.67 8.97 78.60
C GLY F 249 -63.26 8.60 79.02
N ARG F 250 -62.80 7.44 78.59
CA ARG F 250 -61.50 6.91 79.00
C ARG F 250 -60.44 7.19 77.94
N GLU F 251 -59.18 7.22 78.38
CA GLU F 251 -58.04 7.41 77.49
C GLU F 251 -57.22 6.13 77.49
N TYR F 252 -57.24 5.42 76.37
CA TYR F 252 -56.54 4.15 76.23
C TYR F 252 -55.22 4.35 75.49
N GLY F 253 -54.16 3.71 75.99
CA GLY F 253 -52.89 3.75 75.32
C GLY F 253 -52.78 2.72 74.21
N PHE F 254 -51.94 3.04 73.22
CA PHE F 254 -51.76 2.17 72.06
C PHE F 254 -50.72 1.07 72.29
N ALA F 255 -49.95 1.15 73.37
CA ALA F 255 -48.86 0.20 73.58
C ALA F 255 -49.41 -1.21 73.83
N THR F 256 -48.61 -2.20 73.45
CA THR F 256 -48.92 -3.61 73.67
C THR F 256 -47.64 -4.34 74.02
N VAL F 257 -47.74 -5.65 74.17
CA VAL F 257 -46.60 -6.49 74.50
C VAL F 257 -45.94 -6.96 73.22
N TRP F 258 -44.61 -7.01 73.22
CA TRP F 258 -43.84 -7.41 72.07
C TRP F 258 -42.99 -8.64 72.40
N PRO F 259 -42.85 -9.60 71.48
CA PRO F 259 -42.04 -10.79 71.78
C PRO F 259 -40.60 -10.47 72.13
N ILE F 260 -39.93 -9.72 71.27
CA ILE F 260 -38.50 -9.47 71.42
C ILE F 260 -38.29 -8.32 72.40
N ASP F 261 -37.16 -8.37 73.11
CA ASP F 261 -36.87 -7.35 74.11
C ASP F 261 -36.76 -5.97 73.46
N ASP F 262 -36.07 -5.89 72.32
CA ASP F 262 -35.95 -4.65 71.56
C ASP F 262 -37.04 -4.64 70.49
N LYS F 263 -38.12 -3.90 70.76
CA LYS F 263 -39.28 -3.87 69.87
C LYS F 263 -39.07 -2.96 68.67
N TYR F 264 -38.02 -2.15 68.69
CA TYR F 264 -37.66 -1.19 67.65
C TYR F 264 -36.50 -1.68 66.79
N SER F 265 -36.20 -2.98 66.87
CA SER F 265 -35.13 -3.58 66.10
C SER F 265 -35.65 -4.03 64.74
N GLN F 266 -34.75 -4.14 63.78
CA GLN F 266 -35.17 -4.53 62.44
C GLN F 266 -35.62 -5.98 62.40
N GLU F 267 -35.09 -6.82 63.29
CA GLU F 267 -35.63 -8.16 63.45
C GLU F 267 -37.08 -8.12 63.91
N SER F 268 -37.38 -7.27 64.89
CA SER F 268 -38.75 -7.15 65.37
C SER F 268 -39.67 -6.62 64.26
N GLU F 269 -39.20 -5.62 63.52
CA GLU F 269 -39.98 -5.09 62.42
C GLU F 269 -40.26 -6.17 61.37
N PHE F 270 -39.24 -6.95 61.01
CA PHE F 270 -39.41 -8.02 60.04
C PHE F 270 -40.39 -9.07 60.54
N CYS F 271 -40.27 -9.46 61.82
CA CYS F 271 -41.18 -10.45 62.36
C CYS F 271 -42.62 -9.96 62.33
N TRP F 272 -42.83 -8.70 62.74
CA TRP F 272 -44.18 -8.16 62.75
C TRP F 272 -44.75 -8.10 61.33
N LEU F 273 -43.95 -7.62 60.37
CA LEU F 273 -44.44 -7.51 59.01
C LEU F 273 -44.73 -8.88 58.41
N THR F 274 -43.88 -9.86 58.68
CA THR F 274 -44.11 -11.21 58.19
C THR F 274 -45.40 -11.79 58.76
N GLY F 275 -45.61 -11.61 60.07
CA GLY F 275 -46.86 -12.09 60.66
C GLY F 275 -48.08 -11.39 60.07
N LEU F 276 -47.99 -10.08 59.89
CA LEU F 276 -49.11 -9.34 59.34
C LEU F 276 -49.45 -9.81 57.93
N LEU F 277 -48.43 -9.98 57.09
CA LEU F 277 -48.67 -10.43 55.72
C LEU F 277 -49.15 -11.87 55.68
N GLU F 278 -48.66 -12.73 56.59
CA GLU F 278 -49.16 -14.09 56.67
C GLU F 278 -50.64 -14.10 57.02
N LYS F 279 -51.05 -13.26 57.98
CA LYS F 279 -52.46 -13.19 58.34
C LYS F 279 -53.30 -12.60 57.22
N TRP F 280 -52.74 -11.64 56.47
CA TRP F 280 -53.44 -11.02 55.35
C TRP F 280 -53.11 -11.68 54.01
N ARG F 281 -52.66 -12.93 54.03
CA ARG F 281 -52.26 -13.60 52.80
C ARG F 281 -53.35 -13.54 51.73
N PHE F 282 -54.58 -13.86 52.10
CA PHE F 282 -55.68 -13.96 51.15
C PHE F 282 -56.45 -12.66 51.00
N ASN F 283 -56.69 -11.96 52.10
CA ASN F 283 -57.29 -10.63 52.11
C ASN F 283 -56.82 -9.87 53.34
N ALA F 284 -57.31 -8.64 53.48
CA ALA F 284 -57.06 -7.81 54.65
C ALA F 284 -58.23 -6.86 54.87
N PRO F 285 -58.50 -6.48 56.11
CA PRO F 285 -59.47 -5.40 56.34
C PRO F 285 -59.03 -4.11 55.67
N GLU F 286 -59.98 -3.39 55.10
CA GLU F 286 -59.63 -2.17 54.36
C GLU F 286 -58.96 -1.15 55.26
N GLY F 287 -59.51 -0.94 56.47
CA GLY F 287 -58.96 0.08 57.35
C GLY F 287 -57.55 -0.25 57.81
N LEU F 288 -57.31 -1.50 58.20
CA LEU F 288 -55.99 -1.88 58.67
C LEU F 288 -54.98 -1.90 57.51
N GLU F 289 -55.42 -2.31 56.32
CA GLU F 289 -54.54 -2.23 55.16
C GLU F 289 -54.17 -0.79 54.85
N ARG F 290 -55.12 0.13 54.99
CA ARG F 290 -54.82 1.55 54.81
C ARG F 290 -53.88 2.05 55.89
N LEU F 291 -54.01 1.54 57.12
CA LEU F 291 -53.06 1.90 58.16
C LEU F 291 -51.65 1.46 57.80
N LEU F 292 -51.52 0.23 57.28
CA LEU F 292 -50.21 -0.25 56.83
C LEU F 292 -49.69 0.62 55.70
N TRP F 293 -50.56 1.00 54.77
CA TRP F 293 -50.16 1.88 53.67
C TRP F 293 -49.65 3.21 54.20
N ILE F 294 -50.34 3.78 55.18
CA ILE F 294 -49.92 5.05 55.75
C ILE F 294 -48.59 4.90 56.47
N TYR F 295 -48.41 3.79 57.18
CA TYR F 295 -47.12 3.55 57.86
C TYR F 295 -45.99 3.49 56.84
N LEU F 296 -46.19 2.75 55.75
CA LEU F 296 -45.15 2.65 54.74
C LEU F 296 -44.86 4.00 54.11
N LEU F 297 -45.91 4.77 53.81
CA LEU F 297 -45.72 6.08 53.21
C LEU F 297 -44.96 7.02 54.15
N ILE F 298 -45.31 7.00 55.44
CA ILE F 298 -44.62 7.84 56.41
C ILE F 298 -43.16 7.45 56.51
N GLN F 299 -42.89 6.15 56.58
CA GLN F 299 -41.50 5.68 56.67
C GLN F 299 -40.71 6.13 55.45
N ASN F 300 -41.28 5.96 54.25
CA ASN F 300 -40.56 6.32 53.04
C ASN F 300 -40.33 7.83 52.95
N GLN F 301 -41.33 8.63 53.35
CA GLN F 301 -41.15 10.08 53.35
C GLN F 301 -40.04 10.49 54.32
N TYR F 302 -40.04 9.91 55.51
CA TYR F 302 -39.01 10.22 56.49
C TYR F 302 -37.63 9.85 55.96
N LEU F 303 -37.51 8.67 55.34
CA LEU F 303 -36.23 8.25 54.80
C LEU F 303 -35.77 9.16 53.67
N THR F 304 -36.70 9.59 52.80
CA THR F 304 -36.35 10.53 51.74
C THR F 304 -35.80 11.82 52.33
N LEU F 305 -36.51 12.39 53.31
CA LEU F 305 -36.05 13.61 53.95
C LEU F 305 -34.68 13.41 54.58
N LEU F 306 -34.49 12.29 55.28
CA LEU F 306 -33.22 12.04 55.96
C LEU F 306 -32.06 11.90 54.98
N VAL F 307 -32.26 11.14 53.89
CA VAL F 307 -31.17 10.97 52.93
C VAL F 307 -30.86 12.28 52.23
N GLN F 308 -31.86 13.11 51.97
CA GLN F 308 -31.59 14.37 51.27
C GLN F 308 -31.04 15.46 52.18
N ARG F 309 -30.96 15.22 53.50
CA ARG F 309 -30.28 16.16 54.37
C ARG F 309 -28.79 16.15 54.11
N THR F 322 -27.65 16.64 65.09
CA THR F 322 -26.42 16.45 65.85
C THR F 322 -26.75 15.50 66.96
N MET F 323 -27.96 15.70 67.45
CA MET F 323 -28.38 15.11 68.71
C MET F 323 -28.69 13.62 68.57
N THR F 324 -29.57 13.27 67.63
CA THR F 324 -29.80 11.87 67.31
C THR F 324 -28.48 11.19 66.99
N GLU F 325 -27.54 11.93 66.42
CA GLU F 325 -26.19 11.40 66.21
C GLU F 325 -25.46 11.17 67.52
N LEU F 326 -25.61 12.09 68.48
CA LEU F 326 -25.03 11.85 69.80
C LEU F 326 -25.52 10.54 70.38
N ARG F 327 -26.78 10.21 70.10
CA ARG F 327 -27.32 8.96 70.61
C ARG F 327 -26.67 7.73 69.99
N GLU F 328 -25.87 7.91 68.93
CA GLU F 328 -25.02 6.84 68.41
C GLU F 328 -23.64 6.83 69.07
N GLU F 329 -23.54 7.31 70.31
CA GLU F 329 -22.29 7.38 71.05
C GLU F 329 -22.21 6.29 72.12
N THR F 330 -22.80 5.13 71.83
CA THR F 330 -22.69 3.95 72.68
C THR F 330 -21.99 2.85 71.90
N GLU F 331 -21.59 1.79 72.62
CA GLU F 331 -20.95 0.66 71.96
C GLU F 331 -21.95 -0.35 71.42
N LYS F 332 -23.00 0.15 70.74
CA LYS F 332 -24.10 -0.55 70.07
C LYS F 332 -24.16 -0.28 68.58
N SER F 333 -24.22 0.99 68.20
CA SER F 333 -24.24 1.32 66.79
C SER F 333 -22.96 0.86 66.11
N TYR F 334 -21.82 1.01 66.79
CA TYR F 334 -20.55 0.57 66.21
C TYR F 334 -20.45 -0.95 66.19
N LEU F 335 -20.95 -1.62 67.23
CA LEU F 335 -20.96 -3.08 67.22
C LEU F 335 -21.81 -3.61 66.07
N SER F 336 -22.99 -3.02 65.86
CA SER F 336 -23.83 -3.41 64.73
C SER F 336 -23.14 -3.09 63.42
N ARG F 337 -22.46 -1.95 63.35
CA ARG F 337 -21.70 -1.58 62.16
C ARG F 337 -20.69 -2.66 61.81
N PHE F 338 -19.93 -3.12 62.80
CA PHE F 338 -18.89 -4.11 62.54
C PHE F 338 -19.49 -5.47 62.22
N LYS F 339 -20.55 -5.86 62.94
CA LYS F 339 -21.23 -7.11 62.63
C LYS F 339 -21.81 -7.11 61.23
N HIS F 340 -22.29 -5.95 60.77
CA HIS F 340 -22.84 -5.83 59.42
C HIS F 340 -21.76 -5.84 58.36
N ALA F 341 -20.65 -5.15 58.61
CA ALA F 341 -19.51 -5.23 57.70
C ALA F 341 -19.04 -6.66 57.56
N HIS F 342 -18.92 -7.36 58.68
CA HIS F 342 -18.77 -8.81 58.65
C HIS F 342 -20.03 -9.43 58.07
N GLY F 343 -19.86 -10.41 57.19
CA GLY F 343 -21.00 -11.07 56.60
C GLY F 343 -21.69 -11.99 57.59
N ALA F 344 -22.47 -12.94 57.07
CA ALA F 344 -23.08 -13.97 57.91
C ALA F 344 -22.17 -15.16 58.11
N GLY F 345 -21.01 -15.19 57.46
CA GLY F 345 -20.09 -16.30 57.58
C GLY F 345 -19.05 -16.08 58.67
N VAL F 346 -18.17 -17.08 58.79
CA VAL F 346 -17.13 -17.04 59.81
C VAL F 346 -16.09 -15.97 59.49
N TYR F 347 -15.74 -15.85 58.22
CA TYR F 347 -14.73 -14.91 57.74
C TYR F 347 -15.38 -13.65 57.20
N SER F 348 -14.89 -12.50 57.63
CA SER F 348 -15.54 -11.24 57.34
C SER F 348 -15.50 -10.93 55.84
N GLN F 349 -16.60 -10.40 55.33
CA GLN F 349 -16.65 -9.93 53.95
C GLN F 349 -15.77 -8.70 53.74
N VAL F 350 -15.63 -7.86 54.76
CA VAL F 350 -14.88 -6.61 54.67
C VAL F 350 -13.61 -6.77 55.49
N ARG F 351 -12.46 -6.54 54.85
CA ARG F 351 -11.17 -6.73 55.52
C ARG F 351 -10.68 -5.45 56.18
N TYR F 352 -10.54 -4.36 55.43
CA TYR F 352 -10.00 -3.10 55.94
C TYR F 352 -11.11 -2.06 55.93
N LEU F 353 -11.58 -1.69 57.11
CA LEU F 353 -12.68 -0.74 57.25
C LEU F 353 -12.14 0.57 57.80
N GLU F 354 -12.39 1.66 57.07
CA GLU F 354 -12.13 3.01 57.55
C GLU F 354 -13.42 3.55 58.14
N GLY F 355 -13.37 4.00 59.39
CA GLY F 355 -14.44 4.54 60.21
C GLY F 355 -14.24 6.01 60.47
N ARG F 356 -15.12 6.83 59.90
CA ARG F 356 -14.98 8.28 59.93
C ARG F 356 -16.00 8.87 60.91
N PHE F 357 -15.54 9.72 61.81
CA PHE F 357 -16.40 10.30 62.83
C PHE F 357 -16.09 11.78 63.01
N ALA F 358 -17.10 12.55 63.38
CA ALA F 358 -16.90 13.98 63.60
C ALA F 358 -16.17 14.21 64.92
N PRO F 359 -15.06 14.96 64.92
CA PRO F 359 -14.36 15.20 66.19
C PRO F 359 -15.12 16.22 67.05
N LYS F 360 -15.22 15.92 68.34
CA LYS F 360 -15.98 16.75 69.25
C LYS F 360 -15.11 17.86 69.85
N SER F 361 -15.75 19.00 70.10
CA SER F 361 -15.09 20.16 70.68
C SER F 361 -14.94 20.06 72.19
N ASP F 362 -15.51 19.03 72.81
CA ASP F 362 -15.40 18.79 74.24
C ASP F 362 -14.51 17.58 74.47
N PRO F 363 -13.41 17.71 75.23
CA PRO F 363 -12.53 16.54 75.42
C PRO F 363 -13.25 15.34 75.99
N ASN F 364 -14.17 15.58 76.92
CA ASN F 364 -15.00 14.51 77.46
C ASN F 364 -15.80 13.81 76.36
N LYS F 365 -16.49 14.57 75.52
CA LYS F 365 -17.29 13.96 74.46
C LYS F 365 -16.40 13.20 73.47
N MET F 366 -15.20 13.71 73.21
CA MET F 366 -14.30 13.03 72.30
C MET F 366 -13.81 11.70 72.88
N GLN F 367 -13.35 11.71 74.13
CA GLN F 367 -12.98 10.47 74.81
C GLN F 367 -14.15 9.52 74.78
N LYS F 368 -15.35 10.06 74.96
CA LYS F 368 -16.56 9.28 75.01
C LYS F 368 -16.81 8.55 73.71
N LEU F 369 -16.81 9.31 72.61
CA LEU F 369 -17.03 8.74 71.30
C LEU F 369 -15.98 7.68 70.98
N LEU F 370 -14.72 7.96 71.32
CA LEU F 370 -13.66 7.02 70.96
C LEU F 370 -13.73 5.75 71.79
N PHE F 371 -14.04 5.87 73.08
CA PHE F 371 -14.23 4.67 73.89
C PHE F 371 -15.38 3.84 73.35
N SER F 372 -16.47 4.48 72.95
CA SER F 372 -17.59 3.74 72.38
C SER F 372 -17.15 2.96 71.14
N VAL F 373 -16.45 3.63 70.22
CA VAL F 373 -16.04 2.98 68.99
C VAL F 373 -15.11 1.81 69.28
N LEU F 374 -14.09 2.04 70.11
CA LEU F 374 -13.11 1.01 70.39
C LEU F 374 -13.74 -0.17 71.12
N ARG F 375 -14.66 0.09 72.04
CA ARG F 375 -15.28 -1.00 72.78
C ARG F 375 -16.23 -1.80 71.89
N GLY F 376 -16.94 -1.12 70.98
CA GLY F 376 -17.74 -1.86 70.02
C GLY F 376 -16.88 -2.77 69.15
N TYR F 377 -15.73 -2.25 68.70
CA TYR F 377 -14.81 -3.07 67.92
C TYR F 377 -14.32 -4.27 68.74
N TRP F 378 -13.99 -4.04 70.01
CA TRP F 378 -13.51 -5.13 70.85
C TRP F 378 -14.58 -6.19 71.05
N GLU F 379 -15.82 -5.78 71.28
CA GLU F 379 -16.91 -6.74 71.44
C GLU F 379 -17.11 -7.54 70.16
N TYR F 380 -17.06 -6.86 69.00
CA TYR F 380 -17.18 -7.56 67.73
C TYR F 380 -16.08 -8.60 67.58
N LEU F 381 -14.84 -8.24 67.96
CA LEU F 381 -13.74 -9.20 67.86
C LEU F 381 -13.91 -10.35 68.84
N SER F 382 -14.40 -10.06 70.05
CA SER F 382 -14.62 -11.11 71.05
C SER F 382 -15.67 -12.10 70.59
N ALA F 383 -16.63 -11.66 69.78
CA ALA F 383 -17.64 -12.57 69.24
C ALA F 383 -17.12 -13.43 68.09
N HIS F 384 -15.85 -13.27 67.70
CA HIS F 384 -15.29 -14.04 66.61
C HIS F 384 -13.95 -14.70 66.91
N MET F 385 -13.30 -14.36 68.02
CA MET F 385 -12.10 -15.07 68.44
C MET F 385 -12.10 -15.25 69.95
N SER F 386 -11.46 -16.33 70.40
CA SER F 386 -11.33 -16.65 71.81
C SER F 386 -9.86 -16.53 72.21
N MET F 387 -9.58 -15.69 73.20
CA MET F 387 -8.22 -15.45 73.65
C MET F 387 -8.27 -14.85 75.05
N GLU F 388 -7.13 -14.88 75.72
CA GLU F 388 -6.99 -14.24 77.02
C GLU F 388 -7.06 -12.73 76.84
N TRP F 389 -8.13 -12.13 77.33
CA TRP F 389 -8.46 -10.74 77.03
C TRP F 389 -7.97 -9.76 78.09
N VAL F 390 -7.13 -10.20 79.04
CA VAL F 390 -6.63 -9.34 80.11
C VAL F 390 -7.80 -8.82 80.93
N HIS F 391 -8.33 -7.66 80.53
CA HIS F 391 -9.53 -7.08 81.13
C HIS F 391 -10.75 -7.67 80.43
N GLU F 392 -11.46 -8.58 81.11
CA GLU F 392 -12.63 -9.20 80.51
C GLU F 392 -13.72 -8.16 80.29
N LYS F 393 -13.72 -7.09 81.08
CA LYS F 393 -14.73 -6.03 80.99
C LYS F 393 -14.04 -4.68 80.99
N PRO F 394 -13.47 -4.27 79.85
CA PRO F 394 -12.80 -2.97 79.80
C PRO F 394 -13.77 -1.84 80.06
N LEU F 395 -13.29 -0.83 80.80
CA LEU F 395 -14.07 0.36 81.13
C LEU F 395 -13.46 1.64 80.59
N THR F 396 -12.17 1.63 80.26
CA THR F 396 -11.45 2.81 79.80
C THR F 396 -10.78 2.52 78.48
N ILE F 397 -10.40 3.60 77.78
CA ILE F 397 -9.72 3.46 76.50
C ILE F 397 -8.41 2.70 76.68
N SER F 398 -7.72 2.95 77.79
CA SER F 398 -6.48 2.22 78.04
C SER F 398 -6.71 0.72 78.15
N GLN F 399 -7.77 0.31 78.85
CA GLN F 399 -8.07 -1.11 78.97
C GLN F 399 -8.48 -1.70 77.63
N VAL F 400 -9.28 -0.97 76.85
CA VAL F 400 -9.68 -1.47 75.53
C VAL F 400 -8.46 -1.64 74.65
N LEU F 401 -7.50 -0.71 74.73
CA LEU F 401 -6.29 -0.81 73.94
C LEU F 401 -5.42 -1.97 74.40
N ASP F 402 -5.36 -2.20 75.72
CA ASP F 402 -4.67 -3.39 76.23
C ASP F 402 -5.27 -4.65 75.62
N ASN F 403 -6.60 -4.70 75.56
CA ASN F 403 -7.28 -5.82 74.93
C ASN F 403 -6.89 -5.94 73.46
N LEU F 404 -6.95 -4.83 72.73
CA LEU F 404 -6.79 -4.87 71.28
C LEU F 404 -5.34 -5.13 70.86
N GLU F 405 -4.37 -4.85 71.72
CA GLU F 405 -2.98 -5.09 71.38
C GLU F 405 -2.71 -6.57 71.09
N LEU F 406 -3.53 -7.47 71.65
CA LEU F 406 -3.34 -8.90 71.48
C LEU F 406 -3.89 -9.42 70.16
N VAL F 407 -4.63 -8.60 69.42
CA VAL F 407 -5.29 -9.05 68.19
C VAL F 407 -4.29 -9.02 67.05
N GLU F 408 -4.11 -10.16 66.41
CA GLU F 408 -3.20 -10.26 65.27
C GLU F 408 -3.96 -10.03 63.97
N PRO F 409 -3.31 -9.48 62.95
CA PRO F 409 -3.99 -9.28 61.66
C PRO F 409 -4.09 -10.55 60.84
N HIS F 410 -4.74 -11.56 61.41
CA HIS F 410 -4.91 -12.83 60.71
C HIS F 410 -5.74 -12.66 59.45
N GLY F 411 -6.79 -11.85 59.52
CA GLY F 411 -7.67 -11.62 58.39
C GLY F 411 -9.07 -12.16 58.57
N LYS F 412 -9.37 -12.76 59.72
CA LYS F 412 -10.70 -13.32 59.94
C LYS F 412 -11.75 -12.23 60.07
N CYS F 413 -11.44 -11.16 60.79
CA CYS F 413 -12.40 -10.11 61.13
C CYS F 413 -12.00 -8.81 60.44
N VAL F 414 -12.85 -7.79 60.64
CA VAL F 414 -12.55 -6.47 60.10
C VAL F 414 -11.38 -5.88 60.87
N GLU F 415 -10.64 -5.00 60.20
CA GLU F 415 -9.56 -4.24 60.82
C GLU F 415 -9.91 -2.76 60.70
N LEU F 416 -10.02 -2.11 61.86
CA LEU F 416 -10.54 -0.76 61.96
C LEU F 416 -9.43 0.27 61.82
N ALA F 417 -9.72 1.33 61.07
CA ALA F 417 -8.87 2.51 61.02
C ALA F 417 -9.76 3.73 61.19
N LEU F 418 -9.54 4.48 62.27
CA LEU F 418 -10.37 5.62 62.61
C LEU F 418 -9.83 6.89 61.95
N VAL F 419 -10.75 7.66 61.37
CA VAL F 419 -10.41 8.92 60.71
C VAL F 419 -11.36 10.00 61.22
N PRO F 420 -10.89 10.93 62.05
CA PRO F 420 -11.72 12.09 62.39
C PRO F 420 -11.94 12.99 61.19
N HIS F 421 -13.15 13.55 61.14
CA HIS F 421 -13.54 14.53 60.14
C HIS F 421 -12.93 15.89 60.47
N PHE F 422 -13.22 16.85 59.61
CA PHE F 422 -13.17 18.27 59.98
C PHE F 422 -14.23 18.96 59.13
N ILE F 423 -15.30 19.40 59.78
CA ILE F 423 -16.43 19.99 59.09
C ILE F 423 -16.11 21.45 58.81
N LYS F 424 -16.14 21.82 57.53
CA LYS F 424 -15.89 23.21 57.13
C LYS F 424 -17.21 23.96 57.04
N ARG F 425 -17.25 25.14 57.64
CA ARG F 425 -18.44 25.99 57.65
C ARG F 425 -18.18 27.26 56.87
N LYS F 426 -19.26 27.88 56.40
CA LYS F 426 -19.14 29.10 55.65
C LYS F 426 -18.58 30.22 56.52
N PRO F 427 -17.80 31.15 55.95
CA PRO F 427 -17.28 32.26 56.75
C PRO F 427 -18.41 33.14 57.24
N LYS F 428 -18.19 33.76 58.41
CA LYS F 428 -19.22 34.57 59.03
C LYS F 428 -19.04 36.05 58.66
N ASN F 429 -19.99 36.87 59.11
CA ASN F 429 -20.06 38.25 58.66
C ASN F 429 -18.81 39.03 59.05
N GLY F 430 -18.38 38.90 60.31
CA GLY F 430 -17.25 39.66 60.80
C GLY F 430 -16.19 38.82 61.49
N GLU F 431 -14.98 38.84 60.94
CA GLU F 431 -13.85 38.14 61.54
C GLU F 431 -12.56 38.77 61.03
N ALA F 432 -11.46 38.48 61.72
CA ALA F 432 -10.18 39.06 61.36
C ALA F 432 -9.80 38.73 59.92
N TYR F 433 -9.89 37.45 59.57
CA TYR F 433 -9.63 36.97 58.22
C TYR F 433 -10.67 35.92 57.87
N PRO F 434 -10.86 35.64 56.58
CA PRO F 434 -11.88 34.66 56.20
C PRO F 434 -11.66 33.32 56.89
N HIS F 435 -12.74 32.72 57.35
CA HIS F 435 -12.69 31.44 58.06
C HIS F 435 -11.81 31.49 59.31
N ALA F 436 -11.75 32.65 59.95
CA ALA F 436 -10.98 32.75 61.19
C ALA F 436 -11.61 31.91 62.30
N LEU F 437 -12.91 32.07 62.51
CA LEU F 437 -13.60 31.32 63.55
C LEU F 437 -13.66 29.83 63.21
N LEU F 438 -13.82 29.50 61.93
CA LEU F 438 -13.77 28.10 61.52
C LEU F 438 -12.39 27.50 61.78
N PHE F 439 -11.33 28.19 61.35
CA PHE F 439 -9.99 27.71 61.64
C PHE F 439 -9.79 27.55 63.14
N LYS F 440 -10.37 28.45 63.92
CA LYS F 440 -10.35 28.29 65.37
C LYS F 440 -10.94 26.97 65.80
N ASP F 441 -12.22 26.76 65.50
CA ASP F 441 -12.92 25.58 65.99
C ASP F 441 -12.17 24.33 65.58
N LEU F 442 -11.62 24.33 64.35
CA LEU F 442 -10.76 23.24 63.91
C LEU F 442 -9.53 23.15 64.79
N LYS F 443 -8.98 24.29 65.21
CA LYS F 443 -7.80 24.29 66.05
C LYS F 443 -8.10 23.63 67.39
N ASN F 444 -9.24 23.96 68.00
CA ASN F 444 -9.59 23.37 69.28
C ASN F 444 -9.85 21.87 69.13
N GLN F 445 -10.53 21.47 68.06
CA GLN F 445 -10.76 20.05 67.83
C GLN F 445 -9.45 19.29 67.66
N ALA F 446 -8.53 19.86 66.87
CA ALA F 446 -7.24 19.24 66.66
C ALA F 446 -6.44 19.21 67.95
N ALA F 447 -6.55 20.25 68.78
CA ALA F 447 -5.87 20.23 70.06
C ALA F 447 -6.39 19.10 70.93
N ILE F 448 -7.71 18.91 70.98
CA ILE F 448 -8.26 17.80 71.75
C ILE F 448 -7.72 16.48 71.22
N LEU F 449 -7.70 16.33 69.90
CA LEU F 449 -7.20 15.09 69.31
C LEU F 449 -5.74 14.85 69.68
N MET F 450 -4.91 15.89 69.61
CA MET F 450 -3.49 15.74 69.94
C MET F 450 -3.28 15.42 71.42
N ASP F 451 -4.05 16.04 72.31
CA ASP F 451 -3.94 15.69 73.72
C ASP F 451 -4.36 14.24 73.97
N MET F 452 -5.38 13.77 73.26
CA MET F 452 -5.74 12.36 73.36
C MET F 452 -4.59 11.47 72.92
N LEU F 453 -4.04 11.74 71.74
CA LEU F 453 -2.94 10.92 71.23
C LEU F 453 -1.76 10.95 72.18
N LYS F 454 -1.49 12.11 72.78
CA LYS F 454 -0.43 12.17 73.79
C LYS F 454 -0.75 11.23 74.94
N SER F 455 -1.82 11.54 75.69
CA SER F 455 -2.12 10.82 76.90
C SER F 455 -2.25 9.33 76.66
N GLU F 456 -2.39 8.93 75.39
CA GLU F 456 -2.41 7.52 75.02
C GLU F 456 -1.72 7.35 73.68
N PRO F 457 -0.40 7.15 73.67
CA PRO F 457 0.29 6.98 72.39
C PRO F 457 -0.21 5.82 71.56
N ARG F 458 -0.74 4.77 72.20
CA ARG F 458 -1.24 3.62 71.46
C ARG F 458 -2.42 3.97 70.55
N LEU F 459 -3.06 5.11 70.78
CA LEU F 459 -4.17 5.51 69.93
C LEU F 459 -3.72 5.90 68.53
N THR F 460 -2.42 6.05 68.29
CA THR F 460 -1.94 6.30 66.94
C THR F 460 -2.05 5.07 66.05
N GLY F 461 -2.15 3.89 66.64
CA GLY F 461 -2.38 2.68 65.88
C GLY F 461 -3.82 2.46 65.47
N TRP F 462 -4.73 3.32 65.93
CA TRP F 462 -6.14 3.22 65.58
C TRP F 462 -6.72 4.48 64.97
N ILE F 463 -6.15 5.65 65.26
CA ILE F 463 -6.51 6.90 64.61
C ILE F 463 -5.48 7.12 63.52
N ARG F 464 -5.84 6.79 62.29
CA ARG F 464 -4.95 6.90 61.13
C ARG F 464 -5.64 7.76 60.08
N GLY F 465 -5.45 9.06 60.21
CA GLY F 465 -5.92 9.97 59.19
C GLY F 465 -6.80 11.07 59.73
N VAL F 466 -6.63 12.26 59.16
CA VAL F 466 -7.57 13.34 59.40
C VAL F 466 -8.16 13.73 58.04
N ASP F 467 -9.44 13.42 57.87
CA ASP F 467 -10.17 13.83 56.69
C ASP F 467 -10.89 15.14 56.95
N ALA F 468 -10.93 16.01 55.95
CA ALA F 468 -11.76 17.22 56.00
C ALA F 468 -12.85 17.08 54.95
N ALA F 469 -14.04 16.71 55.41
CA ALA F 469 -15.23 16.63 54.57
C ALA F 469 -16.07 17.87 54.79
N ALA F 470 -17.33 17.84 54.33
CA ALA F 470 -18.34 18.88 54.34
C ALA F 470 -18.28 19.63 53.01
N ASN F 471 -19.06 20.69 52.90
CA ASN F 471 -19.24 21.42 51.65
C ASN F 471 -17.92 22.04 51.21
N GLU F 472 -17.64 21.95 49.91
CA GLU F 472 -16.34 22.41 49.41
C GLU F 472 -16.26 23.94 49.47
N MET F 473 -17.32 24.61 49.06
CA MET F 473 -17.36 26.05 48.83
C MET F 473 -17.25 26.83 50.13
N HIS F 474 -17.38 26.16 51.26
CA HIS F 474 -17.41 26.81 52.56
C HIS F 474 -16.02 27.07 53.11
N ALA F 475 -15.02 26.31 52.67
CA ALA F 475 -13.64 26.52 53.09
C ALA F 475 -12.71 25.91 52.04
N PRO F 476 -11.72 26.65 51.56
CA PRO F 476 -10.82 26.11 50.54
C PRO F 476 -9.80 25.17 51.17
N PRO F 477 -9.13 24.33 50.36
CA PRO F 477 -8.13 23.42 50.92
C PRO F 477 -6.98 24.12 51.61
N GLU F 478 -6.60 25.33 51.17
CA GLU F 478 -5.45 26.00 51.76
C GLU F 478 -5.65 26.33 53.23
N LEU F 479 -6.89 26.34 53.71
CA LEU F 479 -7.15 26.66 55.11
C LEU F 479 -6.73 25.53 56.04
N PHE F 480 -6.76 24.29 55.58
CA PHE F 480 -6.48 23.13 56.41
C PHE F 480 -5.01 22.73 56.42
N CYS F 481 -4.18 23.37 55.60
CA CYS F 481 -2.77 22.95 55.52
C CYS F 481 -2.04 23.07 56.84
N PRO F 482 -2.11 24.19 57.57
CA PRO F 482 -1.42 24.24 58.87
C PRO F 482 -1.90 23.17 59.83
N LEU F 483 -3.21 22.94 59.86
CA LEU F 483 -3.78 21.92 60.74
C LEU F 483 -3.23 20.54 60.39
N PHE F 484 -3.21 20.21 59.10
CA PHE F 484 -2.73 18.89 58.69
C PHE F 484 -1.24 18.73 58.98
N ARG F 485 -0.45 19.79 58.80
CA ARG F 485 0.97 19.70 59.14
C ARG F 485 1.17 19.43 60.63
N VAL F 486 0.47 20.20 61.47
CA VAL F 486 0.61 20.02 62.91
C VAL F 486 0.17 18.62 63.32
N LEU F 487 -0.92 18.13 62.74
CA LEU F 487 -1.38 16.77 63.06
C LEU F 487 -0.38 15.72 62.59
N ALA F 488 0.20 15.90 61.41
CA ALA F 488 1.25 15.01 60.94
C ALA F 488 2.33 14.86 62.00
N LYS F 489 2.74 15.97 62.61
CA LYS F 489 3.75 15.87 63.66
C LYS F 489 3.20 15.30 64.95
N SER F 490 1.94 15.57 65.28
CA SER F 490 1.35 14.98 66.47
C SER F 490 1.20 13.47 66.34
N GLY F 491 1.42 12.92 65.14
CA GLY F 491 1.44 11.49 64.95
C GLY F 491 0.34 10.96 64.06
N ILE F 492 -0.37 11.83 63.34
CA ILE F 492 -1.45 11.42 62.48
C ILE F 492 -0.90 11.16 61.08
N ALA F 493 -0.76 9.88 60.73
CA ALA F 493 -0.37 9.47 59.39
C ALA F 493 -1.59 9.50 58.48
N HIS F 494 -1.36 9.75 57.19
CA HIS F 494 -2.38 9.75 56.15
C HIS F 494 -3.32 10.94 56.32
N PHE F 495 -3.62 11.59 55.20
CA PHE F 495 -4.51 12.74 55.21
C PHE F 495 -5.52 12.59 54.08
N THR F 496 -6.73 13.09 54.32
CA THR F 496 -7.78 13.04 53.31
C THR F 496 -8.51 14.37 53.27
N TYR F 497 -9.02 14.72 52.10
CA TYR F 497 -9.68 16.00 51.91
C TYR F 497 -10.64 15.92 50.74
N HIS F 498 -11.92 16.18 51.00
CA HIS F 498 -12.91 16.15 49.93
C HIS F 498 -12.66 17.28 48.95
N VAL F 499 -12.51 16.94 47.66
CA VAL F 499 -12.30 17.91 46.61
C VAL F 499 -13.07 17.47 45.36
N GLY F 500 -13.52 18.46 44.60
CA GLY F 500 -14.16 18.21 43.31
C GLY F 500 -15.61 17.77 43.37
N GLU F 501 -16.21 17.73 44.55
CA GLU F 501 -17.60 17.28 44.67
C GLU F 501 -18.58 18.28 44.08
N ASP F 502 -18.67 19.47 44.67
CA ASP F 502 -19.55 20.52 44.19
C ASP F 502 -18.73 21.78 43.94
N PHE F 503 -18.89 22.36 42.75
CA PHE F 503 -18.09 23.48 42.28
C PHE F 503 -18.97 24.42 41.47
N PRO F 504 -18.74 25.73 41.53
CA PRO F 504 -19.51 26.64 40.66
C PRO F 504 -19.21 26.42 39.19
N HIS F 505 -18.03 25.91 38.87
CA HIS F 505 -17.63 25.66 37.50
C HIS F 505 -16.69 24.45 37.49
N LEU F 506 -16.65 23.76 36.34
CA LEU F 506 -15.76 22.62 36.22
C LEU F 506 -14.30 23.05 36.35
N ILE F 507 -13.95 24.19 35.77
CA ILE F 507 -12.61 24.74 35.95
C ILE F 507 -12.36 25.00 37.42
N SER F 508 -13.37 25.49 38.14
CA SER F 508 -13.22 25.73 39.57
C SER F 508 -12.93 24.44 40.33
N GLY F 509 -13.64 23.36 39.98
CA GLY F 509 -13.39 22.10 40.65
C GLY F 509 -12.00 21.55 40.36
N ILE F 510 -11.58 21.61 39.09
CA ILE F 510 -10.24 21.17 38.73
C ILE F 510 -9.19 21.99 39.48
N ARG F 511 -9.41 23.30 39.55
CA ARG F 511 -8.49 24.17 40.28
C ARG F 511 -8.46 23.81 41.76
N SER F 512 -9.61 23.47 42.33
CA SER F 512 -9.65 23.07 43.73
C SER F 512 -8.82 21.81 43.96
N ILE F 513 -8.95 20.83 43.06
CA ILE F 513 -8.15 19.62 43.20
C ILE F 513 -6.66 19.95 43.12
N ASP F 514 -6.29 20.81 42.16
CA ASP F 514 -4.87 21.18 42.02
C ASP F 514 -4.36 21.92 43.25
N ASP F 515 -5.18 22.81 43.81
CA ASP F 515 -4.80 23.51 45.03
C ASP F 515 -4.62 22.55 46.19
N ALA F 516 -5.52 21.57 46.31
CA ALA F 516 -5.35 20.55 47.33
C ALA F 516 -4.03 19.81 47.14
N LEU F 517 -3.71 19.47 45.89
CA LEU F 517 -2.47 18.75 45.62
C LEU F 517 -1.25 19.58 46.02
N ARG F 518 -1.22 20.85 45.64
CA ARG F 518 -0.02 21.66 45.79
C ARG F 518 0.04 22.45 47.08
N PHE F 519 -0.96 22.31 47.96
CA PHE F 519 -0.94 22.98 49.25
C PHE F 519 -1.04 22.02 50.43
N LEU F 520 -1.88 20.99 50.34
CA LEU F 520 -2.01 20.06 51.44
C LEU F 520 -0.75 19.20 51.56
N PRO F 521 -0.40 18.76 52.77
CA PRO F 521 0.77 17.90 52.96
C PRO F 521 0.47 16.43 52.63
N LEU F 522 0.04 16.20 51.38
CA LEU F 522 -0.30 14.86 50.94
C LEU F 522 0.97 14.11 50.54
N ARG F 523 1.25 13.02 51.23
CA ARG F 523 2.44 12.23 51.00
C ARG F 523 2.12 11.09 50.03
N ASN F 524 3.09 10.23 49.77
CA ASN F 524 2.89 9.10 48.88
C ASN F 524 1.91 8.12 49.53
N GLY F 525 0.89 7.72 48.78
CA GLY F 525 -0.11 6.80 49.26
C GLY F 525 -1.33 7.43 49.89
N ASP F 526 -1.39 8.76 49.96
CA ASP F 526 -2.55 9.43 50.52
C ASP F 526 -3.70 9.42 49.52
N ARG F 527 -4.90 9.68 50.02
CA ARG F 527 -6.11 9.71 49.22
C ARG F 527 -6.77 11.08 49.34
N LEU F 528 -7.39 11.51 48.25
CA LEU F 528 -8.05 12.83 48.25
C LEU F 528 -9.53 12.73 48.57
N GLY F 529 -10.31 12.05 47.74
CA GLY F 529 -11.75 12.04 47.91
C GLY F 529 -12.50 11.75 46.63
N HIS F 530 -13.60 12.46 46.41
CA HIS F 530 -14.43 12.21 45.24
C HIS F 530 -13.73 12.63 43.95
N CYS F 531 -13.20 13.85 43.93
CA CYS F 531 -12.48 14.36 42.76
C CYS F 531 -13.31 14.23 41.49
N THR F 532 -14.60 14.56 41.60
CA THR F 532 -15.50 14.48 40.45
C THR F 532 -15.11 15.44 39.33
N ALA F 533 -14.44 16.55 39.65
CA ALA F 533 -14.16 17.56 38.64
C ALA F 533 -13.21 17.04 37.56
N ILE F 534 -12.34 16.09 37.90
CA ILE F 534 -11.41 15.53 36.94
C ILE F 534 -11.89 14.21 36.36
N GLY F 535 -13.11 13.78 36.70
CA GLY F 535 -13.68 12.58 36.14
C GLY F 535 -14.86 12.87 35.24
N ILE F 536 -15.63 13.89 35.58
CA ILE F 536 -16.81 14.25 34.79
C ILE F 536 -16.35 14.94 33.51
N THR F 537 -16.93 14.53 32.39
CA THR F 537 -16.55 15.15 31.13
C THR F 537 -17.25 16.48 30.95
N PRO F 538 -16.62 17.43 30.23
CA PRO F 538 -17.33 18.66 29.90
C PRO F 538 -18.59 18.42 29.10
N SER F 539 -18.61 17.38 28.26
CA SER F 539 -19.83 17.04 27.53
C SER F 539 -20.96 16.76 28.51
N ILE F 540 -20.84 15.69 29.30
CA ILE F 540 -21.78 15.51 30.40
C ILE F 540 -21.20 16.14 31.65
N TRP F 541 -21.18 17.47 31.66
CA TRP F 541 -21.29 18.29 32.86
C TRP F 541 -22.23 19.48 32.65
N LYS F 542 -22.44 19.91 31.41
CA LYS F 542 -23.33 20.99 31.06
C LYS F 542 -24.46 20.41 30.22
N ARG F 543 -25.49 19.93 30.89
CA ARG F 543 -26.62 19.29 30.24
C ARG F 543 -27.95 19.95 30.57
N SER F 544 -28.10 20.48 31.79
CA SER F 544 -29.27 21.27 32.16
C SER F 544 -28.84 22.57 32.84
N LEU F 545 -27.62 23.03 32.55
CA LEU F 545 -27.05 24.17 33.23
C LEU F 545 -27.28 25.44 32.42
N PRO F 546 -27.47 26.59 33.08
CA PRO F 546 -27.63 27.84 32.33
C PRO F 546 -26.36 28.20 31.58
N LEU F 547 -26.53 28.93 30.48
CA LEU F 547 -25.40 29.28 29.64
C LEU F 547 -24.39 30.15 30.36
N SER F 548 -24.77 30.77 31.47
CA SER F 548 -23.86 31.57 32.28
C SER F 548 -23.99 31.15 33.73
N LEU F 549 -22.86 30.85 34.36
CA LEU F 549 -22.82 30.49 35.77
C LEU F 549 -22.11 31.59 36.55
N SER F 550 -22.67 31.97 37.68
CA SER F 550 -22.11 33.03 38.50
C SER F 550 -21.27 32.43 39.62
N MET F 551 -20.10 33.01 39.85
CA MET F 551 -19.18 32.57 40.89
C MET F 551 -18.75 33.79 41.70
N THR F 552 -17.91 33.54 42.70
CA THR F 552 -17.29 34.64 43.43
C THR F 552 -16.03 35.10 42.72
N LYS F 553 -15.68 36.38 42.94
CA LYS F 553 -14.52 36.95 42.27
C LYS F 553 -13.24 36.25 42.68
N GLU F 554 -13.14 35.81 43.93
CA GLU F 554 -11.92 35.12 44.36
C GLU F 554 -11.76 33.81 43.60
N THR F 555 -12.83 33.03 43.49
CA THR F 555 -12.78 31.80 42.70
C THR F 555 -12.49 32.09 41.23
N ARG F 556 -13.10 33.14 40.68
CA ARG F 556 -12.85 33.50 39.28
C ARG F 556 -11.38 33.83 39.04
N LEU F 557 -10.79 34.66 39.91
CA LEU F 557 -9.39 35.03 39.76
C LEU F 557 -8.48 33.83 39.91
N LEU F 558 -8.74 32.99 40.91
CA LEU F 558 -7.91 31.80 41.10
C LEU F 558 -8.04 30.85 39.92
N ASP F 559 -9.25 30.70 39.37
CA ASP F 559 -9.44 29.86 38.19
C ASP F 559 -8.67 30.41 37.00
N LEU F 560 -8.70 31.73 36.80
CA LEU F 560 -7.95 32.30 35.69
C LEU F 560 -6.45 32.07 35.85
N VAL F 561 -5.94 32.24 37.07
CA VAL F 561 -4.53 32.00 37.32
C VAL F 561 -4.18 30.54 37.06
N PHE F 562 -5.07 29.63 37.50
CA PHE F 562 -4.84 28.20 37.27
C PHE F 562 -4.83 27.88 35.78
N ILE F 563 -5.77 28.45 35.02
CA ILE F 563 -5.82 28.23 33.59
C ILE F 563 -4.52 28.68 32.94
N TRP F 564 -4.06 29.88 33.33
CA TRP F 564 -2.79 30.37 32.78
C TRP F 564 -1.65 29.42 33.13
N ARG F 565 -1.55 29.02 34.40
CA ARG F 565 -0.47 28.15 34.82
C ARG F 565 -0.44 26.85 34.02
N GLU F 566 -1.61 26.25 33.81
CA GLU F 566 -1.68 24.93 33.19
C GLU F 566 -1.63 24.98 31.67
N LEU F 567 -2.00 26.09 31.04
CA LEU F 567 -2.02 26.18 29.59
C LEU F 567 -0.92 27.09 29.04
N ARG F 568 -0.01 27.56 29.90
CA ARG F 568 1.18 28.25 29.40
C ARG F 568 1.93 27.41 28.38
N SER F 569 2.22 26.17 28.72
CA SER F 569 3.08 25.30 27.92
C SER F 569 2.33 24.57 26.81
N HIS F 570 1.01 24.69 26.75
CA HIS F 570 0.24 24.00 25.73
C HIS F 570 0.27 24.79 24.43
N PRO F 571 0.94 24.31 23.37
CA PRO F 571 1.00 25.11 22.13
C PRO F 571 -0.36 25.37 21.52
N GLU F 572 -1.31 24.45 21.69
CA GLU F 572 -2.63 24.57 21.09
C GLU F 572 -3.59 25.41 21.91
N LEU F 573 -3.22 25.78 23.15
CA LEU F 573 -4.10 26.51 24.05
C LEU F 573 -3.46 27.80 24.55
N LEU F 574 -2.45 28.29 23.83
CA LEU F 574 -1.77 29.51 24.22
C LEU F 574 -2.71 30.71 24.22
N ARG F 575 -3.66 30.74 23.28
CA ARG F 575 -4.64 31.82 23.26
C ARG F 575 -5.45 31.85 24.55
N TYR F 576 -5.92 30.69 24.99
CA TYR F 576 -6.68 30.62 26.23
C TYR F 576 -5.82 31.01 27.42
N ALA F 577 -4.55 30.57 27.44
CA ALA F 577 -3.67 30.97 28.53
C ALA F 577 -3.49 32.49 28.58
N SER F 578 -3.28 33.11 27.42
CA SER F 578 -3.07 34.56 27.37
C SER F 578 -4.34 35.31 27.81
N ASP F 579 -5.51 34.87 27.32
CA ASP F 579 -6.75 35.53 27.73
C ASP F 579 -6.97 35.37 29.22
N ALA F 580 -6.65 34.19 29.77
CA ALA F 580 -6.78 33.99 31.20
C ALA F 580 -5.87 34.94 31.97
N ALA F 581 -4.64 35.11 31.49
CA ALA F 581 -3.72 36.04 32.16
C ALA F 581 -4.27 37.46 32.14
N ILE F 582 -4.77 37.89 30.99
CA ILE F 582 -5.26 39.27 30.86
C ILE F 582 -6.47 39.48 31.78
N GLU F 583 -7.42 38.54 31.76
CA GLU F 583 -8.59 38.64 32.61
C GLU F 583 -8.20 38.60 34.09
N ALA F 584 -7.21 37.78 34.44
CA ALA F 584 -6.76 37.70 35.82
C ALA F 584 -6.18 39.04 36.29
N VAL F 585 -5.35 39.66 35.46
CA VAL F 585 -4.80 40.96 35.83
C VAL F 585 -5.92 41.97 36.02
N ARG F 586 -6.90 41.98 35.09
CA ARG F 586 -8.02 42.91 35.20
C ARG F 586 -8.80 42.71 36.49
N LEU F 587 -9.20 41.47 36.76
CA LEU F 587 -10.01 41.21 37.92
C LEU F 587 -9.24 41.50 39.21
N ALA F 588 -7.93 41.24 39.21
CA ALA F 588 -7.11 41.62 40.34
C ALA F 588 -7.11 43.13 40.53
N HIS F 589 -7.14 43.87 39.42
CA HIS F 589 -7.12 45.34 39.52
C HIS F 589 -8.25 45.89 40.38
N LYS F 590 -9.49 45.41 40.23
CA LYS F 590 -10.52 45.87 41.19
C LYS F 590 -10.42 45.12 42.50
N VAL F 591 -10.25 43.80 42.48
CA VAL F 591 -10.33 43.04 43.74
C VAL F 591 -9.37 43.62 44.75
N PHE F 592 -8.19 44.01 44.31
CA PHE F 592 -7.19 44.63 45.17
C PHE F 592 -7.26 46.15 45.19
N SER F 593 -8.11 46.75 44.36
CA SER F 593 -8.19 48.21 44.25
C SER F 593 -6.80 48.80 44.00
N LEU F 594 -6.05 48.15 43.11
CA LEU F 594 -4.67 48.52 42.84
C LEU F 594 -4.62 49.67 41.86
N GLU F 595 -3.69 50.60 42.10
CA GLU F 595 -3.50 51.67 41.15
C GLU F 595 -2.34 51.38 40.21
N GLU F 596 -1.36 50.61 40.70
CA GLU F 596 -0.15 50.28 39.96
C GLU F 596 -0.44 49.11 39.02
N GLU F 597 0.62 48.54 38.44
CA GLU F 597 0.51 47.42 37.53
C GLU F 597 0.96 46.14 38.23
N VAL F 598 0.11 45.12 38.18
CA VAL F 598 0.41 43.81 38.76
C VAL F 598 0.40 42.80 37.63
N SER F 599 1.52 42.08 37.46
CA SER F 599 1.62 41.09 36.41
C SER F 599 1.09 39.74 36.89
N ILE F 600 0.83 38.86 35.92
CA ILE F 600 0.36 37.53 36.26
C ILE F 600 1.41 36.77 37.06
N THR F 601 2.69 37.08 36.84
CA THR F 601 3.75 36.45 37.63
C THR F 601 3.61 36.78 39.11
N THR F 602 3.45 38.07 39.43
CA THR F 602 3.29 38.43 40.83
C THR F 602 1.95 37.99 41.39
N LEU F 603 0.92 37.88 40.54
CA LEU F 603 -0.32 37.28 41.00
C LEU F 603 -0.10 35.83 41.42
N ASP F 604 0.67 35.08 40.62
CA ASP F 604 1.03 33.71 40.98
C ASP F 604 1.81 33.67 42.28
N GLN F 605 2.76 34.59 42.45
CA GLN F 605 3.50 34.66 43.71
C GLN F 605 2.56 34.90 44.89
N VAL F 606 1.61 35.82 44.72
CA VAL F 606 0.67 36.13 45.78
C VAL F 606 -0.15 34.90 46.15
N PHE F 607 -0.62 34.17 45.14
CA PHE F 607 -1.54 33.06 45.37
C PHE F 607 -0.83 31.75 45.69
N GLU F 608 0.50 31.69 45.64
CA GLU F 608 1.18 30.52 46.18
C GLU F 608 1.35 30.58 47.68
N MET F 609 0.99 31.69 48.32
CA MET F 609 1.16 31.87 49.76
C MET F 609 -0.12 31.60 50.52
N ARG F 610 -1.12 31.00 49.87
CA ARG F 610 -2.36 30.67 50.56
C ARG F 610 -2.19 29.56 51.58
N GLY F 611 -1.14 28.74 51.46
CA GLY F 611 -0.87 27.70 52.42
C GLY F 611 -0.30 28.20 53.74
N LEU F 612 0.09 29.46 53.81
CA LEU F 612 0.62 30.03 55.04
C LEU F 612 -0.50 30.22 56.06
N LEU F 613 -0.18 29.98 57.32
CA LEU F 613 -1.10 30.32 58.39
C LEU F 613 -1.32 31.82 58.42
N ALA F 614 -2.58 32.24 58.49
CA ALA F 614 -2.89 33.66 58.43
C ALA F 614 -2.20 34.42 59.57
N GLU F 615 -2.30 33.91 60.78
CA GLU F 615 -1.72 34.55 61.96
C GLU F 615 -0.34 33.97 62.28
N SER F 616 0.55 33.91 61.30
CA SER F 616 1.90 33.42 61.54
C SER F 616 2.86 34.57 61.83
N GLU F 617 3.09 35.42 60.82
CA GLU F 617 3.84 36.66 61.03
C GLU F 617 3.29 37.79 60.18
N GLY F 618 2.16 37.60 59.50
CA GLY F 618 1.61 38.61 58.62
C GLY F 618 0.24 39.08 59.05
N LEU F 619 -0.14 38.78 60.28
CA LEU F 619 -1.46 39.15 60.80
C LEU F 619 -1.51 39.00 62.31
N SER F 631 3.38 24.39 70.97
CA SER F 631 4.74 23.96 70.64
C SER F 631 4.84 23.51 69.19
N LEU F 632 3.98 22.57 68.80
CA LEU F 632 3.98 22.08 67.43
C LEU F 632 3.55 23.15 66.44
N TRP F 633 2.82 24.18 66.90
CA TRP F 633 2.38 25.27 66.04
C TRP F 633 3.48 26.26 65.73
N LEU F 634 4.62 26.16 66.42
CA LEU F 634 5.71 27.13 66.24
C LEU F 634 6.26 27.08 64.83
N GLU F 635 6.40 25.89 64.26
CA GLU F 635 6.99 25.76 62.93
C GLU F 635 6.23 26.59 61.91
N GLU F 636 4.90 26.45 61.86
CA GLU F 636 4.12 27.21 60.89
C GLU F 636 3.75 28.61 61.37
N TYR F 637 3.94 28.92 62.65
CA TYR F 637 3.96 30.32 63.09
C TYR F 637 5.12 31.08 62.46
N GLU F 638 6.30 30.46 62.39
CA GLU F 638 7.45 31.07 61.72
C GLU F 638 7.60 30.70 60.26
N ARG F 639 6.75 29.84 59.71
CA ARG F 639 6.92 29.48 58.30
C ARG F 639 6.92 30.71 57.40
N ALA F 640 6.23 31.78 57.81
CA ALA F 640 6.22 33.02 57.02
C ALA F 640 7.52 33.80 57.12
N ARG F 641 8.37 33.51 58.10
CA ARG F 641 9.59 34.29 58.26
C ARG F 641 10.52 34.13 57.07
N GLU F 642 10.62 32.91 56.53
CA GLU F 642 11.43 32.73 55.32
C GLU F 642 10.93 33.62 54.20
N LEU F 643 9.61 33.67 54.01
CA LEU F 643 9.02 34.52 52.98
C LEU F 643 9.38 35.98 53.21
N VAL F 644 9.23 36.46 54.44
CA VAL F 644 9.49 37.88 54.72
C VAL F 644 10.99 38.17 54.69
N LYS F 645 11.81 37.12 54.77
CA LYS F 645 13.26 37.29 54.62
C LYS F 645 13.65 37.51 53.17
N THR F 646 13.06 36.74 52.25
CA THR F 646 13.36 36.93 50.84
C THR F 646 13.10 38.38 50.44
N THR F 647 14.17 39.07 50.03
CA THR F 647 14.07 40.51 49.78
C THR F 647 13.09 40.83 48.65
N GLY F 648 12.93 39.93 47.70
CA GLY F 648 12.13 40.18 46.52
C GLY F 648 10.67 39.80 46.66
N MET F 649 10.22 39.49 47.87
CA MET F 649 8.87 38.96 48.08
C MET F 649 7.98 40.03 48.73
N LYS F 650 8.38 41.30 48.57
CA LYS F 650 7.62 42.48 49.00
C LYS F 650 6.17 42.47 48.57
N ARG F 651 5.98 42.64 47.27
CA ARG F 651 4.68 43.01 46.73
C ARG F 651 3.74 41.82 46.81
N PRO F 652 4.21 40.60 46.57
CA PRO F 652 3.37 39.44 46.92
C PRO F 652 2.95 39.45 48.37
N LEU F 653 3.85 39.83 49.30
CA LEU F 653 3.45 39.76 50.70
C LEU F 653 2.39 40.78 51.04
N LYS F 654 2.61 42.04 50.65
CA LYS F 654 1.64 43.07 50.98
C LYS F 654 0.32 42.79 50.29
N LEU F 655 0.36 42.29 49.04
CA LEU F 655 -0.86 41.96 48.34
C LEU F 655 -1.62 40.84 49.04
N TYR F 656 -0.91 39.83 49.52
CA TYR F 656 -1.58 38.77 50.26
C TYR F 656 -2.17 39.29 51.57
N LYS F 657 -1.47 40.23 52.21
CA LYS F 657 -2.02 40.82 53.43
C LYS F 657 -3.30 41.60 53.14
N GLN F 658 -3.32 42.33 52.02
CA GLN F 658 -4.56 42.97 51.59
C GLN F 658 -5.65 41.95 51.31
N TRP F 659 -5.27 40.84 50.66
CA TRP F 659 -6.20 39.76 50.36
C TRP F 659 -6.81 39.17 51.63
N LEU F 660 -6.03 39.12 52.71
CA LEU F 660 -6.50 38.53 53.96
C LEU F 660 -7.30 39.50 54.82
N THR F 661 -6.84 40.74 54.94
CA THR F 661 -7.38 41.67 55.94
C THR F 661 -8.24 42.77 55.36
N SER F 662 -7.89 43.30 54.19
CA SER F 662 -8.58 44.48 53.68
C SER F 662 -10.07 44.23 53.55
N ASP F 663 -10.87 45.09 54.18
CA ASP F 663 -12.32 44.96 54.09
C ASP F 663 -12.82 45.14 52.67
N ASN F 664 -12.24 46.08 51.92
CA ASN F 664 -12.62 46.27 50.53
C ASN F 664 -12.32 45.02 49.71
N VAL F 665 -11.13 44.45 49.88
CA VAL F 665 -10.76 43.25 49.13
C VAL F 665 -11.65 42.08 49.52
N ARG F 666 -12.04 41.99 50.78
CA ARG F 666 -12.91 40.89 51.21
C ARG F 666 -14.31 41.04 50.64
N LYS F 667 -14.84 42.28 50.60
CA LYS F 667 -16.13 42.51 49.95
C LYS F 667 -16.06 42.16 48.47
N GLN F 668 -14.98 42.57 47.79
CA GLN F 668 -14.82 42.23 46.39
C GLN F 668 -14.66 40.74 46.18
N ARG F 669 -14.03 40.05 47.14
CA ARG F 669 -13.90 38.59 47.05
C ARG F 669 -15.27 37.93 47.13
N ALA F 670 -16.13 38.41 48.02
CA ALA F 670 -17.47 37.86 48.14
C ALA F 670 -18.38 38.30 47.01
N GLU F 671 -18.03 39.34 46.27
CA GLU F 671 -18.80 39.75 45.10
C GLU F 671 -18.94 38.58 44.13
N TYR F 672 -19.91 38.71 43.22
CA TYR F 672 -20.19 37.69 42.22
C TYR F 672 -20.00 38.24 40.82
N VAL F 673 -19.57 37.36 39.91
CA VAL F 673 -19.37 37.69 38.51
C VAL F 673 -19.78 36.47 37.68
N GLU F 674 -20.24 36.73 36.46
CA GLU F 674 -20.74 35.69 35.58
C GLU F 674 -19.64 35.19 34.66
N VAL F 675 -19.65 33.89 34.40
CA VAL F 675 -18.71 33.22 33.51
C VAL F 675 -19.51 32.36 32.55
N ALA F 676 -19.17 32.44 31.27
CA ALA F 676 -19.85 31.62 30.27
C ALA F 676 -19.55 30.15 30.51
N LEU F 677 -20.53 29.31 30.20
CA LEU F 677 -20.35 27.87 30.33
C LEU F 677 -19.26 27.37 29.39
N GLU F 678 -19.28 27.85 28.15
CA GLU F 678 -18.20 27.58 27.21
C GLU F 678 -17.13 28.67 27.29
N TYR F 679 -16.68 29.00 28.51
CA TYR F 679 -15.56 29.93 28.61
C TYR F 679 -14.30 29.29 28.08
N LEU F 680 -14.08 28.02 28.40
CA LEU F 680 -13.02 27.23 27.81
C LEU F 680 -13.65 26.07 27.03
N PRO F 681 -13.11 25.74 25.85
CA PRO F 681 -13.67 24.63 25.09
C PRO F 681 -13.46 23.30 25.79
N ASP F 682 -14.26 22.32 25.36
CA ASP F 682 -14.15 20.98 25.91
C ASP F 682 -12.72 20.48 25.88
N GLU F 683 -11.99 20.78 24.80
CA GLU F 683 -10.61 20.34 24.70
C GLU F 683 -9.75 20.94 25.81
N ALA F 684 -9.91 22.23 26.06
CA ALA F 684 -9.12 22.89 27.10
C ALA F 684 -9.47 22.36 28.49
N VAL F 685 -10.77 22.14 28.74
CA VAL F 685 -11.16 21.61 30.05
C VAL F 685 -10.59 20.21 30.24
N VAL F 686 -10.61 19.39 29.19
CA VAL F 686 -10.02 18.06 29.30
C VAL F 686 -8.52 18.15 29.49
N ALA F 687 -7.87 19.13 28.87
CA ALA F 687 -6.43 19.31 29.07
C ALA F 687 -6.12 19.65 30.53
N LEU F 688 -6.91 20.53 31.13
CA LEU F 688 -6.73 20.84 32.55
C LEU F 688 -6.95 19.60 33.41
N GLN F 689 -8.01 18.84 33.10
CA GLN F 689 -8.30 17.62 33.84
C GLN F 689 -7.13 16.65 33.76
N GLN F 690 -6.55 16.50 32.56
CA GLN F 690 -5.45 15.56 32.38
C GLN F 690 -4.16 16.05 33.03
N ALA F 691 -3.96 17.36 33.09
CA ALA F 691 -2.83 17.89 33.83
C ALA F 691 -2.94 17.55 35.32
N VAL F 692 -4.14 17.74 35.88
CA VAL F 692 -4.34 17.38 37.28
C VAL F 692 -4.20 15.87 37.46
N MET F 693 -4.67 15.09 36.48
CA MET F 693 -4.48 13.65 36.50
C MET F 693 -3.00 13.28 36.59
N ALA F 694 -2.19 13.92 35.74
CA ALA F 694 -0.75 13.64 35.73
C ALA F 694 -0.12 14.01 37.06
N LYS F 695 -0.52 15.14 37.64
CA LYS F 695 -0.02 15.51 38.96
C LYS F 695 -0.36 14.44 39.99
N MET F 696 -1.61 13.96 39.97
CA MET F 696 -2.05 12.96 40.92
C MET F 696 -1.27 11.66 40.75
N ALA F 697 -1.08 11.23 39.51
CA ALA F 697 -0.33 10.00 39.25
C ALA F 697 1.12 10.15 39.70
N ASP F 698 1.73 11.30 39.44
CA ASP F 698 3.11 11.53 39.85
C ASP F 698 3.25 11.48 41.37
N ARG F 699 2.32 12.10 42.09
CA ARG F 699 2.39 12.11 43.54
C ARG F 699 1.79 10.86 44.17
N ASN F 700 1.26 9.94 43.35
CA ASN F 700 0.69 8.68 43.83
C ASN F 700 -0.40 8.94 44.86
N ILE F 701 -1.37 9.76 44.48
CA ILE F 701 -2.51 10.10 45.30
C ILE F 701 -3.72 9.34 44.76
N ALA F 702 -4.38 8.58 45.62
CA ALA F 702 -5.54 7.80 45.21
C ALA F 702 -6.83 8.62 45.35
N ILE F 703 -7.86 8.14 44.68
CA ILE F 703 -9.16 8.80 44.63
C ILE F 703 -10.21 7.82 45.13
N GLU F 704 -10.82 8.11 46.28
CA GLU F 704 -11.97 7.34 46.73
C GLU F 704 -13.19 7.79 45.94
N CYS F 705 -13.72 6.89 45.12
CA CYS F 705 -14.86 7.20 44.26
C CYS F 705 -16.07 6.37 44.67
N PRO F 706 -16.99 6.91 45.45
CA PRO F 706 -18.26 6.22 45.68
C PRO F 706 -19.25 6.52 44.58
N PRO F 707 -20.33 5.76 44.47
CA PRO F 707 -21.29 5.99 43.38
C PRO F 707 -22.33 7.03 43.78
N THR F 708 -22.44 8.08 42.97
CA THR F 708 -23.39 9.16 43.25
C THR F 708 -24.47 9.22 42.17
N SER F 714 -25.58 13.83 39.62
CA SER F 714 -26.84 14.54 39.45
C SER F 714 -27.16 14.70 37.97
N GLN F 715 -26.11 14.85 37.18
CA GLN F 715 -26.18 15.02 35.74
C GLN F 715 -26.13 13.70 34.99
N TYR F 716 -25.97 12.59 35.70
CA TYR F 716 -25.97 11.26 35.09
C TYR F 716 -27.40 10.72 35.06
N ARG F 717 -27.93 10.48 33.86
CA ARG F 717 -29.21 9.78 33.75
C ARG F 717 -29.07 8.34 34.22
N ASN F 718 -28.12 7.62 33.62
CA ASN F 718 -27.88 6.22 33.89
C ASN F 718 -26.52 6.05 34.52
N VAL F 719 -26.36 4.97 35.28
CA VAL F 719 -25.10 4.71 35.97
C VAL F 719 -23.96 4.48 35.01
N SER F 720 -24.25 4.10 33.76
CA SER F 720 -23.19 3.86 32.78
C SER F 720 -22.45 5.11 32.38
N GLU F 721 -22.99 6.28 32.70
CA GLU F 721 -22.34 7.56 32.40
C GLU F 721 -21.42 8.03 33.52
N HIS F 722 -21.30 7.26 34.60
CA HIS F 722 -20.46 7.65 35.71
C HIS F 722 -18.99 7.69 35.30
N HIS F 723 -18.25 8.63 35.90
CA HIS F 723 -16.85 8.85 35.57
C HIS F 723 -15.93 7.76 36.11
N ILE F 724 -16.42 6.88 36.98
CA ILE F 724 -15.59 5.78 37.46
C ILE F 724 -15.16 4.91 36.29
N PHE F 725 -16.03 4.73 35.30
CA PHE F 725 -15.67 3.93 34.13
C PHE F 725 -14.61 4.63 33.27
N ARG F 726 -14.71 5.95 33.13
CA ARG F 726 -13.63 6.70 32.47
C ARG F 726 -12.31 6.48 33.19
N TRP F 727 -12.33 6.57 34.53
CA TRP F 727 -11.10 6.36 35.29
C TRP F 727 -10.58 4.94 35.15
N MET F 728 -11.49 3.96 35.07
CA MET F 728 -11.10 2.57 34.90
C MET F 728 -10.66 2.27 33.47
N GLY F 729 -10.91 3.18 32.53
CA GLY F 729 -10.37 3.05 31.20
C GLY F 729 -11.22 2.27 30.23
N LEU F 730 -12.52 2.20 30.45
CA LEU F 730 -13.39 1.47 29.54
C LEU F 730 -13.37 2.13 28.16
N PRO F 731 -13.35 1.36 27.08
CA PRO F 731 -13.45 1.96 25.75
C PRO F 731 -14.75 2.75 25.62
N GLY F 732 -14.66 3.90 24.95
CA GLY F 732 -15.80 4.78 24.78
C GLY F 732 -16.01 5.75 25.92
N GLU F 733 -15.38 5.55 27.07
CA GLU F 733 -15.45 6.45 28.21
C GLU F 733 -14.14 7.15 28.50
N ALA F 734 -13.01 6.46 28.31
CA ALA F 734 -11.71 7.07 28.52
C ALA F 734 -11.39 8.03 27.38
N ILE F 735 -10.69 9.11 27.73
CA ILE F 735 -10.29 10.11 26.76
C ILE F 735 -8.81 9.92 26.44
N GLU F 736 -8.40 10.40 25.27
CA GLU F 736 -7.11 10.02 24.71
C GLU F 736 -5.96 10.27 25.69
N GLY F 737 -5.92 11.45 26.30
CA GLY F 737 -4.79 11.84 27.12
C GLY F 737 -4.99 11.61 28.61
N ASP F 738 -5.79 10.62 28.97
CA ASP F 738 -6.05 10.33 30.38
C ASP F 738 -4.86 9.61 31.01
N VAL F 739 -4.80 9.67 32.34
CA VAL F 739 -3.76 9.03 33.12
C VAL F 739 -4.41 8.22 34.24
N PRO F 740 -4.03 6.96 34.45
CA PRO F 740 -4.57 6.20 35.57
C PRO F 740 -4.25 6.86 36.90
N MET F 741 -5.15 6.69 37.88
CA MET F 741 -5.10 7.50 39.09
C MET F 741 -5.34 6.74 40.39
N SER F 742 -5.36 5.41 40.38
CA SER F 742 -5.52 4.64 41.62
C SER F 742 -6.83 4.98 42.32
N ILE F 743 -7.91 4.53 41.69
CA ILE F 743 -9.25 4.68 42.25
C ILE F 743 -9.46 3.62 43.32
N CYS F 744 -9.98 4.03 44.46
CA CYS F 744 -10.42 3.16 45.55
C CYS F 744 -11.94 3.24 45.67
N LEU F 745 -12.52 2.20 46.27
CA LEU F 745 -13.95 2.08 46.42
C LEU F 745 -14.43 2.67 47.74
N GLY F 746 -15.68 3.11 47.75
CA GLY F 746 -16.30 3.60 48.96
C GLY F 746 -17.80 3.38 48.94
N SER F 747 -18.36 2.98 50.07
CA SER F 747 -19.80 2.73 50.20
C SER F 747 -20.47 4.00 50.69
N ASP F 748 -20.77 4.90 49.76
CA ASP F 748 -21.43 6.17 50.07
C ASP F 748 -22.33 6.53 48.90
N ASP F 749 -23.62 6.19 49.01
CA ASP F 749 -24.61 6.56 48.01
C ASP F 749 -25.53 7.63 48.60
N PRO F 750 -25.48 8.87 48.12
CA PRO F 750 -26.25 9.93 48.79
C PRO F 750 -27.74 9.66 48.87
N GLY F 751 -28.34 9.05 47.84
CA GLY F 751 -29.78 8.95 47.76
C GLY F 751 -30.34 7.55 47.74
N ILE F 752 -29.81 6.65 48.57
CA ILE F 752 -30.32 5.29 48.67
C ILE F 752 -30.48 4.93 50.14
N PHE F 753 -31.39 3.99 50.41
CA PHE F 753 -31.54 3.39 51.72
C PHE F 753 -30.94 2.00 51.70
N ALA F 754 -30.20 1.65 52.75
CA ALA F 754 -29.63 0.32 52.91
C ALA F 754 -28.71 -0.02 51.74
N ALA F 755 -27.61 0.72 51.67
CA ALA F 755 -26.53 0.42 50.73
C ALA F 755 -25.37 -0.21 51.47
N ASP F 756 -24.53 -0.90 50.71
CA ASP F 756 -23.38 -1.61 51.27
C ASP F 756 -22.25 -1.59 50.26
N LEU F 757 -21.04 -1.87 50.78
CA LEU F 757 -19.87 -2.02 49.91
C LEU F 757 -20.07 -3.18 48.94
N LYS F 758 -20.62 -4.29 49.43
CA LYS F 758 -20.94 -5.40 48.53
C LYS F 758 -21.97 -4.99 47.50
N SER F 759 -22.96 -4.19 47.90
CA SER F 759 -23.97 -3.72 46.96
C SER F 759 -23.34 -2.89 45.85
N GLU F 760 -22.43 -1.98 46.20
CA GLU F 760 -21.80 -1.14 45.19
C GLU F 760 -20.85 -1.95 44.30
N PHE F 761 -20.13 -2.91 44.90
CA PHE F 761 -19.29 -3.80 44.10
C PHE F 761 -20.12 -4.55 43.08
N TYR F 762 -21.25 -5.12 43.51
CA TYR F 762 -22.12 -5.84 42.60
C TYR F 762 -22.73 -4.91 41.55
N HIS F 763 -23.05 -3.68 41.94
CA HIS F 763 -23.59 -2.73 40.97
C HIS F 763 -22.58 -2.43 39.87
N LEU F 764 -21.32 -2.19 40.27
CA LEU F 764 -20.28 -1.96 39.27
C LEU F 764 -20.10 -3.17 38.38
N PHE F 765 -20.10 -4.37 38.98
CA PHE F 765 -19.97 -5.59 38.19
C PHE F 765 -21.11 -5.73 37.18
N VAL F 766 -22.34 -5.46 37.63
CA VAL F 766 -23.50 -5.60 36.76
C VAL F 766 -23.41 -4.61 35.61
N VAL F 767 -23.07 -3.36 35.91
CA VAL F 767 -22.97 -2.35 34.86
C VAL F 767 -21.90 -2.76 33.86
N LEU F 768 -20.74 -3.18 34.35
CA LEU F 768 -19.65 -3.57 33.45
C LEU F 768 -20.05 -4.73 32.56
N THR F 769 -20.74 -5.73 33.13
CA THR F 769 -21.06 -6.94 32.37
C THR F 769 -22.19 -6.73 31.38
N ARG F 770 -23.18 -5.90 31.72
CA ARG F 770 -24.40 -5.78 30.91
C ARG F 770 -24.37 -4.58 29.97
N LYS F 771 -23.79 -3.46 30.38
CA LYS F 771 -23.82 -2.23 29.60
C LYS F 771 -22.55 -2.01 28.80
N PHE F 772 -21.42 -2.54 29.27
CA PHE F 772 -20.16 -2.43 28.55
C PHE F 772 -19.76 -3.74 27.87
N GLY F 773 -20.54 -4.81 28.03
CA GLY F 773 -20.31 -6.04 27.32
C GLY F 773 -19.14 -6.85 27.81
N LEU F 774 -18.54 -6.47 28.93
CA LEU F 774 -17.37 -7.18 29.42
C LEU F 774 -17.77 -8.53 30.00
N SER F 775 -16.91 -9.53 29.80
CA SER F 775 -17.14 -10.84 30.36
C SER F 775 -17.04 -10.77 31.88
N PRO F 776 -17.60 -11.76 32.58
CA PRO F 776 -17.49 -11.74 34.05
C PRO F 776 -16.06 -11.62 34.53
N ALA F 777 -15.12 -12.31 33.88
CA ALA F 777 -13.72 -12.27 34.31
C ALA F 777 -13.14 -10.87 34.14
N ASP F 778 -13.36 -10.25 32.99
CA ASP F 778 -12.82 -8.91 32.74
C ASP F 778 -13.44 -7.88 33.69
N ALA F 779 -14.76 -7.95 33.87
CA ALA F 779 -15.43 -7.04 34.78
C ALA F 779 -14.90 -7.23 36.20
N LEU F 780 -14.71 -8.47 36.62
CA LEU F 780 -14.17 -8.73 37.96
C LEU F 780 -12.76 -8.17 38.07
N ARG F 781 -11.95 -8.29 37.03
CA ARG F 781 -10.61 -7.72 37.07
C ARG F 781 -10.68 -6.21 37.26
N LYS F 782 -11.56 -5.55 36.52
CA LYS F 782 -11.65 -4.10 36.60
C LYS F 782 -12.14 -3.63 37.97
N VAL F 783 -13.17 -4.28 38.52
CA VAL F 783 -13.65 -3.89 39.85
C VAL F 783 -12.62 -4.26 40.92
N ALA F 784 -11.95 -5.40 40.76
CA ALA F 784 -10.97 -5.85 41.74
C ALA F 784 -9.79 -4.91 41.80
N GLU F 785 -9.42 -4.27 40.69
CA GLU F 785 -8.29 -3.35 40.74
C GLU F 785 -8.62 -2.17 41.67
N VAL F 786 -9.82 -1.62 41.54
CA VAL F 786 -10.24 -0.54 42.44
C VAL F 786 -10.30 -1.04 43.88
N ASN F 787 -10.92 -2.21 44.10
CA ASN F 787 -11.02 -2.74 45.45
C ASN F 787 -9.64 -2.93 46.08
N GLU F 788 -8.70 -3.52 45.33
CA GLU F 788 -7.33 -3.69 45.82
C GLU F 788 -6.64 -2.36 46.03
N ASN F 789 -7.00 -1.33 45.27
CA ASN F 789 -6.47 0.00 45.57
C ASN F 789 -6.84 0.43 46.97
N GLY F 790 -8.05 0.07 47.40
CA GLY F 790 -8.41 0.32 48.79
C GLY F 790 -7.44 -0.25 49.80
N ARG F 791 -6.99 -1.49 49.59
CA ARG F 791 -6.01 -2.12 50.47
C ARG F 791 -4.62 -1.52 50.32
N ILE F 792 -4.21 -1.22 49.09
CA ILE F 792 -2.88 -0.67 48.86
C ILE F 792 -2.76 0.70 49.54
N TYR F 793 -3.80 1.53 49.45
CA TYR F 793 -3.80 2.86 50.03
C TYR F 793 -4.55 2.92 51.35
N ARG F 794 -4.67 1.81 52.05
CA ARG F 794 -5.31 1.80 53.36
C ARG F 794 -4.50 2.64 54.35
N PHE F 795 -5.21 3.16 55.36
CA PHE F 795 -4.58 3.93 56.43
C PHE F 795 -4.26 3.07 57.65
N HIS F 796 -4.59 1.79 57.62
CA HIS F 796 -4.41 0.94 58.79
C HIS F 796 -2.93 0.77 59.11
N ASP F 797 -2.65 0.56 60.39
CA ASP F 797 -1.28 0.34 60.85
C ASP F 797 -0.76 -0.98 60.30
N VAL F 798 0.44 -0.95 59.74
CA VAL F 798 1.07 -2.14 59.19
C VAL F 798 1.93 -2.78 60.26
N MET G 1 -32.22 32.97 35.93
CA MET G 1 -33.04 32.98 37.17
C MET G 1 -34.16 34.01 37.11
N GLU G 2 -34.13 34.87 36.09
CA GLU G 2 -35.12 35.92 35.97
C GLU G 2 -36.51 35.36 35.64
N ARG G 3 -36.56 34.20 34.98
CA ARG G 3 -37.85 33.64 34.60
C ARG G 3 -38.67 33.20 35.81
N PHE G 4 -38.01 32.82 36.90
CA PHE G 4 -38.72 32.36 38.08
C PHE G 4 -39.37 33.49 38.86
N LEU G 5 -38.99 34.74 38.60
CA LEU G 5 -39.63 35.89 39.21
C LEU G 5 -40.84 36.38 38.41
N LEU G 6 -40.98 35.93 37.16
CA LEU G 6 -42.12 36.30 36.33
C LEU G 6 -43.07 35.14 36.10
N ASN G 7 -42.65 33.90 36.37
CA ASN G 7 -43.53 32.73 36.24
C ASN G 7 -43.29 31.84 37.45
N SER G 8 -44.17 31.94 38.44
CA SER G 8 -44.02 31.17 39.68
C SER G 8 -45.35 31.13 40.40
N THR G 9 -45.87 29.91 40.63
CA THR G 9 -47.10 29.76 41.41
C THR G 9 -46.90 30.20 42.85
N VAL G 10 -45.77 29.82 43.46
CA VAL G 10 -45.52 30.17 44.85
C VAL G 10 -45.43 31.68 45.02
N LEU G 11 -44.68 32.34 44.13
CA LEU G 11 -44.54 33.79 44.21
C LEU G 11 -45.89 34.47 44.01
N LEU G 12 -46.68 33.98 43.07
CA LEU G 12 -47.99 34.57 42.84
C LEU G 12 -48.86 34.43 44.09
N TYR G 13 -48.88 33.24 44.69
CA TYR G 13 -49.74 33.02 45.84
C TYR G 13 -49.34 33.97 46.95
N ARG G 14 -48.02 34.02 47.26
CA ARG G 14 -47.49 34.86 48.33
C ARG G 14 -47.79 36.33 48.11
N LEU G 15 -47.49 36.86 46.91
CA LEU G 15 -47.71 38.26 46.62
C LEU G 15 -49.19 38.63 46.60
N SER G 16 -50.06 37.72 46.17
CA SER G 16 -51.48 38.00 46.10
C SER G 16 -52.19 37.81 47.44
N THR G 17 -51.55 37.17 48.41
CA THR G 17 -52.16 37.00 49.72
C THR G 17 -51.72 38.00 50.77
N VAL G 18 -50.49 38.48 50.72
CA VAL G 18 -50.04 39.41 51.76
C VAL G 18 -50.49 40.83 51.41
N SER G 19 -50.58 41.67 52.44
CA SER G 19 -51.07 43.02 52.28
C SER G 19 -50.11 43.84 51.42
N LEU G 20 -50.64 44.91 50.83
CA LEU G 20 -49.87 45.76 49.93
C LEU G 20 -48.94 46.71 50.66
N ASP G 21 -49.02 46.78 52.00
CA ASP G 21 -48.14 47.62 52.81
C ASP G 21 -47.18 46.81 53.65
N GLU G 22 -46.93 45.55 53.27
CA GLU G 22 -46.04 44.71 54.06
C GLU G 22 -44.59 45.18 53.96
N VAL G 23 -44.11 45.45 52.75
CA VAL G 23 -42.74 45.89 52.52
C VAL G 23 -41.75 44.79 52.94
N SER G 24 -40.55 44.83 52.38
CA SER G 24 -39.45 43.94 52.75
C SER G 24 -39.79 42.48 52.52
N LEU G 25 -39.94 42.12 51.24
CA LEU G 25 -40.34 40.77 50.86
C LEU G 25 -39.21 40.01 50.15
N ASP G 26 -37.97 40.47 50.31
CA ASP G 26 -36.85 39.87 49.60
C ASP G 26 -36.63 38.42 50.01
N GLU G 27 -36.66 38.14 51.32
CA GLU G 27 -36.45 36.79 51.80
C GLU G 27 -37.41 35.85 51.09
N ARG G 28 -38.64 36.31 50.89
CA ARG G 28 -39.72 35.42 50.48
C ARG G 28 -39.71 35.26 48.99
N VAL G 29 -39.42 36.33 48.28
CA VAL G 29 -39.23 36.25 46.84
C VAL G 29 -38.10 35.25 46.54
N GLU G 30 -37.04 35.29 47.35
CA GLU G 30 -35.92 34.36 47.17
C GLU G 30 -36.34 32.92 47.43
N SER G 31 -37.01 32.66 48.56
CA SER G 31 -37.45 31.30 48.86
C SER G 31 -38.39 30.77 47.80
N SER G 32 -39.38 31.58 47.38
CA SER G 32 -40.30 31.16 46.35
C SER G 32 -39.58 30.92 45.03
N VAL G 33 -38.53 31.69 44.74
CA VAL G 33 -37.76 31.47 43.52
C VAL G 33 -37.11 30.09 43.56
N PHE G 34 -36.54 29.73 44.71
CA PHE G 34 -35.91 28.41 44.79
C PHE G 34 -36.93 27.29 44.67
N LEU G 35 -38.10 27.45 45.29
CA LEU G 35 -39.17 26.47 45.11
C LEU G 35 -39.61 26.35 43.66
N ALA G 36 -39.78 27.49 42.99
CA ALA G 36 -40.17 27.45 41.58
C ALA G 36 -39.11 26.77 40.73
N GLN G 37 -37.83 27.04 41.01
CA GLN G 37 -36.77 26.40 40.24
C GLN G 37 -36.72 24.90 40.50
N TYR G 38 -36.93 24.48 41.75
CA TYR G 38 -36.97 23.04 42.04
C TYR G 38 -38.14 22.38 41.31
N GLU G 39 -39.29 23.04 41.30
CA GLU G 39 -40.47 22.49 40.64
C GLU G 39 -40.31 22.43 39.12
N GLN G 40 -39.71 23.46 38.51
CA GLN G 40 -39.65 23.56 37.06
C GLN G 40 -38.39 22.95 36.47
N ALA G 41 -37.22 23.45 36.86
CA ALA G 41 -35.93 22.96 36.38
C ALA G 41 -35.24 22.28 37.57
N ARG G 42 -35.55 21.01 37.79
CA ARG G 42 -35.06 20.28 38.95
C ARG G 42 -33.57 19.99 38.89
N SER G 43 -32.98 19.92 37.70
CA SER G 43 -31.63 19.42 37.55
C SER G 43 -30.56 20.44 37.90
N LEU G 44 -30.94 21.67 38.25
CA LEU G 44 -29.95 22.64 38.72
C LEU G 44 -29.36 22.15 40.04
N PRO G 45 -28.03 22.08 40.18
CA PRO G 45 -27.45 21.39 41.35
C PRO G 45 -27.47 22.18 42.65
N ASP G 46 -28.57 22.88 42.92
CA ASP G 46 -28.87 23.38 44.26
C ASP G 46 -27.92 24.47 44.75
N HIS G 47 -26.86 24.77 43.99
CA HIS G 47 -25.95 25.84 44.37
C HIS G 47 -25.71 26.78 43.20
N VAL G 48 -25.83 26.28 41.97
CA VAL G 48 -25.87 27.16 40.82
C VAL G 48 -27.03 28.13 40.96
N ALA G 49 -28.16 27.65 41.50
CA ALA G 49 -29.31 28.52 41.74
C ALA G 49 -29.00 29.57 42.79
N LYS G 50 -28.40 29.16 43.91
CA LYS G 50 -28.00 30.13 44.93
C LYS G 50 -27.11 31.21 44.32
N SER G 51 -26.10 30.81 43.55
CA SER G 51 -25.16 31.76 42.98
C SER G 51 -25.84 32.69 41.98
N ALA G 52 -26.72 32.14 41.13
CA ALA G 52 -27.44 32.97 40.17
C ALA G 52 -28.30 34.01 40.87
N TRP G 53 -29.00 33.61 41.93
CA TRP G 53 -29.80 34.56 42.68
C TRP G 53 -28.93 35.63 43.33
N SER G 54 -27.78 35.22 43.87
CA SER G 54 -26.86 36.20 44.45
C SER G 54 -26.40 37.21 43.42
N TYR G 55 -26.05 36.74 42.22
CA TYR G 55 -25.64 37.66 41.16
C TYR G 55 -26.78 38.59 40.77
N LEU G 56 -28.01 38.07 40.75
CA LEU G 56 -29.16 38.91 40.40
C LEU G 56 -29.36 40.04 41.42
N VAL G 57 -29.33 39.70 42.72
CA VAL G 57 -29.45 40.73 43.73
C VAL G 57 -28.30 41.72 43.62
N GLN G 58 -27.09 41.22 43.34
CA GLN G 58 -25.93 42.09 43.22
C GLN G 58 -26.12 43.09 42.08
N GLN G 59 -26.61 42.62 40.94
CA GLN G 59 -26.87 43.52 39.81
C GLN G 59 -27.91 44.57 40.17
N ILE G 60 -29.02 44.13 40.78
CA ILE G 60 -30.09 45.05 41.13
C ILE G 60 -29.57 46.12 42.09
N LYS G 61 -28.86 45.70 43.14
CA LYS G 61 -28.35 46.64 44.13
C LYS G 61 -27.33 47.59 43.53
N GLN G 62 -26.41 47.09 42.69
CA GLN G 62 -25.42 47.97 42.09
C GLN G 62 -26.07 49.00 41.17
N ARG G 63 -27.09 48.60 40.41
CA ARG G 63 -27.78 49.51 39.53
C ARG G 63 -28.90 50.26 40.24
N ASN G 64 -28.98 50.15 41.56
CA ASN G 64 -29.80 51.03 42.38
C ASN G 64 -31.28 50.82 42.09
N MET G 65 -31.64 49.57 41.85
CA MET G 65 -33.01 49.17 41.57
C MET G 65 -33.53 48.35 42.75
N LYS G 66 -34.85 48.18 42.77
CA LYS G 66 -35.51 47.37 43.77
C LYS G 66 -35.95 46.06 43.14
N LEU G 67 -35.88 44.98 43.91
CA LEU G 67 -36.33 43.67 43.42
C LEU G 67 -37.79 43.78 43.01
N GLY G 68 -38.05 43.67 41.70
CA GLY G 68 -39.38 43.82 41.19
C GLY G 68 -39.48 43.66 39.70
N PRO G 69 -40.72 43.71 39.18
CA PRO G 69 -40.92 43.48 37.74
C PRO G 69 -40.14 44.44 36.87
N VAL G 70 -40.04 45.71 37.27
CA VAL G 70 -39.33 46.68 36.44
C VAL G 70 -37.87 46.29 36.30
N ALA G 71 -37.21 45.98 37.42
CA ALA G 71 -35.81 45.59 37.38
C ALA G 71 -35.61 44.30 36.58
N ILE G 72 -36.47 43.31 36.80
CA ILE G 72 -36.32 42.05 36.10
C ILE G 72 -36.48 42.25 34.59
N LEU G 73 -37.50 43.00 34.19
CA LEU G 73 -37.73 43.26 32.77
C LEU G 73 -36.57 44.03 32.17
N ARG G 74 -36.03 45.03 32.90
CA ARG G 74 -34.89 45.76 32.39
C ARG G 74 -33.70 44.83 32.18
N LEU G 75 -33.41 43.96 33.15
CA LEU G 75 -32.29 43.05 32.99
C LEU G 75 -32.47 42.15 31.78
N ILE G 76 -33.67 41.57 31.63
CA ILE G 76 -33.92 40.68 30.50
C ILE G 76 -33.77 41.43 29.19
N ALA G 77 -34.31 42.65 29.11
CA ALA G 77 -34.26 43.42 27.87
C ALA G 77 -32.82 43.79 27.51
N GLU G 78 -32.04 44.26 28.48
CA GLU G 78 -30.63 44.53 28.18
C GLU G 78 -29.88 43.28 27.76
N LYS G 79 -30.24 42.13 28.31
CA LYS G 79 -29.52 40.90 28.02
C LYS G 79 -29.88 40.30 26.67
N PHE G 80 -31.11 40.48 26.19
CA PHE G 80 -31.57 39.83 24.98
C PHE G 80 -31.78 40.79 23.82
N ILE G 81 -32.47 41.91 24.04
CA ILE G 81 -32.91 42.79 22.95
C ILE G 81 -31.89 43.91 22.75
N LYS G 82 -31.70 44.27 21.49
CA LYS G 82 -31.06 45.50 21.03
C LYS G 82 -31.87 46.25 20.00
N ASN G 83 -31.17 47.20 19.40
CA ASN G 83 -31.60 47.86 18.18
C ASN G 83 -30.61 47.54 17.06
N GLU G 84 -31.10 46.99 15.96
CA GLU G 84 -30.25 46.85 14.78
C GLU G 84 -31.05 47.05 13.51
N LYS G 85 -30.55 47.95 12.65
CA LYS G 85 -31.12 48.18 11.34
C LYS G 85 -32.53 48.76 11.44
N GLY G 86 -33.51 47.88 11.65
CA GLY G 86 -34.92 48.20 11.83
C GLY G 86 -35.52 47.53 13.03
N GLY G 87 -35.92 48.33 14.02
CA GLY G 87 -36.61 47.81 15.18
C GLY G 87 -35.75 46.91 16.03
N PRO G 88 -36.26 46.53 17.20
CA PRO G 88 -35.48 45.67 18.10
C PRO G 88 -35.36 44.26 17.55
N LYS G 89 -34.21 43.64 17.82
CA LYS G 89 -33.93 42.27 17.42
C LYS G 89 -33.21 41.55 18.55
N ILE G 90 -33.18 40.22 18.44
CA ILE G 90 -32.54 39.35 19.42
C ILE G 90 -31.16 38.96 18.90
N ASP G 91 -30.20 38.83 19.82
CA ASP G 91 -28.91 38.27 19.46
C ASP G 91 -29.04 36.93 18.77
N LEU G 92 -28.24 36.73 17.74
CA LEU G 92 -28.08 35.41 17.16
C LEU G 92 -27.58 34.39 18.18
N PRO G 93 -26.52 34.65 18.94
CA PRO G 93 -26.10 33.70 19.97
C PRO G 93 -27.12 33.53 21.10
N MET G 94 -28.03 34.49 21.28
CA MET G 94 -28.97 34.47 22.39
C MET G 94 -30.37 34.02 21.99
N PHE G 95 -30.61 33.74 20.70
CA PHE G 95 -31.96 33.43 20.25
C PHE G 95 -32.49 32.13 20.86
N SER G 96 -31.63 31.12 20.99
CA SER G 96 -32.07 29.87 21.59
C SER G 96 -32.53 30.07 23.03
N GLU G 97 -31.74 30.80 23.82
CA GLU G 97 -32.13 31.11 25.18
C GLU G 97 -33.40 31.95 25.21
N TRP G 98 -33.55 32.86 24.25
CA TRP G 98 -34.76 33.67 24.17
C TRP G 98 -35.98 32.80 23.91
N GLN G 99 -35.85 31.81 23.03
CA GLN G 99 -36.97 30.89 22.78
C GLN G 99 -37.32 30.11 24.04
N THR G 100 -36.30 29.57 24.72
CA THR G 100 -36.58 28.86 25.97
C THR G 100 -37.27 29.76 26.97
N LEU G 101 -36.87 31.04 27.03
CA LEU G 101 -37.53 31.99 27.91
C LEU G 101 -38.98 32.22 27.50
N MET G 102 -39.22 32.37 26.18
CA MET G 102 -40.57 32.57 25.68
C MET G 102 -41.48 31.41 26.04
N SER G 103 -40.92 30.23 26.29
CA SER G 103 -41.75 29.13 26.78
C SER G 103 -42.31 29.39 28.19
N ARG G 104 -41.83 30.41 28.88
CA ARG G 104 -42.28 30.70 30.25
C ARG G 104 -42.81 32.12 30.43
N VAL G 105 -42.26 33.08 29.72
CA VAL G 105 -42.54 34.49 29.94
C VAL G 105 -43.07 35.11 28.65
N SER G 106 -43.96 36.09 28.80
CA SER G 106 -44.50 36.82 27.67
C SER G 106 -43.53 37.91 27.23
N CYS G 107 -43.48 38.16 25.92
CA CYS G 107 -42.50 39.06 25.34
C CYS G 107 -42.90 40.52 25.37
N LEU G 108 -44.19 40.82 25.50
CA LEU G 108 -44.65 42.19 25.42
C LEU G 108 -44.10 43.07 26.53
N PRO G 109 -44.12 42.66 27.80
CA PRO G 109 -43.50 43.51 28.83
C PRO G 109 -42.03 43.77 28.58
N ILE G 110 -41.30 42.76 28.10
CA ILE G 110 -39.87 42.92 27.87
C ILE G 110 -39.63 43.90 26.72
N ILE G 111 -40.45 43.82 25.66
CA ILE G 111 -40.29 44.75 24.55
C ILE G 111 -40.66 46.16 24.97
N ALA G 112 -41.68 46.31 25.83
CA ALA G 112 -42.00 47.63 26.35
C ALA G 112 -40.85 48.19 27.16
N CYS G 113 -40.24 47.36 28.01
CA CYS G 113 -39.10 47.80 28.80
C CYS G 113 -37.94 48.21 27.90
N HIS G 114 -37.69 47.44 26.83
CA HIS G 114 -36.64 47.80 25.90
C HIS G 114 -36.93 49.13 25.22
N GLN G 115 -38.18 49.33 24.77
CA GLN G 115 -38.53 50.58 24.11
C GLN G 115 -38.41 51.76 25.06
N VAL G 116 -38.62 51.54 26.36
CA VAL G 116 -38.55 52.64 27.31
C VAL G 116 -37.10 52.96 27.66
N PHE G 117 -36.31 51.94 28.02
CA PHE G 117 -34.99 52.15 28.60
C PHE G 117 -33.86 52.05 27.60
N ASN G 118 -34.14 51.70 26.35
CA ASN G 118 -33.11 51.61 25.32
C ASN G 118 -33.77 51.73 23.95
N PRO G 119 -34.46 52.83 23.68
CA PRO G 119 -35.14 52.97 22.39
C PRO G 119 -34.15 53.12 21.24
N GLY G 120 -34.60 52.71 20.05
CA GLY G 120 -33.83 52.88 18.86
C GLY G 120 -33.84 54.31 18.38
N PRO G 121 -33.35 54.55 17.17
CA PRO G 121 -33.37 55.92 16.64
C PRO G 121 -34.78 56.49 16.63
N ALA G 122 -34.88 57.78 16.98
CA ALA G 122 -36.17 58.45 17.04
C ALA G 122 -36.62 58.91 15.67
N SER G 123 -36.58 57.99 14.69
CA SER G 123 -37.07 58.24 13.35
C SER G 123 -37.93 57.10 12.81
N GLN G 124 -37.79 55.89 13.33
CA GLN G 124 -38.59 54.74 12.92
C GLN G 124 -39.66 54.54 13.99
N GLU G 125 -40.84 55.10 13.75
CA GLU G 125 -41.94 54.99 14.70
C GLU G 125 -42.23 53.51 14.97
N TYR G 126 -41.96 53.04 16.18
CA TYR G 126 -42.06 51.62 16.48
C TYR G 126 -43.51 51.26 16.79
N SER G 127 -44.06 50.34 16.00
CA SER G 127 -45.35 49.73 16.27
C SER G 127 -45.11 48.32 16.76
N PHE G 128 -45.70 47.97 17.89
CA PHE G 128 -45.41 46.69 18.53
C PHE G 128 -45.63 45.53 17.56
N ARG G 129 -44.68 44.59 17.51
CA ARG G 129 -44.83 43.43 16.64
C ARG G 129 -44.27 42.23 17.35
N TRP G 130 -45.02 41.15 17.33
CA TRP G 130 -44.53 39.91 17.88
C TRP G 130 -44.34 38.90 16.77
N PRO G 131 -43.42 37.95 16.93
CA PRO G 131 -42.42 37.90 17.98
C PRO G 131 -41.16 38.64 17.57
N LEU G 132 -40.18 38.72 18.46
CA LEU G 132 -38.90 39.32 18.12
C LEU G 132 -38.02 38.29 17.42
N TYR G 133 -37.45 38.67 16.29
CA TYR G 133 -36.57 37.81 15.53
C TYR G 133 -35.13 38.28 15.65
N PRO G 134 -34.17 37.41 15.37
CA PRO G 134 -32.79 37.86 15.13
C PRO G 134 -32.69 38.47 13.75
N TYR G 135 -31.50 38.95 13.43
CA TYR G 135 -31.23 39.51 12.11
C TYR G 135 -30.05 38.80 11.48
N HIS G 136 -30.22 38.37 10.24
CA HIS G 136 -29.11 37.91 9.42
C HIS G 136 -29.42 38.27 7.96
N PRO G 137 -28.53 39.00 7.28
CA PRO G 137 -28.86 39.44 5.92
C PRO G 137 -29.17 38.30 4.97
N THR G 138 -28.48 37.16 5.08
CA THR G 138 -28.77 36.04 4.21
C THR G 138 -30.19 35.55 4.39
N VAL G 139 -30.62 35.37 5.64
CA VAL G 139 -31.98 34.90 5.92
C VAL G 139 -33.00 35.92 5.44
N GLU G 140 -32.75 37.21 5.71
CA GLU G 140 -33.71 38.23 5.29
C GLU G 140 -33.83 38.28 3.77
N ASP G 141 -32.70 38.17 3.06
CA ASP G 141 -32.75 38.17 1.60
C ASP G 141 -33.50 36.95 1.08
N TYR G 142 -33.25 35.78 1.68
CA TYR G 142 -33.96 34.58 1.26
C TYR G 142 -35.46 34.74 1.48
N ILE G 143 -35.86 35.28 2.63
CA ILE G 143 -37.29 35.45 2.90
C ILE G 143 -37.90 36.44 1.92
N THR G 144 -37.21 37.54 1.65
CA THR G 144 -37.71 38.52 0.69
C THR G 144 -37.87 37.92 -0.69
N ARG G 145 -36.94 37.06 -1.11
CA ARG G 145 -36.97 36.52 -2.47
C ARG G 145 -37.97 35.39 -2.62
N GLU G 146 -37.99 34.44 -1.68
CA GLU G 146 -38.77 33.22 -1.80
C GLU G 146 -39.96 33.17 -0.86
N CYS G 147 -39.97 33.97 0.21
CA CYS G 147 -41.04 33.97 1.18
C CYS G 147 -41.08 32.64 1.93
N LEU G 148 -41.86 32.58 3.00
CA LEU G 148 -41.98 31.38 3.82
C LEU G 148 -43.32 30.71 3.57
N HIS G 149 -43.36 29.40 3.77
CA HIS G 149 -44.51 28.58 3.45
C HIS G 149 -44.96 27.83 4.70
N GLU G 150 -46.24 27.98 5.05
CA GLU G 150 -46.80 27.39 6.26
C GLU G 150 -47.65 26.19 5.89
N THR G 151 -47.30 25.02 6.44
CA THR G 151 -48.01 23.78 6.19
C THR G 151 -48.59 23.15 7.46
N HIS G 152 -48.34 23.72 8.63
CA HIS G 152 -48.78 23.10 9.89
C HIS G 152 -49.10 24.22 10.89
N GLN G 153 -50.38 24.59 10.98
CA GLN G 153 -50.82 25.63 11.92
C GLN G 153 -52.18 25.25 12.49
N HIS G 154 -52.20 24.49 13.59
CA HIS G 154 -53.37 23.94 14.26
C HIS G 154 -53.28 23.88 15.79
N LEU G 155 -52.46 24.72 16.43
CA LEU G 155 -52.16 24.50 17.86
C LEU G 155 -53.16 25.16 18.83
N ASN G 156 -53.27 26.48 18.86
CA ASN G 156 -54.20 27.11 19.82
C ASN G 156 -55.10 27.77 18.79
N GLY G 157 -56.13 27.11 18.33
CA GLY G 157 -56.79 27.60 17.13
C GLY G 157 -55.75 27.73 16.02
N SER G 158 -55.43 28.97 15.64
CA SER G 158 -54.23 29.21 14.84
C SER G 158 -53.47 30.46 15.30
N THR G 159 -53.83 31.02 16.45
CA THR G 159 -53.22 32.23 16.97
C THR G 159 -52.24 31.88 18.08
N SER G 160 -51.30 32.80 18.32
CA SER G 160 -50.38 32.64 19.42
C SER G 160 -51.13 32.72 20.75
N ALA G 161 -50.55 32.11 21.77
CA ALA G 161 -51.20 32.02 23.07
C ALA G 161 -51.28 33.39 23.75
N GLU G 162 -50.52 34.35 23.23
CA GLU G 162 -50.42 35.66 23.87
C GLU G 162 -51.61 36.56 23.63
N GLU G 163 -52.26 36.47 22.47
CA GLU G 163 -53.52 37.18 22.26
C GLU G 163 -54.68 36.51 22.99
N CYS G 164 -54.53 35.22 23.33
CA CYS G 164 -55.56 34.54 24.10
C CYS G 164 -55.68 35.13 25.50
N TRP G 165 -54.59 35.63 26.07
CA TRP G 165 -54.68 36.29 27.37
C TRP G 165 -55.61 37.51 27.30
N LEU G 166 -55.41 38.37 26.30
CA LEU G 166 -56.28 39.53 26.15
C LEU G 166 -57.69 39.12 25.75
N ASP G 167 -57.84 38.04 24.98
CA ASP G 167 -59.18 37.55 24.66
C ASP G 167 -59.89 37.10 25.92
N ALA G 168 -59.18 36.43 26.83
CA ALA G 168 -59.78 36.04 28.09
C ALA G 168 -60.17 37.25 28.92
N LEU G 169 -59.30 38.26 28.97
CA LEU G 169 -59.66 39.48 29.69
C LEU G 169 -60.87 40.18 29.06
N LYS G 170 -61.01 40.05 27.74
CA LYS G 170 -62.17 40.62 27.04
C LYS G 170 -63.44 39.84 27.34
N HIS G 171 -63.33 38.52 27.43
CA HIS G 171 -64.45 37.63 27.67
C HIS G 171 -64.11 36.78 28.88
N PRO G 172 -63.96 37.40 30.05
CA PRO G 172 -63.63 36.63 31.26
C PRO G 172 -64.65 35.55 31.54
N GLU G 173 -65.92 35.83 31.27
CA GLU G 173 -66.98 34.87 31.57
C GLU G 173 -67.07 33.77 30.51
N ALA G 174 -66.65 34.05 29.27
CA ALA G 174 -66.49 32.97 28.30
C ALA G 174 -65.33 32.05 28.70
N CYS G 175 -64.19 32.64 29.09
CA CYS G 175 -63.06 31.83 29.51
C CYS G 175 -63.39 31.02 30.76
N LEU G 176 -64.08 31.65 31.71
CA LEU G 176 -64.51 30.91 32.91
C LEU G 176 -65.47 29.78 32.54
N ARG G 177 -66.41 30.05 31.64
CA ARG G 177 -67.29 29.01 31.15
C ARG G 177 -66.53 27.82 30.56
N ASP G 178 -65.55 28.10 29.69
CA ASP G 178 -64.77 27.00 29.14
C ASP G 178 -64.01 26.24 30.23
N PHE G 179 -63.35 26.98 31.13
CA PHE G 179 -62.57 26.33 32.18
C PHE G 179 -63.44 25.40 33.01
N GLU G 180 -64.63 25.85 33.40
CA GLU G 180 -65.52 24.98 34.17
C GLU G 180 -65.96 23.79 33.34
N LYS G 181 -66.41 24.03 32.11
CA LYS G 181 -66.80 22.94 31.22
C LYS G 181 -65.52 22.39 30.60
N GLY G 182 -64.88 21.50 31.35
CA GLY G 182 -63.60 20.92 30.99
C GLY G 182 -62.77 20.67 32.25
N TRP G 183 -63.10 21.39 33.33
CA TRP G 183 -62.55 21.07 34.63
C TRP G 183 -63.22 19.84 35.25
N ALA G 184 -64.45 19.54 34.84
CA ALA G 184 -65.05 18.27 35.22
C ALA G 184 -64.30 17.10 34.60
N SER G 185 -63.51 17.36 33.56
CA SER G 185 -62.72 16.33 32.93
C SER G 185 -61.48 16.06 33.74
N GLN G 186 -61.21 14.77 33.89
CA GLN G 186 -60.05 14.33 34.64
C GLN G 186 -58.74 14.82 34.06
N GLU G 187 -58.63 14.74 32.74
CA GLU G 187 -57.38 15.07 32.12
C GLU G 187 -56.94 16.40 32.64
N MET G 188 -57.93 17.30 32.63
CA MET G 188 -57.81 18.71 32.99
C MET G 188 -57.56 18.90 34.48
N LYS G 189 -58.27 18.15 35.33
CA LYS G 189 -57.96 18.26 36.75
C LYS G 189 -56.51 17.93 37.01
N GLN G 190 -56.02 16.87 36.38
CA GLN G 190 -54.61 16.48 36.54
C GLN G 190 -53.68 17.58 36.05
N LEU G 191 -53.98 18.15 34.88
CA LEU G 191 -53.14 19.22 34.35
C LEU G 191 -53.13 20.44 35.28
N CYS G 192 -54.30 20.83 35.78
CA CYS G 192 -54.38 21.97 36.69
C CYS G 192 -53.62 21.72 37.97
N ALA G 193 -53.72 20.51 38.51
CA ALA G 193 -52.95 20.18 39.70
C ALA G 193 -51.47 20.22 39.42
N GLN G 194 -51.06 19.76 38.24
CA GLN G 194 -49.63 19.70 37.93
C GLN G 194 -49.05 21.09 37.70
N ILE G 195 -49.85 22.03 37.22
CA ILE G 195 -49.37 23.41 37.06
C ILE G 195 -49.50 24.19 38.37
N ASP G 196 -50.73 24.38 38.83
CA ASP G 196 -51.01 25.05 40.10
C ASP G 196 -51.89 24.13 40.94
N PRO G 197 -51.36 23.51 42.00
CA PRO G 197 -52.17 22.54 42.75
C PRO G 197 -53.54 23.06 43.16
N SER G 198 -53.61 24.20 43.82
CA SER G 198 -54.87 24.75 44.31
C SER G 198 -55.40 25.82 43.37
N LEU G 199 -55.70 25.42 42.14
CA LEU G 199 -56.20 26.35 41.14
C LEU G 199 -57.72 26.54 41.25
N THR G 200 -58.49 25.50 40.97
CA THR G 200 -59.95 25.52 40.99
C THR G 200 -60.54 26.61 40.08
N PRO G 201 -61.77 26.41 39.60
CA PRO G 201 -62.41 27.45 38.78
C PRO G 201 -62.60 28.76 39.52
N ARG G 202 -62.82 28.72 40.84
CA ARG G 202 -63.09 29.95 41.58
C ARG G 202 -61.86 30.85 41.64
N ILE G 203 -60.69 30.28 41.98
CA ILE G 203 -59.49 31.10 41.95
C ILE G 203 -59.11 31.45 40.51
N PHE G 204 -59.44 30.60 39.55
CA PHE G 204 -59.28 31.00 38.14
C PHE G 204 -60.02 32.30 37.87
N LYS G 205 -61.31 32.35 38.24
CA LYS G 205 -62.11 33.55 38.04
C LYS G 205 -61.54 34.73 38.82
N ASP G 206 -61.15 34.50 40.08
CA ASP G 206 -60.61 35.57 40.89
C ASP G 206 -59.34 36.13 40.28
N ARG G 207 -58.48 35.27 39.75
CA ARG G 207 -57.25 35.72 39.13
C ARG G 207 -57.52 36.53 37.88
N LEU G 208 -58.48 36.10 37.05
CA LEU G 208 -58.83 36.89 35.88
C LEU G 208 -59.34 38.27 36.28
N GLN G 209 -60.20 38.33 37.30
CA GLN G 209 -60.73 39.61 37.75
C GLN G 209 -59.62 40.49 38.34
N ILE G 210 -58.70 39.88 39.09
CA ILE G 210 -57.58 40.63 39.65
C ILE G 210 -56.73 41.21 38.53
N ALA G 211 -56.48 40.42 37.49
CA ALA G 211 -55.70 40.93 36.36
C ALA G 211 -56.40 42.11 35.70
N CYS G 212 -57.71 42.00 35.48
CA CYS G 212 -58.44 43.10 34.86
C CYS G 212 -58.37 44.36 35.72
N ASN G 213 -58.61 44.22 37.03
CA ASN G 213 -58.60 45.39 37.91
C ASN G 213 -57.21 46.02 38.00
N ILE G 214 -56.18 45.18 38.07
CA ILE G 214 -54.81 45.70 38.10
C ILE G 214 -54.50 46.44 36.81
N ARG G 215 -54.97 45.91 35.68
CA ARG G 215 -54.76 46.59 34.41
C ARG G 215 -55.41 47.96 34.41
N GLU G 216 -56.64 48.05 34.91
CA GLU G 216 -57.30 49.35 34.98
C GLU G 216 -56.54 50.33 35.87
N ILE G 217 -56.15 49.88 37.07
CA ILE G 217 -55.45 50.76 38.01
C ILE G 217 -54.13 51.23 37.41
N LEU G 218 -53.37 50.31 36.82
CA LEU G 218 -52.08 50.68 36.28
C LEU G 218 -52.21 51.52 35.01
N CYS G 219 -53.31 51.38 34.28
CA CYS G 219 -53.59 52.32 33.20
C CYS G 219 -53.79 53.72 33.74
N ARG G 220 -54.49 53.84 34.87
CA ARG G 220 -54.66 55.16 35.47
C ARG G 220 -53.31 55.81 35.75
N VAL G 221 -52.37 55.06 36.34
CA VAL G 221 -51.08 55.68 36.64
C VAL G 221 -50.23 55.84 35.39
N ALA G 222 -50.41 54.99 34.38
CA ALA G 222 -49.70 55.17 33.12
C ALA G 222 -50.10 56.48 32.46
N GLN G 223 -51.39 56.81 32.47
CA GLN G 223 -51.85 58.10 31.99
C GLN G 223 -51.60 59.22 33.00
N GLY G 224 -51.29 58.89 34.25
CA GLY G 224 -51.10 59.90 35.25
C GLY G 224 -52.38 60.66 35.55
N VAL G 225 -53.43 59.95 36.00
CA VAL G 225 -54.72 60.56 36.27
C VAL G 225 -55.05 60.31 37.75
N GLU G 226 -54.56 61.19 38.61
CA GLU G 226 -55.16 61.56 39.89
C GLU G 226 -55.39 60.44 40.91
N LEU G 227 -54.99 59.19 40.62
CA LEU G 227 -55.00 58.12 41.62
C LEU G 227 -56.31 58.13 42.41
N PRO G 228 -57.42 57.60 41.87
CA PRO G 228 -58.72 57.84 42.52
C PRO G 228 -58.70 57.49 44.00
N GLU G 229 -59.61 58.10 44.75
CA GLU G 229 -59.53 58.06 46.21
C GLU G 229 -59.62 56.65 46.76
N TRP G 230 -60.43 55.79 46.14
CA TRP G 230 -60.67 54.46 46.69
C TRP G 230 -59.41 53.59 46.71
N ILE G 231 -58.30 54.06 46.16
CA ILE G 231 -57.07 53.31 46.21
C ILE G 231 -56.61 53.09 47.65
N ALA G 232 -56.91 54.05 48.54
CA ALA G 232 -56.50 53.91 49.94
C ALA G 232 -57.15 52.70 50.59
N SER G 233 -58.43 52.45 50.30
CA SER G 233 -59.11 51.29 50.86
C SER G 233 -58.51 49.99 50.36
N MET G 234 -57.95 49.99 49.16
CA MET G 234 -57.32 48.81 48.59
C MET G 234 -56.07 48.44 49.38
N GLN G 235 -56.15 47.40 50.21
CA GLN G 235 -55.03 47.04 51.05
C GLN G 235 -54.48 45.67 50.78
N ASN G 236 -55.27 44.76 50.19
CA ASN G 236 -54.90 43.36 50.06
C ASN G 236 -55.30 42.90 48.66
N PRO G 237 -54.36 42.36 47.87
CA PRO G 237 -54.65 42.12 46.45
C PRO G 237 -55.91 41.31 46.21
N GLN G 238 -56.34 40.50 47.17
CA GLN G 238 -57.58 39.75 47.02
C GLN G 238 -58.79 40.66 46.88
N GLN G 239 -58.67 41.92 47.33
CA GLN G 239 -59.77 42.87 47.16
C GLN G 239 -60.09 43.10 45.69
N LEU G 240 -59.11 42.90 44.80
CA LEU G 240 -59.30 43.10 43.38
C LEU G 240 -59.98 41.92 42.69
N ALA G 241 -60.26 40.84 43.43
CA ALA G 241 -60.95 39.70 42.86
C ALA G 241 -62.37 40.02 42.42
N ASN G 242 -62.85 41.22 42.69
CA ASN G 242 -64.26 41.55 42.52
C ASN G 242 -64.40 42.74 41.59
N SER G 243 -65.62 42.92 41.08
CA SER G 243 -65.87 43.98 40.10
C SER G 243 -65.90 45.37 40.71
N THR G 244 -66.08 45.49 42.03
CA THR G 244 -66.15 46.80 42.68
C THR G 244 -65.40 46.75 44.00
N ILE G 245 -64.93 47.92 44.43
CA ILE G 245 -64.26 48.08 45.72
C ILE G 245 -65.14 48.96 46.60
N LEU G 246 -65.12 48.66 47.89
CA LEU G 246 -65.94 49.37 48.88
C LEU G 246 -65.01 50.21 49.76
N HIS G 247 -65.08 51.53 49.61
CA HIS G 247 -64.20 52.42 50.37
C HIS G 247 -64.82 52.80 51.71
N ASN G 248 -65.94 53.53 51.69
CA ASN G 248 -66.74 53.78 52.89
C ASN G 248 -68.21 53.79 52.47
N GLY G 249 -68.88 52.65 52.61
CA GLY G 249 -70.29 52.56 52.31
C GLY G 249 -70.61 52.43 50.84
N ARG G 250 -69.76 52.99 49.98
CA ARG G 250 -69.99 53.03 48.55
C ARG G 250 -69.23 51.93 47.84
N GLU G 251 -69.72 51.54 46.67
CA GLU G 251 -69.09 50.54 45.82
C GLU G 251 -68.59 51.22 44.55
N TYR G 252 -67.28 51.35 44.42
CA TYR G 252 -66.66 52.02 43.28
C TYR G 252 -66.17 50.99 42.27
N GLY G 253 -66.43 51.26 40.99
CA GLY G 253 -65.93 50.41 39.93
C GLY G 253 -64.49 50.75 39.55
N PHE G 254 -63.78 49.73 39.05
CA PHE G 254 -62.39 49.88 38.67
C PHE G 254 -62.20 50.41 37.26
N ALA G 255 -63.26 50.48 36.45
CA ALA G 255 -63.12 50.87 35.06
C ALA G 255 -62.71 52.32 34.94
N THR G 256 -62.00 52.63 33.85
CA THR G 256 -61.58 54.00 33.54
C THR G 256 -61.68 54.18 32.03
N VAL G 257 -61.25 55.35 31.56
CA VAL G 257 -61.27 55.68 30.14
C VAL G 257 -59.95 55.25 29.51
N TRP G 258 -60.03 54.72 28.30
CA TRP G 258 -58.87 54.24 27.57
C TRP G 258 -58.71 55.02 26.26
N PRO G 259 -57.48 55.34 25.86
CA PRO G 259 -57.31 56.09 24.61
C PRO G 259 -57.85 55.37 23.39
N ILE G 260 -57.44 54.12 23.19
CA ILE G 260 -57.78 53.38 21.99
C ILE G 260 -59.17 52.77 22.14
N ASP G 261 -59.87 52.62 21.03
CA ASP G 261 -61.22 52.08 21.06
C ASP G 261 -61.22 50.66 21.60
N ASP G 262 -60.27 49.83 21.16
CA ASP G 262 -60.12 48.46 21.65
C ASP G 262 -59.10 48.48 22.77
N LYS G 263 -59.57 48.45 24.01
CA LYS G 263 -58.71 48.56 25.19
C LYS G 263 -58.01 47.24 25.53
N TYR G 264 -58.45 46.14 24.90
CA TYR G 264 -57.95 44.79 25.10
C TYR G 264 -57.04 44.35 23.97
N SER G 265 -56.58 45.30 23.15
CA SER G 265 -55.70 45.01 22.03
C SER G 265 -54.26 45.04 22.50
N GLN G 266 -53.40 44.34 21.74
CA GLN G 266 -52.00 44.28 22.13
C GLN G 266 -51.32 45.63 21.95
N GLU G 267 -51.80 46.45 21.00
CA GLU G 267 -51.34 47.82 20.93
C GLU G 267 -51.67 48.59 22.20
N SER G 268 -52.90 48.44 22.69
CA SER G 268 -53.29 49.12 23.93
C SER G 268 -52.45 48.63 25.11
N GLU G 269 -52.23 47.32 25.19
CA GLU G 269 -51.40 46.77 26.25
C GLU G 269 -49.99 47.33 26.19
N PHE G 270 -49.41 47.38 24.99
CA PHE G 270 -48.06 47.91 24.83
C PHE G 270 -48.00 49.38 25.21
N CYS G 271 -48.99 50.17 24.79
CA CYS G 271 -49.00 51.59 25.14
C CYS G 271 -49.09 51.78 26.64
N TRP G 272 -49.97 51.04 27.30
CA TRP G 272 -50.11 51.16 28.75
C TRP G 272 -48.82 50.77 29.46
N LEU G 273 -48.21 49.65 29.05
CA LEU G 273 -46.99 49.21 29.70
C LEU G 273 -45.85 50.20 29.48
N THR G 274 -45.74 50.74 28.26
CA THR G 274 -44.71 51.71 27.99
C THR G 274 -44.89 52.96 28.84
N GLY G 275 -46.13 53.45 28.94
CA GLY G 275 -46.37 54.60 29.79
C GLY G 275 -46.06 54.33 31.26
N LEU G 276 -46.46 53.15 31.75
CA LEU G 276 -46.20 52.80 33.14
C LEU G 276 -44.70 52.75 33.41
N LEU G 277 -43.94 52.11 32.52
CA LEU G 277 -42.50 52.01 32.74
C LEU G 277 -41.82 53.36 32.57
N GLU G 278 -42.31 54.21 31.67
CA GLU G 278 -41.76 55.56 31.56
C GLU G 278 -41.98 56.34 32.84
N LYS G 279 -43.17 56.22 33.43
CA LYS G 279 -43.43 56.92 34.69
C LYS G 279 -42.62 56.33 35.84
N TRP G 280 -42.37 55.02 35.82
CA TRP G 280 -41.59 54.35 36.84
C TRP G 280 -40.13 54.18 36.44
N ARG G 281 -39.64 55.01 35.52
CA ARG G 281 -38.27 54.89 35.03
C ARG G 281 -37.25 54.85 36.17
N PHE G 282 -37.37 55.79 37.12
CA PHE G 282 -36.38 55.95 38.19
C PHE G 282 -36.76 55.16 39.44
N ASN G 283 -38.04 55.15 39.80
CA ASN G 283 -38.56 54.33 40.88
C ASN G 283 -40.03 54.03 40.62
N ALA G 284 -40.64 53.31 41.55
CA ALA G 284 -42.07 53.02 41.52
C ALA G 284 -42.59 52.83 42.93
N PRO G 285 -43.86 53.14 43.19
CA PRO G 285 -44.45 52.78 44.48
C PRO G 285 -44.42 51.27 44.68
N GLU G 286 -44.16 50.86 45.92
CA GLU G 286 -44.01 49.43 46.20
C GLU G 286 -45.32 48.69 45.91
N GLY G 287 -46.45 49.25 46.33
CA GLY G 287 -47.72 48.56 46.13
C GLY G 287 -48.09 48.42 44.67
N LEU G 288 -47.93 49.49 43.89
CA LEU G 288 -48.28 49.42 42.48
C LEU G 288 -47.30 48.54 41.71
N GLU G 289 -46.03 48.56 42.09
CA GLU G 289 -45.07 47.65 41.48
C GLU G 289 -45.43 46.21 41.77
N ARG G 290 -45.88 45.92 43.00
CA ARG G 290 -46.34 44.58 43.32
C ARG G 290 -47.59 44.22 42.55
N LEU G 291 -48.47 45.19 42.30
CA LEU G 291 -49.64 44.93 41.46
C LEU G 291 -49.22 44.54 40.05
N LEU G 292 -48.23 45.26 39.49
CA LEU G 292 -47.71 44.90 38.18
C LEU G 292 -47.10 43.50 38.20
N TRP G 293 -46.36 43.20 39.26
CA TRP G 293 -45.77 41.86 39.40
C TRP G 293 -46.85 40.79 39.40
N ILE G 294 -47.93 41.03 40.16
CA ILE G 294 -49.02 40.06 40.23
C ILE G 294 -49.68 39.91 38.87
N TYR G 295 -49.88 41.02 38.15
CA TYR G 295 -50.46 40.95 36.83
C TYR G 295 -49.61 40.10 35.89
N LEU G 296 -48.29 40.34 35.90
CA LEU G 296 -47.40 39.56 35.05
C LEU G 296 -47.43 38.08 35.42
N LEU G 297 -47.42 37.79 36.73
CA LEU G 297 -47.45 36.40 37.18
C LEU G 297 -48.74 35.72 36.75
N ILE G 298 -49.87 36.40 36.90
CA ILE G 298 -51.16 35.83 36.50
C ILE G 298 -51.19 35.57 35.01
N GLN G 299 -50.71 36.53 34.21
CA GLN G 299 -50.68 36.37 32.77
C GLN G 299 -49.82 35.16 32.39
N ASN G 300 -48.63 35.05 32.98
CA ASN G 300 -47.75 33.94 32.63
C ASN G 300 -48.32 32.60 33.06
N GLN G 301 -48.95 32.54 34.24
CA GLN G 301 -49.59 31.30 34.67
C GLN G 301 -50.70 30.90 33.72
N TYR G 302 -51.54 31.87 33.32
CA TYR G 302 -52.62 31.57 32.40
C TYR G 302 -52.08 31.07 31.07
N LEU G 303 -51.03 31.71 30.56
CA LEU G 303 -50.45 31.28 29.28
C LEU G 303 -49.84 29.89 29.39
N THR G 304 -49.19 29.59 30.52
CA THR G 304 -48.66 28.24 30.72
C THR G 304 -49.76 27.20 30.68
N LEU G 305 -50.84 27.44 31.43
CA LEU G 305 -51.97 26.52 31.43
C LEU G 305 -52.55 26.37 30.03
N LEU G 306 -52.72 27.48 29.32
CA LEU G 306 -53.31 27.43 27.99
C LEU G 306 -52.45 26.64 27.02
N VAL G 307 -51.13 26.89 27.02
CA VAL G 307 -50.26 26.17 26.08
C VAL G 307 -50.20 24.70 26.41
N GLN G 308 -50.26 24.34 27.70
CA GLN G 308 -50.18 22.92 28.06
C GLN G 308 -51.50 22.20 27.89
N ARG G 309 -52.58 22.89 27.56
CA ARG G 309 -53.84 22.21 27.23
C ARG G 309 -53.69 21.48 25.90
N THR G 322 -63.89 25.11 23.71
CA THR G 322 -64.57 25.05 22.43
C THR G 322 -65.15 26.42 22.20
N MET G 323 -65.61 26.98 23.31
CA MET G 323 -66.47 28.15 23.30
C MET G 323 -65.68 29.42 22.97
N THR G 324 -64.63 29.68 23.75
CA THR G 324 -63.73 30.78 23.41
C THR G 324 -63.23 30.64 21.98
N GLU G 325 -63.11 29.40 21.51
CA GLU G 325 -62.78 29.19 20.11
C GLU G 325 -63.91 29.60 19.19
N LEU G 326 -65.16 29.32 19.58
CA LEU G 326 -66.30 29.80 18.80
C LEU G 326 -66.23 31.30 18.63
N ARG G 327 -65.74 31.99 19.66
CA ARG G 327 -65.63 33.44 19.58
C ARG G 327 -64.59 33.89 18.56
N GLU G 328 -63.78 32.98 18.04
CA GLU G 328 -62.92 33.27 16.90
C GLU G 328 -63.59 32.95 15.57
N GLU G 329 -64.93 33.04 15.52
CA GLU G 329 -65.72 32.76 14.32
C GLU G 329 -66.23 34.05 13.67
N THR G 330 -65.43 35.12 13.77
CA THR G 330 -65.70 36.37 13.07
C THR G 330 -64.57 36.65 12.09
N GLU G 331 -64.80 37.62 11.20
CA GLU G 331 -63.77 37.98 10.24
C GLU G 331 -62.79 39.01 10.81
N LYS G 332 -62.32 38.76 12.03
CA LYS G 332 -61.34 39.53 12.82
C LYS G 332 -60.11 38.72 13.17
N SER G 333 -60.30 37.56 13.79
CA SER G 333 -59.16 36.71 14.13
C SER G 333 -58.43 36.28 12.87
N TYR G 334 -59.19 35.95 11.81
CA TYR G 334 -58.57 35.53 10.56
C TYR G 334 -57.92 36.70 9.84
N LEU G 335 -58.53 37.88 9.89
CA LEU G 335 -57.91 39.05 9.30
C LEU G 335 -56.59 39.38 9.99
N SER G 336 -56.58 39.32 11.33
CA SER G 336 -55.33 39.52 12.07
C SER G 336 -54.32 38.43 11.74
N ARG G 337 -54.79 37.19 11.60
CA ARG G 337 -53.92 36.09 11.21
C ARG G 337 -53.22 36.38 9.90
N PHE G 338 -53.98 36.83 8.89
CA PHE G 338 -53.39 37.09 7.58
C PHE G 338 -52.49 38.32 7.61
N LYS G 339 -52.89 39.37 8.33
CA LYS G 339 -52.03 40.54 8.46
C LYS G 339 -50.73 40.20 9.16
N HIS G 340 -50.77 39.28 10.12
CA HIS G 340 -49.58 38.88 10.84
C HIS G 340 -48.68 37.99 9.99
N ALA G 341 -49.28 37.06 9.24
CA ALA G 341 -48.50 36.26 8.30
C ALA G 341 -47.80 37.16 7.29
N HIS G 342 -48.53 38.14 6.75
CA HIS G 342 -47.90 39.23 6.03
C HIS G 342 -47.01 40.02 6.99
N GLY G 343 -45.82 40.38 6.53
CA GLY G 343 -44.93 41.16 7.37
C GLY G 343 -45.38 42.60 7.50
N ALA G 344 -44.46 43.47 7.87
CA ALA G 344 -44.73 44.90 7.90
C ALA G 344 -44.48 45.57 6.56
N GLY G 345 -43.95 44.84 5.58
CA GLY G 345 -43.65 45.39 4.28
C GLY G 345 -44.80 45.23 3.29
N VAL G 346 -44.55 45.70 2.08
CA VAL G 346 -45.56 45.66 1.03
C VAL G 346 -45.79 44.22 0.57
N TYR G 347 -44.72 43.44 0.45
CA TYR G 347 -44.75 42.07 -0.02
C TYR G 347 -44.76 41.10 1.17
N SER G 348 -45.68 40.14 1.14
CA SER G 348 -45.90 39.28 2.28
C SER G 348 -44.67 38.40 2.54
N GLN G 349 -44.37 38.22 3.83
CA GLN G 349 -43.32 37.30 4.25
C GLN G 349 -43.71 35.85 3.98
N VAL G 350 -44.99 35.52 4.08
CA VAL G 350 -45.50 34.17 3.92
C VAL G 350 -46.25 34.10 2.60
N ARG G 351 -45.86 33.16 1.75
CA ARG G 351 -46.46 33.04 0.42
C ARG G 351 -47.65 32.08 0.42
N TYR G 352 -47.44 30.83 0.83
CA TYR G 352 -48.47 29.80 0.79
C TYR G 352 -48.82 29.42 2.23
N LEU G 353 -50.02 29.81 2.67
CA LEU G 353 -50.47 29.56 4.02
C LEU G 353 -51.56 28.50 4.01
N GLU G 354 -51.35 27.42 4.77
CA GLU G 354 -52.36 26.42 5.03
C GLU G 354 -53.04 26.78 6.36
N GLY G 355 -54.36 26.91 6.33
CA GLY G 355 -55.27 27.27 7.41
C GLY G 355 -56.13 26.09 7.81
N ARG G 356 -55.91 25.58 9.01
CA ARG G 356 -56.57 24.37 9.49
C ARG G 356 -57.61 24.73 10.52
N PHE G 357 -58.83 24.20 10.35
CA PHE G 357 -59.94 24.53 11.23
C PHE G 357 -60.75 23.28 11.53
N ALA G 358 -61.34 23.23 12.72
CA ALA G 358 -62.16 22.09 13.10
C ALA G 358 -63.50 22.14 12.37
N PRO G 359 -63.90 21.07 11.67
CA PRO G 359 -65.19 21.09 10.99
C PRO G 359 -66.34 20.94 11.98
N LYS G 360 -67.37 21.76 11.78
CA LYS G 360 -68.50 21.79 12.71
C LYS G 360 -69.57 20.77 12.29
N SER G 361 -70.23 20.22 13.31
CA SER G 361 -71.30 19.24 13.12
C SER G 361 -72.63 19.88 12.76
N ASP G 362 -72.71 21.21 12.77
CA ASP G 362 -73.90 21.94 12.40
C ASP G 362 -73.67 22.64 11.06
N PRO G 363 -74.48 22.38 10.03
CA PRO G 363 -74.23 23.03 8.73
C PRO G 363 -74.17 24.54 8.82
N ASN G 364 -75.05 25.12 9.64
CA ASN G 364 -75.03 26.56 9.88
C ASN G 364 -73.68 27.01 10.44
N LYS G 365 -73.20 26.34 11.48
CA LYS G 365 -71.92 26.74 12.08
C LYS G 365 -70.78 26.57 11.10
N MET G 366 -70.84 25.54 10.26
CA MET G 366 -69.78 25.33 9.26
C MET G 366 -69.78 26.43 8.21
N GLN G 367 -70.95 26.74 7.66
CA GLN G 367 -71.06 27.87 6.73
C GLN G 367 -70.54 29.12 7.40
N LYS G 368 -70.86 29.27 8.67
CA LYS G 368 -70.49 30.43 9.44
C LYS G 368 -68.98 30.59 9.54
N LEU G 369 -68.32 29.52 9.97
CA LEU G 369 -66.87 29.54 10.09
C LEU G 369 -66.21 29.82 8.75
N LEU G 370 -66.72 29.20 7.69
CA LEU G 370 -66.07 29.35 6.40
C LEU G 370 -66.28 30.75 5.83
N PHE G 371 -67.48 31.32 6.00
CA PHE G 371 -67.68 32.70 5.58
C PHE G 371 -66.77 33.63 6.34
N SER G 372 -66.60 33.41 7.64
CA SER G 372 -65.69 34.25 8.41
C SER G 372 -64.28 34.18 7.86
N VAL G 373 -63.78 32.97 7.61
CA VAL G 373 -62.41 32.82 7.13
C VAL G 373 -62.24 33.48 5.77
N LEU G 374 -63.16 33.19 4.84
CA LEU G 374 -63.04 33.73 3.49
C LEU G 374 -63.16 35.26 3.49
N ARG G 375 -64.05 35.81 4.32
CA ARG G 375 -64.20 37.26 4.33
C ARG G 375 -62.99 37.94 4.97
N GLY G 376 -62.41 37.33 6.00
CA GLY G 376 -61.17 37.86 6.54
C GLY G 376 -60.06 37.87 5.51
N TYR G 377 -59.95 36.78 4.74
CA TYR G 377 -58.96 36.74 3.67
C TYR G 377 -59.22 37.83 2.63
N TRP G 378 -60.50 38.02 2.27
CA TRP G 378 -60.83 39.04 1.28
C TRP G 378 -60.49 40.44 1.78
N GLU G 379 -60.78 40.73 3.05
CA GLU G 379 -60.43 42.03 3.61
C GLU G 379 -58.92 42.24 3.62
N TYR G 380 -58.18 41.19 4.00
CA TYR G 380 -56.73 41.28 3.98
C TYR G 380 -56.23 41.59 2.57
N LEU G 381 -56.80 40.94 1.56
CA LEU G 381 -56.39 41.20 0.19
C LEU G 381 -56.77 42.61 -0.25
N SER G 382 -57.96 43.08 0.15
CA SER G 382 -58.39 44.42 -0.20
C SER G 382 -57.49 45.48 0.40
N ALA G 383 -56.88 45.21 1.55
CA ALA G 383 -55.94 46.15 2.14
C ALA G 383 -54.58 46.14 1.46
N HIS G 384 -54.37 45.32 0.44
CA HIS G 384 -53.09 45.25 -0.25
C HIS G 384 -53.18 45.34 -1.77
N MET G 385 -54.37 45.25 -2.35
CA MET G 385 -54.53 45.48 -3.79
C MET G 385 -55.82 46.26 -4.05
N SER G 386 -55.80 47.04 -5.12
CA SER G 386 -56.96 47.82 -5.55
C SER G 386 -57.47 47.27 -6.88
N MET G 387 -58.74 46.87 -6.91
CA MET G 387 -59.33 46.29 -8.10
C MET G 387 -60.85 46.39 -7.98
N GLU G 388 -61.53 46.22 -9.10
CA GLU G 388 -62.98 46.18 -9.13
C GLU G 388 -63.46 44.92 -8.42
N TRP G 389 -64.08 45.08 -7.26
CA TRP G 389 -64.38 43.98 -6.35
C TRP G 389 -65.79 43.41 -6.53
N VAL G 390 -66.50 43.81 -7.59
CA VAL G 390 -67.87 43.35 -7.82
C VAL G 390 -68.75 43.75 -6.64
N HIS G 391 -68.84 42.88 -5.64
CA HIS G 391 -69.55 43.17 -4.39
C HIS G 391 -68.59 43.87 -3.44
N GLU G 392 -68.77 45.18 -3.27
CA GLU G 392 -67.88 45.93 -2.38
C GLU G 392 -68.04 45.47 -0.95
N LYS G 393 -69.22 44.93 -0.60
CA LYS G 393 -69.52 44.47 0.74
C LYS G 393 -70.13 43.08 0.68
N PRO G 394 -69.32 42.05 0.48
CA PRO G 394 -69.88 40.69 0.41
C PRO G 394 -70.53 40.29 1.73
N LEU G 395 -71.65 39.58 1.61
CA LEU G 395 -72.40 39.09 2.76
C LEU G 395 -72.50 37.57 2.80
N THR G 396 -72.28 36.90 1.67
CA THR G 396 -72.41 35.46 1.58
C THR G 396 -71.15 34.86 1.00
N ILE G 397 -71.01 33.55 1.20
CA ILE G 397 -69.83 32.84 0.68
C ILE G 397 -69.77 32.97 -0.83
N SER G 398 -70.92 32.94 -1.50
CA SER G 398 -70.93 33.10 -2.94
C SER G 398 -70.37 34.45 -3.36
N GLN G 399 -70.76 35.52 -2.67
CA GLN G 399 -70.25 36.84 -2.99
C GLN G 399 -68.75 36.94 -2.70
N VAL G 400 -68.30 36.37 -1.58
CA VAL G 400 -66.87 36.41 -1.26
C VAL G 400 -66.08 35.65 -2.32
N LEU G 401 -66.62 34.53 -2.81
CA LEU G 401 -65.94 33.78 -3.85
C LEU G 401 -65.94 34.54 -5.17
N ASP G 402 -67.03 35.23 -5.48
CA ASP G 402 -67.03 36.11 -6.65
C ASP G 402 -65.91 37.13 -6.55
N ASN G 403 -65.73 37.71 -5.36
CA ASN G 403 -64.64 38.64 -5.14
C ASN G 403 -63.29 37.98 -5.36
N LEU G 404 -63.10 36.80 -4.76
CA LEU G 404 -61.79 36.16 -4.74
C LEU G 404 -61.40 35.58 -6.09
N GLU G 405 -62.36 35.31 -6.96
CA GLU G 405 -62.03 34.77 -8.28
C GLU G 405 -61.18 35.74 -9.09
N LEU G 406 -61.25 37.03 -8.79
CA LEU G 406 -60.50 38.04 -9.54
C LEU G 406 -59.04 38.14 -9.09
N VAL G 407 -58.67 37.50 -7.99
CA VAL G 407 -57.33 37.63 -7.42
C VAL G 407 -56.39 36.72 -8.17
N GLU G 408 -55.32 37.29 -8.73
CA GLU G 408 -54.32 36.53 -9.45
C GLU G 408 -53.19 36.13 -8.50
N PRO G 409 -52.55 34.98 -8.74
CA PRO G 409 -51.43 34.57 -7.88
C PRO G 409 -50.13 35.31 -8.21
N HIS G 410 -50.18 36.64 -8.11
CA HIS G 410 -49.00 37.45 -8.39
C HIS G 410 -47.87 37.14 -7.42
N GLY G 411 -48.21 36.95 -6.15
CA GLY G 411 -47.23 36.68 -5.11
C GLY G 411 -47.07 37.78 -4.09
N LYS G 412 -47.82 38.87 -4.21
CA LYS G 412 -47.70 39.98 -3.26
C LYS G 412 -48.20 39.59 -1.88
N CYS G 413 -49.33 38.90 -1.81
CA CYS G 413 -50.01 38.60 -0.57
C CYS G 413 -49.98 37.10 -0.30
N VAL G 414 -50.52 36.71 0.86
CA VAL G 414 -50.62 35.30 1.19
C VAL G 414 -51.65 34.64 0.29
N GLU G 415 -51.46 33.34 0.07
CA GLU G 415 -52.41 32.52 -0.68
C GLU G 415 -52.92 31.44 0.27
N LEU G 416 -54.23 31.44 0.48
CA LEU G 416 -54.86 30.60 1.49
C LEU G 416 -55.24 29.24 0.94
N ALA G 417 -55.00 28.21 1.73
CA ALA G 417 -55.51 26.87 1.45
C ALA G 417 -56.12 26.34 2.73
N LEU G 418 -57.43 26.09 2.71
CA LEU G 418 -58.15 25.65 3.89
C LEU G 418 -58.14 24.13 4.00
N VAL G 419 -57.89 23.65 5.21
CA VAL G 419 -57.85 22.23 5.52
C VAL G 419 -58.70 21.98 6.75
N PRO G 420 -59.87 21.37 6.60
CA PRO G 420 -60.62 20.93 7.79
C PRO G 420 -59.91 19.79 8.52
N HIS G 421 -60.01 19.83 9.84
CA HIS G 421 -59.50 18.80 10.72
C HIS G 421 -60.42 17.58 10.68
N PHE G 422 -60.03 16.57 11.46
CA PHE G 422 -60.97 15.56 11.93
C PHE G 422 -60.42 15.11 13.28
N ILE G 423 -61.12 15.47 14.35
CA ILE G 423 -60.67 15.18 15.71
C ILE G 423 -61.05 13.75 16.05
N LYS G 424 -60.07 12.94 16.40
CA LYS G 424 -60.30 11.54 16.78
C LYS G 424 -60.45 11.47 18.30
N ARG G 425 -61.49 10.77 18.75
CA ARG G 425 -61.78 10.60 20.16
C ARG G 425 -61.63 9.14 20.54
N LYS G 426 -61.39 8.91 21.83
CA LYS G 426 -61.24 7.56 22.33
C LYS G 426 -62.55 6.77 22.17
N PRO G 427 -62.47 5.47 21.93
CA PRO G 427 -63.70 4.68 21.81
C PRO G 427 -64.45 4.64 23.13
N LYS G 428 -65.77 4.54 23.04
CA LYS G 428 -66.61 4.57 24.23
C LYS G 428 -66.91 3.16 24.72
N ASN G 429 -67.60 3.09 25.86
CA ASN G 429 -67.79 1.81 26.55
C ASN G 429 -68.55 0.81 25.68
N GLY G 430 -69.66 1.26 25.08
CA GLY G 430 -70.50 0.37 24.32
C GLY G 430 -70.84 0.87 22.93
N GLU G 431 -70.44 0.12 21.91
CA GLU G 431 -70.76 0.45 20.53
C GLU G 431 -70.66 -0.81 19.70
N ALA G 432 -71.23 -0.75 18.49
CA ALA G 432 -71.24 -1.92 17.62
C ALA G 432 -69.83 -2.40 17.32
N TYR G 433 -68.95 -1.48 16.91
CA TYR G 433 -67.56 -1.77 16.65
C TYR G 433 -66.73 -0.61 17.20
N PRO G 434 -65.43 -0.83 17.42
CA PRO G 434 -64.60 0.24 17.99
C PRO G 434 -64.66 1.49 17.14
N HIS G 435 -64.76 2.63 17.82
CA HIS G 435 -64.85 3.94 17.16
C HIS G 435 -66.06 4.03 16.24
N ALA G 436 -67.15 3.34 16.57
CA ALA G 436 -68.35 3.44 15.76
C ALA G 436 -68.96 4.84 15.85
N LEU G 437 -69.12 5.35 17.07
CA LEU G 437 -69.69 6.68 17.25
C LEU G 437 -68.76 7.76 16.73
N LEU G 438 -67.44 7.57 16.90
CA LEU G 438 -66.48 8.51 16.33
C LEU G 438 -66.57 8.52 14.81
N PHE G 439 -66.55 7.34 14.19
CA PHE G 439 -66.69 7.27 12.75
C PHE G 439 -67.98 7.93 12.32
N LYS G 440 -69.04 7.77 13.11
CA LYS G 440 -70.28 8.49 12.85
C LYS G 440 -70.07 9.99 12.78
N ASP G 441 -69.62 10.58 13.89
CA ASP G 441 -69.51 12.02 13.97
C ASP G 441 -68.66 12.55 12.82
N LEU G 442 -67.60 11.80 12.49
CA LEU G 442 -66.80 12.13 11.32
C LEU G 442 -67.63 12.05 10.06
N LYS G 443 -68.53 11.07 9.98
CA LYS G 443 -69.38 10.93 8.81
C LYS G 443 -70.28 12.13 8.65
N ASN G 444 -70.88 12.59 9.73
CA ASN G 444 -71.77 13.75 9.66
C ASN G 444 -70.99 15.01 9.28
N GLN G 445 -69.80 15.18 9.87
CA GLN G 445 -68.98 16.34 9.52
C GLN G 445 -68.59 16.31 8.05
N ALA G 446 -68.17 15.14 7.55
CA ALA G 446 -67.82 15.00 6.15
C ALA G 446 -69.03 15.23 5.25
N ALA G 447 -70.21 14.78 5.68
CA ALA G 447 -71.41 15.02 4.90
C ALA G 447 -71.67 16.52 4.79
N ILE G 448 -71.55 17.24 5.91
CA ILE G 448 -71.74 18.70 5.86
C ILE G 448 -70.74 19.31 4.89
N LEU G 449 -69.47 18.88 4.96
CA LEU G 449 -68.45 19.43 4.08
C LEU G 449 -68.78 19.17 2.61
N MET G 450 -69.22 17.94 2.30
CA MET G 450 -69.55 17.59 0.93
C MET G 450 -70.76 18.36 0.42
N ASP G 451 -71.78 18.55 1.26
CA ASP G 451 -72.91 19.38 0.84
C ASP G 451 -72.49 20.82 0.59
N MET G 452 -71.58 21.35 1.41
CA MET G 452 -71.05 22.68 1.14
C MET G 452 -70.36 22.73 -0.21
N LEU G 453 -69.44 21.79 -0.46
CA LEU G 453 -68.71 21.77 -1.71
C LEU G 453 -69.67 21.64 -2.89
N LYS G 454 -70.72 20.83 -2.74
CA LYS G 454 -71.73 20.76 -3.78
C LYS G 454 -72.34 22.12 -4.03
N SER G 455 -73.07 22.64 -3.03
CA SER G 455 -73.85 23.85 -3.21
C SER G 455 -72.98 25.01 -3.66
N GLU G 456 -71.66 24.86 -3.55
CA GLU G 456 -70.73 25.86 -4.06
C GLU G 456 -69.49 25.15 -4.59
N PRO G 457 -69.48 24.75 -5.86
CA PRO G 457 -68.30 24.06 -6.41
C PRO G 457 -67.03 24.88 -6.31
N ARG G 458 -67.12 26.21 -6.35
CA ARG G 458 -65.94 27.04 -6.28
C ARG G 458 -65.18 26.87 -4.97
N LEU G 459 -65.83 26.32 -3.94
CA LEU G 459 -65.15 26.12 -2.67
C LEU G 459 -64.08 25.05 -2.74
N THR G 460 -64.02 24.27 -3.83
CA THR G 460 -62.95 23.31 -3.99
C THR G 460 -61.62 23.98 -4.28
N GLY G 461 -61.64 25.23 -4.74
CA GLY G 461 -60.42 25.99 -4.94
C GLY G 461 -59.86 26.61 -3.69
N TRP G 462 -60.57 26.49 -2.57
CA TRP G 462 -60.12 27.03 -1.29
C TRP G 462 -60.07 26.00 -0.18
N ILE G 463 -60.87 24.93 -0.25
CA ILE G 463 -60.78 23.82 0.68
C ILE G 463 -59.96 22.74 -0.03
N ARG G 464 -58.68 22.65 0.32
CA ARG G 464 -57.74 21.73 -0.30
C ARG G 464 -57.12 20.88 0.80
N GLY G 465 -57.80 19.80 1.16
CA GLY G 465 -57.23 18.84 2.08
C GLY G 465 -58.13 18.55 3.26
N VAL G 466 -58.13 17.30 3.67
CA VAL G 466 -58.75 16.91 4.93
C VAL G 466 -57.64 16.30 5.79
N ASP G 467 -57.27 17.02 6.84
CA ASP G 467 -56.31 16.51 7.82
C ASP G 467 -57.06 15.87 8.98
N ALA G 468 -56.53 14.77 9.49
CA ALA G 468 -57.02 14.17 10.72
C ALA G 468 -55.94 14.31 11.79
N ALA G 469 -56.12 15.30 12.66
CA ALA G 469 -55.25 15.54 13.79
C ALA G 469 -55.91 14.97 15.05
N ALA G 470 -55.39 15.34 16.22
CA ALA G 470 -55.78 14.92 17.56
C ALA G 470 -54.90 13.75 17.98
N ASN G 471 -55.20 13.18 19.14
CA ASN G 471 -54.37 12.15 19.75
C ASN G 471 -54.33 10.91 18.87
N GLU G 472 -53.14 10.34 18.74
CA GLU G 472 -52.96 9.21 17.83
C GLU G 472 -53.67 7.97 18.36
N MET G 473 -53.51 7.70 19.66
CA MET G 473 -53.92 6.46 20.31
C MET G 473 -55.43 6.32 20.37
N HIS G 474 -56.15 7.39 20.06
CA HIS G 474 -57.60 7.41 20.20
C HIS G 474 -58.31 6.84 18.99
N ALA G 475 -57.65 6.84 17.83
CA ALA G 475 -58.20 6.27 16.61
C ALA G 475 -57.07 5.93 15.66
N PRO G 476 -57.02 4.71 15.13
CA PRO G 476 -55.94 4.35 14.21
C PRO G 476 -56.16 4.94 12.84
N PRO G 477 -55.13 4.99 11.99
CA PRO G 477 -55.32 5.53 10.63
C PRO G 477 -56.32 4.77 9.80
N GLU G 478 -56.46 3.45 10.00
CA GLU G 478 -57.36 2.67 9.17
C GLU G 478 -58.82 3.08 9.31
N LEU G 479 -59.16 3.81 10.37
CA LEU G 479 -60.54 4.23 10.56
C LEU G 479 -60.94 5.35 9.60
N PHE G 480 -59.98 6.17 9.18
CA PHE G 480 -60.28 7.33 8.34
C PHE G 480 -60.20 7.04 6.85
N CYS G 481 -59.79 5.82 6.46
CA CYS G 481 -59.64 5.53 5.04
C CYS G 481 -60.93 5.68 4.26
N PRO G 482 -62.06 5.10 4.69
CA PRO G 482 -63.31 5.29 3.93
C PRO G 482 -63.69 6.77 3.80
N LEU G 483 -63.52 7.52 4.89
CA LEU G 483 -63.85 8.94 4.87
C LEU G 483 -62.99 9.68 3.86
N PHE G 484 -61.68 9.40 3.84
CA PHE G 484 -60.78 10.08 2.93
C PHE G 484 -61.08 9.72 1.49
N ARG G 485 -61.42 8.46 1.22
CA ARG G 485 -61.78 8.06 -0.13
C ARG G 485 -63.03 8.81 -0.61
N VAL G 486 -64.07 8.83 0.23
CA VAL G 486 -65.31 9.51 -0.15
C VAL G 486 -65.06 10.99 -0.38
N LEU G 487 -64.24 11.62 0.48
CA LEU G 487 -63.93 13.03 0.30
C LEU G 487 -63.13 13.27 -0.98
N ALA G 488 -62.17 12.38 -1.28
CA ALA G 488 -61.44 12.46 -2.54
C ALA G 488 -62.40 12.57 -3.71
N LYS G 489 -63.45 11.75 -3.70
CA LYS G 489 -64.44 11.83 -4.78
C LYS G 489 -65.32 13.06 -4.69
N SER G 490 -65.65 13.51 -3.48
CA SER G 490 -66.42 14.72 -3.33
C SER G 490 -65.66 15.96 -3.80
N GLY G 491 -64.37 15.81 -4.07
CA GLY G 491 -63.57 16.87 -4.65
C GLY G 491 -62.47 17.40 -3.77
N ILE G 492 -62.16 16.71 -2.69
CA ILE G 492 -61.12 17.14 -1.76
C ILE G 492 -59.79 16.54 -2.21
N ALA G 493 -58.94 17.37 -2.81
CA ALA G 493 -57.58 16.99 -3.16
C ALA G 493 -56.69 17.09 -1.93
N HIS G 494 -55.64 16.28 -1.88
CA HIS G 494 -54.63 16.28 -0.83
C HIS G 494 -55.23 15.78 0.48
N PHE G 495 -54.48 14.93 1.16
CA PHE G 495 -54.90 14.39 2.44
C PHE G 495 -53.76 14.46 3.44
N THR G 496 -54.10 14.67 4.70
CA THR G 496 -53.09 14.74 5.75
C THR G 496 -53.57 13.97 6.97
N TYR G 497 -52.62 13.41 7.71
CA TYR G 497 -52.97 12.59 8.86
C TYR G 497 -51.81 12.58 9.84
N HIS G 498 -52.06 13.01 11.07
CA HIS G 498 -51.01 13.01 12.08
C HIS G 498 -50.62 11.59 12.46
N VAL G 499 -49.32 11.28 12.33
CA VAL G 499 -48.80 9.97 12.68
C VAL G 499 -47.44 10.13 13.33
N GLY G 500 -47.13 9.22 14.24
CA GLY G 500 -45.83 9.17 14.88
C GLY G 500 -45.59 10.15 16.00
N GLU G 501 -46.60 10.94 16.39
CA GLU G 501 -46.41 11.93 17.44
C GLU G 501 -46.24 11.30 18.81
N ASP G 502 -47.28 10.62 19.31
CA ASP G 502 -47.23 9.94 20.59
C ASP G 502 -47.59 8.48 20.40
N PHE G 503 -46.75 7.59 20.93
CA PHE G 503 -46.86 6.16 20.73
C PHE G 503 -46.46 5.43 22.02
N PRO G 504 -47.09 4.30 22.33
CA PRO G 504 -46.64 3.54 23.51
C PRO G 504 -45.24 2.98 23.33
N HIS G 505 -44.81 2.75 22.10
CA HIS G 505 -43.49 2.24 21.80
C HIS G 505 -43.04 2.80 20.46
N LEU G 506 -41.72 2.87 20.28
CA LEU G 506 -41.18 3.36 19.03
C LEU G 506 -41.57 2.46 17.87
N ILE G 507 -41.57 1.14 18.10
CA ILE G 507 -42.05 0.21 17.09
C ILE G 507 -43.52 0.50 16.78
N SER G 508 -44.30 0.82 17.81
CA SER G 508 -45.70 1.15 17.59
C SER G 508 -45.86 2.39 16.71
N GLY G 509 -45.04 3.42 16.95
CA GLY G 509 -45.11 4.61 16.12
C GLY G 509 -44.72 4.34 14.67
N ILE G 510 -43.64 3.58 14.48
CA ILE G 510 -43.21 3.24 13.13
C ILE G 510 -44.30 2.44 12.43
N ARG G 511 -44.92 1.50 13.15
CA ARG G 511 -46.01 0.71 12.59
C ARG G 511 -47.20 1.58 12.24
N SER G 512 -47.48 2.59 13.06
CA SER G 512 -48.57 3.50 12.76
C SER G 512 -48.31 4.27 11.47
N ILE G 513 -47.07 4.73 11.28
CA ILE G 513 -46.74 5.43 10.04
C ILE G 513 -46.89 4.49 8.85
N ASP G 514 -46.43 3.24 8.98
CA ASP G 514 -46.55 2.29 7.88
C ASP G 514 -48.02 1.99 7.57
N ASP G 515 -48.84 1.84 8.61
CA ASP G 515 -50.28 1.62 8.40
C ASP G 515 -50.91 2.80 7.69
N ALA G 516 -50.55 4.02 8.08
CA ALA G 516 -51.05 5.20 7.38
C ALA G 516 -50.66 5.16 5.93
N LEU G 517 -49.41 4.78 5.64
CA LEU G 517 -48.94 4.72 4.26
C LEU G 517 -49.74 3.71 3.45
N ARG G 518 -49.94 2.51 3.99
CA ARG G 518 -50.49 1.41 3.22
C ARG G 518 -52.00 1.28 3.34
N PHE G 519 -52.66 2.18 4.07
CA PHE G 519 -54.12 2.16 4.17
C PHE G 519 -54.77 3.46 3.73
N LEU G 520 -54.20 4.61 4.07
CA LEU G 520 -54.79 5.87 3.66
C LEU G 520 -54.62 6.08 2.16
N PRO G 521 -55.55 6.78 1.51
CA PRO G 521 -55.42 7.06 0.07
C PRO G 521 -54.48 8.22 -0.21
N LEU G 522 -53.24 8.09 0.23
CA LEU G 522 -52.23 9.13 0.04
C LEU G 522 -51.66 9.02 -1.36
N ARG G 523 -51.83 10.08 -2.16
CA ARG G 523 -51.37 10.11 -3.52
C ARG G 523 -49.98 10.76 -3.58
N ASN G 524 -49.46 10.94 -4.78
CA ASN G 524 -48.16 11.58 -4.95
C ASN G 524 -48.26 13.05 -4.55
N GLY G 525 -47.34 13.49 -3.70
CA GLY G 525 -47.32 14.86 -3.23
C GLY G 525 -48.07 15.12 -1.94
N ASP G 526 -48.70 14.10 -1.36
CA ASP G 526 -49.40 14.28 -0.10
C ASP G 526 -48.41 14.37 1.06
N ARG G 527 -48.90 14.88 2.18
CA ARG G 527 -48.10 15.04 3.39
C ARG G 527 -48.74 14.27 4.53
N LEU G 528 -47.91 13.73 5.41
CA LEU G 528 -48.41 12.95 6.53
C LEU G 528 -48.57 13.79 7.80
N GLY G 529 -47.47 14.32 8.32
CA GLY G 529 -47.53 15.02 9.59
C GLY G 529 -46.20 15.03 10.31
N HIS G 530 -46.23 14.84 11.63
CA HIS G 530 -45.00 14.91 12.42
C HIS G 530 -44.07 13.75 12.11
N CYS G 531 -44.59 12.53 12.15
CA CYS G 531 -43.81 11.33 11.85
C CYS G 531 -42.55 11.25 12.71
N THR G 532 -42.69 11.59 13.99
CA THR G 532 -41.56 11.56 14.91
C THR G 532 -40.98 10.17 15.10
N ALA G 533 -41.80 9.12 14.91
CA ALA G 533 -41.33 7.77 15.20
C ALA G 533 -40.21 7.34 14.26
N ILE G 534 -40.17 7.88 13.05
CA ILE G 534 -39.12 7.54 12.08
C ILE G 534 -38.00 8.57 12.05
N GLY G 535 -38.05 9.56 12.94
CA GLY G 535 -37.00 10.55 13.03
C GLY G 535 -36.23 10.45 14.33
N ILE G 536 -36.91 10.10 15.41
CA ILE G 536 -36.27 9.98 16.71
C ILE G 536 -35.44 8.70 16.74
N THR G 537 -34.22 8.81 17.24
CA THR G 537 -33.36 7.64 17.29
C THR G 537 -33.71 6.77 18.50
N PRO G 538 -33.51 5.45 18.41
CA PRO G 538 -33.69 4.62 19.60
C PRO G 538 -32.78 5.03 20.73
N SER G 539 -31.58 5.53 20.43
CA SER G 539 -30.69 6.01 21.49
C SER G 539 -31.38 7.11 22.27
N ILE G 540 -31.65 8.26 21.62
CA ILE G 540 -32.49 9.26 22.27
C ILE G 540 -33.94 9.01 21.84
N TRP G 541 -34.51 7.94 22.37
CA TRP G 541 -35.93 7.81 22.66
C TRP G 541 -36.19 7.18 24.02
N LYS G 542 -35.24 6.41 24.54
CA LYS G 542 -35.31 5.76 25.84
C LYS G 542 -34.23 6.37 26.72
N ARG G 543 -34.57 7.47 27.37
CA ARG G 543 -33.63 8.20 28.21
C ARG G 543 -34.11 8.36 29.64
N SER G 544 -35.42 8.50 29.84
CA SER G 544 -36.02 8.51 31.17
C SER G 544 -37.21 7.55 31.24
N LEU G 545 -37.23 6.56 30.36
CA LEU G 545 -38.37 5.66 30.23
C LEU G 545 -38.15 4.40 31.06
N PRO G 546 -39.22 3.83 31.62
CA PRO G 546 -39.07 2.58 32.37
C PRO G 546 -38.63 1.44 31.47
N LEU G 547 -37.93 0.48 32.06
CA LEU G 547 -37.40 -0.64 31.29
C LEU G 547 -38.49 -1.47 30.65
N SER G 548 -39.74 -1.35 31.11
CA SER G 548 -40.86 -2.05 30.51
C SER G 548 -41.99 -1.05 30.27
N LEU G 549 -42.52 -1.03 29.05
CA LEU G 549 -43.63 -0.18 28.69
C LEU G 549 -44.85 -1.05 28.41
N SER G 550 -46.00 -0.65 28.93
CA SER G 550 -47.23 -1.41 28.75
C SER G 550 -48.04 -0.81 27.61
N MET G 551 -48.57 -1.68 26.76
CA MET G 551 -49.39 -1.29 25.63
C MET G 551 -50.66 -2.12 25.64
N THR G 552 -51.52 -1.87 24.66
CA THR G 552 -52.69 -2.71 24.45
C THR G 552 -52.33 -3.92 23.60
N LYS G 553 -53.09 -5.00 23.78
CA LYS G 553 -52.80 -6.23 23.04
C LYS G 553 -52.97 -6.04 21.54
N GLU G 554 -53.93 -5.23 21.12
CA GLU G 554 -54.10 -4.99 19.69
C GLU G 554 -52.88 -4.32 19.09
N THR G 555 -52.36 -3.28 19.75
CA THR G 555 -51.13 -2.64 19.31
C THR G 555 -49.95 -3.59 19.34
N ARG G 556 -49.85 -4.42 20.39
CA ARG G 556 -48.76 -5.39 20.49
C ARG G 556 -48.79 -6.38 19.34
N LEU G 557 -49.96 -6.93 19.03
CA LEU G 557 -50.09 -7.90 17.94
C LEU G 557 -49.77 -7.24 16.60
N LEU G 558 -50.30 -6.04 16.36
CA LEU G 558 -50.02 -5.35 15.11
C LEU G 558 -48.54 -5.02 14.98
N ASP G 559 -47.90 -4.63 16.08
CA ASP G 559 -46.47 -4.35 16.06
C ASP G 559 -45.67 -5.61 15.74
N LEU G 560 -46.05 -6.74 16.32
CA LEU G 560 -45.34 -7.98 16.02
C LEU G 560 -45.50 -8.35 14.54
N VAL G 561 -46.71 -8.21 14.01
CA VAL G 561 -46.93 -8.51 12.60
C VAL G 561 -46.10 -7.59 11.72
N PHE G 562 -46.04 -6.29 12.08
CA PHE G 562 -45.24 -5.34 11.33
C PHE G 562 -43.76 -5.69 11.37
N ILE G 563 -43.26 -6.06 12.55
CA ILE G 563 -41.87 -6.45 12.69
C ILE G 563 -41.57 -7.64 11.77
N TRP G 564 -42.45 -8.64 11.80
CA TRP G 564 -42.26 -9.80 10.92
C TRP G 564 -42.25 -9.38 9.47
N ARG G 565 -43.22 -8.57 9.05
CA ARG G 565 -43.32 -8.15 7.66
C ARG G 565 -42.05 -7.45 7.21
N GLU G 566 -41.52 -6.56 8.05
CA GLU G 566 -40.40 -5.73 7.63
C GLU G 566 -39.04 -6.41 7.80
N LEU G 567 -38.93 -7.40 8.67
CA LEU G 567 -37.65 -8.07 8.91
C LEU G 567 -37.62 -9.49 8.35
N ARG G 568 -38.65 -9.90 7.62
CA ARG G 568 -38.58 -11.17 6.89
C ARG G 568 -37.36 -11.23 5.99
N SER G 569 -37.16 -10.19 5.18
CA SER G 569 -36.12 -10.20 4.15
C SER G 569 -34.76 -9.75 4.66
N HIS G 570 -34.66 -9.32 5.91
CA HIS G 570 -33.40 -8.85 6.44
C HIS G 570 -32.56 -10.04 6.91
N PRO G 571 -31.45 -10.37 6.23
CA PRO G 571 -30.67 -11.54 6.67
C PRO G 571 -30.14 -11.43 8.08
N GLU G 572 -29.83 -10.22 8.53
CA GLU G 572 -29.25 -10.00 9.85
C GLU G 572 -30.29 -9.93 10.96
N LEU G 573 -31.58 -9.88 10.63
CA LEU G 573 -32.65 -9.72 11.60
C LEU G 573 -33.69 -10.82 11.49
N LEU G 574 -33.31 -11.95 10.87
CA LEU G 574 -34.24 -13.07 10.72
C LEU G 574 -34.67 -13.62 12.06
N ARG G 575 -33.78 -13.63 13.05
CA ARG G 575 -34.14 -14.11 14.38
C ARG G 575 -35.27 -13.26 14.96
N TYR G 576 -35.14 -11.94 14.85
CA TYR G 576 -36.18 -11.06 15.36
C TYR G 576 -37.49 -11.24 14.59
N ALA G 577 -37.40 -11.41 13.27
CA ALA G 577 -38.62 -11.66 12.50
C ALA G 577 -39.31 -12.94 12.96
N SER G 578 -38.55 -14.02 13.16
CA SER G 578 -39.13 -15.28 13.58
C SER G 578 -39.75 -15.18 14.97
N ASP G 579 -39.05 -14.53 15.91
CA ASP G 579 -39.60 -14.37 17.24
C ASP G 579 -40.87 -13.53 17.20
N ALA G 580 -40.90 -12.49 16.36
CA ALA G 580 -42.10 -11.68 16.22
C ALA G 580 -43.25 -12.51 15.69
N ALA G 581 -42.98 -13.37 14.70
CA ALA G 581 -44.04 -14.23 14.17
C ALA G 581 -44.59 -15.15 15.26
N ILE G 582 -43.70 -15.77 16.03
CA ILE G 582 -44.14 -16.72 17.06
C ILE G 582 -44.96 -16.01 18.12
N GLU G 583 -44.48 -14.86 18.59
CA GLU G 583 -45.22 -14.09 19.58
C GLU G 583 -46.56 -13.61 19.03
N ALA G 584 -46.60 -13.22 17.76
CA ALA G 584 -47.85 -12.78 17.15
C ALA G 584 -48.87 -13.91 17.12
N VAL G 585 -48.44 -15.11 16.73
CA VAL G 585 -49.37 -16.24 16.71
C VAL G 585 -49.89 -16.50 18.12
N ARG G 586 -48.99 -16.47 19.12
CA ARG G 586 -49.41 -16.71 20.50
C ARG G 586 -50.43 -15.67 20.97
N LEU G 587 -50.12 -14.41 20.78
CA LEU G 587 -51.01 -13.37 21.26
C LEU G 587 -52.34 -13.41 20.53
N ALA G 588 -52.32 -13.74 19.23
CA ALA G 588 -53.57 -13.94 18.51
C ALA G 588 -54.37 -15.08 19.11
N HIS G 589 -53.69 -16.13 19.58
CA HIS G 589 -54.40 -17.27 20.14
C HIS G 589 -55.33 -16.87 21.29
N LYS G 590 -54.90 -16.04 22.22
CA LYS G 590 -55.90 -15.56 23.23
C LYS G 590 -56.77 -14.47 22.68
N VAL G 591 -56.20 -13.48 21.97
CA VAL G 591 -57.00 -12.32 21.58
C VAL G 591 -58.24 -12.77 20.82
N PHE G 592 -58.09 -13.79 19.97
CA PHE G 592 -59.19 -14.34 19.22
C PHE G 592 -59.85 -15.53 19.90
N SER G 593 -59.30 -16.01 21.03
CA SER G 593 -59.82 -17.19 21.70
C SER G 593 -59.94 -18.35 20.72
N LEU G 594 -58.90 -18.51 19.90
CA LEU G 594 -58.91 -19.50 18.84
C LEU G 594 -58.52 -20.86 19.38
N GLU G 595 -59.19 -21.91 18.89
CA GLU G 595 -58.81 -23.25 19.28
C GLU G 595 -57.91 -23.88 18.23
N GLU G 596 -58.10 -23.48 16.97
CA GLU G 596 -57.37 -24.03 15.83
C GLU G 596 -56.01 -23.36 15.73
N GLU G 597 -55.32 -23.58 14.61
CA GLU G 597 -54.01 -23.00 14.37
C GLU G 597 -54.13 -21.88 13.35
N VAL G 598 -53.59 -20.71 13.69
CA VAL G 598 -53.59 -19.54 12.81
C VAL G 598 -52.13 -19.19 12.55
N SER G 599 -51.76 -19.15 11.28
CA SER G 599 -50.39 -18.83 10.89
C SER G 599 -50.21 -17.32 10.76
N ILE G 600 -48.95 -16.90 10.76
CA ILE G 600 -48.64 -15.48 10.59
C ILE G 600 -49.13 -14.99 9.23
N THR G 601 -49.15 -15.87 8.23
CA THR G 601 -49.66 -15.49 6.92
C THR G 601 -51.14 -15.08 6.99
N THR G 602 -51.96 -15.91 7.64
CA THR G 602 -53.37 -15.58 7.74
C THR G 602 -53.59 -14.41 8.71
N LEU G 603 -52.71 -14.24 9.69
CA LEU G 603 -52.78 -13.04 10.52
C LEU G 603 -52.56 -11.79 9.66
N ASP G 604 -51.57 -11.84 8.76
CA ASP G 604 -51.34 -10.74 7.84
C ASP G 604 -52.57 -10.50 6.95
N GLN G 605 -53.16 -11.58 6.44
CA GLN G 605 -54.38 -11.42 5.65
C GLN G 605 -55.48 -10.74 6.45
N VAL G 606 -55.65 -11.15 7.71
CA VAL G 606 -56.68 -10.57 8.56
C VAL G 606 -56.43 -9.08 8.73
N PHE G 607 -55.18 -8.71 8.99
CA PHE G 607 -54.86 -7.33 9.34
C PHE G 607 -54.64 -6.43 8.12
N GLU G 608 -54.66 -6.97 6.90
CA GLU G 608 -54.68 -6.09 5.73
C GLU G 608 -56.09 -5.59 5.41
N MET G 609 -57.11 -6.08 6.11
CA MET G 609 -58.49 -5.71 5.86
C MET G 609 -58.98 -4.62 6.81
N ARG G 610 -58.07 -3.98 7.55
CA ARG G 610 -58.46 -2.90 8.46
C ARG G 610 -58.93 -1.66 7.71
N GLY G 611 -58.55 -1.50 6.44
CA GLY G 611 -59.00 -0.38 5.65
C GLY G 611 -60.42 -0.48 5.18
N LEU G 612 -61.05 -1.64 5.34
CA LEU G 612 -62.44 -1.81 4.94
C LEU G 612 -63.37 -1.08 5.89
N LEU G 613 -64.43 -0.49 5.35
CA LEU G 613 -65.48 0.06 6.20
C LEU G 613 -66.13 -1.05 7.00
N ALA G 614 -66.29 -0.81 8.31
CA ALA G 614 -66.82 -1.86 9.18
C ALA G 614 -68.20 -2.29 8.73
N GLU G 615 -69.08 -1.33 8.45
CA GLU G 615 -70.45 -1.62 8.04
C GLU G 615 -70.59 -1.60 6.52
N SER G 616 -69.73 -2.34 5.82
CA SER G 616 -69.84 -2.41 4.36
C SER G 616 -70.65 -3.63 3.93
N GLU G 617 -70.12 -4.84 4.20
CA GLU G 617 -70.89 -6.06 4.00
C GLU G 617 -70.56 -7.10 5.08
N GLY G 618 -69.80 -6.74 6.10
CA GLY G 618 -69.39 -7.68 7.13
C GLY G 618 -69.88 -7.30 8.51
N LEU G 619 -70.85 -6.39 8.57
CA LEU G 619 -71.37 -5.93 9.85
C LEU G 619 -72.67 -5.16 9.64
N SER G 631 -74.62 8.12 -1.87
CA SER G 631 -74.24 7.75 -3.22
C SER G 631 -72.75 7.48 -3.31
N LEU G 632 -71.94 8.44 -2.88
CA LEU G 632 -70.49 8.27 -2.91
C LEU G 632 -70.02 7.18 -1.95
N TRP G 633 -70.83 6.85 -0.94
CA TRP G 633 -70.48 5.82 0.02
C TRP G 633 -70.70 4.41 -0.53
N LEU G 634 -71.36 4.29 -1.68
CA LEU G 634 -71.68 2.99 -2.25
C LEU G 634 -70.42 2.19 -2.59
N GLU G 635 -69.41 2.87 -3.14
CA GLU G 635 -68.19 2.18 -3.56
C GLU G 635 -67.57 1.41 -2.39
N GLU G 636 -67.39 2.06 -1.25
CA GLU G 636 -66.77 1.38 -0.11
C GLU G 636 -67.78 0.61 0.74
N TYR G 637 -69.08 0.80 0.53
CA TYR G 637 -70.06 -0.15 1.04
C TYR G 637 -69.90 -1.52 0.38
N GLU G 638 -69.66 -1.54 -0.93
CA GLU G 638 -69.40 -2.80 -1.63
C GLU G 638 -67.92 -3.17 -1.75
N ARG G 639 -67.00 -2.34 -1.26
CA ARG G 639 -65.59 -2.69 -1.38
C ARG G 639 -65.31 -4.06 -0.77
N ALA G 640 -66.07 -4.47 0.24
CA ALA G 640 -65.88 -5.77 0.86
C ALA G 640 -66.39 -6.93 0.00
N ARG G 641 -67.22 -6.65 -1.00
CA ARG G 641 -67.78 -7.73 -1.81
C ARG G 641 -66.70 -8.48 -2.57
N GLU G 642 -65.70 -7.77 -3.10
CA GLU G 642 -64.59 -8.45 -3.75
C GLU G 642 -63.91 -9.43 -2.79
N LEU G 643 -63.68 -8.99 -1.56
CA LEU G 643 -63.07 -9.84 -0.55
C LEU G 643 -63.92 -11.08 -0.30
N VAL G 644 -65.23 -10.90 -0.13
CA VAL G 644 -66.10 -12.04 0.19
C VAL G 644 -66.30 -12.92 -1.04
N LYS G 645 -65.98 -12.40 -2.22
CA LYS G 645 -66.02 -13.20 -3.44
C LYS G 645 -64.84 -14.14 -3.52
N THR G 646 -63.64 -13.66 -3.20
CA THR G 646 -62.45 -14.51 -3.21
C THR G 646 -62.69 -15.73 -2.33
N THR G 647 -62.69 -16.92 -2.95
CA THR G 647 -63.07 -18.14 -2.26
C THR G 647 -62.13 -18.45 -1.09
N GLY G 648 -60.87 -18.03 -1.19
CA GLY G 648 -59.85 -18.38 -0.22
C GLY G 648 -59.72 -17.41 0.93
N MET G 649 -60.65 -16.46 1.05
CA MET G 649 -60.52 -15.37 2.02
C MET G 649 -61.49 -15.61 3.19
N LYS G 650 -61.93 -16.86 3.37
CA LYS G 650 -62.75 -17.31 4.49
C LYS G 650 -62.27 -16.86 5.84
N ARG G 651 -61.15 -17.46 6.25
CA ARG G 651 -60.73 -17.43 7.65
C ARG G 651 -60.23 -16.04 7.99
N PRO G 652 -59.52 -15.34 7.10
CA PRO G 652 -59.30 -13.92 7.34
C PRO G 652 -60.58 -13.15 7.53
N LEU G 653 -61.64 -13.45 6.77
CA LEU G 653 -62.85 -12.65 6.92
C LEU G 653 -63.51 -12.88 8.26
N LYS G 654 -63.72 -14.14 8.62
CA LYS G 654 -64.37 -14.45 9.88
C LYS G 654 -63.55 -13.94 11.05
N LEU G 655 -62.22 -14.06 10.96
CA LEU G 655 -61.35 -13.57 12.01
C LEU G 655 -61.46 -12.06 12.15
N TYR G 656 -61.52 -11.34 11.03
CA TYR G 656 -61.69 -9.89 11.11
C TYR G 656 -63.05 -9.53 11.69
N LYS G 657 -64.08 -10.31 11.38
CA LYS G 657 -65.39 -10.06 11.96
C LYS G 657 -65.37 -10.27 13.47
N GLN G 658 -64.67 -11.31 13.93
CA GLN G 658 -64.47 -11.48 15.37
C GLN G 658 -63.71 -10.30 15.96
N TRP G 659 -62.68 -9.84 15.24
CA TRP G 659 -61.88 -8.70 15.69
C TRP G 659 -62.74 -7.44 15.82
N LEU G 660 -63.75 -7.29 14.97
CA LEU G 660 -64.58 -6.09 15.00
C LEU G 660 -65.72 -6.18 16.01
N THR G 661 -66.39 -7.33 16.09
CA THR G 661 -67.64 -7.45 16.83
C THR G 661 -67.53 -8.20 18.13
N SER G 662 -66.72 -9.26 18.19
CA SER G 662 -66.71 -10.13 19.36
C SER G 662 -66.38 -9.34 20.61
N ASP G 663 -67.26 -9.45 21.62
CA ASP G 663 -67.03 -8.76 22.88
C ASP G 663 -65.79 -9.27 23.58
N ASN G 664 -65.56 -10.59 23.54
CA ASN G 664 -64.35 -11.16 24.13
C ASN G 664 -63.10 -10.62 23.45
N VAL G 665 -63.10 -10.58 22.11
CA VAL G 665 -61.94 -10.09 21.39
C VAL G 665 -61.72 -8.62 21.66
N ARG G 666 -62.80 -7.85 21.83
CA ARG G 666 -62.67 -6.42 22.10
C ARG G 666 -62.12 -6.18 23.50
N LYS G 667 -62.57 -6.97 24.48
CA LYS G 667 -62.00 -6.88 25.82
C LYS G 667 -60.52 -7.24 25.81
N GLN G 668 -60.16 -8.30 25.09
CA GLN G 668 -58.75 -8.67 24.99
C GLN G 668 -57.94 -7.62 24.24
N ARG G 669 -58.55 -6.94 23.27
CA ARG G 669 -57.87 -5.85 22.56
C ARG G 669 -57.56 -4.71 23.52
N ALA G 670 -58.52 -4.37 24.38
CA ALA G 670 -58.29 -3.30 25.35
C ALA G 670 -57.39 -3.73 26.50
N GLU G 671 -57.20 -5.04 26.70
CA GLU G 671 -56.26 -5.51 27.70
C GLU G 671 -54.87 -4.91 27.47
N TYR G 672 -54.04 -4.98 28.52
CA TYR G 672 -52.69 -4.44 28.48
C TYR G 672 -51.67 -5.55 28.69
N VAL G 673 -50.51 -5.38 28.06
CA VAL G 673 -49.40 -6.32 28.19
C VAL G 673 -48.11 -5.51 28.17
N GLU G 674 -47.09 -6.02 28.85
CA GLU G 674 -45.80 -5.33 28.99
C GLU G 674 -44.84 -5.77 27.89
N VAL G 675 -44.05 -4.82 27.39
CA VAL G 675 -43.04 -5.05 26.39
C VAL G 675 -41.74 -4.42 26.87
N ALA G 676 -40.64 -5.15 26.76
CA ALA G 676 -39.35 -4.62 27.15
C ALA G 676 -38.96 -3.46 26.25
N LEU G 677 -38.25 -2.48 26.83
CA LEU G 677 -37.77 -1.34 26.06
C LEU G 677 -36.79 -1.79 24.99
N GLU G 678 -35.87 -2.68 25.36
CA GLU G 678 -34.99 -3.31 24.39
C GLU G 678 -35.59 -4.60 23.85
N TYR G 679 -36.86 -4.57 23.44
CA TYR G 679 -37.43 -5.75 22.80
C TYR G 679 -36.77 -5.99 21.45
N LEU G 680 -36.53 -4.92 20.69
CA LEU G 680 -35.74 -4.97 19.50
C LEU G 680 -34.50 -4.11 19.68
N PRO G 681 -33.34 -4.56 19.21
CA PRO G 681 -32.13 -3.73 19.35
C PRO G 681 -32.21 -2.45 18.53
N ASP G 682 -31.35 -1.49 18.90
CA ASP G 682 -31.29 -0.23 18.18
C ASP G 682 -31.14 -0.46 16.69
N GLU G 683 -30.35 -1.45 16.29
CA GLU G 683 -30.17 -1.72 14.87
C GLU G 683 -31.48 -2.10 14.21
N ALA G 684 -32.25 -2.99 14.85
CA ALA G 684 -33.52 -3.42 14.27
C ALA G 684 -34.52 -2.28 14.20
N VAL G 685 -34.58 -1.44 15.25
CA VAL G 685 -35.50 -0.32 15.22
C VAL G 685 -35.12 0.65 14.10
N VAL G 686 -33.82 0.89 13.92
CA VAL G 686 -33.38 1.76 12.84
C VAL G 686 -33.71 1.14 11.49
N ALA G 687 -33.61 -0.19 11.37
CA ALA G 687 -33.96 -0.86 10.13
C ALA G 687 -35.45 -0.66 9.80
N LEU G 688 -36.31 -0.80 10.81
CA LEU G 688 -37.73 -0.54 10.59
C LEU G 688 -37.96 0.91 10.18
N GLN G 689 -37.29 1.85 10.86
CA GLN G 689 -37.42 3.25 10.52
C GLN G 689 -37.02 3.50 9.08
N GLN G 690 -35.92 2.90 8.64
CA GLN G 690 -35.43 3.11 7.28
C GLN G 690 -36.31 2.43 6.25
N ALA G 691 -36.94 1.31 6.60
CA ALA G 691 -37.91 0.71 5.69
C ALA G 691 -39.10 1.65 5.48
N VAL G 692 -39.61 2.23 6.56
CA VAL G 692 -40.70 3.19 6.43
C VAL G 692 -40.23 4.42 5.66
N MET G 693 -38.99 4.84 5.87
CA MET G 693 -38.40 5.93 5.11
C MET G 693 -38.43 5.64 3.63
N ALA G 694 -37.99 4.43 3.25
CA ALA G 694 -37.96 4.05 1.85
C ALA G 694 -39.36 4.03 1.26
N LYS G 695 -40.34 3.52 2.01
CA LYS G 695 -41.72 3.55 1.54
C LYS G 695 -42.18 4.99 1.29
N MET G 696 -41.87 5.89 2.23
CA MET G 696 -42.28 7.28 2.08
C MET G 696 -41.62 7.92 0.87
N ALA G 697 -40.33 7.68 0.68
CA ALA G 697 -39.64 8.25 -0.48
C ALA G 697 -40.19 7.71 -1.78
N ASP G 698 -40.49 6.41 -1.82
CA ASP G 698 -41.05 5.81 -3.03
C ASP G 698 -42.41 6.41 -3.36
N ARG G 699 -43.26 6.60 -2.35
CA ARG G 699 -44.58 7.16 -2.60
C ARG G 699 -44.57 8.68 -2.66
N ASN G 700 -43.41 9.31 -2.45
CA ASN G 700 -43.27 10.77 -2.51
C ASN G 700 -44.23 11.46 -1.54
N ILE G 701 -44.17 11.04 -0.28
CA ILE G 701 -44.99 11.59 0.78
C ILE G 701 -44.09 12.48 1.63
N ALA G 702 -44.50 13.74 1.81
CA ALA G 702 -43.72 14.68 2.59
C ALA G 702 -44.09 14.63 4.06
N ILE G 703 -43.21 15.18 4.89
CA ILE G 703 -43.36 15.18 6.34
C ILE G 703 -43.33 16.63 6.81
N GLU G 704 -44.45 17.12 7.35
CA GLU G 704 -44.44 18.42 8.01
C GLU G 704 -43.84 18.25 9.40
N CYS G 705 -42.68 18.86 9.61
CA CYS G 705 -41.96 18.73 10.87
C CYS G 705 -41.89 20.08 11.57
N PRO G 706 -42.76 20.36 12.54
CA PRO G 706 -42.59 21.55 13.36
C PRO G 706 -41.66 21.27 14.52
N PRO G 707 -41.16 22.30 15.19
CA PRO G 707 -40.21 22.07 16.30
C PRO G 707 -40.94 21.83 17.61
N THR G 708 -40.65 20.71 18.25
CA THR G 708 -41.29 20.35 19.51
C THR G 708 -40.27 20.32 20.64
N SER G 714 -39.84 16.02 23.86
CA SER G 714 -39.91 15.91 25.30
C SER G 714 -38.61 15.32 25.84
N GLN G 715 -38.04 14.41 25.06
CA GLN G 715 -36.80 13.72 25.36
C GLN G 715 -35.57 14.45 24.88
N TYR G 716 -35.75 15.57 24.18
CA TYR G 716 -34.64 16.39 23.72
C TYR G 716 -34.29 17.43 24.78
N ARG G 717 -33.06 17.35 25.31
CA ARG G 717 -32.58 18.41 26.19
C ARG G 717 -32.39 19.70 25.42
N ASN G 718 -31.62 19.64 24.34
CA ASN G 718 -31.28 20.78 23.52
C ASN G 718 -31.88 20.59 22.13
N VAL G 719 -32.11 21.71 21.46
CA VAL G 719 -32.71 21.68 20.13
C VAL G 719 -31.82 20.97 19.12
N SER G 720 -30.51 20.90 19.38
CA SER G 720 -29.60 20.24 18.45
C SER G 720 -29.83 18.74 18.35
N GLU G 721 -30.58 18.16 19.27
CA GLU G 721 -30.89 16.73 19.24
C GLU G 721 -32.17 16.43 18.47
N HIS G 722 -32.82 17.44 17.91
CA HIS G 722 -34.05 17.23 17.17
C HIS G 722 -33.80 16.39 15.93
N HIS G 723 -34.79 15.57 15.57
CA HIS G 723 -34.68 14.67 14.43
C HIS G 723 -34.76 15.37 13.09
N ILE G 724 -35.14 16.65 13.06
CA ILE G 724 -35.16 17.39 11.80
C ILE G 724 -33.77 17.42 11.19
N PHE G 725 -32.74 17.52 12.02
CA PHE G 725 -31.37 17.54 11.52
C PHE G 725 -30.96 16.18 10.97
N ARG G 726 -31.40 15.09 11.61
CA ARG G 726 -31.18 13.77 11.03
C ARG G 726 -31.84 13.68 9.66
N TRP G 727 -33.07 14.16 9.54
CA TRP G 727 -33.77 14.12 8.26
C TRP G 727 -33.07 14.99 7.22
N MET G 728 -32.52 16.13 7.64
CA MET G 728 -31.80 17.02 6.74
C MET G 728 -30.42 16.48 6.40
N GLY G 729 -29.94 15.48 7.11
CA GLY G 729 -28.71 14.80 6.73
C GLY G 729 -27.45 15.39 7.30
N LEU G 730 -27.52 16.09 8.43
CA LEU G 730 -26.33 16.67 9.02
C LEU G 730 -25.38 15.57 9.45
N PRO G 731 -24.07 15.74 9.25
CA PRO G 731 -23.12 14.75 9.75
C PRO G 731 -23.24 14.61 11.26
N GLY G 732 -23.15 13.37 11.73
CA GLY G 732 -23.29 13.07 13.15
C GLY G 732 -24.71 12.83 13.61
N GLU G 733 -25.70 13.21 12.80
CA GLU G 733 -27.11 12.98 13.10
C GLU G 733 -27.76 11.99 12.15
N ALA G 734 -27.37 11.98 10.89
CA ALA G 734 -27.91 11.02 9.93
C ALA G 734 -27.32 9.64 10.18
N ILE G 735 -28.13 8.62 9.95
CA ILE G 735 -27.71 7.24 10.12
C ILE G 735 -27.45 6.65 8.75
N GLU G 736 -26.62 5.60 8.71
CA GLU G 736 -26.03 5.13 7.46
C GLU G 736 -27.11 4.84 6.41
N GLY G 737 -28.16 4.12 6.78
CA GLY G 737 -29.14 3.68 5.82
C GLY G 737 -30.37 4.55 5.72
N ASP G 738 -30.23 5.84 5.99
CA ASP G 738 -31.35 6.75 5.93
C ASP G 738 -31.71 7.10 4.48
N VAL G 739 -32.94 7.58 4.29
CA VAL G 739 -33.45 7.97 2.98
C VAL G 739 -34.06 9.36 3.10
N PRO G 740 -33.75 10.29 2.21
CA PRO G 740 -34.40 11.61 2.26
C PRO G 740 -35.91 11.48 2.07
N MET G 741 -36.65 12.40 2.68
CA MET G 741 -38.09 12.23 2.83
C MET G 741 -38.92 13.48 2.58
N SER G 742 -38.35 14.55 2.04
CA SER G 742 -39.13 15.75 1.71
C SER G 742 -39.81 16.32 2.95
N ILE G 743 -38.98 16.87 3.82
CA ILE G 743 -39.47 17.56 5.02
C ILE G 743 -39.96 18.95 4.64
N CYS G 744 -41.14 19.30 5.14
CA CYS G 744 -41.71 20.63 5.04
C CYS G 744 -41.75 21.27 6.42
N LEU G 745 -41.81 22.60 6.45
CA LEU G 745 -41.79 23.36 7.69
C LEU G 745 -43.21 23.64 8.18
N GLY G 746 -43.32 23.82 9.49
CA GLY G 746 -44.58 24.18 10.11
C GLY G 746 -44.36 24.98 11.38
N SER G 747 -45.18 26.01 11.57
CA SER G 747 -45.08 26.87 12.76
C SER G 747 -46.03 26.33 13.83
N ASP G 748 -45.54 25.35 14.59
CA ASP G 748 -46.32 24.74 15.66
C ASP G 748 -45.34 24.35 16.77
N ASP G 749 -45.22 25.21 17.78
CA ASP G 749 -44.40 24.92 18.95
C ASP G 749 -45.32 24.70 20.14
N PRO G 750 -45.42 23.47 20.67
CA PRO G 750 -46.42 23.22 21.72
C PRO G 750 -46.28 24.11 22.95
N GLY G 751 -45.05 24.43 23.36
CA GLY G 751 -44.84 25.08 24.64
C GLY G 751 -44.18 26.45 24.57
N ILE G 752 -44.58 27.29 23.61
CA ILE G 752 -44.06 28.65 23.50
C ILE G 752 -45.23 29.61 23.32
N PHE G 753 -45.01 30.85 23.71
CA PHE G 753 -45.93 31.95 23.45
C PHE G 753 -45.36 32.81 22.33
N ALA G 754 -46.22 33.20 21.39
CA ALA G 754 -45.84 34.11 20.31
C ALA G 754 -44.69 33.51 19.48
N ALA G 755 -45.01 32.42 18.80
CA ALA G 755 -44.12 31.81 17.82
C ALA G 755 -44.59 32.13 16.41
N ASP G 756 -43.68 32.02 15.46
CA ASP G 756 -43.96 32.34 14.08
C ASP G 756 -43.14 31.44 13.18
N LEU G 757 -43.57 31.35 11.92
CA LEU G 757 -42.81 30.63 10.90
C LEU G 757 -41.43 31.24 10.73
N LYS G 758 -41.35 32.57 10.71
CA LYS G 758 -40.06 33.23 10.65
C LYS G 758 -39.22 32.91 11.88
N SER G 759 -39.85 32.85 13.05
CA SER G 759 -39.13 32.51 14.27
C SER G 759 -38.52 31.11 14.18
N GLU G 760 -39.30 30.14 13.69
CA GLU G 760 -38.78 28.78 13.59
C GLU G 760 -37.71 28.67 12.51
N PHE G 761 -37.88 29.39 11.40
CA PHE G 761 -36.84 29.43 10.37
C PHE G 761 -35.54 29.96 10.94
N TYR G 762 -35.61 31.07 11.67
CA TYR G 762 -34.42 31.64 12.28
C TYR G 762 -33.84 30.73 13.33
N HIS G 763 -34.68 30.03 14.09
CA HIS G 763 -34.17 29.09 15.10
C HIS G 763 -33.39 27.96 14.43
N LEU G 764 -33.92 27.40 13.35
CA LEU G 764 -33.20 26.36 12.63
C LEU G 764 -31.88 26.90 12.07
N PHE G 765 -31.92 28.11 11.51
CA PHE G 765 -30.70 28.71 10.98
C PHE G 765 -29.66 28.90 12.08
N VAL G 766 -30.09 29.39 13.24
CA VAL G 766 -29.16 29.64 14.35
C VAL G 766 -28.55 28.33 14.82
N VAL G 767 -29.38 27.30 14.99
CA VAL G 767 -28.86 26.01 15.44
C VAL G 767 -27.86 25.46 14.44
N LEU G 768 -28.20 25.52 13.14
CA LEU G 768 -27.30 25.01 12.11
C LEU G 768 -25.98 25.76 12.12
N THR G 769 -26.02 27.08 12.25
CA THR G 769 -24.80 27.88 12.14
C THR G 769 -23.92 27.78 13.38
N ARG G 770 -24.51 27.67 14.56
CA ARG G 770 -23.75 27.76 15.81
C ARG G 770 -23.40 26.39 16.39
N LYS G 771 -24.29 25.41 16.29
CA LYS G 771 -24.11 24.12 16.91
C LYS G 771 -23.56 23.07 15.95
N PHE G 772 -23.84 23.21 14.66
CA PHE G 772 -23.33 22.30 13.65
C PHE G 772 -22.19 22.89 12.84
N GLY G 773 -21.83 24.15 13.09
CA GLY G 773 -20.67 24.75 12.46
C GLY G 773 -20.85 25.11 11.01
N LEU G 774 -22.06 25.02 10.48
CA LEU G 774 -22.29 25.29 9.07
C LEU G 774 -22.21 26.79 8.81
N SER G 775 -21.66 27.14 7.65
CA SER G 775 -21.60 28.54 7.25
C SER G 775 -23.00 29.06 7.00
N PRO G 776 -23.18 30.38 7.01
CA PRO G 776 -24.52 30.92 6.74
C PRO G 776 -25.10 30.43 5.43
N ALA G 777 -24.29 30.31 4.39
CA ALA G 777 -24.79 29.87 3.09
C ALA G 777 -25.27 28.42 3.14
N ASP G 778 -24.48 27.53 3.75
CA ASP G 778 -24.86 26.13 3.83
C ASP G 778 -26.10 25.94 4.71
N ALA G 779 -26.14 26.64 5.85
CA ALA G 779 -27.33 26.57 6.71
C ALA G 779 -28.56 27.08 5.99
N LEU G 780 -28.43 28.18 5.25
CA LEU G 780 -29.55 28.70 4.49
C LEU G 780 -30.00 27.71 3.43
N ARG G 781 -29.04 27.02 2.78
CA ARG G 781 -29.43 26.01 1.80
C ARG G 781 -30.24 24.90 2.46
N LYS G 782 -29.79 24.44 3.62
CA LYS G 782 -30.47 23.33 4.29
C LYS G 782 -31.88 23.73 4.74
N VAL G 783 -32.02 24.91 5.34
CA VAL G 783 -33.35 25.36 5.77
C VAL G 783 -34.23 25.65 4.56
N ALA G 784 -33.65 26.21 3.50
CA ALA G 784 -34.41 26.56 2.31
C ALA G 784 -34.95 25.34 1.62
N GLU G 785 -34.24 24.22 1.69
CA GLU G 785 -34.76 23.02 1.04
C GLU G 785 -36.07 22.58 1.70
N VAL G 786 -36.12 22.59 3.04
CA VAL G 786 -37.35 22.27 3.75
C VAL G 786 -38.43 23.30 3.42
N ASN G 787 -38.08 24.59 3.46
CA ASN G 787 -39.08 25.62 3.17
C ASN G 787 -39.66 25.44 1.77
N GLU G 788 -38.80 25.21 0.77
CA GLU G 788 -39.26 24.97 -0.59
C GLU G 788 -40.07 23.69 -0.71
N ASN G 789 -39.80 22.70 0.14
CA ASN G 789 -40.66 21.52 0.17
C ASN G 789 -42.08 21.91 0.51
N GLY G 790 -42.24 22.90 1.40
CA GLY G 790 -43.58 23.41 1.66
C GLY G 790 -44.31 23.88 0.43
N ARG G 791 -43.62 24.60 -0.47
CA ARG G 791 -44.21 25.06 -1.72
C ARG G 791 -44.43 23.92 -2.70
N ILE G 792 -43.48 23.00 -2.81
CA ILE G 792 -43.61 21.89 -3.75
C ILE G 792 -44.80 21.02 -3.39
N TYR G 793 -45.00 20.75 -2.10
CA TYR G 793 -46.09 19.91 -1.62
C TYR G 793 -47.26 20.72 -1.07
N ARG G 794 -47.41 21.97 -1.51
CA ARG G 794 -48.54 22.78 -1.10
C ARG G 794 -49.84 22.17 -1.60
N PHE G 795 -50.93 22.46 -0.89
CA PHE G 795 -52.26 22.02 -1.27
C PHE G 795 -53.02 23.08 -2.06
N HIS G 796 -52.43 24.24 -2.29
CA HIS G 796 -53.14 25.33 -2.95
C HIS G 796 -53.47 24.98 -4.40
N ASP G 797 -54.55 25.55 -4.89
CA ASP G 797 -54.96 25.33 -6.28
C ASP G 797 -53.94 25.95 -7.22
N VAL G 798 -53.52 25.19 -8.22
CA VAL G 798 -52.57 25.66 -9.22
C VAL G 798 -53.32 26.26 -10.39
N MET H 1 -28.49 -5.87 -50.70
CA MET H 1 -29.77 -5.60 -51.42
C MET H 1 -30.06 -6.67 -52.46
N GLU H 2 -29.08 -7.52 -52.73
CA GLU H 2 -29.25 -8.55 -53.76
C GLU H 2 -30.26 -9.60 -53.34
N ARG H 3 -30.44 -9.83 -52.04
CA ARG H 3 -31.35 -10.86 -51.58
C ARG H 3 -32.81 -10.51 -51.90
N PHE H 4 -33.15 -9.22 -51.96
CA PHE H 4 -34.51 -8.82 -52.23
C PHE H 4 -34.91 -9.01 -53.68
N LEU H 5 -33.95 -9.20 -54.59
CA LEU H 5 -34.25 -9.51 -55.97
C LEU H 5 -34.40 -10.99 -56.23
N LEU H 6 -34.00 -11.85 -55.29
CA LEU H 6 -34.16 -13.28 -55.40
C LEU H 6 -35.19 -13.85 -54.44
N ASN H 7 -35.59 -13.09 -53.43
CA ASN H 7 -36.63 -13.51 -52.49
C ASN H 7 -37.55 -12.32 -52.24
N SER H 8 -38.68 -12.29 -52.93
CA SER H 8 -39.62 -11.18 -52.81
C SER H 8 -40.98 -11.61 -53.33
N THR H 9 -42.00 -11.54 -52.47
CA THR H 9 -43.36 -11.83 -52.90
C THR H 9 -43.85 -10.82 -53.92
N VAL H 10 -43.58 -9.53 -53.69
CA VAL H 10 -44.06 -8.50 -54.60
C VAL H 10 -43.44 -8.67 -55.98
N LEU H 11 -42.11 -8.89 -56.01
CA LEU H 11 -41.42 -9.07 -57.28
C LEU H 11 -41.95 -10.30 -58.01
N LEU H 12 -42.18 -11.39 -57.27
CA LEU H 12 -42.71 -12.59 -57.89
C LEU H 12 -44.08 -12.32 -58.50
N TYR H 13 -44.95 -11.67 -57.75
CA TYR H 13 -46.31 -11.43 -58.23
C TYR H 13 -46.24 -10.62 -59.52
N ARG H 14 -45.48 -9.50 -59.48
CA ARG H 14 -45.36 -8.59 -60.62
C ARG H 14 -44.80 -9.30 -61.85
N LEU H 15 -43.69 -10.01 -61.70
CA LEU H 15 -43.06 -10.69 -62.82
C LEU H 15 -43.91 -11.81 -63.37
N SER H 16 -44.67 -12.52 -62.52
CA SER H 16 -45.50 -13.62 -62.97
C SER H 16 -46.83 -13.17 -63.55
N THR H 17 -47.22 -11.90 -63.33
CA THR H 17 -48.47 -11.43 -63.89
C THR H 17 -48.33 -10.62 -65.18
N VAL H 18 -47.23 -9.91 -65.38
CA VAL H 18 -47.11 -9.11 -66.60
C VAL H 18 -46.59 -9.98 -67.73
N SER H 19 -46.87 -9.54 -68.96
CA SER H 19 -46.53 -10.30 -70.14
C SER H 19 -45.01 -10.41 -70.30
N LEU H 20 -44.58 -11.42 -71.03
CA LEU H 20 -43.17 -11.69 -71.24
C LEU H 20 -42.53 -10.75 -72.25
N ASP H 21 -43.31 -9.92 -72.95
CA ASP H 21 -42.78 -8.96 -73.91
C ASP H 21 -42.95 -7.52 -73.44
N GLU H 22 -43.12 -7.32 -72.13
CA GLU H 22 -43.32 -5.96 -71.61
C GLU H 22 -42.05 -5.13 -71.74
N VAL H 23 -40.91 -5.67 -71.32
CA VAL H 23 -39.63 -4.96 -71.39
C VAL H 23 -39.67 -3.75 -70.47
N SER H 24 -38.49 -3.29 -70.03
CA SER H 24 -38.32 -2.06 -69.26
C SER H 24 -39.07 -2.13 -67.92
N LEU H 25 -38.61 -3.02 -67.05
CA LEU H 25 -39.25 -3.24 -65.76
C LEU H 25 -38.40 -2.76 -64.58
N ASP H 26 -37.43 -1.88 -64.85
CA ASP H 26 -36.50 -1.44 -63.81
C ASP H 26 -37.22 -0.68 -62.71
N GLU H 27 -38.11 0.26 -63.08
CA GLU H 27 -38.83 1.03 -62.09
C GLU H 27 -39.49 0.11 -61.10
N ARG H 28 -40.04 -1.00 -61.62
CA ARG H 28 -40.94 -1.82 -60.83
C ARG H 28 -40.16 -2.81 -60.00
N VAL H 29 -39.08 -3.32 -60.56
CA VAL H 29 -38.16 -4.14 -59.78
C VAL H 29 -37.64 -3.33 -58.58
N GLU H 30 -37.36 -2.04 -58.81
CA GLU H 30 -36.88 -1.18 -57.75
C GLU H 30 -37.95 -0.97 -56.67
N SER H 31 -39.17 -0.61 -57.08
CA SER H 31 -40.24 -0.39 -56.12
C SER H 31 -40.53 -1.66 -55.31
N SER H 32 -40.62 -2.80 -55.99
CA SER H 32 -40.84 -4.06 -55.30
C SER H 32 -39.70 -4.39 -54.36
N VAL H 33 -38.48 -4.04 -54.72
CA VAL H 33 -37.34 -4.26 -53.83
C VAL H 33 -37.51 -3.46 -52.55
N PHE H 34 -37.93 -2.20 -52.67
CA PHE H 34 -38.11 -1.40 -51.46
C PHE H 34 -39.25 -1.94 -50.59
N LEU H 35 -40.34 -2.39 -51.22
CA LEU H 35 -41.41 -3.02 -50.45
C LEU H 35 -40.93 -4.29 -49.75
N ALA H 36 -40.17 -5.12 -50.46
CA ALA H 36 -39.66 -6.34 -49.84
C ALA H 36 -38.74 -6.01 -48.66
N GLN H 37 -37.89 -5.00 -48.82
CA GLN H 37 -36.99 -4.63 -47.73
C GLN H 37 -37.76 -4.07 -46.53
N TYR H 38 -38.80 -3.27 -46.79
CA TYR H 38 -39.63 -2.78 -45.68
C TYR H 38 -40.31 -3.93 -44.97
N GLU H 39 -40.81 -4.91 -45.72
CA GLU H 39 -41.50 -6.05 -45.13
C GLU H 39 -40.54 -6.95 -44.34
N GLN H 40 -39.33 -7.18 -44.85
CA GLN H 40 -38.42 -8.14 -44.26
C GLN H 40 -37.47 -7.51 -43.25
N ALA H 41 -36.66 -6.54 -43.67
CA ALA H 41 -35.71 -5.85 -42.80
C ALA H 41 -36.20 -4.41 -42.66
N ARG H 42 -37.10 -4.20 -41.70
CA ARG H 42 -37.74 -2.90 -41.53
C ARG H 42 -36.80 -1.83 -41.00
N SER H 43 -35.73 -2.21 -40.29
CA SER H 43 -34.93 -1.25 -39.56
C SER H 43 -33.95 -0.49 -40.45
N LEU H 44 -33.87 -0.80 -41.75
CA LEU H 44 -33.02 -0.01 -42.64
C LEU H 44 -33.58 1.41 -42.73
N PRO H 45 -32.76 2.45 -42.51
CA PRO H 45 -33.34 3.79 -42.36
C PRO H 45 -33.74 4.47 -43.65
N ASP H 46 -34.37 3.73 -44.57
CA ASP H 46 -35.12 4.31 -45.68
C ASP H 46 -34.25 5.07 -46.70
N HIS H 47 -32.95 5.21 -46.43
CA HIS H 47 -32.07 5.87 -47.39
C HIS H 47 -30.82 5.03 -47.63
N VAL H 48 -30.43 4.23 -46.64
CA VAL H 48 -29.41 3.22 -46.87
C VAL H 48 -29.88 2.28 -47.97
N ALA H 49 -31.17 1.96 -48.00
CA ALA H 49 -31.74 1.12 -49.05
C ALA H 49 -31.66 1.81 -50.40
N LYS H 50 -32.06 3.09 -50.47
CA LYS H 50 -31.94 3.84 -51.73
C LYS H 50 -30.51 3.79 -52.23
N SER H 51 -29.54 4.07 -51.35
CA SER H 51 -28.14 4.13 -51.77
C SER H 51 -27.63 2.75 -52.22
N ALA H 52 -28.01 1.69 -51.50
CA ALA H 52 -27.59 0.36 -51.89
C ALA H 52 -28.13 -0.02 -53.26
N TRP H 53 -29.41 0.30 -53.51
CA TRP H 53 -29.97 0.04 -54.82
C TRP H 53 -29.27 0.84 -55.91
N SER H 54 -28.96 2.10 -55.62
CA SER H 54 -28.22 2.91 -56.59
C SER H 54 -26.86 2.31 -56.91
N TYR H 55 -26.15 1.85 -55.89
CA TYR H 55 -24.87 1.20 -56.13
C TYR H 55 -25.03 -0.08 -56.95
N LEU H 56 -26.09 -0.83 -56.68
CA LEU H 56 -26.33 -2.06 -57.43
C LEU H 56 -26.55 -1.77 -58.92
N VAL H 57 -27.42 -0.80 -59.22
CA VAL H 57 -27.63 -0.43 -60.63
C VAL H 57 -26.34 0.08 -61.24
N GLN H 58 -25.55 0.85 -60.46
CA GLN H 58 -24.30 1.37 -60.98
C GLN H 58 -23.35 0.24 -61.35
N GLN H 59 -23.23 -0.77 -60.49
CA GLN H 59 -22.37 -1.91 -60.80
C GLN H 59 -22.86 -2.64 -62.05
N ILE H 60 -24.16 -2.90 -62.13
CA ILE H 60 -24.71 -3.63 -63.28
C ILE H 60 -24.42 -2.86 -64.56
N LYS H 61 -24.72 -1.56 -64.57
CA LYS H 61 -24.52 -0.75 -65.77
C LYS H 61 -23.04 -0.66 -66.14
N GLN H 62 -22.16 -0.46 -65.17
CA GLN H 62 -20.73 -0.38 -65.48
C GLN H 62 -20.21 -1.70 -66.06
N ARG H 63 -20.66 -2.82 -65.52
CA ARG H 63 -20.23 -4.12 -66.03
C ARG H 63 -21.08 -4.60 -67.19
N ASN H 64 -21.95 -3.73 -67.71
CA ASN H 64 -22.60 -3.96 -69.00
C ASN H 64 -23.56 -5.14 -68.93
N MET H 65 -24.22 -5.26 -67.79
CA MET H 65 -25.18 -6.31 -67.53
C MET H 65 -26.58 -5.70 -67.45
N LYS H 66 -27.57 -6.56 -67.54
CA LYS H 66 -28.97 -6.17 -67.41
C LYS H 66 -29.48 -6.61 -66.04
N LEU H 67 -30.35 -5.78 -65.45
CA LEU H 67 -30.95 -6.13 -64.17
C LEU H 67 -31.68 -7.46 -64.30
N GLY H 68 -31.17 -8.49 -63.65
CA GLY H 68 -31.74 -9.81 -63.76
C GLY H 68 -31.02 -10.86 -62.94
N PRO H 69 -31.56 -12.08 -62.95
CA PRO H 69 -30.98 -13.14 -62.11
C PRO H 69 -29.52 -13.41 -62.42
N VAL H 70 -29.13 -13.36 -63.68
CA VAL H 70 -27.74 -13.64 -64.03
C VAL H 70 -26.81 -12.63 -63.38
N ALA H 71 -27.14 -11.34 -63.52
CA ALA H 71 -26.29 -10.30 -62.94
C ALA H 71 -26.27 -10.39 -61.41
N ILE H 72 -27.43 -10.63 -60.79
CA ILE H 72 -27.47 -10.70 -59.33
C ILE H 72 -26.64 -11.88 -58.83
N LEU H 73 -26.79 -13.04 -59.48
CA LEU H 73 -26.03 -14.22 -59.08
C LEU H 73 -24.53 -13.99 -59.28
N ARG H 74 -24.15 -13.35 -60.39
CA ARG H 74 -22.74 -13.06 -60.61
C ARG H 74 -22.19 -12.16 -59.51
N LEU H 75 -22.93 -11.11 -59.16
CA LEU H 75 -22.46 -10.22 -58.11
C LEU H 75 -22.29 -10.95 -56.78
N ILE H 76 -23.30 -11.76 -56.41
CA ILE H 76 -23.21 -12.50 -55.15
C ILE H 76 -22.02 -13.44 -55.17
N ALA H 77 -21.83 -14.16 -56.28
CA ALA H 77 -20.75 -15.14 -56.36
C ALA H 77 -19.38 -14.46 -56.28
N GLU H 78 -19.18 -13.37 -57.01
CA GLU H 78 -17.91 -12.65 -56.88
C GLU H 78 -17.71 -12.11 -55.47
N LYS H 79 -18.78 -11.73 -54.79
CA LYS H 79 -18.64 -11.14 -53.47
C LYS H 79 -18.38 -12.17 -52.38
N PHE H 80 -18.88 -13.40 -52.52
CA PHE H 80 -18.80 -14.40 -51.46
C PHE H 80 -17.86 -15.54 -51.79
N ILE H 81 -17.97 -16.13 -52.98
CA ILE H 81 -17.28 -17.37 -53.30
C ILE H 81 -15.97 -17.06 -54.02
N LYS H 82 -14.96 -17.86 -53.71
CA LYS H 82 -13.71 -18.00 -54.45
C LYS H 82 -13.35 -19.44 -54.78
N ASN H 83 -12.11 -19.57 -55.21
CA ASN H 83 -11.42 -20.86 -55.28
C ASN H 83 -10.24 -20.84 -54.32
N GLU H 84 -10.19 -21.80 -53.40
CA GLU H 84 -8.99 -21.96 -52.60
C GLU H 84 -8.73 -23.44 -52.32
N LYS H 85 -7.51 -23.88 -52.62
CA LYS H 85 -7.04 -25.22 -52.30
C LYS H 85 -7.84 -26.28 -53.07
N GLY H 86 -9.02 -26.61 -52.57
CA GLY H 86 -9.95 -27.56 -53.16
C GLY H 86 -11.35 -27.00 -53.24
N GLY H 87 -11.85 -26.80 -54.46
CA GLY H 87 -13.21 -26.38 -54.67
C GLY H 87 -13.49 -24.99 -54.14
N PRO H 88 -14.68 -24.47 -54.44
CA PRO H 88 -15.04 -23.13 -53.98
C PRO H 88 -15.27 -23.08 -52.47
N LYS H 89 -14.87 -21.96 -51.87
CA LYS H 89 -15.06 -21.72 -50.45
C LYS H 89 -15.51 -20.29 -50.22
N ILE H 90 -16.01 -20.03 -49.02
CA ILE H 90 -16.50 -18.72 -48.62
C ILE H 90 -15.43 -18.02 -47.81
N ASP H 91 -15.34 -16.69 -47.95
CA ASP H 91 -14.47 -15.89 -47.10
C ASP H 91 -14.77 -16.15 -45.62
N LEU H 92 -13.70 -16.24 -44.84
CA LEU H 92 -13.84 -16.23 -43.39
C LEU H 92 -14.51 -14.95 -42.90
N PRO H 93 -14.09 -13.76 -43.31
CA PRO H 93 -14.82 -12.54 -42.90
C PRO H 93 -16.24 -12.46 -43.44
N MET H 94 -16.55 -13.19 -44.50
CA MET H 94 -17.85 -13.10 -45.16
C MET H 94 -18.79 -14.24 -44.81
N PHE H 95 -18.35 -15.22 -44.01
CA PHE H 95 -19.17 -16.40 -43.76
C PHE H 95 -20.44 -16.05 -42.99
N SER H 96 -20.37 -15.13 -42.03
CA SER H 96 -21.56 -14.75 -41.29
C SER H 96 -22.61 -14.15 -42.22
N GLU H 97 -22.19 -13.22 -43.09
CA GLU H 97 -23.11 -12.65 -44.06
C GLU H 97 -23.64 -13.71 -45.01
N TRP H 98 -22.80 -14.67 -45.38
CA TRP H 98 -23.25 -15.75 -46.25
C TRP H 98 -24.33 -16.58 -45.57
N GLN H 99 -24.16 -16.86 -44.28
CA GLN H 99 -25.20 -17.60 -43.55
C GLN H 99 -26.50 -16.82 -43.51
N THR H 100 -26.42 -15.52 -43.20
CA THR H 100 -27.63 -14.70 -43.20
C THR H 100 -28.29 -14.72 -44.57
N LEU H 101 -27.49 -14.69 -45.64
CA LEU H 101 -28.04 -14.78 -46.99
C LEU H 101 -28.70 -16.13 -47.23
N MET H 102 -28.06 -17.21 -46.78
CA MET H 102 -28.62 -18.55 -46.95
C MET H 102 -29.97 -18.68 -46.26
N SER H 103 -30.24 -17.84 -45.26
CA SER H 103 -31.58 -17.84 -44.67
C SER H 103 -32.65 -17.34 -45.63
N ARG H 104 -32.28 -16.76 -46.77
CA ARG H 104 -33.24 -16.22 -47.72
C ARG H 104 -33.09 -16.79 -49.13
N VAL H 105 -31.87 -17.12 -49.55
CA VAL H 105 -31.58 -17.49 -50.94
C VAL H 105 -30.95 -18.88 -50.95
N SER H 106 -31.23 -19.62 -52.03
CA SER H 106 -30.63 -20.93 -52.22
C SER H 106 -29.23 -20.80 -52.80
N CYS H 107 -28.34 -21.71 -52.40
CA CYS H 107 -26.93 -21.61 -52.74
C CYS H 107 -26.60 -22.21 -54.11
N LEU H 108 -27.44 -23.09 -54.63
CA LEU H 108 -27.10 -23.80 -55.87
C LEU H 108 -26.97 -22.86 -57.06
N PRO H 109 -27.89 -21.92 -57.30
CA PRO H 109 -27.68 -20.98 -58.41
C PRO H 109 -26.40 -20.18 -58.28
N ILE H 110 -26.06 -19.76 -57.06
CA ILE H 110 -24.85 -18.96 -56.85
C ILE H 110 -23.61 -19.79 -57.13
N ILE H 111 -23.61 -21.05 -56.70
CA ILE H 111 -22.46 -21.91 -56.97
C ILE H 111 -22.34 -22.20 -58.45
N ALA H 112 -23.48 -22.37 -59.14
CA ALA H 112 -23.42 -22.56 -60.59
C ALA H 112 -22.84 -21.33 -61.27
N CYS H 113 -23.26 -20.14 -60.83
CA CYS H 113 -22.72 -18.91 -61.41
C CYS H 113 -21.22 -18.80 -61.15
N HIS H 114 -20.78 -19.17 -59.95
CA HIS H 114 -19.35 -19.14 -59.65
C HIS H 114 -18.60 -20.12 -60.54
N GLN H 115 -19.12 -21.33 -60.71
CA GLN H 115 -18.44 -22.31 -61.55
C GLN H 115 -18.39 -21.86 -63.00
N VAL H 116 -19.37 -21.08 -63.44
CA VAL H 116 -19.38 -20.64 -64.83
C VAL H 116 -18.43 -19.46 -65.03
N PHE H 117 -18.53 -18.43 -64.19
CA PHE H 117 -17.86 -17.16 -64.43
C PHE H 117 -16.54 -17.03 -63.68
N ASN H 118 -16.17 -17.98 -62.84
CA ASN H 118 -14.91 -17.95 -62.11
C ASN H 118 -14.53 -19.36 -61.69
N PRO H 119 -14.38 -20.28 -62.64
CA PRO H 119 -14.05 -21.66 -62.27
C PRO H 119 -12.65 -21.77 -61.69
N GLY H 120 -12.46 -22.80 -60.88
CA GLY H 120 -11.16 -23.10 -60.33
C GLY H 120 -10.27 -23.77 -61.36
N PRO H 121 -9.14 -24.30 -60.92
CA PRO H 121 -8.25 -24.98 -61.86
C PRO H 121 -8.98 -26.11 -62.59
N ALA H 122 -8.68 -26.24 -63.89
CA ALA H 122 -9.32 -27.25 -64.70
C ALA H 122 -8.65 -28.60 -64.54
N SER H 123 -8.46 -29.03 -63.29
CA SER H 123 -7.95 -30.36 -62.99
C SER H 123 -8.72 -31.05 -61.89
N GLN H 124 -9.49 -30.30 -61.09
CA GLN H 124 -10.32 -30.86 -60.02
C GLN H 124 -11.74 -30.86 -60.53
N GLU H 125 -12.20 -32.00 -61.05
CA GLU H 125 -13.56 -32.10 -61.57
C GLU H 125 -14.54 -31.79 -60.45
N TYR H 126 -15.21 -30.65 -60.57
CA TYR H 126 -16.08 -30.19 -59.49
C TYR H 126 -17.43 -30.91 -59.55
N SER H 127 -17.75 -31.62 -58.48
CA SER H 127 -19.07 -32.20 -58.28
C SER H 127 -19.80 -31.37 -57.23
N PHE H 128 -21.01 -30.94 -57.57
CA PHE H 128 -21.73 -30.01 -56.69
C PHE H 128 -21.84 -30.55 -55.28
N ARG H 129 -21.56 -29.70 -54.28
CA ARG H 129 -21.68 -30.14 -52.89
C ARG H 129 -22.22 -28.99 -52.08
N TRP H 130 -23.20 -29.28 -51.26
CA TRP H 130 -23.71 -28.28 -50.36
C TRP H 130 -23.38 -28.67 -48.93
N PRO H 131 -23.26 -27.70 -48.02
CA PRO H 131 -23.18 -26.26 -48.30
C PRO H 131 -21.75 -25.84 -48.55
N LEU H 132 -21.54 -24.57 -48.87
CA LEU H 132 -20.20 -24.05 -49.02
C LEU H 132 -19.65 -23.67 -47.66
N TYR H 133 -18.43 -24.12 -47.37
CA TYR H 133 -17.75 -23.82 -46.12
C TYR H 133 -16.62 -22.83 -46.35
N PRO H 134 -16.18 -22.15 -45.31
CA PRO H 134 -14.89 -21.45 -45.36
C PRO H 134 -13.75 -22.46 -45.23
N TYR H 135 -12.53 -21.96 -45.31
CA TYR H 135 -11.35 -22.79 -45.13
C TYR H 135 -10.48 -22.21 -44.03
N HIS H 136 -10.08 -23.08 -43.10
CA HIS H 136 -9.04 -22.76 -42.14
C HIS H 136 -8.27 -24.04 -41.82
N PRO H 137 -6.94 -24.04 -42.00
CA PRO H 137 -6.20 -25.30 -41.80
C PRO H 137 -6.37 -25.89 -40.42
N THR H 138 -6.46 -25.07 -39.37
CA THR H 138 -6.64 -25.61 -38.02
C THR H 138 -7.96 -26.37 -37.92
N VAL H 139 -9.04 -25.78 -38.43
CA VAL H 139 -10.34 -26.43 -38.36
C VAL H 139 -10.35 -27.71 -39.20
N GLU H 140 -9.76 -27.65 -40.40
CA GLU H 140 -9.74 -28.84 -41.25
C GLU H 140 -8.93 -29.96 -40.61
N ASP H 141 -7.79 -29.63 -40.00
CA ASP H 141 -6.99 -30.64 -39.33
C ASP H 141 -7.76 -31.24 -38.15
N TYR H 142 -8.43 -30.40 -37.37
CA TYR H 142 -9.21 -30.91 -36.24
C TYR H 142 -10.31 -31.84 -36.72
N ILE H 143 -11.01 -31.46 -37.80
CA ILE H 143 -12.07 -32.32 -38.31
C ILE H 143 -11.51 -33.64 -38.82
N THR H 144 -10.39 -33.59 -39.53
CA THR H 144 -9.76 -34.81 -40.02
C THR H 144 -9.34 -35.73 -38.88
N ARG H 145 -8.84 -35.16 -37.79
CA ARG H 145 -8.32 -35.97 -36.69
C ARG H 145 -9.42 -36.52 -35.80
N GLU H 146 -10.39 -35.67 -35.42
CA GLU H 146 -11.39 -36.02 -34.43
C GLU H 146 -12.78 -36.21 -35.02
N CYS H 147 -13.04 -35.68 -36.21
CA CYS H 147 -14.36 -35.77 -36.84
C CYS H 147 -15.40 -34.99 -36.03
N LEU H 148 -16.57 -34.79 -36.61
CA LEU H 148 -17.64 -34.04 -35.98
C LEU H 148 -18.73 -35.00 -35.50
N HIS H 149 -19.43 -34.59 -34.45
CA HIS H 149 -20.43 -35.43 -33.78
C HIS H 149 -21.77 -34.73 -33.78
N GLU H 150 -22.80 -35.41 -34.29
CA GLU H 150 -24.13 -34.85 -34.43
C GLU H 150 -25.04 -35.43 -33.36
N THR H 151 -25.61 -34.54 -32.54
CA THR H 151 -26.51 -34.92 -31.46
C THR H 151 -27.91 -34.32 -31.59
N HIS H 152 -28.16 -33.48 -32.60
CA HIS H 152 -29.45 -32.80 -32.72
C HIS H 152 -29.75 -32.60 -34.20
N GLN H 153 -30.54 -33.53 -34.78
CA GLN H 153 -30.93 -33.43 -36.20
C GLN H 153 -32.36 -33.91 -36.36
N HIS H 154 -33.33 -33.01 -36.22
CA HIS H 154 -34.77 -33.25 -36.24
C HIS H 154 -35.60 -32.14 -36.87
N LEU H 155 -35.04 -31.32 -37.79
CA LEU H 155 -35.74 -30.10 -38.20
C LEU H 155 -36.70 -30.29 -39.39
N ASN H 156 -36.22 -30.66 -40.57
CA ASN H 156 -37.14 -30.79 -41.72
C ASN H 156 -36.88 -32.27 -41.96
N GLY H 157 -37.63 -33.16 -41.35
CA GLY H 157 -37.18 -34.54 -41.31
C GLY H 157 -35.77 -34.59 -40.74
N SER H 158 -34.79 -34.91 -41.60
CA SER H 158 -33.40 -34.68 -41.23
C SER H 158 -32.59 -34.12 -42.40
N THR H 159 -33.25 -33.71 -43.48
CA THR H 159 -32.59 -33.22 -44.68
C THR H 159 -32.69 -31.69 -44.73
N SER H 160 -31.78 -31.10 -45.49
CA SER H 160 -31.84 -29.66 -45.70
C SER H 160 -33.09 -29.31 -46.52
N ALA H 161 -33.53 -28.06 -46.37
CA ALA H 161 -34.76 -27.63 -47.01
C ALA H 161 -34.60 -27.54 -48.52
N GLU H 162 -33.36 -27.58 -49.00
CA GLU H 162 -33.08 -27.36 -50.41
C GLU H 162 -33.39 -28.58 -51.27
N GLU H 163 -33.21 -29.80 -50.76
CA GLU H 163 -33.66 -30.99 -51.49
C GLU H 163 -35.16 -31.15 -51.44
N CYS H 164 -35.82 -30.52 -50.45
CA CYS H 164 -37.28 -30.56 -50.40
C CYS H 164 -37.90 -29.83 -51.57
N TRP H 165 -37.25 -28.80 -52.10
CA TRP H 165 -37.76 -28.13 -53.30
C TRP H 165 -37.85 -29.11 -54.47
N LEU H 166 -36.76 -29.85 -54.73
CA LEU H 166 -36.77 -30.82 -55.81
C LEU H 166 -37.71 -31.99 -55.50
N ASP H 167 -37.83 -32.36 -54.23
CA ASP H 167 -38.79 -33.40 -53.87
C ASP H 167 -40.22 -32.95 -54.17
N ALA H 168 -40.53 -31.68 -53.90
CA ALA H 168 -41.84 -31.15 -54.25
C ALA H 168 -42.06 -31.15 -55.76
N LEU H 169 -41.04 -30.75 -56.52
CA LEU H 169 -41.16 -30.78 -57.97
C LEU H 169 -41.33 -32.22 -58.48
N LYS H 170 -40.73 -33.18 -57.78
CA LYS H 170 -40.89 -34.59 -58.14
C LYS H 170 -42.28 -35.10 -57.81
N HIS H 171 -42.84 -34.66 -56.69
CA HIS H 171 -44.15 -35.08 -56.21
C HIS H 171 -44.97 -33.83 -55.97
N PRO H 172 -45.27 -33.07 -57.04
CA PRO H 172 -46.06 -31.85 -56.88
C PRO H 172 -47.41 -32.12 -56.24
N GLU H 173 -48.01 -33.26 -56.56
CA GLU H 173 -49.34 -33.57 -56.04
C GLU H 173 -49.27 -34.10 -54.61
N ALA H 174 -48.16 -34.72 -54.20
CA ALA H 174 -47.96 -35.00 -52.78
C ALA H 174 -47.78 -33.72 -51.98
N CYS H 175 -46.96 -32.79 -52.48
CA CYS H 175 -46.77 -31.52 -51.79
C CYS H 175 -48.06 -30.73 -51.72
N LEU H 176 -48.81 -30.71 -52.82
CA LEU H 176 -50.12 -30.04 -52.81
C LEU H 176 -51.06 -30.69 -51.82
N ARG H 177 -51.08 -32.03 -51.79
CA ARG H 177 -51.89 -32.74 -50.79
C ARG H 177 -51.52 -32.33 -49.36
N ASP H 178 -50.23 -32.28 -49.04
CA ASP H 178 -49.85 -31.86 -47.69
C ASP H 178 -50.28 -30.43 -47.42
N PHE H 179 -50.01 -29.52 -48.36
CA PHE H 179 -50.35 -28.11 -48.17
C PHE H 179 -51.84 -27.96 -47.88
N GLU H 180 -52.69 -28.63 -48.66
CA GLU H 180 -54.12 -28.53 -48.41
C GLU H 180 -54.48 -29.12 -47.06
N LYS H 181 -53.99 -30.33 -46.77
CA LYS H 181 -54.22 -30.95 -45.46
C LYS H 181 -53.22 -30.35 -44.48
N GLY H 182 -53.59 -29.19 -43.97
CA GLY H 182 -52.76 -28.40 -43.09
C GLY H 182 -53.00 -26.92 -43.31
N TRP H 183 -53.53 -26.58 -44.49
CA TRP H 183 -54.04 -25.23 -44.73
C TRP H 183 -55.40 -25.01 -44.07
N ALA H 184 -56.15 -26.07 -43.81
CA ALA H 184 -57.33 -25.95 -42.98
C ALA H 184 -56.97 -25.58 -41.56
N SER H 185 -55.71 -25.79 -41.17
CA SER H 185 -55.25 -25.42 -39.85
C SER H 185 -54.97 -23.94 -39.79
N GLN H 186 -55.44 -23.36 -38.68
CA GLN H 186 -55.24 -21.94 -38.46
C GLN H 186 -53.80 -21.53 -38.40
N GLU H 187 -52.99 -22.32 -37.69
CA GLU H 187 -51.62 -21.94 -37.49
C GLU H 187 -51.04 -21.59 -38.82
N MET H 188 -51.33 -22.49 -39.77
CA MET H 188 -50.83 -22.49 -41.14
C MET H 188 -51.43 -21.35 -41.94
N LYS H 189 -52.74 -21.11 -41.82
CA LYS H 189 -53.29 -19.95 -42.52
C LYS H 189 -52.57 -18.68 -42.12
N GLN H 190 -52.33 -18.51 -40.81
CA GLN H 190 -51.62 -17.35 -40.32
C GLN H 190 -50.21 -17.27 -40.90
N LEU H 191 -49.50 -18.40 -40.90
CA LEU H 191 -48.15 -18.41 -41.45
C LEU H 191 -48.14 -18.06 -42.93
N CYS H 192 -49.07 -18.63 -43.70
CA CYS H 192 -49.13 -18.34 -45.13
C CYS H 192 -49.45 -16.88 -45.37
N ALA H 193 -50.36 -16.31 -44.60
CA ALA H 193 -50.65 -14.89 -44.74
C ALA H 193 -49.44 -14.04 -44.39
N GLN H 194 -48.68 -14.44 -43.38
CA GLN H 194 -47.53 -13.65 -42.95
C GLN H 194 -46.39 -13.71 -43.96
N ILE H 195 -46.27 -14.82 -44.69
CA ILE H 195 -45.24 -14.90 -45.72
C ILE H 195 -45.74 -14.30 -47.03
N ASP H 196 -46.77 -14.89 -47.62
CA ASP H 196 -47.40 -14.38 -48.84
C ASP H 196 -48.89 -14.22 -48.57
N PRO H 197 -49.39 -12.98 -48.44
CA PRO H 197 -50.81 -12.82 -48.08
C PRO H 197 -51.77 -13.63 -48.94
N SER H 198 -51.70 -13.48 -50.26
CA SER H 198 -52.63 -14.15 -51.17
C SER H 198 -51.98 -15.42 -51.76
N LEU H 199 -51.67 -16.36 -50.87
CA LEU H 199 -51.03 -17.61 -51.31
C LEU H 199 -52.06 -18.64 -51.78
N THR H 200 -52.89 -19.13 -50.87
CA THR H 200 -53.91 -20.14 -51.14
C THR H 200 -53.33 -21.41 -51.76
N PRO H 201 -53.99 -22.55 -51.55
CA PRO H 201 -53.52 -23.80 -52.19
C PRO H 201 -53.51 -23.73 -53.70
N ARG H 202 -54.42 -22.98 -54.31
CA ARG H 202 -54.49 -22.96 -55.77
C ARG H 202 -53.28 -22.25 -56.38
N ILE H 203 -52.92 -21.08 -55.85
CA ILE H 203 -51.70 -20.45 -56.36
C ILE H 203 -50.47 -21.23 -55.93
N PHE H 204 -50.53 -21.93 -54.79
CA PHE H 204 -49.43 -22.85 -54.47
C PHE H 204 -49.22 -23.86 -55.59
N LYS H 205 -50.30 -24.51 -56.01
CA LYS H 205 -50.23 -25.49 -57.09
C LYS H 205 -49.75 -24.84 -58.40
N ASP H 206 -50.31 -23.66 -58.72
CA ASP H 206 -49.93 -22.98 -59.94
C ASP H 206 -48.45 -22.62 -59.94
N ARG H 207 -47.93 -22.19 -58.79
CA ARG H 207 -46.52 -21.84 -58.69
C ARG H 207 -45.63 -23.07 -58.86
N LEU H 208 -46.02 -24.20 -58.26
CA LEU H 208 -45.25 -25.42 -58.46
C LEU H 208 -45.23 -25.82 -59.93
N GLN H 209 -46.38 -25.75 -60.59
CA GLN H 209 -46.44 -26.10 -62.01
C GLN H 209 -45.63 -25.14 -62.86
N ILE H 210 -45.68 -23.85 -62.53
CA ILE H 210 -44.89 -22.86 -63.26
C ILE H 210 -43.41 -23.15 -63.10
N ALA H 211 -42.98 -23.50 -61.89
CA ALA H 211 -41.58 -23.83 -61.68
C ALA H 211 -41.17 -25.04 -62.51
N CYS H 212 -42.00 -26.08 -62.53
CA CYS H 212 -41.68 -27.27 -63.32
C CYS H 212 -41.57 -26.93 -64.81
N ASN H 213 -42.54 -26.17 -65.33
CA ASN H 213 -42.54 -25.84 -66.75
C ASN H 213 -41.35 -24.95 -67.11
N ILE H 214 -41.03 -23.98 -66.25
CA ILE H 214 -39.87 -23.13 -66.49
C ILE H 214 -38.60 -23.96 -66.48
N ARG H 215 -38.51 -24.92 -65.58
CA ARG H 215 -37.34 -25.80 -65.54
C ARG H 215 -37.19 -26.56 -66.84
N GLU H 216 -38.30 -27.11 -67.36
CA GLU H 216 -38.23 -27.82 -68.62
C GLU H 216 -37.78 -26.90 -69.77
N ILE H 217 -38.39 -25.72 -69.87
CA ILE H 217 -38.06 -24.80 -70.95
C ILE H 217 -36.59 -24.39 -70.87
N LEU H 218 -36.13 -24.03 -69.67
CA LEU H 218 -34.76 -23.59 -69.52
C LEU H 218 -33.76 -24.73 -69.69
N CYS H 219 -34.17 -25.97 -69.41
CA CYS H 219 -33.33 -27.10 -69.76
C CYS H 219 -33.16 -27.21 -71.28
N ARG H 220 -34.24 -26.96 -72.02
CA ARG H 220 -34.13 -26.97 -73.48
C ARG H 220 -33.07 -25.98 -73.94
N VAL H 221 -33.08 -24.77 -73.41
CA VAL H 221 -32.09 -23.80 -73.89
C VAL H 221 -30.71 -24.09 -73.29
N ALA H 222 -30.63 -24.70 -72.11
CA ALA H 222 -29.34 -25.09 -71.57
C ALA H 222 -28.66 -26.12 -72.46
N GLN H 223 -29.43 -27.09 -72.96
CA GLN H 223 -28.91 -28.03 -73.95
C GLN H 223 -28.82 -27.43 -75.34
N GLY H 224 -29.45 -26.30 -75.59
CA GLY H 224 -29.46 -25.72 -76.91
C GLY H 224 -30.19 -26.58 -77.91
N VAL H 225 -31.48 -26.86 -77.67
CA VAL H 225 -32.28 -27.71 -78.55
C VAL H 225 -33.46 -26.90 -79.08
N GLU H 226 -33.22 -26.16 -80.16
CA GLU H 226 -34.21 -25.81 -81.18
C GLU H 226 -35.44 -25.02 -80.71
N LEU H 227 -35.53 -24.65 -79.43
CA LEU H 227 -36.59 -23.73 -78.97
C LEU H 227 -37.94 -24.13 -79.56
N PRO H 228 -38.64 -25.14 -79.03
CA PRO H 228 -39.81 -25.66 -79.75
C PRO H 228 -40.79 -24.56 -80.14
N GLU H 229 -41.59 -24.83 -81.16
CA GLU H 229 -42.37 -23.78 -81.79
C GLU H 229 -43.38 -23.15 -80.85
N TRP H 230 -43.95 -23.95 -79.93
CA TRP H 230 -45.02 -23.43 -79.08
C TRP H 230 -44.54 -22.34 -78.12
N ILE H 231 -43.24 -22.04 -78.09
CA ILE H 231 -42.74 -20.96 -77.25
C ILE H 231 -43.35 -19.63 -77.66
N ALA H 232 -43.64 -19.45 -78.96
CA ALA H 232 -44.22 -18.19 -79.42
C ALA H 232 -45.57 -17.93 -78.78
N SER H 233 -46.40 -18.96 -78.63
CA SER H 233 -47.70 -18.80 -78.00
C SER H 233 -47.57 -18.40 -76.53
N MET H 234 -46.50 -18.83 -75.89
CA MET H 234 -46.25 -18.51 -74.49
C MET H 234 -45.99 -17.01 -74.32
N GLN H 235 -46.98 -16.27 -73.83
CA GLN H 235 -46.83 -14.84 -73.73
C GLN H 235 -46.89 -14.32 -72.31
N ASN H 236 -47.51 -15.06 -71.38
CA ASN H 236 -47.79 -14.57 -70.04
C ASN H 236 -47.47 -15.68 -69.05
N PRO H 237 -46.60 -15.43 -68.06
CA PRO H 237 -46.10 -16.55 -67.23
C PRO H 237 -47.19 -17.41 -66.63
N GLN H 238 -48.39 -16.87 -66.44
CA GLN H 238 -49.49 -17.67 -65.92
C GLN H 238 -49.84 -18.82 -66.85
N GLN H 239 -49.48 -18.72 -68.13
CA GLN H 239 -49.73 -19.83 -69.06
C GLN H 239 -49.00 -21.09 -68.63
N LEU H 240 -47.91 -20.96 -67.88
CA LEU H 240 -47.14 -22.10 -67.42
C LEU H 240 -47.74 -22.77 -66.19
N ALA H 241 -48.82 -22.22 -65.64
CA ALA H 241 -49.48 -22.82 -64.49
C ALA H 241 -50.07 -24.19 -64.81
N ASN H 242 -50.03 -24.63 -66.06
CA ASN H 242 -50.78 -25.80 -66.49
C ASN H 242 -49.83 -26.80 -67.12
N SER H 243 -50.30 -28.04 -67.24
CA SER H 243 -49.45 -29.12 -67.74
C SER H 243 -49.21 -29.05 -69.25
N THR H 244 -50.04 -28.31 -69.99
CA THR H 244 -49.88 -28.22 -71.44
C THR H 244 -50.14 -26.79 -71.88
N ILE H 245 -49.54 -26.44 -73.03
CA ILE H 245 -49.75 -25.14 -73.67
C ILE H 245 -50.48 -25.36 -74.98
N LEU H 246 -51.33 -24.40 -75.33
CA LEU H 246 -52.15 -24.46 -76.54
C LEU H 246 -51.64 -23.41 -77.51
N HIS H 247 -51.03 -23.87 -78.61
CA HIS H 247 -50.47 -22.94 -79.59
C HIS H 247 -51.50 -22.56 -80.64
N ASN H 248 -51.95 -23.53 -81.45
CA ASN H 248 -53.08 -23.32 -82.37
C ASN H 248 -53.85 -24.63 -82.41
N GLY H 249 -54.89 -24.75 -81.60
CA GLY H 249 -55.75 -25.92 -81.62
C GLY H 249 -55.18 -27.11 -80.88
N ARG H 250 -53.86 -27.23 -80.83
CA ARG H 250 -53.18 -28.36 -80.23
C ARG H 250 -52.73 -28.07 -78.81
N GLU H 251 -52.58 -29.12 -78.01
CA GLU H 251 -52.09 -29.01 -76.64
C GLU H 251 -50.72 -29.68 -76.56
N TYR H 252 -49.68 -28.88 -76.40
CA TYR H 252 -48.31 -29.37 -76.35
C TYR H 252 -47.84 -29.47 -74.90
N GLY H 253 -47.16 -30.58 -74.59
CA GLY H 253 -46.58 -30.75 -73.27
C GLY H 253 -45.23 -30.08 -73.15
N PHE H 254 -44.89 -29.69 -71.92
CA PHE H 254 -43.64 -29.01 -71.64
C PHE H 254 -42.47 -29.95 -71.41
N ALA H 255 -42.72 -31.25 -71.26
CA ALA H 255 -41.65 -32.18 -70.94
C ALA H 255 -40.67 -32.32 -72.08
N THR H 256 -39.42 -32.63 -71.73
CA THR H 256 -38.36 -32.86 -72.70
C THR H 256 -37.47 -33.99 -72.18
N VAL H 257 -36.40 -34.27 -72.91
CA VAL H 257 -35.46 -35.32 -72.53
C VAL H 257 -34.38 -34.73 -71.65
N TRP H 258 -33.96 -35.48 -70.64
CA TRP H 258 -32.95 -35.06 -69.69
C TRP H 258 -31.75 -36.00 -69.73
N PRO H 259 -30.52 -35.49 -69.62
CA PRO H 259 -29.36 -36.39 -69.67
C PRO H 259 -29.36 -37.43 -68.55
N ILE H 260 -29.51 -36.98 -67.31
CA ILE H 260 -29.39 -37.87 -66.16
C ILE H 260 -30.71 -38.59 -65.92
N ASP H 261 -30.61 -39.81 -65.40
CA ASP H 261 -31.81 -40.61 -65.16
C ASP H 261 -32.74 -39.91 -64.17
N ASP H 262 -32.19 -39.36 -63.09
CA ASP H 262 -32.97 -38.61 -62.11
C ASP H 262 -32.88 -37.13 -62.49
N LYS H 263 -33.94 -36.62 -63.12
CA LYS H 263 -33.96 -35.24 -63.61
C LYS H 263 -34.26 -34.23 -62.51
N TYR H 264 -34.68 -34.71 -61.34
CA TYR H 264 -35.03 -33.91 -60.17
C TYR H 264 -33.94 -33.93 -59.11
N SER H 265 -32.75 -34.39 -59.48
CA SER H 265 -31.63 -34.46 -58.56
C SER H 265 -30.88 -33.15 -58.56
N GLN H 266 -30.15 -32.89 -57.46
CA GLN H 266 -29.43 -31.64 -57.36
C GLN H 266 -28.25 -31.59 -58.34
N GLU H 267 -27.70 -32.76 -58.69
CA GLU H 267 -26.73 -32.80 -59.78
C GLU H 267 -27.34 -32.35 -61.09
N SER H 268 -28.56 -32.84 -61.40
CA SER H 268 -29.23 -32.43 -62.62
C SER H 268 -29.53 -30.94 -62.61
N GLU H 269 -29.99 -30.43 -61.47
CA GLU H 269 -30.28 -29.00 -61.35
C GLU H 269 -29.01 -28.18 -61.57
N PHE H 270 -27.89 -28.60 -60.96
CA PHE H 270 -26.64 -27.88 -61.13
C PHE H 270 -26.17 -27.93 -62.58
N CYS H 271 -26.28 -29.08 -63.23
CA CYS H 271 -25.86 -29.18 -64.62
C CYS H 271 -26.70 -28.27 -65.50
N TRP H 272 -28.01 -28.27 -65.31
CA TRP H 272 -28.88 -27.42 -66.12
C TRP H 272 -28.56 -25.95 -65.89
N LEU H 273 -28.40 -25.54 -64.63
CA LEU H 273 -28.12 -24.14 -64.35
C LEU H 273 -26.76 -23.71 -64.92
N THR H 274 -25.76 -24.59 -64.80
CA THR H 274 -24.45 -24.28 -65.36
C THR H 274 -24.52 -24.12 -66.86
N GLY H 275 -25.22 -25.02 -67.54
CA GLY H 275 -25.38 -24.88 -68.98
C GLY H 275 -26.11 -23.62 -69.37
N LEU H 276 -27.19 -23.29 -68.64
CA LEU H 276 -27.95 -22.08 -68.94
C LEU H 276 -27.09 -20.84 -68.78
N LEU H 277 -26.34 -20.76 -67.68
CA LEU H 277 -25.50 -19.59 -67.46
C LEU H 277 -24.34 -19.52 -68.45
N GLU H 278 -23.80 -20.67 -68.85
CA GLU H 278 -22.77 -20.69 -69.87
C GLU H 278 -23.31 -20.15 -71.19
N LYS H 279 -24.52 -20.55 -71.56
CA LYS H 279 -25.12 -20.05 -72.79
C LYS H 279 -25.46 -18.56 -72.68
N TRP H 280 -25.85 -18.11 -71.49
CA TRP H 280 -26.18 -16.71 -71.25
C TRP H 280 -25.02 -15.91 -70.68
N ARG H 281 -23.78 -16.39 -70.89
CA ARG H 281 -22.61 -15.74 -70.33
C ARG H 281 -22.57 -14.25 -70.67
N PHE H 282 -22.77 -13.90 -71.93
CA PHE H 282 -22.64 -12.53 -72.41
C PHE H 282 -23.96 -11.76 -72.37
N ASN H 283 -25.06 -12.41 -72.75
CA ASN H 283 -26.39 -11.86 -72.62
C ASN H 283 -27.40 -12.99 -72.47
N ALA H 284 -28.67 -12.63 -72.38
CA ALA H 284 -29.77 -13.58 -72.35
C ALA H 284 -31.02 -12.93 -72.92
N PRO H 285 -31.92 -13.73 -73.53
CA PRO H 285 -33.22 -13.19 -73.92
C PRO H 285 -33.97 -12.68 -72.69
N GLU H 286 -34.68 -11.56 -72.86
CA GLU H 286 -35.36 -10.95 -71.73
C GLU H 286 -36.42 -11.89 -71.16
N GLY H 287 -37.21 -12.52 -72.04
CA GLY H 287 -38.28 -13.39 -71.56
C GLY H 287 -37.77 -14.60 -70.81
N LEU H 288 -36.75 -15.27 -71.36
CA LEU H 288 -36.21 -16.44 -70.69
C LEU H 288 -35.47 -16.09 -69.41
N GLU H 289 -34.79 -14.93 -69.39
CA GLU H 289 -34.17 -14.47 -68.16
C GLU H 289 -35.23 -14.19 -67.09
N ARG H 290 -36.36 -13.62 -67.49
CA ARG H 290 -37.45 -13.41 -66.55
C ARG H 290 -38.04 -14.73 -66.09
N LEU H 291 -38.09 -15.73 -66.96
CA LEU H 291 -38.53 -17.06 -66.53
C LEU H 291 -37.60 -17.63 -65.47
N LEU H 292 -36.29 -17.49 -65.67
CA LEU H 292 -35.33 -17.93 -64.67
C LEU H 292 -35.52 -17.16 -63.37
N TRP H 293 -35.75 -15.85 -63.46
CA TRP H 293 -36.01 -15.04 -62.27
C TRP H 293 -37.23 -15.54 -61.52
N ILE H 294 -38.31 -15.85 -62.25
CA ILE H 294 -39.53 -16.34 -61.62
C ILE H 294 -39.28 -17.69 -60.97
N TYR H 295 -38.52 -18.56 -61.64
CA TYR H 295 -38.20 -19.86 -61.05
C TYR H 295 -37.45 -19.70 -59.74
N LEU H 296 -36.44 -18.82 -59.73
CA LEU H 296 -35.66 -18.60 -58.51
C LEU H 296 -36.54 -18.02 -57.41
N LEU H 297 -37.41 -17.07 -57.75
CA LEU H 297 -38.29 -16.47 -56.76
C LEU H 297 -39.25 -17.50 -56.18
N ILE H 298 -39.82 -18.36 -57.03
CA ILE H 298 -40.73 -19.38 -56.56
C ILE H 298 -40.01 -20.36 -55.64
N GLN H 299 -38.81 -20.78 -56.04
CA GLN H 299 -38.04 -21.70 -55.21
C GLN H 299 -37.76 -21.08 -53.84
N ASN H 300 -37.32 -19.82 -53.83
CA ASN H 300 -36.98 -19.19 -52.56
C ASN H 300 -38.21 -18.99 -51.69
N GLN H 301 -39.35 -18.62 -52.28
CA GLN H 301 -40.58 -18.49 -51.50
C GLN H 301 -40.99 -19.82 -50.91
N TYR H 302 -40.92 -20.89 -51.69
CA TYR H 302 -41.27 -22.21 -51.19
C TYR H 302 -40.36 -22.62 -50.04
N LEU H 303 -39.05 -22.37 -50.19
CA LEU H 303 -38.12 -22.73 -49.13
C LEU H 303 -38.36 -21.91 -47.87
N THR H 304 -38.68 -20.62 -48.02
CA THR H 304 -39.01 -19.79 -46.86
C THR H 304 -40.22 -20.37 -46.13
N LEU H 305 -41.29 -20.66 -46.86
CA LEU H 305 -42.48 -21.25 -46.25
C LEU H 305 -42.14 -22.56 -45.55
N LEU H 306 -41.37 -23.43 -46.21
CA LEU H 306 -41.05 -24.73 -45.65
C LEU H 306 -40.23 -24.60 -44.37
N VAL H 307 -39.21 -23.73 -44.36
CA VAL H 307 -38.38 -23.60 -43.17
C VAL H 307 -39.18 -22.98 -42.02
N GLN H 308 -40.11 -22.08 -42.32
CA GLN H 308 -40.87 -21.45 -41.25
C GLN H 308 -42.02 -22.32 -40.75
N ARG H 309 -42.28 -23.47 -41.38
CA ARG H 309 -43.26 -24.40 -40.84
C ARG H 309 -42.72 -25.04 -39.56
N THR H 322 -46.96 -34.49 -43.38
CA THR H 322 -46.74 -35.82 -42.85
C THR H 322 -46.41 -36.70 -44.02
N MET H 323 -47.12 -36.39 -45.10
CA MET H 323 -47.19 -37.27 -46.26
C MET H 323 -45.91 -37.23 -47.08
N THR H 324 -45.50 -36.04 -47.51
CA THR H 324 -44.20 -35.88 -48.16
C THR H 324 -43.12 -36.47 -47.28
N GLU H 325 -43.29 -36.41 -45.96
CA GLU H 325 -42.35 -37.09 -45.07
C GLU H 325 -42.44 -38.60 -45.19
N LEU H 326 -43.65 -39.14 -45.33
CA LEU H 326 -43.79 -40.57 -45.57
C LEU H 326 -42.98 -40.98 -46.79
N ARG H 327 -42.93 -40.11 -47.78
CA ARG H 327 -42.18 -40.42 -48.99
C ARG H 327 -40.68 -40.48 -48.75
N GLU H 328 -40.22 -40.06 -47.57
CA GLU H 328 -38.84 -40.29 -47.15
C GLU H 328 -38.69 -41.59 -46.37
N GLU H 329 -39.55 -42.57 -46.64
CA GLU H 329 -39.53 -43.88 -45.97
C GLU H 329 -38.95 -44.96 -46.86
N THR H 330 -37.99 -44.60 -47.71
CA THR H 330 -37.24 -45.54 -48.53
C THR H 330 -35.77 -45.48 -48.12
N GLU H 331 -34.99 -46.46 -48.60
CA GLU H 331 -33.56 -46.47 -48.28
C GLU H 331 -32.76 -45.63 -49.28
N LYS H 332 -33.23 -44.43 -49.56
CA LYS H 332 -32.67 -43.38 -50.44
C LYS H 332 -32.37 -42.10 -49.69
N SER H 333 -33.36 -41.54 -49.00
CA SER H 333 -33.14 -40.32 -48.24
C SER H 333 -32.10 -40.57 -47.14
N TYR H 334 -32.18 -41.74 -46.50
CA TYR H 334 -31.21 -42.05 -45.45
C TYR H 334 -29.83 -42.36 -46.03
N LEU H 335 -29.78 -43.02 -47.17
CA LEU H 335 -28.48 -43.25 -47.82
C LEU H 335 -27.83 -41.93 -48.21
N SER H 336 -28.61 -41.00 -48.77
CA SER H 336 -28.08 -39.68 -49.08
C SER H 336 -27.66 -38.95 -47.82
N ARG H 337 -28.45 -39.09 -46.76
CA ARG H 337 -28.10 -38.49 -45.47
C ARG H 337 -26.74 -38.95 -45.00
N PHE H 338 -26.50 -40.26 -45.05
CA PHE H 338 -25.23 -40.79 -44.57
C PHE H 338 -24.08 -40.43 -45.49
N LYS H 339 -24.31 -40.47 -46.82
CA LYS H 339 -23.28 -40.05 -47.76
C LYS H 339 -22.92 -38.59 -47.57
N HIS H 340 -23.90 -37.75 -47.22
CA HIS H 340 -23.66 -36.34 -47.01
C HIS H 340 -22.94 -36.08 -45.69
N ALA H 341 -23.33 -36.79 -44.63
CA ALA H 341 -22.60 -36.70 -43.37
C ALA H 341 -21.14 -37.10 -43.57
N HIS H 342 -20.91 -38.19 -44.29
CA HIS H 342 -19.58 -38.49 -44.80
C HIS H 342 -19.18 -37.41 -45.80
N GLY H 343 -17.93 -36.96 -45.70
CA GLY H 343 -17.44 -35.95 -46.61
C GLY H 343 -17.21 -36.51 -47.99
N ALA H 344 -16.40 -35.82 -48.79
CA ALA H 344 -15.98 -36.32 -50.08
C ALA H 344 -14.74 -37.20 -50.01
N GLY H 345 -14.14 -37.32 -48.82
CA GLY H 345 -12.95 -38.12 -48.65
C GLY H 345 -13.25 -39.55 -48.23
N VAL H 346 -12.17 -40.31 -48.03
CA VAL H 346 -12.30 -41.73 -47.67
C VAL H 346 -12.82 -41.86 -46.25
N TYR H 347 -12.36 -41.02 -45.35
CA TYR H 347 -12.71 -41.04 -43.94
C TYR H 347 -13.81 -40.01 -43.66
N SER H 348 -14.85 -40.47 -42.95
CA SER H 348 -16.03 -39.63 -42.77
C SER H 348 -15.72 -38.41 -41.93
N GLN H 349 -16.31 -37.28 -42.32
CA GLN H 349 -16.24 -36.06 -41.53
C GLN H 349 -16.99 -36.17 -40.22
N VAL H 350 -18.07 -36.93 -40.20
CA VAL H 350 -18.92 -37.08 -39.02
C VAL H 350 -18.72 -38.49 -38.48
N ARG H 351 -18.38 -38.58 -37.19
CA ARG H 351 -18.09 -39.87 -36.56
C ARG H 351 -19.33 -40.48 -35.93
N TYR H 352 -19.97 -39.76 -35.00
CA TYR H 352 -21.11 -40.27 -34.25
C TYR H 352 -22.35 -39.47 -34.65
N LEU H 353 -23.26 -40.09 -35.39
CA LEU H 353 -24.46 -39.43 -35.88
C LEU H 353 -25.67 -39.96 -35.14
N GLU H 354 -26.43 -39.05 -34.52
CA GLU H 354 -27.72 -39.35 -33.94
C GLU H 354 -28.78 -39.02 -34.97
N GLY H 355 -29.64 -39.99 -35.30
CA GLY H 355 -30.73 -39.97 -36.25
C GLY H 355 -32.08 -40.04 -35.56
N ARG H 356 -32.83 -38.96 -35.64
CA ARG H 356 -34.08 -38.82 -34.91
C ARG H 356 -35.25 -38.93 -35.88
N PHE H 357 -36.21 -39.78 -35.54
CA PHE H 357 -37.35 -40.04 -36.42
C PHE H 357 -38.63 -40.11 -35.60
N ALA H 358 -39.74 -39.71 -36.22
CA ALA H 358 -41.03 -39.76 -35.54
C ALA H 358 -41.52 -41.20 -35.45
N PRO H 359 -41.86 -41.71 -34.27
CA PRO H 359 -42.37 -43.09 -34.18
C PRO H 359 -43.78 -43.18 -34.70
N LYS H 360 -44.05 -44.23 -35.49
CA LYS H 360 -45.34 -44.40 -36.13
C LYS H 360 -46.29 -45.19 -35.24
N SER H 361 -47.57 -44.85 -35.34
CA SER H 361 -48.63 -45.49 -34.57
C SER H 361 -49.08 -46.81 -35.18
N ASP H 362 -48.55 -47.16 -36.35
CA ASP H 362 -48.85 -48.43 -37.01
C ASP H 362 -47.62 -49.32 -36.96
N PRO H 363 -47.71 -50.53 -36.38
CA PRO H 363 -46.51 -51.38 -36.31
C PRO H 363 -45.86 -51.63 -37.65
N ASN H 364 -46.68 -51.82 -38.68
CA ASN H 364 -46.18 -51.98 -40.04
C ASN H 364 -45.37 -50.76 -40.46
N LYS H 365 -45.92 -49.55 -40.29
CA LYS H 365 -45.20 -48.36 -40.71
C LYS H 365 -43.92 -48.17 -39.92
N MET H 366 -43.93 -48.55 -38.64
CA MET H 366 -42.72 -48.44 -37.82
C MET H 366 -41.64 -49.40 -38.29
N GLN H 367 -41.99 -50.67 -38.49
CA GLN H 367 -41.06 -51.63 -39.06
C GLN H 367 -40.52 -51.10 -40.38
N LYS H 368 -41.41 -50.49 -41.14
CA LYS H 368 -41.09 -49.98 -42.46
C LYS H 368 -40.03 -48.90 -42.38
N LEU H 369 -40.27 -47.90 -41.55
CA LEU H 369 -39.34 -46.80 -41.39
C LEU H 369 -37.98 -47.31 -40.90
N LEU H 370 -38.00 -48.24 -39.95
CA LEU H 370 -36.75 -48.70 -39.37
C LEU H 370 -35.95 -49.55 -40.35
N PHE H 371 -36.63 -50.40 -41.12
CA PHE H 371 -35.94 -51.15 -42.16
C PHE H 371 -35.32 -50.21 -43.18
N SER H 372 -36.05 -49.15 -43.57
CA SER H 372 -35.49 -48.19 -44.51
C SER H 372 -34.22 -47.57 -43.96
N VAL H 373 -34.26 -47.10 -42.70
CA VAL H 373 -33.10 -46.43 -42.12
C VAL H 373 -31.92 -47.40 -42.04
N LEU H 374 -32.15 -48.60 -41.52
CA LEU H 374 -31.06 -49.55 -41.33
C LEU H 374 -30.48 -49.99 -42.67
N ARG H 375 -31.32 -50.18 -43.69
CA ARG H 375 -30.81 -50.60 -44.98
C ARG H 375 -30.04 -49.48 -45.67
N GLY H 376 -30.49 -48.24 -45.52
CA GLY H 376 -29.70 -47.12 -46.04
C GLY H 376 -28.33 -47.05 -45.38
N TYR H 377 -28.30 -47.25 -44.06
CA TYR H 377 -27.01 -47.27 -43.35
C TYR H 377 -26.14 -48.40 -43.86
N TRP H 378 -26.72 -49.59 -44.08
CA TRP H 378 -25.95 -50.72 -44.55
C TRP H 378 -25.38 -50.46 -45.95
N GLU H 379 -26.19 -49.87 -46.84
CA GLU H 379 -25.70 -49.55 -48.17
C GLU H 379 -24.57 -48.53 -48.11
N TYR H 380 -24.72 -47.52 -47.26
CA TYR H 380 -23.65 -46.53 -47.09
C TYR H 380 -22.37 -47.20 -46.61
N LEU H 381 -22.48 -48.14 -45.67
CA LEU H 381 -21.29 -48.85 -45.20
C LEU H 381 -20.70 -49.73 -46.28
N SER H 382 -21.54 -50.39 -47.07
CA SER H 382 -21.06 -51.25 -48.14
C SER H 382 -20.31 -50.45 -49.20
N ALA H 383 -20.65 -49.19 -49.38
CA ALA H 383 -19.94 -48.34 -50.33
C ALA H 383 -18.60 -47.84 -49.79
N HIS H 384 -18.23 -48.21 -48.55
CA HIS H 384 -16.98 -47.76 -47.97
C HIS H 384 -16.14 -48.87 -47.35
N MET H 385 -16.67 -50.09 -47.20
CA MET H 385 -15.87 -51.22 -46.76
C MET H 385 -16.27 -52.47 -47.51
N SER H 386 -15.31 -53.37 -47.70
CA SER H 386 -15.52 -54.64 -48.37
C SER H 386 -15.35 -55.76 -47.35
N MET H 387 -16.40 -56.58 -47.22
CA MET H 387 -16.39 -57.68 -46.24
C MET H 387 -17.46 -58.68 -46.64
N GLU H 388 -17.36 -59.87 -46.07
CA GLU H 388 -18.38 -60.90 -46.28
C GLU H 388 -19.66 -60.46 -45.58
N TRP H 389 -20.69 -60.15 -46.37
CA TRP H 389 -21.89 -59.50 -45.88
C TRP H 389 -23.01 -60.47 -45.53
N VAL H 390 -22.76 -61.78 -45.51
CA VAL H 390 -23.77 -62.79 -45.22
C VAL H 390 -24.87 -62.70 -46.27
N HIS H 391 -25.89 -61.89 -45.99
CA HIS H 391 -26.96 -61.60 -46.94
C HIS H 391 -26.53 -60.45 -47.83
N GLU H 392 -26.18 -60.76 -49.08
CA GLU H 392 -25.75 -59.71 -50.00
C GLU H 392 -26.88 -58.76 -50.29
N LYS H 393 -28.12 -59.21 -50.18
CA LYS H 393 -29.31 -58.40 -50.46
C LYS H 393 -30.30 -58.56 -49.32
N PRO H 394 -30.07 -57.89 -48.19
CA PRO H 394 -31.02 -58.01 -47.08
C PRO H 394 -32.39 -57.49 -47.45
N LEU H 395 -33.42 -58.19 -46.96
CA LEU H 395 -34.81 -57.83 -47.18
C LEU H 395 -35.57 -57.52 -45.91
N THR H 396 -35.07 -57.98 -44.75
CA THR H 396 -35.74 -57.81 -43.49
C THR H 396 -34.79 -57.16 -42.49
N ILE H 397 -35.38 -56.63 -41.41
CA ILE H 397 -34.59 -56.00 -40.36
C ILE H 397 -33.61 -57.00 -39.77
N SER H 398 -34.04 -58.26 -39.62
CA SER H 398 -33.16 -59.28 -39.08
C SER H 398 -31.93 -59.48 -39.97
N GLN H 399 -32.14 -59.52 -41.29
CA GLN H 399 -31.01 -59.69 -42.20
C GLN H 399 -30.10 -58.47 -42.18
N VAL H 400 -30.67 -57.27 -42.13
CA VAL H 400 -29.85 -56.06 -42.07
C VAL H 400 -29.03 -56.05 -40.79
N LEU H 401 -29.62 -56.50 -39.68
CA LEU H 401 -28.88 -56.56 -38.43
C LEU H 401 -27.78 -57.62 -38.47
N ASP H 402 -28.05 -58.75 -39.11
CA ASP H 402 -27.00 -59.75 -39.33
C ASP H 402 -25.84 -59.13 -40.09
N ASN H 403 -26.14 -58.34 -41.11
CA ASN H 403 -25.10 -57.64 -41.85
C ASN H 403 -24.33 -56.68 -40.95
N LEU H 404 -25.06 -55.88 -40.17
CA LEU H 404 -24.44 -54.79 -39.41
C LEU H 404 -23.64 -55.31 -38.22
N GLU H 405 -23.94 -56.51 -37.72
CA GLU H 405 -23.19 -57.05 -36.60
C GLU H 405 -21.72 -57.22 -36.91
N LEU H 406 -21.36 -57.36 -38.18
CA LEU H 406 -19.98 -57.57 -38.59
C LEU H 406 -19.18 -56.28 -38.65
N VAL H 407 -19.83 -55.13 -38.54
CA VAL H 407 -19.16 -53.84 -38.71
C VAL H 407 -18.47 -53.47 -37.40
N GLU H 408 -17.18 -53.23 -37.47
CA GLU H 408 -16.39 -52.84 -36.31
C GLU H 408 -16.32 -51.32 -36.21
N PRO H 409 -16.24 -50.76 -35.00
CA PRO H 409 -16.13 -49.30 -34.86
C PRO H 409 -14.72 -48.79 -35.13
N HIS H 410 -14.23 -49.06 -36.34
CA HIS H 410 -12.89 -48.62 -36.71
C HIS H 410 -12.81 -47.09 -36.72
N GLY H 411 -13.84 -46.42 -37.21
CA GLY H 411 -13.88 -44.98 -37.29
C GLY H 411 -13.86 -44.42 -38.70
N LYS H 412 -13.84 -45.28 -39.71
CA LYS H 412 -13.81 -44.82 -41.10
C LYS H 412 -15.12 -44.15 -41.49
N CYS H 413 -16.25 -44.74 -41.10
CA CYS H 413 -17.57 -44.30 -41.53
C CYS H 413 -18.35 -43.75 -40.34
N VAL H 414 -19.55 -43.25 -40.63
CA VAL H 414 -20.43 -42.77 -39.58
C VAL H 414 -20.92 -43.95 -38.75
N GLU H 415 -21.24 -43.68 -37.49
CA GLU H 415 -21.83 -44.66 -36.60
C GLU H 415 -23.19 -44.12 -36.17
N LEU H 416 -24.23 -44.88 -36.49
CA LEU H 416 -25.61 -44.46 -36.34
C LEU H 416 -26.14 -44.79 -34.96
N ALA H 417 -26.88 -43.85 -34.39
CA ALA H 417 -27.67 -44.09 -33.18
C ALA H 417 -29.06 -43.53 -33.41
N LEU H 418 -30.06 -44.40 -33.39
CA LEU H 418 -31.43 -44.00 -33.69
C LEU H 418 -32.15 -43.57 -32.42
N VAL H 419 -32.88 -42.46 -32.52
CA VAL H 419 -33.64 -41.91 -31.41
C VAL H 419 -35.05 -41.61 -31.91
N PRO H 420 -36.05 -42.39 -31.50
CA PRO H 420 -37.43 -42.01 -31.80
C PRO H 420 -37.85 -40.76 -31.03
N HIS H 421 -38.65 -39.94 -31.69
CA HIS H 421 -39.26 -38.75 -31.12
C HIS H 421 -40.41 -39.14 -30.20
N PHE H 422 -41.02 -38.12 -29.62
CA PHE H 422 -42.39 -38.21 -29.11
C PHE H 422 -42.98 -36.81 -29.26
N ILE H 423 -43.92 -36.67 -30.18
CA ILE H 423 -44.50 -35.37 -30.50
C ILE H 423 -45.59 -35.08 -29.47
N LYS H 424 -45.46 -33.96 -28.76
CA LYS H 424 -46.44 -33.55 -27.78
C LYS H 424 -47.44 -32.61 -28.43
N ARG H 425 -48.73 -32.88 -28.20
CA ARG H 425 -49.82 -32.08 -28.77
C ARG H 425 -50.56 -31.38 -27.65
N LYS H 426 -51.24 -30.29 -28.01
CA LYS H 426 -52.01 -29.55 -27.04
C LYS H 426 -53.16 -30.38 -26.50
N PRO H 427 -53.54 -30.20 -25.24
CA PRO H 427 -54.68 -30.95 -24.70
C PRO H 427 -55.97 -30.57 -25.41
N LYS H 428 -56.88 -31.53 -25.49
CA LYS H 428 -58.13 -31.33 -26.20
C LYS H 428 -59.24 -30.89 -25.26
N ASN H 429 -60.40 -30.59 -25.84
CA ASN H 429 -61.47 -29.95 -25.08
C ASN H 429 -61.96 -30.84 -23.94
N GLY H 430 -62.17 -32.12 -24.22
CA GLY H 430 -62.72 -33.03 -23.23
C GLY H 430 -61.94 -34.32 -23.08
N GLU H 431 -61.41 -34.55 -21.89
CA GLU H 431 -60.71 -35.79 -21.59
C GLU H 431 -60.71 -35.99 -20.08
N ALA H 432 -60.39 -37.21 -19.67
CA ALA H 432 -60.42 -37.55 -18.25
C ALA H 432 -59.47 -36.65 -17.46
N TYR H 433 -58.23 -36.53 -17.93
CA TYR H 433 -57.23 -35.66 -17.33
C TYR H 433 -56.47 -34.97 -18.44
N PRO H 434 -55.79 -33.87 -18.14
CA PRO H 434 -55.07 -33.15 -19.20
C PRO H 434 -54.07 -34.05 -19.92
N HIS H 435 -54.04 -33.93 -21.24
CA HIS H 435 -53.15 -34.73 -22.08
C HIS H 435 -53.42 -36.22 -21.93
N ALA H 436 -54.67 -36.60 -21.66
CA ALA H 436 -55.00 -38.02 -21.57
C ALA H 436 -54.86 -38.70 -22.93
N LEU H 437 -55.44 -38.11 -23.97
CA LEU H 437 -55.37 -38.69 -25.30
C LEU H 437 -53.94 -38.63 -25.85
N LEU H 438 -53.22 -37.55 -25.54
CA LEU H 438 -51.81 -37.49 -25.94
C LEU H 438 -51.00 -38.57 -25.26
N PHE H 439 -51.15 -38.70 -23.93
CA PHE H 439 -50.45 -39.77 -23.22
C PHE H 439 -50.81 -41.12 -23.81
N LYS H 440 -52.07 -41.28 -24.21
CA LYS H 440 -52.48 -42.50 -24.93
C LYS H 440 -51.64 -42.73 -26.16
N ASP H 441 -51.69 -41.80 -27.11
CA ASP H 441 -51.03 -42.01 -28.40
C ASP H 441 -49.56 -42.30 -28.17
N LEU H 442 -48.95 -41.62 -27.19
CA LEU H 442 -47.58 -41.93 -26.81
C LEU H 442 -47.49 -43.35 -26.29
N LYS H 443 -48.50 -43.79 -25.54
CA LYS H 443 -48.47 -45.15 -25.02
C LYS H 443 -48.48 -46.18 -26.14
N ASN H 444 -49.32 -45.97 -27.14
CA ASN H 444 -49.38 -46.90 -28.26
C ASN H 444 -48.07 -46.90 -29.04
N GLN H 445 -47.51 -45.71 -29.28
CA GLN H 445 -46.24 -45.63 -29.99
C GLN H 445 -45.14 -46.35 -29.21
N ALA H 446 -45.08 -46.12 -27.90
CA ALA H 446 -44.09 -46.79 -27.07
C ALA H 446 -44.32 -48.30 -27.04
N ALA H 447 -45.58 -48.73 -27.04
CA ALA H 447 -45.87 -50.15 -27.10
C ALA H 447 -45.33 -50.76 -28.39
N ILE H 448 -45.56 -50.09 -29.52
CA ILE H 448 -45.03 -50.57 -30.78
C ILE H 448 -43.51 -50.69 -30.71
N LEU H 449 -42.87 -49.65 -30.16
CA LEU H 449 -41.42 -49.66 -30.06
C LEU H 449 -40.92 -50.82 -29.20
N MET H 450 -41.58 -51.06 -28.06
CA MET H 450 -41.18 -52.14 -27.17
C MET H 450 -41.40 -53.50 -27.80
N ASP H 451 -42.50 -53.69 -28.53
CA ASP H 451 -42.68 -54.96 -29.24
C ASP H 451 -41.62 -55.17 -30.31
N MET H 452 -41.23 -54.09 -31.00
CA MET H 452 -40.13 -54.21 -31.95
C MET H 452 -38.85 -54.65 -31.24
N LEU H 453 -38.48 -53.95 -30.16
CA LEU H 453 -37.27 -54.29 -29.44
C LEU H 453 -37.31 -55.73 -28.93
N LYS H 454 -38.48 -56.17 -28.48
CA LYS H 454 -38.62 -57.57 -28.09
C LYS H 454 -38.31 -58.48 -29.27
N SER H 455 -39.16 -58.43 -30.29
CA SER H 455 -39.08 -59.38 -31.39
C SER H 455 -37.70 -59.34 -32.05
N GLU H 456 -36.92 -58.31 -31.76
CA GLU H 456 -35.54 -58.24 -32.23
C GLU H 456 -34.68 -57.55 -31.16
N PRO H 457 -34.12 -58.33 -30.23
CA PRO H 457 -33.30 -57.71 -29.17
C PRO H 457 -32.11 -56.94 -29.72
N ARG H 458 -31.57 -57.34 -30.87
CA ARG H 458 -30.42 -56.64 -31.44
C ARG H 458 -30.72 -55.19 -31.79
N LEU H 459 -32.00 -54.83 -31.89
CA LEU H 459 -32.35 -53.45 -32.19
C LEU H 459 -32.03 -52.50 -31.05
N THR H 460 -31.71 -53.02 -29.86
CA THR H 460 -31.28 -52.15 -28.77
C THR H 460 -29.90 -51.57 -29.00
N GLY H 461 -29.11 -52.19 -29.87
CA GLY H 461 -27.82 -51.64 -30.24
C GLY H 461 -27.87 -50.55 -31.27
N TRP H 462 -29.06 -50.25 -31.80
CA TRP H 462 -29.23 -49.20 -32.79
C TRP H 462 -30.29 -48.18 -32.41
N ILE H 463 -31.26 -48.54 -31.58
CA ILE H 463 -32.22 -47.60 -31.02
C ILE H 463 -31.73 -47.26 -29.63
N ARG H 464 -31.07 -46.10 -29.50
CA ARG H 464 -30.47 -45.66 -28.25
C ARG H 464 -31.04 -44.27 -27.93
N GLY H 465 -32.18 -44.26 -27.27
CA GLY H 465 -32.72 -43.02 -26.77
C GLY H 465 -34.15 -42.78 -27.22
N VAL H 466 -34.93 -42.22 -26.31
CA VAL H 466 -36.25 -41.70 -26.67
C VAL H 466 -36.24 -40.21 -26.35
N ASP H 467 -36.27 -39.40 -27.40
CA ASP H 467 -36.39 -37.96 -27.26
C ASP H 467 -37.85 -37.56 -27.37
N ALA H 468 -38.25 -36.58 -26.56
CA ALA H 468 -39.57 -35.95 -26.69
C ALA H 468 -39.36 -34.52 -27.13
N ALA H 469 -39.53 -34.28 -28.43
CA ALA H 469 -39.49 -32.95 -29.02
C ALA H 469 -40.91 -32.44 -29.22
N ALA H 470 -41.05 -31.36 -30.00
CA ALA H 470 -42.27 -30.63 -30.33
C ALA H 470 -42.41 -29.47 -29.37
N ASN H 471 -43.53 -28.76 -29.45
CA ASN H 471 -43.75 -27.52 -28.71
C ASN H 471 -43.77 -27.81 -27.21
N GLU H 472 -43.11 -26.93 -26.45
CA GLU H 472 -42.97 -27.17 -25.02
C GLU H 472 -44.30 -27.02 -24.30
N MET H 473 -45.04 -25.97 -24.65
CA MET H 473 -46.24 -25.53 -23.95
C MET H 473 -47.38 -26.51 -24.09
N HIS H 474 -47.25 -27.48 -24.99
CA HIS H 474 -48.32 -28.40 -25.32
C HIS H 474 -48.38 -29.59 -24.38
N ALA H 475 -47.26 -29.90 -23.73
CA ALA H 475 -47.20 -30.99 -22.76
C ALA H 475 -46.02 -30.76 -21.83
N PRO H 476 -46.20 -30.80 -20.52
CA PRO H 476 -45.09 -30.58 -19.60
C PRO H 476 -44.20 -31.81 -19.51
N PRO H 477 -42.99 -31.67 -18.98
CA PRO H 477 -42.10 -32.84 -18.85
C PRO H 477 -42.66 -33.94 -17.97
N GLU H 478 -43.44 -33.59 -16.95
CA GLU H 478 -43.93 -34.60 -16.01
C GLU H 478 -44.85 -35.62 -16.69
N LEU H 479 -45.38 -35.31 -17.87
CA LEU H 479 -46.26 -36.24 -18.55
C LEU H 479 -45.50 -37.43 -19.14
N PHE H 480 -44.23 -37.24 -19.51
CA PHE H 480 -43.45 -38.28 -20.17
C PHE H 480 -42.68 -39.16 -19.20
N CYS H 481 -42.69 -38.87 -17.91
CA CYS H 481 -41.90 -39.65 -16.96
C CYS H 481 -42.30 -41.12 -16.94
N PRO H 482 -43.58 -41.49 -16.82
CA PRO H 482 -43.92 -42.92 -16.85
C PRO H 482 -43.48 -43.60 -18.13
N LEU H 483 -43.65 -42.92 -19.27
CA LEU H 483 -43.24 -43.48 -20.55
C LEU H 483 -41.75 -43.75 -20.58
N PHE H 484 -40.96 -42.77 -20.12
CA PHE H 484 -39.51 -42.93 -20.13
C PHE H 484 -39.05 -44.03 -19.19
N ARG H 485 -39.69 -44.14 -18.02
CA ARG H 485 -39.34 -45.23 -17.11
C ARG H 485 -39.61 -46.59 -17.74
N VAL H 486 -40.80 -46.76 -18.33
CA VAL H 486 -41.15 -48.04 -18.95
C VAL H 486 -40.19 -48.35 -20.09
N LEU H 487 -39.84 -47.35 -20.90
CA LEU H 487 -38.90 -47.57 -21.98
C LEU H 487 -37.52 -47.94 -21.47
N ALA H 488 -37.07 -47.27 -20.39
CA ALA H 488 -35.81 -47.62 -19.77
C ALA H 488 -35.76 -49.12 -19.48
N LYS H 489 -36.86 -49.65 -18.93
CA LYS H 489 -36.89 -51.09 -18.67
C LYS H 489 -37.02 -51.93 -19.93
N SER H 490 -37.74 -51.44 -20.93
CA SER H 490 -37.83 -52.17 -22.19
C SER H 490 -36.50 -52.23 -22.91
N GLY H 491 -35.50 -51.48 -22.44
CA GLY H 491 -34.16 -51.56 -22.96
C GLY H 491 -33.66 -50.32 -23.66
N ILE H 492 -34.36 -49.20 -23.50
CA ILE H 492 -33.97 -47.95 -24.14
C ILE H 492 -33.06 -47.18 -23.19
N ALA H 493 -31.77 -47.18 -23.49
CA ALA H 493 -30.79 -46.38 -22.78
C ALA H 493 -30.83 -44.96 -23.30
N HIS H 494 -30.49 -44.01 -22.43
CA HIS H 494 -30.39 -42.59 -22.75
C HIS H 494 -31.77 -42.00 -23.04
N PHE H 495 -32.00 -40.82 -22.49
CA PHE H 495 -33.26 -40.12 -22.68
C PHE H 495 -33.00 -38.66 -23.02
N THR H 496 -33.88 -38.10 -23.84
CA THR H 496 -33.74 -36.70 -24.23
C THR H 496 -35.12 -36.04 -24.20
N TYR H 497 -35.12 -34.74 -23.91
CA TYR H 497 -36.37 -34.01 -23.78
C TYR H 497 -36.13 -32.54 -24.04
N HIS H 498 -36.82 -31.98 -25.03
CA HIS H 498 -36.67 -30.56 -25.34
C HIS H 498 -37.22 -29.71 -24.20
N VAL H 499 -36.39 -28.82 -23.67
CA VAL H 499 -36.79 -27.92 -22.59
C VAL H 499 -36.16 -26.56 -22.83
N GLY H 500 -36.86 -25.51 -22.40
CA GLY H 500 -36.34 -24.16 -22.43
C GLY H 500 -36.38 -23.47 -23.77
N GLU H 501 -36.97 -24.09 -24.80
CA GLU H 501 -36.99 -23.47 -26.13
C GLU H 501 -37.95 -22.28 -26.18
N ASP H 502 -39.24 -22.51 -25.99
CA ASP H 502 -40.24 -21.46 -26.00
C ASP H 502 -41.02 -21.50 -24.69
N PHE H 503 -41.12 -20.35 -24.03
CA PHE H 503 -41.71 -20.23 -22.71
C PHE H 503 -42.48 -18.92 -22.62
N PRO H 504 -43.60 -18.89 -21.89
CA PRO H 504 -44.29 -17.60 -21.70
C PRO H 504 -43.46 -16.61 -20.90
N HIS H 505 -42.56 -17.10 -20.05
CA HIS H 505 -41.69 -16.26 -19.24
C HIS H 505 -40.37 -16.97 -19.04
N LEU H 506 -39.32 -16.18 -18.79
CA LEU H 506 -38.00 -16.77 -18.56
C LEU H 506 -38.02 -17.62 -17.30
N ILE H 507 -38.72 -17.16 -16.25
CA ILE H 507 -38.89 -17.97 -15.05
C ILE H 507 -39.61 -19.27 -15.39
N SER H 508 -40.60 -19.20 -16.29
CA SER H 508 -41.31 -20.40 -16.71
C SER H 508 -40.37 -21.39 -17.40
N GLY H 509 -39.48 -20.89 -18.27
CA GLY H 509 -38.55 -21.78 -18.93
C GLY H 509 -37.56 -22.42 -17.96
N ILE H 510 -37.03 -21.62 -17.04
CA ILE H 510 -36.12 -22.16 -16.03
C ILE H 510 -36.82 -23.20 -15.19
N ARG H 511 -38.07 -22.93 -14.80
CA ARG H 511 -38.85 -23.89 -14.04
C ARG H 511 -39.09 -25.17 -14.83
N SER H 512 -39.33 -25.04 -16.14
CA SER H 512 -39.51 -26.22 -16.97
C SER H 512 -38.25 -27.08 -16.99
N ILE H 513 -37.08 -26.45 -17.11
CA ILE H 513 -35.85 -27.21 -17.09
C ILE H 513 -35.68 -27.91 -15.74
N ASP H 514 -35.98 -27.21 -14.64
CA ASP H 514 -35.85 -27.83 -13.32
C ASP H 514 -36.82 -28.99 -13.15
N ASP H 515 -38.05 -28.83 -13.65
CA ASP H 515 -39.02 -29.92 -13.59
C ASP H 515 -38.55 -31.12 -14.39
N ALA H 516 -37.99 -30.89 -15.57
CA ALA H 516 -37.43 -31.97 -16.35
C ALA H 516 -36.33 -32.69 -15.58
N LEU H 517 -35.47 -31.92 -14.91
CA LEU H 517 -34.39 -32.51 -14.14
C LEU H 517 -34.92 -33.37 -13.01
N ARG H 518 -35.89 -32.87 -12.24
CA ARG H 518 -36.32 -33.53 -11.03
C ARG H 518 -37.49 -34.47 -11.22
N PHE H 519 -37.98 -34.65 -12.45
CA PHE H 519 -39.05 -35.60 -12.72
C PHE H 519 -38.68 -36.66 -13.75
N LEU H 520 -37.97 -36.29 -14.82
CA LEU H 520 -37.61 -37.27 -15.81
C LEU H 520 -36.53 -38.20 -15.28
N PRO H 521 -36.51 -39.46 -15.74
CA PRO H 521 -35.47 -40.41 -15.29
C PRO H 521 -34.15 -40.21 -16.02
N LEU H 522 -33.59 -39.01 -15.90
CA LEU H 522 -32.34 -38.68 -16.56
C LEU H 522 -31.17 -39.20 -15.71
N ARG H 523 -30.39 -40.09 -16.29
CA ARG H 523 -29.27 -40.70 -15.60
C ARG H 523 -27.99 -39.92 -15.92
N ASN H 524 -26.86 -40.41 -15.42
CA ASN H 524 -25.58 -39.76 -15.69
C ASN H 524 -25.24 -39.90 -17.17
N GLY H 525 -24.89 -38.78 -17.80
CA GLY H 525 -24.54 -38.76 -19.20
C GLY H 525 -25.69 -38.48 -20.15
N ASP H 526 -26.90 -38.29 -19.65
CA ASP H 526 -28.03 -37.97 -20.50
C ASP H 526 -27.97 -36.52 -20.95
N ARG H 527 -28.73 -36.21 -22.00
CA ARG H 527 -28.79 -34.87 -22.57
C ARG H 527 -30.23 -34.37 -22.53
N LEU H 528 -30.38 -33.07 -22.33
CA LEU H 528 -31.72 -32.48 -22.27
C LEU H 528 -32.18 -31.93 -23.61
N GLY H 529 -31.48 -30.93 -24.14
CA GLY H 529 -31.95 -30.27 -25.34
C GLY H 529 -31.42 -28.85 -25.47
N HIS H 530 -32.28 -27.94 -25.92
CA HIS H 530 -31.85 -26.56 -26.15
C HIS H 530 -31.53 -25.85 -24.84
N CYS H 531 -32.45 -25.92 -23.88
CA CYS H 531 -32.26 -25.30 -22.57
C CYS H 531 -31.90 -23.81 -22.70
N THR H 532 -32.60 -23.12 -23.62
CA THR H 532 -32.35 -21.70 -23.83
C THR H 532 -32.66 -20.85 -22.61
N ALA H 533 -33.57 -21.31 -21.74
CA ALA H 533 -34.01 -20.47 -20.63
C ALA H 533 -32.89 -20.23 -19.63
N ILE H 534 -31.92 -21.15 -19.53
CA ILE H 534 -30.80 -20.98 -18.61
C ILE H 534 -29.55 -20.46 -19.31
N GLY H 535 -29.65 -20.13 -20.61
CA GLY H 535 -28.54 -19.55 -21.33
C GLY H 535 -28.79 -18.10 -21.71
N ILE H 536 -30.04 -17.78 -22.02
CA ILE H 536 -30.39 -16.42 -22.42
C ILE H 536 -30.38 -15.53 -21.18
N THR H 537 -29.77 -14.36 -21.31
CA THR H 537 -29.73 -13.45 -20.18
C THR H 537 -31.04 -12.69 -20.05
N PRO H 538 -31.42 -12.30 -18.82
CA PRO H 538 -32.58 -11.43 -18.68
C PRO H 538 -32.42 -10.11 -19.41
N SER H 539 -31.21 -9.59 -19.51
CA SER H 539 -30.97 -8.37 -20.28
C SER H 539 -31.41 -8.58 -21.72
N ILE H 540 -30.73 -9.46 -22.45
CA ILE H 540 -31.25 -9.85 -23.76
C ILE H 540 -32.12 -11.10 -23.59
N TRP H 541 -33.28 -10.89 -23.00
CA TRP H 541 -34.50 -11.66 -23.26
C TRP H 541 -35.72 -10.78 -23.38
N LYS H 542 -35.69 -9.58 -22.79
CA LYS H 542 -36.78 -8.61 -22.84
C LYS H 542 -36.26 -7.39 -23.60
N ARG H 543 -36.39 -7.44 -24.92
CA ARG H 543 -35.89 -6.39 -25.79
C ARG H 543 -36.97 -5.80 -26.68
N SER H 544 -37.94 -6.60 -27.10
CA SER H 544 -39.11 -6.12 -27.83
C SER H 544 -40.38 -6.69 -27.23
N LEU H 545 -40.34 -7.07 -25.96
CA LEU H 545 -41.45 -7.75 -25.31
C LEU H 545 -42.33 -6.76 -24.55
N PRO H 546 -43.64 -6.99 -24.50
CA PRO H 546 -44.51 -6.09 -23.74
C PRO H 546 -44.18 -6.13 -22.26
N LEU H 547 -44.46 -5.02 -21.58
CA LEU H 547 -44.13 -4.91 -20.16
C LEU H 547 -44.88 -5.92 -19.32
N SER H 548 -45.96 -6.51 -19.84
CA SER H 548 -46.71 -7.54 -19.14
C SER H 548 -46.93 -8.72 -20.08
N LEU H 549 -46.58 -9.92 -19.62
CA LEU H 549 -46.78 -11.14 -20.37
C LEU H 549 -47.85 -11.98 -19.69
N SER H 550 -48.77 -12.52 -20.47
CA SER H 550 -49.85 -13.33 -19.93
C SER H 550 -49.51 -14.80 -20.05
N MET H 551 -49.78 -15.55 -18.97
CA MET H 551 -49.52 -16.99 -18.93
C MET H 551 -50.77 -17.68 -18.42
N THR H 552 -50.70 -19.00 -18.33
CA THR H 552 -51.77 -19.76 -17.68
C THR H 552 -51.55 -19.82 -16.18
N LYS H 553 -52.65 -19.97 -15.45
CA LYS H 553 -52.58 -19.99 -14.00
C LYS H 553 -51.75 -21.16 -13.49
N GLU H 554 -51.82 -22.31 -14.16
CA GLU H 554 -51.02 -23.45 -13.72
C GLU H 554 -49.53 -23.15 -13.82
N THR H 555 -49.11 -22.58 -14.95
CA THR H 555 -47.71 -22.17 -15.09
C THR H 555 -47.33 -21.09 -14.09
N ARG H 556 -48.22 -20.14 -13.84
CA ARG H 556 -47.94 -19.08 -12.87
C ARG H 556 -47.73 -19.65 -11.47
N LEU H 557 -48.62 -20.55 -11.04
CA LEU H 557 -48.50 -21.16 -9.72
C LEU H 557 -47.23 -21.99 -9.60
N LEU H 558 -46.94 -22.80 -10.63
CA LEU H 558 -45.73 -23.61 -10.59
C LEU H 558 -44.48 -22.74 -10.59
N ASP H 559 -44.49 -21.64 -11.34
CA ASP H 559 -43.36 -20.72 -11.34
C ASP H 559 -43.18 -20.09 -9.96
N LEU H 560 -44.27 -19.69 -9.31
CA LEU H 560 -44.16 -19.12 -7.97
C LEU H 560 -43.58 -20.13 -6.99
N VAL H 561 -44.05 -21.38 -7.06
CA VAL H 561 -43.53 -22.42 -6.18
C VAL H 561 -42.04 -22.65 -6.45
N PHE H 562 -41.65 -22.65 -7.72
CA PHE H 562 -40.25 -22.83 -8.07
C PHE H 562 -39.39 -21.68 -7.55
N ILE H 563 -39.89 -20.45 -7.68
CA ILE H 563 -39.16 -19.29 -7.18
C ILE H 563 -38.95 -19.43 -5.67
N TRP H 564 -40.02 -19.80 -4.95
CA TRP H 564 -39.89 -19.99 -3.51
C TRP H 564 -38.86 -21.07 -3.20
N ARG H 565 -38.96 -22.21 -3.87
CA ARG H 565 -38.05 -23.31 -3.60
C ARG H 565 -36.59 -22.89 -3.80
N GLU H 566 -36.32 -22.17 -4.87
CA GLU H 566 -34.94 -21.85 -5.22
C GLU H 566 -34.39 -20.63 -4.49
N LEU H 567 -35.24 -19.72 -4.00
CA LEU H 567 -34.78 -18.53 -3.33
C LEU H 567 -35.06 -18.55 -1.82
N ARG H 568 -35.54 -19.67 -1.29
CA ARG H 568 -35.63 -19.83 0.16
C ARG H 568 -34.29 -19.56 0.83
N SER H 569 -33.24 -20.21 0.34
CA SER H 569 -31.94 -20.18 1.00
C SER H 569 -31.08 -18.98 0.60
N HIS H 570 -31.54 -18.17 -0.35
CA HIS H 570 -30.75 -17.03 -0.80
C HIS H 570 -30.96 -15.86 0.15
N PRO H 571 -29.95 -15.47 0.95
CA PRO H 571 -30.17 -14.36 1.89
C PRO H 571 -30.55 -13.05 1.22
N GLU H 572 -30.07 -12.81 0.00
CA GLU H 572 -30.32 -11.56 -0.69
C GLU H 572 -31.65 -11.56 -1.45
N LEU H 573 -32.33 -12.69 -1.54
CA LEU H 573 -33.57 -12.82 -2.32
C LEU H 573 -34.71 -13.37 -1.47
N LEU H 574 -34.59 -13.26 -0.15
CA LEU H 574 -35.63 -13.77 0.74
C LEU H 574 -36.94 -13.03 0.53
N ARG H 575 -36.88 -11.74 0.23
CA ARG H 575 -38.11 -10.98 -0.03
C ARG H 575 -38.84 -11.57 -1.23
N TYR H 576 -38.12 -11.86 -2.31
CA TYR H 576 -38.74 -12.44 -3.48
C TYR H 576 -39.29 -13.83 -3.18
N ALA H 577 -38.55 -14.63 -2.40
CA ALA H 577 -39.07 -15.95 -2.02
C ALA H 577 -40.38 -15.83 -1.24
N SER H 578 -40.43 -14.91 -0.28
CA SER H 578 -41.63 -14.75 0.54
C SER H 578 -42.81 -14.26 -0.30
N ASP H 579 -42.57 -13.29 -1.19
CA ASP H 579 -43.65 -12.80 -2.05
C ASP H 579 -44.15 -13.91 -2.96
N ALA H 580 -43.22 -14.74 -3.49
CA ALA H 580 -43.62 -15.86 -4.32
C ALA H 580 -44.49 -16.83 -3.52
N ALA H 581 -44.11 -17.12 -2.27
CA ALA H 581 -44.92 -18.02 -1.46
C ALA H 581 -46.32 -17.46 -1.25
N ILE H 582 -46.42 -16.17 -0.93
CA ILE H 582 -47.72 -15.56 -0.66
C ILE H 582 -48.59 -15.60 -1.91
N GLU H 583 -48.02 -15.20 -3.04
CA GLU H 583 -48.76 -15.21 -4.30
C GLU H 583 -49.17 -16.63 -4.68
N ALA H 584 -48.30 -17.61 -4.42
CA ALA H 584 -48.63 -19.00 -4.73
C ALA H 584 -49.81 -19.48 -3.91
N VAL H 585 -49.82 -19.17 -2.61
CA VAL H 585 -50.95 -19.57 -1.77
C VAL H 585 -52.23 -18.92 -2.29
N ARG H 586 -52.16 -17.63 -2.63
CA ARG H 586 -53.34 -16.94 -3.14
C ARG H 586 -53.87 -17.57 -4.42
N LEU H 587 -52.99 -17.77 -5.39
CA LEU H 587 -53.43 -18.30 -6.66
C LEU H 587 -53.96 -19.71 -6.50
N ALA H 588 -53.36 -20.50 -5.61
CA ALA H 588 -53.88 -21.82 -5.30
C ALA H 588 -55.28 -21.71 -4.72
N HIS H 589 -55.54 -20.68 -3.92
CA HIS H 589 -56.86 -20.53 -3.31
C HIS H 589 -57.98 -20.50 -4.34
N LYS H 590 -57.85 -19.76 -5.44
CA LYS H 590 -58.91 -19.89 -6.46
C LYS H 590 -58.72 -21.13 -7.31
N VAL H 591 -57.50 -21.43 -7.74
CA VAL H 591 -57.32 -22.52 -8.71
C VAL H 591 -57.95 -23.79 -8.16
N PHE H 592 -57.80 -24.03 -6.87
CA PHE H 592 -58.38 -25.19 -6.21
C PHE H 592 -59.75 -24.91 -5.60
N SER H 593 -60.20 -23.66 -5.63
CA SER H 593 -61.48 -23.28 -4.99
C SER H 593 -61.51 -23.76 -3.54
N LEU H 594 -60.39 -23.57 -2.85
CA LEU H 594 -60.22 -24.06 -1.49
C LEU H 594 -60.86 -23.11 -0.51
N GLU H 595 -61.50 -23.66 0.52
CA GLU H 595 -62.04 -22.83 1.57
C GLU H 595 -61.09 -22.77 2.76
N GLU H 596 -60.32 -23.83 2.97
CA GLU H 596 -59.42 -23.98 4.09
C GLU H 596 -58.11 -23.25 3.78
N GLU H 597 -57.10 -23.47 4.61
CA GLU H 597 -55.79 -22.85 4.43
C GLU H 597 -54.81 -23.89 3.91
N VAL H 598 -54.12 -23.55 2.82
CA VAL H 598 -53.10 -24.40 2.21
C VAL H 598 -51.78 -23.65 2.27
N SER H 599 -50.78 -24.24 2.89
CA SER H 599 -49.47 -23.63 3.02
C SER H 599 -48.61 -23.93 1.80
N ILE H 600 -47.54 -23.15 1.64
CA ILE H 600 -46.62 -23.38 0.53
C ILE H 600 -45.96 -24.75 0.66
N THR H 601 -45.80 -25.24 1.88
CA THR H 601 -45.23 -26.58 2.08
C THR H 601 -46.12 -27.64 1.45
N THR H 602 -47.42 -27.60 1.75
CA THR H 602 -48.32 -28.59 1.16
C THR H 602 -48.52 -28.35 -0.33
N LEU H 603 -48.40 -27.11 -0.80
CA LEU H 603 -48.39 -26.88 -2.24
C LEU H 603 -47.20 -27.59 -2.89
N ASP H 604 -46.03 -27.49 -2.27
CA ASP H 604 -44.86 -28.22 -2.75
C ASP H 604 -45.09 -29.72 -2.74
N GLN H 605 -45.69 -30.24 -1.68
CA GLN H 605 -46.02 -31.66 -1.63
C GLN H 605 -46.93 -32.04 -2.79
N VAL H 606 -47.96 -31.22 -3.04
CA VAL H 606 -48.90 -31.51 -4.12
C VAL H 606 -48.17 -31.54 -5.46
N PHE H 607 -47.29 -30.58 -5.69
CA PHE H 607 -46.66 -30.44 -7.00
C PHE H 607 -45.42 -31.32 -7.17
N GLU H 608 -44.97 -32.04 -6.14
CA GLU H 608 -43.95 -33.04 -6.37
C GLU H 608 -44.52 -34.36 -6.89
N MET H 609 -45.84 -34.48 -6.96
CA MET H 609 -46.49 -35.72 -7.39
C MET H 609 -46.91 -35.66 -8.86
N ARG H 610 -46.41 -34.67 -9.61
CA ARG H 610 -46.73 -34.58 -11.03
C ARG H 610 -46.09 -35.70 -11.83
N GLY H 611 -45.03 -36.32 -11.32
CA GLY H 611 -44.40 -37.43 -12.01
C GLY H 611 -45.17 -38.73 -11.93
N LEU H 612 -46.19 -38.79 -11.10
CA LEU H 612 -47.01 -40.00 -11.00
C LEU H 612 -47.88 -40.16 -12.23
N LEU H 613 -48.06 -41.41 -12.66
CA LEU H 613 -49.02 -41.70 -13.71
C LEU H 613 -50.41 -41.34 -13.22
N ALA H 614 -51.17 -40.63 -14.06
CA ALA H 614 -52.49 -40.17 -13.65
C ALA H 614 -53.38 -41.35 -13.29
N GLU H 615 -53.42 -42.37 -14.14
CA GLU H 615 -54.27 -43.55 -13.93
C GLU H 615 -53.48 -44.67 -13.25
N SER H 616 -52.82 -44.38 -12.14
CA SER H 616 -52.09 -45.42 -11.42
C SER H 616 -52.94 -46.00 -10.29
N GLU H 617 -53.24 -45.17 -9.28
CA GLU H 617 -54.20 -45.56 -8.25
C GLU H 617 -55.04 -44.37 -7.80
N GLY H 618 -54.93 -43.22 -8.46
CA GLY H 618 -55.65 -42.02 -8.05
C GLY H 618 -56.61 -41.52 -9.11
N LEU H 619 -56.93 -42.37 -10.09
CA LEU H 619 -57.82 -41.98 -11.17
C LEU H 619 -58.27 -43.20 -11.96
N SER H 631 -47.25 -55.40 -18.47
CA SER H 631 -46.37 -55.97 -17.46
C SER H 631 -45.40 -54.92 -16.93
N LEU H 632 -44.67 -54.28 -17.84
CA LEU H 632 -43.72 -53.24 -17.44
C LEU H 632 -44.41 -52.02 -16.86
N TRP H 633 -45.70 -51.82 -17.18
CA TRP H 633 -46.46 -50.69 -16.66
C TRP H 633 -46.91 -50.90 -15.23
N LEU H 634 -46.76 -52.11 -14.69
CA LEU H 634 -47.23 -52.41 -13.34
C LEU H 634 -46.50 -51.58 -12.29
N GLU H 635 -45.19 -51.41 -12.46
CA GLU H 635 -44.42 -50.68 -11.47
C GLU H 635 -44.98 -49.29 -11.22
N GLU H 636 -45.22 -48.53 -12.29
CA GLU H 636 -45.74 -47.18 -12.13
C GLU H 636 -47.27 -47.12 -12.03
N TYR H 637 -47.97 -48.22 -12.31
CA TYR H 637 -49.36 -48.35 -11.88
C TYR H 637 -49.46 -48.36 -10.36
N GLU H 638 -48.56 -49.07 -9.68
CA GLU H 638 -48.53 -49.07 -8.22
C GLU H 638 -47.60 -48.03 -7.61
N ARG H 639 -46.87 -47.26 -8.41
CA ARG H 639 -45.98 -46.28 -7.80
C ARG H 639 -46.72 -45.34 -6.85
N ALA H 640 -48.02 -45.10 -7.10
CA ALA H 640 -48.81 -44.25 -6.22
C ALA H 640 -49.17 -44.93 -4.90
N ARG H 641 -49.05 -46.25 -4.81
CA ARG H 641 -49.45 -46.94 -3.59
C ARG H 641 -48.60 -46.52 -2.40
N GLU H 642 -47.30 -46.34 -2.61
CA GLU H 642 -46.45 -45.85 -1.52
C GLU H 642 -46.95 -44.51 -1.01
N LEU H 643 -47.30 -43.60 -1.93
CA LEU H 643 -47.83 -42.30 -1.56
C LEU H 643 -49.10 -42.44 -0.74
N VAL H 644 -50.03 -43.28 -1.19
CA VAL H 644 -51.31 -43.42 -0.49
C VAL H 644 -51.13 -44.19 0.81
N LYS H 645 -50.01 -44.88 0.95
CA LYS H 645 -49.69 -45.55 2.21
C LYS H 645 -49.22 -44.56 3.27
N THR H 646 -48.37 -43.62 2.89
CA THR H 646 -47.91 -42.60 3.83
C THR H 646 -49.12 -41.89 4.46
N THR H 647 -49.28 -42.05 5.77
CA THR H 647 -50.47 -41.55 6.44
C THR H 647 -50.62 -40.03 6.33
N GLY H 648 -49.51 -39.32 6.23
CA GLY H 648 -49.52 -37.87 6.25
C GLY H 648 -49.64 -37.22 4.88
N MET H 649 -49.95 -38.01 3.85
CA MET H 649 -49.94 -37.51 2.48
C MET H 649 -51.37 -37.35 1.97
N LYS H 650 -52.33 -37.24 2.90
CA LYS H 650 -53.74 -36.97 2.64
C LYS H 650 -53.98 -35.81 1.70
N ARG H 651 -53.70 -34.61 2.21
CA ARG H 651 -54.18 -33.39 1.61
C ARG H 651 -53.44 -33.12 0.32
N PRO H 652 -52.14 -33.39 0.25
CA PRO H 652 -51.48 -33.40 -1.06
C PRO H 652 -52.16 -34.33 -2.03
N LEU H 653 -52.59 -35.53 -1.59
CA LEU H 653 -53.16 -36.45 -2.56
C LEU H 653 -54.49 -35.95 -3.09
N LYS H 654 -55.39 -35.57 -2.19
CA LYS H 654 -56.70 -35.10 -2.62
C LYS H 654 -56.56 -33.85 -3.47
N LEU H 655 -55.64 -32.96 -3.10
CA LEU H 655 -55.43 -31.75 -3.88
C LEU H 655 -54.92 -32.08 -5.28
N TYR H 656 -54.00 -33.04 -5.40
CA TYR H 656 -53.54 -33.44 -6.72
C TYR H 656 -54.66 -34.07 -7.53
N LYS H 657 -55.54 -34.83 -6.87
CA LYS H 657 -56.67 -35.41 -7.57
C LYS H 657 -57.61 -34.34 -8.09
N GLN H 658 -57.84 -33.29 -7.28
CA GLN H 658 -58.60 -32.14 -7.78
C GLN H 658 -57.88 -31.48 -8.95
N TRP H 659 -56.57 -31.35 -8.85
CA TRP H 659 -55.76 -30.75 -9.91
C TRP H 659 -55.90 -31.55 -11.21
N LEU H 660 -56.04 -32.86 -11.11
CA LEU H 660 -56.11 -33.71 -12.30
C LEU H 660 -57.52 -33.80 -12.89
N THR H 661 -58.54 -33.95 -12.04
CA THR H 661 -59.88 -34.30 -12.49
C THR H 661 -60.87 -33.16 -12.41
N SER H 662 -60.81 -32.32 -11.39
CA SER H 662 -61.85 -31.33 -11.17
C SER H 662 -62.00 -30.42 -12.39
N ASP H 663 -63.22 -30.34 -12.91
CA ASP H 663 -63.48 -29.48 -14.06
C ASP H 663 -63.24 -28.02 -13.72
N ASN H 664 -63.63 -27.58 -12.53
CA ASN H 664 -63.37 -26.21 -12.12
C ASN H 664 -61.88 -25.91 -12.06
N VAL H 665 -61.11 -26.82 -11.47
CA VAL H 665 -59.67 -26.61 -11.36
C VAL H 665 -59.03 -26.62 -12.75
N ARG H 666 -59.54 -27.45 -13.66
CA ARG H 666 -58.98 -27.49 -15.01
C ARG H 666 -59.29 -26.21 -15.79
N LYS H 667 -60.51 -25.68 -15.63
CA LYS H 667 -60.83 -24.40 -16.24
C LYS H 667 -59.95 -23.29 -15.67
N GLN H 668 -59.76 -23.27 -14.35
CA GLN H 668 -58.89 -22.28 -13.75
C GLN H 668 -57.43 -22.45 -14.18
N ARG H 669 -57.01 -23.70 -14.42
CA ARG H 669 -55.66 -23.95 -14.93
C ARG H 669 -55.48 -23.35 -16.32
N ALA H 670 -56.50 -23.51 -17.17
CA ALA H 670 -56.43 -22.94 -18.51
C ALA H 670 -56.65 -21.43 -18.53
N GLU H 671 -57.20 -20.87 -17.47
CA GLU H 671 -57.33 -19.42 -17.36
C GLU H 671 -55.97 -18.73 -17.55
N TYR H 672 -56.02 -17.44 -17.82
CA TYR H 672 -54.82 -16.65 -18.07
C TYR H 672 -54.72 -15.53 -17.04
N VAL H 673 -53.48 -15.18 -16.68
CA VAL H 673 -53.18 -14.10 -15.75
C VAL H 673 -51.92 -13.40 -16.23
N GLU H 674 -51.83 -12.11 -15.93
CA GLU H 674 -50.72 -11.28 -16.39
C GLU H 674 -49.61 -11.24 -15.34
N VAL H 675 -48.37 -11.25 -15.80
CA VAL H 675 -47.18 -11.16 -14.96
C VAL H 675 -46.28 -10.07 -15.53
N ALA H 676 -45.77 -9.22 -14.65
CA ALA H 676 -44.87 -8.16 -15.10
C ALA H 676 -43.57 -8.77 -15.62
N LEU H 677 -42.99 -8.10 -16.62
CA LEU H 677 -41.73 -8.55 -17.18
C LEU H 677 -40.62 -8.48 -16.13
N GLU H 678 -40.58 -7.39 -15.36
CA GLU H 678 -39.69 -7.28 -14.22
C GLU H 678 -40.37 -7.77 -12.95
N TYR H 679 -40.99 -8.94 -13.00
CA TYR H 679 -41.54 -9.50 -11.77
C TYR H 679 -40.42 -9.89 -10.82
N LEU H 680 -39.35 -10.48 -11.35
CA LEU H 680 -38.13 -10.74 -10.63
C LEU H 680 -37.00 -9.93 -11.26
N PRO H 681 -36.12 -9.35 -10.46
CA PRO H 681 -35.01 -8.59 -11.05
C PRO H 681 -34.04 -9.50 -11.79
N ASP H 682 -33.24 -8.86 -12.65
CA ASP H 682 -32.23 -9.60 -13.41
C ASP H 682 -31.37 -10.45 -12.49
N GLU H 683 -31.03 -9.94 -11.31
CA GLU H 683 -30.21 -10.71 -10.39
C GLU H 683 -30.91 -11.99 -9.96
N ALA H 684 -32.19 -11.88 -9.62
CA ALA H 684 -32.94 -13.07 -9.18
C ALA H 684 -33.10 -14.08 -10.31
N VAL H 685 -33.36 -13.60 -11.53
CA VAL H 685 -33.50 -14.52 -12.65
C VAL H 685 -32.17 -15.24 -12.90
N VAL H 686 -31.07 -14.51 -12.82
CA VAL H 686 -29.75 -15.14 -12.99
C VAL H 686 -29.48 -16.13 -11.88
N ALA H 687 -29.93 -15.83 -10.65
CA ALA H 687 -29.77 -16.77 -9.55
C ALA H 687 -30.51 -18.07 -9.82
N LEU H 688 -31.75 -17.97 -10.31
CA LEU H 688 -32.51 -19.17 -10.67
C LEU H 688 -31.80 -19.94 -11.78
N GLN H 689 -31.31 -19.23 -12.79
CA GLN H 689 -30.59 -19.86 -13.88
C GLN H 689 -29.38 -20.62 -13.36
N GLN H 690 -28.63 -20.01 -12.45
CA GLN H 690 -27.42 -20.63 -11.93
C GLN H 690 -27.74 -21.80 -11.00
N ALA H 691 -28.86 -21.73 -10.28
CA ALA H 691 -29.30 -22.89 -9.50
C ALA H 691 -29.58 -24.09 -10.41
N VAL H 692 -30.30 -23.84 -11.51
CA VAL H 692 -30.56 -24.92 -12.47
C VAL H 692 -29.25 -25.40 -13.09
N MET H 693 -28.33 -24.47 -13.36
CA MET H 693 -27.01 -24.83 -13.86
C MET H 693 -26.31 -25.79 -12.91
N ALA H 694 -26.32 -25.46 -11.62
CA ALA H 694 -25.66 -26.30 -10.63
C ALA H 694 -26.32 -27.68 -10.57
N LYS H 695 -27.64 -27.73 -10.63
CA LYS H 695 -28.32 -29.02 -10.67
C LYS H 695 -27.86 -29.83 -11.87
N MET H 696 -27.80 -29.20 -13.04
CA MET H 696 -27.38 -29.90 -14.26
C MET H 696 -25.96 -30.41 -14.14
N ALA H 697 -25.05 -29.58 -13.62
CA ALA H 697 -23.67 -30.00 -13.47
C ALA H 697 -23.55 -31.15 -12.49
N ASP H 698 -24.30 -31.09 -11.38
CA ASP H 698 -24.26 -32.17 -10.40
C ASP H 698 -24.76 -33.48 -10.99
N ARG H 699 -25.84 -33.43 -11.75
CA ARG H 699 -26.36 -34.66 -12.35
C ARG H 699 -25.67 -35.02 -13.65
N ASN H 700 -24.71 -34.22 -14.11
CA ASN H 700 -23.94 -34.50 -15.31
C ASN H 700 -24.86 -34.68 -16.52
N ILE H 701 -25.71 -33.69 -16.73
CA ILE H 701 -26.64 -33.66 -17.85
C ILE H 701 -26.12 -32.67 -18.87
N ALA H 702 -25.96 -33.12 -20.11
CA ALA H 702 -25.45 -32.28 -21.17
C ALA H 702 -26.58 -31.52 -21.87
N ILE H 703 -26.19 -30.47 -22.58
CA ILE H 703 -27.12 -29.59 -23.29
C ILE H 703 -26.74 -29.58 -24.76
N GLU H 704 -27.60 -30.11 -25.62
CA GLU H 704 -27.42 -29.96 -27.07
C GLU H 704 -27.85 -28.56 -27.45
N CYS H 705 -26.91 -27.75 -27.90
CA CYS H 705 -27.19 -26.36 -28.25
C CYS H 705 -26.94 -26.15 -29.74
N PRO H 706 -27.98 -26.17 -30.58
CA PRO H 706 -27.81 -25.77 -31.96
C PRO H 706 -27.95 -24.27 -32.10
N PRO H 707 -27.53 -23.70 -33.24
CA PRO H 707 -27.61 -22.24 -33.40
C PRO H 707 -28.96 -21.80 -33.92
N THR H 708 -29.61 -20.91 -33.19
CA THR H 708 -30.94 -20.42 -33.57
C THR H 708 -30.89 -18.93 -33.90
N SER H 714 -34.30 -15.47 -31.59
CA SER H 714 -35.23 -14.51 -32.18
C SER H 714 -34.90 -13.11 -31.70
N GLN H 715 -34.44 -13.03 -30.45
CA GLN H 715 -34.07 -11.79 -29.79
C GLN H 715 -32.60 -11.44 -30.00
N TYR H 716 -31.84 -12.29 -30.68
CA TYR H 716 -30.45 -12.01 -31.00
C TYR H 716 -30.37 -11.27 -32.34
N ARG H 717 -29.85 -10.05 -32.31
CA ARG H 717 -29.56 -9.36 -33.56
C ARG H 717 -28.41 -10.04 -34.30
N ASN H 718 -27.30 -10.22 -33.60
CA ASN H 718 -26.09 -10.80 -34.16
C ASN H 718 -25.79 -12.11 -33.45
N VAL H 719 -25.07 -13.00 -34.15
CA VAL H 719 -24.75 -14.30 -33.60
C VAL H 719 -23.87 -14.20 -32.38
N SER H 720 -23.14 -13.09 -32.21
CA SER H 720 -22.26 -12.93 -31.06
C SER H 720 -23.01 -12.81 -29.74
N GLU H 721 -24.32 -12.57 -29.79
CA GLU H 721 -25.15 -12.49 -28.59
C GLU H 721 -25.72 -13.84 -28.18
N HIS H 722 -25.42 -14.91 -28.90
CA HIS H 722 -25.94 -16.22 -28.57
C HIS H 722 -25.41 -16.69 -27.22
N HIS H 723 -26.25 -17.44 -26.51
CA HIS H 723 -25.93 -17.93 -25.17
C HIS H 723 -24.91 -19.06 -25.17
N ILE H 724 -24.60 -19.63 -26.34
CA ILE H 724 -23.58 -20.67 -26.39
C ILE H 724 -22.25 -20.12 -25.92
N PHE H 725 -21.96 -18.85 -26.22
CA PHE H 725 -20.71 -18.24 -25.78
C PHE H 725 -20.71 -18.02 -24.27
N ARG H 726 -21.85 -17.64 -23.69
CA ARG H 726 -21.95 -17.58 -22.23
C ARG H 726 -21.67 -18.94 -21.63
N TRP H 727 -22.24 -19.99 -22.19
CA TRP H 727 -22.01 -21.34 -21.68
C TRP H 727 -20.55 -21.75 -21.83
N MET H 728 -19.92 -21.35 -22.93
CA MET H 728 -18.51 -21.65 -23.17
C MET H 728 -17.59 -20.80 -22.32
N GLY H 729 -18.10 -19.74 -21.69
CA GLY H 729 -17.34 -18.98 -20.73
C GLY H 729 -16.52 -17.84 -21.30
N LEU H 730 -16.91 -17.30 -22.45
CA LEU H 730 -16.16 -16.21 -23.03
C LEU H 730 -16.22 -14.99 -22.11
N PRO H 731 -15.12 -14.25 -21.94
CA PRO H 731 -15.19 -13.02 -21.16
C PRO H 731 -16.20 -12.05 -21.76
N GLY H 732 -16.94 -11.37 -20.89
CA GLY H 732 -17.98 -10.45 -21.31
C GLY H 732 -19.32 -11.08 -21.55
N GLU H 733 -19.39 -12.42 -21.67
CA GLU H 733 -20.65 -13.13 -21.84
C GLU H 733 -21.00 -14.00 -20.65
N ALA H 734 -20.00 -14.59 -19.99
CA ALA H 734 -20.25 -15.39 -18.80
C ALA H 734 -20.58 -14.50 -17.62
N ILE H 735 -21.46 -14.98 -16.75
CA ILE H 735 -21.87 -14.26 -15.56
C ILE H 735 -21.16 -14.87 -14.36
N GLU H 736 -21.03 -14.07 -13.30
CA GLU H 736 -20.11 -14.40 -12.21
C GLU H 736 -20.38 -15.80 -11.65
N GLY H 737 -21.64 -16.11 -11.37
CA GLY H 737 -21.97 -17.35 -10.69
C GLY H 737 -22.38 -18.49 -11.61
N ASP H 738 -21.87 -18.50 -12.84
CA ASP H 738 -22.23 -19.53 -13.80
C ASP H 738 -21.49 -20.83 -13.48
N VAL H 739 -22.02 -21.93 -14.00
CA VAL H 739 -21.47 -23.27 -13.81
C VAL H 739 -21.36 -23.94 -15.18
N PRO H 740 -20.21 -24.53 -15.53
CA PRO H 740 -20.12 -25.26 -16.80
C PRO H 740 -21.12 -26.42 -16.85
N MET H 741 -21.59 -26.73 -18.07
CA MET H 741 -22.75 -27.60 -18.20
C MET H 741 -22.63 -28.65 -19.32
N SER H 742 -21.46 -28.85 -19.92
CA SER H 742 -21.29 -29.89 -20.93
C SER H 742 -22.22 -29.66 -22.11
N ILE H 743 -21.90 -28.62 -22.87
CA ILE H 743 -22.62 -28.31 -24.09
C ILE H 743 -22.14 -29.22 -25.21
N CYS H 744 -23.09 -29.79 -25.94
CA CYS H 744 -22.85 -30.57 -27.16
C CYS H 744 -23.39 -29.80 -28.36
N LEU H 745 -22.87 -30.14 -29.53
CA LEU H 745 -23.22 -29.47 -30.77
C LEU H 745 -24.37 -30.18 -31.47
N GLY H 746 -25.13 -29.41 -32.25
CA GLY H 746 -26.19 -29.96 -33.06
C GLY H 746 -26.41 -29.13 -34.32
N SER H 747 -26.64 -29.81 -35.44
CA SER H 747 -26.87 -29.13 -36.73
C SER H 747 -28.38 -28.95 -36.91
N ASP H 748 -28.89 -27.87 -36.33
CA ASP H 748 -30.32 -27.55 -36.42
C ASP H 748 -30.45 -26.03 -36.44
N ASP H 749 -30.55 -25.45 -37.63
CA ASP H 749 -30.79 -24.03 -37.81
C ASP H 749 -32.21 -23.82 -38.31
N PRO H 750 -33.11 -23.25 -37.51
CA PRO H 750 -34.52 -23.18 -37.94
C PRO H 750 -34.72 -22.45 -39.26
N GLY H 751 -33.97 -21.39 -39.52
CA GLY H 751 -34.26 -20.53 -40.65
C GLY H 751 -33.18 -20.42 -41.70
N ILE H 752 -32.54 -21.55 -42.06
CA ILE H 752 -31.52 -21.57 -43.10
C ILE H 752 -31.80 -22.73 -44.04
N PHE H 753 -31.34 -22.59 -45.28
CA PHE H 753 -31.34 -23.67 -46.25
C PHE H 753 -29.94 -24.22 -46.39
N ALA H 754 -29.83 -25.55 -46.43
CA ALA H 754 -28.54 -26.22 -46.65
C ALA H 754 -27.53 -25.84 -45.56
N ALA H 755 -27.85 -26.28 -44.35
CA ALA H 755 -26.93 -26.17 -43.22
C ALA H 755 -26.32 -27.53 -42.92
N ASP H 756 -25.19 -27.51 -42.23
CA ASP H 756 -24.46 -28.72 -41.90
C ASP H 756 -23.77 -28.53 -40.57
N LEU H 757 -23.39 -29.67 -39.97
CA LEU H 757 -22.59 -29.66 -38.75
C LEU H 757 -21.26 -28.96 -38.97
N LYS H 758 -20.62 -29.22 -40.11
CA LYS H 758 -19.39 -28.50 -40.45
C LYS H 758 -19.67 -27.02 -40.60
N SER H 759 -20.80 -26.65 -41.20
CA SER H 759 -21.13 -25.24 -41.35
C SER H 759 -21.27 -24.57 -40.00
N GLU H 760 -21.96 -25.21 -39.06
CA GLU H 760 -22.13 -24.60 -37.73
C GLU H 760 -20.82 -24.56 -36.96
N PHE H 761 -19.99 -25.60 -37.08
CA PHE H 761 -18.67 -25.58 -36.47
C PHE H 761 -17.86 -24.40 -36.99
N TYR H 762 -17.84 -24.21 -38.31
CA TYR H 762 -17.10 -23.10 -38.90
C TYR H 762 -17.70 -21.76 -38.48
N HIS H 763 -19.02 -21.67 -38.37
CA HIS H 763 -19.66 -20.43 -37.94
C HIS H 763 -19.21 -20.06 -36.53
N LEU H 764 -19.23 -21.05 -35.62
CA LEU H 764 -18.76 -20.79 -34.26
C LEU H 764 -17.30 -20.38 -34.26
N PHE H 765 -16.47 -21.06 -35.05
CA PHE H 765 -15.05 -20.70 -35.14
C PHE H 765 -14.88 -19.26 -35.63
N VAL H 766 -15.62 -18.90 -36.68
CA VAL H 766 -15.51 -17.56 -37.25
C VAL H 766 -15.92 -16.50 -36.23
N VAL H 767 -17.04 -16.74 -35.54
CA VAL H 767 -17.50 -15.78 -34.55
C VAL H 767 -16.47 -15.63 -33.45
N LEU H 768 -15.95 -16.75 -32.95
CA LEU H 768 -14.97 -16.70 -31.87
C LEU H 768 -13.71 -15.94 -32.31
N THR H 769 -13.24 -16.19 -33.53
CA THR H 769 -11.99 -15.59 -33.97
C THR H 769 -12.12 -14.11 -34.32
N ARG H 770 -13.26 -13.70 -34.88
CA ARG H 770 -13.41 -12.35 -35.39
C ARG H 770 -14.09 -11.39 -34.43
N LYS H 771 -15.08 -11.87 -33.67
CA LYS H 771 -15.87 -11.02 -32.80
C LYS H 771 -15.41 -11.05 -31.36
N PHE H 772 -14.79 -12.14 -30.93
CA PHE H 772 -14.26 -12.25 -29.58
C PHE H 772 -12.75 -12.15 -29.54
N GLY H 773 -12.09 -12.01 -30.69
CA GLY H 773 -10.66 -11.76 -30.73
C GLY H 773 -9.80 -12.96 -30.39
N LEU H 774 -10.38 -14.14 -30.26
CA LEU H 774 -9.61 -15.32 -29.88
C LEU H 774 -8.75 -15.79 -31.05
N SER H 775 -7.56 -16.27 -30.72
CA SER H 775 -6.69 -16.81 -31.74
C SER H 775 -7.29 -18.08 -32.31
N PRO H 776 -6.84 -18.50 -33.50
CA PRO H 776 -7.37 -19.76 -34.06
C PRO H 776 -7.25 -20.93 -33.12
N ALA H 777 -6.13 -21.04 -32.40
CA ALA H 777 -5.95 -22.16 -31.48
C ALA H 777 -6.94 -22.13 -30.34
N ASP H 778 -7.12 -20.96 -29.72
CA ASP H 778 -8.05 -20.86 -28.59
C ASP H 778 -9.49 -21.09 -29.05
N ALA H 779 -9.87 -20.51 -30.20
CA ALA H 779 -11.21 -20.73 -30.72
C ALA H 779 -11.44 -22.20 -31.03
N LEU H 780 -10.43 -22.86 -31.62
CA LEU H 780 -10.56 -24.28 -31.90
C LEU H 780 -10.70 -25.08 -30.63
N ARG H 781 -9.97 -24.70 -29.57
CA ARG H 781 -10.12 -25.40 -28.29
C ARG H 781 -11.54 -25.26 -27.76
N LYS H 782 -12.08 -24.05 -27.83
CA LYS H 782 -13.43 -23.83 -27.29
C LYS H 782 -14.49 -24.59 -28.08
N VAL H 783 -14.41 -24.57 -29.42
CA VAL H 783 -15.39 -25.31 -30.21
C VAL H 783 -15.18 -26.81 -30.06
N ALA H 784 -13.93 -27.25 -29.96
CA ALA H 784 -13.62 -28.67 -29.84
C ALA H 784 -14.14 -29.23 -28.54
N GLU H 785 -14.18 -28.44 -27.48
CA GLU H 785 -14.70 -28.95 -26.22
C GLU H 785 -16.18 -29.33 -26.37
N VAL H 786 -16.96 -28.46 -27.01
CA VAL H 786 -18.36 -28.76 -27.26
C VAL H 786 -18.49 -29.98 -28.18
N ASN H 787 -17.70 -30.01 -29.26
CA ASN H 787 -17.77 -31.13 -30.18
C ASN H 787 -17.46 -32.45 -29.47
N GLU H 788 -16.40 -32.47 -28.66
CA GLU H 788 -16.04 -33.65 -27.89
C GLU H 788 -17.09 -34.01 -26.87
N ASN H 789 -17.82 -33.02 -26.35
CA ASN H 789 -18.95 -33.32 -25.48
C ASN H 789 -19.96 -34.18 -26.22
N GLY H 790 -20.15 -33.91 -27.51
CA GLY H 790 -21.00 -34.79 -28.30
C GLY H 790 -20.60 -36.26 -28.25
N ARG H 791 -19.30 -36.54 -28.35
CA ARG H 791 -18.79 -37.90 -28.27
C ARG H 791 -18.88 -38.47 -26.85
N ILE H 792 -18.57 -37.66 -25.84
CA ILE H 792 -18.60 -38.13 -24.47
C ILE H 792 -20.02 -38.52 -24.08
N TYR H 793 -21.01 -37.72 -24.48
CA TYR H 793 -22.40 -37.98 -24.14
C TYR H 793 -23.17 -38.60 -25.30
N ARG H 794 -22.48 -39.29 -26.21
CA ARG H 794 -23.15 -40.00 -27.28
C ARG H 794 -24.04 -41.11 -26.73
N PHE H 795 -25.07 -41.45 -27.49
CA PHE H 795 -25.97 -42.54 -27.16
C PHE H 795 -25.59 -43.85 -27.84
N HIS H 796 -24.54 -43.86 -28.64
CA HIS H 796 -24.17 -45.05 -29.40
C HIS H 796 -23.73 -46.17 -28.47
N ASP H 797 -23.96 -47.41 -28.91
CA ASP H 797 -23.54 -48.57 -28.15
C ASP H 797 -22.03 -48.64 -28.08
N VAL H 798 -21.50 -48.85 -26.88
CA VAL H 798 -20.06 -48.95 -26.67
C VAL H 798 -19.66 -50.42 -26.77
N MET I 1 -51.69 -5.57 -26.66
CA MET I 1 -52.39 -6.13 -27.86
C MET I 1 -53.60 -5.27 -28.26
N GLU I 2 -53.96 -4.33 -27.40
CA GLU I 2 -55.13 -3.50 -27.65
C GLU I 2 -54.90 -2.54 -28.82
N ARG I 3 -53.64 -2.17 -29.08
CA ARG I 3 -53.37 -1.22 -30.17
C ARG I 3 -53.67 -1.82 -31.54
N PHE I 4 -53.55 -3.14 -31.68
CA PHE I 4 -53.79 -3.78 -32.96
C PHE I 4 -55.27 -3.86 -33.32
N LEU I 5 -56.16 -3.65 -32.36
CA LEU I 5 -57.59 -3.60 -32.63
C LEU I 5 -58.06 -2.20 -32.99
N LEU I 6 -57.25 -1.18 -32.74
CA LEU I 6 -57.58 0.19 -33.10
C LEU I 6 -56.74 0.73 -34.25
N ASN I 7 -55.63 0.07 -34.58
CA ASN I 7 -54.78 0.47 -35.71
C ASN I 7 -54.39 -0.79 -36.46
N SER I 8 -55.10 -1.09 -37.55
CA SER I 8 -54.84 -2.30 -38.33
C SER I 8 -55.45 -2.15 -39.71
N THR I 9 -54.61 -2.25 -40.74
CA THR I 9 -55.11 -2.22 -42.11
C THR I 9 -55.99 -3.42 -42.42
N VAL I 10 -55.56 -4.61 -41.98
CA VAL I 10 -56.33 -5.82 -42.26
C VAL I 10 -57.69 -5.76 -41.60
N LEU I 11 -57.73 -5.36 -40.33
CA LEU I 11 -59.00 -5.25 -39.61
C LEU I 11 -59.91 -4.23 -40.27
N LEU I 12 -59.34 -3.10 -40.69
CA LEU I 12 -60.15 -2.08 -41.35
C LEU I 12 -60.74 -2.63 -42.63
N TYR I 13 -59.92 -3.30 -43.44
CA TYR I 13 -60.40 -3.79 -44.72
C TYR I 13 -61.55 -4.75 -44.50
N ARG I 14 -61.34 -5.74 -43.58
CA ARG I 14 -62.32 -6.77 -43.28
C ARG I 14 -63.63 -6.16 -42.77
N LEU I 15 -63.56 -5.28 -41.77
CA LEU I 15 -64.76 -4.68 -41.20
C LEU I 15 -65.48 -3.79 -42.17
N SER I 16 -64.77 -3.10 -43.06
CA SER I 16 -65.39 -2.20 -44.01
C SER I 16 -65.93 -2.91 -45.24
N THR I 17 -65.54 -4.17 -45.46
CA THR I 17 -66.06 -4.91 -46.60
C THR I 17 -67.21 -5.85 -46.29
N VAL I 18 -67.27 -6.42 -45.09
CA VAL I 18 -68.35 -7.36 -44.81
C VAL I 18 -69.60 -6.59 -44.38
N SER I 19 -70.75 -7.24 -44.53
CA SER I 19 -72.02 -6.60 -44.24
C SER I 19 -72.16 -6.31 -42.75
N LEU I 20 -73.02 -5.36 -42.43
CA LEU I 20 -73.23 -4.92 -41.06
C LEU I 20 -74.07 -5.89 -40.25
N ASP I 21 -74.66 -6.91 -40.87
CA ASP I 21 -75.46 -7.91 -40.18
C ASP I 21 -74.79 -9.27 -40.17
N GLU I 22 -73.47 -9.31 -40.36
CA GLU I 22 -72.76 -10.60 -40.39
C GLU I 22 -72.73 -11.25 -39.01
N VAL I 23 -72.37 -10.49 -37.98
CA VAL I 23 -72.30 -11.00 -36.61
C VAL I 23 -71.22 -12.07 -36.51
N SER I 24 -70.69 -12.28 -35.31
CA SER I 24 -69.74 -13.35 -35.01
C SER I 24 -68.45 -13.21 -35.81
N LEU I 25 -67.70 -12.15 -35.52
CA LEU I 25 -66.47 -11.83 -36.25
C LEU I 25 -65.22 -12.03 -35.39
N ASP I 26 -65.34 -12.78 -34.30
CA ASP I 26 -64.22 -12.93 -33.37
C ASP I 26 -63.03 -13.62 -34.02
N GLU I 27 -63.29 -14.72 -34.75
CA GLU I 27 -62.21 -15.45 -35.40
C GLU I 27 -61.38 -14.49 -36.24
N ARG I 28 -62.07 -13.57 -36.91
CA ARG I 28 -61.43 -12.78 -37.95
C ARG I 28 -60.73 -11.59 -37.35
N VAL I 29 -61.34 -10.99 -36.32
CA VAL I 29 -60.66 -9.96 -35.57
C VAL I 29 -59.36 -10.52 -35.00
N GLU I 30 -59.38 -11.76 -34.53
CA GLU I 30 -58.18 -12.39 -33.98
C GLU I 30 -57.12 -12.60 -35.06
N SER I 31 -57.52 -13.18 -36.19
CA SER I 31 -56.55 -13.42 -37.27
C SER I 31 -55.94 -12.11 -37.76
N SER I 32 -56.78 -11.09 -37.99
CA SER I 32 -56.29 -9.80 -38.42
C SER I 32 -55.38 -9.17 -37.37
N VAL I 33 -55.66 -9.39 -36.09
CA VAL I 33 -54.77 -8.88 -35.05
C VAL I 33 -53.40 -9.51 -35.17
N PHE I 34 -53.34 -10.82 -35.40
CA PHE I 34 -52.03 -11.46 -35.52
C PHE I 34 -51.29 -10.97 -36.76
N LEU I 35 -52.00 -10.79 -37.88
CA LEU I 35 -51.36 -10.21 -39.06
C LEU I 35 -50.84 -8.80 -38.80
N ALA I 36 -51.63 -7.97 -38.13
CA ALA I 36 -51.19 -6.62 -37.82
C ALA I 36 -49.96 -6.64 -36.92
N GLN I 37 -49.94 -7.53 -35.93
CA GLN I 37 -48.78 -7.61 -35.04
C GLN I 37 -47.55 -8.10 -35.77
N TYR I 38 -47.71 -9.07 -36.69
CA TYR I 38 -46.56 -9.51 -37.48
C TYR I 38 -46.04 -8.39 -38.35
N GLU I 39 -46.93 -7.61 -38.95
CA GLU I 39 -46.53 -6.51 -39.82
C GLU I 39 -45.87 -5.38 -39.04
N GLN I 40 -46.38 -5.04 -37.85
CA GLN I 40 -45.91 -3.89 -37.10
C GLN I 40 -44.80 -4.22 -36.12
N ALA I 41 -45.04 -5.11 -35.16
CA ALA I 41 -44.07 -5.53 -34.17
C ALA I 41 -43.73 -6.99 -34.46
N ARG I 42 -42.77 -7.20 -35.36
CA ARG I 42 -42.43 -8.54 -35.82
C ARG I 42 -41.71 -9.37 -34.76
N SER I 43 -41.05 -8.74 -33.80
CA SER I 43 -40.17 -9.47 -32.90
C SER I 43 -40.90 -10.19 -31.78
N LEU I 44 -42.23 -10.06 -31.69
CA LEU I 44 -42.97 -10.83 -30.70
C LEU I 44 -42.88 -12.31 -31.05
N PRO I 45 -42.49 -13.18 -30.10
CA PRO I 45 -42.15 -14.56 -30.49
C PRO I 45 -43.35 -15.47 -30.73
N ASP I 46 -44.38 -14.97 -31.40
CA ASP I 46 -45.41 -15.81 -32.01
C ASP I 46 -46.27 -16.56 -31.02
N HIS I 47 -45.96 -16.47 -29.72
CA HIS I 47 -46.79 -17.12 -28.71
C HIS I 47 -47.12 -16.15 -27.58
N VAL I 48 -46.24 -15.17 -27.35
CA VAL I 48 -46.60 -14.06 -26.47
C VAL I 48 -47.85 -13.37 -27.02
N ALA I 49 -47.94 -13.24 -28.35
CA ALA I 49 -49.11 -12.66 -28.97
C ALA I 49 -50.36 -13.52 -28.74
N LYS I 50 -50.25 -14.83 -28.95
CA LYS I 50 -51.37 -15.72 -28.66
C LYS I 50 -51.85 -15.54 -27.23
N SER I 51 -50.91 -15.55 -26.27
CA SER I 51 -51.28 -15.46 -24.87
C SER I 51 -51.91 -14.10 -24.54
N ALA I 52 -51.36 -13.02 -25.10
CA ALA I 52 -51.93 -11.70 -24.85
C ALA I 52 -53.35 -11.61 -25.37
N TRP I 53 -53.59 -12.15 -26.58
CA TRP I 53 -54.95 -12.14 -27.12
C TRP I 53 -55.89 -12.98 -26.25
N SER I 54 -55.41 -14.14 -25.77
CA SER I 54 -56.23 -14.97 -24.90
C SER I 54 -56.60 -14.21 -23.63
N TYR I 55 -55.64 -13.51 -23.04
CA TYR I 55 -55.94 -12.74 -21.84
C TYR I 55 -56.93 -11.61 -22.14
N LEU I 56 -56.81 -11.00 -23.32
CA LEU I 56 -57.75 -9.94 -23.68
C LEU I 56 -59.17 -10.47 -23.79
N VAL I 57 -59.35 -11.58 -24.50
CA VAL I 57 -60.69 -12.17 -24.60
C VAL I 57 -61.19 -12.57 -23.22
N GLN I 58 -60.30 -13.10 -22.37
CA GLN I 58 -60.69 -13.50 -21.03
C GLN I 58 -61.21 -12.30 -20.23
N GLN I 59 -60.50 -11.18 -20.31
CA GLN I 59 -60.95 -9.98 -19.60
C GLN I 59 -62.30 -9.51 -20.13
N ILE I 60 -62.45 -9.46 -21.45
CA ILE I 60 -63.70 -8.99 -22.04
C ILE I 60 -64.86 -9.88 -21.59
N LYS I 61 -64.69 -11.20 -21.69
CA LYS I 61 -65.75 -12.13 -21.33
C LYS I 61 -66.07 -12.07 -19.84
N GLN I 62 -65.05 -11.99 -18.97
CA GLN I 62 -65.32 -11.90 -17.55
C GLN I 62 -66.07 -10.63 -17.19
N ARG I 63 -65.72 -9.50 -17.81
CA ARG I 63 -66.39 -8.24 -17.54
C ARG I 63 -67.63 -8.06 -18.42
N ASN I 64 -68.05 -9.11 -19.12
CA ASN I 64 -69.37 -9.17 -19.73
C ASN I 64 -69.49 -8.14 -20.85
N MET I 65 -68.39 -7.95 -21.57
CA MET I 65 -68.32 -7.04 -22.69
C MET I 65 -68.19 -7.82 -23.99
N LYS I 66 -68.43 -7.13 -25.09
CA LYS I 66 -68.27 -7.71 -26.42
C LYS I 66 -67.01 -7.17 -27.05
N LEU I 67 -66.32 -8.02 -27.81
CA LEU I 67 -65.12 -7.57 -28.52
C LEU I 67 -65.45 -6.40 -29.43
N GLY I 68 -64.95 -5.22 -29.09
CA GLY I 68 -65.27 -4.03 -29.84
C GLY I 68 -64.59 -2.78 -29.31
N PRO I 69 -64.79 -1.68 -30.02
CA PRO I 69 -64.11 -0.42 -29.64
C PRO I 69 -64.41 0.01 -28.21
N VAL I 70 -65.65 -0.17 -27.75
CA VAL I 70 -66.00 0.27 -26.40
C VAL I 70 -65.18 -0.50 -25.38
N ALA I 71 -65.14 -1.83 -25.51
CA ALA I 71 -64.39 -2.64 -24.57
C ALA I 71 -62.90 -2.33 -24.62
N ILE I 72 -62.35 -2.18 -25.82
CA ILE I 72 -60.91 -1.91 -25.94
C ILE I 72 -60.58 -0.57 -25.31
N LEU I 73 -61.38 0.46 -25.60
CA LEU I 73 -61.14 1.78 -25.02
C LEU I 73 -61.27 1.75 -23.50
N ARG I 74 -62.26 1.02 -22.99
CA ARG I 74 -62.40 0.91 -21.53
C ARG I 74 -61.17 0.27 -20.92
N LEU I 75 -60.69 -0.82 -21.52
CA LEU I 75 -59.50 -1.48 -20.97
C LEU I 75 -58.30 -0.54 -20.98
N ILE I 76 -58.07 0.14 -22.10
CA ILE I 76 -56.94 1.06 -22.18
C ILE I 76 -57.06 2.16 -21.13
N ALA I 77 -58.26 2.73 -20.99
CA ALA I 77 -58.46 3.83 -20.05
C ALA I 77 -58.25 3.39 -18.62
N GLU I 78 -58.81 2.23 -18.22
CA GLU I 78 -58.54 1.74 -16.88
C GLU I 78 -57.06 1.45 -16.66
N LYS I 79 -56.35 1.01 -17.70
CA LYS I 79 -54.95 0.64 -17.54
C LYS I 79 -54.02 1.84 -17.48
N PHE I 80 -54.35 2.95 -18.15
CA PHE I 80 -53.44 4.09 -18.24
C PHE I 80 -53.92 5.30 -17.46
N ILE I 81 -55.19 5.69 -17.60
CA ILE I 81 -55.67 6.95 -17.08
C ILE I 81 -56.31 6.75 -15.70
N LYS I 82 -56.10 7.72 -14.83
CA LYS I 82 -56.81 7.93 -13.58
C LYS I 82 -57.33 9.34 -13.43
N ASN I 83 -57.74 9.60 -12.19
CA ASN I 83 -58.00 10.94 -11.69
C ASN I 83 -57.01 11.24 -10.56
N GLU I 84 -56.24 12.32 -10.70
CA GLU I 84 -55.44 12.77 -9.55
C GLU I 84 -55.37 14.28 -9.52
N LYS I 85 -55.70 14.85 -8.37
CA LYS I 85 -55.57 16.28 -8.11
C LYS I 85 -56.50 17.09 -9.00
N GLY I 86 -56.09 17.31 -10.24
CA GLY I 86 -56.83 18.01 -11.27
C GLY I 86 -56.87 17.26 -12.58
N GLY I 87 -58.06 16.82 -12.98
CA GLY I 87 -58.23 16.19 -14.27
C GLY I 87 -57.52 14.85 -14.37
N PRO I 88 -57.76 14.13 -15.46
CA PRO I 88 -57.12 12.83 -15.65
C PRO I 88 -55.63 12.96 -15.93
N LYS I 89 -54.86 12.00 -15.42
CA LYS I 89 -53.42 11.95 -15.63
C LYS I 89 -53.01 10.50 -15.89
N ILE I 90 -51.79 10.35 -16.39
CA ILE I 90 -51.21 9.05 -16.72
C ILE I 90 -50.29 8.63 -15.59
N ASP I 91 -50.24 7.33 -15.32
CA ASP I 91 -49.24 6.80 -14.39
C ASP I 91 -47.84 7.21 -14.78
N LEU I 92 -47.05 7.57 -13.77
CA LEU I 92 -45.62 7.74 -13.97
C LEU I 92 -44.97 6.46 -14.48
N PRO I 93 -45.18 5.29 -13.88
CA PRO I 93 -44.61 4.06 -14.44
C PRO I 93 -45.17 3.69 -15.80
N MET I 94 -46.34 4.21 -16.17
CA MET I 94 -47.00 3.84 -17.42
C MET I 94 -46.86 4.88 -18.53
N PHE I 95 -46.20 6.00 -18.26
CA PHE I 95 -46.14 7.07 -19.25
C PHE I 95 -45.37 6.66 -20.49
N SER I 96 -44.28 5.91 -20.33
CA SER I 96 -43.52 5.45 -21.50
C SER I 96 -44.38 4.58 -22.41
N GLU I 97 -45.09 3.62 -21.83
CA GLU I 97 -45.99 2.78 -22.60
C GLU I 97 -47.10 3.61 -23.24
N TRP I 98 -47.58 4.63 -22.52
CA TRP I 98 -48.61 5.50 -23.08
C TRP I 98 -48.09 6.25 -24.29
N GLN I 99 -46.84 6.73 -24.24
CA GLN I 99 -46.25 7.40 -25.39
C GLN I 99 -46.14 6.46 -26.57
N THR I 100 -45.63 5.24 -26.32
CA THR I 100 -45.55 4.26 -27.41
C THR I 100 -46.93 3.99 -28.00
N LEU I 101 -47.95 3.93 -27.15
CA LEU I 101 -49.32 3.74 -27.65
C LEU I 101 -49.77 4.94 -28.48
N MET I 102 -49.47 6.15 -28.01
CA MET I 102 -49.84 7.35 -28.76
C MET I 102 -49.22 7.38 -30.14
N SER I 103 -48.11 6.66 -30.33
CA SER I 103 -47.56 6.55 -31.68
C SER I 103 -48.47 5.77 -32.63
N ARG I 104 -49.50 5.10 -32.12
CA ARG I 104 -50.39 4.29 -32.96
C ARG I 104 -51.85 4.67 -32.84
N VAL I 105 -52.29 5.11 -31.65
CA VAL I 105 -53.70 5.32 -31.36
C VAL I 105 -53.91 6.77 -30.92
N SER I 106 -55.09 7.31 -31.24
CA SER I 106 -55.45 8.65 -30.83
C SER I 106 -55.98 8.64 -29.40
N CYS I 107 -55.70 9.72 -28.68
CA CYS I 107 -55.98 9.78 -27.24
C CYS I 107 -57.41 10.22 -26.94
N LEU I 108 -58.08 10.89 -27.88
CA LEU I 108 -59.40 11.45 -27.58
C LEU I 108 -60.43 10.38 -27.26
N PRO I 109 -60.55 9.30 -28.03
CA PRO I 109 -61.52 8.25 -27.64
C PRO I 109 -61.23 7.67 -26.27
N ILE I 110 -59.95 7.49 -25.93
CA ILE I 110 -59.61 6.91 -24.63
C ILE I 110 -59.98 7.86 -23.51
N ILE I 111 -59.74 9.16 -23.71
CA ILE I 111 -60.09 10.13 -22.67
C ILE I 111 -61.60 10.23 -22.53
N ALA I 112 -62.33 10.13 -23.64
CA ALA I 112 -63.79 10.11 -23.55
C ALA I 112 -64.27 8.90 -22.77
N CYS I 113 -63.67 7.73 -23.04
CA CYS I 113 -64.04 6.53 -22.31
C CYS I 113 -63.74 6.67 -20.82
N HIS I 114 -62.59 7.27 -20.50
CA HIS I 114 -62.26 7.50 -19.09
C HIS I 114 -63.26 8.44 -18.43
N GLN I 115 -63.62 9.53 -19.12
CA GLN I 115 -64.58 10.46 -18.55
C GLN I 115 -65.94 9.82 -18.36
N VAL I 116 -66.30 8.86 -19.21
CA VAL I 116 -67.60 8.22 -19.09
C VAL I 116 -67.60 7.18 -17.98
N PHE I 117 -66.62 6.27 -17.98
CA PHE I 117 -66.66 5.10 -17.11
C PHE I 117 -65.86 5.26 -15.81
N ASN I 118 -65.16 6.37 -15.64
CA ASN I 118 -64.40 6.62 -14.42
C ASN I 118 -64.18 8.12 -14.26
N PRO I 119 -65.25 8.91 -14.19
CA PRO I 119 -65.08 10.36 -14.08
C PRO I 119 -64.50 10.76 -12.73
N GLY I 120 -63.82 11.91 -12.73
CA GLY I 120 -63.30 12.47 -11.52
C GLY I 120 -64.40 13.11 -10.69
N PRO I 121 -64.01 13.85 -9.65
CA PRO I 121 -65.02 14.53 -8.82
C PRO I 121 -65.92 15.41 -9.67
N ALA I 122 -67.21 15.40 -9.34
CA ALA I 122 -68.20 16.19 -10.08
C ALA I 122 -68.21 17.63 -9.61
N SER I 123 -67.03 18.25 -9.55
CA SER I 123 -66.90 19.67 -9.24
C SER I 123 -65.94 20.39 -10.17
N GLN I 124 -65.03 19.68 -10.83
CA GLN I 124 -64.11 20.26 -11.79
C GLN I 124 -64.67 19.96 -13.18
N GLU I 125 -65.35 20.94 -13.77
CA GLU I 125 -65.91 20.76 -15.09
C GLU I 125 -64.79 20.46 -16.08
N TYR I 126 -64.74 19.24 -16.58
CA TYR I 126 -63.63 18.82 -17.42
C TYR I 126 -63.84 19.31 -18.84
N SER I 127 -62.89 20.11 -19.32
CA SER I 127 -62.81 20.52 -20.71
C SER I 127 -61.67 19.74 -21.36
N PHE I 128 -61.96 19.09 -22.49
CA PHE I 128 -60.98 18.21 -23.11
C PHE I 128 -59.66 18.93 -23.36
N ARG I 129 -58.55 18.27 -23.01
CA ARG I 129 -57.24 18.88 -23.25
C ARG I 129 -56.29 17.78 -23.66
N TRP I 130 -55.55 18.04 -24.71
CA TRP I 130 -54.51 17.12 -25.12
C TRP I 130 -53.16 17.75 -24.91
N PRO I 131 -52.11 16.94 -24.69
CA PRO I 131 -52.17 15.52 -24.40
C PRO I 131 -52.32 15.27 -22.91
N LEU I 132 -52.45 14.02 -22.51
CA LEU I 132 -52.49 13.67 -21.10
C LEU I 132 -51.07 13.57 -20.56
N TYR I 133 -50.82 14.23 -19.44
CA TYR I 133 -49.53 14.22 -18.79
C TYR I 133 -49.58 13.38 -17.52
N PRO I 134 -48.43 12.93 -17.03
CA PRO I 134 -48.36 12.42 -15.66
C PRO I 134 -48.33 13.60 -14.69
N TYR I 135 -48.31 13.27 -13.40
CA TYR I 135 -48.24 14.28 -12.35
C TYR I 135 -47.03 14.01 -11.46
N HIS I 136 -46.24 15.04 -11.23
CA HIS I 136 -45.21 15.01 -10.20
C HIS I 136 -45.07 16.41 -9.63
N PRO I 137 -45.21 16.59 -8.32
CA PRO I 137 -45.18 17.96 -7.77
C PRO I 137 -43.90 18.71 -8.09
N THR I 138 -42.75 18.04 -8.09
CA THR I 138 -41.50 18.73 -8.42
C THR I 138 -41.55 19.31 -9.84
N VAL I 139 -41.98 18.50 -10.80
CA VAL I 139 -42.05 18.96 -12.18
C VAL I 139 -43.07 20.08 -12.32
N GLU I 140 -44.23 19.94 -11.69
CA GLU I 140 -45.24 20.99 -11.79
C GLU I 140 -44.75 22.30 -11.18
N ASP I 141 -44.07 22.23 -10.03
CA ASP I 141 -43.53 23.44 -9.42
C ASP I 141 -42.47 24.07 -10.31
N TYR I 142 -41.60 23.26 -10.89
CA TYR I 142 -40.59 23.80 -11.79
C TYR I 142 -41.22 24.48 -12.98
N ILE I 143 -42.25 23.87 -13.57
CA ILE I 143 -42.90 24.47 -14.72
C ILE I 143 -43.58 25.78 -14.34
N THR I 144 -44.26 25.79 -13.18
CA THR I 144 -44.90 27.01 -12.71
C THR I 144 -43.90 28.12 -12.48
N ARG I 145 -42.72 27.79 -11.95
CA ARG I 145 -41.74 28.82 -11.60
C ARG I 145 -40.96 29.33 -12.81
N GLU I 146 -40.49 28.41 -13.66
CA GLU I 146 -39.59 28.74 -14.75
C GLU I 146 -40.23 28.64 -16.13
N CYS I 147 -41.34 27.91 -16.26
CA CYS I 147 -42.02 27.72 -17.54
C CYS I 147 -41.13 26.93 -18.48
N LEU I 148 -41.70 26.47 -19.60
CA LEU I 148 -40.98 25.67 -20.58
C LEU I 148 -40.68 26.53 -21.81
N HIS I 149 -39.60 26.16 -22.51
CA HIS I 149 -39.08 26.94 -23.63
C HIS I 149 -39.02 26.06 -24.86
N GLU I 150 -39.65 26.51 -25.95
CA GLU I 150 -39.74 25.75 -27.18
C GLU I 150 -38.78 26.32 -28.21
N THR I 151 -37.85 25.48 -28.69
CA THR I 151 -36.87 25.87 -29.68
C THR I 151 -36.95 25.07 -30.98
N HIS I 152 -37.83 24.07 -31.06
CA HIS I 152 -37.88 23.20 -32.24
C HIS I 152 -39.33 22.74 -32.44
N GLN I 153 -40.06 23.46 -33.31
CA GLN I 153 -41.44 23.11 -33.62
C GLN I 153 -41.72 23.36 -35.11
N HIS I 154 -41.46 22.34 -35.94
CA HIS I 154 -41.55 22.37 -37.40
C HIS I 154 -42.04 21.06 -38.04
N LEU I 155 -42.81 20.22 -37.33
CA LEU I 155 -43.06 18.86 -37.82
C LEU I 155 -44.28 18.74 -38.74
N ASN I 156 -45.50 18.99 -38.27
CA ASN I 156 -46.67 18.85 -39.14
C ASN I 156 -47.13 20.29 -39.09
N GLY I 157 -46.67 21.14 -39.98
CA GLY I 157 -46.83 22.56 -39.74
C GLY I 157 -46.23 22.90 -38.37
N SER I 158 -47.09 23.23 -37.40
CA SER I 158 -46.68 23.25 -36.00
C SER I 158 -47.73 22.67 -35.07
N THR I 159 -48.75 22.01 -35.63
CA THR I 159 -49.85 21.46 -34.85
C THR I 159 -49.68 19.95 -34.73
N SER I 160 -50.32 19.39 -33.72
CA SER I 160 -50.32 17.95 -33.57
C SER I 160 -51.10 17.30 -34.70
N ALA I 161 -50.79 16.03 -34.98
CA ALA I 161 -51.39 15.34 -36.11
C ALA I 161 -52.86 15.07 -35.87
N GLU I 162 -53.31 15.23 -34.62
CA GLU I 162 -54.67 14.85 -34.25
C GLU I 162 -55.71 15.87 -34.68
N GLU I 163 -55.38 17.16 -34.71
CA GLU I 163 -56.29 18.15 -35.28
C GLU I 163 -56.29 18.09 -36.79
N CYS I 164 -55.24 17.53 -37.40
CA CYS I 164 -55.23 17.36 -38.84
C CYS I 164 -56.30 16.39 -39.31
N TRP I 165 -56.65 15.40 -38.49
CA TRP I 165 -57.75 14.52 -38.85
C TRP I 165 -59.06 15.29 -39.02
N LEU I 166 -59.39 16.13 -38.04
CA LEU I 166 -60.61 16.93 -38.13
C LEU I 166 -60.50 17.98 -39.24
N ASP I 167 -59.30 18.51 -39.47
CA ASP I 167 -59.11 19.43 -40.59
C ASP I 167 -59.39 18.75 -41.92
N ALA I 168 -58.95 17.50 -42.06
CA ALA I 168 -59.24 16.73 -43.27
C ALA I 168 -60.74 16.49 -43.41
N LEU I 169 -61.40 16.13 -42.31
CA LEU I 169 -62.86 15.95 -42.37
C LEU I 169 -63.57 17.25 -42.72
N LYS I 170 -63.00 18.39 -42.30
CA LYS I 170 -63.57 19.69 -42.64
C LYS I 170 -63.35 20.03 -44.10
N HIS I 171 -62.19 19.68 -44.63
CA HIS I 171 -61.81 19.97 -46.01
C HIS I 171 -61.42 18.66 -46.67
N PRO I 172 -62.36 17.72 -46.80
CA PRO I 172 -62.04 16.43 -47.42
C PRO I 172 -61.48 16.59 -48.81
N GLU I 173 -61.99 17.57 -49.56
CA GLU I 173 -61.55 17.76 -50.94
C GLU I 173 -60.21 18.49 -51.01
N ALA I 174 -59.87 19.31 -50.01
CA ALA I 174 -58.50 19.82 -49.92
C ALA I 174 -57.52 18.70 -49.61
N CYS I 175 -57.86 17.84 -48.64
CA CYS I 175 -56.98 16.73 -48.31
C CYS I 175 -56.83 15.77 -49.48
N LEU I 176 -57.94 15.49 -50.17
CA LEU I 176 -57.87 14.64 -51.35
C LEU I 176 -56.99 15.28 -52.43
N ARG I 177 -57.17 16.59 -52.65
CA ARG I 177 -56.30 17.31 -53.58
C ARG I 177 -54.83 17.16 -53.23
N ASP I 178 -54.46 17.36 -51.96
CA ASP I 178 -53.06 17.18 -51.59
C ASP I 178 -52.60 15.75 -51.83
N PHE I 179 -53.39 14.78 -51.39
CA PHE I 179 -52.99 13.38 -51.54
C PHE I 179 -52.72 13.04 -52.99
N GLU I 180 -53.61 13.47 -53.90
CA GLU I 180 -53.39 13.20 -55.31
C GLU I 180 -52.15 13.92 -55.81
N LYS I 181 -52.02 15.21 -55.51
CA LYS I 181 -50.83 15.97 -55.89
C LYS I 181 -49.75 15.66 -54.86
N GLY I 182 -49.08 14.54 -55.08
CA GLY I 182 -48.07 14.02 -54.19
C GLY I 182 -48.09 12.51 -54.21
N TRP I 183 -49.21 11.93 -54.64
CA TRP I 183 -49.27 10.50 -54.94
C TRP I 183 -48.61 10.18 -56.27
N ALA I 184 -48.53 11.15 -57.18
CA ALA I 184 -47.73 10.97 -58.37
C ALA I 184 -46.25 10.86 -58.02
N SER I 185 -45.86 11.31 -56.83
CA SER I 185 -44.49 11.20 -56.39
C SER I 185 -44.21 9.79 -55.90
N GLN I 186 -43.05 9.31 -56.33
CA GLN I 186 -42.62 7.99 -55.96
C GLN I 186 -42.46 7.81 -54.46
N GLU I 187 -41.86 8.79 -53.81
CA GLU I 187 -41.57 8.65 -52.42
C GLU I 187 -42.82 8.21 -51.73
N MET I 188 -43.89 8.91 -52.09
CA MET I 188 -45.23 8.79 -51.54
C MET I 188 -45.88 7.48 -51.94
N LYS I 189 -45.74 7.06 -53.20
CA LYS I 189 -46.29 5.75 -53.55
C LYS I 189 -45.68 4.67 -52.67
N GLN I 190 -44.37 4.73 -52.48
CA GLN I 190 -43.69 3.75 -51.64
C GLN I 190 -44.22 3.80 -50.21
N LEU I 191 -44.36 5.02 -49.66
CA LEU I 191 -44.88 5.15 -48.30
C LEU I 191 -46.29 4.59 -48.17
N CYS I 192 -47.15 4.91 -49.14
CA CYS I 192 -48.53 4.42 -49.09
C CYS I 192 -48.56 2.90 -49.19
N ALA I 193 -47.73 2.31 -50.05
CA ALA I 193 -47.68 0.87 -50.13
C ALA I 193 -47.18 0.26 -48.82
N GLN I 194 -46.22 0.92 -48.18
CA GLN I 194 -45.65 0.36 -46.95
C GLN I 194 -46.63 0.45 -45.79
N ILE I 195 -47.50 1.44 -45.79
CA ILE I 195 -48.52 1.53 -44.73
C ILE I 195 -49.73 0.68 -45.08
N ASP I 196 -50.42 1.03 -46.16
CA ASP I 196 -51.57 0.26 -46.65
C ASP I 196 -51.33 -0.08 -48.12
N PRO I 197 -51.03 -1.34 -48.45
CA PRO I 197 -50.67 -1.66 -49.85
C PRO I 197 -51.67 -1.13 -50.87
N SER I 198 -52.95 -1.45 -50.71
CA SER I 198 -53.98 -1.04 -51.68
C SER I 198 -54.73 0.20 -51.19
N LEU I 199 -53.98 1.30 -51.06
CA LEU I 199 -54.59 2.55 -50.59
C LEU I 199 -55.23 3.34 -51.73
N THR I 200 -54.41 3.82 -52.66
CA THR I 200 -54.85 4.63 -53.80
C THR I 200 -55.63 5.88 -53.38
N PRO I 201 -55.62 6.92 -54.20
CA PRO I 201 -56.42 8.12 -53.88
C PRO I 201 -57.91 7.85 -53.78
N ARG I 202 -58.42 6.89 -54.56
CA ARG I 202 -59.86 6.65 -54.56
C ARG I 202 -60.32 6.05 -53.24
N ILE I 203 -59.62 5.03 -52.73
CA ILE I 203 -60.00 4.51 -51.42
C ILE I 203 -59.67 5.53 -50.33
N PHE I 204 -58.64 6.36 -50.53
CA PHE I 204 -58.43 7.47 -49.59
C PHE I 204 -59.68 8.33 -49.47
N LYS I 205 -60.23 8.75 -50.62
CA LYS I 205 -61.44 9.56 -50.64
C LYS I 205 -62.61 8.82 -50.02
N ASP I 206 -62.76 7.54 -50.38
CA ASP I 206 -63.88 6.75 -49.86
C ASP I 206 -63.78 6.62 -48.35
N ARG I 207 -62.57 6.43 -47.82
CA ARG I 207 -62.39 6.31 -46.38
C ARG I 207 -62.71 7.62 -45.67
N LEU I 208 -62.29 8.75 -46.24
CA LEU I 208 -62.65 10.03 -45.63
C LEU I 208 -64.16 10.21 -45.61
N GLN I 209 -64.84 9.89 -46.71
CA GLN I 209 -66.29 10.02 -46.75
C GLN I 209 -66.96 9.08 -45.77
N ILE I 210 -66.46 7.85 -45.66
CA ILE I 210 -67.01 6.89 -44.71
C ILE I 210 -66.87 7.42 -43.28
N ALA I 211 -65.71 8.00 -42.97
CA ALA I 211 -65.51 8.56 -41.64
C ALA I 211 -66.50 9.68 -41.37
N CYS I 212 -66.69 10.57 -42.34
CA CYS I 212 -67.64 11.67 -42.15
C CYS I 212 -69.06 11.15 -41.92
N ASN I 213 -69.49 10.20 -42.75
CA ASN I 213 -70.85 9.67 -42.64
C ASN I 213 -71.04 8.93 -41.32
N ILE I 214 -70.04 8.14 -40.91
CA ILE I 214 -70.12 7.44 -39.63
C ILE I 214 -70.20 8.44 -38.49
N ARG I 215 -69.44 9.52 -38.58
CA ARG I 215 -69.51 10.55 -37.55
C ARG I 215 -70.90 11.14 -37.45
N GLU I 216 -71.52 11.44 -38.60
CA GLU I 216 -72.88 11.97 -38.56
C GLU I 216 -73.86 10.98 -37.94
N ILE I 217 -73.81 9.72 -38.38
CA ILE I 217 -74.73 8.71 -37.86
C ILE I 217 -74.56 8.54 -36.36
N LEU I 218 -73.31 8.43 -35.91
CA LEU I 218 -73.06 8.21 -34.49
C LEU I 218 -73.37 9.44 -33.67
N CYS I 219 -73.28 10.64 -34.25
CA CYS I 219 -73.78 11.82 -33.56
C CYS I 219 -75.28 11.73 -33.35
N ARG I 220 -76.01 11.22 -34.35
CA ARG I 220 -77.44 11.05 -34.17
C ARG I 220 -77.74 10.18 -32.97
N VAL I 221 -77.02 9.05 -32.82
CA VAL I 221 -77.34 8.18 -31.69
C VAL I 221 -76.77 8.75 -30.39
N ALA I 222 -75.68 9.53 -30.46
CA ALA I 222 -75.17 10.18 -29.25
C ALA I 222 -76.18 11.16 -28.69
N GLN I 223 -76.84 11.93 -29.56
CA GLN I 223 -77.93 12.79 -29.13
C GLN I 223 -79.23 12.03 -28.90
N GLY I 224 -79.32 10.78 -29.36
CA GLY I 224 -80.55 10.03 -29.22
C GLY I 224 -81.68 10.63 -30.02
N VAL I 225 -81.52 10.73 -31.35
CA VAL I 225 -82.53 11.33 -32.20
C VAL I 225 -82.96 10.29 -33.24
N GLU I 226 -83.92 9.45 -32.85
CA GLU I 226 -84.90 8.82 -33.74
C GLU I 226 -84.35 7.93 -34.85
N LEU I 227 -83.03 7.74 -34.96
CA LEU I 227 -82.48 6.75 -35.89
C LEU I 227 -83.14 6.85 -37.26
N PRO I 228 -82.78 7.81 -38.12
CA PRO I 228 -83.61 8.06 -39.31
C PRO I 228 -83.84 6.78 -40.11
N GLU I 229 -84.92 6.79 -40.90
CA GLU I 229 -85.42 5.55 -41.49
C GLU I 229 -84.40 4.93 -42.44
N TRP I 230 -83.64 5.74 -43.16
CA TRP I 230 -82.74 5.20 -44.18
C TRP I 230 -81.62 4.34 -43.60
N ILE I 231 -81.52 4.24 -42.28
CA ILE I 231 -80.51 3.38 -41.67
C ILE I 231 -80.74 1.92 -42.06
N ALA I 232 -82.01 1.53 -42.28
CA ALA I 232 -82.30 0.14 -42.63
C ALA I 232 -81.65 -0.22 -43.97
N SER I 233 -81.69 0.69 -44.94
CA SER I 233 -81.06 0.43 -46.23
C SER I 233 -79.55 0.27 -46.12
N MET I 234 -78.95 0.94 -45.16
CA MET I 234 -77.52 0.85 -44.91
C MET I 234 -77.13 -0.55 -44.46
N GLN I 235 -76.55 -1.35 -45.36
CA GLN I 235 -76.24 -2.72 -45.02
C GLN I 235 -74.76 -3.04 -45.07
N ASN I 236 -73.96 -2.27 -45.82
CA ASN I 236 -72.58 -2.61 -46.08
C ASN I 236 -71.75 -1.32 -45.98
N PRO I 237 -70.72 -1.30 -45.13
CA PRO I 237 -70.05 -0.02 -44.83
C PRO I 237 -69.60 0.75 -46.06
N GLN I 238 -69.37 0.08 -47.18
CA GLN I 238 -69.00 0.76 -48.40
C GLN I 238 -70.10 1.71 -48.88
N GLN I 239 -71.34 1.49 -48.44
CA GLN I 239 -72.43 2.40 -48.80
C GLN I 239 -72.17 3.81 -48.27
N LEU I 240 -71.39 3.94 -47.21
CA LEU I 240 -71.08 5.24 -46.62
C LEU I 240 -69.98 5.98 -47.37
N ALA I 241 -69.38 5.36 -48.39
CA ALA I 241 -68.34 6.03 -49.18
C ALA I 241 -68.87 7.23 -49.95
N ASN I 242 -70.17 7.48 -49.91
CA ASN I 242 -70.79 8.46 -50.79
C ASN I 242 -71.53 9.49 -49.96
N SER I 243 -71.85 10.63 -50.60
CA SER I 243 -72.48 11.73 -49.89
C SER I 243 -73.95 11.47 -49.58
N THR I 244 -74.60 10.53 -50.25
CA THR I 244 -76.01 10.26 -50.02
C THR I 244 -76.25 8.76 -50.05
N ILE I 245 -77.31 8.34 -49.37
CA ILE I 245 -77.76 6.96 -49.35
C ILE I 245 -79.10 6.88 -50.04
N LEU I 246 -79.34 5.76 -50.75
CA LEU I 246 -80.56 5.53 -51.50
C LEU I 246 -81.36 4.44 -50.80
N HIS I 247 -82.50 4.83 -50.22
CA HIS I 247 -83.31 3.86 -49.48
C HIS I 247 -84.32 3.18 -50.40
N ASN I 248 -85.27 3.95 -50.95
CA ASN I 248 -86.17 3.46 -51.99
C ASN I 248 -86.44 4.63 -52.94
N GLY I 249 -85.68 4.70 -54.02
CA GLY I 249 -85.89 5.72 -55.03
C GLY I 249 -85.31 7.07 -54.67
N ARG I 250 -85.24 7.38 -53.39
CA ARG I 250 -84.81 8.68 -52.90
C ARG I 250 -83.35 8.66 -52.48
N GLU I 251 -82.72 9.82 -52.51
CA GLU I 251 -81.33 9.98 -52.07
C GLU I 251 -81.32 10.85 -50.81
N TYR I 252 -81.01 10.24 -49.68
CA TYR I 252 -80.99 10.92 -48.39
C TYR I 252 -79.57 11.30 -48.01
N GLY I 253 -79.40 12.53 -47.51
CA GLY I 253 -78.11 12.96 -47.03
C GLY I 253 -77.86 12.53 -45.60
N PHE I 254 -76.58 12.37 -45.27
CA PHE I 254 -76.17 11.92 -43.95
C PHE I 254 -76.05 13.05 -42.93
N ALA I 255 -76.10 14.30 -43.37
CA ALA I 255 -75.89 15.42 -42.46
C ALA I 255 -77.01 15.53 -41.45
N THR I 256 -76.69 16.06 -40.28
CA THR I 256 -77.64 16.31 -39.22
C THR I 256 -77.28 17.62 -38.53
N VAL I 257 -78.01 17.95 -37.47
CA VAL I 257 -77.77 19.17 -36.70
C VAL I 257 -76.78 18.87 -35.58
N TRP I 258 -75.88 19.81 -35.33
CA TRP I 258 -74.86 19.67 -34.31
C TRP I 258 -75.00 20.77 -33.26
N PRO I 259 -74.79 20.47 -31.98
CA PRO I 259 -74.94 21.52 -30.96
C PRO I 259 -73.99 22.68 -31.16
N ILE I 260 -72.69 22.40 -31.30
CA ILE I 260 -71.69 23.45 -31.36
C ILE I 260 -71.60 23.99 -32.77
N ASP I 261 -71.25 25.27 -32.87
CA ASP I 261 -71.16 25.92 -34.17
C ASP I 261 -70.11 25.24 -35.05
N ASP I 262 -68.95 24.94 -34.48
CA ASP I 262 -67.88 24.22 -35.19
C ASP I 262 -68.03 22.74 -34.86
N LYS I 263 -68.61 21.99 -35.81
CA LYS I 263 -68.89 20.57 -35.61
C LYS I 263 -67.66 19.70 -35.82
N TYR I 264 -66.58 20.26 -36.36
CA TYR I 264 -65.32 19.59 -36.65
C TYR I 264 -64.25 19.93 -35.62
N SER I 265 -64.65 20.49 -34.50
CA SER I 265 -63.73 20.86 -33.44
C SER I 265 -63.51 19.68 -32.50
N GLN I 266 -62.38 19.69 -31.81
CA GLN I 266 -62.08 18.58 -30.91
C GLN I 266 -63.01 18.57 -29.71
N GLU I 267 -63.52 19.74 -29.31
CA GLU I 267 -64.56 19.78 -28.30
C GLU I 267 -65.82 19.05 -28.79
N SER I 268 -66.22 19.32 -30.04
CA SER I 268 -67.39 18.64 -30.59
C SER I 268 -67.16 17.14 -30.68
N GLU I 269 -65.97 16.74 -31.12
CA GLU I 269 -65.66 15.31 -31.20
C GLU I 269 -65.73 14.67 -29.82
N PHE I 270 -65.15 15.32 -28.81
CA PHE I 270 -65.19 14.79 -27.45
C PHE I 270 -66.61 14.69 -26.93
N CYS I 271 -67.43 15.71 -27.17
CA CYS I 271 -68.80 15.68 -26.72
C CYS I 271 -69.56 14.53 -27.37
N TRP I 272 -69.41 14.37 -28.69
CA TRP I 272 -70.10 13.30 -29.38
C TRP I 272 -69.66 11.93 -28.87
N LEU I 273 -68.35 11.74 -28.71
CA LEU I 273 -67.86 10.45 -28.25
C LEU I 273 -68.32 10.16 -26.82
N THR I 274 -68.31 11.16 -25.95
CA THR I 274 -68.78 10.98 -24.58
C THR I 274 -70.25 10.59 -24.56
N GLY I 275 -71.08 11.28 -25.36
CA GLY I 275 -72.48 10.92 -25.43
C GLY I 275 -72.69 9.51 -25.96
N LEU I 276 -71.96 9.15 -27.01
CA LEU I 276 -72.09 7.81 -27.58
C LEU I 276 -71.73 6.74 -26.57
N LEU I 277 -70.62 6.93 -25.85
CA LEU I 277 -70.19 5.93 -24.87
C LEU I 277 -71.14 5.90 -23.68
N GLU I 278 -71.68 7.06 -23.28
CA GLU I 278 -72.68 7.07 -22.21
C GLU I 278 -73.91 6.27 -22.61
N LYS I 279 -74.38 6.44 -23.86
CA LYS I 279 -75.53 5.68 -24.31
C LYS I 279 -75.21 4.20 -24.45
N TRP I 280 -73.97 3.86 -24.83
CA TRP I 280 -73.54 2.48 -24.97
C TRP I 280 -72.84 1.95 -23.72
N ARG I 281 -73.09 2.57 -22.57
CA ARG I 281 -72.40 2.17 -21.34
C ARG I 281 -72.52 0.67 -21.07
N PHE I 282 -73.72 0.14 -21.17
CA PHE I 282 -73.99 -1.26 -20.82
C PHE I 282 -73.87 -2.20 -22.02
N ASN I 283 -74.36 -1.78 -23.18
CA ASN I 283 -74.19 -2.50 -24.43
C ASN I 283 -74.24 -1.51 -25.59
N ALA I 284 -74.12 -2.04 -26.80
CA ALA I 284 -74.26 -1.27 -28.03
C ALA I 284 -74.77 -2.16 -29.15
N PRO I 285 -75.51 -1.60 -30.11
CA PRO I 285 -75.84 -2.38 -31.32
C PRO I 285 -74.58 -2.80 -32.04
N GLU I 286 -74.60 -4.03 -32.57
CA GLU I 286 -73.41 -4.57 -33.21
C GLU I 286 -73.01 -3.72 -34.42
N GLY I 287 -73.98 -3.33 -35.25
CA GLY I 287 -73.66 -2.58 -36.45
C GLY I 287 -73.09 -1.22 -36.15
N LEU I 288 -73.70 -0.49 -35.21
CA LEU I 288 -73.21 0.84 -34.88
C LEU I 288 -71.87 0.77 -34.15
N GLU I 289 -71.67 -0.25 -33.32
CA GLU I 289 -70.36 -0.44 -32.70
C GLU I 289 -69.29 -0.72 -33.75
N ARG I 290 -69.63 -1.51 -34.77
CA ARG I 290 -68.70 -1.73 -35.87
C ARG I 290 -68.44 -0.47 -36.65
N LEU I 291 -69.46 0.39 -36.81
CA LEU I 291 -69.25 1.68 -37.45
C LEU I 291 -68.26 2.52 -36.66
N LEU I 292 -68.40 2.55 -35.33
CA LEU I 292 -67.44 3.26 -34.49
C LEU I 292 -66.04 2.67 -34.63
N TRP I 293 -65.95 1.34 -34.67
CA TRP I 293 -64.67 0.68 -34.86
C TRP I 293 -64.03 1.10 -36.18
N ILE I 294 -64.82 1.13 -37.25
CA ILE I 294 -64.30 1.53 -38.56
C ILE I 294 -63.85 2.98 -38.54
N TYR I 295 -64.62 3.85 -37.87
CA TYR I 295 -64.22 5.25 -37.77
C TYR I 295 -62.88 5.38 -37.05
N LEU I 296 -62.72 4.68 -35.94
CA LEU I 296 -61.46 4.74 -35.20
C LEU I 296 -60.31 4.20 -36.04
N LEU I 297 -60.53 3.09 -36.74
CA LEU I 297 -59.48 2.52 -37.58
C LEU I 297 -59.08 3.47 -38.69
N ILE I 298 -60.07 4.11 -39.33
CA ILE I 298 -59.77 5.05 -40.41
C ILE I 298 -58.99 6.23 -39.87
N GLN I 299 -59.42 6.77 -38.73
CA GLN I 299 -58.71 7.90 -38.14
C GLN I 299 -57.27 7.53 -37.83
N ASN I 300 -57.05 6.36 -37.21
CA ASN I 300 -55.70 5.96 -36.85
C ASN I 300 -54.83 5.72 -38.08
N GLN I 301 -55.40 5.11 -39.13
CA GLN I 301 -54.65 4.91 -40.36
C GLN I 301 -54.25 6.23 -40.98
N TYR I 302 -55.19 7.19 -41.03
CA TYR I 302 -54.89 8.50 -41.60
C TYR I 302 -53.79 9.19 -40.79
N LEU I 303 -53.86 9.12 -39.46
CA LEU I 303 -52.85 9.75 -38.63
C LEU I 303 -51.49 9.09 -38.82
N THR I 304 -51.45 7.76 -38.94
CA THR I 304 -50.20 7.08 -39.21
C THR I 304 -49.58 7.56 -40.52
N LEU I 305 -50.39 7.59 -41.58
CA LEU I 305 -49.89 8.07 -42.87
C LEU I 305 -49.39 9.51 -42.76
N LEU I 306 -50.15 10.37 -42.08
CA LEU I 306 -49.77 11.77 -41.96
C LEU I 306 -48.47 11.95 -41.20
N VAL I 307 -48.31 11.25 -40.07
CA VAL I 307 -47.08 11.41 -39.29
C VAL I 307 -45.89 10.84 -40.05
N GLN I 308 -46.07 9.78 -40.83
CA GLN I 308 -44.95 9.22 -41.54
C GLN I 308 -44.61 9.97 -42.82
N ARG I 309 -45.41 10.96 -43.22
CA ARG I 309 -45.02 11.81 -44.33
C ARG I 309 -43.84 12.69 -43.95
N THR I 322 -49.11 20.79 -49.30
CA THR I 322 -48.77 22.21 -49.29
C THR I 322 -50.05 22.94 -49.04
N MET I 323 -51.09 22.38 -49.65
CA MET I 323 -52.37 23.07 -49.79
C MET I 323 -53.14 23.11 -48.48
N THR I 324 -53.37 21.94 -47.89
CA THR I 324 -53.96 21.88 -46.55
C THR I 324 -53.16 22.75 -45.59
N GLU I 325 -51.85 22.85 -45.83
CA GLU I 325 -51.04 23.76 -45.03
C GLU I 325 -51.38 25.22 -45.32
N LEU I 326 -51.63 25.55 -46.59
CA LEU I 326 -52.08 26.90 -46.92
C LEU I 326 -53.33 27.25 -46.13
N ARG I 327 -54.18 26.25 -45.91
CA ARG I 327 -55.40 26.50 -45.15
C ARG I 327 -55.13 26.81 -43.69
N GLU I 328 -53.89 26.63 -43.22
CA GLU I 328 -53.48 27.13 -41.91
C GLU I 328 -52.89 28.53 -41.98
N GLU I 329 -53.32 29.33 -42.95
CA GLU I 329 -52.85 30.70 -43.15
C GLU I 329 -53.88 31.72 -42.70
N THR I 330 -54.64 31.38 -41.65
CA THR I 330 -55.57 32.30 -41.00
C THR I 330 -55.12 32.52 -39.55
N GLU I 331 -55.71 33.52 -38.91
CA GLU I 331 -55.38 33.79 -37.52
C GLU I 331 -56.21 32.94 -36.56
N LYS I 332 -56.33 31.64 -36.84
CA LYS I 332 -57.02 30.59 -36.10
C LYS I 332 -56.10 29.48 -35.66
N SER I 333 -55.35 28.88 -36.59
CA SER I 333 -54.42 27.84 -36.22
C SER I 333 -53.35 28.39 -35.30
N TYR I 334 -52.87 29.60 -35.56
CA TYR I 334 -51.86 30.20 -34.70
C TYR I 334 -52.45 30.61 -33.35
N LEU I 335 -53.68 31.12 -33.33
CA LEU I 335 -54.32 31.43 -32.06
C LEU I 335 -54.49 30.19 -31.20
N SER I 336 -54.92 29.09 -31.81
CA SER I 336 -55.04 27.83 -31.09
C SER I 336 -53.66 27.34 -30.64
N ARG I 337 -52.65 27.51 -31.49
CA ARG I 337 -51.29 27.16 -31.12
C ARG I 337 -50.85 27.88 -29.85
N PHE I 338 -51.09 29.19 -29.80
CA PHE I 338 -50.65 29.97 -28.64
C PHE I 338 -51.50 29.64 -27.42
N LYS I 339 -52.81 29.47 -27.59
CA LYS I 339 -53.65 29.08 -26.46
C LYS I 339 -53.25 27.72 -25.91
N HIS I 340 -52.81 26.81 -26.77
CA HIS I 340 -52.38 25.49 -26.34
C HIS I 340 -51.03 25.53 -25.66
N ALA I 341 -50.09 26.32 -26.20
CA ALA I 341 -48.81 26.51 -25.51
C ALA I 341 -49.03 27.09 -24.13
N HIS I 342 -49.90 28.09 -24.02
CA HIS I 342 -50.41 28.51 -22.73
C HIS I 342 -51.23 27.37 -22.13
N GLY I 343 -51.03 27.12 -20.83
CA GLY I 343 -51.78 26.08 -20.17
C GLY I 343 -53.22 26.47 -19.95
N ALA I 344 -53.89 25.79 -19.01
CA ALA I 344 -55.23 26.16 -18.61
C ALA I 344 -55.25 27.21 -17.51
N GLY I 345 -54.08 27.59 -16.99
CA GLY I 345 -53.99 28.57 -15.93
C GLY I 345 -53.80 29.98 -16.46
N VAL I 346 -53.69 30.91 -15.51
CA VAL I 346 -53.54 32.32 -15.84
C VAL I 346 -52.17 32.59 -16.45
N TYR I 347 -51.14 31.95 -15.91
CA TYR I 347 -49.75 32.12 -16.32
C TYR I 347 -49.36 31.00 -17.28
N SER I 348 -48.75 31.39 -18.40
CA SER I 348 -48.48 30.43 -19.46
C SER I 348 -47.46 29.39 -19.03
N GLN I 349 -47.70 28.15 -19.43
CA GLN I 349 -46.74 27.07 -19.22
C GLN I 349 -45.47 27.25 -20.04
N VAL I 350 -45.60 27.85 -21.22
CA VAL I 350 -44.48 28.03 -22.14
C VAL I 350 -44.13 29.52 -22.16
N ARG I 351 -42.86 29.84 -21.89
CA ARG I 351 -42.43 31.23 -21.82
C ARG I 351 -41.92 31.73 -23.17
N TYR I 352 -40.91 31.08 -23.73
CA TYR I 352 -40.28 31.51 -24.97
C TYR I 352 -40.58 30.49 -26.06
N LEU I 353 -41.44 30.87 -27.01
CA LEU I 353 -41.85 29.97 -28.08
C LEU I 353 -41.22 30.42 -29.40
N GLU I 354 -40.50 29.50 -30.04
CA GLU I 354 -39.99 29.70 -31.40
C GLU I 354 -41.00 29.07 -32.35
N GLY I 355 -41.48 29.85 -33.32
CA GLY I 355 -42.45 29.53 -34.34
C GLY I 355 -41.81 29.51 -35.71
N ARG I 356 -41.75 28.31 -36.30
CA ARG I 356 -41.04 28.10 -37.56
C ARG I 356 -42.05 27.91 -38.68
N PHE I 357 -41.86 28.65 -39.78
CA PHE I 357 -42.79 28.61 -40.90
C PHE I 357 -42.03 28.61 -42.21
N ALA I 358 -42.60 27.97 -43.22
CA ALA I 358 -41.97 27.93 -44.53
C ALA I 358 -42.11 29.28 -45.23
N PRO I 359 -41.02 29.89 -45.69
CA PRO I 359 -41.15 31.18 -46.39
C PRO I 359 -41.72 30.99 -47.78
N LYS I 360 -42.66 31.86 -48.15
CA LYS I 360 -43.34 31.75 -49.43
C LYS I 360 -42.60 32.51 -50.52
N SER I 361 -42.69 31.97 -51.74
CA SER I 361 -42.04 32.56 -52.91
C SER I 361 -42.86 33.70 -53.50
N ASP I 362 -44.06 33.96 -52.99
CA ASP I 362 -44.90 35.06 -53.43
C ASP I 362 -44.94 36.12 -52.34
N PRO I 363 -44.56 37.38 -52.62
CA PRO I 363 -44.57 38.39 -51.55
C PRO I 363 -45.93 38.54 -50.89
N ASN I 364 -46.99 38.47 -51.68
CA ASN I 364 -48.34 38.50 -51.14
C ASN I 364 -48.56 37.36 -50.15
N LYS I 365 -48.24 36.12 -50.53
CA LYS I 365 -48.45 34.99 -49.64
C LYS I 365 -47.61 35.12 -48.38
N MET I 366 -46.40 35.67 -48.50
CA MET I 366 -45.55 35.85 -47.32
C MET I 366 -46.12 36.88 -46.36
N GLN I 367 -46.51 38.05 -46.89
CA GLN I 367 -47.19 39.04 -46.07
C GLN I 367 -48.40 38.42 -45.41
N LYS I 368 -49.10 37.59 -46.17
CA LYS I 368 -50.31 36.94 -45.71
C LYS I 368 -50.05 36.05 -44.51
N LEU I 369 -49.10 35.16 -44.65
CA LEU I 369 -48.75 34.24 -43.59
C LEU I 369 -48.30 35.00 -42.35
N LEU I 370 -47.50 36.05 -42.54
CA LEU I 370 -46.96 36.76 -41.39
C LEU I 370 -48.04 37.58 -40.68
N PHE I 371 -48.96 38.20 -41.43
CA PHE I 371 -50.07 38.89 -40.80
C PHE I 371 -50.92 37.90 -40.02
N SER I 372 -51.16 36.71 -40.57
CA SER I 372 -51.94 35.72 -39.84
C SER I 372 -51.27 35.37 -38.52
N VAL I 373 -49.96 35.09 -38.56
CA VAL I 373 -49.27 34.68 -37.33
C VAL I 373 -49.30 35.81 -36.31
N LEU I 374 -48.96 37.03 -36.73
CA LEU I 374 -48.89 38.15 -35.80
C LEU I 374 -50.26 38.47 -35.21
N ARG I 375 -51.32 38.39 -36.02
CA ARG I 375 -52.65 38.70 -35.52
C ARG I 375 -53.14 37.61 -34.58
N GLY I 376 -52.83 36.36 -34.84
CA GLY I 376 -53.15 35.31 -33.89
C GLY I 376 -52.45 35.53 -32.56
N TYR I 377 -51.17 35.90 -32.61
CA TYR I 377 -50.45 36.21 -31.38
C TYR I 377 -51.10 37.39 -30.64
N TRP I 378 -51.50 38.42 -31.38
CA TRP I 378 -52.12 39.58 -30.75
C TRP I 378 -53.45 39.22 -30.09
N GLU I 379 -54.26 38.40 -30.76
CA GLU I 379 -55.52 37.96 -30.17
C GLU I 379 -55.27 37.14 -28.91
N TYR I 380 -54.30 36.24 -28.96
CA TYR I 380 -53.95 35.47 -27.78
C TYR I 380 -53.55 36.37 -26.62
N LEU I 381 -52.75 37.41 -26.90
CA LEU I 381 -52.36 38.33 -25.86
C LEU I 381 -53.54 39.14 -25.33
N SER I 382 -54.44 39.56 -26.23
CA SER I 382 -55.62 40.31 -25.82
C SER I 382 -56.53 39.49 -24.92
N ALA I 383 -56.54 38.17 -25.08
CA ALA I 383 -57.33 37.31 -24.20
C ALA I 383 -56.69 37.10 -22.84
N HIS I 384 -55.51 37.68 -22.58
CA HIS I 384 -54.83 37.51 -21.30
C HIS I 384 -54.37 38.81 -20.66
N MET I 385 -54.41 39.95 -21.36
CA MET I 385 -54.12 41.23 -20.73
C MET I 385 -55.06 42.29 -21.29
N SER I 386 -55.34 43.28 -20.45
CA SER I 386 -56.20 44.41 -20.81
C SER I 386 -55.36 45.68 -20.86
N MET I 387 -55.36 46.34 -22.01
CA MET I 387 -54.57 47.55 -22.20
C MET I 387 -55.14 48.32 -23.38
N GLU I 388 -54.75 49.59 -23.48
CA GLU I 388 -55.12 50.42 -24.62
C GLU I 388 -54.40 49.90 -25.86
N TRP I 389 -55.16 49.33 -26.80
CA TRP I 389 -54.60 48.58 -27.91
C TRP I 389 -54.44 49.42 -29.18
N VAL I 390 -54.60 50.74 -29.10
CA VAL I 390 -54.48 51.62 -30.26
C VAL I 390 -55.54 51.23 -31.30
N HIS I 391 -55.17 50.33 -32.20
CA HIS I 391 -56.10 49.76 -33.17
C HIS I 391 -56.80 48.56 -32.55
N GLU I 392 -58.07 48.74 -32.18
CA GLU I 392 -58.81 47.64 -31.57
C GLU I 392 -58.99 46.50 -32.54
N LYS I 393 -58.98 46.79 -33.84
CA LYS I 393 -59.17 45.79 -34.89
C LYS I 393 -58.08 45.95 -35.94
N PRO I 394 -56.87 45.49 -35.67
CA PRO I 394 -55.81 45.63 -36.67
C PRO I 394 -56.13 44.87 -37.95
N LEU I 395 -55.78 45.47 -39.08
CA LEU I 395 -55.98 44.88 -40.39
C LEU I 395 -54.68 44.65 -41.16
N THR I 396 -53.61 45.33 -40.78
CA THR I 396 -52.33 45.24 -41.48
C THR I 396 -51.24 44.90 -40.49
N ILE I 397 -50.11 44.43 -41.05
CA ILE I 397 -48.96 44.08 -40.22
C ILE I 397 -48.49 45.30 -39.43
N SER I 398 -48.54 46.48 -40.04
CA SER I 398 -48.13 47.69 -39.33
C SER I 398 -49.01 47.92 -38.11
N GLN I 399 -50.33 47.76 -38.26
CA GLN I 399 -51.23 47.96 -37.13
C GLN I 399 -51.00 46.90 -36.05
N VAL I 400 -50.80 45.65 -36.46
CA VAL I 400 -50.54 44.59 -35.48
C VAL I 400 -49.26 44.88 -34.72
N LEU I 401 -48.24 45.40 -35.41
CA LEU I 401 -46.99 45.74 -34.75
C LEU I 401 -47.16 46.93 -33.81
N ASP I 402 -47.97 47.92 -34.22
CA ASP I 402 -48.30 49.00 -33.31
C ASP I 402 -48.93 48.47 -32.03
N ASN I 403 -49.83 47.50 -32.17
CA ASN I 403 -50.43 46.87 -31.01
C ASN I 403 -49.38 46.17 -30.16
N LEU I 404 -48.51 45.38 -30.80
CA LEU I 404 -47.58 44.52 -30.06
C LEU I 404 -46.46 45.30 -29.41
N GLU I 405 -46.16 46.51 -29.89
CA GLU I 405 -45.10 47.31 -29.28
C GLU I 405 -45.41 47.64 -27.83
N LEU I 406 -46.67 47.65 -27.44
CA LEU I 406 -47.07 48.00 -26.09
C LEU I 406 -46.93 46.84 -25.10
N VAL I 407 -46.66 45.64 -25.60
CA VAL I 407 -46.62 44.45 -24.75
C VAL I 407 -45.26 44.38 -24.08
N GLU I 408 -45.26 44.32 -22.75
CA GLU I 408 -44.03 44.22 -21.99
C GLU I 408 -43.71 42.75 -21.70
N PRO I 409 -42.43 42.40 -21.60
CA PRO I 409 -42.08 41.00 -21.29
C PRO I 409 -42.24 40.66 -19.81
N HIS I 410 -43.46 40.83 -19.31
CA HIS I 410 -43.73 40.53 -17.90
C HIS I 410 -43.50 39.06 -17.60
N GLY I 411 -43.92 38.18 -18.52
CA GLY I 411 -43.79 36.75 -18.34
C GLY I 411 -45.10 36.01 -18.18
N LYS I 412 -46.23 36.71 -18.24
CA LYS I 412 -47.52 36.07 -18.07
C LYS I 412 -47.85 35.16 -19.26
N CYS I 413 -47.58 35.62 -20.47
CA CYS I 413 -47.97 34.95 -21.69
C CYS I 413 -46.74 34.45 -22.44
N VAL I 414 -46.99 33.76 -23.56
CA VAL I 414 -45.89 33.31 -24.41
C VAL I 414 -45.26 34.51 -25.09
N GLU I 415 -43.98 34.37 -25.42
CA GLU I 415 -43.25 35.38 -26.19
C GLU I 415 -42.79 34.71 -27.48
N LEU I 416 -43.24 35.26 -28.60
CA LEU I 416 -43.06 34.66 -29.91
C LEU I 416 -41.76 35.10 -30.55
N ALA I 417 -41.08 34.15 -31.17
CA ALA I 417 -39.94 34.45 -32.04
C ALA I 417 -40.12 33.66 -33.33
N LEU I 418 -40.25 34.37 -34.44
CA LEU I 418 -40.52 33.74 -35.72
C LEU I 418 -39.22 33.40 -36.44
N VAL I 419 -39.19 32.19 -36.99
CA VAL I 419 -38.02 31.68 -37.72
C VAL I 419 -38.50 31.12 -39.05
N PRO I 420 -38.25 31.79 -40.17
CA PRO I 420 -38.51 31.18 -41.47
C PRO I 420 -37.59 30.00 -41.73
N HIS I 421 -38.14 28.99 -42.40
CA HIS I 421 -37.41 27.83 -42.85
C HIS I 421 -36.59 28.16 -44.09
N PHE I 422 -35.88 27.15 -44.57
CA PHE I 422 -35.43 27.12 -45.95
C PHE I 422 -35.38 25.65 -46.33
N ILE I 423 -36.30 25.23 -47.19
CA ILE I 423 -36.44 23.83 -47.59
C ILE I 423 -35.40 23.53 -48.67
N LYS I 424 -34.54 22.56 -48.41
CA LYS I 424 -33.53 22.15 -49.38
C LYS I 424 -34.07 20.99 -50.20
N ARG I 425 -33.91 21.09 -51.52
CA ARG I 425 -34.38 20.08 -52.45
C ARG I 425 -33.19 19.44 -53.15
N LYS I 426 -33.40 18.22 -53.65
CA LYS I 426 -32.35 17.52 -54.35
C LYS I 426 -31.97 18.25 -55.63
N PRO I 427 -30.70 18.19 -56.04
CA PRO I 427 -30.30 18.84 -57.29
C PRO I 427 -30.99 18.18 -58.49
N LYS I 428 -31.23 18.98 -59.52
CA LYS I 428 -31.94 18.49 -60.69
C LYS I 428 -30.96 18.03 -61.77
N ASN I 429 -31.52 17.48 -62.85
CA ASN I 429 -30.71 16.81 -63.86
C ASN I 429 -29.72 17.78 -64.51
N GLY I 430 -30.20 18.96 -64.90
CA GLY I 430 -29.36 19.90 -65.61
C GLY I 430 -29.38 21.30 -65.03
N GLU I 431 -28.23 21.78 -64.60
CA GLU I 431 -28.09 23.13 -64.07
C GLU I 431 -26.62 23.54 -64.18
N ALA I 432 -26.40 24.85 -64.06
CA ALA I 432 -25.04 25.37 -64.19
C ALA I 432 -24.10 24.74 -63.17
N TYR I 433 -24.51 24.74 -61.90
CA TYR I 433 -23.77 24.12 -60.81
C TYR I 433 -24.76 23.40 -59.91
N PRO I 434 -24.28 22.45 -59.10
CA PRO I 434 -25.21 21.71 -58.24
C PRO I 434 -26.02 22.63 -57.35
N HIS I 435 -27.31 22.33 -57.23
CA HIS I 435 -28.23 23.13 -56.43
C HIS I 435 -28.31 24.57 -56.92
N ALA I 436 -28.13 24.80 -58.22
CA ALA I 436 -28.26 26.15 -58.75
C ALA I 436 -29.70 26.65 -58.64
N LEU I 437 -30.66 25.83 -59.10
CA LEU I 437 -32.05 26.23 -59.04
C LEU I 437 -32.55 26.30 -57.60
N LEU I 438 -32.08 25.40 -56.73
CA LEU I 438 -32.42 25.48 -55.32
C LEU I 438 -31.88 26.76 -54.70
N PHE I 439 -30.60 27.06 -54.93
CA PHE I 439 -30.03 28.30 -54.42
C PHE I 439 -30.82 29.49 -54.94
N LYS I 440 -31.28 29.41 -56.19
CA LYS I 440 -32.16 30.43 -56.73
C LYS I 440 -33.40 30.61 -55.88
N ASP I 441 -34.22 29.55 -55.76
CA ASP I 441 -35.49 29.67 -55.07
C ASP I 441 -35.28 30.21 -53.67
N LEU I 442 -34.20 29.76 -53.01
CA LEU I 442 -33.83 30.32 -51.72
C LEU I 442 -33.52 31.80 -51.85
N LYS I 443 -32.87 32.19 -52.94
CA LYS I 443 -32.55 33.61 -53.14
C LYS I 443 -33.80 34.45 -53.24
N ASN I 444 -34.78 33.98 -54.00
CA ASN I 444 -36.03 34.73 -54.14
C ASN I 444 -36.77 34.80 -52.81
N GLN I 445 -36.82 33.68 -52.07
CA GLN I 445 -37.48 33.70 -50.77
C GLN I 445 -36.79 34.68 -49.82
N ALA I 446 -35.46 34.65 -49.80
CA ALA I 446 -34.70 35.57 -48.95
C ALA I 446 -34.91 37.00 -49.38
N ALA I 447 -35.00 37.25 -50.69
CA ALA I 447 -35.27 38.59 -51.17
C ALA I 447 -36.62 39.08 -50.67
N ILE I 448 -37.64 38.22 -50.76
CA ILE I 448 -38.95 38.61 -50.23
C ILE I 448 -38.86 38.94 -48.75
N LEU I 449 -38.15 38.09 -48.00
CA LEU I 449 -38.01 38.33 -46.56
C LEU I 449 -37.32 39.66 -46.28
N MET I 450 -36.25 39.96 -47.02
CA MET I 450 -35.52 41.20 -46.81
C MET I 450 -36.35 42.42 -47.19
N ASP I 451 -37.12 42.34 -48.27
CA ASP I 451 -38.01 43.46 -48.61
C ASP I 451 -39.07 43.66 -47.53
N MET I 452 -39.58 42.58 -46.96
CA MET I 452 -40.51 42.71 -45.84
C MET I 452 -39.85 43.42 -44.67
N LEU I 453 -38.67 42.95 -44.26
CA LEU I 453 -37.97 43.56 -43.14
C LEU I 453 -37.68 45.03 -43.41
N LYS I 454 -37.33 45.36 -44.65
CA LYS I 454 -37.16 46.77 -45.00
C LYS I 454 -38.44 47.54 -44.77
N SER I 455 -39.47 47.22 -45.56
CA SER I 455 -40.70 48.00 -45.55
C SER I 455 -41.30 48.07 -44.16
N GLU I 456 -40.84 47.22 -43.25
CA GLU I 456 -41.26 47.28 -41.85
C GLU I 456 -40.10 46.89 -40.97
N PRO I 457 -39.27 47.86 -40.56
CA PRO I 457 -38.11 47.53 -39.71
C PRO I 457 -38.51 46.87 -38.40
N ARG I 458 -39.69 47.17 -37.88
CA ARG I 458 -40.12 46.59 -36.61
C ARG I 458 -40.27 45.07 -36.69
N LEU I 459 -40.34 44.52 -37.90
CA LEU I 459 -40.45 43.07 -38.03
C LEU I 459 -39.17 42.35 -37.64
N THR I 460 -38.07 43.07 -37.44
CA THR I 460 -36.85 42.43 -36.96
C THR I 460 -36.96 42.04 -35.49
N GLY I 461 -37.89 42.63 -34.75
CA GLY I 461 -38.13 42.23 -33.38
C GLY I 461 -39.00 41.01 -33.24
N TRP I 462 -39.51 40.48 -34.34
CA TRP I 462 -40.35 39.27 -34.33
C TRP I 462 -39.84 38.17 -35.24
N ILE I 463 -39.11 38.50 -36.30
CA ILE I 463 -38.44 37.52 -37.13
C ILE I 463 -36.99 37.46 -36.66
N ARG I 464 -36.69 36.44 -35.86
CA ARG I 464 -35.37 36.26 -35.26
C ARG I 464 -34.86 34.88 -35.63
N GLY I 465 -34.24 34.79 -36.80
CA GLY I 465 -33.57 33.57 -37.19
C GLY I 465 -34.02 33.07 -38.54
N VAL I 466 -33.06 32.52 -39.28
CA VAL I 466 -33.36 31.78 -40.49
C VAL I 466 -32.83 30.37 -40.29
N ASP I 467 -33.75 29.42 -40.15
CA ASP I 467 -33.41 28.01 -40.07
C ASP I 467 -33.49 27.38 -41.46
N ALA I 468 -32.55 26.49 -41.75
CA ALA I 468 -32.63 25.67 -42.96
C ALA I 468 -32.86 24.22 -42.53
N ALA I 469 -34.10 23.77 -42.62
CA ALA I 469 -34.50 22.39 -42.35
C ALA I 469 -34.65 21.67 -43.68
N ALA I 470 -35.27 20.49 -43.63
CA ALA I 470 -35.52 19.55 -44.72
C ALA I 470 -34.40 18.51 -44.73
N ASN I 471 -34.41 17.64 -45.74
CA ASN I 471 -33.50 16.51 -45.82
C ASN I 471 -32.06 17.00 -45.94
N GLU I 472 -31.17 16.35 -45.20
CA GLU I 472 -29.78 16.79 -45.17
C GLU I 472 -29.08 16.56 -46.50
N MET I 473 -29.30 15.37 -47.07
CA MET I 473 -28.56 14.87 -48.22
C MET I 473 -28.88 15.63 -49.48
N HIS I 474 -29.90 16.48 -49.44
CA HIS I 474 -30.39 17.17 -50.63
C HIS I 474 -29.64 18.47 -50.88
N ALA I 475 -29.01 19.03 -49.85
CA ALA I 475 -28.21 20.24 -49.99
C ALA I 475 -27.23 20.32 -48.82
N PRO I 476 -25.94 20.52 -49.09
CA PRO I 476 -24.97 20.59 -48.00
C PRO I 476 -25.04 21.94 -47.29
N PRO I 477 -24.47 22.05 -46.09
CA PRO I 477 -24.49 23.35 -45.39
C PRO I 477 -23.79 24.47 -46.13
N GLU I 478 -22.75 24.16 -46.91
CA GLU I 478 -21.99 25.20 -47.58
C GLU I 478 -22.82 25.98 -48.59
N LEU I 479 -23.96 25.43 -49.02
CA LEU I 479 -24.79 26.12 -50.00
C LEU I 479 -25.52 27.31 -49.38
N PHE I 480 -25.83 27.25 -48.09
CA PHE I 480 -26.62 28.28 -47.42
C PHE I 480 -25.78 29.41 -46.83
N CYS I 481 -24.45 29.29 -46.88
CA CYS I 481 -23.61 30.32 -46.24
C CYS I 481 -23.81 31.69 -46.84
N PRO I 482 -23.78 31.88 -48.16
CA PRO I 482 -24.03 33.22 -48.70
C PRO I 482 -25.38 33.79 -48.30
N LEU I 483 -26.41 32.94 -48.32
CA LEU I 483 -27.75 33.37 -47.94
C LEU I 483 -27.78 33.83 -46.49
N PHE I 484 -27.16 33.06 -45.61
CA PHE I 484 -27.17 33.41 -44.19
C PHE I 484 -26.38 34.69 -43.93
N ARG I 485 -25.26 34.88 -44.64
CA ARG I 485 -24.50 36.13 -44.49
C ARG I 485 -25.34 37.34 -44.92
N VAL I 486 -25.97 37.25 -46.09
CA VAL I 486 -26.78 38.36 -46.59
C VAL I 486 -27.93 38.64 -45.63
N LEU I 487 -28.57 37.59 -45.11
CA LEU I 487 -29.66 37.80 -44.16
C LEU I 487 -29.17 38.43 -42.86
N ALA I 488 -28.00 38.00 -42.37
CA ALA I 488 -27.40 38.61 -41.20
C ALA I 488 -27.32 40.12 -41.38
N LYS I 489 -26.89 40.57 -42.57
CA LYS I 489 -26.84 42.00 -42.82
C LYS I 489 -28.22 42.63 -43.00
N SER I 490 -29.16 41.90 -43.60
CA SER I 490 -30.51 42.43 -43.73
C SER I 490 -31.20 42.58 -42.39
N GLY I 491 -30.60 42.05 -41.32
CA GLY I 491 -31.09 42.26 -39.98
C GLY I 491 -31.58 41.01 -39.28
N ILE I 492 -31.28 39.84 -39.82
CA ILE I 492 -31.72 38.58 -39.24
C ILE I 492 -30.65 38.10 -38.27
N ALA I 493 -30.91 38.24 -36.98
CA ALA I 493 -30.06 37.71 -35.92
C ALA I 493 -30.37 36.23 -35.74
N HIS I 494 -29.37 35.47 -35.31
CA HIS I 494 -29.48 34.05 -35.00
C HIS I 494 -29.71 33.23 -36.27
N PHE I 495 -28.99 32.12 -36.35
CA PHE I 495 -29.12 31.23 -37.49
C PHE I 495 -29.23 29.79 -37.02
N THR I 496 -29.99 28.99 -37.76
CA THR I 496 -30.16 27.58 -37.42
C THR I 496 -30.07 26.75 -38.68
N TYR I 497 -29.59 25.51 -38.52
CA TYR I 497 -29.39 24.64 -39.66
C TYR I 497 -29.43 23.19 -39.20
N HIS I 498 -30.34 22.40 -39.75
CA HIS I 498 -30.43 20.99 -39.40
C HIS I 498 -29.19 20.24 -39.88
N VAL I 499 -28.52 19.56 -38.96
CA VAL I 499 -27.34 18.77 -39.27
C VAL I 499 -27.35 17.49 -38.44
N GLY I 500 -26.79 16.43 -39.01
CA GLY I 500 -26.61 15.18 -38.30
C GLY I 500 -27.84 14.30 -38.18
N GLU I 501 -28.96 14.68 -38.80
CA GLU I 501 -30.19 13.90 -38.69
C GLU I 501 -30.09 12.58 -39.45
N ASP I 502 -29.97 12.65 -40.78
CA ASP I 502 -29.84 11.46 -41.62
C ASP I 502 -28.58 11.58 -42.46
N PHE I 503 -27.76 10.54 -42.43
CA PHE I 503 -26.45 10.52 -43.05
C PHE I 503 -26.18 9.14 -43.63
N PRO I 504 -25.49 9.04 -44.77
CA PRO I 504 -25.12 7.71 -45.27
C PRO I 504 -24.17 6.97 -44.35
N HIS I 505 -23.38 7.70 -43.57
CA HIS I 505 -22.44 7.11 -42.64
C HIS I 505 -22.31 8.04 -41.43
N LEU I 506 -21.93 7.45 -40.29
CA LEU I 506 -21.73 8.25 -39.09
C LEU I 506 -20.62 9.26 -39.28
N ILE I 507 -19.54 8.85 -39.96
CA ILE I 507 -18.47 9.79 -40.28
C ILE I 507 -19.01 10.91 -41.17
N SER I 508 -19.92 10.57 -42.09
CA SER I 508 -20.53 11.59 -42.95
C SER I 508 -21.33 12.59 -42.13
N GLY I 509 -22.09 12.11 -41.15
CA GLY I 509 -22.85 13.03 -40.31
C GLY I 509 -21.97 13.94 -39.47
N ILE I 510 -20.92 13.36 -38.87
CA ILE I 510 -19.98 14.16 -38.09
C ILE I 510 -19.32 15.21 -38.98
N ARG I 511 -18.94 14.81 -40.19
CA ARG I 511 -18.34 15.74 -41.14
C ARG I 511 -19.32 16.84 -41.51
N SER I 512 -20.59 16.49 -41.67
CA SER I 512 -21.60 17.50 -41.98
C SER I 512 -21.71 18.53 -40.86
N ILE I 513 -21.70 18.07 -39.61
CA ILE I 513 -21.76 19.00 -38.49
C ILE I 513 -20.53 19.90 -38.49
N ASP I 514 -19.35 19.32 -38.73
CA ASP I 514 -18.12 20.13 -38.76
C ASP I 514 -18.16 21.15 -39.89
N ASP I 515 -18.65 20.75 -41.06
CA ASP I 515 -18.77 21.68 -42.18
C ASP I 515 -19.73 22.82 -41.84
N ALA I 516 -20.85 22.49 -41.20
CA ALA I 516 -21.78 23.54 -40.76
C ALA I 516 -21.08 24.49 -39.81
N LEU I 517 -20.29 23.96 -38.88
CA LEU I 517 -19.59 24.81 -37.93
C LEU I 517 -18.61 25.75 -38.62
N ARG I 518 -17.81 25.22 -39.56
CA ARG I 518 -16.70 25.97 -40.12
C ARG I 518 -17.07 26.71 -41.41
N PHE I 519 -18.31 26.63 -41.86
CA PHE I 519 -18.75 27.36 -43.04
C PHE I 519 -19.91 28.30 -42.77
N LEU I 520 -20.89 27.90 -41.99
CA LEU I 520 -22.02 28.76 -41.71
C LEU I 520 -21.59 29.92 -40.80
N PRO I 521 -22.23 31.09 -40.93
CA PRO I 521 -21.91 32.23 -40.06
C PRO I 521 -22.57 32.13 -38.69
N LEU I 522 -22.25 31.05 -37.98
CA LEU I 522 -22.82 30.81 -36.66
C LEU I 522 -22.04 31.61 -35.63
N ARG I 523 -22.72 32.52 -34.94
CA ARG I 523 -22.10 33.38 -33.95
C ARG I 523 -22.27 32.75 -32.56
N ASN I 524 -21.82 33.47 -31.54
CA ASN I 524 -21.96 32.98 -30.18
C ASN I 524 -23.43 32.95 -29.79
N GLY I 525 -23.88 31.82 -29.26
CA GLY I 525 -25.26 31.66 -28.85
C GLY I 525 -26.19 31.08 -29.89
N ASP I 526 -25.69 30.78 -31.09
CA ASP I 526 -26.52 30.20 -32.12
C ASP I 526 -26.74 28.72 -31.84
N ARG I 527 -27.75 28.15 -32.50
CA ARG I 527 -28.13 26.76 -32.34
C ARG I 527 -28.06 26.06 -33.69
N LEU I 528 -27.67 24.79 -33.67
CA LEU I 528 -27.55 24.03 -34.91
C LEU I 528 -28.81 23.24 -35.23
N GLY I 529 -29.17 22.28 -34.38
CA GLY I 529 -30.28 21.40 -34.69
C GLY I 529 -30.18 20.07 -33.96
N HIS I 530 -30.51 18.98 -34.66
CA HIS I 530 -30.53 17.67 -34.02
C HIS I 530 -29.13 17.20 -33.68
N CYS I 531 -28.20 17.26 -34.64
CA CYS I 531 -26.82 16.87 -34.42
C CYS I 531 -26.72 15.45 -33.86
N THR I 532 -27.53 14.54 -34.41
CA THR I 532 -27.54 13.16 -33.95
C THR I 532 -26.21 12.45 -34.20
N ALA I 533 -25.45 12.89 -35.20
CA ALA I 533 -24.23 12.17 -35.56
C ALA I 533 -23.18 12.23 -34.46
N ILE I 534 -23.19 13.28 -33.63
CA ILE I 534 -22.23 13.42 -32.55
C ILE I 534 -22.83 12.99 -31.21
N GLY I 535 -24.04 12.47 -31.21
CA GLY I 535 -24.65 11.96 -30.00
C GLY I 535 -24.82 10.46 -30.01
N ILE I 536 -25.12 9.91 -31.19
CA ILE I 536 -25.31 8.48 -31.33
C ILE I 536 -23.96 7.77 -31.25
N THR I 537 -23.91 6.71 -30.48
CA THR I 537 -22.66 5.98 -30.35
C THR I 537 -22.45 5.06 -31.56
N PRO I 538 -21.19 4.80 -31.94
CA PRO I 538 -20.95 3.80 -32.97
C PRO I 538 -21.47 2.43 -32.59
N SER I 539 -21.47 2.08 -31.31
CA SER I 539 -22.04 0.82 -30.87
C SER I 539 -23.50 0.75 -31.26
N ILE I 540 -24.34 1.61 -30.69
CA ILE I 540 -25.71 1.73 -31.19
C ILE I 540 -25.73 2.85 -32.23
N TRP I 541 -25.14 2.56 -33.38
CA TRP I 541 -25.55 3.10 -34.68
C TRP I 541 -25.57 2.04 -35.76
N LYS I 542 -24.81 0.95 -35.60
CA LYS I 542 -24.75 -0.17 -36.53
C LYS I 542 -25.31 -1.38 -35.81
N ARG I 543 -26.62 -1.54 -35.88
CA ARG I 543 -27.32 -2.63 -35.21
C ARG I 543 -28.14 -3.49 -36.15
N SER I 544 -28.70 -2.90 -37.20
CA SER I 544 -29.38 -3.64 -38.26
C SER I 544 -28.90 -3.19 -39.63
N LEU I 545 -27.70 -2.63 -39.69
CA LEU I 545 -27.18 -2.03 -40.92
C LEU I 545 -26.32 -3.03 -41.68
N PRO I 546 -26.33 -2.99 -43.01
CA PRO I 546 -25.47 -3.89 -43.77
C PRO I 546 -24.00 -3.58 -43.52
N LEU I 547 -23.17 -4.62 -43.67
CA LEU I 547 -21.75 -4.48 -43.40
C LEU I 547 -21.08 -3.49 -44.33
N SER I 548 -21.71 -3.14 -45.46
CA SER I 548 -21.19 -2.13 -46.37
C SER I 548 -22.29 -1.15 -46.71
N LEU I 549 -22.00 0.14 -46.56
CA LEU I 549 -22.93 1.20 -46.89
C LEU I 549 -22.40 1.97 -48.09
N SER I 550 -23.28 2.25 -49.05
CA SER I 550 -22.89 2.96 -50.26
C SER I 550 -23.21 4.44 -50.12
N MET I 551 -22.27 5.28 -50.54
CA MET I 551 -22.43 6.73 -50.49
C MET I 551 -22.06 7.29 -51.85
N THR I 552 -22.16 8.61 -51.97
CA THR I 552 -21.67 9.30 -53.16
C THR I 552 -20.18 9.59 -53.02
N LYS I 553 -19.50 9.69 -54.18
CA LYS I 553 -18.07 9.92 -54.16
C LYS I 553 -17.71 11.26 -53.53
N GLU I 554 -18.55 12.28 -53.73
CA GLU I 554 -18.26 13.57 -53.13
C GLU I 554 -18.29 13.49 -51.60
N THR I 555 -19.30 12.84 -51.05
CA THR I 555 -19.35 12.61 -49.61
C THR I 555 -18.19 11.76 -49.13
N ARG I 556 -17.82 10.72 -49.88
CA ARG I 556 -16.71 9.87 -49.51
C ARG I 556 -15.39 10.66 -49.44
N LEU I 557 -15.13 11.47 -50.47
CA LEU I 557 -13.91 12.26 -50.49
C LEU I 557 -13.89 13.28 -49.36
N LEU I 558 -15.01 13.97 -49.14
CA LEU I 558 -15.07 14.95 -48.06
C LEU I 558 -14.89 14.27 -46.70
N ASP I 559 -15.48 13.09 -46.52
CA ASP I 559 -15.31 12.36 -45.27
C ASP I 559 -13.86 11.96 -45.06
N LEU I 560 -13.18 11.50 -46.12
CA LEU I 560 -11.77 11.15 -45.98
C LEU I 560 -10.94 12.36 -45.60
N VAL I 561 -11.20 13.50 -46.24
CA VAL I 561 -10.46 14.73 -45.92
C VAL I 561 -10.73 15.13 -44.47
N PHE I 562 -11.98 15.01 -44.03
CA PHE I 562 -12.31 15.34 -42.64
C PHE I 562 -11.60 14.41 -41.66
N ILE I 563 -11.57 13.11 -41.97
CA ILE I 563 -10.88 12.16 -41.11
C ILE I 563 -9.41 12.53 -40.99
N TRP I 564 -8.79 12.84 -42.13
CA TRP I 564 -7.38 13.25 -42.10
C TRP I 564 -7.20 14.50 -41.25
N ARG I 565 -8.04 15.51 -41.47
CA ARG I 565 -7.90 16.76 -40.74
C ARG I 565 -8.00 16.53 -39.24
N GLU I 566 -8.95 15.71 -38.80
CA GLU I 566 -9.22 15.55 -37.38
C GLU I 566 -8.30 14.54 -36.70
N LEU I 567 -7.71 13.60 -37.44
CA LEU I 567 -6.85 12.59 -36.85
C LEU I 567 -5.38 12.79 -37.19
N ARG I 568 -5.03 13.90 -37.86
CA ARG I 568 -3.62 14.23 -38.03
C ARG I 568 -2.88 14.27 -36.70
N SER I 569 -3.43 14.98 -35.72
CA SER I 569 -2.75 15.24 -34.47
C SER I 569 -2.95 14.14 -33.43
N HIS I 570 -3.77 13.14 -33.73
CA HIS I 570 -4.04 12.08 -32.77
C HIS I 570 -2.92 11.03 -32.85
N PRO I 571 -2.07 10.90 -31.84
CA PRO I 571 -0.97 9.93 -31.94
C PRO I 571 -1.45 8.49 -32.10
N GLU I 572 -2.61 8.16 -31.53
CA GLU I 572 -3.12 6.80 -31.58
C GLU I 572 -3.90 6.49 -32.86
N LEU I 573 -4.18 7.49 -33.68
CA LEU I 573 -4.99 7.32 -34.89
C LEU I 573 -4.27 7.82 -36.14
N LEU I 574 -2.94 7.92 -36.06
CA LEU I 574 -2.15 8.38 -37.20
C LEU I 574 -2.29 7.44 -38.39
N ARG I 575 -2.40 6.14 -38.13
CA ARG I 575 -2.58 5.19 -39.22
C ARG I 575 -3.86 5.48 -39.99
N TYR I 576 -4.96 5.72 -39.26
CA TYR I 576 -6.22 6.04 -39.90
C TYR I 576 -6.13 7.36 -40.66
N ALA I 577 -5.46 8.36 -40.08
CA ALA I 577 -5.30 9.62 -40.78
C ALA I 577 -4.54 9.43 -42.10
N SER I 578 -3.45 8.65 -42.06
CA SER I 578 -2.66 8.43 -43.27
C SER I 578 -3.45 7.68 -44.32
N ASP I 579 -4.17 6.62 -43.91
CA ASP I 579 -4.97 5.87 -44.87
C ASP I 579 -6.06 6.76 -45.47
N ALA I 580 -6.67 7.62 -44.65
CA ALA I 580 -7.66 8.55 -45.17
C ALA I 580 -7.05 9.49 -46.19
N ALA I 581 -5.85 10.00 -45.92
CA ALA I 581 -5.19 10.87 -46.88
C ALA I 581 -4.94 10.15 -48.20
N ILE I 582 -4.43 8.92 -48.13
CA ILE I 582 -4.10 8.18 -49.35
C ILE I 582 -5.37 7.90 -50.15
N GLU I 583 -6.42 7.44 -49.48
CA GLU I 583 -7.68 7.17 -50.16
C GLU I 583 -8.28 8.45 -50.75
N ALA I 584 -8.15 9.57 -50.04
CA ALA I 584 -8.66 10.84 -50.55
C ALA I 584 -7.95 11.25 -51.82
N VAL I 585 -6.62 11.13 -51.84
CA VAL I 585 -5.88 11.47 -53.05
C VAL I 585 -6.32 10.58 -54.20
N ARG I 586 -6.47 9.27 -53.94
CA ARG I 586 -6.90 8.35 -54.99
C ARG I 586 -8.28 8.72 -55.54
N LEU I 587 -9.24 8.89 -54.65
CA LEU I 587 -10.58 9.17 -55.11
C LEU I 587 -10.65 10.51 -55.83
N ALA I 588 -9.86 11.49 -55.39
CA ALA I 588 -9.77 12.75 -56.12
C ALA I 588 -9.22 12.52 -57.51
N HIS I 589 -8.27 11.58 -57.65
CA HIS I 589 -7.68 11.33 -58.96
C HIS I 589 -8.72 10.99 -60.03
N LYS I 590 -9.69 10.13 -59.74
CA LYS I 590 -10.76 9.96 -60.76
C LYS I 590 -11.78 11.08 -60.70
N VAL I 591 -12.22 11.49 -59.52
CA VAL I 591 -13.33 12.46 -59.45
C VAL I 591 -12.99 13.69 -60.28
N PHE I 592 -11.74 14.12 -60.22
CA PHE I 592 -11.28 15.26 -60.99
C PHE I 592 -10.67 14.87 -62.33
N SER I 593 -10.52 13.58 -62.62
CA SER I 593 -9.87 13.12 -63.84
C SER I 593 -8.51 13.79 -64.01
N LEU I 594 -7.77 13.86 -62.90
CA LEU I 594 -6.49 14.56 -62.87
C LEU I 594 -5.39 13.67 -63.41
N GLU I 595 -4.48 14.27 -64.17
CA GLU I 595 -3.32 13.52 -64.63
C GLU I 595 -2.12 13.76 -63.74
N GLU I 596 -2.05 14.96 -63.14
CA GLU I 596 -0.93 15.38 -62.32
C GLU I 596 -1.11 14.81 -60.91
N GLU I 597 -0.29 15.29 -59.97
CA GLU I 597 -0.34 14.86 -58.58
C GLU I 597 -0.99 15.93 -57.73
N VAL I 598 -2.00 15.55 -56.95
CA VAL I 598 -2.69 16.45 -56.04
C VAL I 598 -2.50 15.91 -54.63
N SER I 599 -1.94 16.74 -53.76
CA SER I 599 -1.70 16.33 -52.38
C SER I 599 -2.93 16.59 -51.52
N ILE I 600 -2.94 15.96 -50.35
CA ILE I 600 -4.05 16.15 -49.41
C ILE I 600 -4.11 17.61 -48.96
N THR I 601 -2.96 18.29 -48.92
CA THR I 601 -2.95 19.71 -48.57
C THR I 601 -3.75 20.53 -49.57
N THR I 602 -3.49 20.34 -50.86
CA THR I 602 -4.23 21.10 -51.87
C THR I 602 -5.68 20.64 -51.96
N LEU I 603 -5.95 19.36 -51.63
CA LEU I 603 -7.35 18.94 -51.53
C LEU I 603 -8.07 19.71 -50.43
N ASP I 604 -7.39 19.89 -49.28
CA ASP I 604 -7.95 20.70 -48.20
C ASP I 604 -8.17 22.13 -48.64
N GLN I 605 -7.21 22.71 -49.36
CA GLN I 605 -7.39 24.06 -49.88
C GLN I 605 -8.61 24.13 -50.79
N VAL I 606 -8.77 23.14 -51.68
CA VAL I 606 -9.89 23.13 -52.60
C VAL I 606 -11.20 23.09 -51.83
N PHE I 607 -11.27 22.24 -50.81
CA PHE I 607 -12.53 22.01 -50.11
C PHE I 607 -12.80 23.02 -48.99
N GLU I 608 -11.87 23.93 -48.69
CA GLU I 608 -12.22 25.04 -47.81
C GLU I 608 -12.94 26.17 -48.54
N MET I 609 -13.06 26.09 -49.87
CA MET I 609 -13.69 27.14 -50.66
C MET I 609 -15.13 26.82 -50.99
N ARG I 610 -15.72 25.82 -50.34
CA ARG I 610 -17.12 25.49 -50.57
C ARG I 610 -18.07 26.56 -50.05
N GLY I 611 -17.62 27.39 -49.12
CA GLY I 611 -18.44 28.47 -48.62
C GLY I 611 -18.59 29.65 -49.56
N LEU I 612 -17.80 29.67 -50.64
CA LEU I 612 -17.89 30.75 -51.61
C LEU I 612 -19.16 30.61 -52.44
N LEU I 613 -19.77 31.74 -52.76
CA LEU I 613 -20.88 31.74 -53.71
C LEU I 613 -20.37 31.26 -55.07
N ALA I 614 -21.12 30.33 -55.67
CA ALA I 614 -20.67 29.75 -56.93
C ALA I 614 -20.51 30.82 -58.00
N GLU I 615 -21.50 31.68 -58.14
CA GLU I 615 -21.49 32.75 -59.15
C GLU I 615 -20.97 34.06 -58.57
N SER I 616 -19.81 34.04 -57.92
CA SER I 616 -19.23 35.26 -57.38
C SER I 616 -18.22 35.86 -58.36
N GLU I 617 -17.11 35.15 -58.58
CA GLU I 617 -16.17 35.53 -59.64
C GLU I 617 -15.57 34.30 -60.33
N GLY I 618 -16.05 33.10 -60.02
CA GLY I 618 -15.49 31.89 -60.58
C GLY I 618 -16.48 31.10 -61.41
N LEU I 619 -17.59 31.75 -61.79
CA LEU I 619 -18.62 31.08 -62.57
C LEU I 619 -19.59 32.11 -63.15
N SER I 631 -27.54 44.74 -53.67
CA SER I 631 -26.60 45.57 -52.93
C SER I 631 -25.89 44.76 -51.85
N LEU I 632 -26.68 44.11 -50.99
CA LEU I 632 -26.11 43.29 -49.92
C LEU I 632 -25.39 42.07 -50.47
N TRP I 633 -25.70 41.64 -51.69
CA TRP I 633 -25.04 40.50 -52.31
C TRP I 633 -23.66 40.84 -52.85
N LEU I 634 -23.31 42.12 -52.90
CA LEU I 634 -22.03 42.55 -53.47
C LEU I 634 -20.85 41.98 -52.69
N GLU I 635 -20.96 41.98 -51.35
CA GLU I 635 -19.85 41.52 -50.52
C GLU I 635 -19.43 40.11 -50.91
N GLU I 636 -20.38 39.18 -50.98
CA GLU I 636 -20.03 37.81 -51.32
C GLU I 636 -19.95 37.54 -52.82
N TYR I 637 -20.42 38.47 -53.66
CA TYR I 637 -20.04 38.45 -55.06
C TYR I 637 -18.55 38.67 -55.25
N GLU I 638 -17.96 39.59 -54.48
CA GLU I 638 -16.51 39.81 -54.51
C GLU I 638 -15.73 39.01 -53.48
N ARG I 639 -16.38 38.24 -52.61
CA ARG I 639 -15.63 37.49 -51.62
C ARG I 639 -14.57 36.61 -52.27
N ALA I 640 -14.80 36.15 -53.50
CA ALA I 640 -13.83 35.33 -54.21
C ALA I 640 -12.64 36.12 -54.72
N ARG I 641 -12.73 37.45 -54.79
CA ARG I 641 -11.64 38.23 -55.34
C ARG I 641 -10.38 38.12 -54.50
N GLU I 642 -10.53 38.10 -53.17
CA GLU I 642 -9.36 37.90 -52.31
C GLU I 642 -8.68 36.58 -52.65
N LEU I 643 -9.46 35.52 -52.82
CA LEU I 643 -8.92 34.22 -53.18
C LEU I 643 -8.16 34.28 -54.49
N VAL I 644 -8.75 34.91 -55.51
CA VAL I 644 -8.11 34.95 -56.82
C VAL I 644 -6.93 35.91 -56.82
N LYS I 645 -6.86 36.79 -55.82
CA LYS I 645 -5.71 37.66 -55.65
C LYS I 645 -4.51 36.91 -55.10
N THR I 646 -4.72 36.05 -54.11
CA THR I 646 -3.63 35.26 -53.55
C THR I 646 -2.93 34.48 -54.67
N THR I 647 -1.66 34.79 -54.91
CA THR I 647 -0.95 34.23 -56.06
C THR I 647 -0.85 32.71 -55.97
N GLY I 648 -0.82 32.15 -54.78
CA GLY I 648 -0.58 30.73 -54.58
C GLY I 648 -1.84 29.89 -54.56
N MET I 649 -2.98 30.47 -54.91
CA MET I 649 -4.28 29.78 -54.78
C MET I 649 -4.79 29.35 -56.15
N LYS I 650 -3.87 29.23 -57.11
CA LYS I 650 -4.13 28.72 -58.46
C LYS I 650 -4.88 27.41 -58.51
N ARG I 651 -4.21 26.36 -58.07
CA ARG I 651 -4.64 25.00 -58.35
C ARG I 651 -5.85 24.67 -57.52
N PRO I 652 -5.93 25.12 -56.26
CA PRO I 652 -7.21 25.03 -55.56
C PRO I 652 -8.33 25.72 -56.31
N LEU I 653 -8.08 26.88 -56.93
CA LEU I 653 -9.18 27.57 -57.57
C LEU I 653 -9.67 26.82 -58.81
N LYS I 654 -8.75 26.43 -59.67
CA LYS I 654 -9.15 25.72 -60.89
C LYS I 654 -9.80 24.39 -60.54
N LEU I 655 -9.27 23.70 -59.52
CA LEU I 655 -9.86 22.45 -59.10
C LEU I 655 -11.28 22.65 -58.59
N TYR I 656 -11.51 23.70 -57.81
CA TYR I 656 -12.86 23.98 -57.35
C TYR I 656 -13.79 24.32 -58.51
N LYS I 657 -13.27 25.03 -59.51
CA LYS I 657 -14.08 25.33 -60.68
C LYS I 657 -14.45 24.06 -61.43
N GLN I 658 -13.51 23.12 -61.55
CA GLN I 658 -13.84 21.82 -62.11
C GLN I 658 -14.90 21.11 -61.26
N TRP I 659 -14.74 21.18 -59.95
CA TRP I 659 -15.69 20.57 -59.02
C TRP I 659 -17.08 21.14 -59.20
N LEU I 660 -17.19 22.42 -59.53
CA LEU I 660 -18.49 23.08 -59.66
C LEU I 660 -19.11 22.87 -61.04
N THR I 661 -18.32 23.00 -62.11
CA THR I 661 -18.85 23.08 -63.46
C THR I 661 -18.64 21.83 -64.30
N SER I 662 -17.50 21.16 -64.16
CA SER I 662 -17.16 20.06 -65.06
C SER I 662 -18.24 18.99 -65.02
N ASP I 663 -18.78 18.66 -66.19
CA ASP I 663 -19.79 17.61 -66.28
C ASP I 663 -19.25 16.26 -65.85
N ASN I 664 -18.00 15.95 -66.23
CA ASN I 664 -17.38 14.70 -65.80
C ASN I 664 -17.26 14.64 -64.29
N VAL I 665 -16.78 15.73 -63.67
CA VAL I 665 -16.61 15.75 -62.22
C VAL I 665 -17.96 15.65 -61.54
N ARG I 666 -19.01 16.25 -62.12
CA ARG I 666 -20.33 16.19 -61.50
C ARG I 666 -20.91 14.78 -61.59
N LYS I 667 -20.71 14.10 -62.73
CA LYS I 667 -21.13 12.72 -62.85
C LYS I 667 -20.39 11.84 -61.85
N GLN I 668 -19.08 12.04 -61.71
CA GLN I 668 -18.32 11.28 -60.73
C GLN I 668 -18.73 11.60 -59.31
N ARG I 669 -19.15 12.84 -59.05
CA ARG I 669 -19.64 13.21 -57.73
C ARG I 669 -20.93 12.46 -57.41
N ALA I 670 -21.83 12.34 -58.39
CA ALA I 670 -23.07 11.61 -58.18
C ALA I 670 -22.86 10.10 -58.19
N GLU I 671 -21.74 9.61 -58.70
CA GLU I 671 -21.43 8.20 -58.62
C GLU I 671 -21.48 7.71 -57.18
N TYR I 672 -21.57 6.39 -57.03
CA TYR I 672 -21.66 5.74 -55.72
C TYR I 672 -20.47 4.81 -55.51
N VAL I 673 -20.04 4.70 -54.25
CA VAL I 673 -18.95 3.81 -53.85
C VAL I 673 -19.30 3.25 -52.48
N GLU I 674 -18.81 2.04 -52.22
CA GLU I 674 -19.11 1.33 -50.98
C GLU I 674 -18.04 1.60 -49.93
N VAL I 675 -18.47 1.72 -48.68
CA VAL I 675 -17.60 1.92 -47.54
C VAL I 675 -17.97 0.91 -46.48
N ALA I 676 -16.98 0.27 -45.89
CA ALA I 676 -17.23 -0.69 -44.81
C ALA I 676 -17.81 0.02 -43.60
N LEU I 677 -18.69 -0.68 -42.89
CA LEU I 677 -19.26 -0.14 -41.67
C LEU I 677 -18.19 0.10 -40.62
N GLU I 678 -17.28 -0.86 -40.47
CA GLU I 678 -16.11 -0.68 -39.61
C GLU I 678 -14.94 -0.12 -40.41
N TYR I 679 -15.17 0.93 -41.20
CA TYR I 679 -14.06 1.58 -41.87
C TYR I 679 -13.14 2.25 -40.86
N LEU I 680 -13.74 2.91 -39.87
CA LEU I 680 -13.02 3.44 -38.73
C LEU I 680 -13.50 2.74 -37.47
N PRO I 681 -12.61 2.40 -36.55
CA PRO I 681 -13.04 1.74 -35.32
C PRO I 681 -13.89 2.67 -34.45
N ASP I 682 -14.62 2.05 -33.53
CA ASP I 682 -15.46 2.80 -32.60
C ASP I 682 -14.65 3.89 -31.92
N GLU I 683 -13.40 3.60 -31.55
CA GLU I 683 -12.58 4.60 -30.90
C GLU I 683 -12.36 5.82 -31.80
N ALA I 684 -12.04 5.58 -33.06
CA ALA I 684 -11.79 6.68 -33.99
C ALA I 684 -13.07 7.50 -34.23
N VAL I 685 -14.20 6.82 -34.37
CA VAL I 685 -15.46 7.54 -34.59
C VAL I 685 -15.78 8.40 -33.37
N VAL I 686 -15.56 7.87 -32.17
CA VAL I 686 -15.80 8.64 -30.96
C VAL I 686 -14.83 9.82 -30.89
N ALA I 687 -13.59 9.63 -31.34
CA ALA I 687 -12.63 10.73 -31.35
C ALA I 687 -13.10 11.85 -32.27
N LEU I 688 -13.61 11.49 -33.45
CA LEU I 688 -14.16 12.52 -34.35
C LEU I 688 -15.34 13.22 -33.72
N GLN I 689 -16.23 12.44 -33.08
CA GLN I 689 -17.38 13.03 -32.41
C GLN I 689 -16.95 14.01 -31.34
N GLN I 690 -15.94 13.65 -30.55
CA GLN I 690 -15.49 14.51 -29.47
C GLN I 690 -14.74 15.74 -29.99
N ALA I 691 -14.06 15.62 -31.12
CA ALA I 691 -13.47 16.79 -31.75
C ALA I 691 -14.54 17.79 -32.16
N VAL I 692 -15.62 17.30 -32.79
CA VAL I 692 -16.72 18.17 -33.15
C VAL I 692 -17.38 18.75 -31.91
N MET I 693 -17.48 17.93 -30.84
CA MET I 693 -18.00 18.41 -29.57
C MET I 693 -17.18 19.58 -29.06
N ALA I 694 -15.86 19.45 -29.08
CA ALA I 694 -14.98 20.50 -28.59
C ALA I 694 -15.14 21.77 -29.43
N LYS I 695 -15.25 21.61 -30.75
CA LYS I 695 -15.49 22.77 -31.60
C LYS I 695 -16.79 23.47 -31.21
N MET I 696 -17.85 22.69 -30.99
CA MET I 696 -19.14 23.26 -30.63
C MET I 696 -19.07 23.99 -29.30
N ALA I 697 -18.42 23.37 -28.31
CA ALA I 697 -18.30 24.01 -27.01
C ALA I 697 -17.47 25.30 -27.10
N ASP I 698 -16.40 25.28 -27.88
CA ASP I 698 -15.58 26.48 -28.03
C ASP I 698 -16.37 27.61 -28.68
N ARG I 699 -17.15 27.30 -29.71
CA ARG I 699 -17.93 28.34 -30.39
C ARG I 699 -19.25 28.62 -29.68
N ASN I 700 -19.55 27.91 -28.60
CA ASN I 700 -20.78 28.12 -27.81
C ASN I 700 -22.01 28.00 -28.70
N ILE I 701 -22.10 26.87 -29.40
CA ILE I 701 -23.22 26.55 -30.26
C ILE I 701 -24.08 25.50 -29.56
N ALA I 702 -25.36 25.79 -29.41
CA ALA I 702 -26.28 24.90 -28.74
C ALA I 702 -26.88 23.90 -29.71
N ILE I 703 -27.43 22.82 -29.15
CA ILE I 703 -28.02 21.73 -29.92
C ILE I 703 -29.46 21.56 -29.47
N GLU I 704 -30.42 21.84 -30.35
CA GLU I 704 -31.81 21.51 -30.09
C GLU I 704 -32.01 20.02 -30.30
N CYS I 705 -32.30 19.30 -29.23
CA CYS I 705 -32.46 17.85 -29.29
C CYS I 705 -33.90 17.46 -28.96
N PRO I 706 -34.75 17.23 -29.95
CA PRO I 706 -36.06 16.65 -29.66
C PRO I 706 -35.98 15.14 -29.57
N PRO I 707 -37.01 14.49 -29.03
CA PRO I 707 -36.95 13.04 -28.89
C PRO I 707 -37.45 12.33 -30.15
N THR I 708 -36.60 11.46 -30.71
CA THR I 708 -36.95 10.74 -31.93
C THR I 708 -37.06 9.24 -31.66
N SER I 714 -34.35 5.68 -34.64
CA SER I 714 -34.81 4.53 -35.40
C SER I 714 -34.12 3.27 -34.90
N GLN I 715 -32.87 3.43 -34.50
CA GLN I 715 -32.02 2.37 -33.98
C GLN I 715 -32.14 2.20 -32.47
N TYR I 716 -32.91 3.05 -31.81
CA TYR I 716 -33.15 2.94 -30.37
C TYR I 716 -34.37 2.04 -30.13
N ARG I 717 -34.15 0.92 -29.44
CA ARG I 717 -35.28 0.11 -29.00
C ARG I 717 -36.09 0.84 -27.94
N ASN I 718 -35.40 1.27 -26.88
CA ASN I 718 -36.00 1.95 -25.74
C ASN I 718 -35.48 3.38 -25.67
N VAL I 719 -36.29 4.24 -25.06
CA VAL I 719 -35.92 5.65 -24.95
C VAL I 719 -34.67 5.85 -24.10
N SER I 720 -34.33 4.89 -23.24
CA SER I 720 -33.15 5.03 -22.40
C SER I 720 -31.85 4.99 -23.19
N GLU I 721 -31.89 4.56 -24.45
CA GLU I 721 -30.72 4.52 -25.30
C GLU I 721 -30.52 5.82 -26.08
N HIS I 722 -31.38 6.81 -25.89
CA HIS I 722 -31.26 8.06 -26.62
C HIS I 722 -29.98 8.79 -26.23
N HIS I 723 -29.41 9.50 -27.20
CA HIS I 723 -28.16 10.21 -27.00
C HIS I 723 -28.29 11.47 -26.16
N ILE I 724 -29.52 11.91 -25.88
CA ILE I 724 -29.70 13.07 -25.01
C ILE I 724 -29.11 12.79 -23.63
N PHE I 725 -29.22 11.55 -23.16
CA PHE I 725 -28.66 11.19 -21.86
C PHE I 725 -27.14 11.19 -21.89
N ARG I 726 -26.54 10.74 -23.00
CA ARG I 726 -25.09 10.87 -23.15
C ARG I 726 -24.68 12.32 -23.10
N TRP I 727 -25.42 13.19 -23.79
CA TRP I 727 -25.10 14.62 -23.77
C TRP I 727 -25.27 15.21 -22.38
N MET I 728 -26.29 14.76 -21.64
CA MET I 728 -26.53 15.23 -20.29
C MET I 728 -25.53 14.65 -19.29
N GLY I 729 -24.77 13.62 -19.68
CA GLY I 729 -23.69 13.13 -18.86
C GLY I 729 -24.06 12.05 -17.87
N LEU I 730 -25.13 11.31 -18.12
CA LEU I 730 -25.53 10.26 -17.19
C LEU I 730 -24.44 9.18 -17.14
N PRO I 731 -24.16 8.65 -15.95
CA PRO I 731 -23.20 7.54 -15.87
C PRO I 731 -23.68 6.35 -16.71
N GLY I 732 -22.73 5.71 -17.39
CA GLY I 732 -23.04 4.60 -18.27
C GLY I 732 -23.41 4.99 -19.68
N GLU I 733 -23.71 6.26 -19.92
CA GLU I 733 -24.02 6.76 -21.26
C GLU I 733 -22.98 7.73 -21.78
N ALA I 734 -22.39 8.54 -20.91
CA ALA I 734 -21.33 9.46 -21.32
C ALA I 734 -20.04 8.70 -21.58
N ILE I 735 -19.28 9.17 -22.56
CA ILE I 735 -18.01 8.57 -22.92
C ILE I 735 -16.89 9.44 -22.36
N GLU I 736 -15.72 8.83 -22.16
CA GLU I 736 -14.68 9.44 -21.36
C GLU I 736 -14.33 10.84 -21.84
N GLY I 737 -14.13 11.01 -23.14
CA GLY I 737 -13.65 12.27 -23.67
C GLY I 737 -14.73 13.19 -24.21
N ASP I 738 -15.94 13.10 -23.64
CA ASP I 738 -17.04 13.93 -24.09
C ASP I 738 -16.90 15.36 -23.56
N VAL I 739 -17.60 16.28 -24.23
CA VAL I 739 -17.59 17.69 -23.86
C VAL I 739 -19.04 18.18 -23.79
N PRO I 740 -19.44 18.88 -22.72
CA PRO I 740 -20.80 19.43 -22.68
C PRO I 740 -21.04 20.40 -23.82
N MET I 741 -22.30 20.46 -24.28
CA MET I 741 -22.60 21.13 -25.54
C MET I 741 -23.84 22.01 -25.52
N SER I 742 -24.43 22.30 -24.37
CA SER I 742 -25.58 23.21 -24.29
C SER I 742 -26.75 22.67 -25.14
N ILE I 743 -27.34 21.59 -24.63
CA ILE I 743 -28.52 21.00 -25.24
C ILE I 743 -29.75 21.82 -24.84
N CYS I 744 -30.58 22.14 -25.83
CA CYS I 744 -31.88 22.75 -25.65
C CYS I 744 -32.97 21.76 -26.02
N LEU I 745 -34.17 22.01 -25.50
CA LEU I 745 -35.30 21.11 -25.70
C LEU I 745 -36.13 21.55 -26.90
N GLY I 746 -36.81 20.58 -27.50
CA GLY I 746 -37.73 20.84 -28.59
C GLY I 746 -38.85 19.83 -28.64
N SER I 747 -40.06 20.29 -28.91
CA SER I 747 -41.24 19.42 -28.99
C SER I 747 -41.43 19.00 -30.44
N ASP I 748 -40.71 17.94 -30.83
CA ASP I 748 -40.80 17.41 -32.18
C ASP I 748 -40.59 15.90 -32.10
N ASP I 749 -41.70 15.16 -32.07
CA ASP I 749 -41.65 13.69 -32.08
C ASP I 749 -42.16 13.21 -33.44
N PRO I 750 -41.30 12.64 -34.29
CA PRO I 750 -41.76 12.30 -35.66
C PRO I 750 -42.97 11.37 -35.69
N GLY I 751 -43.04 10.39 -34.79
CA GLY I 751 -44.05 9.35 -34.91
C GLY I 751 -45.04 9.27 -33.76
N ILE I 752 -45.54 10.40 -33.28
CA ILE I 752 -46.55 10.43 -32.23
C ILE I 752 -47.66 11.40 -32.62
N PHE I 753 -48.85 11.15 -32.09
CA PHE I 753 -49.98 12.07 -32.21
C PHE I 753 -50.15 12.80 -30.87
N ALA I 754 -50.39 14.10 -30.95
CA ALA I 754 -50.67 14.92 -29.78
C ALA I 754 -49.51 14.85 -28.77
N ALA I 755 -48.38 15.40 -29.20
CA ALA I 755 -47.23 15.59 -28.34
C ALA I 755 -47.12 17.05 -27.94
N ASP I 756 -46.40 17.29 -26.85
CA ASP I 756 -46.24 18.63 -26.30
C ASP I 756 -44.87 18.75 -25.65
N LEU I 757 -44.44 19.99 -25.46
CA LEU I 757 -43.20 20.28 -24.73
C LEU I 757 -43.30 19.75 -23.31
N LYS I 758 -44.44 19.94 -22.66
CA LYS I 758 -44.64 19.38 -21.33
C LYS I 758 -44.58 17.84 -21.38
N SER I 759 -45.15 17.24 -22.42
CA SER I 759 -45.10 15.80 -22.55
C SER I 759 -43.66 15.30 -22.65
N GLU I 760 -42.84 15.95 -23.47
CA GLU I 760 -41.45 15.53 -23.61
C GLU I 760 -40.65 15.78 -22.34
N PHE I 761 -40.91 16.91 -21.67
CA PHE I 761 -40.27 17.17 -20.39
C PHE I 761 -40.58 16.06 -19.38
N TYR I 762 -41.86 15.70 -19.28
CA TYR I 762 -42.26 14.63 -18.37
C TYR I 762 -41.68 13.29 -18.80
N HIS I 763 -41.58 13.03 -20.10
CA HIS I 763 -40.99 11.78 -20.56
C HIS I 763 -39.52 11.69 -20.15
N LEU I 764 -38.77 12.77 -20.33
CA LEU I 764 -37.38 12.79 -19.90
C LEU I 764 -37.28 12.59 -18.39
N PHE I 765 -38.14 13.26 -17.64
CA PHE I 765 -38.14 13.10 -16.19
C PHE I 765 -38.42 11.66 -15.78
N VAL I 766 -39.41 11.03 -16.42
CA VAL I 766 -39.78 9.66 -16.09
C VAL I 766 -38.63 8.72 -16.41
N VAL I 767 -38.01 8.88 -17.58
CA VAL I 767 -36.90 8.01 -17.94
C VAL I 767 -35.75 8.18 -16.95
N LEU I 768 -35.42 9.42 -16.61
CA LEU I 768 -34.32 9.66 -15.68
C LEU I 768 -34.61 9.05 -14.31
N THR I 769 -35.84 9.18 -13.83
CA THR I 769 -36.16 8.72 -12.48
C THR I 769 -36.30 7.21 -12.39
N ARG I 770 -36.81 6.55 -13.43
CA ARG I 770 -37.13 5.13 -13.37
C ARG I 770 -36.05 4.24 -13.95
N LYS I 771 -35.40 4.67 -15.03
CA LYS I 771 -34.43 3.84 -15.74
C LYS I 771 -33.00 4.14 -15.34
N PHE I 772 -32.71 5.36 -14.91
CA PHE I 772 -31.38 5.74 -14.46
C PHE I 772 -31.29 5.86 -12.95
N GLY I 773 -32.39 5.66 -12.23
CA GLY I 773 -32.37 5.63 -10.78
C GLY I 773 -32.18 6.97 -10.11
N LEU I 774 -32.23 8.06 -10.86
CA LEU I 774 -32.01 9.37 -10.28
C LEU I 774 -33.21 9.79 -9.45
N SER I 775 -32.94 10.49 -8.35
CA SER I 775 -34.00 11.00 -7.51
C SER I 775 -34.77 12.08 -8.26
N PRO I 776 -35.99 12.39 -7.82
CA PRO I 776 -36.74 13.45 -8.50
C PRO I 776 -35.97 14.76 -8.59
N ALA I 777 -35.25 15.14 -7.53
CA ALA I 777 -34.51 16.39 -7.55
C ALA I 777 -33.39 16.37 -8.58
N ASP I 778 -32.62 15.29 -8.62
CA ASP I 778 -31.51 15.20 -9.58
C ASP I 778 -32.04 15.17 -11.02
N ALA I 779 -33.08 14.38 -11.25
CA ALA I 779 -33.67 14.32 -12.59
C ALA I 779 -34.21 15.69 -13.01
N LEU I 780 -34.86 16.39 -12.08
CA LEU I 780 -35.36 17.72 -12.39
C LEU I 780 -34.20 18.67 -12.70
N ARG I 781 -33.09 18.55 -11.97
CA ARG I 781 -31.93 19.40 -12.27
C ARG I 781 -31.43 19.13 -13.69
N LYS I 782 -31.33 17.86 -14.06
CA LYS I 782 -30.80 17.52 -15.38
C LYS I 782 -31.72 18.00 -16.50
N VAL I 783 -33.03 17.79 -16.35
CA VAL I 783 -33.95 18.26 -17.39
C VAL I 783 -34.01 19.79 -17.40
N ALA I 784 -33.95 20.42 -16.22
CA ALA I 784 -34.03 21.86 -16.13
C ALA I 784 -32.84 22.53 -16.79
N GLU I 785 -31.67 21.90 -16.76
CA GLU I 785 -30.52 22.50 -17.40
C GLU I 785 -30.75 22.62 -18.91
N VAL I 786 -31.28 21.57 -19.54
CA VAL I 786 -31.61 21.63 -20.96
C VAL I 786 -32.69 22.68 -21.20
N ASN I 787 -33.75 22.66 -20.38
CA ASN I 787 -34.83 23.63 -20.56
C ASN I 787 -34.31 25.06 -20.48
N GLU I 788 -33.49 25.35 -19.46
CA GLU I 788 -32.90 26.67 -19.31
C GLU I 788 -31.96 27.01 -20.46
N ASN I 789 -31.31 26.00 -21.06
CA ASN I 789 -30.53 26.27 -22.25
C ASN I 789 -31.41 26.86 -23.34
N GLY I 790 -32.65 26.38 -23.44
CA GLY I 790 -33.58 27.00 -24.37
C GLY I 790 -33.74 28.50 -24.18
N ARG I 791 -33.85 28.96 -22.93
CA ARG I 791 -33.96 30.38 -22.62
C ARG I 791 -32.63 31.12 -22.85
N ILE I 792 -31.52 30.51 -22.46
CA ILE I 792 -30.22 31.16 -22.64
C ILE I 792 -29.93 31.39 -24.12
N TYR I 793 -30.24 30.41 -24.96
CA TYR I 793 -29.97 30.51 -26.39
C TYR I 793 -31.23 30.84 -27.18
N ARG I 794 -32.21 31.49 -26.56
CA ARG I 794 -33.40 31.93 -27.27
C ARG I 794 -33.04 32.96 -28.33
N PHE I 795 -33.86 33.04 -29.36
CA PHE I 795 -33.72 34.03 -30.42
C PHE I 795 -34.57 35.27 -30.20
N HIS I 796 -35.34 35.32 -29.12
CA HIS I 796 -36.25 36.43 -28.89
C HIS I 796 -35.49 37.72 -28.66
N ASP I 797 -36.12 38.83 -29.03
CA ASP I 797 -35.52 40.15 -28.82
C ASP I 797 -35.43 40.44 -27.33
N VAL I 798 -34.25 40.89 -26.90
CA VAL I 798 -34.03 41.24 -25.51
C VAL I 798 -34.32 42.72 -25.30
N MET J 1 0.36 49.72 -30.72
CA MET J 1 1.10 51.00 -30.97
C MET J 1 0.16 52.13 -31.35
N GLU J 2 -1.11 51.80 -31.60
CA GLU J 2 -2.07 52.80 -32.04
C GLU J 2 -2.41 53.78 -30.91
N ARG J 3 -2.28 53.35 -29.66
CA ARG J 3 -2.63 54.21 -28.54
C ARG J 3 -1.68 55.41 -28.42
N PHE J 4 -0.42 55.24 -28.85
CA PHE J 4 0.55 56.32 -28.74
C PHE J 4 0.34 57.42 -29.77
N LEU J 5 -0.46 57.17 -30.80
CA LEU J 5 -0.81 58.20 -31.77
C LEU J 5 -2.05 58.99 -31.36
N LEU J 6 -2.81 58.49 -30.38
CA LEU J 6 -3.97 59.20 -29.87
C LEU J 6 -3.78 59.74 -28.47
N ASN J 7 -2.76 59.29 -27.75
CA ASN J 7 -2.45 59.80 -26.41
C ASN J 7 -0.94 59.98 -26.33
N SER J 8 -0.48 61.21 -26.52
CA SER J 8 0.95 61.50 -26.51
C SER J 8 1.17 62.99 -26.29
N THR J 9 1.88 63.33 -25.22
CA THR J 9 2.23 64.73 -24.99
C THR J 9 3.15 65.27 -26.06
N VAL J 10 4.16 64.48 -26.45
CA VAL J 10 5.13 64.93 -27.44
C VAL J 10 4.43 65.17 -28.78
N LEU J 11 3.59 64.23 -29.20
CA LEU J 11 2.88 64.38 -30.46
C LEU J 11 1.96 65.59 -30.42
N LEU J 12 1.28 65.80 -29.30
CA LEU J 12 0.40 66.96 -29.19
C LEU J 12 1.20 68.24 -29.32
N TYR J 13 2.32 68.32 -28.61
CA TYR J 13 3.10 69.56 -28.62
C TYR J 13 3.54 69.85 -30.05
N ARG J 14 4.13 68.83 -30.72
CA ARG J 14 4.65 68.97 -32.07
C ARG J 14 3.56 69.38 -33.05
N LEU J 15 2.42 68.68 -33.06
CA LEU J 15 1.35 68.99 -33.98
C LEU J 15 0.71 70.34 -33.72
N SER J 16 0.63 70.76 -32.46
CA SER J 16 0.03 72.04 -32.12
C SER J 16 0.96 73.21 -32.31
N THR J 17 2.27 72.97 -32.46
CA THR J 17 3.20 74.07 -32.67
C THR J 17 3.59 74.30 -34.12
N VAL J 18 3.63 73.27 -34.96
CA VAL J 18 4.04 73.49 -36.34
C VAL J 18 2.85 73.96 -37.17
N SER J 19 3.15 74.62 -38.28
CA SER J 19 2.12 75.21 -39.12
C SER J 19 1.27 74.12 -39.77
N LEU J 20 0.06 74.51 -40.16
CA LEU J 20 -0.90 73.58 -40.74
C LEU J 20 -0.60 73.24 -42.20
N ASP J 21 0.38 73.91 -42.82
CA ASP J 21 0.77 73.62 -44.19
C ASP J 21 2.17 73.02 -44.27
N GLU J 22 2.65 72.42 -43.18
CA GLU J 22 3.99 71.84 -43.17
C GLU J 22 4.05 70.60 -44.06
N VAL J 23 3.10 69.69 -43.91
CA VAL J 23 3.07 68.45 -44.69
C VAL J 23 4.28 67.58 -44.36
N SER J 24 4.16 66.28 -44.57
CA SER J 24 5.26 65.32 -44.44
C SER J 24 5.80 65.28 -43.02
N LEU J 25 4.96 64.80 -42.10
CA LEU J 25 5.30 64.75 -40.68
C LEU J 25 5.51 63.32 -40.18
N ASP J 26 5.73 62.37 -41.09
CA ASP J 26 5.83 60.97 -40.70
C ASP J 26 7.02 60.71 -39.79
N GLU J 27 8.18 61.27 -40.15
CA GLU J 27 9.38 61.07 -39.34
C GLU J 27 9.09 61.45 -37.89
N ARG J 28 8.33 62.53 -37.72
CA ARG J 28 8.21 63.15 -36.42
C ARG J 28 7.13 62.47 -35.61
N VAL J 29 6.05 62.07 -36.28
CA VAL J 29 5.05 61.25 -35.64
C VAL J 29 5.69 59.97 -35.12
N GLU J 30 6.60 59.39 -35.91
CA GLU J 30 7.29 58.18 -35.49
C GLU J 30 8.18 58.41 -34.28
N SER J 31 9.01 59.46 -34.33
CA SER J 31 9.89 59.74 -33.19
C SER J 31 9.09 60.02 -31.93
N SER J 32 8.05 60.85 -32.04
CA SER J 32 7.20 61.14 -30.88
C SER J 32 6.52 59.89 -30.37
N VAL J 33 6.15 58.96 -31.26
CA VAL J 33 5.55 57.71 -30.81
C VAL J 33 6.54 56.93 -29.97
N PHE J 34 7.80 56.86 -30.40
CA PHE J 34 8.79 56.12 -29.61
C PHE J 34 9.03 56.80 -28.25
N LEU J 35 9.09 58.13 -28.22
CA LEU J 35 9.20 58.83 -26.95
C LEU J 35 8.00 58.56 -26.03
N ALA J 36 6.79 58.59 -26.59
CA ALA J 36 5.61 58.31 -25.79
C ALA J 36 5.64 56.89 -25.25
N GLN J 37 6.06 55.93 -26.07
CA GLN J 37 6.13 54.55 -25.60
C GLN J 37 7.19 54.38 -24.53
N TYR J 38 8.33 55.03 -24.67
CA TYR J 38 9.35 54.97 -23.61
C TYR J 38 8.83 55.57 -22.32
N GLU J 39 8.12 56.69 -22.40
CA GLU J 39 7.59 57.35 -21.23
C GLU J 39 6.48 56.53 -20.56
N GLN J 40 5.60 55.90 -21.34
CA GLN J 40 4.43 55.23 -20.80
C GLN J 40 4.67 53.75 -20.52
N ALA J 41 5.03 52.96 -21.53
CA ALA J 41 5.29 51.54 -21.40
C ALA J 41 6.79 51.35 -21.65
N ARG J 42 7.58 51.50 -20.59
CA ARG J 42 9.03 51.47 -20.70
C ARG J 42 9.57 50.07 -21.00
N SER J 43 8.85 49.03 -20.63
CA SER J 43 9.39 47.67 -20.68
C SER J 43 9.40 47.06 -22.06
N LEU J 44 8.88 47.75 -23.07
CA LEU J 44 8.97 47.23 -24.44
C LEU J 44 10.44 47.22 -24.87
N PRO J 45 10.97 46.08 -25.37
CA PRO J 45 12.43 45.98 -25.54
C PRO J 45 12.99 46.71 -26.76
N ASP J 46 12.50 47.92 -27.03
CA ASP J 46 13.18 48.85 -27.93
C ASP J 46 13.22 48.40 -29.39
N HIS J 47 12.74 47.19 -29.69
CA HIS J 47 12.70 46.72 -31.07
C HIS J 47 11.33 46.16 -31.41
N VAL J 48 10.62 45.64 -30.39
CA VAL J 48 9.23 45.32 -30.58
C VAL J 48 8.46 46.56 -30.99
N ALA J 49 8.82 47.71 -30.42
CA ALA J 49 8.21 48.98 -30.80
C ALA J 49 8.53 49.34 -32.25
N LYS J 50 9.79 49.24 -32.64
CA LYS J 50 10.16 49.49 -34.04
C LYS J 50 9.33 48.62 -34.97
N SER J 51 9.24 47.32 -34.68
CA SER J 51 8.53 46.40 -35.55
C SER J 51 7.03 46.71 -35.59
N ALA J 52 6.44 47.03 -34.44
CA ALA J 52 5.02 47.37 -34.41
C ALA J 52 4.73 48.61 -35.25
N TRP J 53 5.59 49.63 -35.13
CA TRP J 53 5.41 50.83 -35.94
C TRP J 53 5.57 50.51 -37.43
N SER J 54 6.54 49.66 -37.78
CA SER J 54 6.71 49.29 -39.17
C SER J 54 5.46 48.58 -39.71
N TYR J 55 4.89 47.67 -38.91
CA TYR J 55 3.66 47.00 -39.34
C TYR J 55 2.52 47.99 -39.48
N LEU J 56 2.45 48.98 -38.59
CA LEU J 56 1.38 49.97 -38.68
C LEU J 56 1.48 50.78 -39.98
N VAL J 57 2.69 51.27 -40.29
CA VAL J 57 2.87 52.00 -41.55
C VAL J 57 2.56 51.09 -42.74
N GLN J 58 2.96 49.83 -42.65
CA GLN J 58 2.70 48.88 -43.74
C GLN J 58 1.19 48.73 -43.97
N GLN J 59 0.43 48.56 -42.89
CA GLN J 59 -1.02 48.45 -43.03
C GLN J 59 -1.62 49.71 -43.64
N ILE J 60 -1.21 50.88 -43.15
CA ILE J 60 -1.76 52.14 -43.65
C ILE J 60 -1.47 52.27 -45.14
N LYS J 61 -0.22 52.04 -45.53
CA LYS J 61 0.17 52.19 -46.94
C LYS J 61 -0.54 51.17 -47.82
N GLN J 62 -0.65 49.92 -47.38
CA GLN J 62 -1.33 48.92 -48.19
C GLN J 62 -2.80 49.26 -48.38
N ARG J 63 -3.46 49.75 -47.32
CA ARG J 63 -4.87 50.13 -47.42
C ARG J 63 -5.04 51.55 -47.92
N ASN J 64 -3.97 52.19 -48.38
CA ASN J 64 -4.07 53.42 -49.16
C ASN J 64 -4.59 54.57 -48.31
N MET J 65 -4.17 54.56 -47.05
CA MET J 65 -4.55 55.59 -46.09
C MET J 65 -3.33 56.42 -45.75
N LYS J 66 -3.58 57.57 -45.14
CA LYS J 66 -2.54 58.46 -44.68
C LYS J 66 -2.42 58.36 -43.16
N LEU J 67 -1.19 58.46 -42.66
CA LEU J 67 -0.97 58.42 -41.22
C LEU J 67 -1.76 59.54 -40.55
N GLY J 68 -2.79 59.18 -39.80
CA GLY J 68 -3.65 60.17 -39.18
C GLY J 68 -4.76 59.56 -38.35
N PRO J 69 -5.53 60.44 -37.69
CA PRO J 69 -6.58 59.94 -36.79
C PRO J 69 -7.57 59.03 -37.47
N VAL J 70 -7.95 59.33 -38.71
CA VAL J 70 -8.94 58.50 -39.39
C VAL J 70 -8.42 57.08 -39.56
N ALA J 71 -7.18 56.94 -40.05
CA ALA J 71 -6.60 55.62 -40.25
C ALA J 71 -6.44 54.88 -38.93
N ILE J 72 -5.96 55.57 -37.89
CA ILE J 72 -5.75 54.91 -36.60
C ILE J 72 -7.08 54.44 -36.03
N LEU J 73 -8.11 55.29 -36.09
CA LEU J 73 -9.42 54.91 -35.58
C LEU J 73 -10.00 53.74 -36.37
N ARG J 74 -9.83 53.76 -37.70
CA ARG J 74 -10.32 52.64 -38.50
C ARG J 74 -9.63 51.35 -38.10
N LEU J 75 -8.31 51.38 -37.93
CA LEU J 75 -7.59 50.16 -37.55
C LEU J 75 -8.08 49.64 -36.20
N ILE J 76 -8.21 50.54 -35.22
CA ILE J 76 -8.66 50.12 -33.90
C ILE J 76 -10.06 49.52 -33.97
N ALA J 77 -10.95 50.18 -34.73
CA ALA J 77 -12.33 49.71 -34.81
C ALA J 77 -12.43 48.35 -35.49
N GLU J 78 -11.71 48.15 -36.60
CA GLU J 78 -11.70 46.84 -37.21
C GLU J 78 -11.11 45.78 -36.29
N LYS J 79 -10.13 46.15 -35.47
CA LYS J 79 -9.47 45.18 -34.61
C LYS J 79 -10.28 44.81 -33.39
N PHE J 80 -11.10 45.71 -32.86
CA PHE J 80 -11.82 45.48 -31.61
C PHE J 80 -13.32 45.31 -31.80
N ILE J 81 -13.97 46.20 -32.54
CA ILE J 81 -15.43 46.26 -32.60
C ILE J 81 -15.93 45.46 -33.80
N LYS J 82 -17.06 44.79 -33.60
CA LYS J 82 -17.92 44.22 -34.63
C LYS J 82 -19.37 44.61 -34.48
N ASN J 83 -20.18 43.89 -35.24
CA ASN J 83 -21.63 43.84 -35.07
C ASN J 83 -22.03 42.42 -34.68
N GLU J 84 -22.71 42.28 -33.54
CA GLU J 84 -23.31 40.98 -33.23
C GLU J 84 -24.64 41.16 -32.52
N LYS J 85 -25.67 40.50 -33.05
CA LYS J 85 -26.99 40.46 -32.44
C LYS J 85 -27.63 41.85 -32.41
N GLY J 86 -27.26 42.66 -31.43
CA GLY J 86 -27.69 44.03 -31.24
C GLY J 86 -26.55 44.99 -31.01
N GLY J 87 -26.34 45.90 -31.95
CA GLY J 87 -25.35 46.93 -31.79
C GLY J 87 -23.93 46.39 -31.78
N PRO J 88 -22.96 47.30 -31.80
CA PRO J 88 -21.55 46.88 -31.79
C PRO J 88 -21.14 46.28 -30.45
N LYS J 89 -20.27 45.29 -30.50
CA LYS J 89 -19.74 44.65 -29.31
C LYS J 89 -18.25 44.38 -29.50
N ILE J 90 -17.58 44.09 -28.39
CA ILE J 90 -16.15 43.81 -28.37
C ILE J 90 -15.94 42.30 -28.34
N ASP J 91 -14.88 41.84 -28.99
CA ASP J 91 -14.48 40.44 -28.87
C ASP J 91 -14.30 40.04 -27.42
N LEU J 92 -14.77 38.83 -27.10
CA LEU J 92 -14.44 38.22 -25.82
C LEU J 92 -12.93 38.06 -25.64
N PRO J 93 -12.19 37.50 -26.60
CA PRO J 93 -10.73 37.43 -26.44
C PRO J 93 -10.05 38.79 -26.43
N MET J 94 -10.70 39.84 -26.95
CA MET J 94 -10.09 41.16 -27.07
C MET J 94 -10.55 42.14 -26.01
N PHE J 95 -11.46 41.74 -25.11
CA PHE J 95 -12.02 42.69 -24.16
C PHE J 95 -10.96 43.20 -23.18
N SER J 96 -10.05 42.33 -22.73
CA SER J 96 -9.00 42.78 -21.82
C SER J 96 -8.14 43.85 -22.46
N GLU J 97 -7.71 43.62 -23.71
CA GLU J 97 -6.92 44.62 -24.42
C GLU J 97 -7.74 45.89 -24.63
N TRP J 98 -9.04 45.74 -24.89
CA TRP J 98 -9.89 46.92 -25.06
C TRP J 98 -9.95 47.74 -23.78
N GLN J 99 -10.04 47.08 -22.62
CA GLN J 99 -10.04 47.79 -21.35
C GLN J 99 -8.71 48.53 -21.14
N THR J 100 -7.60 47.85 -21.40
CA THR J 100 -6.31 48.51 -21.29
C THR J 100 -6.24 49.72 -22.20
N LEU J 101 -6.79 49.60 -23.41
CA LEU J 101 -6.82 50.73 -24.33
C LEU J 101 -7.69 51.86 -23.79
N MET J 102 -8.85 51.53 -23.23
CA MET J 102 -9.74 52.52 -22.65
C MET J 102 -9.07 53.29 -21.53
N SER J 103 -8.05 52.71 -20.90
CA SER J 103 -7.29 53.48 -19.92
C SER J 103 -6.50 54.63 -20.55
N ARG J 104 -6.39 54.69 -21.87
CA ARG J 104 -5.61 55.72 -22.55
C ARG J 104 -6.42 56.52 -23.58
N VAL J 105 -7.37 55.88 -24.25
CA VAL J 105 -8.07 56.46 -25.39
C VAL J 105 -9.57 56.46 -25.11
N SER J 106 -10.25 57.47 -25.64
CA SER J 106 -11.69 57.57 -25.52
C SER J 106 -12.37 56.71 -26.57
N CYS J 107 -13.51 56.13 -26.21
CA CYS J 107 -14.19 55.14 -27.04
C CYS J 107 -15.09 55.76 -28.10
N LEU J 108 -15.53 57.01 -27.90
CA LEU J 108 -16.50 57.60 -28.81
C LEU J 108 -15.97 57.75 -30.23
N PRO J 109 -14.76 58.26 -30.46
CA PRO J 109 -14.26 58.31 -31.85
C PRO J 109 -14.17 56.94 -32.50
N ILE J 110 -13.78 55.92 -31.73
CA ILE J 110 -13.66 54.58 -32.30
C ILE J 110 -15.02 54.03 -32.67
N ILE J 111 -16.03 54.28 -31.82
CA ILE J 111 -17.37 53.79 -32.14
C ILE J 111 -17.94 54.54 -33.34
N ALA J 112 -17.65 55.84 -33.45
CA ALA J 112 -18.07 56.58 -34.63
C ALA J 112 -17.43 56.01 -35.89
N CYS J 113 -16.13 55.71 -35.82
CA CYS J 113 -15.44 55.11 -36.97
C CYS J 113 -16.05 53.76 -37.32
N HIS J 114 -16.37 52.96 -36.32
CA HIS J 114 -17.01 51.67 -36.59
C HIS J 114 -18.36 51.86 -37.25
N GLN J 115 -19.17 52.79 -36.75
CA GLN J 115 -20.49 53.01 -37.33
C GLN J 115 -20.38 53.52 -38.76
N VAL J 116 -19.30 54.25 -39.08
CA VAL J 116 -19.15 54.78 -40.42
C VAL J 116 -18.66 53.71 -41.38
N PHE J 117 -17.59 53.00 -41.02
CA PHE J 117 -16.88 52.13 -41.95
C PHE J 117 -17.29 50.67 -41.84
N ASN J 118 -18.13 50.30 -40.89
CA ASN J 118 -18.59 48.93 -40.73
C ASN J 118 -19.92 48.93 -39.98
N PRO J 119 -20.95 49.61 -40.49
CA PRO J 119 -22.21 49.66 -39.77
C PRO J 119 -22.90 48.31 -39.74
N GLY J 120 -23.74 48.12 -38.72
CA GLY J 120 -24.54 46.93 -38.60
C GLY J 120 -25.71 46.98 -39.55
N PRO J 121 -26.66 46.05 -39.39
CA PRO J 121 -27.85 46.05 -40.24
C PRO J 121 -28.57 47.40 -40.18
N ALA J 122 -29.05 47.84 -41.34
CA ALA J 122 -29.74 49.13 -41.42
C ALA J 122 -31.20 48.99 -41.01
N SER J 123 -31.42 48.38 -39.85
CA SER J 123 -32.76 48.27 -39.26
C SER J 123 -32.79 48.60 -37.78
N GLN J 124 -31.67 48.51 -37.08
CA GLN J 124 -31.57 48.88 -35.67
C GLN J 124 -30.93 50.26 -35.62
N GLU J 125 -31.76 51.29 -35.44
CA GLU J 125 -31.26 52.65 -35.37
C GLU J 125 -30.30 52.78 -34.20
N TYR J 126 -29.01 52.97 -34.48
CA TYR J 126 -28.01 52.95 -33.43
C TYR J 126 -27.97 54.30 -32.72
N SER J 127 -28.23 54.29 -31.43
CA SER J 127 -28.05 55.44 -30.56
C SER J 127 -26.80 55.21 -29.72
N PHE J 128 -25.89 56.18 -29.73
CA PHE J 128 -24.60 55.99 -29.08
C PHE J 128 -24.76 55.57 -27.63
N ARG J 129 -24.00 54.55 -27.20
CA ARG J 129 -24.07 54.11 -25.81
C ARG J 129 -22.69 53.72 -25.37
N TRP J 130 -22.31 54.20 -24.21
CA TRP J 130 -21.04 53.80 -23.63
C TRP J 130 -21.30 52.98 -22.38
N PRO J 131 -20.38 52.09 -22.03
CA PRO J 131 -19.24 51.64 -22.83
C PRO J 131 -19.63 50.48 -23.72
N LEU J 132 -18.70 50.02 -24.55
CA LEU J 132 -18.94 48.84 -25.37
C LEU J 132 -18.65 47.59 -24.54
N TYR J 133 -19.59 46.65 -24.57
CA TYR J 133 -19.45 45.40 -23.86
C TYR J 133 -19.21 44.26 -24.83
N PRO J 134 -18.67 43.14 -24.36
CA PRO J 134 -18.72 41.91 -25.14
C PRO J 134 -20.11 41.30 -25.05
N TYR J 135 -20.30 40.18 -25.75
CA TYR J 135 -21.56 39.46 -25.71
C TYR J 135 -21.31 38.02 -25.29
N HIS J 136 -22.09 37.56 -24.32
CA HIS J 136 -22.16 36.15 -24.00
C HIS J 136 -23.57 35.83 -23.52
N PRO J 137 -24.26 34.88 -24.14
CA PRO J 137 -25.67 34.63 -23.77
C PRO J 137 -25.85 34.30 -22.30
N THR J 138 -24.93 33.56 -21.69
CA THR J 138 -25.06 33.23 -20.27
C THR J 138 -25.05 34.50 -19.42
N VAL J 139 -24.09 35.40 -19.68
CA VAL J 139 -24.00 36.64 -18.92
C VAL J 139 -25.23 37.50 -19.14
N GLU J 140 -25.68 37.61 -20.40
CA GLU J 140 -26.84 38.44 -20.68
C GLU J 140 -28.09 37.88 -19.99
N ASP J 141 -28.27 36.56 -20.01
CA ASP J 141 -29.41 35.96 -19.34
C ASP J 141 -29.34 36.20 -17.83
N TYR J 142 -28.16 36.04 -17.25
CA TYR J 142 -28.01 36.28 -15.82
C TYR J 142 -28.35 37.73 -15.47
N ILE J 143 -27.87 38.68 -16.28
CA ILE J 143 -28.16 40.09 -16.01
C ILE J 143 -29.65 40.37 -16.14
N THR J 144 -30.29 39.81 -17.17
CA THR J 144 -31.71 39.99 -17.36
C THR J 144 -32.51 39.43 -16.18
N ARG J 145 -32.09 38.29 -15.64
CA ARG J 145 -32.84 37.62 -14.60
C ARG J 145 -32.61 38.26 -13.23
N GLU J 146 -31.35 38.52 -12.88
CA GLU J 146 -30.99 38.96 -11.54
C GLU J 146 -30.56 40.41 -11.47
N CYS J 147 -30.18 41.02 -12.60
CA CYS J 147 -29.72 42.40 -12.63
C CYS J 147 -28.40 42.55 -11.86
N LEU J 148 -27.75 43.69 -12.01
CA LEU J 148 -26.48 43.95 -11.36
C LEU J 148 -26.68 44.92 -10.20
N HIS J 149 -25.80 44.82 -9.21
CA HIS J 149 -25.91 45.58 -7.97
C HIS J 149 -24.65 46.39 -7.75
N GLU J 150 -24.83 47.70 -7.55
CA GLU J 150 -23.71 48.62 -7.41
C GLU J 150 -23.56 49.02 -5.95
N THR J 151 -22.38 48.75 -5.38
CA THR J 151 -22.07 49.07 -4.00
C THR J 151 -20.90 50.03 -3.84
N HIS J 152 -20.23 50.42 -4.92
CA HIS J 152 -19.03 51.27 -4.82
C HIS J 152 -18.97 52.17 -6.04
N GLN J 153 -19.47 53.40 -5.92
CA GLN J 153 -19.44 54.37 -7.01
C GLN J 153 -19.18 55.76 -6.45
N HIS J 154 -17.91 56.14 -6.32
CA HIS J 154 -17.40 57.38 -5.73
C HIS J 154 -16.15 57.95 -6.41
N LEU J 155 -15.90 57.66 -7.68
CA LEU J 155 -14.57 57.98 -8.25
C LEU J 155 -14.48 59.39 -8.84
N ASN J 156 -15.22 59.74 -9.90
CA ASN J 156 -15.09 61.07 -10.48
C ASN J 156 -16.51 61.53 -10.22
N GLY J 157 -16.79 62.13 -9.10
CA GLY J 157 -18.19 62.26 -8.70
C GLY J 157 -18.83 60.88 -8.70
N SER J 158 -19.73 60.63 -9.66
CA SER J 158 -20.16 59.26 -9.94
C SER J 158 -20.28 59.00 -11.44
N THR J 159 -19.79 59.91 -12.28
CA THR J 159 -19.90 59.80 -13.73
C THR J 159 -18.57 59.37 -14.31
N SER J 160 -18.63 58.81 -15.51
CA SER J 160 -17.41 58.45 -16.22
C SER J 160 -16.64 59.70 -16.60
N ALA J 161 -15.34 59.54 -16.79
CA ALA J 161 -14.47 60.68 -17.05
C ALA J 161 -14.73 61.27 -18.43
N GLU J 162 -15.47 60.53 -19.27
CA GLU J 162 -15.66 60.93 -20.65
C GLU J 162 -16.69 62.03 -20.82
N GLU J 163 -17.74 62.08 -19.99
CA GLU J 163 -18.65 63.21 -20.00
C GLU J 163 -18.03 64.44 -19.34
N CYS J 164 -17.00 64.25 -18.51
CA CYS J 164 -16.30 65.39 -17.92
C CYS J 164 -15.59 66.21 -18.98
N TRP J 165 -15.11 65.58 -20.05
CA TRP J 165 -14.51 66.34 -21.14
C TRP J 165 -15.50 67.33 -21.74
N LEU J 166 -16.70 66.86 -22.07
CA LEU J 166 -17.71 67.75 -22.62
C LEU J 166 -18.19 68.75 -21.58
N ASP J 167 -18.24 68.36 -20.31
CA ASP J 167 -18.58 69.32 -19.25
C ASP J 167 -17.55 70.44 -19.18
N ALA J 168 -16.27 70.10 -19.32
CA ALA J 168 -15.23 71.12 -19.34
C ALA J 168 -15.38 72.03 -20.55
N LEU J 169 -15.67 71.46 -21.72
CA LEU J 169 -15.89 72.28 -22.90
C LEU J 169 -17.11 73.19 -22.73
N LYS J 170 -18.11 72.71 -21.98
CA LYS J 170 -19.30 73.52 -21.69
C LYS J 170 -18.99 74.65 -20.71
N HIS J 171 -18.15 74.37 -19.73
CA HIS J 171 -17.77 75.32 -18.69
C HIS J 171 -16.26 75.41 -18.66
N PRO J 172 -15.66 75.90 -19.76
CA PRO J 172 -14.20 76.01 -19.80
C PRO J 172 -13.66 76.85 -18.66
N GLU J 173 -14.39 77.91 -18.29
CA GLU J 173 -13.91 78.81 -17.26
C GLU J 173 -14.14 78.23 -15.85
N ALA J 174 -15.15 77.37 -15.68
CA ALA J 174 -15.24 76.62 -14.43
C ALA J 174 -14.09 75.62 -14.30
N CYS J 175 -13.80 74.89 -15.37
CA CYS J 175 -12.70 73.94 -15.33
C CYS J 175 -11.36 74.65 -15.11
N LEU J 176 -11.16 75.78 -15.78
CA LEU J 176 -9.95 76.57 -15.57
C LEU J 176 -9.88 77.06 -14.13
N ARG J 177 -10.99 77.55 -13.59
CA ARG J 177 -11.03 77.94 -12.18
C ARG J 177 -10.61 76.80 -11.25
N ASP J 178 -11.16 75.60 -11.45
CA ASP J 178 -10.76 74.48 -10.60
C ASP J 178 -9.27 74.17 -10.76
N PHE J 179 -8.80 74.10 -12.01
CA PHE J 179 -7.39 73.77 -12.26
C PHE J 179 -6.48 74.75 -11.54
N GLU J 180 -6.76 76.05 -11.63
CA GLU J 180 -5.93 77.03 -10.94
C GLU J 180 -6.03 76.85 -9.44
N LYS J 181 -7.24 76.76 -8.91
CA LYS J 181 -7.43 76.52 -7.48
C LYS J 181 -7.25 75.03 -7.24
N GLY J 182 -5.98 74.65 -7.10
CA GLY J 182 -5.58 73.27 -6.95
C GLY J 182 -4.23 73.05 -7.61
N TRP J 183 -3.89 73.92 -8.56
CA TRP J 183 -2.53 73.96 -9.08
C TRP J 183 -1.56 74.63 -8.12
N ALA J 184 -2.05 75.48 -7.23
CA ALA J 184 -1.22 75.96 -6.14
C ALA J 184 -0.83 74.83 -5.21
N SER J 185 -1.56 73.72 -5.25
CA SER J 185 -1.25 72.57 -4.42
C SER J 185 -0.12 71.79 -5.03
N GLN J 186 0.81 71.41 -4.14
CA GLN J 186 1.96 70.65 -4.57
C GLN J 186 1.60 69.32 -5.20
N GLU J 187 0.65 68.62 -4.57
CA GLU J 187 0.34 67.30 -5.04
C GLU J 187 0.12 67.36 -6.52
N MET J 188 -0.67 68.37 -6.88
CA MET J 188 -1.16 68.67 -8.22
C MET J 188 -0.02 69.13 -9.14
N LYS J 189 0.85 70.01 -8.65
CA LYS J 189 1.99 70.39 -9.49
C LYS J 189 2.79 69.16 -9.88
N GLN J 190 3.04 68.26 -8.92
CA GLN J 190 3.77 67.04 -9.20
C GLN J 190 3.03 66.18 -10.23
N LEU J 191 1.72 66.03 -10.05
CA LEU J 191 0.94 65.23 -11.01
C LEU J 191 0.99 65.83 -12.40
N CYS J 192 0.84 67.15 -12.51
CA CYS J 192 0.86 67.80 -13.81
C CYS J 192 2.22 67.65 -14.47
N ALA J 193 3.30 67.77 -13.69
CA ALA J 193 4.63 67.58 -14.25
C ALA J 193 4.81 66.14 -14.72
N GLN J 194 4.26 65.18 -13.96
CA GLN J 194 4.45 63.78 -14.32
C GLN J 194 3.66 63.39 -15.56
N ILE J 195 2.53 64.05 -15.80
CA ILE J 195 1.77 63.78 -17.03
C ILE J 195 2.31 64.60 -18.19
N ASP J 196 2.21 65.93 -18.10
CA ASP J 196 2.74 66.84 -19.10
C ASP J 196 3.67 67.83 -18.40
N PRO J 197 4.99 67.73 -18.58
CA PRO J 197 5.90 68.61 -17.82
C PRO J 197 5.53 70.08 -17.91
N SER J 198 5.40 70.63 -19.11
CA SER J 198 5.11 72.05 -19.30
C SER J 198 3.61 72.28 -19.55
N LEU J 199 2.81 71.94 -18.55
CA LEU J 199 1.36 72.10 -18.68
C LEU J 199 0.90 73.52 -18.31
N THR J 200 1.06 73.89 -17.05
CA THR J 200 0.65 75.19 -16.53
C THR J 200 -0.83 75.50 -16.78
N PRO J 201 -1.44 76.33 -15.93
CA PRO J 201 -2.84 76.72 -16.18
C PRO J 201 -3.05 77.43 -17.51
N ARG J 202 -2.07 78.19 -17.98
CA ARG J 202 -2.27 78.96 -19.21
C ARG J 202 -2.36 78.05 -20.43
N ILE J 203 -1.46 77.07 -20.56
CA ILE J 203 -1.60 76.13 -21.66
C ILE J 203 -2.80 75.22 -21.44
N PHE J 204 -3.18 74.96 -20.19
CA PHE J 204 -4.45 74.26 -19.95
C PHE J 204 -5.60 75.01 -20.61
N LYS J 205 -5.70 76.31 -20.33
CA LYS J 205 -6.76 77.15 -20.90
C LYS J 205 -6.66 77.17 -22.43
N ASP J 206 -5.44 77.35 -22.94
CA ASP J 206 -5.25 77.40 -24.39
C ASP J 206 -5.68 76.11 -25.06
N ARG J 207 -5.37 74.98 -24.43
CA ARG J 207 -5.75 73.68 -24.99
C ARG J 207 -7.26 73.50 -24.98
N LEU J 208 -7.93 73.92 -23.90
CA LEU J 208 -9.38 73.84 -23.89
C LEU J 208 -9.98 74.70 -25.00
N GLN J 209 -9.47 75.92 -25.16
CA GLN J 209 -9.99 76.80 -26.21
C GLN J 209 -9.72 76.21 -27.60
N ILE J 210 -8.53 75.63 -27.80
CA ILE J 210 -8.19 75.01 -29.07
C ILE J 210 -9.16 73.86 -29.36
N ALA J 211 -9.45 73.05 -28.35
CA ALA J 211 -10.39 71.96 -28.55
C ALA J 211 -11.76 72.48 -28.95
N CYS J 212 -12.25 73.52 -28.26
CA CYS J 212 -13.56 74.09 -28.61
C CYS J 212 -13.58 74.60 -30.05
N ASN J 213 -12.55 75.36 -30.43
CA ASN J 213 -12.51 75.94 -31.76
C ASN J 213 -12.40 74.86 -32.83
N ILE J 214 -11.58 73.84 -32.58
CA ILE J 214 -11.46 72.73 -33.53
C ILE J 214 -12.80 72.02 -33.67
N ARG J 215 -13.51 71.84 -32.55
CA ARG J 215 -14.82 71.21 -32.61
C ARG J 215 -15.77 72.01 -33.49
N GLU J 216 -15.78 73.34 -33.33
CA GLU J 216 -16.65 74.16 -34.16
C GLU J 216 -16.28 74.04 -35.64
N ILE J 217 -14.99 74.15 -35.95
CA ILE J 217 -14.55 74.09 -37.35
C ILE J 217 -14.92 72.75 -37.96
N LEU J 218 -14.64 71.66 -37.24
CA LEU J 218 -14.91 70.34 -37.77
C LEU J 218 -16.39 70.04 -37.84
N CYS J 219 -17.20 70.67 -36.99
CA CYS J 219 -18.65 70.59 -37.16
C CYS J 219 -19.07 71.24 -38.47
N ARG J 220 -18.45 72.37 -38.81
CA ARG J 220 -18.77 73.00 -40.09
C ARG J 220 -18.54 72.05 -41.24
N VAL J 221 -17.40 71.35 -41.24
CA VAL J 221 -17.15 70.45 -42.38
C VAL J 221 -17.98 69.18 -42.27
N ALA J 222 -18.33 68.75 -41.05
CA ALA J 222 -19.21 67.60 -40.90
C ALA J 222 -20.57 67.86 -41.51
N GLN J 223 -21.11 69.07 -41.30
CA GLN J 223 -22.34 69.48 -41.96
C GLN J 223 -22.12 69.89 -43.41
N GLY J 224 -20.87 70.11 -43.82
CA GLY J 224 -20.60 70.56 -45.17
C GLY J 224 -21.16 71.94 -45.43
N VAL J 225 -20.71 72.94 -44.66
CA VAL J 225 -21.20 74.31 -44.80
C VAL J 225 -20.01 75.21 -45.14
N GLU J 226 -19.69 75.30 -46.42
CA GLU J 226 -19.07 76.46 -47.07
C GLU J 226 -17.72 76.92 -46.53
N LEU J 227 -17.13 76.22 -45.54
CA LEU J 227 -15.75 76.51 -45.11
C LEU J 227 -15.52 78.01 -44.98
N PRO J 228 -15.94 78.66 -43.89
CA PRO J 228 -15.94 80.13 -43.89
C PRO J 228 -14.59 80.70 -44.28
N GLU J 229 -14.60 81.95 -44.77
CA GLU J 229 -13.43 82.51 -45.43
C GLU J 229 -12.23 82.61 -44.49
N TRP J 230 -12.47 82.89 -43.22
CA TRP J 230 -11.35 83.12 -42.30
C TRP J 230 -10.50 81.89 -42.07
N ILE J 231 -10.87 80.74 -42.62
CA ILE J 231 -10.05 79.54 -42.49
C ILE J 231 -8.69 79.75 -43.13
N ALA J 232 -8.62 80.56 -44.19
CA ALA J 232 -7.34 80.79 -44.87
C ALA J 232 -6.34 81.45 -43.93
N SER J 233 -6.79 82.41 -43.12
CA SER J 233 -5.90 83.06 -42.17
C SER J 233 -5.37 82.10 -41.12
N MET J 234 -6.16 81.08 -40.79
CA MET J 234 -5.75 80.07 -39.82
C MET J 234 -4.59 79.25 -40.34
N GLN J 235 -3.38 79.53 -39.84
CA GLN J 235 -2.20 78.85 -40.34
C GLN J 235 -1.48 78.01 -39.31
N ASN J 236 -1.66 78.30 -38.02
CA ASN J 236 -0.87 77.67 -36.96
C ASN J 236 -1.81 77.35 -35.80
N PRO J 237 -1.85 76.08 -35.38
CA PRO J 237 -2.91 75.67 -34.43
C PRO J 237 -3.00 76.54 -33.19
N GLN J 238 -1.92 77.21 -32.80
CA GLN J 238 -1.97 78.11 -31.66
C GLN J 238 -2.93 79.27 -31.90
N GLN J 239 -3.25 79.58 -33.15
CA GLN J 239 -4.23 80.63 -33.43
C GLN J 239 -5.60 80.29 -32.84
N LEU J 240 -5.89 79.01 -32.66
CA LEU J 240 -7.17 78.58 -32.10
C LEU J 240 -7.23 78.69 -30.59
N ALA J 241 -6.13 79.08 -29.94
CA ALA J 241 -6.13 79.25 -28.49
C ALA J 241 -7.06 80.36 -28.03
N ASN J 242 -7.65 81.11 -28.94
CA ASN J 242 -8.36 82.33 -28.60
C ASN J 242 -9.79 82.24 -29.09
N SER J 243 -10.65 83.12 -28.56
CA SER J 243 -12.07 83.08 -28.88
C SER J 243 -12.38 83.61 -30.27
N THR J 244 -11.48 84.37 -30.90
CA THR J 244 -11.72 84.93 -32.21
C THR J 244 -10.46 84.83 -33.05
N ILE J 245 -10.65 84.81 -34.38
CA ILE J 245 -9.55 84.82 -35.33
C ILE J 245 -9.60 86.12 -36.10
N LEU J 246 -8.42 86.63 -36.46
CA LEU J 246 -8.27 87.89 -37.17
C LEU J 246 -7.81 87.60 -38.59
N HIS J 247 -8.68 87.82 -39.57
CA HIS J 247 -8.34 87.53 -40.95
C HIS J 247 -7.68 88.73 -41.62
N ASN J 248 -8.43 89.82 -41.79
CA ASN J 248 -7.85 91.09 -42.24
C ASN J 248 -8.60 92.22 -41.51
N GLY J 249 -8.04 92.67 -40.39
CA GLY J 249 -8.63 93.78 -39.65
C GLY J 249 -9.79 93.39 -38.77
N ARG J 250 -10.53 92.35 -39.16
CA ARG J 250 -11.73 91.94 -38.46
C ARG J 250 -11.45 90.77 -37.53
N GLU J 251 -12.29 90.63 -36.51
CA GLU J 251 -12.20 89.52 -35.56
C GLU J 251 -13.44 88.65 -35.73
N TYR J 252 -13.24 87.45 -36.27
CA TYR J 252 -14.32 86.51 -36.53
C TYR J 252 -14.40 85.47 -35.43
N GLY J 253 -15.62 85.17 -34.98
CA GLY J 253 -15.82 84.13 -34.01
C GLY J 253 -15.90 82.75 -34.63
N PHE J 254 -15.52 81.74 -33.85
CA PHE J 254 -15.51 80.36 -34.33
C PHE J 254 -16.85 79.66 -34.21
N ALA J 255 -17.81 80.25 -33.49
CA ALA J 255 -19.08 79.58 -33.23
C ALA J 255 -19.87 79.42 -34.52
N THR J 256 -20.69 78.37 -34.55
CA THR J 256 -21.58 78.08 -35.66
C THR J 256 -22.89 77.53 -35.12
N VAL J 257 -23.78 77.14 -36.01
CA VAL J 257 -25.07 76.59 -35.63
C VAL J 257 -24.95 75.08 -35.49
N TRP J 258 -25.63 74.52 -34.50
CA TRP J 258 -25.60 73.09 -34.21
C TRP J 258 -27.01 72.51 -34.31
N PRO J 259 -27.16 71.30 -34.87
CA PRO J 259 -28.50 70.72 -34.98
C PRO J 259 -29.19 70.54 -33.63
N ILE J 260 -28.52 69.88 -32.69
CA ILE J 260 -29.14 69.53 -31.42
C ILE J 260 -29.07 70.73 -30.47
N ASP J 261 -30.07 70.84 -29.59
CA ASP J 261 -30.12 71.95 -28.66
C ASP J 261 -28.89 71.95 -27.74
N ASP J 262 -28.51 70.78 -27.22
CA ASP J 262 -27.32 70.64 -26.40
C ASP J 262 -26.17 70.23 -27.30
N LYS J 263 -25.31 71.20 -27.66
CA LYS J 263 -24.21 70.96 -28.60
C LYS J 263 -23.02 70.29 -27.94
N TYR J 264 -23.01 70.22 -26.61
CA TYR J 264 -21.95 69.63 -25.78
C TYR J 264 -22.33 68.26 -25.26
N SER J 265 -23.37 67.66 -25.83
CA SER J 265 -23.83 66.34 -25.42
C SER J 265 -23.08 65.27 -26.21
N GLN J 266 -23.03 64.07 -25.62
CA GLN J 266 -22.30 62.99 -26.28
C GLN J 266 -23.01 62.54 -27.54
N GLU J 267 -24.33 62.69 -27.60
CA GLU J 267 -25.04 62.46 -28.86
C GLU J 267 -24.58 63.44 -29.93
N SER J 268 -24.45 64.72 -29.57
CA SER J 268 -23.98 65.72 -30.53
C SER J 268 -22.55 65.41 -30.97
N GLU J 269 -21.69 65.04 -30.02
CA GLU J 269 -20.32 64.69 -30.36
C GLU J 269 -20.29 63.51 -31.32
N PHE J 270 -21.08 62.48 -31.04
CA PHE J 270 -21.13 61.30 -31.91
C PHE J 270 -21.64 61.66 -33.30
N CYS J 271 -22.69 62.48 -33.37
CA CYS J 271 -23.22 62.88 -34.67
C CYS J 271 -22.18 63.64 -35.47
N TRP J 272 -21.49 64.59 -34.82
CA TRP J 272 -20.48 65.38 -35.53
C TRP J 272 -19.34 64.48 -36.02
N LEU J 273 -18.86 63.58 -35.15
CA LEU J 273 -17.76 62.72 -35.55
C LEU J 273 -18.16 61.78 -36.67
N THR J 274 -19.38 61.24 -36.61
CA THR J 274 -19.85 60.35 -37.67
C THR J 274 -19.94 61.11 -38.99
N GLY J 275 -20.48 62.33 -38.97
CA GLY J 275 -20.54 63.11 -40.20
C GLY J 275 -19.16 63.43 -40.74
N LEU J 276 -18.23 63.80 -39.86
CA LEU J 276 -16.87 64.12 -40.30
C LEU J 276 -16.22 62.91 -40.94
N LEU J 277 -16.33 61.75 -40.31
CA LEU J 277 -15.70 60.55 -40.86
C LEU J 277 -16.39 60.10 -42.15
N GLU J 278 -17.71 60.28 -42.24
CA GLU J 278 -18.40 59.97 -43.49
C GLU J 278 -17.90 60.85 -44.62
N LYS J 279 -17.71 62.15 -44.34
CA LYS J 279 -17.19 63.04 -45.38
C LYS J 279 -15.75 62.74 -45.72
N TRP J 280 -14.96 62.29 -44.73
CA TRP J 280 -13.56 61.93 -44.95
C TRP J 280 -13.36 60.44 -45.18
N ARG J 281 -14.42 59.75 -45.63
CA ARG J 281 -14.33 58.30 -45.82
C ARG J 281 -13.14 57.90 -46.68
N PHE J 282 -12.97 58.57 -47.82
CA PHE J 282 -11.95 58.20 -48.79
C PHE J 282 -10.63 58.95 -48.58
N ASN J 283 -10.71 60.23 -48.26
CA ASN J 283 -9.55 61.04 -47.88
C ASN J 283 -10.00 62.16 -46.96
N ALA J 284 -9.04 63.00 -46.56
CA ALA J 284 -9.31 64.19 -45.78
C ALA J 284 -8.25 65.25 -46.07
N PRO J 285 -8.58 66.54 -45.96
CA PRO J 285 -7.54 67.56 -46.02
C PRO J 285 -6.53 67.38 -44.91
N GLU J 286 -5.26 67.61 -45.22
CA GLU J 286 -4.21 67.38 -44.24
C GLU J 286 -4.40 68.27 -43.02
N GLY J 287 -4.69 69.56 -43.24
CA GLY J 287 -4.82 70.48 -42.12
C GLY J 287 -5.97 70.14 -41.21
N LEU J 288 -7.14 69.84 -41.78
CA LEU J 288 -8.29 69.51 -40.96
C LEU J 288 -8.12 68.16 -40.28
N GLU J 289 -7.48 67.20 -40.94
CA GLU J 289 -7.18 65.93 -40.28
C GLU J 289 -6.24 66.15 -39.10
N ARG J 290 -5.25 67.04 -39.26
CA ARG J 290 -4.38 67.36 -38.14
C ARG J 290 -5.14 68.06 -37.03
N LEU J 291 -6.12 68.90 -37.38
CA LEU J 291 -6.95 69.51 -36.36
C LEU J 291 -7.72 68.46 -35.57
N LEU J 292 -8.27 67.47 -36.27
CA LEU J 292 -8.96 66.37 -35.58
C LEU J 292 -7.98 65.60 -34.69
N TRP J 293 -6.77 65.36 -35.19
CA TRP J 293 -5.75 64.68 -34.40
C TRP J 293 -5.45 65.46 -33.13
N ILE J 294 -5.29 66.78 -33.24
CA ILE J 294 -5.01 67.62 -32.09
C ILE J 294 -6.17 67.59 -31.10
N TYR J 295 -7.40 67.62 -31.62
CA TYR J 295 -8.57 67.55 -30.74
C TYR J 295 -8.57 66.24 -29.95
N LEU J 296 -8.33 65.12 -30.64
CA LEU J 296 -8.30 63.83 -29.96
C LEU J 296 -7.19 63.78 -28.93
N LEU J 297 -6.00 64.29 -29.27
CA LEU J 297 -4.89 64.28 -28.33
C LEU J 297 -5.20 65.13 -27.10
N ILE J 298 -5.79 66.31 -27.30
CA ILE J 298 -6.13 67.17 -26.17
C ILE J 298 -7.17 66.49 -25.29
N GLN J 299 -8.19 65.89 -25.90
CA GLN J 299 -9.20 65.20 -25.11
C GLN J 299 -8.59 64.07 -24.29
N ASN J 300 -7.72 63.27 -24.91
CA ASN J 300 -7.13 62.14 -24.20
C ASN J 300 -6.21 62.61 -23.08
N GLN J 301 -5.43 63.68 -23.32
CA GLN J 301 -4.57 64.22 -22.27
C GLN J 301 -5.41 64.73 -21.10
N TYR J 302 -6.49 65.45 -21.40
CA TYR J 302 -7.36 65.95 -20.34
C TYR J 302 -7.96 64.81 -19.53
N LEU J 303 -8.41 63.76 -20.22
CA LEU J 303 -9.00 62.62 -19.51
C LEU J 303 -7.97 61.90 -18.67
N THR J 304 -6.74 61.76 -19.17
CA THR J 304 -5.67 61.16 -18.38
C THR J 304 -5.43 61.96 -17.09
N LEU J 305 -5.28 63.28 -17.23
CA LEU J 305 -5.10 64.12 -16.06
C LEU J 305 -6.26 63.99 -15.08
N LEU J 306 -7.49 64.01 -15.59
CA LEU J 306 -8.67 63.93 -14.74
C LEU J 306 -8.74 62.61 -13.99
N VAL J 307 -8.50 61.49 -14.68
CA VAL J 307 -8.59 60.20 -14.01
C VAL J 307 -7.47 60.05 -12.98
N GLN J 308 -6.28 60.60 -13.25
CA GLN J 308 -5.19 60.46 -12.29
C GLN J 308 -5.28 61.44 -11.13
N ARG J 309 -6.24 62.36 -11.14
CA ARG J 309 -6.47 63.20 -9.96
C ARG J 309 -7.05 62.37 -8.83
N THR J 322 -13.68 71.01 -6.97
CA THR J 322 -14.83 71.04 -6.08
C THR J 322 -15.94 71.68 -6.87
N MET J 323 -15.52 72.66 -7.66
CA MET J 323 -16.43 73.61 -8.27
C MET J 323 -17.18 72.98 -9.46
N THR J 324 -16.42 72.44 -10.42
CA THR J 324 -17.05 71.68 -11.50
C THR J 324 -17.94 70.59 -10.92
N GLU J 325 -17.58 70.06 -9.76
CA GLU J 325 -18.45 69.11 -9.07
C GLU J 325 -19.72 69.79 -8.57
N LEU J 326 -19.61 71.01 -8.05
CA LEU J 326 -20.81 71.75 -7.67
C LEU J 326 -21.76 71.86 -8.83
N ARG J 327 -21.21 72.00 -10.03
CA ARG J 327 -22.06 72.11 -11.21
C ARG J 327 -22.81 70.83 -11.52
N GLU J 328 -22.47 69.72 -10.85
CA GLU J 328 -23.27 68.51 -10.90
C GLU J 328 -24.33 68.47 -9.79
N GLU J 329 -24.79 69.63 -9.34
CA GLU J 329 -25.79 69.76 -8.28
C GLU J 329 -27.16 70.13 -8.84
N THR J 330 -27.47 69.66 -10.04
CA THR J 330 -28.79 69.80 -10.65
C THR J 330 -29.39 68.42 -10.87
N GLU J 331 -30.68 68.38 -11.17
CA GLU J 331 -31.35 67.11 -11.41
C GLU J 331 -31.20 66.66 -12.87
N LYS J 332 -29.98 66.74 -13.39
CA LYS J 332 -29.52 66.35 -14.74
C LYS J 332 -28.44 65.29 -14.70
N SER J 333 -27.37 65.54 -13.97
CA SER J 333 -26.31 64.54 -13.86
C SER J 333 -26.84 63.28 -13.20
N TYR J 334 -27.69 63.42 -12.18
CA TYR J 334 -28.25 62.26 -11.52
C TYR J 334 -29.28 61.56 -12.39
N LEU J 335 -30.08 62.33 -13.14
CA LEU J 335 -31.03 61.70 -14.07
C LEU J 335 -30.29 60.90 -15.13
N SER J 336 -29.22 61.46 -15.68
CA SER J 336 -28.40 60.72 -16.65
C SER J 336 -27.76 59.51 -15.99
N ARG J 337 -27.31 59.65 -14.75
CA ARG J 337 -26.75 58.54 -14.00
C ARG J 337 -27.73 57.38 -13.92
N PHE J 338 -28.98 57.68 -13.56
CA PHE J 338 -29.98 56.63 -13.40
C PHE J 338 -30.39 56.05 -14.74
N LYS J 339 -30.54 56.90 -15.77
CA LYS J 339 -30.86 56.40 -17.10
C LYS J 339 -29.75 55.49 -17.63
N HIS J 340 -28.50 55.80 -17.29
CA HIS J 340 -27.37 55.00 -17.73
C HIS J 340 -27.28 53.69 -16.96
N ALA J 341 -27.51 53.73 -15.65
CA ALA J 341 -27.58 52.49 -14.87
C ALA J 341 -28.67 51.58 -15.42
N HIS J 342 -29.84 52.15 -15.70
CA HIS J 342 -30.83 51.45 -16.50
C HIS J 342 -30.29 51.23 -17.90
N GLY J 343 -30.50 50.04 -18.44
CA GLY J 343 -30.04 49.74 -19.77
C GLY J 343 -30.87 50.43 -20.83
N ALA J 344 -30.82 49.93 -22.06
CA ALA J 344 -31.67 50.42 -23.13
C ALA J 344 -33.02 49.72 -23.16
N GLY J 345 -33.22 48.70 -22.32
CA GLY J 345 -34.46 47.95 -22.30
C GLY J 345 -35.45 48.51 -21.30
N VAL J 346 -36.60 47.84 -21.23
CA VAL J 346 -37.67 48.26 -20.34
C VAL J 346 -37.29 48.02 -18.88
N TYR J 347 -36.65 46.89 -18.61
CA TYR J 347 -36.24 46.49 -17.26
C TYR J 347 -34.79 46.86 -17.02
N SER J 348 -34.53 47.49 -15.88
CA SER J 348 -33.22 48.04 -15.60
C SER J 348 -32.17 46.94 -15.47
N GLN J 349 -30.98 47.21 -16.02
CA GLN J 349 -29.84 46.31 -15.85
C GLN J 349 -29.35 46.29 -14.41
N VAL J 350 -29.46 47.42 -13.71
CA VAL J 350 -28.96 47.58 -12.35
C VAL J 350 -30.16 47.65 -11.41
N ARG J 351 -30.19 46.77 -10.41
CA ARG J 351 -31.32 46.70 -9.49
C ARG J 351 -31.12 47.58 -8.27
N TYR J 352 -30.04 47.36 -7.52
CA TYR J 352 -29.78 48.09 -6.28
C TYR J 352 -28.56 48.98 -6.48
N LEU J 353 -28.77 50.29 -6.55
CA LEU J 353 -27.70 51.24 -6.78
C LEU J 353 -27.42 52.03 -5.51
N GLU J 354 -26.16 51.99 -5.06
CA GLU J 354 -25.69 52.85 -3.98
C GLU J 354 -25.06 54.07 -4.62
N GLY J 355 -25.51 55.26 -4.21
CA GLY J 355 -25.13 56.59 -4.65
C GLY J 355 -24.41 57.34 -3.55
N ARG J 356 -23.12 57.58 -3.75
CA ARG J 356 -22.26 58.16 -2.73
C ARG J 356 -21.95 59.62 -3.10
N PHE J 357 -22.14 60.51 -2.14
CA PHE J 357 -21.94 61.94 -2.38
C PHE J 357 -21.24 62.58 -1.19
N ALA J 358 -20.46 63.61 -1.47
CA ALA J 358 -19.75 64.31 -0.41
C ALA J 358 -20.73 65.18 0.38
N PRO J 359 -20.78 65.06 1.71
CA PRO J 359 -21.69 65.90 2.49
C PRO J 359 -21.16 67.32 2.59
N LYS J 360 -22.06 68.28 2.40
CA LYS J 360 -21.68 69.69 2.39
C LYS J 360 -21.73 70.29 3.80
N SER J 361 -20.82 71.23 4.04
CA SER J 361 -20.72 71.92 5.33
C SER J 361 -21.73 73.04 5.46
N ASP J 362 -22.49 73.34 4.41
CA ASP J 362 -23.53 74.35 4.44
C ASP J 362 -24.89 73.67 4.37
N PRO J 363 -25.78 73.89 5.35
CA PRO J 363 -27.09 73.20 5.31
C PRO J 363 -27.85 73.45 4.03
N ASN J 364 -27.79 74.68 3.52
CA ASN J 364 -28.40 75.00 2.24
C ASN J 364 -27.84 74.13 1.13
N LYS J 365 -26.50 74.06 1.01
CA LYS J 365 -25.91 73.26 -0.05
C LYS J 365 -26.25 71.78 0.09
N MET J 366 -26.35 71.30 1.33
CA MET J 366 -26.70 69.89 1.54
C MET J 366 -28.14 69.61 1.11
N GLN J 367 -29.08 70.45 1.56
CA GLN J 367 -30.47 70.33 1.11
C GLN J 367 -30.51 70.38 -0.41
N LYS J 368 -29.68 71.23 -0.98
CA LYS J 368 -29.62 71.44 -2.41
C LYS J 368 -29.21 70.18 -3.14
N LEU J 369 -28.10 69.61 -2.72
CA LEU J 369 -27.60 68.40 -3.33
C LEU J 369 -28.60 67.26 -3.21
N LEU J 370 -29.23 67.15 -2.04
CA LEU J 370 -30.14 66.02 -1.82
C LEU J 370 -31.42 66.19 -2.63
N PHE J 371 -31.95 67.41 -2.72
CA PHE J 371 -33.11 67.64 -3.56
C PHE J 371 -32.79 67.32 -5.01
N SER J 372 -31.60 67.71 -5.47
CA SER J 372 -31.21 67.39 -6.85
C SER J 372 -31.20 65.89 -7.07
N VAL J 373 -30.58 65.13 -6.16
CA VAL J 373 -30.49 63.69 -6.33
C VAL J 373 -31.88 63.05 -6.33
N LEU J 374 -32.69 63.41 -5.34
CA LEU J 374 -34.01 62.80 -5.21
C LEU J 374 -34.90 63.16 -6.40
N ARG J 375 -34.82 64.38 -6.90
CA ARG J 375 -35.66 64.78 -8.02
C ARG J 375 -35.20 64.10 -9.31
N GLY J 376 -33.89 63.94 -9.50
CA GLY J 376 -33.42 63.17 -10.63
C GLY J 376 -33.93 61.74 -10.59
N TYR J 377 -33.87 61.13 -9.41
CA TYR J 377 -34.40 59.77 -9.26
C TYR J 377 -35.90 59.73 -9.57
N TRP J 378 -36.65 60.72 -9.10
CA TRP J 378 -38.09 60.75 -9.36
C TRP J 378 -38.39 60.90 -10.84
N GLU J 379 -37.63 61.76 -11.54
CA GLU J 379 -37.83 61.92 -12.97
C GLU J 379 -37.51 60.63 -13.72
N TYR J 380 -36.42 59.97 -13.32
CA TYR J 380 -36.08 58.69 -13.93
C TYR J 380 -37.20 57.68 -13.73
N LEU J 381 -37.78 57.64 -12.53
CA LEU J 381 -38.89 56.71 -12.29
C LEU J 381 -40.13 57.08 -13.09
N SER J 382 -40.42 58.38 -13.20
CA SER J 382 -41.57 58.84 -13.97
C SER J 382 -41.44 58.48 -15.44
N ALA J 383 -40.22 58.40 -15.95
CA ALA J 383 -40.02 57.99 -17.34
C ALA J 383 -40.15 56.48 -17.55
N HIS J 384 -40.43 55.72 -16.49
CA HIS J 384 -40.57 54.27 -16.62
C HIS J 384 -41.83 53.70 -15.97
N MET J 385 -42.57 54.47 -15.18
CA MET J 385 -43.87 54.02 -14.68
C MET J 385 -44.86 55.18 -14.70
N SER J 386 -46.14 54.83 -14.86
CA SER J 386 -47.23 55.78 -14.86
C SER J 386 -48.09 55.56 -13.63
N MET J 387 -48.25 56.59 -12.82
CA MET J 387 -49.02 56.51 -11.59
C MET J 387 -49.42 57.92 -11.17
N GLU J 388 -50.38 57.99 -10.26
CA GLU J 388 -50.79 59.26 -9.67
C GLU J 388 -49.66 59.78 -8.78
N TRP J 389 -49.03 60.87 -9.21
CA TRP J 389 -47.80 61.34 -8.61
C TRP J 389 -48.01 62.41 -7.54
N VAL J 390 -49.25 62.66 -7.12
CA VAL J 390 -49.56 63.68 -6.13
C VAL J 390 -49.12 65.04 -6.65
N HIS J 391 -47.88 65.42 -6.36
CA HIS J 391 -47.28 66.64 -6.89
C HIS J 391 -46.66 66.33 -8.24
N GLU J 392 -47.32 66.77 -9.32
CA GLU J 392 -46.79 66.50 -10.65
C GLU J 392 -45.46 67.20 -10.86
N LYS J 393 -45.23 68.30 -10.14
CA LYS J 393 -44.00 69.09 -10.26
C LYS J 393 -43.44 69.36 -8.88
N PRO J 394 -42.79 68.39 -8.25
CA PRO J 394 -42.23 68.62 -6.91
C PRO J 394 -41.18 69.71 -6.93
N LEU J 395 -41.18 70.54 -5.88
CA LEU J 395 -40.23 71.62 -5.71
C LEU J 395 -39.37 71.48 -4.47
N THR J 396 -39.80 70.68 -3.49
CA THR J 396 -39.11 70.52 -2.22
C THR J 396 -38.86 69.04 -1.97
N ILE J 397 -37.93 68.79 -1.04
CA ILE J 397 -37.61 67.42 -0.68
C ILE J 397 -38.84 66.71 -0.13
N SER J 398 -39.67 67.42 0.63
CA SER J 398 -40.89 66.82 1.16
C SER J 398 -41.80 66.37 0.03
N GLN J 399 -41.97 67.20 -1.01
CA GLN J 399 -42.83 66.81 -2.12
C GLN J 399 -42.23 65.65 -2.90
N VAL J 400 -40.92 65.65 -3.11
CA VAL J 400 -40.29 64.53 -3.81
C VAL J 400 -40.46 63.24 -3.01
N LEU J 401 -40.37 63.32 -1.69
CA LEU J 401 -40.57 62.14 -0.86
C LEU J 401 -42.02 61.68 -0.90
N ASP J 402 -42.96 62.61 -0.91
CA ASP J 402 -44.36 62.25 -1.09
C ASP J 402 -44.55 61.48 -2.39
N ASN J 403 -43.90 61.94 -3.46
CA ASN J 403 -43.94 61.23 -4.72
C ASN J 403 -43.34 59.84 -4.59
N LEU J 404 -42.16 59.73 -3.98
CA LEU J 404 -41.42 58.47 -3.96
C LEU J 404 -42.04 57.44 -3.04
N GLU J 405 -42.84 57.86 -2.06
CA GLU J 405 -43.47 56.90 -1.15
C GLU J 405 -44.39 55.95 -1.89
N LEU J 406 -44.91 56.36 -3.05
CA LEU J 406 -45.84 55.54 -3.82
C LEU J 406 -45.14 54.47 -4.65
N VAL J 407 -43.81 54.52 -4.76
CA VAL J 407 -43.08 53.61 -5.63
C VAL J 407 -42.88 52.28 -4.90
N GLU J 408 -43.34 51.21 -5.52
CA GLU J 408 -43.18 49.87 -4.96
C GLU J 408 -41.90 49.22 -5.47
N PRO J 409 -41.26 48.35 -4.68
CA PRO J 409 -40.04 47.68 -5.16
C PRO J 409 -40.35 46.52 -6.10
N HIS J 410 -41.03 46.83 -7.19
CA HIS J 410 -41.37 45.78 -8.17
C HIS J 410 -40.12 45.17 -8.78
N GLY J 411 -39.12 46.00 -9.08
CA GLY J 411 -37.88 45.54 -9.68
C GLY J 411 -37.67 46.03 -11.10
N LYS J 412 -38.58 46.83 -11.64
CA LYS J 412 -38.44 47.32 -13.01
C LYS J 412 -37.30 48.31 -13.13
N CYS J 413 -37.16 49.22 -12.18
CA CYS J 413 -36.22 50.31 -12.23
C CYS J 413 -35.15 50.15 -11.15
N VAL J 414 -34.20 51.08 -11.15
CA VAL J 414 -33.17 51.08 -10.12
C VAL J 414 -33.79 51.48 -8.79
N GLU J 415 -33.19 51.01 -7.70
CA GLU J 415 -33.57 51.38 -6.35
C GLU J 415 -32.37 52.06 -5.71
N LEU J 416 -32.57 53.32 -5.31
CA LEU J 416 -31.49 54.18 -4.85
C LEU J 416 -31.27 54.05 -3.36
N ALA J 417 -30.00 54.01 -2.96
CA ALA J 417 -29.62 54.12 -1.56
C ALA J 417 -28.50 55.14 -1.47
N LEU J 418 -28.74 56.23 -0.76
CA LEU J 418 -27.79 57.33 -0.67
C LEU J 418 -26.84 57.11 0.51
N VAL J 419 -25.55 57.34 0.25
CA VAL J 419 -24.52 57.20 1.26
C VAL J 419 -23.65 58.45 1.23
N PRO J 420 -23.75 59.33 2.23
CA PRO J 420 -22.80 60.43 2.34
C PRO J 420 -21.40 59.93 2.66
N HIS J 421 -20.41 60.61 2.08
CA HIS J 421 -19.00 60.37 2.34
C HIS J 421 -18.60 60.97 3.68
N PHE J 422 -17.33 60.80 4.01
CA PHE J 422 -16.66 61.67 4.96
C PHE J 422 -15.19 61.70 4.52
N ILE J 423 -14.76 62.85 4.01
CA ILE J 423 -13.42 63.01 3.46
C ILE J 423 -12.45 63.26 4.62
N LYS J 424 -11.45 62.40 4.75
CA LYS J 424 -10.45 62.55 5.79
C LYS J 424 -9.27 63.34 5.23
N ARG J 425 -8.81 64.33 5.99
CA ARG J 425 -7.71 65.19 5.60
C ARG J 425 -6.54 64.98 6.55
N LYS J 426 -5.34 65.30 6.08
CA LYS J 426 -4.16 65.16 6.89
C LYS J 426 -4.21 66.12 8.09
N PRO J 427 -3.65 65.72 9.23
CA PRO J 427 -3.64 66.62 10.38
C PRO J 427 -2.80 67.87 10.11
N LYS J 428 -3.18 68.97 10.73
CA LYS J 428 -2.51 70.24 10.48
C LYS J 428 -1.43 70.49 11.52
N ASN J 429 -0.70 71.59 11.33
CA ASN J 429 0.50 71.84 12.12
C ASN J 429 0.17 71.97 13.60
N GLY J 430 -0.86 72.76 13.93
CA GLY J 430 -1.19 73.02 15.32
C GLY J 430 -2.65 72.79 15.65
N GLU J 431 -2.91 71.86 16.57
CA GLU J 431 -4.26 71.59 17.04
C GLU J 431 -4.16 70.92 18.40
N ALA J 432 -5.30 70.92 19.11
CA ALA J 432 -5.33 70.35 20.45
C ALA J 432 -4.90 68.89 20.44
N TYR J 433 -5.48 68.09 19.56
CA TYR J 433 -5.13 66.70 19.37
C TYR J 433 -5.11 66.39 17.88
N PRO J 434 -4.45 65.31 17.47
CA PRO J 434 -4.38 65.00 16.04
C PRO J 434 -5.76 64.90 15.43
N HIS J 435 -5.90 65.47 14.23
CA HIS J 435 -7.16 65.48 13.51
C HIS J 435 -8.28 66.15 14.30
N ALA J 436 -7.93 67.14 15.11
CA ALA J 436 -8.97 67.87 15.85
C ALA J 436 -9.85 68.67 14.91
N LEU J 437 -9.23 69.44 14.00
CA LEU J 437 -10.00 70.24 13.06
C LEU J 437 -10.75 69.37 12.06
N LEU J 438 -10.14 68.24 11.64
CA LEU J 438 -10.85 67.31 10.78
C LEU J 438 -12.05 66.71 11.48
N PHE J 439 -11.86 66.23 12.72
CA PHE J 439 -12.99 65.71 13.47
C PHE J 439 -14.06 66.77 13.62
N LYS J 440 -13.66 68.02 13.79
CA LYS J 440 -14.61 69.12 13.78
C LYS J 440 -15.44 69.16 12.52
N ASP J 441 -14.78 69.34 11.37
CA ASP J 441 -15.50 69.52 10.13
C ASP J 441 -16.44 68.36 9.90
N LEU J 442 -15.99 67.14 10.25
CA LEU J 442 -16.86 65.98 10.20
C LEU J 442 -18.03 66.15 11.15
N LYS J 443 -17.79 66.75 12.32
CA LYS J 443 -18.86 66.95 13.28
C LYS J 443 -19.93 67.88 12.72
N ASN J 444 -19.50 68.97 12.08
CA ASN J 444 -20.47 69.90 11.50
C ASN J 444 -21.25 69.26 10.37
N GLN J 445 -20.55 68.50 9.51
CA GLN J 445 -21.23 67.81 8.43
C GLN J 445 -22.25 66.81 8.96
N ALA J 446 -21.87 66.05 9.98
CA ALA J 446 -22.78 65.09 10.58
C ALA J 446 -23.94 65.80 11.26
N ALA J 447 -23.69 66.94 11.87
CA ALA J 447 -24.77 67.71 12.47
C ALA J 447 -25.78 68.13 11.40
N ILE J 448 -25.29 68.64 10.27
CA ILE J 448 -26.18 69.02 9.19
C ILE J 448 -27.00 67.82 8.75
N LEU J 449 -26.35 66.67 8.59
CA LEU J 449 -27.05 65.47 8.15
C LEU J 449 -28.14 65.07 9.16
N MET J 450 -27.82 65.11 10.46
CA MET J 450 -28.79 64.74 11.48
C MET J 450 -29.95 65.72 11.53
N ASP J 451 -29.70 67.02 11.38
CA ASP J 451 -30.81 67.97 11.33
C ASP J 451 -31.69 67.73 10.11
N MET J 452 -31.09 67.37 8.97
CA MET J 452 -31.90 67.01 7.81
C MET J 452 -32.78 65.80 8.12
N LEU J 453 -32.18 64.74 8.65
CA LEU J 453 -32.95 63.53 8.96
C LEU J 453 -34.06 63.84 9.94
N LYS J 454 -33.78 64.70 10.93
CA LYS J 454 -34.85 65.12 11.83
C LYS J 454 -35.98 65.78 11.06
N SER J 455 -35.69 66.95 10.48
CA SER J 455 -36.72 67.76 9.87
C SER J 455 -37.49 66.98 8.81
N GLU J 456 -36.94 65.84 8.38
CA GLU J 456 -37.64 64.95 7.45
C GLU J 456 -37.30 63.51 7.79
N PRO J 457 -38.07 62.89 8.69
CA PRO J 457 -37.77 61.49 9.04
C PRO J 457 -37.80 60.53 7.87
N ARG J 458 -38.60 60.83 6.84
CA ARG J 458 -38.67 59.94 5.69
C ARG J 458 -37.34 59.83 4.95
N LEU J 459 -36.42 60.77 5.17
CA LEU J 459 -35.13 60.70 4.52
C LEU J 459 -34.28 59.54 5.02
N THR J 460 -34.67 58.89 6.11
CA THR J 460 -33.95 57.70 6.56
C THR J 460 -34.18 56.50 5.65
N GLY J 461 -35.25 56.53 4.85
CA GLY J 461 -35.48 55.49 3.86
C GLY J 461 -34.70 55.65 2.59
N TRP J 462 -33.96 56.75 2.45
CA TRP J 462 -33.14 57.01 1.27
C TRP J 462 -31.68 57.28 1.59
N ILE J 463 -31.37 57.77 2.79
CA ILE J 463 -30.00 57.92 3.25
C ILE J 463 -29.71 56.71 4.13
N ARG J 464 -29.02 55.73 3.55
CA ARG J 464 -28.72 54.46 4.24
C ARG J 464 -27.22 54.26 4.19
N GLY J 465 -26.53 54.84 5.16
CA GLY J 465 -25.11 54.58 5.31
C GLY J 465 -24.28 55.84 5.35
N VAL J 466 -23.26 55.82 6.20
CA VAL J 466 -22.24 56.85 6.17
C VAL J 466 -20.91 56.15 5.87
N ASP J 467 -20.39 56.40 4.68
CA ASP J 467 -19.08 55.91 4.29
C ASP J 467 -18.02 56.97 4.57
N ALA J 468 -16.86 56.54 5.04
CA ALA J 468 -15.70 57.43 5.16
C ALA J 468 -14.65 56.96 4.15
N ALA J 469 -14.58 57.67 3.03
CA ALA J 469 -13.57 57.44 2.00
C ALA J 469 -12.47 58.48 2.15
N ALA J 470 -11.62 58.60 1.13
CA ALA J 470 -10.46 59.46 1.00
C ALA J 470 -9.22 58.68 1.43
N ASN J 471 -8.08 59.35 1.49
CA ASN J 471 -6.80 58.72 1.74
C ASN J 471 -6.78 58.09 3.12
N GLU J 472 -6.22 56.88 3.21
CA GLU J 472 -6.24 56.15 4.46
C GLU J 472 -5.33 56.80 5.50
N MET J 473 -4.13 57.19 5.08
CA MET J 473 -3.05 57.62 5.94
C MET J 473 -3.35 58.96 6.59
N HIS J 474 -4.39 59.64 6.14
CA HIS J 474 -4.70 60.98 6.60
C HIS J 474 -5.53 60.99 7.87
N ALA J 475 -6.25 59.89 8.15
CA ALA J 475 -7.02 59.76 9.37
C ALA J 475 -7.25 58.28 9.64
N PRO J 476 -6.98 57.79 10.85
CA PRO J 476 -7.18 56.38 11.14
C PRO J 476 -8.64 56.07 11.37
N PRO J 477 -9.03 54.79 11.32
CA PRO J 477 -10.45 54.45 11.55
C PRO J 477 -10.96 54.85 12.93
N GLU J 478 -10.09 54.84 13.96
CA GLU J 478 -10.56 55.13 15.30
C GLU J 478 -11.09 56.54 15.46
N LEU J 479 -10.77 57.45 14.52
CA LEU J 479 -11.25 58.82 14.61
C LEU J 479 -12.74 58.93 14.29
N PHE J 480 -13.26 58.05 13.44
CA PHE J 480 -14.64 58.12 12.98
C PHE J 480 -15.62 57.35 13.87
N CYS J 481 -15.13 56.62 14.87
CA CYS J 481 -16.03 55.80 15.69
C CYS J 481 -17.07 56.63 16.42
N PRO J 482 -16.73 57.71 17.12
CA PRO J 482 -17.79 58.51 17.76
C PRO J 482 -18.82 59.04 16.77
N LEU J 483 -18.35 59.49 15.60
CA LEU J 483 -19.26 60.01 14.58
C LEU J 483 -20.22 58.93 14.11
N PHE J 484 -19.70 57.73 13.85
CA PHE J 484 -20.53 56.64 13.37
C PHE J 484 -21.54 56.21 14.43
N ARG J 485 -21.13 56.18 15.70
CA ARG J 485 -22.07 55.84 16.76
C ARG J 485 -23.21 56.86 16.83
N VAL J 486 -22.87 58.15 16.83
CA VAL J 486 -23.89 59.19 16.92
C VAL J 486 -24.83 59.11 15.72
N LEU J 487 -24.28 58.87 14.52
CA LEU J 487 -25.13 58.74 13.35
C LEU J 487 -26.03 57.52 13.43
N ALA J 488 -25.49 56.40 13.92
CA ALA J 488 -26.31 55.21 14.14
C ALA J 488 -27.56 55.57 14.94
N LYS J 489 -27.38 56.36 16.00
CA LYS J 489 -28.55 56.77 16.78
C LYS J 489 -29.42 57.79 16.08
N SER J 490 -28.82 58.68 15.29
CA SER J 490 -29.61 59.65 14.53
C SER J 490 -30.44 58.97 13.46
N GLY J 491 -30.21 57.67 13.21
CA GLY J 491 -31.04 56.90 12.32
C GLY J 491 -30.34 56.40 11.07
N ILE J 492 -29.01 56.48 11.04
CA ILE J 492 -28.24 56.04 9.88
C ILE J 492 -27.87 54.57 10.06
N ALA J 493 -28.57 53.70 9.35
CA ALA J 493 -28.24 52.28 9.30
C ALA J 493 -27.09 52.05 8.32
N HIS J 494 -26.31 51.02 8.58
CA HIS J 494 -25.20 50.59 7.73
C HIS J 494 -24.08 51.61 7.77
N PHE J 495 -22.85 51.10 7.87
CA PHE J 495 -21.67 51.94 7.89
C PHE J 495 -20.62 51.39 6.96
N THR J 496 -19.84 52.28 6.35
CA THR J 496 -18.79 51.86 5.44
C THR J 496 -17.54 52.70 5.71
N TYR J 497 -16.38 52.09 5.46
CA TYR J 497 -15.12 52.76 5.75
C TYR J 497 -14.03 52.17 4.88
N HIS J 498 -13.38 53.01 4.07
CA HIS J 498 -12.29 52.53 3.22
C HIS J 498 -11.10 52.10 4.07
N VAL J 499 -10.66 50.86 3.88
CA VAL J 499 -9.51 50.33 4.60
C VAL J 499 -8.70 49.44 3.65
N GLY J 500 -7.38 49.42 3.88
CA GLY J 500 -6.50 48.54 3.15
C GLY J 500 -6.12 48.99 1.75
N GLU J 501 -6.53 50.18 1.32
CA GLU J 501 -6.23 50.64 -0.03
C GLU J 501 -4.75 50.99 -0.19
N ASP J 502 -4.28 52.01 0.53
CA ASP J 502 -2.88 52.43 0.48
C ASP J 502 -2.32 52.42 1.89
N PHE J 503 -1.17 51.77 2.05
CA PHE J 503 -0.55 51.53 3.35
C PHE J 503 0.96 51.63 3.21
N PRO J 504 1.67 52.13 4.22
CA PRO J 504 3.14 52.13 4.14
C PRO J 504 3.71 50.72 4.14
N HIS J 505 3.00 49.76 4.73
CA HIS J 505 3.44 48.38 4.78
C HIS J 505 2.20 47.48 4.76
N LEU J 506 2.39 46.25 4.28
CA LEU J 506 1.29 45.30 4.24
C LEU J 506 0.79 45.00 5.65
N ILE J 507 1.70 44.87 6.61
CA ILE J 507 1.31 44.70 8.00
C ILE J 507 0.50 45.90 8.45
N SER J 508 0.89 47.10 8.02
CA SER J 508 0.13 48.30 8.38
C SER J 508 -1.28 48.25 7.83
N GLY J 509 -1.44 47.81 6.58
CA GLY J 509 -2.78 47.70 6.02
C GLY J 509 -3.64 46.68 6.73
N ILE J 510 -3.06 45.51 7.03
CA ILE J 510 -3.80 44.49 7.76
C ILE J 510 -4.21 45.01 9.14
N ARG J 511 -3.29 45.71 9.80
CA ARG J 511 -3.58 46.29 11.10
C ARG J 511 -4.69 47.33 10.99
N SER J 512 -4.69 48.11 9.92
CA SER J 512 -5.76 49.10 9.72
C SER J 512 -7.10 48.42 9.58
N ILE J 513 -7.17 47.33 8.81
CA ILE J 513 -8.43 46.60 8.69
C ILE J 513 -8.87 46.07 10.04
N ASP J 514 -7.94 45.50 10.81
CA ASP J 514 -8.30 44.97 12.13
C ASP J 514 -8.78 46.07 13.07
N ASP J 515 -8.13 47.23 13.03
CA ASP J 515 -8.56 48.37 13.84
C ASP J 515 -9.96 48.82 13.44
N ALA J 516 -10.23 48.87 12.14
CA ALA J 516 -11.58 49.21 11.69
C ALA J 516 -12.59 48.21 12.23
N LEU J 517 -12.24 46.91 12.19
CA LEU J 517 -13.15 45.89 12.68
C LEU J 517 -13.44 46.06 14.17
N ARG J 518 -12.39 46.27 14.97
CA ARG J 518 -12.54 46.25 16.42
C ARG J 518 -12.80 47.62 17.04
N PHE J 519 -12.92 48.67 16.23
CA PHE J 519 -13.25 49.99 16.74
C PHE J 519 -14.51 50.58 16.14
N LEU J 520 -14.73 50.42 14.84
CA LEU J 520 -15.92 50.98 14.21
C LEU J 520 -17.16 50.19 14.65
N PRO J 521 -18.31 50.85 14.72
CA PRO J 521 -19.56 50.15 15.09
C PRO J 521 -20.17 49.39 13.92
N LEU J 522 -19.39 48.47 13.37
CA LEU J 522 -19.84 47.67 12.23
C LEU J 522 -20.71 46.52 12.73
N ARG J 523 -21.97 46.51 12.30
CA ARG J 523 -22.92 45.50 12.71
C ARG J 523 -22.95 44.36 11.68
N ASN J 524 -23.82 43.39 11.89
CA ASN J 524 -23.95 42.28 10.96
C ASN J 524 -24.48 42.79 9.63
N GLY J 525 -23.81 42.43 8.53
CA GLY J 525 -24.21 42.84 7.21
C GLY J 525 -23.57 44.11 6.70
N ASP J 526 -22.72 44.76 7.50
CA ASP J 526 -22.05 45.96 7.05
C ASP J 526 -20.91 45.61 6.10
N ARG J 527 -20.45 46.62 5.36
CA ARG J 527 -19.38 46.47 4.38
C ARG J 527 -18.24 47.41 4.74
N LEU J 528 -17.01 46.96 4.47
CA LEU J 528 -15.84 47.78 4.79
C LEU J 528 -15.38 48.62 3.60
N GLY J 529 -14.96 47.96 2.52
CA GLY J 529 -14.37 48.69 1.41
C GLY J 529 -13.45 47.83 0.57
N HIS J 530 -12.33 48.40 0.15
CA HIS J 530 -11.41 47.69 -0.73
C HIS J 530 -10.72 46.53 0.00
N CYS J 531 -10.16 46.81 1.18
CA CYS J 531 -9.50 45.78 1.99
C CYS J 531 -8.44 45.05 1.18
N THR J 532 -7.66 45.80 0.40
CA THR J 532 -6.62 45.19 -0.42
C THR J 532 -5.52 44.54 0.42
N ALA J 533 -5.31 44.99 1.66
CA ALA J 533 -4.20 44.48 2.45
C ALA J 533 -4.37 43.01 2.79
N ILE J 534 -5.61 42.52 2.89
CA ILE J 534 -5.87 41.13 3.20
C ILE J 534 -6.16 40.30 1.96
N GLY J 535 -6.04 40.89 0.77
CA GLY J 535 -6.22 40.16 -0.46
C GLY J 535 -4.94 40.03 -1.25
N ILE J 536 -4.10 41.05 -1.19
CA ILE J 536 -2.83 41.04 -1.92
C ILE J 536 -1.86 40.11 -1.22
N THR J 537 -1.19 39.27 -1.99
CA THR J 537 -0.24 38.35 -1.38
C THR J 537 1.08 39.06 -1.09
N PRO J 538 1.81 38.61 -0.05
CA PRO J 538 3.15 39.15 0.15
C PRO J 538 4.07 38.92 -1.03
N SER J 539 3.89 37.81 -1.75
CA SER J 539 4.69 37.56 -2.94
C SER J 539 4.48 38.70 -3.94
N ILE J 540 3.26 38.85 -4.47
CA ILE J 540 2.96 40.04 -5.25
C ILE J 540 2.36 41.08 -4.32
N TRP J 541 3.22 41.64 -3.47
CA TRP J 541 3.11 43.01 -2.97
C TRP J 541 4.45 43.73 -2.97
N LYS J 542 5.55 42.99 -2.93
CA LYS J 542 6.91 43.52 -2.95
C LYS J 542 7.56 43.04 -4.25
N ARG J 543 7.35 43.82 -5.30
CA ARG J 543 7.86 43.48 -6.64
C ARG J 543 8.74 44.56 -7.23
N SER J 544 8.45 45.82 -6.93
CA SER J 544 9.32 46.93 -7.31
C SER J 544 9.57 47.86 -6.12
N LEU J 545 9.44 47.33 -4.91
CA LEU J 545 9.51 48.14 -3.70
C LEU J 545 10.92 48.10 -3.12
N PRO J 546 11.38 49.19 -2.52
CA PRO J 546 12.71 49.19 -1.90
C PRO J 546 12.77 48.21 -0.74
N LEU J 547 13.97 47.70 -0.49
CA LEU J 547 14.14 46.70 0.57
C LEU J 547 13.80 47.24 1.95
N SER J 548 13.75 48.56 2.10
CA SER J 548 13.35 49.17 3.37
C SER J 548 12.29 50.23 3.09
N LEU J 549 11.19 50.16 3.81
CA LEU J 549 10.10 51.13 3.71
C LEU J 549 10.02 51.93 4.99
N SER J 550 9.89 53.25 4.87
CA SER J 550 9.83 54.13 6.02
C SER J 550 8.38 54.44 6.36
N MET J 551 8.06 54.40 7.64
CA MET J 551 6.72 54.69 8.14
C MET J 551 6.83 55.67 9.29
N THR J 552 5.69 56.04 9.85
CA THR J 552 5.68 56.84 11.06
C THR J 552 5.79 55.95 12.29
N LYS J 553 6.32 56.52 13.37
CA LYS J 553 6.52 55.75 14.59
C LYS J 553 5.20 55.27 15.18
N GLU J 554 4.13 56.05 15.05
CA GLU J 554 2.84 55.62 15.59
C GLU J 554 2.35 54.38 14.84
N THR J 555 2.43 54.40 13.51
CA THR J 555 2.07 53.21 12.73
C THR J 555 2.98 52.04 13.04
N ARG J 556 4.27 52.27 13.21
CA ARG J 556 5.19 51.19 13.53
C ARG J 556 4.84 50.54 14.87
N LEU J 557 4.59 51.35 15.90
CA LEU J 557 4.25 50.82 17.21
C LEU J 557 2.92 50.06 17.17
N LEU J 558 1.92 50.63 16.49
CA LEU J 558 0.64 49.94 16.40
C LEU J 558 0.77 48.63 15.63
N ASP J 559 1.58 48.62 14.57
CA ASP J 559 1.81 47.39 13.82
C ASP J 559 2.49 46.34 14.69
N LEU J 560 3.48 46.74 15.48
CA LEU J 560 4.15 45.78 16.36
C LEU J 560 3.16 45.21 17.38
N VAL J 561 2.32 46.07 17.96
CA VAL J 561 1.33 45.59 18.92
C VAL J 561 0.36 44.63 18.25
N PHE J 562 -0.07 44.95 17.03
CA PHE J 562 -0.96 44.07 16.28
C PHE J 562 -0.32 42.72 16.00
N ILE J 563 0.95 42.74 15.58
CA ILE J 563 1.67 41.50 15.31
C ILE J 563 1.71 40.64 16.57
N TRP J 564 2.05 41.26 17.71
CA TRP J 564 2.06 40.52 18.96
C TRP J 564 0.70 39.93 19.27
N ARG J 565 -0.35 40.75 19.17
CA ARG J 565 -1.69 40.29 19.48
C ARG J 565 -2.09 39.09 18.64
N GLU J 566 -1.78 39.13 17.35
CA GLU J 566 -2.25 38.10 16.43
C GLU J 566 -1.36 36.87 16.40
N LEU J 567 -0.08 36.98 16.77
CA LEU J 567 0.83 35.85 16.73
C LEU J 567 1.20 35.34 18.12
N ARG J 568 0.57 35.86 19.18
CA ARG J 568 0.74 35.27 20.50
C ARG J 568 0.42 33.77 20.49
N SER J 569 -0.74 33.41 19.94
CA SER J 569 -1.24 32.05 20.02
C SER J 569 -0.72 31.15 18.91
N HIS J 570 0.04 31.68 17.97
CA HIS J 570 0.55 30.88 16.87
C HIS J 570 1.81 30.15 17.31
N PRO J 571 1.79 28.82 17.47
CA PRO J 571 3.00 28.13 17.93
C PRO J 571 4.19 28.30 17.01
N GLU J 572 3.95 28.43 15.71
CA GLU J 572 5.02 28.53 14.72
C GLU J 572 5.55 29.94 14.55
N LEU J 573 4.89 30.94 15.15
CA LEU J 573 5.27 32.34 14.98
C LEU J 573 5.50 33.03 16.32
N LEU J 574 5.77 32.25 17.37
CA LEU J 574 6.00 32.80 18.69
C LEU J 574 7.24 33.68 18.70
N ARG J 575 8.27 33.33 17.94
CA ARG J 575 9.46 34.16 17.86
C ARG J 575 9.13 35.55 17.34
N TYR J 576 8.33 35.61 16.27
CA TYR J 576 7.94 36.90 15.71
C TYR J 576 7.08 37.68 16.69
N ALA J 577 6.18 36.99 17.39
CA ALA J 577 5.36 37.68 18.40
C ALA J 577 6.24 38.30 19.49
N SER J 578 7.22 37.53 19.98
CA SER J 578 8.10 38.02 21.05
C SER J 578 8.94 39.19 20.57
N ASP J 579 9.50 39.10 19.36
CA ASP J 579 10.30 40.20 18.84
C ASP J 579 9.44 41.44 18.65
N ALA J 580 8.20 41.26 18.19
CA ALA J 580 7.29 42.39 18.06
C ALA J 580 7.02 43.04 19.40
N ALA J 581 6.81 42.22 20.44
CA ALA J 581 6.58 42.78 21.77
C ALA J 581 7.78 43.59 22.24
N ILE J 582 8.99 43.04 22.06
CA ILE J 582 10.20 43.72 22.53
C ILE J 582 10.39 45.04 21.79
N GLU J 583 10.24 45.01 20.46
CA GLU J 583 10.38 46.23 19.67
C GLU J 583 9.31 47.25 20.03
N ALA J 584 8.08 46.78 20.31
CA ALA J 584 7.00 47.69 20.69
C ALA J 584 7.32 48.39 22.00
N VAL J 585 7.81 47.65 22.99
CA VAL J 585 8.17 48.27 24.26
C VAL J 585 9.27 49.30 24.03
N ARG J 586 10.28 48.96 23.23
CA ARG J 586 11.37 49.89 22.95
C ARG J 586 10.87 51.18 22.29
N LEU J 587 10.11 51.03 21.22
CA LEU J 587 9.64 52.19 20.50
C LEU J 587 8.72 53.04 21.37
N ALA J 588 7.91 52.40 22.21
CA ALA J 588 7.10 53.14 23.16
C ALA J 588 7.98 53.94 24.12
N HIS J 589 9.12 53.36 24.50
CA HIS J 589 10.01 54.05 25.44
C HIS J 589 10.42 55.44 24.96
N LYS J 590 10.79 55.62 23.69
CA LYS J 590 11.03 57.01 23.24
C LYS J 590 9.73 57.72 22.93
N VAL J 591 8.80 57.07 22.23
CA VAL J 591 7.61 57.80 21.76
C VAL J 591 6.92 58.48 22.93
N PHE J 592 6.87 57.80 24.08
CA PHE J 592 6.29 58.37 25.28
C PHE J 592 7.30 59.04 26.18
N SER J 593 8.59 58.96 25.86
CA SER J 593 9.65 59.53 26.71
C SER J 593 9.49 59.00 28.14
N LEU J 594 9.24 57.71 28.26
CA LEU J 594 8.96 57.09 29.53
C LEU J 594 10.26 56.76 30.25
N GLU J 595 10.28 56.97 31.56
CA GLU J 595 11.44 56.57 32.33
C GLU J 595 11.23 55.22 32.99
N GLU J 596 9.98 54.89 33.30
CA GLU J 596 9.61 53.66 33.98
C GLU J 596 9.52 52.52 32.96
N GLU J 597 8.98 51.38 33.39
CA GLU J 597 8.83 50.22 32.53
C GLU J 597 7.38 50.06 32.13
N VAL J 598 7.14 49.94 30.83
CA VAL J 598 5.81 49.74 30.27
C VAL J 598 5.81 48.39 29.55
N SER J 599 4.90 47.50 29.95
CA SER J 599 4.81 46.18 29.35
C SER J 599 3.91 46.22 28.12
N ILE J 600 4.03 45.17 27.30
CA ILE J 600 3.19 45.06 26.11
C ILE J 600 1.73 44.98 26.50
N THR J 601 1.43 44.41 27.68
CA THR J 601 0.04 44.35 28.15
C THR J 601 -0.53 45.74 28.34
N THR J 602 0.20 46.62 29.04
CA THR J 602 -0.30 47.97 29.25
C THR J 602 -0.26 48.78 27.95
N LEU J 603 0.65 48.47 27.04
CA LEU J 603 0.59 49.09 25.72
C LEU J 603 -0.71 48.73 25.01
N ASP J 604 -1.09 47.45 25.09
CA ASP J 604 -2.38 47.02 24.53
C ASP J 604 -3.54 47.74 25.19
N GLN J 605 -3.50 47.88 26.51
CA GLN J 605 -4.55 48.63 27.20
C GLN J 605 -4.62 50.06 26.69
N VAL J 606 -3.46 50.70 26.53
CA VAL J 606 -3.41 52.08 26.06
C VAL J 606 -4.04 52.19 24.68
N PHE J 607 -3.70 51.25 23.79
CA PHE J 607 -4.11 51.35 22.40
C PHE J 607 -5.50 50.76 22.14
N GLU J 608 -6.15 50.16 23.13
CA GLU J 608 -7.56 49.82 22.95
C GLU J 608 -8.49 51.00 23.21
N MET J 609 -7.96 52.12 23.68
CA MET J 609 -8.75 53.30 24.00
C MET J 609 -8.76 54.33 22.89
N ARG J 610 -8.30 53.96 21.69
CA ARG J 610 -8.30 54.87 20.57
C ARG J 610 -9.71 55.16 20.06
N GLY J 611 -10.67 54.30 20.36
CA GLY J 611 -12.05 54.53 19.97
C GLY J 611 -12.77 55.57 20.80
N LEU J 612 -12.17 56.00 21.91
CA LEU J 612 -12.77 57.03 22.74
C LEU J 612 -12.70 58.38 22.07
N LEU J 613 -13.75 59.17 22.24
CA LEU J 613 -13.70 60.57 21.80
C LEU J 613 -12.63 61.30 22.58
N ALA J 614 -11.79 62.05 21.87
CA ALA J 614 -10.68 62.74 22.52
C ALA J 614 -11.18 63.70 23.60
N GLU J 615 -12.17 64.51 23.27
CA GLU J 615 -12.73 65.49 24.20
C GLU J 615 -13.95 64.95 24.92
N SER J 616 -13.85 63.76 25.53
CA SER J 616 -14.97 63.20 26.27
C SER J 616 -14.85 63.52 27.75
N GLU J 617 -13.82 62.98 28.41
CA GLU J 617 -13.50 63.36 29.77
C GLU J 617 -11.99 63.38 30.01
N GLY J 618 -11.18 63.21 28.98
CA GLY J 618 -9.75 63.14 29.13
C GLY J 618 -9.02 64.25 28.39
N LEU J 619 -9.75 65.28 27.98
CA LEU J 619 -9.17 66.38 27.23
C LEU J 619 -10.13 67.57 27.19
N SER J 631 -27.08 66.42 22.32
CA SER J 631 -27.82 65.43 23.07
C SER J 631 -27.31 64.03 22.78
N LEU J 632 -27.29 63.66 21.50
CA LEU J 632 -26.80 62.35 21.10
C LEU J 632 -25.32 62.18 21.38
N TRP J 633 -24.58 63.28 21.49
CA TRP J 633 -23.15 63.22 21.78
C TRP J 633 -22.85 62.94 23.25
N LEU J 634 -23.87 62.99 24.10
CA LEU J 634 -23.66 62.81 25.54
C LEU J 634 -23.12 61.42 25.87
N GLU J 635 -23.65 60.40 25.18
CA GLU J 635 -23.25 59.02 25.47
C GLU J 635 -21.73 58.86 25.34
N GLU J 636 -21.16 59.31 24.23
CA GLU J 636 -19.72 59.15 24.05
C GLU J 636 -18.90 60.29 24.66
N TYR J 637 -19.54 61.38 25.09
CA TYR J 637 -18.89 62.31 26.01
C TYR J 637 -18.59 61.65 27.34
N GLU J 638 -19.52 60.85 27.87
CA GLU J 638 -19.29 60.10 29.10
C GLU J 638 -18.75 58.70 28.90
N ARG J 639 -18.59 58.24 27.66
CA ARG J 639 -18.09 56.87 27.48
C ARG J 639 -16.76 56.67 28.20
N ALA J 640 -15.96 57.73 28.37
CA ALA J 640 -14.70 57.61 29.08
C ALA J 640 -14.86 57.50 30.59
N ARG J 641 -16.03 57.82 31.12
CA ARG J 641 -16.21 57.79 32.58
C ARG J 641 -16.08 56.37 33.12
N GLU J 642 -16.60 55.38 32.41
CA GLU J 642 -16.41 54.00 32.84
C GLU J 642 -14.92 53.66 32.95
N LEU J 643 -14.15 54.07 31.93
CA LEU J 643 -12.72 53.84 31.96
C LEU J 643 -12.07 54.49 33.16
N VAL J 644 -12.40 55.75 33.43
CA VAL J 644 -11.75 56.47 34.54
C VAL J 644 -12.28 55.96 35.88
N LYS J 645 -13.41 55.25 35.87
CA LYS J 645 -13.91 54.61 37.08
C LYS J 645 -13.12 53.37 37.43
N THR J 646 -12.80 52.54 36.45
CA THR J 646 -11.99 51.35 36.69
C THR J 646 -10.69 51.74 37.39
N THR J 647 -10.51 51.27 38.63
CA THR J 647 -9.39 51.72 39.45
C THR J 647 -8.04 51.34 38.82
N GLY J 648 -8.00 50.25 38.06
CA GLY J 648 -6.75 49.72 37.53
C GLY J 648 -6.37 50.27 36.17
N MET J 649 -7.07 51.30 35.70
CA MET J 649 -6.89 51.80 34.34
C MET J 649 -6.12 53.13 34.36
N LYS J 650 -5.41 53.38 35.46
CA LYS J 650 -4.52 54.53 35.63
C LYS J 650 -3.57 54.77 34.49
N ARG J 651 -2.61 53.88 34.36
CA ARG J 651 -1.42 54.12 33.56
C ARG J 651 -1.79 54.06 32.09
N PRO J 652 -2.67 53.16 31.66
CA PRO J 652 -3.23 53.29 30.31
C PRO J 652 -3.87 54.65 30.08
N LEU J 653 -4.59 55.19 31.05
CA LEU J 653 -5.26 56.45 30.79
C LEU J 653 -4.27 57.59 30.63
N LYS J 654 -3.35 57.72 31.58
CA LYS J 654 -2.39 58.81 31.50
C LYS J 654 -1.52 58.68 30.26
N LEU J 655 -1.16 57.44 29.90
CA LEU J 655 -0.36 57.23 28.70
C LEU J 655 -1.14 57.63 27.45
N TYR J 656 -2.42 57.31 27.40
CA TYR J 656 -3.22 57.74 26.25
C TYR J 656 -3.35 59.25 26.20
N LYS J 657 -3.46 59.89 27.37
CA LYS J 657 -3.51 61.35 27.39
C LYS J 657 -2.21 61.96 26.88
N GLN J 658 -1.08 61.37 27.25
CA GLN J 658 0.20 61.80 26.67
C GLN J 658 0.21 61.58 25.17
N TRP J 659 -0.31 60.43 24.72
CA TRP J 659 -0.39 60.11 23.31
C TRP J 659 -1.22 61.14 22.54
N LEU J 660 -2.26 61.68 23.17
CA LEU J 660 -3.15 62.62 22.51
C LEU J 660 -2.63 64.06 22.56
N THR J 661 -2.11 64.49 23.71
CA THR J 661 -1.83 65.91 23.93
C THR J 661 -0.35 66.26 23.92
N SER J 662 0.51 65.40 24.46
CA SER J 662 1.91 65.76 24.64
C SER J 662 2.54 66.15 23.31
N ASP J 663 3.13 67.35 23.27
CA ASP J 663 3.78 67.81 22.06
C ASP J 663 4.97 66.93 21.69
N ASN J 664 5.74 66.50 22.69
CA ASN J 664 6.86 65.60 22.44
C ASN J 664 6.39 64.29 21.83
N VAL J 665 5.33 63.70 22.40
CA VAL J 665 4.82 62.44 21.89
C VAL J 665 4.26 62.62 20.48
N ARG J 666 3.65 63.77 20.20
CA ARG J 666 3.10 64.00 18.87
C ARG J 666 4.22 64.17 17.84
N LYS J 667 5.29 64.88 18.21
CA LYS J 667 6.45 64.97 17.31
C LYS J 667 7.05 63.60 17.06
N GLN J 668 7.20 62.78 18.11
CA GLN J 668 7.71 61.44 17.93
C GLN J 668 6.78 60.57 17.11
N ARG J 669 5.47 60.80 17.23
CA ARG J 669 4.51 60.07 16.40
C ARG J 669 4.69 60.40 14.92
N ALA J 670 4.90 61.68 14.62
CA ALA J 670 5.12 62.09 13.25
C ALA J 670 6.51 61.73 12.74
N GLU J 671 7.45 61.43 13.62
CA GLU J 671 8.77 60.96 13.21
C GLU J 671 8.64 59.74 12.30
N TYR J 672 9.73 59.45 11.59
CA TYR J 672 9.77 58.34 10.65
C TYR J 672 10.86 57.34 11.07
N VAL J 673 10.60 56.06 10.80
CA VAL J 673 11.54 54.98 11.07
C VAL J 673 11.43 53.97 9.94
N GLU J 674 12.53 53.28 9.67
CA GLU J 674 12.61 52.33 8.57
C GLU J 674 12.29 50.92 9.05
N VAL J 675 11.58 50.17 8.21
CA VAL J 675 11.22 48.78 8.47
C VAL J 675 11.60 47.96 7.25
N ALA J 676 12.23 46.82 7.49
CA ALA J 676 12.61 45.95 6.38
C ALA J 676 11.36 45.39 5.71
N LEU J 677 11.47 45.19 4.39
CA LEU J 677 10.37 44.62 3.63
C LEU J 677 10.07 43.21 4.11
N GLU J 678 11.11 42.40 4.32
CA GLU J 678 10.97 41.09 4.93
C GLU J 678 11.10 41.17 6.45
N TYR J 679 10.40 42.12 7.08
CA TYR J 679 10.40 42.14 8.53
C TYR J 679 9.68 40.93 9.09
N LEU J 680 8.56 40.56 8.48
CA LEU J 680 7.87 39.32 8.76
C LEU J 680 7.88 38.45 7.51
N PRO J 681 8.09 37.14 7.64
CA PRO J 681 8.08 36.29 6.45
C PRO J 681 6.70 36.21 5.82
N ASP J 682 6.70 35.78 4.56
CA ASP J 682 5.45 35.61 3.83
C ASP J 682 4.45 34.79 4.63
N GLU J 683 4.93 33.74 5.31
CA GLU J 683 4.03 32.92 6.10
C GLU J 683 3.35 33.73 7.20
N ALA J 684 4.13 34.53 7.92
CA ALA J 684 3.57 35.32 9.01
C ALA J 684 2.58 36.37 8.49
N VAL J 685 2.91 37.01 7.36
CA VAL J 685 2.00 38.00 6.80
C VAL J 685 0.70 37.34 6.38
N VAL J 686 0.78 36.15 5.78
CA VAL J 686 -0.43 35.44 5.40
C VAL J 686 -1.22 35.03 6.63
N ALA J 687 -0.53 34.67 7.72
CA ALA J 687 -1.22 34.32 8.95
C ALA J 687 -2.00 35.52 9.49
N LEU J 688 -1.39 36.70 9.48
CA LEU J 688 -2.10 37.90 9.89
C LEU J 688 -3.31 38.17 8.99
N GLN J 689 -3.11 38.03 7.68
CA GLN J 689 -4.21 38.23 6.74
C GLN J 689 -5.35 37.28 7.03
N GLN J 690 -5.03 36.02 7.31
CA GLN J 690 -6.08 35.02 7.55
C GLN J 690 -6.75 35.24 8.89
N ALA J 691 -6.02 35.75 9.89
CA ALA J 691 -6.67 36.12 11.14
C ALA J 691 -7.70 37.22 10.93
N VAL J 692 -7.33 38.25 10.16
CA VAL J 692 -8.28 39.31 9.85
C VAL J 692 -9.44 38.77 9.02
N MET J 693 -9.14 37.83 8.12
CA MET J 693 -10.19 37.16 7.36
C MET J 693 -11.19 36.47 8.28
N ALA J 694 -10.69 35.73 9.26
CA ALA J 694 -11.55 35.02 10.18
C ALA J 694 -12.39 36.00 10.99
N LYS J 695 -11.79 37.10 11.43
CA LYS J 695 -12.57 38.12 12.14
C LYS J 695 -13.70 38.65 11.26
N MET J 696 -13.39 38.94 9.99
CA MET J 696 -14.40 39.47 9.08
C MET J 696 -15.52 38.46 8.86
N ALA J 697 -15.17 37.20 8.65
CA ALA J 697 -16.18 36.17 8.44
C ALA J 697 -17.06 36.01 9.68
N ASP J 698 -16.45 36.03 10.87
CA ASP J 698 -17.20 35.90 12.10
C ASP J 698 -18.18 37.05 12.28
N ARG J 699 -17.75 38.27 12.00
CA ARG J 699 -18.63 39.43 12.14
C ARG J 699 -19.52 39.64 10.92
N ASN J 700 -19.38 38.81 9.88
CA ASN J 700 -20.21 38.90 8.68
C ASN J 700 -20.12 40.30 8.06
N ILE J 701 -18.88 40.72 7.81
CA ILE J 701 -18.59 42.00 7.18
C ILE J 701 -18.18 41.73 5.74
N ALA J 702 -18.86 42.38 4.80
CA ALA J 702 -18.57 42.19 3.39
C ALA J 702 -17.49 43.17 2.91
N ILE J 703 -16.91 42.84 1.76
CA ILE J 703 -15.83 43.61 1.17
C ILE J 703 -16.25 44.03 -0.23
N GLU J 704 -16.43 45.33 -0.45
CA GLU J 704 -16.64 45.84 -1.79
C GLU J 704 -15.30 45.88 -2.51
N CYS J 705 -15.16 45.05 -3.54
CA CYS J 705 -13.89 44.95 -4.27
C CYS J 705 -14.08 45.42 -5.70
N PRO J 706 -13.74 46.65 -6.03
CA PRO J 706 -13.72 47.07 -7.43
C PRO J 706 -12.40 46.71 -8.08
N PRO J 707 -12.31 46.74 -9.41
CA PRO J 707 -11.06 46.34 -10.06
C PRO J 707 -10.10 47.53 -10.19
N THR J 708 -8.89 47.37 -9.68
CA THR J 708 -7.89 48.42 -9.71
C THR J 708 -6.70 48.02 -10.57
N SER J 714 -1.68 48.34 -8.69
CA SER J 714 -0.50 49.02 -9.22
C SER J 714 0.62 48.02 -9.47
N GLN J 715 0.67 47.02 -8.60
CA GLN J 715 1.65 45.95 -8.64
C GLN J 715 1.20 44.76 -9.48
N TYR J 716 -0.01 44.80 -10.01
CA TYR J 716 -0.52 43.75 -10.89
C TYR J 716 -0.17 44.08 -12.34
N ARG J 717 0.63 43.22 -12.97
CA ARG J 717 0.86 43.36 -14.40
C ARG J 717 -0.41 43.07 -15.18
N ASN J 718 -1.00 41.90 -14.93
CA ASN J 718 -2.19 41.42 -15.61
C ASN J 718 -3.33 41.31 -14.61
N VAL J 719 -4.55 41.41 -15.14
CA VAL J 719 -5.73 41.34 -14.28
C VAL J 719 -5.88 40.00 -13.59
N SER J 720 -5.25 38.95 -14.13
CA SER J 720 -5.36 37.63 -13.53
C SER J 720 -4.66 37.53 -12.19
N GLU J 721 -3.81 38.50 -11.85
CA GLU J 721 -3.13 38.53 -10.56
C GLU J 721 -3.92 39.27 -9.49
N HIS J 722 -5.11 39.76 -9.81
CA HIS J 722 -5.92 40.49 -8.84
C HIS J 722 -6.35 39.57 -7.70
N HIS J 723 -6.45 40.16 -6.51
CA HIS J 723 -6.79 39.42 -5.30
C HIS J 723 -8.26 39.01 -5.24
N ILE J 724 -9.10 39.55 -6.13
CA ILE J 724 -10.50 39.13 -6.14
C ILE J 724 -10.60 37.64 -6.43
N PHE J 725 -9.71 37.12 -7.27
CA PHE J 725 -9.73 35.69 -7.58
C PHE J 725 -9.28 34.86 -6.38
N ARG J 726 -8.30 35.35 -5.61
CA ARG J 726 -7.95 34.69 -4.36
C ARG J 726 -9.14 34.64 -3.42
N TRP J 727 -9.86 35.76 -3.30
CA TRP J 727 -11.03 35.81 -2.44
C TRP J 727 -12.12 34.87 -2.94
N MET J 728 -12.28 34.77 -4.26
CA MET J 728 -13.28 33.88 -4.84
C MET J 728 -12.86 32.42 -4.78
N GLY J 729 -11.59 32.14 -4.46
CA GLY J 729 -11.17 30.79 -4.20
C GLY J 729 -10.69 30.01 -5.41
N LEU J 730 -10.24 30.70 -6.45
CA LEU J 730 -9.77 30.00 -7.64
C LEU J 730 -8.54 29.16 -7.28
N PRO J 731 -8.43 27.94 -7.83
CA PRO J 731 -7.20 27.16 -7.61
C PRO J 731 -5.99 27.92 -8.12
N GLY J 732 -4.90 27.83 -7.37
CA GLY J 732 -3.67 28.53 -7.70
C GLY J 732 -3.59 29.94 -7.19
N GLU J 733 -4.71 30.53 -6.76
CA GLU J 733 -4.74 31.87 -6.18
C GLU J 733 -5.10 31.87 -4.71
N ALA J 734 -5.97 30.96 -4.28
CA ALA J 734 -6.33 30.86 -2.88
C ALA J 734 -5.20 30.22 -2.09
N ILE J 735 -5.04 30.67 -0.84
CA ILE J 735 -4.01 30.14 0.03
C ILE J 735 -4.67 29.20 1.04
N GLU J 736 -3.88 28.29 1.59
CA GLU J 736 -4.42 27.15 2.32
C GLU J 736 -5.38 27.58 3.42
N GLY J 737 -4.98 28.55 4.23
CA GLY J 737 -5.75 28.93 5.40
C GLY J 737 -6.67 30.11 5.20
N ASP J 738 -7.15 30.31 3.97
CA ASP J 738 -8.03 31.44 3.68
C ASP J 738 -9.44 31.17 4.18
N VAL J 739 -10.20 32.25 4.34
CA VAL J 739 -11.58 32.19 4.80
C VAL J 739 -12.45 33.01 3.86
N PRO J 740 -13.58 32.49 3.38
CA PRO J 740 -14.47 33.30 2.54
C PRO J 740 -14.97 34.53 3.29
N MET J 741 -15.21 35.62 2.55
CA MET J 741 -15.41 36.92 3.17
C MET J 741 -16.54 37.75 2.57
N SER J 742 -17.40 37.19 1.72
CA SER J 742 -18.55 37.93 1.20
C SER J 742 -18.10 39.18 0.43
N ILE J 743 -17.49 38.92 -0.73
CA ILE J 743 -17.08 39.98 -1.63
C ILE J 743 -18.30 40.48 -2.41
N CYS J 744 -18.44 41.80 -2.47
CA CYS J 744 -19.42 42.48 -3.30
C CYS J 744 -18.71 43.24 -4.42
N LEU J 745 -19.46 43.52 -5.48
CA LEU J 745 -18.93 44.17 -6.67
C LEU J 745 -19.09 45.68 -6.57
N GLY J 746 -18.21 46.39 -7.26
CA GLY J 746 -18.28 47.83 -7.37
C GLY J 746 -17.68 48.33 -8.66
N SER J 747 -18.34 49.31 -9.28
CA SER J 747 -17.87 49.89 -10.55
C SER J 747 -17.01 51.10 -10.24
N ASP J 748 -15.73 50.84 -9.96
CA ASP J 748 -14.77 51.89 -9.66
C ASP J 748 -13.41 51.46 -10.20
N ASP J 749 -13.08 51.93 -11.39
CA ASP J 749 -11.77 51.68 -12.00
C ASP J 749 -10.98 52.98 -12.00
N PRO J 750 -9.91 53.10 -11.21
CA PRO J 750 -9.23 54.41 -11.10
C PRO J 750 -8.74 54.96 -12.43
N GLY J 751 -8.24 54.11 -13.33
CA GLY J 751 -7.56 54.59 -14.51
C GLY J 751 -8.19 54.21 -15.83
N ILE J 752 -9.52 54.29 -15.94
CA ILE J 752 -10.23 54.00 -17.18
C ILE J 752 -11.24 55.11 -17.44
N PHE J 753 -11.56 55.29 -18.72
CA PHE J 753 -12.64 56.17 -19.14
C PHE J 753 -13.84 55.32 -19.54
N ALA J 754 -15.03 55.73 -19.13
CA ALA J 754 -16.27 55.06 -19.52
C ALA J 754 -16.26 53.60 -19.09
N ALA J 755 -16.26 53.40 -17.77
CA ALA J 755 -16.44 52.08 -17.18
C ALA J 755 -17.84 51.93 -16.64
N ASP J 756 -18.26 50.69 -16.46
CA ASP J 756 -19.60 50.38 -15.99
C ASP J 756 -19.56 49.11 -15.17
N LEU J 757 -20.61 48.92 -14.36
CA LEU J 757 -20.79 47.68 -13.61
C LEU J 757 -20.87 46.48 -14.55
N LYS J 758 -21.61 46.63 -15.65
CA LYS J 758 -21.66 45.57 -16.65
C LYS J 758 -20.29 45.32 -17.25
N SER J 759 -19.52 46.39 -17.49
CA SER J 759 -18.18 46.23 -18.03
C SER J 759 -17.29 45.42 -17.09
N GLU J 760 -17.35 45.73 -15.79
CA GLU J 760 -16.52 45.01 -14.84
C GLU J 760 -16.99 43.57 -14.66
N PHE J 761 -18.31 43.35 -14.68
CA PHE J 761 -18.83 41.99 -14.63
C PHE J 761 -18.33 41.17 -15.81
N TYR J 762 -18.40 41.74 -17.02
CA TYR J 762 -17.92 41.05 -18.21
C TYR J 762 -16.42 40.84 -18.15
N HIS J 763 -15.67 41.81 -17.60
CA HIS J 763 -14.22 41.64 -17.49
C HIS J 763 -13.88 40.47 -16.58
N LEU J 764 -14.55 40.38 -15.43
CA LEU J 764 -14.33 39.25 -14.54
C LEU J 764 -14.70 37.94 -15.22
N PHE J 765 -15.82 37.91 -15.94
CA PHE J 765 -16.23 36.71 -16.64
C PHE J 765 -15.18 36.30 -17.68
N VAL J 766 -14.67 37.28 -18.44
CA VAL J 766 -13.69 36.99 -19.48
C VAL J 766 -12.42 36.44 -18.86
N VAL J 767 -11.94 37.07 -17.79
CA VAL J 767 -10.72 36.60 -17.14
C VAL J 767 -10.92 35.18 -16.63
N LEU J 768 -12.05 34.93 -15.96
CA LEU J 768 -12.31 33.60 -15.42
C LEU J 768 -12.35 32.55 -16.52
N THR J 769 -13.00 32.86 -17.65
CA THR J 769 -13.19 31.87 -18.70
C THR J 769 -11.92 31.62 -19.51
N ARG J 770 -11.11 32.65 -19.73
CA ARG J 770 -9.97 32.54 -20.63
C ARG J 770 -8.65 32.26 -19.93
N LYS J 771 -8.43 32.84 -18.75
CA LYS J 771 -7.17 32.74 -18.04
C LYS J 771 -7.18 31.66 -16.97
N PHE J 772 -8.34 31.35 -16.41
CA PHE J 772 -8.47 30.31 -15.41
C PHE J 772 -9.11 29.05 -15.96
N GLY J 773 -9.52 29.04 -17.22
CA GLY J 773 -10.02 27.86 -17.87
C GLY J 773 -11.41 27.42 -17.44
N LEU J 774 -12.10 28.25 -16.66
CA LEU J 774 -13.42 27.88 -16.17
C LEU J 774 -14.44 27.94 -17.30
N SER J 775 -15.39 27.01 -17.27
CA SER J 775 -16.46 27.01 -18.25
C SER J 775 -17.35 28.23 -18.02
N PRO J 776 -18.13 28.60 -19.04
CA PRO J 776 -19.03 29.75 -18.86
C PRO J 776 -19.93 29.61 -17.64
N ALA J 777 -20.44 28.41 -17.39
CA ALA J 777 -21.34 28.21 -16.26
C ALA J 777 -20.62 28.43 -14.93
N ASP J 778 -19.44 27.85 -14.78
CA ASP J 778 -18.69 27.99 -13.53
C ASP J 778 -18.27 29.44 -13.31
N ALA J 779 -17.78 30.09 -14.37
CA ALA J 779 -17.39 31.49 -14.26
C ALA J 779 -18.59 32.35 -13.88
N LEU J 780 -19.74 32.09 -14.49
CA LEU J 780 -20.95 32.83 -14.15
C LEU J 780 -21.34 32.59 -12.70
N ARG J 781 -21.19 31.37 -12.20
CA ARG J 781 -21.49 31.11 -10.80
C ARG J 781 -20.59 31.92 -9.89
N LYS J 782 -19.30 31.96 -10.21
CA LYS J 782 -18.36 32.67 -9.36
C LYS J 782 -18.62 34.18 -9.36
N VAL J 783 -18.87 34.77 -10.53
CA VAL J 783 -19.15 36.20 -10.58
C VAL J 783 -20.51 36.49 -9.95
N ALA J 784 -21.48 35.61 -10.16
CA ALA J 784 -22.82 35.82 -9.62
C ALA J 784 -22.82 35.78 -8.11
N GLU J 785 -21.94 35.01 -7.50
CA GLU J 785 -21.91 34.98 -6.04
C GLU J 785 -21.53 36.36 -5.49
N VAL J 786 -20.50 36.98 -6.08
CA VAL J 786 -20.12 38.34 -5.68
C VAL J 786 -21.25 39.32 -5.95
N ASN J 787 -21.85 39.23 -7.15
CA ASN J 787 -22.93 40.16 -7.48
C ASN J 787 -24.08 40.03 -6.49
N GLU J 788 -24.49 38.79 -6.18
CA GLU J 788 -25.55 38.56 -5.20
C GLU J 788 -25.15 39.01 -3.81
N ASN J 789 -23.86 38.97 -3.48
CA ASN J 789 -23.42 39.55 -2.23
C ASN J 789 -23.77 41.03 -2.16
N GLY J 790 -23.68 41.72 -3.29
CA GLY J 790 -24.14 43.10 -3.33
C GLY J 790 -25.57 43.28 -2.88
N ARG J 791 -26.48 42.41 -3.32
CA ARG J 791 -27.88 42.44 -2.91
C ARG J 791 -28.07 42.02 -1.46
N ILE J 792 -27.36 40.98 -1.03
CA ILE J 792 -27.51 40.49 0.34
C ILE J 792 -27.07 41.56 1.33
N TYR J 793 -25.98 42.27 1.04
CA TYR J 793 -25.44 43.29 1.92
C TYR J 793 -25.80 44.71 1.45
N ARG J 794 -26.88 44.85 0.70
CA ARG J 794 -27.35 46.16 0.29
C ARG J 794 -27.77 47.00 1.50
N PHE J 795 -27.67 48.31 1.35
CA PHE J 795 -28.09 49.25 2.38
C PHE J 795 -29.52 49.75 2.16
N HIS J 796 -30.19 49.32 1.09
CA HIS J 796 -31.50 49.83 0.77
C HIS J 796 -32.53 49.42 1.83
N ASP J 797 -33.55 50.26 2.00
CA ASP J 797 -34.61 49.97 2.94
C ASP J 797 -35.41 48.77 2.48
N VAL J 798 -35.63 47.83 3.40
CA VAL J 798 -36.41 46.63 3.10
C VAL J 798 -37.87 46.87 3.43
N MET K 1 16.21 56.14 -2.03
CA MET K 1 15.88 57.48 -2.58
C MET K 1 17.13 58.31 -2.82
N GLU K 2 18.26 57.85 -2.32
CA GLU K 2 19.51 58.60 -2.43
C GLU K 2 20.00 58.66 -3.87
N ARG K 3 19.65 57.66 -4.68
CA ARG K 3 20.13 57.63 -6.07
C ARG K 3 19.54 58.77 -6.90
N PHE K 4 18.33 59.22 -6.57
CA PHE K 4 17.68 60.27 -7.33
C PHE K 4 18.29 61.65 -7.08
N LEU K 5 19.06 61.81 -6.00
CA LEU K 5 19.77 63.05 -5.74
C LEU K 5 21.14 63.09 -6.41
N LEU K 6 21.65 61.96 -6.88
CA LEU K 6 22.92 61.90 -7.59
C LEU K 6 22.76 61.62 -9.08
N ASN K 7 21.60 61.15 -9.51
CA ASN K 7 21.33 60.89 -10.92
C ASN K 7 19.93 61.40 -11.23
N SER K 8 19.84 62.61 -11.79
CA SER K 8 18.55 63.22 -12.08
C SER K 8 18.75 64.33 -13.09
N THR K 9 18.06 64.21 -14.24
CA THR K 9 18.10 65.28 -15.25
C THR K 9 17.46 66.55 -14.72
N VAL K 10 16.31 66.43 -14.06
CA VAL K 10 15.60 67.60 -13.56
C VAL K 10 16.45 68.34 -12.52
N LEU K 11 17.02 67.59 -11.58
CA LEU K 11 17.86 68.21 -10.56
C LEU K 11 19.07 68.88 -11.18
N LEU K 12 19.69 68.24 -12.17
CA LEU K 12 20.84 68.85 -12.83
C LEU K 12 20.44 70.15 -13.49
N TYR K 13 19.33 70.13 -14.23
CA TYR K 13 18.92 71.32 -14.97
C TYR K 13 18.71 72.47 -13.98
N ARG K 14 17.92 72.19 -12.92
CA ARG K 14 17.58 73.19 -11.91
C ARG K 14 18.82 73.76 -11.24
N LEU K 15 19.72 72.90 -10.75
CA LEU K 15 20.92 73.34 -10.05
C LEU K 15 21.87 74.09 -10.97
N SER K 16 21.95 73.71 -12.24
CA SER K 16 22.86 74.35 -13.17
C SER K 16 22.31 75.64 -13.75
N THR K 17 21.01 75.89 -13.60
CA THR K 17 20.43 77.13 -14.11
C THR K 17 20.26 78.23 -13.06
N VAL K 18 20.01 77.89 -11.81
CA VAL K 18 19.80 78.95 -10.82
C VAL K 18 21.13 79.43 -10.30
N SER K 19 21.13 80.65 -9.77
CA SER K 19 22.35 81.30 -9.30
C SER K 19 22.92 80.56 -8.09
N LEU K 20 24.22 80.75 -7.88
CA LEU K 20 24.93 80.06 -6.80
C LEU K 20 24.66 80.69 -5.43
N ASP K 21 23.97 81.82 -5.36
CA ASP K 21 23.63 82.48 -4.12
C ASP K 21 22.13 82.42 -3.82
N GLU K 22 21.42 81.49 -4.45
CA GLU K 22 19.97 81.40 -4.24
C GLU K 22 19.64 80.94 -2.82
N VAL K 23 20.29 79.87 -2.36
CA VAL K 23 20.04 79.32 -1.03
C VAL K 23 18.62 78.79 -0.94
N SER K 24 18.38 77.86 -0.01
CA SER K 24 17.05 77.34 0.31
C SER K 24 16.39 76.66 -0.90
N LEU K 25 16.98 75.55 -1.32
CA LEU K 25 16.53 74.83 -2.49
C LEU K 25 15.89 73.48 -2.15
N ASP K 26 15.49 73.30 -0.88
CA ASP K 26 14.97 72.01 -0.44
C ASP K 26 13.68 71.64 -1.16
N GLU K 27 12.75 72.60 -1.27
CA GLU K 27 11.48 72.33 -1.94
C GLU K 27 11.74 71.74 -3.31
N ARG K 28 12.76 72.28 -3.99
CA ARG K 28 12.93 72.01 -5.40
C ARG K 28 13.71 70.74 -5.60
N VAL K 29 14.68 70.50 -4.74
CA VAL K 29 15.36 69.21 -4.73
C VAL K 29 14.35 68.10 -4.50
N GLU K 30 13.38 68.34 -3.61
CA GLU K 30 12.35 67.34 -3.33
C GLU K 30 11.46 67.10 -4.56
N SER K 31 10.96 68.19 -5.16
CA SER K 31 10.09 68.04 -6.34
C SER K 31 10.82 67.33 -7.48
N SER K 32 12.07 67.75 -7.75
CA SER K 32 12.86 67.10 -8.79
C SER K 32 13.12 65.64 -8.46
N VAL K 33 13.28 65.31 -7.19
CA VAL K 33 13.46 63.91 -6.82
C VAL K 33 12.24 63.10 -7.17
N PHE K 34 11.04 63.64 -6.88
CA PHE K 34 9.83 62.90 -7.21
C PHE K 34 9.67 62.75 -8.73
N LEU K 35 9.99 63.79 -9.49
CA LEU K 35 9.95 63.67 -10.95
C LEU K 35 10.95 62.62 -11.45
N ALA K 36 12.16 62.62 -10.90
CA ALA K 36 13.15 61.63 -11.32
C ALA K 36 12.68 60.22 -10.99
N GLN K 37 12.07 60.03 -9.81
CA GLN K 37 11.60 58.71 -9.44
C GLN K 37 10.44 58.27 -10.32
N TYR K 38 9.53 59.19 -10.67
CA TYR K 38 8.45 58.83 -11.59
C TYR K 38 9.01 58.45 -12.96
N GLU K 39 10.01 59.19 -13.44
CA GLU K 39 10.59 58.90 -14.74
C GLU K 39 11.37 57.57 -14.74
N GLN K 40 12.10 57.27 -13.68
CA GLN K 40 12.99 56.12 -13.64
C GLN K 40 12.32 54.86 -13.08
N ALA K 41 11.85 54.91 -11.84
CA ALA K 41 11.19 53.79 -11.19
C ALA K 41 9.73 54.19 -11.00
N ARG K 42 8.91 53.95 -12.03
CA ARG K 42 7.53 54.39 -12.03
C ARG K 42 6.65 53.60 -11.07
N SER K 43 7.02 52.37 -10.74
CA SER K 43 6.13 51.49 -10.00
C SER K 43 6.07 51.79 -8.51
N LEU K 44 6.84 52.74 -8.01
CA LEU K 44 6.73 53.12 -6.60
C LEU K 44 5.35 53.74 -6.37
N PRO K 45 4.58 53.28 -5.37
CA PRO K 45 3.17 53.70 -5.30
C PRO K 45 2.94 55.10 -4.73
N ASP K 46 3.77 56.06 -5.14
CA ASP K 46 3.47 57.49 -4.96
C ASP K 46 3.42 57.94 -3.51
N HIS K 47 3.57 57.03 -2.55
CA HIS K 47 3.59 57.41 -1.14
C HIS K 47 4.78 56.78 -0.43
N VAL K 48 5.22 55.61 -0.93
CA VAL K 48 6.49 55.07 -0.47
C VAL K 48 7.60 56.07 -0.75
N ALA K 49 7.52 56.75 -1.89
CA ALA K 49 8.49 57.78 -2.23
C ALA K 49 8.42 58.96 -1.25
N LYS K 50 7.21 59.45 -0.97
CA LYS K 50 7.05 60.52 0.01
C LYS K 50 7.69 60.12 1.34
N SER K 51 7.38 58.91 1.81
CA SER K 51 7.88 58.47 3.11
C SER K 51 9.40 58.32 3.10
N ALA K 52 9.97 57.78 2.02
CA ALA K 52 11.42 57.63 1.93
C ALA K 52 12.10 58.98 1.96
N TRP K 53 11.55 59.96 1.23
CA TRP K 53 12.13 61.30 1.26
C TRP K 53 12.02 61.92 2.64
N SER K 54 10.90 61.72 3.32
CA SER K 54 10.75 62.23 4.68
C SER K 54 11.79 61.62 5.61
N TYR K 55 12.01 60.32 5.51
CA TYR K 55 13.03 59.68 6.33
C TYR K 55 14.42 60.22 6.01
N LEU K 56 14.68 60.48 4.73
CA LEU K 56 15.99 61.03 4.34
C LEU K 56 16.22 62.40 4.96
N VAL K 57 15.24 63.30 4.85
CA VAL K 57 15.38 64.61 5.48
C VAL K 57 15.53 64.47 6.98
N GLN K 58 14.78 63.54 7.58
CA GLN K 58 14.86 63.33 9.03
C GLN K 58 16.28 62.91 9.43
N GLN K 59 16.88 61.98 8.70
CA GLN K 59 18.24 61.55 8.99
C GLN K 59 19.21 62.72 8.85
N ILE K 60 19.10 63.47 7.76
CA ILE K 60 20.02 64.58 7.54
C ILE K 60 19.92 65.60 8.67
N LYS K 61 18.69 65.99 9.02
CA LYS K 61 18.48 66.98 10.06
C LYS K 61 18.95 66.47 11.42
N GLN K 62 18.66 65.22 11.76
CA GLN K 62 19.11 64.69 13.05
C GLN K 62 20.63 64.65 13.13
N ARG K 63 21.30 64.27 12.05
CA ARG K 63 22.76 64.22 12.04
C ARG K 63 23.38 65.57 11.68
N ASN K 64 22.56 66.63 11.63
CA ASN K 64 23.06 67.99 11.60
C ASN K 64 23.80 68.27 10.30
N MET K 65 23.30 67.70 9.22
CA MET K 65 23.86 67.87 7.89
C MET K 65 22.90 68.68 7.04
N LYS K 66 23.42 69.17 5.92
CA LYS K 66 22.62 69.91 4.95
C LYS K 66 22.35 69.02 3.75
N LEU K 67 21.15 69.16 3.17
CA LEU K 67 20.80 68.40 1.98
C LEU K 67 21.82 68.69 0.88
N GLY K 68 22.64 67.70 0.54
CA GLY K 68 23.68 67.90 -0.44
C GLY K 68 24.50 66.65 -0.71
N PRO K 69 25.43 66.77 -1.67
CA PRO K 69 26.21 65.59 -2.05
C PRO K 69 26.97 64.97 -0.90
N VAL K 70 27.52 65.78 0.01
CA VAL K 70 28.29 65.24 1.12
C VAL K 70 27.41 64.35 1.99
N ALA K 71 26.23 64.87 2.37
CA ALA K 71 25.33 64.10 3.21
C ALA K 71 24.86 62.83 2.51
N ILE K 72 24.50 62.94 1.23
CA ILE K 72 24.01 61.76 0.51
C ILE K 72 25.10 60.70 0.41
N LEU K 73 26.32 61.11 0.07
CA LEU K 73 27.43 60.17 -0.02
C LEU K 73 27.71 59.53 1.32
N ARG K 74 27.68 60.32 2.40
CA ARG K 74 27.90 59.75 3.73
C ARG K 74 26.85 58.71 4.05
N LEU K 75 25.58 59.00 3.78
CA LEU K 75 24.53 58.04 4.07
C LEU K 75 24.73 56.75 3.28
N ILE K 76 25.01 56.88 1.98
CA ILE K 76 25.22 55.69 1.16
C ILE K 76 26.40 54.87 1.67
N ALA K 77 27.50 55.56 2.02
CA ALA K 77 28.70 54.85 2.46
C ALA K 77 28.46 54.13 3.78
N GLU K 78 27.82 54.79 4.75
CA GLU K 78 27.50 54.09 5.99
C GLU K 78 26.56 52.92 5.75
N LYS K 79 25.66 53.03 4.78
CA LYS K 79 24.68 51.98 4.55
C LYS K 79 25.25 50.78 3.81
N PHE K 80 26.24 50.97 2.94
CA PHE K 80 26.75 49.90 2.10
C PHE K 80 28.16 49.45 2.47
N ILE K 81 29.09 50.38 2.66
CA ILE K 81 30.50 50.05 2.81
C ILE K 81 30.87 49.95 4.28
N LYS K 82 31.74 49.00 4.58
CA LYS K 82 32.49 48.88 5.82
C LYS K 82 33.98 48.70 5.60
N ASN K 83 34.62 48.32 6.71
CA ASN K 83 35.97 47.79 6.71
C ASN K 83 35.93 46.35 7.21
N GLU K 84 36.45 45.41 6.41
CA GLU K 84 36.64 44.06 6.92
C GLU K 84 37.90 43.44 6.34
N LYS K 85 38.74 42.92 7.23
CA LYS K 85 39.95 42.18 6.86
C LYS K 85 40.93 43.08 6.13
N GLY K 86 40.72 43.28 4.83
CA GLY K 86 41.50 44.13 3.96
C GLY K 86 40.65 45.08 3.15
N GLY K 87 40.78 46.37 3.39
CA GLY K 87 40.11 47.38 2.61
C GLY K 87 38.60 47.34 2.77
N PRO K 88 37.93 48.33 2.21
CA PRO K 88 36.47 48.38 2.32
C PRO K 88 35.79 47.29 1.48
N LYS K 89 34.68 46.78 2.02
CA LYS K 89 33.89 45.76 1.33
C LYS K 89 32.42 46.08 1.51
N ILE K 90 31.60 45.42 0.70
CA ILE K 90 30.15 45.59 0.71
C ILE K 90 29.52 44.45 1.49
N ASP K 91 28.43 44.74 2.20
CA ASP K 91 27.66 43.69 2.85
C ASP K 91 27.24 42.61 1.85
N LEU K 92 27.33 41.37 2.29
CA LEU K 92 26.74 40.27 1.53
C LEU K 92 25.24 40.46 1.35
N PRO K 93 24.45 40.76 2.39
CA PRO K 93 23.02 41.04 2.17
C PRO K 93 22.75 42.28 1.35
N MET K 94 23.70 43.20 1.25
CA MET K 94 23.51 44.48 0.58
C MET K 94 24.13 44.53 -0.81
N PHE K 95 24.81 43.47 -1.25
CA PHE K 95 25.52 43.53 -2.52
C PHE K 95 24.57 43.69 -3.70
N SER K 96 23.42 43.01 -3.67
CA SER K 96 22.46 43.15 -4.76
C SER K 96 21.98 44.59 -4.90
N GLU K 97 21.61 45.22 -3.78
CA GLU K 97 21.20 46.61 -3.80
C GLU K 97 22.35 47.51 -4.26
N TRP K 98 23.58 47.17 -3.85
CA TRP K 98 24.73 47.94 -4.29
C TRP K 98 24.91 47.86 -5.81
N GLN K 99 24.72 46.68 -6.39
CA GLN K 99 24.79 46.54 -7.84
C GLN K 99 23.73 47.37 -8.52
N THR K 100 22.49 47.30 -8.04
CA THR K 100 21.43 48.12 -8.61
C THR K 100 21.78 49.60 -8.52
N LEU K 101 22.37 50.01 -7.41
CA LEU K 101 22.80 51.40 -7.26
C LEU K 101 23.90 51.74 -8.26
N MET K 102 24.87 50.84 -8.44
CA MET K 102 25.95 51.06 -9.40
C MET K 102 25.42 51.24 -10.81
N SER K 103 24.23 50.72 -11.10
CA SER K 103 23.63 50.99 -12.40
C SER K 103 23.25 52.46 -12.59
N ARG K 104 23.28 53.27 -11.52
CA ARG K 104 22.89 54.67 -11.61
C ARG K 104 23.96 55.63 -11.12
N VAL K 105 24.75 55.25 -10.13
CA VAL K 105 25.68 56.14 -9.45
C VAL K 105 27.09 55.57 -9.54
N SER K 106 28.07 56.46 -9.61
CA SER K 106 29.47 56.06 -9.64
C SER K 106 29.96 55.79 -8.23
N CYS K 107 30.87 54.81 -8.12
CA CYS K 107 31.31 54.31 -6.82
C CYS K 107 32.45 55.13 -6.21
N LEU K 108 33.19 55.87 -7.03
CA LEU K 108 34.36 56.57 -6.52
C LEU K 108 34.02 57.62 -5.47
N PRO K 109 33.02 58.49 -5.66
CA PRO K 109 32.67 59.43 -4.58
C PRO K 109 32.27 58.74 -3.30
N ILE K 110 31.55 57.62 -3.40
CA ILE K 110 31.11 56.92 -2.20
C ILE K 110 32.29 56.31 -1.47
N ILE K 111 33.24 55.75 -2.22
CA ILE K 111 34.43 55.17 -1.59
C ILE K 111 35.27 56.27 -0.96
N ALA K 112 35.37 57.43 -1.60
CA ALA K 112 36.09 58.55 -1.00
C ALA K 112 35.42 58.97 0.31
N CYS K 113 34.09 59.06 0.30
CA CYS K 113 33.37 59.42 1.52
C CYS K 113 33.60 58.39 2.62
N HIS K 114 33.60 57.10 2.27
CA HIS K 114 33.87 56.06 3.25
C HIS K 114 35.28 56.21 3.81
N GLN K 115 36.26 56.43 2.95
CA GLN K 115 37.64 56.57 3.42
C GLN K 115 37.80 57.79 4.31
N VAL K 116 37.00 58.83 4.09
CA VAL K 116 37.12 60.04 4.89
C VAL K 116 36.43 59.86 6.24
N PHE K 117 35.17 59.41 6.23
CA PHE K 117 34.34 59.42 7.43
C PHE K 117 34.30 58.10 8.18
N ASN K 118 34.93 57.06 7.67
CA ASN K 118 34.98 55.76 8.33
C ASN K 118 36.18 54.98 7.83
N PRO K 119 37.40 55.50 7.96
CA PRO K 119 38.57 54.79 7.44
C PRO K 119 38.84 53.52 8.23
N GLY K 120 39.50 52.58 7.55
CA GLY K 120 39.92 51.36 8.19
C GLY K 120 41.15 51.59 9.05
N PRO K 121 41.77 50.52 9.50
CA PRO K 121 42.99 50.65 10.31
C PRO K 121 44.05 51.47 9.59
N ALA K 122 44.73 52.33 10.33
CA ALA K 122 45.75 53.20 9.75
C ALA K 122 47.08 52.45 9.62
N SER K 123 47.01 51.27 9.00
CA SER K 123 48.20 50.48 8.66
C SER K 123 48.16 49.91 7.26
N GLN K 124 46.99 49.76 6.66
CA GLN K 124 46.85 49.28 5.29
C GLN K 124 46.64 50.51 4.41
N GLU K 125 47.73 51.03 3.84
CA GLU K 125 47.63 52.20 2.98
C GLU K 125 46.68 51.91 1.83
N TYR K 126 45.53 52.58 1.82
CA TYR K 126 44.47 52.27 0.86
C TYR K 126 44.76 52.95 -0.47
N SER K 127 44.88 52.14 -1.52
CA SER K 127 44.95 52.63 -2.88
C SER K 127 43.63 52.33 -3.55
N PHE K 128 43.03 53.34 -4.16
CA PHE K 128 41.68 53.19 -4.70
C PHE K 128 41.59 52.02 -5.66
N ARG K 129 40.55 51.20 -5.51
CA ARG K 129 40.37 50.06 -6.43
C ARG K 129 38.90 49.90 -6.69
N TRP K 130 38.57 49.74 -7.96
CA TRP K 130 37.21 49.46 -8.33
C TRP K 130 37.10 48.06 -8.88
N PRO K 131 35.94 47.41 -8.76
CA PRO K 131 34.81 47.83 -7.95
C PRO K 131 34.92 47.30 -6.53
N LEU K 132 33.99 47.66 -5.67
CA LEU K 132 33.96 47.11 -4.32
C LEU K 132 33.26 45.76 -4.34
N TYR K 133 33.90 44.77 -3.72
CA TYR K 133 33.36 43.43 -3.63
C TYR K 133 32.89 43.13 -2.20
N PRO K 134 32.02 42.14 -2.03
CA PRO K 134 31.79 41.59 -0.70
C PRO K 134 32.94 40.67 -0.32
N TYR K 135 32.88 40.14 0.90
CA TYR K 135 33.88 39.20 1.37
C TYR K 135 33.20 37.91 1.80
N HIS K 136 33.74 36.79 1.32
CA HIS K 136 33.38 35.48 1.84
C HIS K 136 34.61 34.58 1.73
N PRO K 137 35.05 33.98 2.83
CA PRO K 137 36.29 33.19 2.78
C PRO K 137 36.25 32.07 1.76
N THR K 138 35.11 31.39 1.59
CA THR K 138 35.03 30.32 0.61
C THR K 138 35.29 30.85 -0.80
N VAL K 139 34.65 31.97 -1.16
CA VAL K 139 34.84 32.54 -2.49
C VAL K 139 36.27 33.01 -2.68
N GLU K 140 36.84 33.66 -1.66
CA GLU K 140 38.22 34.13 -1.78
C GLU K 140 39.20 32.98 -1.94
N ASP K 141 39.00 31.91 -1.17
CA ASP K 141 39.87 30.74 -1.30
C ASP K 141 39.73 30.11 -2.68
N TYR K 142 38.50 30.00 -3.19
CA TYR K 142 38.31 29.44 -4.52
C TYR K 142 39.00 30.30 -5.58
N ILE K 143 38.88 31.62 -5.47
CA ILE K 143 39.52 32.50 -6.44
C ILE K 143 41.04 32.37 -6.36
N THR K 144 41.58 32.32 -5.15
CA THR K 144 43.02 32.17 -4.97
C THR K 144 43.52 30.86 -5.56
N ARG K 145 42.75 29.78 -5.41
CA ARG K 145 43.20 28.46 -5.86
C ARG K 145 43.03 28.27 -7.36
N GLU K 146 41.88 28.64 -7.90
CA GLU K 146 41.53 28.35 -9.29
C GLU K 146 41.52 29.57 -10.18
N CYS K 147 41.42 30.77 -9.62
CA CYS K 147 41.37 32.01 -10.40
C CYS K 147 40.09 32.07 -11.22
N LEU K 148 39.79 33.23 -11.79
CA LEU K 148 38.59 33.43 -12.58
C LEU K 148 38.96 33.49 -14.06
N HIS K 149 38.00 33.12 -14.91
CA HIS K 149 38.21 32.99 -16.34
C HIS K 149 37.21 33.86 -17.08
N GLU K 150 37.72 34.72 -17.95
CA GLU K 150 36.91 35.69 -18.68
C GLU K 150 36.75 35.24 -20.12
N THR K 151 35.50 35.03 -20.54
CA THR K 151 35.17 34.61 -21.89
C THR K 151 34.30 35.59 -22.66
N HIS K 152 33.87 36.69 -22.04
CA HIS K 152 32.95 37.63 -22.69
C HIS K 152 33.24 39.04 -22.17
N GLN K 153 34.05 39.79 -22.93
CA GLN K 153 34.39 41.16 -22.56
C GLN K 153 34.48 42.02 -23.81
N HIS K 154 33.35 42.61 -24.23
CA HIS K 154 33.17 43.39 -25.45
C HIS K 154 32.19 44.56 -25.31
N LEU K 155 31.97 45.11 -24.12
CA LEU K 155 30.85 46.05 -23.94
C LEU K 155 31.19 47.51 -24.23
N ASN K 156 32.10 48.15 -23.49
CA ASN K 156 32.39 49.56 -23.75
C ASN K 156 33.85 49.38 -24.09
N GLY K 157 34.20 49.15 -25.34
CA GLY K 157 35.54 48.65 -25.61
C GLY K 157 35.76 47.38 -24.80
N SER K 158 36.63 47.47 -23.79
CA SER K 158 36.70 46.43 -22.76
C SER K 158 36.86 47.02 -21.37
N THR K 159 36.72 48.34 -21.22
CA THR K 159 36.92 49.02 -19.95
C THR K 159 35.58 49.37 -19.33
N SER K 160 35.58 49.57 -18.03
CA SER K 160 34.39 50.02 -17.35
C SER K 160 34.02 51.43 -17.79
N ALA K 161 32.74 51.77 -17.66
CA ALA K 161 32.26 53.05 -18.14
C ALA K 161 32.79 54.21 -17.30
N GLU K 162 33.36 53.89 -16.13
CA GLU K 162 33.78 54.91 -15.19
C GLU K 162 35.09 55.58 -15.58
N GLU K 163 36.03 54.87 -16.20
CA GLU K 163 37.21 55.52 -16.74
C GLU K 163 36.91 56.29 -18.02
N CYS K 164 35.80 55.96 -18.69
CA CYS K 164 35.40 56.72 -19.87
C CYS K 164 35.04 58.15 -19.50
N TRP K 165 34.50 58.38 -18.30
CA TRP K 165 34.22 59.75 -17.88
C TRP K 165 35.50 60.59 -17.84
N LEU K 166 36.54 60.06 -17.20
CA LEU K 166 37.82 60.79 -17.16
C LEU K 166 38.46 60.87 -18.53
N ASP K 167 38.28 59.84 -19.37
CA ASP K 167 38.80 59.92 -20.74
C ASP K 167 38.11 61.04 -21.51
N ALA K 168 36.81 61.21 -21.32
CA ALA K 168 36.09 62.31 -21.96
C ALA K 168 36.60 63.66 -21.44
N LEU K 169 36.82 63.77 -20.12
CA LEU K 169 37.36 65.01 -19.58
C LEU K 169 38.77 65.27 -20.13
N LYS K 170 39.53 64.22 -20.40
CA LYS K 170 40.86 64.36 -20.98
C LYS K 170 40.79 64.79 -22.44
N HIS K 171 39.82 64.26 -23.18
CA HIS K 171 39.64 64.55 -24.59
C HIS K 171 38.22 65.02 -24.79
N PRO K 172 37.87 66.18 -24.20
CA PRO K 172 36.50 66.70 -24.36
C PRO K 172 36.12 66.89 -25.82
N GLU K 173 37.08 67.30 -26.63
CA GLU K 173 36.79 67.57 -28.04
C GLU K 173 36.73 66.28 -28.86
N ALA K 174 37.44 65.22 -28.45
CA ALA K 174 37.21 63.90 -29.06
C ALA K 174 35.82 63.38 -28.72
N CYS K 175 35.43 63.48 -27.45
CA CYS K 175 34.11 63.02 -27.04
C CYS K 175 33.01 63.82 -27.74
N LEU K 176 33.19 65.14 -27.82
CA LEU K 176 32.24 65.98 -28.54
C LEU K 176 32.17 65.59 -30.01
N ARG K 177 33.33 65.36 -30.63
CA ARG K 177 33.36 64.88 -32.01
C ARG K 177 32.57 63.59 -32.19
N ASP K 178 32.76 62.61 -31.31
CA ASP K 178 32.00 61.37 -31.44
C ASP K 178 30.50 61.63 -31.26
N PHE K 179 30.13 62.40 -30.23
CA PHE K 179 28.73 62.66 -29.97
C PHE K 179 28.06 63.29 -31.17
N GLU K 180 28.70 64.29 -31.79
CA GLU K 180 28.12 64.90 -32.97
C GLU K 180 28.03 63.91 -34.12
N LYS K 181 29.12 63.20 -34.39
CA LYS K 181 29.11 62.17 -35.43
C LYS K 181 28.49 60.91 -34.83
N GLY K 182 27.17 60.89 -34.84
CA GLY K 182 26.38 59.84 -34.24
C GLY K 182 25.09 60.41 -33.67
N TRP K 183 25.08 61.71 -33.41
CA TRP K 183 23.85 62.42 -33.11
C TRP K 183 23.02 62.68 -34.36
N ALA K 184 23.65 62.72 -35.53
CA ALA K 184 22.89 62.73 -36.77
C ALA K 184 22.13 61.43 -36.95
N SER K 185 22.53 60.38 -36.25
CA SER K 185 21.83 59.11 -36.33
C SER K 185 20.58 59.15 -35.49
N GLN K 186 19.53 58.62 -36.08
CA GLN K 186 18.24 58.57 -35.42
C GLN K 186 18.27 57.77 -34.13
N GLU K 187 18.92 56.62 -34.16
CA GLU K 187 18.90 55.75 -33.03
C GLU K 187 19.25 56.56 -31.82
N MET K 188 20.32 57.33 -32.01
CA MET K 188 20.98 58.16 -31.02
C MET K 188 20.11 59.35 -30.62
N LYS K 189 19.47 60.01 -31.58
CA LYS K 189 18.56 61.09 -31.19
C LYS K 189 17.50 60.56 -30.25
N GLN K 190 16.93 59.40 -30.58
CA GLN K 190 15.90 58.80 -29.73
C GLN K 190 16.46 58.49 -28.35
N LEU K 191 17.66 57.90 -28.29
CA LEU K 191 18.26 57.59 -26.99
C LEU K 191 18.50 58.85 -26.17
N CYS K 192 19.03 59.89 -26.79
CA CYS K 192 19.29 61.14 -26.08
C CYS K 192 18.01 61.76 -25.57
N ALA K 193 16.96 61.73 -26.39
CA ALA K 193 15.68 62.25 -25.92
C ALA K 193 15.14 61.43 -24.75
N GLN K 194 15.33 60.11 -24.80
CA GLN K 194 14.79 59.25 -23.75
C GLN K 194 15.54 59.42 -22.43
N ILE K 195 16.83 59.76 -22.50
CA ILE K 195 17.59 60.01 -21.27
C ILE K 195 17.40 61.45 -20.81
N ASP K 196 17.85 62.40 -21.60
CA ASP K 196 17.69 63.83 -21.33
C ASP K 196 17.02 64.48 -22.53
N PRO K 197 15.74 64.86 -22.44
CA PRO K 197 15.06 65.39 -23.63
C PRO K 197 15.82 66.50 -24.36
N SER K 198 16.21 67.55 -23.64
CA SER K 198 16.89 68.69 -24.25
C SER K 198 18.41 68.59 -24.03
N LEU K 199 19.00 67.54 -24.60
CA LEU K 199 20.44 67.34 -24.46
C LEU K 199 21.23 68.12 -25.51
N THR K 200 21.08 67.77 -26.77
CA THR K 200 21.80 68.39 -27.89
C THR K 200 23.31 68.35 -27.72
N PRO K 201 24.06 68.37 -28.84
CA PRO K 201 25.53 68.42 -28.73
C PRO K 201 26.04 69.65 -28.00
N ARG K 202 25.35 70.78 -28.12
CA ARG K 202 25.86 72.02 -27.51
C ARG K 202 25.81 71.94 -25.99
N ILE K 203 24.68 71.50 -25.42
CA ILE K 203 24.66 71.33 -23.97
C ILE K 203 25.54 70.17 -23.55
N PHE K 204 25.71 69.15 -24.40
CA PHE K 204 26.71 68.12 -24.11
C PHE K 204 28.08 68.75 -23.88
N LYS K 205 28.51 69.59 -24.82
CA LYS K 205 29.80 70.27 -24.71
C LYS K 205 29.84 71.16 -23.48
N ASP K 206 28.77 71.92 -23.24
CA ASP K 206 28.74 72.82 -22.10
C ASP K 206 28.84 72.05 -20.79
N ARG K 207 28.18 70.89 -20.71
CA ARG K 207 28.23 70.09 -19.49
C ARG K 207 29.62 69.52 -19.28
N LEU K 208 30.28 69.06 -20.35
CA LEU K 208 31.66 68.59 -20.19
C LEU K 208 32.56 69.72 -19.69
N GLN K 209 32.43 70.91 -20.27
CA GLN K 209 33.25 72.03 -19.84
C GLN K 209 32.95 72.41 -18.39
N ILE K 210 31.67 72.40 -18.01
CA ILE K 210 31.29 72.70 -16.63
C ILE K 210 31.92 71.70 -15.68
N ALA K 211 31.89 70.42 -16.05
CA ALA K 211 32.50 69.41 -15.20
C ALA K 211 34.00 69.65 -15.04
N CYS K 212 34.68 69.96 -16.14
CA CYS K 212 36.11 70.22 -16.05
C CYS K 212 36.40 71.42 -15.15
N ASN K 213 35.67 72.52 -15.34
CA ASN K 213 35.91 73.73 -14.55
C ASN K 213 35.60 73.50 -13.07
N ILE K 214 34.51 72.78 -12.78
CA ILE K 214 34.17 72.47 -11.40
C ILE K 214 35.25 71.61 -10.78
N ARG K 215 35.80 70.66 -11.54
CA ARG K 215 36.88 69.83 -11.03
C ARG K 215 38.08 70.67 -10.67
N GLU K 216 38.45 71.62 -11.53
CA GLU K 216 39.58 72.49 -11.23
C GLU K 216 39.32 73.31 -9.96
N ILE K 217 38.15 73.94 -9.88
CA ILE K 217 37.84 74.79 -8.72
C ILE K 217 37.86 73.96 -7.44
N LEU K 218 37.22 72.79 -7.46
CA LEU K 218 37.16 71.98 -6.26
C LEU K 218 38.51 71.36 -5.91
N CYS K 219 39.38 71.16 -6.90
CA CYS K 219 40.75 70.79 -6.58
C CYS K 219 41.46 71.90 -5.82
N ARG K 220 41.21 73.16 -6.23
CA ARG K 220 41.80 74.27 -5.49
C ARG K 220 41.41 74.21 -4.02
N VAL K 221 40.13 73.98 -3.73
CA VAL K 221 39.73 73.98 -2.32
C VAL K 221 40.15 72.69 -1.63
N ALA K 222 40.27 71.58 -2.38
CA ALA K 222 40.78 70.35 -1.79
C ALA K 222 42.21 70.51 -1.31
N GLN K 223 43.05 71.19 -2.11
CA GLN K 223 44.40 71.54 -1.68
C GLN K 223 44.42 72.73 -0.72
N GLY K 224 43.33 73.47 -0.62
CA GLY K 224 43.31 74.64 0.24
C GLY K 224 44.24 75.72 -0.27
N VAL K 225 44.03 76.20 -1.49
CA VAL K 225 44.89 77.22 -2.09
C VAL K 225 44.04 78.44 -2.42
N GLU K 226 43.86 79.31 -1.42
CA GLU K 226 43.65 80.75 -1.58
C GLU K 226 42.44 81.19 -2.40
N LEU K 227 41.59 80.27 -2.89
CA LEU K 227 40.32 80.64 -3.52
C LEU K 227 40.51 81.82 -4.48
N PRO K 228 41.00 81.61 -5.70
CA PRO K 228 41.41 82.76 -6.51
C PRO K 228 40.30 83.81 -6.63
N GLU K 229 40.71 85.04 -6.91
CA GLU K 229 39.80 86.18 -6.77
C GLU K 229 38.60 86.06 -7.71
N TRP K 230 38.79 85.52 -8.91
CA TRP K 230 37.71 85.51 -9.89
C TRP K 230 36.52 84.64 -9.48
N ILE K 231 36.63 83.95 -8.34
CA ILE K 231 35.50 83.16 -7.86
C ILE K 231 34.30 84.06 -7.54
N ALA K 232 34.55 85.30 -7.13
CA ALA K 232 33.45 86.21 -6.81
C ALA K 232 32.59 86.50 -8.04
N SER K 233 33.22 86.67 -9.20
CA SER K 233 32.46 86.91 -10.42
C SER K 233 31.60 85.71 -10.81
N MET K 234 32.04 84.51 -10.45
CA MET K 234 31.30 83.29 -10.74
C MET K 234 29.99 83.28 -9.96
N GLN K 235 28.87 83.54 -10.63
CA GLN K 235 27.60 83.62 -9.92
C GLN K 235 26.59 82.59 -10.38
N ASN K 236 26.73 82.05 -11.60
CA ASN K 236 25.71 81.20 -12.20
C ASN K 236 26.42 80.04 -12.89
N PRO K 237 26.07 78.79 -12.55
CA PRO K 237 26.88 77.65 -13.02
C PRO K 237 27.11 77.63 -14.51
N GLN K 238 26.22 78.24 -15.30
CA GLN K 238 26.43 78.31 -16.74
C GLN K 238 27.69 79.08 -17.11
N GLN K 239 28.18 79.92 -16.20
CA GLN K 239 29.44 80.62 -16.47
C GLN K 239 30.60 79.66 -16.65
N LEU K 240 30.51 78.46 -16.07
CA LEU K 240 31.57 77.47 -16.18
C LEU K 240 31.52 76.70 -17.49
N ALA K 241 30.53 76.96 -18.34
CA ALA K 241 30.44 76.28 -19.64
C ALA K 241 31.60 76.64 -20.56
N ASN K 242 32.46 77.57 -20.16
CA ASN K 242 33.45 78.15 -21.06
C ASN K 242 34.85 77.96 -20.48
N SER K 243 35.84 78.11 -21.33
CA SER K 243 37.22 77.86 -20.92
C SER K 243 37.79 78.96 -20.03
N THR K 244 37.19 80.15 -20.02
CA THR K 244 37.70 81.26 -19.21
C THR K 244 36.54 82.00 -18.57
N ILE K 245 36.82 82.65 -17.45
CA ILE K 245 35.85 83.49 -16.76
C ILE K 245 36.34 84.93 -16.83
N LEU K 246 35.38 85.85 -16.92
CA LEU K 246 35.66 87.28 -17.03
C LEU K 246 35.24 87.97 -15.74
N HIS K 247 36.24 88.44 -14.97
CA HIS K 247 35.94 89.07 -13.69
C HIS K 247 35.70 90.56 -13.85
N ASN K 248 36.73 91.30 -14.27
CA ASN K 248 36.59 92.71 -14.64
C ASN K 248 37.55 92.98 -15.80
N GLY K 249 37.04 92.88 -17.03
CA GLY K 249 37.84 93.18 -18.20
C GLY K 249 38.78 92.05 -18.62
N ARG K 250 39.23 91.26 -17.66
CA ARG K 250 40.21 90.21 -17.90
C ARG K 250 39.52 88.86 -18.05
N GLU K 251 40.20 87.94 -18.74
CA GLU K 251 39.73 86.57 -18.94
C GLU K 251 40.68 85.63 -18.20
N TYR K 252 40.21 85.05 -17.11
CA TYR K 252 41.01 84.15 -16.28
C TYR K 252 40.69 82.70 -16.62
N GLY K 253 41.73 81.88 -16.71
CA GLY K 253 41.55 80.47 -16.93
C GLY K 253 41.30 79.71 -15.64
N PHE K 254 40.59 78.59 -15.75
CA PHE K 254 40.23 77.77 -14.61
C PHE K 254 41.32 76.78 -14.21
N ALA K 255 42.33 76.59 -15.05
CA ALA K 255 43.33 75.56 -14.77
C ALA K 255 44.16 75.92 -13.55
N THR K 256 44.66 74.89 -12.87
CA THR K 256 45.52 75.02 -11.71
C THR K 256 46.57 73.93 -11.76
N VAL K 257 47.40 73.87 -10.71
CA VAL K 257 48.44 72.86 -10.62
C VAL K 257 47.89 71.63 -9.91
N TRP K 258 48.30 70.46 -10.37
CA TRP K 258 47.85 69.19 -9.82
C TRP K 258 49.04 68.40 -9.30
N PRO K 259 48.89 67.71 -8.15
CA PRO K 259 50.04 66.94 -7.63
C PRO K 259 50.53 65.86 -8.59
N ILE K 260 49.63 65.01 -9.06
CA ILE K 260 50.01 63.86 -9.87
C ILE K 260 50.19 64.30 -11.32
N ASP K 261 51.09 63.62 -12.02
CA ASP K 261 51.37 63.96 -13.41
C ASP K 261 50.12 63.80 -14.27
N ASP K 262 49.39 62.70 -14.08
CA ASP K 262 48.13 62.47 -14.80
C ASP K 262 47.00 62.96 -13.91
N LYS K 263 46.48 64.15 -14.22
CA LYS K 263 45.45 64.80 -13.42
C LYS K 263 44.06 64.24 -13.69
N TYR K 264 43.91 63.45 -14.76
CA TYR K 264 42.67 62.83 -15.21
C TYR K 264 42.61 61.35 -14.84
N SER K 265 43.48 60.91 -13.95
CA SER K 265 43.52 59.53 -13.53
C SER K 265 42.57 59.32 -12.36
N GLN K 266 42.13 58.07 -12.17
CA GLN K 266 41.19 57.79 -11.10
C GLN K 266 41.85 57.93 -9.74
N GLU K 267 43.16 57.72 -9.66
CA GLU K 267 43.89 58.04 -8.43
C GLU K 267 43.81 59.53 -8.13
N SER K 268 44.02 60.37 -9.14
CA SER K 268 43.93 61.81 -8.94
C SER K 268 42.52 62.21 -8.52
N GLU K 269 41.51 61.63 -9.18
CA GLU K 269 40.13 61.93 -8.82
C GLU K 269 39.84 61.54 -7.37
N PHE K 270 40.30 60.35 -6.97
CA PHE K 270 40.08 59.89 -5.60
C PHE K 270 40.79 60.81 -4.60
N CYS K 271 42.03 61.20 -4.90
CA CYS K 271 42.76 62.08 -4.00
C CYS K 271 42.05 63.42 -3.84
N TRP K 272 41.61 64.00 -4.97
CA TRP K 272 40.91 65.28 -4.90
C TRP K 272 39.62 65.17 -4.11
N LEU K 273 38.83 64.12 -4.36
CA LEU K 273 37.57 63.97 -3.65
C LEU K 273 37.79 63.73 -2.16
N THR K 274 38.80 62.93 -1.82
CA THR K 274 39.10 62.70 -0.41
C THR K 274 39.51 63.99 0.29
N GLY K 275 40.37 64.79 -0.36
CA GLY K 275 40.74 66.06 0.23
C GLY K 275 39.56 66.99 0.38
N LEU K 276 38.70 67.06 -0.63
CA LEU K 276 37.53 67.93 -0.56
C LEU K 276 36.61 67.53 0.58
N LEU K 277 36.34 66.23 0.71
CA LEU K 277 35.46 65.77 1.77
C LEU K 277 36.10 65.93 3.15
N GLU K 278 37.43 65.76 3.24
CA GLU K 278 38.11 66.01 4.51
C GLU K 278 37.97 67.47 4.91
N LYS K 279 38.13 68.39 3.95
CA LYS K 279 37.98 69.81 4.26
C LYS K 279 36.53 70.15 4.60
N TRP K 280 35.56 69.48 3.96
CA TRP K 280 34.15 69.71 4.21
C TRP K 280 33.57 68.72 5.22
N ARG K 281 34.42 68.12 6.06
CA ARG K 281 33.95 67.12 7.01
C ARG K 281 32.78 67.61 7.84
N PHE K 282 32.90 68.82 8.40
CA PHE K 282 31.90 69.35 9.33
C PHE K 282 30.84 70.19 8.62
N ASN K 283 31.24 71.00 7.65
CA ASN K 283 30.32 71.75 6.79
C ASN K 283 30.98 72.00 5.46
N ALA K 284 30.27 72.70 4.58
CA ALA K 284 30.79 73.13 3.28
C ALA K 284 30.09 74.41 2.86
N PRO K 285 30.76 75.27 2.08
CA PRO K 285 30.06 76.41 1.48
C PRO K 285 28.95 75.92 0.57
N GLU K 286 27.83 76.64 0.59
CA GLU K 286 26.66 76.20 -0.19
C GLU K 286 26.98 76.19 -1.68
N GLY K 287 27.65 77.23 -2.18
CA GLY K 287 27.92 77.30 -3.61
C GLY K 287 28.86 76.20 -4.08
N LEU K 288 29.94 75.96 -3.33
CA LEU K 288 30.89 74.93 -3.73
C LEU K 288 30.29 73.54 -3.57
N GLU K 289 29.46 73.33 -2.54
CA GLU K 289 28.76 72.06 -2.41
C GLU K 289 27.82 71.84 -3.59
N ARG K 290 27.14 72.89 -4.03
CA ARG K 290 26.29 72.77 -5.21
C ARG K 290 27.12 72.50 -6.46
N LEU K 291 28.32 73.07 -6.55
CA LEU K 291 29.20 72.76 -7.67
C LEU K 291 29.57 71.28 -7.67
N LEU K 292 29.90 70.73 -6.50
CA LEU K 292 30.17 69.30 -6.39
C LEU K 292 28.96 68.48 -6.80
N TRP K 293 27.77 68.90 -6.35
CA TRP K 293 26.54 68.22 -6.73
C TRP K 293 26.35 68.21 -8.23
N ILE K 294 26.59 69.36 -8.88
CA ILE K 294 26.44 69.45 -10.32
C ILE K 294 27.46 68.56 -11.03
N TYR K 295 28.69 68.53 -10.51
CA TYR K 295 29.71 67.66 -11.10
C TYR K 295 29.28 66.20 -11.03
N LEU K 296 28.80 65.77 -9.86
CA LEU K 296 28.35 64.39 -9.71
C LEU K 296 27.18 64.08 -10.64
N LEU K 297 26.23 65.01 -10.73
CA LEU K 297 25.07 64.79 -11.60
C LEU K 297 25.50 64.69 -13.07
N ILE K 298 26.41 65.56 -13.50
CA ILE K 298 26.88 65.52 -14.88
C ILE K 298 27.61 64.21 -15.15
N GLN K 299 28.46 63.79 -14.22
CA GLN K 299 29.19 62.52 -14.41
C GLN K 299 28.20 61.37 -14.52
N ASN K 300 27.21 61.32 -13.64
CA ASN K 300 26.26 60.20 -13.66
C ASN K 300 25.41 60.21 -14.92
N GLN K 301 24.99 61.40 -15.38
CA GLN K 301 24.24 61.48 -16.63
C GLN K 301 25.08 61.00 -17.80
N TYR K 302 26.33 61.43 -17.87
CA TYR K 302 27.21 61.00 -18.95
C TYR K 302 27.40 59.49 -18.93
N LEU K 303 27.60 58.92 -17.74
CA LEU K 303 27.78 57.46 -17.64
C LEU K 303 26.52 56.72 -18.04
N THR K 304 25.35 57.23 -17.64
CA THR K 304 24.09 56.62 -18.06
C THR K 304 23.97 56.60 -19.59
N LEU K 305 24.22 57.75 -20.22
CA LEU K 305 24.16 57.82 -21.68
C LEU K 305 25.16 56.86 -22.31
N LEU K 306 26.38 56.82 -21.78
CA LEU K 306 27.41 55.96 -22.36
C LEU K 306 27.05 54.48 -22.24
N VAL K 307 26.57 54.04 -21.07
CA VAL K 307 26.23 52.64 -20.90
C VAL K 307 25.03 52.26 -21.77
N GLN K 308 24.09 53.18 -21.95
CA GLN K 308 22.92 52.84 -22.76
C GLN K 308 23.17 52.94 -24.25
N ARG K 309 24.34 53.41 -24.68
CA ARG K 309 24.69 53.35 -26.10
C ARG K 309 24.93 51.91 -26.53
N THR K 322 33.51 55.82 -32.28
CA THR K 322 34.55 55.03 -32.93
C THR K 322 35.85 55.66 -32.53
N MET K 323 35.79 56.99 -32.46
CA MET K 323 36.98 57.82 -32.38
C MET K 323 37.61 57.77 -31.01
N THR K 324 36.83 58.08 -29.97
CA THR K 324 37.31 57.91 -28.60
C THR K 324 37.81 56.49 -28.41
N GLU K 325 37.22 55.53 -29.10
CA GLU K 325 37.73 54.17 -29.07
C GLU K 325 39.09 54.06 -29.75
N LEU K 326 39.27 54.77 -30.87
CA LEU K 326 40.60 54.80 -31.50
C LEU K 326 41.63 55.27 -30.51
N ARG K 327 41.26 56.19 -29.64
CA ARG K 327 42.20 56.70 -28.65
C ARG K 327 42.59 55.65 -27.62
N GLU K 328 41.90 54.51 -27.59
CA GLU K 328 42.33 53.35 -26.82
C GLU K 328 43.23 52.41 -27.62
N GLU K 329 43.96 52.95 -28.60
CA GLU K 329 44.86 52.19 -29.45
C GLU K 329 46.32 52.41 -29.09
N THR K 330 46.59 52.61 -27.80
CA THR K 330 47.93 52.69 -27.26
C THR K 330 48.15 51.56 -26.27
N GLU K 331 49.40 51.34 -25.89
CA GLU K 331 49.71 50.29 -24.92
C GLU K 331 49.57 50.78 -23.49
N LYS K 332 48.46 51.47 -23.19
CA LYS K 332 48.03 52.04 -21.91
C LYS K 332 46.71 51.49 -21.44
N SER K 333 45.68 51.57 -22.28
CA SER K 333 44.39 51.03 -21.90
C SER K 333 44.48 49.52 -21.71
N TYR K 334 45.24 48.84 -22.57
CA TYR K 334 45.40 47.40 -22.42
C TYR K 334 46.27 47.05 -21.22
N LEU K 335 47.31 47.84 -20.95
CA LEU K 335 48.13 47.59 -19.76
C LEU K 335 47.29 47.75 -18.50
N SER K 336 46.46 48.80 -18.44
CA SER K 336 45.56 48.98 -17.30
C SER K 336 44.55 47.84 -17.23
N ARG K 337 44.05 47.40 -18.38
CA ARG K 337 43.14 46.27 -18.42
C ARG K 337 43.76 45.04 -17.77
N PHE K 338 45.00 44.73 -18.14
CA PHE K 338 45.66 43.54 -17.60
C PHE K 338 46.00 43.71 -16.13
N LYS K 339 46.47 44.90 -15.74
CA LYS K 339 46.74 45.15 -14.33
C LYS K 339 45.48 45.04 -13.49
N HIS K 340 44.34 45.45 -14.04
CA HIS K 340 43.07 45.38 -13.33
C HIS K 340 42.56 43.94 -13.24
N ALA K 341 42.68 43.18 -14.34
CA ALA K 341 42.32 41.77 -14.29
C ALA K 341 43.17 41.05 -13.25
N HIS K 342 44.47 41.33 -13.23
CA HIS K 342 45.30 40.94 -12.09
C HIS K 342 44.83 41.70 -10.86
N GLY K 343 44.75 40.99 -9.74
CA GLY K 343 44.34 41.63 -8.50
C GLY K 343 45.42 42.53 -7.94
N ALA K 344 45.33 42.82 -6.65
CA ALA K 344 46.38 43.56 -5.96
C ALA K 344 47.48 42.66 -5.43
N GLY K 345 47.32 41.34 -5.54
CA GLY K 345 48.29 40.40 -5.04
C GLY K 345 49.31 40.00 -6.09
N VAL K 346 50.21 39.11 -5.68
CA VAL K 346 51.28 38.64 -6.56
C VAL K 346 50.72 37.76 -7.67
N TYR K 347 49.77 36.91 -7.33
CA TYR K 347 49.16 35.96 -8.25
C TYR K 347 47.84 36.52 -8.79
N SER K 348 47.67 36.46 -10.10
CA SER K 348 46.55 37.11 -10.74
C SER K 348 45.23 36.46 -10.34
N GLN K 349 44.21 37.29 -10.13
CA GLN K 349 42.86 36.82 -9.88
C GLN K 349 42.25 36.15 -11.11
N VAL K 350 42.61 36.61 -12.30
CA VAL K 350 42.06 36.13 -13.56
C VAL K 350 43.15 35.33 -14.26
N ARG K 351 42.85 34.08 -14.60
CA ARG K 351 43.83 33.21 -15.23
C ARG K 351 43.78 33.28 -16.76
N TYR K 352 42.62 33.00 -17.34
CA TYR K 352 42.47 32.95 -18.80
C TYR K 352 41.56 34.10 -19.23
N LEU K 353 42.13 35.11 -19.88
CA LEU K 353 41.40 36.29 -20.30
C LEU K 353 41.24 36.28 -21.82
N GLU K 354 40.00 36.35 -22.27
CA GLU K 354 39.68 36.55 -23.68
C GLU K 354 39.47 38.05 -23.89
N GLY K 355 40.20 38.62 -24.84
CA GLY K 355 40.24 40.02 -25.24
C GLY K 355 39.67 40.20 -26.64
N ARG K 356 38.52 40.86 -26.71
CA ARG K 356 37.77 41.01 -27.95
C ARG K 356 37.91 42.42 -28.48
N PHE K 357 38.26 42.55 -29.75
CA PHE K 357 38.49 43.86 -30.35
C PHE K 357 37.89 43.90 -31.75
N ALA K 358 37.45 45.09 -32.16
CA ALA K 358 36.89 45.24 -33.49
C ALA K 358 37.98 45.22 -34.54
N PRO K 359 37.88 44.37 -35.57
CA PRO K 359 38.93 44.35 -36.61
C PRO K 359 38.82 45.56 -37.53
N LYS K 360 39.95 46.17 -37.82
CA LYS K 360 39.98 47.38 -38.62
C LYS K 360 40.08 47.06 -40.11
N SER K 361 39.45 47.93 -40.92
CA SER K 361 39.43 47.78 -42.36
C SER K 361 40.70 48.31 -43.01
N ASP K 362 41.60 48.91 -42.24
CA ASP K 362 42.88 49.40 -42.74
C ASP K 362 43.99 48.52 -42.19
N PRO K 363 44.82 47.90 -43.05
CA PRO K 363 45.88 47.02 -42.52
C PRO K 363 46.78 47.71 -41.52
N ASN K 364 47.12 48.97 -41.79
CA ASN K 364 47.91 49.77 -40.85
C ASN K 364 47.22 49.86 -39.49
N LYS K 365 45.94 50.23 -39.47
CA LYS K 365 45.23 50.36 -38.20
C LYS K 365 45.14 49.02 -37.48
N MET K 366 44.99 47.93 -38.23
CA MET K 366 44.93 46.62 -37.60
C MET K 366 46.25 46.23 -36.97
N GLN K 367 47.35 46.38 -37.72
CA GLN K 367 48.67 46.14 -37.15
C GLN K 367 48.85 47.01 -35.92
N LYS K 368 48.36 48.23 -35.99
CA LYS K 368 48.49 49.20 -34.92
C LYS K 368 47.81 48.72 -33.65
N LEU K 369 46.54 48.35 -33.78
CA LEU K 369 45.78 47.88 -32.64
C LEU K 369 46.42 46.64 -32.04
N LEU K 370 46.88 45.72 -32.89
CA LEU K 370 47.43 44.47 -32.37
C LEU K 370 48.77 44.68 -31.69
N PHE K 371 49.62 45.55 -32.24
CA PHE K 371 50.86 45.88 -31.56
C PHE K 371 50.58 46.51 -30.22
N SER K 372 49.60 47.41 -30.15
CA SER K 372 49.26 48.02 -28.87
C SER K 372 48.85 46.97 -27.86
N VAL K 373 47.97 46.05 -28.25
CA VAL K 373 47.49 45.03 -27.31
C VAL K 373 48.64 44.15 -26.84
N LEU K 374 49.44 43.65 -27.79
CA LEU K 374 50.51 42.74 -27.45
C LEU K 374 51.57 43.42 -26.58
N ARG K 375 51.88 44.69 -26.86
CA ARG K 375 52.89 45.38 -26.07
C ARG K 375 52.37 45.69 -24.67
N GLY K 376 51.09 46.03 -24.54
CA GLY K 376 50.53 46.19 -23.21
C GLY K 376 50.60 44.89 -22.41
N TYR K 377 50.28 43.77 -23.06
CA TYR K 377 50.40 42.48 -22.39
C TYR K 377 51.84 42.21 -21.98
N TRP K 378 52.80 42.52 -22.85
CA TRP K 378 54.20 42.28 -22.52
C TRP K 378 54.66 43.14 -21.35
N GLU K 379 54.25 44.41 -21.32
CA GLU K 379 54.60 45.28 -20.20
C GLU K 379 54.00 44.75 -18.90
N TYR K 380 52.73 44.32 -18.95
CA TYR K 380 52.11 43.74 -17.78
C TYR K 380 52.88 42.53 -17.28
N LEU K 381 53.32 41.67 -18.20
CA LEU K 381 54.09 40.50 -17.80
C LEU K 381 55.46 40.90 -17.24
N SER K 382 56.11 41.90 -17.83
CA SER K 382 57.40 42.36 -17.35
C SER K 382 57.30 42.92 -15.95
N ALA K 383 56.16 43.49 -15.58
CA ALA K 383 55.97 43.98 -14.22
C ALA K 383 55.70 42.88 -13.21
N HIS K 384 55.66 41.62 -13.63
CA HIS K 384 55.40 40.51 -12.72
C HIS K 384 56.39 39.35 -12.83
N MET K 385 57.25 39.33 -13.85
CA MET K 385 58.32 38.33 -13.91
C MET K 385 59.59 38.97 -14.44
N SER K 386 60.72 38.43 -14.01
CA SER K 386 62.04 38.87 -14.43
C SER K 386 62.70 37.77 -15.26
N MET K 387 63.07 38.10 -16.49
CA MET K 387 63.68 37.13 -17.40
C MET K 387 64.40 37.89 -18.50
N GLU K 388 65.27 37.17 -19.20
CA GLU K 388 65.97 37.74 -20.35
C GLU K 388 64.97 37.97 -21.47
N TRP K 389 64.70 39.24 -21.78
CA TRP K 389 63.59 39.62 -22.64
C TRP K 389 64.01 39.82 -24.10
N VAL K 390 65.22 39.43 -24.48
CA VAL K 390 65.72 39.60 -25.84
C VAL K 390 65.72 41.08 -26.19
N HIS K 391 64.61 41.57 -26.75
CA HIS K 391 64.42 42.98 -27.04
C HIS K 391 63.86 43.65 -25.79
N GLU K 392 64.70 44.42 -25.10
CA GLU K 392 64.24 45.09 -23.89
C GLU K 392 63.18 46.13 -24.22
N LYS K 393 63.20 46.66 -25.44
CA LYS K 393 62.26 47.68 -25.88
C LYS K 393 61.68 47.28 -27.24
N PRO K 394 60.73 46.35 -27.26
CA PRO K 394 60.15 45.96 -28.55
C PRO K 394 59.45 47.12 -29.23
N LEU K 395 59.59 47.18 -30.55
CA LEU K 395 58.96 48.21 -31.38
C LEU K 395 58.00 47.64 -32.40
N THR K 396 58.11 46.36 -32.73
CA THR K 396 57.29 45.73 -33.75
C THR K 396 56.62 44.49 -33.17
N ILE K 397 55.58 44.04 -33.87
CA ILE K 397 54.85 42.85 -33.45
C ILE K 397 55.78 41.65 -33.41
N SER K 398 56.71 41.57 -34.36
CA SER K 398 57.66 40.46 -34.36
C SER K 398 58.52 40.47 -33.10
N GLN K 399 59.00 41.64 -32.69
CA GLN K 399 59.80 41.73 -31.47
C GLN K 399 58.97 41.40 -30.23
N VAL K 400 57.74 41.89 -30.18
CA VAL K 400 56.88 41.57 -29.03
C VAL K 400 56.62 40.08 -28.96
N LEU K 401 56.44 39.42 -30.11
CA LEU K 401 56.23 37.98 -30.13
C LEU K 401 57.49 37.23 -29.72
N ASP K 402 58.66 37.71 -30.15
CA ASP K 402 59.91 37.13 -29.67
C ASP K 402 59.98 37.21 -28.15
N ASN K 403 59.58 38.34 -27.58
CA ASN K 403 59.53 38.47 -26.13
C ASN K 403 58.55 37.46 -25.52
N LEU K 404 57.35 37.37 -26.07
CA LEU K 404 56.30 36.58 -25.45
C LEU K 404 56.51 35.08 -25.59
N GLU K 405 57.31 34.65 -26.58
CA GLU K 405 57.57 33.22 -26.74
C GLU K 405 58.25 32.63 -25.52
N LEU K 406 58.96 33.44 -24.75
CA LEU K 406 59.69 32.97 -23.57
C LEU K 406 58.79 32.78 -22.36
N VAL K 407 57.55 33.24 -22.40
CA VAL K 407 56.67 33.21 -21.25
C VAL K 407 56.04 31.83 -21.13
N GLU K 408 56.23 31.19 -19.99
CA GLU K 408 55.66 29.88 -19.73
C GLU K 408 54.31 30.01 -19.05
N PRO K 409 53.38 29.07 -19.28
CA PRO K 409 52.07 29.15 -18.62
C PRO K 409 52.13 28.66 -17.17
N HIS K 410 52.95 29.32 -16.38
CA HIS K 410 53.08 28.95 -14.97
C HIS K 410 51.76 29.16 -14.23
N GLY K 411 51.06 30.24 -14.52
CA GLY K 411 49.80 30.57 -13.87
C GLY K 411 49.85 31.79 -12.98
N LYS K 412 51.00 32.47 -12.90
CA LYS K 412 51.12 33.64 -12.05
C LYS K 412 50.30 34.81 -12.59
N CYS K 413 50.35 35.03 -13.90
CA CYS K 413 49.76 36.19 -14.55
C CYS K 413 48.60 35.76 -15.43
N VAL K 414 47.94 36.75 -16.04
CA VAL K 414 46.86 36.47 -16.98
C VAL K 414 47.46 35.88 -18.25
N GLU K 415 46.66 35.08 -18.93
CA GLU K 415 47.02 34.52 -20.23
C GLU K 415 46.01 35.03 -21.25
N LEU K 416 46.51 35.74 -22.25
CA LEU K 416 45.68 36.47 -23.20
C LEU K 416 45.29 35.60 -24.38
N ALA K 417 44.05 35.70 -24.80
CA ALA K 417 43.59 35.12 -26.06
C ALA K 417 42.78 36.18 -26.80
N LEU K 418 43.26 36.59 -27.97
CA LEU K 418 42.64 37.66 -28.72
C LEU K 418 41.58 37.11 -29.66
N VAL K 419 40.44 37.78 -29.69
CA VAL K 419 39.30 37.41 -30.53
C VAL K 419 38.83 38.64 -31.28
N PRO K 420 39.10 38.75 -32.58
CA PRO K 420 38.47 39.83 -33.36
C PRO K 420 36.96 39.65 -33.48
N HIS K 421 36.27 40.78 -33.45
CA HIS K 421 34.83 40.85 -33.65
C HIS K 421 34.50 40.68 -35.13
N PHE K 422 33.21 40.72 -35.43
CA PHE K 422 32.72 41.06 -36.76
C PHE K 422 31.37 41.74 -36.53
N ILE K 423 31.33 43.05 -36.78
CA ILE K 423 30.13 43.85 -36.53
C ILE K 423 29.19 43.68 -37.70
N LYS K 424 27.97 43.20 -37.43
CA LYS K 424 26.95 43.03 -38.46
C LYS K 424 26.09 44.29 -38.53
N ARG K 425 25.87 44.77 -39.74
CA ARG K 425 25.09 45.97 -39.99
C ARG K 425 23.83 45.61 -40.77
N LYS K 426 22.81 46.46 -40.65
CA LYS K 426 21.56 46.22 -41.36
C LYS K 426 21.79 46.30 -42.87
N PRO K 427 21.04 45.51 -43.64
CA PRO K 427 21.18 45.58 -45.11
C PRO K 427 20.75 46.95 -45.62
N LYS K 428 21.37 47.37 -46.72
CA LYS K 428 21.11 48.69 -47.27
C LYS K 428 20.05 48.60 -48.38
N ASN K 429 19.67 49.78 -48.87
CA ASN K 429 18.53 49.88 -49.78
C ASN K 429 18.75 49.07 -51.05
N GLY K 430 19.92 49.22 -51.67
CA GLY K 430 20.20 48.57 -52.93
C GLY K 430 21.49 47.80 -52.96
N GLU K 431 21.41 46.49 -53.18
CA GLU K 431 22.58 45.64 -53.32
C GLU K 431 22.19 44.39 -54.08
N ALA K 432 23.21 43.68 -54.56
CA ALA K 432 22.96 42.48 -55.36
C ALA K 432 22.14 41.46 -54.58
N TYR K 433 22.55 41.16 -53.35
CA TYR K 433 21.85 40.26 -52.46
C TYR K 433 21.87 40.86 -51.06
N PRO K 434 20.98 40.40 -50.19
CA PRO K 434 20.95 40.99 -48.83
C PRO K 434 22.29 40.85 -48.14
N HIS K 435 22.69 41.93 -47.46
CA HIS K 435 23.97 41.98 -46.75
C HIS K 435 25.15 41.76 -47.68
N ALA K 436 25.03 42.18 -48.94
CA ALA K 436 26.16 42.05 -49.87
C ALA K 436 27.30 42.97 -49.45
N LEU K 437 27.01 44.24 -49.17
CA LEU K 437 28.05 45.18 -48.77
C LEU K 437 28.60 44.83 -47.39
N LEU K 438 27.74 44.36 -46.48
CA LEU K 438 28.23 43.90 -45.20
C LEU K 438 29.16 42.70 -45.34
N PHE K 439 28.74 41.70 -46.11
CA PHE K 439 29.60 40.56 -46.35
C PHE K 439 30.91 41.01 -46.96
N LYS K 440 30.86 42.02 -47.83
CA LYS K 440 32.07 42.62 -48.36
C LYS K 440 32.99 43.11 -47.26
N ASP K 441 32.51 44.07 -46.47
CA ASP K 441 33.35 44.70 -45.47
C ASP K 441 33.96 43.65 -44.56
N LEU K 442 33.15 42.63 -44.22
CA LEU K 442 33.66 41.50 -43.46
C LEU K 442 34.74 40.78 -44.24
N LYS K 443 34.58 40.67 -45.56
CA LYS K 443 35.58 40.00 -46.38
C LYS K 443 36.91 40.74 -46.33
N ASN K 444 36.87 42.07 -46.44
CA ASN K 444 38.10 42.85 -46.39
C ASN K 444 38.76 42.75 -45.02
N GLN K 445 37.95 42.83 -43.96
CA GLN K 445 38.51 42.71 -42.62
C GLN K 445 39.17 41.34 -42.43
N ALA K 446 38.48 40.27 -42.88
CA ALA K 446 39.04 38.94 -42.76
C ALA K 446 40.29 38.80 -43.62
N ALA K 447 40.32 39.43 -44.79
CA ALA K 447 41.52 39.40 -45.61
C ALA K 447 42.69 40.04 -44.88
N ILE K 448 42.46 41.21 -44.26
CA ILE K 448 43.52 41.85 -43.50
C ILE K 448 44.01 40.92 -42.39
N LEU K 449 43.07 40.28 -41.69
CA LEU K 449 43.45 39.38 -40.61
C LEU K 449 44.29 38.22 -41.12
N MET K 450 43.88 37.62 -42.24
CA MET K 450 44.61 36.49 -42.80
C MET K 450 46.01 36.90 -43.29
N ASP K 451 46.13 38.08 -43.91
CA ASP K 451 47.46 38.55 -44.29
C ASP K 451 48.35 38.78 -43.08
N MET K 452 47.77 39.30 -41.99
CA MET K 452 48.54 39.43 -40.75
C MET K 452 49.02 38.07 -40.27
N LEU K 453 48.10 37.10 -40.16
CA LEU K 453 48.48 35.78 -39.69
C LEU K 453 49.53 35.16 -40.58
N LYS K 454 49.43 35.37 -41.90
CA LYS K 454 50.49 34.91 -42.79
C LYS K 454 51.82 35.54 -42.42
N SER K 455 51.91 36.85 -42.60
CA SER K 455 53.19 37.54 -42.45
C SER K 455 53.79 37.31 -41.09
N GLU K 456 53.00 36.79 -40.15
CA GLU K 456 53.50 36.42 -38.82
C GLU K 456 52.73 35.19 -38.34
N PRO K 457 53.22 33.99 -38.67
CA PRO K 457 52.51 32.78 -38.22
C PRO K 457 52.37 32.68 -36.72
N ARG K 458 53.31 33.25 -35.96
CA ARG K 458 53.24 33.17 -34.50
C ARG K 458 52.00 33.86 -33.95
N LEU K 459 51.36 34.72 -34.73
CA LEU K 459 50.15 35.39 -34.25
C LEU K 459 48.98 34.45 -34.11
N THR K 460 49.08 33.22 -34.61
CA THR K 460 48.02 32.24 -34.39
C THR K 460 47.99 31.74 -32.96
N GLY K 461 49.08 31.90 -32.22
CA GLY K 461 49.10 31.57 -30.81
C GLY K 461 48.50 32.62 -29.91
N TRP K 462 48.12 33.77 -30.46
CA TRP K 462 47.51 34.84 -29.70
C TRP K 462 46.16 35.29 -30.23
N ILE K 463 45.90 35.11 -31.53
CA ILE K 463 44.58 35.35 -32.12
C ILE K 463 43.90 34.00 -32.20
N ARG K 464 43.01 33.72 -31.24
CA ARG K 464 42.32 32.44 -31.14
C ARG K 464 40.82 32.73 -31.11
N GLY K 465 40.24 32.84 -32.29
CA GLY K 465 38.81 32.94 -32.39
C GLY K 465 38.37 34.14 -33.20
N VAL K 466 37.30 33.94 -33.97
CA VAL K 466 36.61 35.05 -34.61
C VAL K 466 35.18 35.05 -34.09
N ASP K 467 34.85 36.04 -33.29
CA ASP K 467 33.50 36.24 -32.80
C ASP K 467 32.76 37.22 -33.71
N ALA K 468 31.48 36.94 -33.96
CA ALA K 468 30.61 37.89 -34.65
C ALA K 468 29.56 38.37 -33.65
N ALA K 469 29.79 39.56 -33.11
CA ALA K 469 28.85 40.23 -32.22
C ALA K 469 28.08 41.27 -33.01
N ALA K 470 27.39 42.17 -32.31
CA ALA K 470 26.52 43.24 -32.78
C ALA K 470 25.08 42.73 -32.81
N ASN K 471 24.18 43.55 -33.33
CA ASN K 471 22.75 43.27 -33.29
C ASN K 471 22.44 42.02 -34.10
N GLU K 472 21.56 41.19 -33.55
CA GLU K 472 21.27 39.90 -34.18
C GLU K 472 20.49 40.10 -35.47
N MET K 473 19.49 40.97 -35.44
CA MET K 473 18.50 41.14 -36.49
C MET K 473 19.09 41.74 -37.75
N HIS K 474 20.32 42.24 -37.67
CA HIS K 474 20.95 42.95 -38.75
C HIS K 474 21.64 42.02 -39.73
N ALA K 475 21.99 40.81 -39.30
CA ALA K 475 22.60 39.81 -40.17
C ALA K 475 22.38 38.43 -39.56
N PRO K 476 21.87 37.47 -40.32
CA PRO K 476 21.64 36.13 -39.77
C PRO K 476 22.94 35.36 -39.66
N PRO K 477 22.97 34.27 -38.88
CA PRO K 477 24.20 33.47 -38.77
C PRO K 477 24.67 32.89 -40.08
N GLU K 478 23.76 32.56 -41.00
CA GLU K 478 24.17 31.91 -42.23
C GLU K 478 25.06 32.80 -43.09
N LEU K 479 25.08 34.10 -42.84
CA LEU K 479 25.92 35.01 -43.64
C LEU K 479 27.39 34.85 -43.30
N PHE K 480 27.73 34.47 -42.07
CA PHE K 480 29.11 34.40 -41.61
C PHE K 480 29.75 33.04 -41.84
N CYS K 481 28.99 32.04 -42.31
CA CYS K 481 29.55 30.71 -42.46
C CYS K 481 30.73 30.66 -43.42
N PRO K 482 30.65 31.22 -44.63
CA PRO K 482 31.83 31.21 -45.51
C PRO K 482 33.04 31.87 -44.89
N LEU K 483 32.82 33.00 -44.23
CA LEU K 483 33.91 33.72 -43.59
C LEU K 483 34.57 32.86 -42.52
N PHE K 484 33.77 32.21 -41.68
CA PHE K 484 34.31 31.39 -40.61
C PHE K 484 35.06 30.18 -41.16
N ARG K 485 34.55 29.57 -42.23
CA ARG K 485 35.25 28.46 -42.85
C ARG K 485 36.63 28.90 -43.38
N VAL K 486 36.65 30.01 -44.12
CA VAL K 486 37.92 30.49 -44.67
C VAL K 486 38.89 30.83 -43.55
N LEU K 487 38.40 31.45 -42.48
CA LEU K 487 39.28 31.77 -41.35
C LEU K 487 39.80 30.51 -40.67
N ALA K 488 38.94 29.51 -40.50
CA ALA K 488 39.37 28.23 -39.96
C ALA K 488 40.58 27.72 -40.72
N LYS K 489 40.55 27.80 -42.04
CA LYS K 489 41.70 27.37 -42.83
C LYS K 489 42.88 28.32 -42.73
N SER K 490 42.63 29.63 -42.62
CA SER K 490 43.72 30.57 -42.45
C SER K 490 44.42 30.40 -41.11
N GLY K 491 43.85 29.59 -40.22
CA GLY K 491 44.51 29.24 -38.97
C GLY K 491 43.81 29.73 -37.73
N ILE K 492 42.57 30.19 -37.86
CA ILE K 492 41.81 30.69 -36.72
C ILE K 492 41.03 29.54 -36.10
N ALA K 493 41.52 29.05 -34.95
CA ALA K 493 40.81 28.06 -34.16
C ALA K 493 39.74 28.74 -33.33
N HIS K 494 38.67 28.00 -33.03
CA HIS K 494 37.57 28.44 -32.18
C HIS K 494 36.77 29.55 -32.88
N PHE K 495 35.45 29.43 -32.78
CA PHE K 495 34.56 30.41 -33.38
C PHE K 495 33.47 30.78 -32.38
N THR K 496 33.03 32.04 -32.44
CA THR K 496 31.98 32.50 -31.55
C THR K 496 31.00 33.35 -32.34
N TYR K 497 29.75 33.34 -31.89
CA TYR K 497 28.70 34.06 -32.62
C TYR K 497 27.56 34.38 -31.65
N HIS K 498 27.25 35.66 -31.50
CA HIS K 498 26.16 36.06 -30.63
C HIS K 498 24.83 35.59 -31.19
N VAL K 499 24.07 34.84 -30.40
CA VAL K 499 22.75 34.35 -30.80
C VAL K 499 21.82 34.40 -29.59
N GLY K 500 20.53 34.63 -29.88
CA GLY K 500 19.50 34.59 -28.86
C GLY K 500 19.38 35.82 -27.98
N GLU K 501 20.15 36.87 -28.26
CA GLU K 501 20.11 38.07 -27.41
C GLU K 501 18.80 38.85 -27.60
N ASP K 502 18.57 39.38 -28.80
CA ASP K 502 17.36 40.12 -29.11
C ASP K 502 16.70 39.49 -30.32
N PHE K 503 15.40 39.21 -30.19
CA PHE K 503 14.63 38.48 -31.19
C PHE K 503 13.22 39.05 -31.25
N PRO K 504 12.60 39.10 -32.44
CA PRO K 504 11.20 39.53 -32.49
C PRO K 504 10.27 38.59 -31.77
N HIS K 505 10.63 37.32 -31.66
CA HIS K 505 9.82 36.32 -30.98
C HIS K 505 10.75 35.29 -30.36
N LEU K 506 10.26 34.64 -29.31
CA LEU K 506 11.05 33.61 -28.65
C LEU K 506 11.33 32.45 -29.60
N ILE K 507 10.34 32.08 -30.40
CA ILE K 507 10.55 31.07 -31.43
C ILE K 507 11.62 31.53 -32.41
N SER K 508 11.61 32.82 -32.75
CA SER K 508 12.64 33.36 -33.64
C SER K 508 14.04 33.23 -33.03
N GLY K 509 14.17 33.52 -31.75
CA GLY K 509 15.46 33.38 -31.10
C GLY K 509 15.95 31.93 -31.05
N ILE K 510 15.04 31.02 -30.70
CA ILE K 510 15.39 29.60 -30.68
C ILE K 510 15.81 29.14 -32.07
N ARG K 511 15.07 29.59 -33.09
CA ARG K 511 15.40 29.24 -34.46
C ARG K 511 16.76 29.80 -34.85
N SER K 512 17.08 31.01 -34.39
CA SER K 512 18.37 31.60 -34.68
C SER K 512 19.50 30.77 -34.08
N ILE K 513 19.31 30.32 -32.84
CA ILE K 513 20.34 29.47 -32.22
C ILE K 513 20.49 28.17 -33.00
N ASP K 514 19.37 27.56 -33.42
CA ASP K 514 19.45 26.32 -34.18
C ASP K 514 20.15 26.53 -35.53
N ASP K 515 19.85 27.65 -36.19
CA ASP K 515 20.51 27.97 -37.45
C ASP K 515 22.01 28.15 -37.26
N ALA K 516 22.40 28.84 -36.18
CA ALA K 516 23.81 28.97 -35.87
C ALA K 516 24.46 27.60 -35.68
N LEU K 517 23.76 26.72 -34.96
CA LEU K 517 24.31 25.38 -34.74
C LEU K 517 24.50 24.62 -36.03
N ARG K 518 23.50 24.63 -36.91
CA ARG K 518 23.50 23.76 -38.08
C ARG K 518 24.07 24.43 -39.33
N PHE K 519 24.55 25.67 -39.23
CA PHE K 519 25.19 26.33 -40.36
C PHE K 519 26.61 26.77 -40.07
N LEU K 520 26.88 27.31 -38.88
CA LEU K 520 28.23 27.75 -38.58
C LEU K 520 29.16 26.56 -38.40
N PRO K 521 30.45 26.71 -38.72
CA PRO K 521 31.41 25.61 -38.54
C PRO K 521 31.88 25.49 -37.09
N LEU K 522 30.93 25.28 -36.19
CA LEU K 522 31.24 25.16 -34.77
C LEU K 522 31.71 23.74 -34.48
N ARG K 523 32.94 23.62 -33.99
CA ARG K 523 33.54 22.33 -33.69
C ARG K 523 33.33 22.01 -32.22
N ASN K 524 33.88 20.88 -31.77
CA ASN K 524 33.78 20.50 -30.37
C ASN K 524 34.54 21.48 -29.51
N GLY K 525 33.90 21.98 -28.47
CA GLY K 525 34.51 22.92 -27.56
C GLY K 525 34.29 24.38 -27.89
N ASP K 526 33.59 24.69 -28.98
CA ASP K 526 33.32 26.07 -29.33
C ASP K 526 32.22 26.64 -28.45
N ARG K 527 32.13 27.96 -28.43
CA ARG K 527 31.14 28.68 -27.64
C ARG K 527 30.29 29.55 -28.55
N LEU K 528 29.01 29.68 -28.19
CA LEU K 528 28.09 30.48 -29.00
C LEU K 528 27.98 31.92 -28.51
N GLY K 529 27.49 32.12 -27.30
CA GLY K 529 27.23 33.46 -26.83
C GLY K 529 26.18 33.52 -25.74
N HIS K 530 25.30 34.51 -25.80
CA HIS K 530 24.30 34.69 -24.76
C HIS K 530 23.26 33.57 -24.78
N CYS K 531 22.70 33.29 -25.96
CA CYS K 531 21.71 32.22 -26.12
C CYS K 531 20.56 32.38 -25.14
N THR K 532 20.10 33.62 -24.97
CA THR K 532 18.99 33.89 -24.04
C THR K 532 17.69 33.21 -24.47
N ALA K 533 17.51 32.95 -25.77
CA ALA K 533 16.23 32.42 -26.23
C ALA K 533 15.96 31.03 -25.69
N ILE K 534 17.00 30.25 -25.39
CA ILE K 534 16.83 28.91 -24.87
C ILE K 534 16.98 28.86 -23.35
N GLY K 535 17.15 30.02 -22.71
CA GLY K 535 17.21 30.07 -21.26
C GLY K 535 16.03 30.77 -20.65
N ILE K 536 15.50 31.77 -21.33
CA ILE K 536 14.35 32.52 -20.84
C ILE K 536 13.10 31.67 -20.99
N THR K 537 12.28 31.62 -19.94
CA THR K 537 11.08 30.83 -20.02
C THR K 537 9.98 31.58 -20.75
N PRO K 538 9.08 30.87 -21.43
CA PRO K 538 7.91 31.55 -22.02
C PRO K 538 7.08 32.27 -20.99
N SER K 539 7.00 31.76 -19.76
CA SER K 539 6.28 32.45 -18.71
C SER K 539 6.88 33.83 -18.49
N ILE K 540 8.12 33.90 -18.03
CA ILE K 540 8.81 35.18 -18.02
C ILE K 540 9.60 35.32 -19.32
N TRP K 541 8.87 35.53 -20.40
CA TRP K 541 9.30 36.30 -21.56
C TRP K 541 8.22 37.23 -22.07
N LYS K 542 6.95 36.94 -21.79
CA LYS K 542 5.81 37.74 -22.18
C LYS K 542 5.17 38.28 -20.91
N ARG K 543 5.68 39.40 -20.43
CA ARG K 543 5.20 40.01 -19.19
C ARG K 543 4.72 41.44 -19.38
N SER K 544 5.32 42.19 -20.30
CA SER K 544 4.83 43.52 -20.67
C SER K 544 4.75 43.65 -22.18
N LEU K 545 4.62 42.53 -22.88
CA LEU K 545 4.67 42.50 -24.33
C LEU K 545 3.26 42.56 -24.91
N PRO K 546 3.08 43.21 -26.06
CA PRO K 546 1.75 43.23 -26.68
C PRO K 546 1.33 41.84 -27.12
N LEU K 547 0.01 41.63 -27.14
CA LEU K 547 -0.53 40.32 -27.47
C LEU K 547 -0.17 39.89 -28.89
N SER K 548 0.23 40.81 -29.75
CA SER K 548 0.68 40.49 -31.10
C SER K 548 2.00 41.18 -31.36
N LEU K 549 2.98 40.42 -31.83
CA LEU K 549 4.30 40.94 -32.18
C LEU K 549 4.49 40.84 -33.69
N SER K 550 5.00 41.90 -34.30
CA SER K 550 5.19 41.94 -35.74
C SER K 550 6.63 41.59 -36.06
N MET K 551 6.82 40.75 -37.08
CA MET K 551 8.14 40.34 -37.53
C MET K 551 8.21 40.51 -39.05
N THR K 552 9.36 40.17 -39.62
CA THR K 552 9.49 40.13 -41.06
C THR K 552 9.03 38.77 -41.59
N LYS K 553 8.58 38.78 -42.85
CA LYS K 553 8.07 37.55 -43.46
C LYS K 553 9.15 36.48 -43.56
N GLU K 554 10.40 36.87 -43.80
CA GLU K 554 11.46 35.88 -43.89
C GLU K 554 11.65 35.18 -42.54
N THR K 555 11.70 35.94 -41.46
CA THR K 555 11.79 35.35 -40.13
C THR K 555 10.57 34.50 -39.81
N ARG K 556 9.38 34.96 -40.19
CA ARG K 556 8.15 34.19 -39.94
C ARG K 556 8.20 32.84 -40.66
N LEU K 557 8.57 32.84 -41.94
CA LEU K 557 8.65 31.59 -42.70
C LEU K 557 9.70 30.67 -42.14
N LEU K 558 10.88 31.20 -41.81
CA LEU K 558 11.93 30.36 -41.24
C LEU K 558 11.50 29.79 -39.89
N ASP K 559 10.81 30.59 -39.07
CA ASP K 559 10.32 30.10 -37.79
C ASP K 559 9.30 28.99 -37.98
N LEU K 560 8.39 29.14 -38.95
CA LEU K 560 7.42 28.09 -39.21
C LEU K 560 8.11 26.79 -39.65
N VAL K 561 9.10 26.91 -40.53
CA VAL K 561 9.83 25.73 -40.98
C VAL K 561 10.55 25.08 -39.81
N PHE K 562 11.15 25.89 -38.93
CA PHE K 562 11.83 25.35 -37.76
C PHE K 562 10.86 24.65 -36.82
N ILE K 563 9.68 25.23 -36.60
CA ILE K 563 8.67 24.60 -35.76
C ILE K 563 8.29 23.25 -36.33
N TRP K 564 8.04 23.20 -37.64
CA TRP K 564 7.70 21.93 -38.28
C TRP K 564 8.83 20.92 -38.09
N ARG K 565 10.07 21.34 -38.36
CA ARG K 565 11.20 20.42 -38.26
C ARG K 565 11.31 19.83 -36.86
N GLU K 566 11.15 20.66 -35.84
CA GLU K 566 11.39 20.23 -34.47
C GLU K 566 10.20 19.52 -33.84
N LEU K 567 8.97 19.77 -34.32
CA LEU K 567 7.78 19.15 -33.74
C LEU K 567 7.17 18.09 -34.64
N ARG K 568 7.82 17.74 -35.75
CA ARG K 568 7.39 16.59 -36.54
C ARG K 568 7.27 15.34 -35.68
N SER K 569 8.33 15.03 -34.92
CA SER K 569 8.43 13.78 -34.20
C SER K 569 7.76 13.82 -32.82
N HIS K 570 7.26 14.98 -32.40
CA HIS K 570 6.66 15.09 -31.08
C HIS K 570 5.21 14.63 -31.16
N PRO K 571 4.85 13.49 -30.55
CA PRO K 571 3.45 13.03 -30.66
C PRO K 571 2.45 14.00 -30.08
N GLU K 572 2.82 14.76 -29.05
CA GLU K 572 1.91 15.67 -28.39
C GLU K 572 1.81 17.03 -29.08
N LEU K 573 2.67 17.31 -30.07
CA LEU K 573 2.71 18.60 -30.73
C LEU K 573 2.57 18.47 -32.25
N LEU K 574 2.01 17.34 -32.70
CA LEU K 574 1.81 17.12 -34.13
C LEU K 574 0.88 18.15 -34.73
N ARG K 575 -0.14 18.58 -33.98
CA ARG K 575 -1.04 19.60 -34.49
C ARG K 575 -0.29 20.89 -34.78
N TYR K 576 0.58 21.31 -33.87
CA TYR K 576 1.37 22.52 -34.08
C TYR K 576 2.32 22.35 -35.25
N ALA K 577 2.93 21.17 -35.38
CA ALA K 577 3.82 20.94 -36.52
C ALA K 577 3.05 21.06 -37.84
N SER K 578 1.86 20.46 -37.91
CA SER K 578 1.07 20.50 -39.14
C SER K 578 0.63 21.92 -39.47
N ASP K 579 0.16 22.67 -38.46
CA ASP K 579 -0.24 24.05 -38.71
C ASP K 579 0.94 24.88 -39.16
N ALA K 580 2.12 24.65 -38.57
CA ALA K 580 3.31 25.36 -39.00
C ALA K 580 3.63 25.05 -40.46
N ALA K 581 3.52 23.78 -40.85
CA ALA K 581 3.78 23.42 -42.24
C ALA K 581 2.81 24.13 -43.19
N ILE K 582 1.53 24.14 -42.83
CA ILE K 582 0.52 24.75 -43.70
C ILE K 582 0.76 26.24 -43.83
N GLU K 583 1.01 26.91 -42.70
CA GLU K 583 1.29 28.34 -42.74
C GLU K 583 2.57 28.65 -43.49
N ALA K 584 3.58 27.79 -43.37
CA ALA K 584 4.84 27.99 -44.10
C ALA K 584 4.61 27.91 -45.59
N VAL K 585 3.85 26.91 -46.04
CA VAL K 585 3.57 26.80 -47.47
C VAL K 585 2.82 28.04 -47.95
N ARG K 586 1.83 28.49 -47.18
CA ARG K 586 1.07 29.69 -47.56
C ARG K 586 1.97 30.91 -47.69
N LEU K 587 2.75 31.18 -46.65
CA LEU K 587 3.58 32.36 -46.66
C LEU K 587 4.63 32.29 -47.77
N ALA K 588 5.15 31.10 -48.03
CA ALA K 588 6.05 30.93 -49.17
C ALA K 588 5.35 31.27 -50.47
N HIS K 589 4.06 30.93 -50.57
CA HIS K 589 3.32 31.20 -51.81
C HIS K 589 3.37 32.67 -52.21
N LYS K 590 3.16 33.60 -51.29
CA LYS K 590 3.36 35.02 -51.71
C LYS K 590 4.83 35.38 -51.73
N VAL K 591 5.60 35.01 -50.71
CA VAL K 591 6.98 35.51 -50.62
C VAL K 591 7.72 35.21 -51.91
N PHE K 592 7.49 34.02 -52.48
CA PHE K 592 8.10 33.64 -53.74
C PHE K 592 7.23 33.95 -54.95
N SER K 593 6.00 34.43 -54.75
CA SER K 593 5.09 34.70 -55.86
C SER K 593 4.96 33.46 -56.74
N LEU K 594 4.84 32.30 -56.10
CA LEU K 594 4.81 31.03 -56.79
C LEU K 594 3.42 30.75 -57.31
N GLU K 595 3.35 30.18 -58.51
CA GLU K 595 2.06 29.76 -59.04
C GLU K 595 1.83 28.29 -58.81
N GLU K 596 2.90 27.51 -58.78
CA GLU K 596 2.86 26.06 -58.63
C GLU K 596 2.71 25.70 -57.15
N GLU K 597 2.87 24.43 -56.83
CA GLU K 597 2.76 23.94 -55.47
C GLU K 597 4.15 23.63 -54.92
N VAL K 598 4.46 24.19 -53.75
CA VAL K 598 5.72 23.97 -53.06
C VAL K 598 5.41 23.31 -51.72
N SER K 599 5.98 22.14 -51.49
CA SER K 599 5.77 21.41 -50.26
C SER K 599 6.74 21.87 -49.18
N ILE K 600 6.41 21.52 -47.93
CA ILE K 600 7.28 21.86 -46.82
C ILE K 600 8.63 21.17 -46.96
N THR K 601 8.65 19.99 -47.59
CA THR K 601 9.91 19.30 -47.84
C THR K 601 10.84 20.13 -48.72
N THR K 602 10.32 20.64 -49.84
CA THR K 602 11.16 21.44 -50.72
C THR K 602 11.46 22.81 -50.10
N LEU K 603 10.58 23.32 -49.25
CA LEU K 603 10.92 24.52 -48.49
C LEU K 603 12.12 24.27 -47.59
N ASP K 604 12.14 23.11 -46.91
CA ASP K 604 13.29 22.73 -46.10
C ASP K 604 14.55 22.61 -46.95
N GLN K 605 14.43 21.99 -48.13
CA GLN K 605 15.58 21.91 -49.02
C GLN K 605 16.09 23.30 -49.38
N VAL K 606 15.17 24.21 -49.70
CA VAL K 606 15.56 25.56 -50.08
C VAL K 606 16.31 26.23 -48.93
N PHE K 607 15.79 26.09 -47.71
CA PHE K 607 16.34 26.82 -46.58
C PHE K 607 17.53 26.12 -45.92
N GLU K 608 17.90 24.91 -46.35
CA GLU K 608 19.16 24.35 -45.89
C GLU K 608 20.35 24.87 -46.68
N MET K 609 20.13 25.65 -47.74
CA MET K 609 21.19 26.17 -48.58
C MET K 609 21.58 27.60 -48.23
N ARG K 610 21.13 28.09 -47.08
CA ARG K 610 21.49 29.43 -46.64
C ARG K 610 22.96 29.54 -46.27
N GLY K 611 23.61 28.43 -45.95
CA GLY K 611 25.03 28.45 -45.64
C GLY K 611 25.93 28.60 -46.84
N LEU K 612 25.38 28.50 -48.05
CA LEU K 612 26.18 28.67 -49.25
C LEU K 612 26.54 30.14 -49.45
N LEU K 613 27.75 30.37 -49.94
CA LEU K 613 28.13 31.71 -50.35
C LEU K 613 27.25 32.16 -51.50
N ALA K 614 26.71 33.38 -51.40
CA ALA K 614 25.78 33.87 -52.41
C ALA K 614 26.43 33.88 -53.79
N GLU K 615 27.64 34.43 -53.88
CA GLU K 615 28.36 34.53 -55.14
C GLU K 615 29.33 33.36 -55.34
N SER K 616 28.84 32.13 -55.19
CA SER K 616 29.70 30.96 -55.40
C SER K 616 29.54 30.44 -56.82
N GLU K 617 28.34 29.92 -57.15
CA GLU K 617 28.03 29.56 -58.53
C GLU K 617 26.57 29.86 -58.86
N GLY K 618 25.84 30.53 -57.98
CA GLY K 618 24.43 30.80 -58.19
C GLY K 618 24.11 32.27 -58.25
N LEU K 619 25.13 33.10 -58.42
CA LEU K 619 24.94 34.55 -58.46
C LEU K 619 26.20 35.23 -59.00
N SER K 631 42.51 32.31 -52.86
CA SER K 631 42.89 30.90 -52.88
C SER K 631 42.02 30.10 -51.91
N LEU K 632 42.02 30.54 -50.65
CA LEU K 632 41.22 29.85 -49.63
C LEU K 632 39.73 29.98 -49.90
N TRP K 633 39.31 30.98 -50.66
CA TRP K 633 37.91 31.18 -51.00
C TRP K 633 37.42 30.23 -52.08
N LEU K 634 38.33 29.52 -52.74
CA LEU K 634 37.96 28.63 -53.84
C LEU K 634 37.04 27.52 -53.38
N GLU K 635 37.31 26.94 -52.20
CA GLU K 635 36.51 25.82 -51.73
C GLU K 635 35.03 26.17 -51.66
N GLU K 636 34.70 27.30 -51.04
CA GLU K 636 33.30 27.69 -50.92
C GLU K 636 32.78 28.46 -52.13
N TYR K 637 33.65 28.91 -53.02
CA TYR K 637 33.21 29.31 -54.36
C TYR K 637 32.63 28.14 -55.13
N GLU K 638 33.26 26.97 -55.04
CA GLU K 638 32.71 25.76 -55.67
C GLU K 638 31.83 24.92 -54.77
N ARG K 639 31.65 25.28 -53.50
CA ARG K 639 30.80 24.46 -52.64
C ARG K 639 29.41 24.27 -53.24
N ALA K 640 28.94 25.23 -54.03
CA ALA K 640 27.62 25.09 -54.67
C ALA K 640 27.63 24.13 -55.84
N ARG K 641 28.80 23.76 -56.37
CA ARG K 641 28.83 22.88 -57.54
C ARG K 641 28.25 21.50 -57.22
N GLU K 642 28.54 20.97 -56.03
CA GLU K 642 27.94 19.71 -55.65
C GLU K 642 26.41 19.79 -55.67
N LEU K 643 25.87 20.88 -55.13
CA LEU K 643 24.43 21.09 -55.14
C LEU K 643 23.88 21.12 -56.55
N VAL K 644 24.54 21.86 -57.45
CA VAL K 644 24.03 22.00 -58.81
C VAL K 644 24.27 20.72 -59.60
N LYS K 645 25.15 19.85 -59.10
CA LYS K 645 25.35 18.54 -59.70
C LYS K 645 24.21 17.59 -59.39
N THR K 646 23.76 17.57 -58.13
CA THR K 646 22.64 16.73 -57.76
C THR K 646 21.44 17.01 -58.66
N THR K 647 21.03 16.00 -59.44
CA THR K 647 20.01 16.21 -60.45
C THR K 647 18.68 16.63 -59.85
N GLY K 648 18.39 16.22 -58.63
CA GLY K 648 17.10 16.44 -58.00
C GLY K 648 17.01 17.73 -57.21
N MET K 649 18.00 18.61 -57.32
CA MET K 649 18.09 19.80 -56.49
C MET K 649 17.73 21.05 -57.30
N LYS K 650 17.02 20.84 -58.42
CA LYS K 650 16.48 21.89 -59.28
C LYS K 650 15.73 22.98 -58.54
N ARG K 651 14.57 22.61 -58.01
CA ARG K 651 13.57 23.58 -57.59
C ARG K 651 14.03 24.24 -56.31
N PRO K 652 14.67 23.53 -55.38
CA PRO K 652 15.35 24.23 -54.29
C PRO K 652 16.36 25.24 -54.79
N LEU K 653 17.12 24.92 -55.84
CA LEU K 653 18.14 25.87 -56.26
C LEU K 653 17.52 27.13 -56.85
N LYS K 654 16.59 26.96 -57.77
CA LYS K 654 15.98 28.13 -58.40
C LYS K 654 15.23 28.96 -57.37
N LEU K 655 14.56 28.29 -56.42
CA LEU K 655 13.85 29.00 -55.37
C LEU K 655 14.80 29.80 -54.50
N TYR K 656 15.95 29.21 -54.15
CA TYR K 656 16.93 29.95 -53.37
C TYR K 656 17.48 31.13 -54.17
N LYS K 657 17.66 30.97 -55.47
CA LYS K 657 18.12 32.08 -56.29
C LYS K 657 17.10 33.21 -56.31
N GLN K 658 15.80 32.85 -56.40
CA GLN K 658 14.76 33.86 -56.27
C GLN K 658 14.82 34.53 -54.89
N TRP K 659 15.03 33.72 -53.85
CA TRP K 659 15.14 34.25 -52.49
C TRP K 659 16.29 35.24 -52.36
N LEU K 660 17.38 35.01 -53.09
CA LEU K 660 18.55 35.89 -52.99
C LEU K 660 18.44 37.13 -53.86
N THR K 661 17.98 36.98 -55.10
CA THR K 661 18.08 38.05 -56.10
C THR K 661 16.77 38.74 -56.41
N SER K 662 15.66 38.01 -56.44
CA SER K 662 14.40 38.58 -56.91
C SER K 662 14.01 39.80 -56.08
N ASP K 663 13.80 40.92 -56.77
CA ASP K 663 13.40 42.15 -56.08
C ASP K 663 12.05 41.98 -55.39
N ASN K 664 11.10 41.31 -56.04
CA ASN K 664 9.80 41.05 -55.43
C ASN K 664 9.95 40.22 -54.16
N VAL K 665 10.75 39.15 -54.22
CA VAL K 665 10.93 38.30 -53.06
C VAL K 665 11.64 39.05 -51.94
N ARG K 666 12.56 39.96 -52.29
CA ARG K 666 13.27 40.72 -51.27
C ARG K 666 12.34 41.73 -50.60
N LYS K 667 11.47 42.38 -51.39
CA LYS K 667 10.48 43.27 -50.80
C LYS K 667 9.53 42.50 -49.88
N GLN K 668 9.08 41.33 -50.32
CA GLN K 668 8.22 40.51 -49.47
C GLN K 668 8.95 40.02 -48.23
N ARG K 669 10.26 39.77 -48.33
CA ARG K 669 11.05 39.38 -47.17
C ARG K 669 11.09 40.51 -46.15
N ALA K 670 11.27 41.75 -46.62
CA ALA K 670 11.30 42.89 -45.72
C ALA K 670 9.90 43.27 -45.21
N GLU K 671 8.84 42.81 -45.88
CA GLU K 671 7.49 43.04 -45.39
C GLU K 671 7.35 42.54 -43.94
N TYR K 672 6.30 43.01 -43.28
CA TYR K 672 6.02 42.66 -41.89
C TYR K 672 4.67 41.95 -41.78
N VAL K 673 4.59 41.03 -40.83
CA VAL K 673 3.36 40.29 -40.54
C VAL K 673 3.29 40.09 -39.04
N GLU K 674 2.06 40.01 -38.53
CA GLU K 674 1.81 39.89 -37.10
C GLU K 674 1.70 38.43 -36.69
N VAL K 675 2.23 38.11 -35.51
CA VAL K 675 2.17 36.78 -34.93
C VAL K 675 1.67 36.91 -33.50
N ALA K 676 0.74 36.06 -33.11
CA ALA K 676 0.22 36.08 -31.76
C ALA K 676 1.32 35.68 -30.78
N LEU K 677 1.28 36.28 -29.58
CA LEU K 677 2.23 35.94 -28.54
C LEU K 677 2.09 34.48 -28.14
N GLU K 678 0.86 34.02 -27.96
CA GLU K 678 0.58 32.61 -27.72
C GLU K 678 0.34 31.87 -29.04
N TYR K 679 1.21 32.08 -30.02
CA TYR K 679 1.10 31.29 -31.25
C TYR K 679 1.40 29.83 -30.97
N LEU K 680 2.42 29.57 -30.16
CA LEU K 680 2.71 28.25 -29.66
C LEU K 680 2.56 28.26 -28.14
N PRO K 681 2.00 27.22 -27.54
CA PRO K 681 1.86 27.20 -26.09
C PRO K 681 3.21 27.11 -25.40
N ASP K 682 3.21 27.45 -24.11
CA ASP K 682 4.42 27.38 -23.30
C ASP K 682 5.07 26.01 -23.43
N GLU K 683 4.27 24.95 -23.45
CA GLU K 683 4.83 23.61 -23.58
C GLU K 683 5.61 23.45 -24.88
N ALA K 684 5.03 23.91 -25.99
CA ALA K 684 5.69 23.78 -27.28
C ALA K 684 6.96 24.61 -27.35
N VAL K 685 6.93 25.82 -26.79
CA VAL K 685 8.12 26.66 -26.79
C VAL K 685 9.22 26.00 -25.98
N VAL K 686 8.87 25.43 -24.82
CA VAL K 686 9.85 24.74 -24.01
C VAL K 686 10.39 23.51 -24.73
N ALA K 687 9.53 22.83 -25.49
CA ALA K 687 10.00 21.68 -26.27
C ALA K 687 11.02 22.10 -27.32
N LEU K 688 10.78 23.21 -28.01
CA LEU K 688 11.76 23.73 -28.97
C LEU K 688 13.06 24.10 -28.25
N GLN K 689 12.94 24.77 -27.11
CA GLN K 689 14.12 25.14 -26.33
C GLN K 689 14.94 23.91 -25.96
N GLN K 690 14.26 22.85 -25.51
CA GLN K 690 14.96 21.65 -25.08
C GLN K 690 15.54 20.89 -26.25
N ALA K 691 14.90 20.94 -27.42
CA ALA K 691 15.52 20.36 -28.61
C ALA K 691 16.82 21.05 -28.96
N VAL K 692 16.82 22.40 -28.91
CA VAL K 692 18.06 23.13 -29.17
C VAL K 692 19.08 22.84 -28.08
N MET K 693 18.63 22.69 -26.84
CA MET K 693 19.51 22.29 -25.74
C MET K 693 20.19 20.97 -26.04
N ALA K 694 19.42 19.98 -26.49
CA ALA K 694 19.97 18.67 -26.80
C ALA K 694 20.98 18.75 -27.93
N LYS K 695 20.67 19.54 -28.96
CA LYS K 695 21.63 19.75 -30.03
C LYS K 695 22.94 20.33 -29.50
N MET K 696 22.83 21.34 -28.64
CA MET K 696 24.02 21.98 -28.09
C MET K 696 24.83 21.00 -27.25
N ALA K 697 24.17 20.21 -26.41
CA ALA K 697 24.86 19.24 -25.59
C ALA K 697 25.54 18.19 -26.45
N ASP K 698 24.86 17.72 -27.50
CA ASP K 698 25.45 16.72 -28.38
C ASP K 698 26.70 17.25 -29.08
N ARG K 699 26.64 18.50 -29.56
CA ARG K 699 27.79 19.07 -30.24
C ARG K 699 28.81 19.68 -29.27
N ASN K 700 28.54 19.63 -27.97
CA ASN K 700 29.45 20.13 -26.95
C ASN K 700 29.81 21.60 -27.20
N ILE K 701 28.77 22.41 -27.33
CA ILE K 701 28.90 23.85 -27.55
C ILE K 701 28.56 24.55 -26.24
N ALA K 702 29.47 25.39 -25.77
CA ALA K 702 29.27 26.10 -24.52
C ALA K 702 28.54 27.43 -24.76
N ILE K 703 28.00 27.96 -23.67
CA ILE K 703 27.22 29.21 -23.69
C ILE K 703 27.87 30.18 -22.73
N GLU K 704 28.42 31.28 -23.25
CA GLU K 704 28.89 32.37 -22.39
C GLU K 704 27.67 33.16 -21.94
N CYS K 705 27.39 33.13 -20.64
CA CYS K 705 26.22 33.80 -20.10
C CYS K 705 26.66 34.91 -19.15
N PRO K 706 26.69 36.16 -19.59
CA PRO K 706 26.92 37.26 -18.66
C PRO K 706 25.60 37.70 -18.04
N PRO K 707 25.65 38.48 -16.96
CA PRO K 707 24.40 38.89 -16.30
C PRO K 707 23.82 40.15 -16.93
N THR K 708 22.57 40.08 -17.38
CA THR K 708 21.91 41.21 -18.02
C THR K 708 20.75 41.70 -17.18
N SER K 714 15.86 42.31 -19.36
CA SER K 714 14.97 43.47 -19.38
C SER K 714 13.64 43.13 -18.72
N GLN K 715 13.23 41.87 -18.90
CA GLN K 715 12.00 41.33 -18.36
C GLN K 715 12.18 40.74 -16.97
N TYR K 716 13.40 40.72 -16.44
CA TYR K 716 13.66 40.24 -15.09
C TYR K 716 13.54 41.40 -14.11
N ARG K 717 12.61 41.29 -13.18
CA ARG K 717 12.54 42.26 -12.09
C ARG K 717 13.74 42.11 -11.17
N ASN K 718 13.96 40.89 -10.68
CA ASN K 718 15.02 40.56 -9.75
C ASN K 718 16.00 39.60 -10.42
N VAL K 719 17.24 39.62 -9.93
CA VAL K 719 18.27 38.78 -10.51
C VAL K 719 17.98 37.30 -10.32
N SER K 720 17.14 36.95 -9.34
CA SER K 720 16.82 35.54 -9.09
C SER K 720 16.00 34.93 -10.23
N GLU K 721 15.44 35.73 -11.12
CA GLU K 721 14.68 35.23 -12.26
C GLU K 721 15.55 35.00 -13.48
N HIS K 722 16.85 35.24 -13.39
CA HIS K 722 17.75 35.05 -14.53
C HIS K 722 17.80 33.58 -14.92
N HIS K 723 17.95 33.35 -16.24
CA HIS K 723 17.98 32.01 -16.79
C HIS K 723 19.26 31.24 -16.49
N ILE K 724 20.29 31.92 -15.98
CA ILE K 724 21.52 31.21 -15.62
C ILE K 724 21.22 30.17 -14.55
N PHE K 725 20.31 30.47 -13.64
CA PHE K 725 19.95 29.52 -12.60
C PHE K 725 19.18 28.33 -13.17
N ARG K 726 18.31 28.56 -14.16
CA ARG K 726 17.69 27.45 -14.86
C ARG K 726 18.73 26.57 -15.51
N TRP K 727 19.72 27.18 -16.16
CA TRP K 727 20.78 26.40 -16.81
C TRP K 727 21.60 25.63 -15.79
N MET K 728 21.85 26.25 -14.62
CA MET K 728 22.60 25.60 -13.55
C MET K 728 21.78 24.52 -12.84
N GLY K 729 20.47 24.49 -13.06
CA GLY K 729 19.66 23.40 -12.56
C GLY K 729 19.09 23.59 -11.17
N LEU K 730 18.94 24.83 -10.73
CA LEU K 730 18.41 25.07 -9.39
C LEU K 730 16.97 24.55 -9.33
N PRO K 731 16.56 23.93 -8.21
CA PRO K 731 15.16 23.54 -8.08
C PRO K 731 14.25 24.75 -8.17
N GLY K 732 13.11 24.57 -8.84
CA GLY K 732 12.17 25.65 -9.05
C GLY K 732 12.44 26.50 -10.26
N GLU K 733 13.62 26.41 -10.85
CA GLU K 733 13.98 27.13 -12.07
C GLU K 733 14.20 26.22 -13.25
N ALA K 734 14.76 25.03 -13.04
CA ALA K 734 14.94 24.07 -14.12
C ALA K 734 13.61 23.45 -14.51
N ILE K 735 13.47 23.16 -15.80
CA ILE K 735 12.27 22.55 -16.33
C ILE K 735 12.56 21.07 -16.58
N GLU K 736 11.49 20.27 -16.61
CA GLU K 736 11.64 18.82 -16.53
C GLU K 736 12.57 18.28 -17.60
N GLY K 737 12.38 18.70 -18.84
CA GLY K 737 13.13 18.14 -19.95
C GLY K 737 14.36 18.92 -20.36
N ASP K 738 14.98 19.63 -19.41
CA ASP K 738 16.16 20.43 -19.72
C ASP K 738 17.39 19.54 -19.86
N VAL K 739 18.41 20.09 -20.52
CA VAL K 739 19.67 19.40 -20.76
C VAL K 739 20.81 20.33 -20.35
N PRO K 740 21.79 19.88 -19.57
CA PRO K 740 22.93 20.74 -19.26
C PRO K 740 23.69 21.14 -20.51
N MET K 741 24.29 22.34 -20.47
CA MET K 741 24.79 22.97 -21.69
C MET K 741 26.16 23.63 -21.56
N SER K 742 26.89 23.42 -20.47
CA SER K 742 28.24 23.97 -20.34
C SER K 742 28.23 25.50 -20.43
N ILE K 743 27.67 26.09 -19.39
CA ILE K 743 27.66 27.55 -19.26
C ILE K 743 29.03 28.04 -18.79
N CYS K 744 29.54 29.06 -19.46
CA CYS K 744 30.74 29.78 -19.07
C CYS K 744 30.37 31.19 -18.61
N LEU K 745 31.26 31.79 -17.83
CA LEU K 745 31.03 33.10 -17.24
C LEU K 745 31.60 34.20 -18.14
N GLY K 746 31.00 35.38 -18.04
CA GLY K 746 31.49 36.56 -18.74
C GLY K 746 31.17 37.82 -17.99
N SER K 747 32.12 38.76 -17.96
CA SER K 747 31.94 40.03 -17.27
C SER K 747 31.43 41.05 -18.28
N ASP K 748 30.11 41.06 -18.47
CA ASP K 748 29.46 41.99 -19.39
C ASP K 748 28.09 42.33 -18.82
N ASP K 749 28.00 43.46 -18.11
CA ASP K 749 26.74 43.96 -17.59
C ASP K 749 26.34 45.19 -18.37
N PRO K 750 25.28 45.15 -19.19
CA PRO K 750 24.99 46.31 -20.06
C PRO K 750 24.78 47.61 -19.31
N GLY K 751 24.15 47.57 -18.13
CA GLY K 751 23.74 48.80 -17.47
C GLY K 751 24.35 49.06 -16.12
N ILE K 752 25.65 48.80 -15.96
CA ILE K 752 26.35 49.07 -14.71
C ILE K 752 27.65 49.80 -15.01
N PHE K 753 28.13 50.56 -14.04
CA PHE K 753 29.44 51.18 -14.09
C PHE K 753 30.37 50.40 -13.17
N ALA K 754 31.59 50.16 -13.64
CA ALA K 754 32.63 49.51 -12.84
C ALA K 754 32.17 48.12 -12.38
N ALA K 755 32.01 47.23 -13.36
CA ALA K 755 31.76 45.83 -13.11
C ALA K 755 33.01 45.02 -13.37
N ASP K 756 33.05 43.82 -12.78
CA ASP K 756 34.20 42.95 -12.89
C ASP K 756 33.74 41.51 -12.87
N LEU K 757 34.62 40.63 -13.34
CA LEU K 757 34.38 39.19 -13.27
C LEU K 757 34.22 38.74 -11.82
N LYS K 758 35.05 39.26 -10.93
CA LYS K 758 34.90 38.96 -9.51
C LYS K 758 33.56 39.48 -9.00
N SER K 759 33.15 40.66 -9.44
CA SER K 759 31.87 41.22 -9.02
C SER K 759 30.71 40.31 -9.44
N GLU K 760 30.74 39.82 -10.68
CA GLU K 760 29.66 38.95 -11.14
C GLU K 760 29.71 37.59 -10.45
N PHE K 761 30.90 37.06 -10.20
CA PHE K 761 31.02 35.82 -9.44
C PHE K 761 30.41 35.97 -8.05
N TYR K 762 30.74 37.07 -7.37
CA TYR K 762 30.19 37.32 -6.04
C TYR K 762 28.69 37.55 -6.10
N HIS K 763 28.19 38.21 -7.15
CA HIS K 763 26.76 38.41 -7.28
C HIS K 763 26.02 37.09 -7.42
N LEU K 764 26.55 36.19 -8.26
CA LEU K 764 25.95 34.87 -8.39
C LEU K 764 25.99 34.12 -7.08
N PHE K 765 27.12 34.18 -6.37
CA PHE K 765 27.23 33.52 -5.08
C PHE K 765 26.21 34.06 -4.09
N VAL K 766 26.05 35.39 -4.04
CA VAL K 766 25.12 36.01 -3.11
C VAL K 766 23.70 35.59 -3.42
N VAL K 767 23.33 35.63 -4.70
CA VAL K 767 21.98 35.24 -5.08
C VAL K 767 21.72 33.79 -4.71
N LEU K 768 22.68 32.91 -5.02
CA LEU K 768 22.51 31.49 -4.71
C LEU K 768 22.35 31.26 -3.21
N THR K 769 23.16 31.94 -2.40
CA THR K 769 23.15 31.70 -0.97
C THR K 769 21.94 32.30 -0.27
N ARG K 770 21.46 33.46 -0.72
CA ARG K 770 20.43 34.19 -0.01
C ARG K 770 19.02 33.94 -0.56
N LYS K 771 18.88 33.81 -1.87
CA LYS K 771 17.57 33.69 -2.51
C LYS K 771 17.19 32.25 -2.80
N PHE K 772 18.17 31.38 -3.00
CA PHE K 772 17.92 29.97 -3.24
C PHE K 772 18.23 29.10 -2.03
N GLY K 773 18.73 29.68 -0.95
CA GLY K 773 18.93 28.97 0.29
C GLY K 773 20.10 28.01 0.29
N LEU K 774 20.93 28.04 -0.75
CA LEU K 774 22.04 27.09 -0.83
C LEU K 774 23.14 27.49 0.15
N SER K 775 23.78 26.47 0.72
CA SER K 775 24.89 26.71 1.63
C SER K 775 26.05 27.30 0.85
N PRO K 776 27.00 27.94 1.54
CA PRO K 776 28.17 28.49 0.83
C PRO K 776 28.88 27.46 -0.02
N ALA K 777 29.02 26.23 0.49
CA ALA K 777 29.72 25.20 -0.27
C ALA K 777 28.98 24.84 -1.55
N ASP K 778 27.66 24.63 -1.46
CA ASP K 778 26.89 24.26 -2.63
C ASP K 778 26.86 25.40 -3.65
N ALA K 779 26.67 26.63 -3.18
CA ALA K 779 26.68 27.77 -4.08
C ALA K 779 28.03 27.91 -4.77
N LEU K 780 29.12 27.71 -4.01
CA LEU K 780 30.46 27.78 -4.60
C LEU K 780 30.63 26.68 -5.64
N ARG K 781 30.11 25.48 -5.37
CA ARG K 781 30.20 24.42 -6.37
C ARG K 781 29.48 24.81 -7.66
N LYS K 782 28.28 25.38 -7.52
CA LYS K 782 27.51 25.73 -8.71
C LYS K 782 28.18 26.84 -9.51
N VAL K 783 28.68 27.88 -8.85
CA VAL K 783 29.36 28.95 -9.58
C VAL K 783 30.68 28.46 -10.15
N ALA K 784 31.38 27.60 -9.40
CA ALA K 784 32.67 27.10 -9.84
C ALA K 784 32.54 26.24 -11.08
N GLU K 785 31.43 25.53 -11.24
CA GLU K 785 31.27 24.72 -12.44
C GLU K 785 31.23 25.60 -13.68
N VAL K 786 30.48 26.70 -13.62
CA VAL K 786 30.46 27.65 -14.74
C VAL K 786 31.84 28.26 -14.95
N ASN K 787 32.49 28.69 -13.86
CA ASN K 787 33.81 29.29 -14.01
C ASN K 787 34.80 28.32 -14.65
N GLU K 788 34.81 27.07 -14.20
CA GLU K 788 35.67 26.04 -14.79
C GLU K 788 35.30 25.75 -16.23
N ASN K 789 34.02 25.90 -16.59
CA ASN K 789 33.65 25.77 -17.99
C ASN K 789 34.40 26.80 -18.83
N GLY K 790 34.59 28.00 -18.28
CA GLY K 790 35.42 28.97 -18.97
C GLY K 790 36.81 28.47 -19.32
N ARG K 791 37.47 27.77 -18.39
CA ARG K 791 38.78 27.19 -18.64
C ARG K 791 38.72 26.00 -19.59
N ILE K 792 37.72 25.13 -19.43
CA ILE K 792 37.60 23.96 -20.28
C ILE K 792 37.40 24.37 -21.74
N TYR K 793 36.57 25.39 -21.98
CA TYR K 793 36.28 25.86 -23.32
C TYR K 793 37.04 27.12 -23.68
N ARG K 794 38.19 27.35 -23.03
CA ARG K 794 39.04 28.48 -23.38
C ARG K 794 39.55 28.36 -24.81
N PHE K 795 39.85 29.50 -25.43
CA PHE K 795 40.43 29.55 -26.75
C PHE K 795 41.95 29.66 -26.74
N HIS K 796 42.56 29.72 -25.56
CA HIS K 796 43.99 29.94 -25.46
C HIS K 796 44.77 28.75 -26.02
N ASP K 797 45.95 29.03 -26.54
CA ASP K 797 46.82 27.99 -27.07
C ASP K 797 47.28 27.07 -25.95
N VAL K 798 47.16 25.76 -26.17
CA VAL K 798 47.58 24.77 -25.20
C VAL K 798 49.03 24.38 -25.49
N MET L 1 36.95 -2.92 -45.22
CA MET L 1 37.63 -3.83 -46.19
C MET L 1 39.00 -3.31 -46.61
N GLU L 2 39.30 -2.06 -46.25
CA GLU L 2 40.55 -1.44 -46.64
C GLU L 2 41.74 -2.08 -45.94
N ARG L 3 41.54 -2.65 -44.75
CA ARG L 3 42.64 -3.24 -44.00
C ARG L 3 43.20 -4.46 -44.70
N PHE L 4 42.37 -5.20 -45.45
CA PHE L 4 42.82 -6.41 -46.12
C PHE L 4 43.69 -6.12 -47.33
N LEU L 5 43.69 -4.89 -47.84
CA LEU L 5 44.58 -4.51 -48.92
C LEU L 5 45.93 -4.01 -48.43
N LEU L 6 46.05 -3.71 -47.13
CA LEU L 6 47.32 -3.29 -46.55
C LEU L 6 47.93 -4.33 -45.63
N ASN L 7 47.16 -5.34 -45.20
CA ASN L 7 47.68 -6.42 -44.38
C ASN L 7 47.10 -7.72 -44.92
N SER L 8 47.89 -8.45 -45.71
CA SER L 8 47.42 -9.69 -46.33
C SER L 8 48.63 -10.50 -46.78
N THR L 9 48.76 -11.72 -46.26
CA THR L 9 49.82 -12.60 -46.71
C THR L 9 49.64 -13.01 -48.18
N VAL L 10 48.39 -13.33 -48.56
CA VAL L 10 48.14 -13.75 -49.93
C VAL L 10 48.45 -12.64 -50.91
N LEU L 11 48.00 -11.42 -50.60
CA LEU L 11 48.26 -10.28 -51.48
C LEU L 11 49.75 -10.02 -51.59
N LEU L 12 50.46 -10.10 -50.45
CA LEU L 12 51.90 -9.87 -50.48
C LEU L 12 52.58 -10.91 -51.37
N TYR L 13 52.22 -12.18 -51.20
CA TYR L 13 52.88 -13.23 -51.95
C TYR L 13 52.67 -12.99 -53.44
N ARG L 14 51.39 -12.75 -53.84
CA ARG L 14 51.03 -12.54 -55.24
C ARG L 14 51.75 -11.34 -55.84
N LEU L 15 51.71 -10.19 -55.16
CA LEU L 15 52.34 -8.99 -55.68
C LEU L 15 53.85 -9.09 -55.74
N SER L 16 54.47 -9.81 -54.81
CA SER L 16 55.91 -9.95 -54.78
C SER L 16 56.42 -11.03 -55.73
N THR L 17 55.54 -11.90 -56.23
CA THR L 17 55.98 -12.93 -57.16
C THR L 17 55.74 -12.60 -58.63
N VAL L 18 54.70 -11.84 -58.97
CA VAL L 18 54.45 -11.57 -60.37
C VAL L 18 55.29 -10.38 -60.83
N SER L 19 55.52 -10.31 -62.13
CA SER L 19 56.38 -9.29 -62.70
C SER L 19 55.77 -7.91 -62.54
N LEU L 20 56.63 -6.89 -62.58
CA LEU L 20 56.20 -5.52 -62.38
C LEU L 20 55.50 -4.92 -63.60
N ASP L 21 55.49 -5.62 -64.73
CA ASP L 21 54.83 -5.15 -65.94
C ASP L 21 53.60 -5.99 -66.28
N GLU L 22 53.04 -6.71 -65.30
CA GLU L 22 51.88 -7.56 -65.55
C GLU L 22 50.64 -6.73 -65.86
N VAL L 23 50.36 -5.73 -65.03
CA VAL L 23 49.20 -4.86 -65.22
C VAL L 23 47.91 -5.67 -65.04
N SER L 24 46.82 -5.01 -64.69
CA SER L 24 45.48 -5.60 -64.62
C SER L 24 45.42 -6.73 -63.57
N LEU L 25 45.59 -6.34 -62.31
CA LEU L 25 45.62 -7.30 -61.21
C LEU L 25 44.39 -7.19 -60.30
N ASP L 26 43.31 -6.58 -60.81
CA ASP L 26 42.13 -6.35 -59.97
C ASP L 26 41.48 -7.65 -59.53
N GLU L 27 41.32 -8.59 -60.47
CA GLU L 27 40.71 -9.87 -60.13
C GLU L 27 41.42 -10.49 -58.94
N ARG L 28 42.74 -10.35 -58.93
CA ARG L 28 43.56 -11.12 -58.00
C ARG L 28 43.65 -10.42 -56.68
N VAL L 29 43.73 -9.09 -56.71
CA VAL L 29 43.63 -8.33 -55.48
C VAL L 29 42.32 -8.63 -54.79
N GLU L 30 41.23 -8.76 -55.57
CA GLU L 30 39.92 -9.07 -55.00
C GLU L 30 39.90 -10.47 -54.38
N SER L 31 40.37 -11.47 -55.11
CA SER L 31 40.38 -12.83 -54.58
C SER L 31 41.23 -12.93 -53.31
N SER L 32 42.43 -12.34 -53.34
CA SER L 32 43.29 -12.34 -52.17
C SER L 32 42.65 -11.61 -51.01
N VAL L 33 41.89 -10.55 -51.28
CA VAL L 33 41.19 -9.85 -50.22
C VAL L 33 40.18 -10.77 -49.54
N PHE L 34 39.43 -11.53 -50.35
CA PHE L 34 38.45 -12.44 -49.74
C PHE L 34 39.13 -13.54 -48.93
N LEU L 35 40.25 -14.08 -49.43
CA LEU L 35 41.00 -15.05 -48.65
C LEU L 35 41.52 -14.46 -47.35
N ALA L 36 42.06 -13.23 -47.40
CA ALA L 36 42.54 -12.59 -46.18
C ALA L 36 41.40 -12.37 -45.19
N GLN L 37 40.23 -11.95 -45.68
CA GLN L 37 39.11 -11.74 -44.78
C GLN L 37 38.62 -13.05 -44.18
N TYR L 38 38.59 -14.13 -44.96
CA TYR L 38 38.22 -15.43 -44.40
C TYR L 38 39.21 -15.87 -43.34
N GLU L 39 40.50 -15.66 -43.58
CA GLU L 39 41.53 -16.06 -42.63
C GLU L 39 41.49 -15.22 -41.36
N GLN L 40 41.25 -13.92 -41.47
CA GLN L 40 41.35 -13.01 -40.33
C GLN L 40 40.02 -12.82 -39.62
N ALA L 41 39.00 -12.31 -40.31
CA ALA L 41 37.68 -12.08 -39.75
C ALA L 41 36.73 -13.07 -40.43
N ARG L 42 36.65 -14.28 -39.87
CA ARG L 42 35.89 -15.36 -40.48
C ARG L 42 34.38 -15.14 -40.39
N SER L 43 33.90 -14.37 -39.42
CA SER L 43 32.48 -14.30 -39.14
C SER L 43 31.71 -13.40 -40.10
N LEU L 44 32.38 -12.73 -41.03
CA LEU L 44 31.66 -11.95 -42.04
C LEU L 44 30.85 -12.90 -42.91
N PRO L 45 29.54 -12.66 -43.10
CA PRO L 45 28.71 -13.70 -43.74
C PRO L 45 28.83 -13.80 -45.25
N ASP L 46 30.06 -13.71 -45.77
CA ASP L 46 30.37 -14.13 -47.13
C ASP L 46 29.71 -13.28 -48.22
N HIS L 47 28.86 -12.33 -47.85
CA HIS L 47 28.25 -11.45 -48.84
C HIS L 47 28.38 -9.99 -48.41
N VAL L 48 28.46 -9.75 -47.10
CA VAL L 48 28.85 -8.42 -46.62
C VAL L 48 30.22 -8.06 -47.19
N ALA L 49 31.12 -9.05 -47.25
CA ALA L 49 32.44 -8.83 -47.84
C ALA L 49 32.35 -8.50 -49.33
N LYS L 50 31.55 -9.27 -50.08
CA LYS L 50 31.35 -8.95 -51.49
C LYS L 50 30.87 -7.52 -51.66
N SER L 51 29.84 -7.13 -50.88
CA SER L 51 29.26 -5.81 -51.03
C SER L 51 30.26 -4.71 -50.64
N ALA L 52 31.02 -4.93 -49.57
CA ALA L 52 32.01 -3.94 -49.16
C ALA L 52 33.07 -3.75 -50.24
N TRP L 53 33.54 -4.84 -50.83
CA TRP L 53 34.51 -4.73 -51.92
C TRP L 53 33.91 -4.02 -53.12
N SER L 54 32.65 -4.30 -53.44
CA SER L 54 31.99 -3.61 -54.55
C SER L 54 31.93 -2.11 -54.29
N TYR L 55 31.56 -1.72 -53.06
CA TYR L 55 31.53 -0.30 -52.73
C TYR L 55 32.90 0.32 -52.82
N LEU L 56 33.94 -0.42 -52.41
CA LEU L 56 35.30 0.12 -52.48
C LEU L 56 35.71 0.38 -53.93
N VAL L 57 35.48 -0.58 -54.81
CA VAL L 57 35.80 -0.36 -56.23
C VAL L 57 34.98 0.79 -56.78
N GLN L 58 33.71 0.88 -56.37
CA GLN L 58 32.86 1.97 -56.85
C GLN L 58 33.41 3.33 -56.44
N GLN L 59 33.85 3.46 -55.20
CA GLN L 59 34.43 4.72 -54.74
C GLN L 59 35.70 5.04 -55.53
N ILE L 60 36.58 4.05 -55.69
CA ILE L 60 37.84 4.29 -56.40
C ILE L 60 37.55 4.75 -57.83
N LYS L 61 36.67 4.03 -58.53
CA LYS L 61 36.36 4.37 -59.92
C LYS L 61 35.70 5.73 -60.03
N GLN L 62 34.75 6.04 -59.14
CA GLN L 62 34.10 7.35 -59.21
C GLN L 62 35.08 8.48 -58.96
N ARG L 63 36.01 8.30 -58.02
CA ARG L 63 37.00 9.33 -57.74
C ARG L 63 38.22 9.22 -58.64
N ASN L 64 38.16 8.37 -59.66
CA ASN L 64 39.12 8.38 -60.76
C ASN L 64 40.49 7.96 -60.27
N MET L 65 40.51 7.01 -59.36
CA MET L 65 41.74 6.47 -58.79
C MET L 65 41.90 5.03 -59.26
N LYS L 66 43.11 4.52 -59.08
CA LYS L 66 43.44 3.15 -59.40
C LYS L 66 43.55 2.34 -58.11
N LEU L 67 43.11 1.08 -58.16
CA LEU L 67 43.22 0.21 -57.00
C LEU L 67 44.68 0.11 -56.58
N GLY L 68 45.02 0.68 -55.42
CA GLY L 68 46.38 0.70 -54.97
C GLY L 68 46.56 1.38 -53.63
N PRO L 69 47.79 1.35 -53.12
CA PRO L 69 48.05 1.91 -51.79
C PRO L 69 47.65 3.37 -51.66
N VAL L 70 47.86 4.18 -52.70
CA VAL L 70 47.53 5.59 -52.61
C VAL L 70 46.03 5.76 -52.41
N ALA L 71 45.23 5.08 -53.21
CA ALA L 71 43.78 5.19 -53.09
C ALA L 71 43.29 4.68 -51.74
N ILE L 72 43.83 3.54 -51.29
CA ILE L 72 43.38 2.98 -50.02
C ILE L 72 43.73 3.91 -48.88
N LEU L 73 44.95 4.45 -48.87
CA LEU L 73 45.36 5.37 -47.82
C LEU L 73 44.52 6.64 -47.85
N ARG L 74 44.22 7.16 -49.04
CA ARG L 74 43.37 8.34 -49.12
C ARG L 74 41.99 8.07 -48.54
N LEU L 75 41.40 6.93 -48.89
CA LEU L 75 40.08 6.60 -48.36
C LEU L 75 40.11 6.51 -46.84
N ILE L 76 41.10 5.80 -46.29
CA ILE L 76 41.19 5.66 -44.84
C ILE L 76 41.37 7.02 -44.18
N ALA L 77 42.24 7.87 -44.75
CA ALA L 77 42.50 9.17 -44.14
C ALA L 77 41.27 10.06 -44.17
N GLU L 78 40.56 10.11 -45.30
CA GLU L 78 39.32 10.88 -45.33
C GLU L 78 38.28 10.33 -44.35
N LYS L 79 38.26 9.02 -44.14
CA LYS L 79 37.26 8.42 -43.28
C LYS L 79 37.55 8.59 -41.80
N PHE L 80 38.82 8.67 -41.41
CA PHE L 80 39.19 8.69 -39.99
C PHE L 80 39.75 10.03 -39.54
N ILE L 81 40.69 10.60 -40.29
CA ILE L 81 41.45 11.76 -39.83
C ILE L 81 40.82 13.03 -40.37
N LYS L 82 40.84 14.07 -39.54
CA LYS L 82 40.60 15.46 -39.89
C LYS L 82 41.68 16.40 -39.39
N ASN L 83 41.33 17.68 -39.47
CA ASN L 83 42.03 18.76 -38.79
C ASN L 83 41.09 19.39 -37.77
N GLU L 84 41.49 19.43 -36.50
CA GLU L 84 40.73 20.21 -35.53
C GLU L 84 41.68 20.84 -34.52
N LYS L 85 41.53 22.16 -34.34
CA LYS L 85 42.25 22.92 -33.33
C LYS L 85 43.74 22.91 -33.61
N GLY L 86 44.42 21.84 -33.21
CA GLY L 86 45.83 21.60 -33.41
C GLY L 86 46.12 20.24 -34.00
N GLY L 87 46.65 20.21 -35.22
CA GLY L 87 47.07 18.98 -35.83
C GLY L 87 45.91 18.05 -36.12
N PRO L 88 46.20 16.95 -36.83
CA PRO L 88 45.14 16.00 -37.18
C PRO L 88 44.68 15.21 -35.95
N LYS L 89 43.38 14.92 -35.93
CA LYS L 89 42.77 14.13 -34.86
C LYS L 89 41.78 13.13 -35.46
N ILE L 90 41.40 12.17 -34.65
CA ILE L 90 40.45 11.12 -35.04
C ILE L 90 39.07 11.48 -34.52
N ASP L 91 38.04 11.13 -35.28
CA ASP L 91 36.67 11.26 -34.78
C ASP L 91 36.49 10.53 -33.46
N LEU L 92 35.74 11.18 -32.57
CA LEU L 92 35.28 10.50 -31.36
C LEU L 92 34.44 9.28 -31.69
N PRO L 93 33.42 9.37 -32.56
CA PRO L 93 32.68 8.16 -32.93
C PRO L 93 33.50 7.13 -33.68
N MET L 94 34.63 7.52 -34.28
CA MET L 94 35.43 6.63 -35.10
C MET L 94 36.68 6.12 -34.41
N PHE L 95 36.94 6.54 -33.16
CA PHE L 95 38.19 6.17 -32.51
C PHE L 95 38.27 4.67 -32.25
N SER L 96 37.15 4.04 -31.88
CA SER L 96 37.18 2.59 -31.63
C SER L 96 37.55 1.83 -32.91
N GLU L 97 36.93 2.19 -34.03
CA GLU L 97 37.27 1.57 -35.30
C GLU L 97 38.72 1.87 -35.67
N TRP L 98 39.19 3.07 -35.37
CA TRP L 98 40.59 3.40 -35.65
C TRP L 98 41.54 2.53 -34.85
N GLN L 99 41.22 2.27 -33.58
CA GLN L 99 42.05 1.38 -32.77
C GLN L 99 42.06 -0.03 -33.35
N THR L 100 40.88 -0.54 -33.71
CA THR L 100 40.82 -1.86 -34.32
C THR L 100 41.66 -1.90 -35.60
N LEU L 101 41.63 -0.82 -36.38
CA LEU L 101 42.45 -0.75 -37.58
C LEU L 101 43.94 -0.73 -37.24
N MET L 102 44.32 0.04 -36.21
CA MET L 102 45.71 0.09 -35.79
C MET L 102 46.23 -1.27 -35.37
N SER L 103 45.34 -2.17 -34.98
CA SER L 103 45.78 -3.54 -34.70
C SER L 103 46.27 -4.26 -35.95
N ARG L 104 46.04 -3.72 -37.15
CA ARG L 104 46.43 -4.37 -38.39
C ARG L 104 47.32 -3.51 -39.29
N VAL L 105 47.12 -2.20 -39.27
CA VAL L 105 47.77 -1.29 -40.21
C VAL L 105 48.55 -0.24 -39.44
N SER L 106 49.67 0.20 -40.03
CA SER L 106 50.48 1.25 -39.44
C SER L 106 49.89 2.62 -39.77
N CYS L 107 50.03 3.55 -38.82
CA CYS L 107 49.38 4.85 -38.92
C CYS L 107 50.18 5.87 -39.73
N LEU L 108 51.48 5.67 -39.88
CA LEU L 108 52.32 6.67 -40.53
C LEU L 108 51.94 6.90 -41.98
N PRO L 109 51.73 5.87 -42.81
CA PRO L 109 51.29 6.14 -44.19
C PRO L 109 49.98 6.89 -44.26
N ILE L 110 49.03 6.57 -43.36
CA ILE L 110 47.74 7.23 -43.38
C ILE L 110 47.87 8.69 -42.99
N ILE L 111 48.73 8.98 -42.00
CA ILE L 111 48.92 10.37 -41.60
C ILE L 111 49.64 11.14 -42.70
N ALA L 112 50.57 10.51 -43.39
CA ALA L 112 51.22 11.16 -44.53
C ALA L 112 50.20 11.48 -45.62
N CYS L 113 49.31 10.53 -45.91
CA CYS L 113 48.27 10.76 -46.92
C CYS L 113 47.36 11.90 -46.49
N HIS L 114 47.00 11.95 -45.20
CA HIS L 114 46.17 13.05 -44.72
C HIS L 114 46.88 14.39 -44.87
N GLN L 115 48.16 14.43 -44.50
CA GLN L 115 48.90 15.69 -44.61
C GLN L 115 49.04 16.13 -46.07
N VAL L 116 49.08 15.17 -46.99
CA VAL L 116 49.22 15.52 -48.40
C VAL L 116 47.89 15.99 -48.99
N PHE L 117 46.83 15.21 -48.80
CA PHE L 117 45.58 15.42 -49.51
C PHE L 117 44.54 16.22 -48.72
N ASN L 118 44.82 16.56 -47.46
CA ASN L 118 43.90 17.33 -46.65
C ASN L 118 44.68 18.00 -45.52
N PRO L 119 45.67 18.83 -45.85
CA PRO L 119 46.48 19.46 -44.79
C PRO L 119 45.67 20.47 -44.00
N GLY L 120 46.09 20.70 -42.77
CA GLY L 120 45.50 21.70 -41.93
C GLY L 120 45.96 23.09 -42.33
N PRO L 121 45.65 24.09 -41.50
CA PRO L 121 46.09 25.45 -41.80
C PRO L 121 47.60 25.50 -42.00
N ALA L 122 48.02 26.30 -42.98
CA ALA L 122 49.44 26.42 -43.29
C ALA L 122 50.11 27.43 -42.36
N SER L 123 49.92 27.25 -41.05
CA SER L 123 50.60 28.04 -40.04
C SER L 123 51.15 27.20 -38.89
N GLN L 124 50.60 26.01 -38.66
CA GLN L 124 51.08 25.10 -37.61
C GLN L 124 51.95 24.06 -38.31
N GLU L 125 53.26 24.32 -38.33
CA GLU L 125 54.19 23.38 -38.96
C GLU L 125 54.04 22.02 -38.32
N TYR L 126 53.55 21.05 -39.09
CA TYR L 126 53.23 19.73 -38.56
C TYR L 126 54.49 18.88 -38.48
N SER L 127 54.82 18.44 -37.27
CA SER L 127 55.87 17.46 -37.04
C SER L 127 55.19 16.14 -36.69
N PHE L 128 55.57 15.08 -37.39
CA PHE L 128 54.88 13.80 -37.24
C PHE L 128 54.85 13.36 -35.78
N ARG L 129 53.68 12.91 -35.30
CA ARG L 129 53.58 12.44 -33.92
C ARG L 129 52.65 11.26 -33.89
N TRP L 130 53.07 10.22 -33.22
CA TRP L 130 52.21 9.07 -33.04
C TRP L 130 51.84 8.95 -31.57
N PRO L 131 50.68 8.37 -31.26
CA PRO L 131 49.62 8.02 -32.18
C PRO L 131 48.66 9.18 -32.36
N LEU L 132 47.67 9.03 -33.23
CA LEU L 132 46.63 10.04 -33.39
C LEU L 132 45.57 9.85 -32.32
N TYR L 133 45.22 10.94 -31.64
CA TYR L 133 44.22 10.94 -30.61
C TYR L 133 42.95 11.64 -31.10
N PRO L 134 41.81 11.37 -30.47
CA PRO L 134 40.64 12.24 -30.64
C PRO L 134 40.83 13.51 -29.82
N TYR L 135 39.86 14.41 -29.94
CA TYR L 135 39.87 15.65 -29.17
C TYR L 135 38.59 15.76 -28.37
N HIS L 136 38.74 16.07 -27.08
CA HIS L 136 37.62 16.46 -26.24
C HIS L 136 38.14 17.46 -25.20
N PRO L 137 37.56 18.67 -25.13
CA PRO L 137 38.11 19.67 -24.20
C PRO L 137 38.17 19.22 -22.76
N THR L 138 37.18 18.45 -22.30
CA THR L 138 37.22 17.96 -20.92
C THR L 138 38.43 17.08 -20.68
N VAL L 139 38.69 16.13 -21.59
CA VAL L 139 39.83 15.24 -21.43
C VAL L 139 41.13 16.01 -21.52
N GLU L 140 41.24 16.95 -22.46
CA GLU L 140 42.47 17.71 -22.59
C GLU L 140 42.72 18.57 -21.35
N ASP L 141 41.68 19.19 -20.81
CA ASP L 141 41.85 19.97 -19.59
C ASP L 141 42.27 19.09 -18.42
N TYR L 142 41.66 17.91 -18.29
CA TYR L 142 42.04 17.01 -17.22
C TYR L 142 43.50 16.59 -17.35
N ILE L 143 43.94 16.27 -18.57
CA ILE L 143 45.32 15.85 -18.78
C ILE L 143 46.27 17.00 -18.45
N THR L 144 45.93 18.22 -18.89
CA THR L 144 46.77 19.37 -18.60
C THR L 144 46.87 19.62 -17.11
N ARG L 145 45.78 19.43 -16.37
CA ARG L 145 45.77 19.75 -14.94
C ARG L 145 46.43 18.66 -14.10
N GLU L 146 46.10 17.40 -14.36
CA GLU L 146 46.52 16.29 -13.52
C GLU L 146 47.57 15.40 -14.16
N CYS L 147 47.70 15.43 -15.49
CA CYS L 147 48.65 14.59 -16.21
C CYS L 147 48.26 13.12 -16.08
N LEU L 148 48.88 12.27 -16.87
CA LEU L 148 48.60 10.85 -16.88
C LEU L 148 49.72 10.09 -16.19
N HIS L 149 49.37 8.93 -15.63
CA HIS L 149 50.28 8.14 -14.81
C HIS L 149 50.40 6.74 -15.39
N GLU L 150 51.62 6.31 -15.65
CA GLU L 150 51.89 5.02 -16.29
C GLU L 150 52.41 4.04 -15.25
N THR L 151 51.69 2.92 -15.08
CA THR L 151 52.04 1.88 -14.14
C THR L 151 52.31 0.53 -14.78
N HIS L 152 52.14 0.39 -16.10
CA HIS L 152 52.28 -0.91 -16.76
C HIS L 152 52.81 -0.67 -18.17
N GLN L 153 54.13 -0.78 -18.35
CA GLN L 153 54.76 -0.61 -19.66
C GLN L 153 55.92 -1.59 -19.81
N HIS L 154 55.62 -2.80 -20.30
CA HIS L 154 56.54 -3.93 -20.45
C HIS L 154 56.29 -4.80 -21.69
N LEU L 155 55.70 -4.27 -22.77
CA LEU L 155 55.22 -5.15 -23.84
C LEU L 155 56.28 -5.44 -24.92
N ASN L 156 56.75 -4.45 -25.68
CA ASN L 156 57.73 -4.75 -26.73
C ASN L 156 58.86 -3.91 -26.18
N GLY L 157 59.71 -4.45 -25.34
CA GLY L 157 60.58 -3.59 -24.55
C GLY L 157 59.71 -2.60 -23.80
N SER L 158 59.78 -1.31 -24.19
CA SER L 158 58.77 -0.35 -23.76
C SER L 158 58.35 0.59 -24.90
N THR L 159 58.75 0.28 -26.13
CA THR L 159 58.46 1.12 -27.28
C THR L 159 57.33 0.51 -28.10
N SER L 160 56.67 1.36 -28.88
CA SER L 160 55.64 0.87 -29.79
C SER L 160 56.28 0.00 -30.87
N ALA L 161 55.46 -0.88 -31.43
CA ALA L 161 55.95 -1.85 -32.40
C ALA L 161 56.34 -1.17 -33.71
N GLU L 162 55.94 0.08 -33.88
CA GLU L 162 56.14 0.78 -35.14
C GLU L 162 57.56 1.29 -35.33
N GLU L 163 58.26 1.69 -34.27
CA GLU L 163 59.67 2.01 -34.38
C GLU L 163 60.53 0.76 -34.51
N CYS L 164 60.00 -0.40 -34.09
CA CYS L 164 60.73 -1.65 -34.28
C CYS L 164 60.90 -1.99 -35.74
N TRP L 165 59.94 -1.61 -36.60
CA TRP L 165 60.10 -1.82 -38.03
C TRP L 165 61.33 -1.10 -38.56
N LEU L 166 61.47 0.19 -38.22
CA LEU L 166 62.64 0.94 -38.67
C LEU L 166 63.91 0.45 -37.99
N ASP L 167 63.81 -0.01 -36.73
CA ASP L 167 64.97 -0.60 -36.09
C ASP L 167 65.43 -1.85 -36.81
N ALA L 168 64.49 -2.68 -37.26
CA ALA L 168 64.85 -3.86 -38.05
C ALA L 168 65.49 -3.46 -39.37
N LEU L 169 64.94 -2.45 -40.04
CA LEU L 169 65.56 -1.99 -41.29
C LEU L 169 66.95 -1.43 -41.04
N LYS L 170 67.18 -0.84 -39.86
CA LYS L 170 68.50 -0.33 -39.50
C LYS L 170 69.47 -1.47 -39.20
N HIS L 171 68.99 -2.52 -38.56
CA HIS L 171 69.79 -3.67 -38.17
C HIS L 171 69.13 -4.91 -38.73
N PRO L 172 69.06 -5.02 -40.07
CA PRO L 172 68.43 -6.20 -40.67
C PRO L 172 69.07 -7.50 -40.22
N GLU L 173 70.39 -7.48 -40.03
CA GLU L 173 71.11 -8.69 -39.66
C GLU L 173 70.98 -8.99 -38.17
N ALA L 174 70.77 -7.97 -37.33
CA ALA L 174 70.38 -8.24 -35.94
C ALA L 174 68.99 -8.86 -35.87
N CYS L 175 68.04 -8.30 -36.61
CA CYS L 175 66.69 -8.86 -36.61
C CYS L 175 66.68 -10.27 -37.17
N LEU L 176 67.42 -10.51 -38.25
CA LEU L 176 67.53 -11.85 -38.79
C LEU L 176 68.17 -12.81 -37.78
N ARG L 177 69.22 -12.36 -37.11
CA ARG L 177 69.82 -13.16 -36.05
C ARG L 177 68.81 -13.54 -34.97
N ASP L 178 68.01 -12.59 -34.50
CA ASP L 178 67.01 -12.92 -33.49
C ASP L 178 65.99 -13.91 -34.04
N PHE L 179 65.48 -13.65 -35.25
CA PHE L 179 64.46 -14.51 -35.84
C PHE L 179 64.96 -15.95 -35.93
N GLU L 180 66.20 -16.14 -36.40
CA GLU L 180 66.74 -17.48 -36.48
C GLU L 180 66.90 -18.09 -35.09
N LYS L 181 67.51 -17.35 -34.17
CA LYS L 181 67.64 -17.82 -32.79
C LYS L 181 66.32 -17.56 -32.08
N GLY L 182 65.40 -18.49 -32.28
CA GLY L 182 64.04 -18.40 -31.78
C GLY L 182 63.08 -19.05 -32.74
N TRP L 183 63.50 -19.17 -34.01
CA TRP L 183 62.77 -20.00 -34.97
C TRP L 183 63.02 -21.49 -34.74
N ALA L 184 64.15 -21.84 -34.13
CA ALA L 184 64.33 -23.21 -33.68
C ALA L 184 63.34 -23.57 -32.59
N SER L 185 62.75 -22.58 -31.94
CA SER L 185 61.75 -22.83 -30.92
C SER L 185 60.43 -23.15 -31.55
N GLN L 186 59.81 -24.17 -30.99
CA GLN L 186 58.51 -24.60 -31.46
C GLN L 186 57.44 -23.53 -31.36
N GLU L 187 57.42 -22.84 -30.24
CA GLU L 187 56.37 -21.88 -30.01
C GLU L 187 56.27 -21.00 -31.22
N MET L 188 57.47 -20.56 -31.62
CA MET L 188 57.72 -19.62 -32.71
C MET L 188 57.40 -20.23 -34.06
N LYS L 189 57.80 -21.48 -34.30
CA LYS L 189 57.43 -22.10 -35.57
C LYS L 189 55.92 -22.09 -35.72
N GLN L 190 55.20 -22.45 -34.65
CA GLN L 190 53.74 -22.45 -34.69
C GLN L 190 53.20 -21.06 -34.98
N LEU L 191 53.74 -20.05 -34.30
CA LEU L 191 53.28 -18.68 -34.53
C LEU L 191 53.52 -18.24 -35.97
N CYS L 192 54.71 -18.53 -36.50
CA CYS L 192 55.03 -18.15 -37.87
C CYS L 192 54.12 -18.85 -38.85
N ALA L 193 53.83 -20.12 -38.63
CA ALA L 193 52.91 -20.83 -39.51
C ALA L 193 51.52 -20.22 -39.43
N GLN L 194 51.10 -19.83 -38.23
CA GLN L 194 49.75 -19.30 -38.06
C GLN L 194 49.59 -17.92 -38.69
N ILE L 195 50.67 -17.14 -38.74
CA ILE L 195 50.60 -15.83 -39.40
C ILE L 195 50.83 -15.99 -40.92
N ASP L 196 52.03 -16.42 -41.29
CA ASP L 196 52.37 -16.68 -42.69
C ASP L 196 52.88 -18.12 -42.80
N PRO L 197 52.11 -19.03 -43.39
CA PRO L 197 52.55 -20.44 -43.41
C PRO L 197 53.98 -20.64 -43.90
N SER L 198 54.30 -20.13 -45.09
CA SER L 198 55.61 -20.32 -45.69
C SER L 198 56.51 -19.10 -45.45
N LEU L 199 56.78 -18.82 -44.18
CA LEU L 199 57.62 -17.67 -43.83
C LEU L 199 59.11 -18.00 -43.90
N THR L 200 59.57 -18.89 -43.01
CA THR L 200 60.97 -19.28 -42.92
C THR L 200 61.92 -18.09 -42.71
N PRO L 201 63.08 -18.32 -42.09
CA PRO L 201 64.06 -17.23 -41.94
C PRO L 201 64.54 -16.67 -43.27
N ARG L 202 64.63 -17.49 -44.31
CA ARG L 202 65.16 -17.00 -45.57
C ARG L 202 64.22 -15.99 -46.24
N ILE L 203 62.92 -16.30 -46.29
CA ILE L 203 62.00 -15.30 -46.84
C ILE L 203 61.86 -14.14 -45.87
N PHE L 204 62.03 -14.36 -44.56
CA PHE L 204 62.11 -13.23 -43.65
C PHE L 204 63.21 -12.25 -44.07
N LYS L 205 64.41 -12.78 -44.29
CA LYS L 205 65.53 -11.96 -44.72
C LYS L 205 65.25 -11.29 -46.06
N ASP L 206 64.71 -12.06 -47.01
CA ASP L 206 64.42 -11.52 -48.33
C ASP L 206 63.41 -10.39 -48.24
N ARG L 207 62.39 -10.54 -47.39
CA ARG L 207 61.38 -9.49 -47.25
C ARG L 207 61.99 -8.23 -46.63
N LEU L 208 62.86 -8.39 -45.62
CA LEU L 208 63.51 -7.21 -45.06
C LEU L 208 64.34 -6.50 -46.11
N GLN L 209 65.10 -7.26 -46.91
CA GLN L 209 65.92 -6.64 -47.95
C GLN L 209 65.05 -5.97 -49.01
N ILE L 210 63.94 -6.60 -49.38
CA ILE L 210 63.03 -6.00 -50.35
C ILE L 210 62.47 -4.70 -49.82
N ALA L 211 62.10 -4.67 -48.54
CA ALA L 211 61.60 -3.44 -47.95
C ALA L 211 62.64 -2.34 -48.00
N CYS L 212 63.89 -2.67 -47.64
CA CYS L 212 64.96 -1.67 -47.67
C CYS L 212 65.16 -1.12 -49.09
N ASN L 213 65.24 -2.03 -50.07
CA ASN L 213 65.48 -1.60 -51.44
C ASN L 213 64.33 -0.77 -51.98
N ILE L 214 63.09 -1.17 -51.68
CA ILE L 214 61.92 -0.40 -52.11
C ILE L 214 61.95 0.97 -51.47
N ARG L 215 62.34 1.05 -50.20
CA ARG L 215 62.44 2.34 -49.54
C ARG L 215 63.44 3.25 -50.25
N GLU L 216 64.60 2.70 -50.61
CA GLU L 216 65.60 3.49 -51.32
C GLU L 216 65.06 3.99 -52.67
N ILE L 217 64.46 3.08 -53.45
CA ILE L 217 63.95 3.44 -54.76
C ILE L 217 62.88 4.52 -54.64
N LEU L 218 61.94 4.32 -53.72
CA LEU L 218 60.85 5.28 -53.58
C LEU L 218 61.32 6.60 -52.98
N CYS L 219 62.40 6.59 -52.21
CA CYS L 219 63.01 7.85 -51.81
C CYS L 219 63.55 8.60 -53.02
N ARG L 220 64.16 7.87 -53.95
CA ARG L 220 64.63 8.53 -55.16
C ARG L 220 63.50 9.26 -55.87
N VAL L 221 62.35 8.61 -56.01
CA VAL L 221 61.26 9.28 -56.74
C VAL L 221 60.59 10.34 -55.86
N ALA L 222 60.62 10.18 -54.53
CA ALA L 222 60.09 11.21 -53.65
C ALA L 222 60.89 12.50 -53.79
N GLN L 223 62.22 12.38 -53.87
CA GLN L 223 63.07 13.53 -54.15
C GLN L 223 63.05 13.93 -55.62
N GLY L 224 62.56 13.07 -56.50
CA GLY L 224 62.57 13.37 -57.91
C GLY L 224 63.98 13.43 -58.46
N VAL L 225 64.74 12.34 -58.35
CA VAL L 225 66.13 12.31 -58.81
C VAL L 225 66.26 11.21 -59.87
N GLU L 226 65.95 11.55 -61.11
CA GLU L 226 66.53 10.98 -62.32
C GLU L 226 66.34 9.47 -62.52
N LEU L 227 65.64 8.77 -61.63
CA LEU L 227 65.27 7.37 -61.87
C LEU L 227 66.46 6.57 -62.42
N PRO L 228 67.41 6.14 -61.58
CA PRO L 228 68.66 5.61 -62.13
C PRO L 228 68.42 4.52 -63.18
N GLU L 229 69.41 4.34 -64.05
CA GLU L 229 69.18 3.53 -65.26
C GLU L 229 68.83 2.08 -64.92
N TRP L 230 69.42 1.53 -63.86
CA TRP L 230 69.23 0.12 -63.57
C TRP L 230 67.79 -0.24 -63.21
N ILE L 231 66.90 0.76 -63.11
CA ILE L 231 65.50 0.46 -62.84
C ILE L 231 64.89 -0.36 -63.96
N ALA L 232 65.37 -0.20 -65.20
CA ALA L 232 64.81 -0.95 -66.31
C ALA L 232 65.04 -2.45 -66.13
N SER L 233 66.22 -2.84 -65.63
CA SER L 233 66.50 -4.25 -65.40
C SER L 233 65.60 -4.83 -64.32
N MET L 234 65.18 -4.02 -63.38
CA MET L 234 64.29 -4.45 -62.30
C MET L 234 62.93 -4.84 -62.87
N GLN L 235 62.65 -6.13 -62.98
CA GLN L 235 61.40 -6.56 -63.56
C GLN L 235 60.51 -7.35 -62.63
N ASN L 236 61.07 -7.95 -61.57
CA ASN L 236 60.33 -8.87 -60.72
C ASN L 236 60.71 -8.58 -59.27
N PRO L 237 59.73 -8.31 -58.41
CA PRO L 237 60.06 -7.79 -57.07
C PRO L 237 61.06 -8.64 -56.31
N GLN L 238 61.17 -9.93 -56.62
CA GLN L 238 62.15 -10.77 -55.97
C GLN L 238 63.58 -10.32 -56.26
N GLN L 239 63.78 -9.55 -57.34
CA GLN L 239 65.10 -9.01 -57.63
C GLN L 239 65.60 -8.10 -56.50
N LEU L 240 64.68 -7.50 -55.75
CA LEU L 240 65.05 -6.60 -54.65
C LEU L 240 65.42 -7.35 -53.39
N ALA L 241 65.32 -8.68 -53.38
CA ALA L 241 65.71 -9.45 -52.21
C ALA L 241 67.20 -9.36 -51.90
N ASN L 242 67.98 -8.69 -52.75
CA ASN L 242 69.43 -8.74 -52.66
C ASN L 242 69.97 -7.33 -52.54
N SER L 243 71.23 -7.23 -52.11
CA SER L 243 71.85 -5.94 -51.86
C SER L 243 72.22 -5.18 -53.14
N THR L 244 72.30 -5.87 -54.27
CA THR L 244 72.69 -5.22 -55.53
C THR L 244 71.84 -5.77 -56.66
N ILE L 245 71.68 -4.97 -57.70
CA ILE L 245 70.98 -5.37 -58.92
C ILE L 245 71.99 -5.41 -60.06
N LEU L 246 71.78 -6.35 -60.98
CA LEU L 246 72.67 -6.57 -62.12
C LEU L 246 71.93 -6.13 -63.38
N HIS L 247 72.39 -5.03 -63.99
CA HIS L 247 71.73 -4.51 -65.18
C HIS L 247 72.31 -5.13 -66.44
N ASN L 248 73.59 -4.86 -66.73
CA ASN L 248 74.32 -5.54 -67.80
C ASN L 248 75.76 -5.71 -67.34
N GLY L 249 76.07 -6.88 -66.76
CA GLY L 249 77.43 -7.17 -66.34
C GLY L 249 77.82 -6.54 -65.02
N ARG L 250 77.24 -5.39 -64.70
CA ARG L 250 77.59 -4.63 -63.51
C ARG L 250 76.62 -4.90 -62.38
N GLU L 251 77.08 -4.68 -61.15
CA GLU L 251 76.26 -4.83 -59.95
C GLU L 251 76.09 -3.45 -59.32
N TYR L 252 74.88 -2.92 -59.39
CA TYR L 252 74.57 -1.59 -58.86
C TYR L 252 73.91 -1.71 -57.50
N GLY L 253 74.34 -0.86 -56.58
CA GLY L 253 73.71 -0.80 -55.27
C GLY L 253 72.46 0.07 -55.26
N PHE L 254 71.55 -0.25 -54.34
CA PHE L 254 70.29 0.46 -54.24
C PHE L 254 70.38 1.71 -53.37
N ALA L 255 71.48 1.90 -52.65
CA ALA L 255 71.57 3.03 -51.71
C ALA L 255 71.59 4.36 -52.46
N THR L 256 71.10 5.40 -51.79
CA THR L 256 71.10 6.75 -52.32
C THR L 256 71.38 7.70 -51.17
N VAL L 257 71.33 9.01 -51.46
CA VAL L 257 71.56 10.03 -50.46
C VAL L 257 70.24 10.41 -49.82
N TRP L 258 70.27 10.65 -48.51
CA TRP L 258 69.09 11.00 -47.75
C TRP L 258 69.26 12.37 -47.10
N PRO L 259 68.21 13.20 -47.05
CA PRO L 259 68.37 14.53 -46.44
C PRO L 259 68.79 14.47 -44.98
N ILE L 260 68.06 13.72 -44.17
CA ILE L 260 68.28 13.70 -42.73
C ILE L 260 69.43 12.75 -42.41
N ASP L 261 70.15 13.06 -41.33
CA ASP L 261 71.29 12.24 -40.93
C ASP L 261 70.85 10.82 -40.60
N ASP L 262 69.76 10.68 -39.86
CA ASP L 262 69.19 9.38 -39.53
C ASP L 262 68.11 9.06 -40.57
N LYS L 263 68.45 8.22 -41.54
CA LYS L 263 67.55 7.89 -42.64
C LYS L 263 66.50 6.86 -42.25
N TYR L 264 66.66 6.22 -41.10
CA TYR L 264 65.79 5.19 -40.56
C TYR L 264 64.89 5.72 -39.45
N SER L 265 64.79 7.04 -39.34
CA SER L 265 63.97 7.67 -38.32
C SER L 265 62.55 7.85 -38.85
N GLN L 266 61.60 7.95 -37.92
CA GLN L 266 60.21 8.09 -38.33
C GLN L 266 59.94 9.44 -38.98
N GLU L 267 60.71 10.46 -38.61
CA GLU L 267 60.67 11.71 -39.34
C GLU L 267 61.09 11.53 -40.79
N SER L 268 62.18 10.79 -41.02
CA SER L 268 62.63 10.53 -42.38
C SER L 268 61.59 9.73 -43.16
N GLU L 269 61.01 8.72 -42.51
CA GLU L 269 59.98 7.93 -43.17
C GLU L 269 58.78 8.79 -43.55
N PHE L 270 58.35 9.67 -42.63
CA PHE L 270 57.22 10.55 -42.91
C PHE L 270 57.54 11.50 -44.04
N CYS L 271 58.74 12.08 -44.04
CA CYS L 271 59.12 13.00 -45.11
C CYS L 271 59.12 12.29 -46.46
N TRP L 272 59.71 11.10 -46.52
CA TRP L 272 59.75 10.37 -47.77
C TRP L 272 58.35 10.01 -48.26
N LEU L 273 57.50 9.54 -47.36
CA LEU L 273 56.14 9.16 -47.77
C LEU L 273 55.35 10.38 -48.22
N THR L 274 55.49 11.51 -47.51
CA THR L 274 54.79 12.72 -47.92
C THR L 274 55.25 13.18 -49.30
N GLY L 275 56.56 13.16 -49.54
CA GLY L 275 57.04 13.53 -50.87
C GLY L 275 56.54 12.59 -51.95
N LEU L 276 56.55 11.28 -51.67
CA LEU L 276 56.08 10.32 -52.66
C LEU L 276 54.62 10.53 -52.99
N LEU L 277 53.78 10.74 -51.97
CA LEU L 277 52.36 10.94 -52.21
C LEU L 277 52.09 12.28 -52.89
N GLU L 278 52.88 13.31 -52.55
CA GLU L 278 52.75 14.58 -53.25
C GLU L 278 53.06 14.43 -54.73
N LYS L 279 54.12 13.68 -55.06
CA LYS L 279 54.45 13.45 -56.46
C LYS L 279 53.41 12.59 -57.15
N TRP L 280 52.82 11.64 -56.44
CA TRP L 280 51.78 10.77 -56.98
C TRP L 280 50.38 11.26 -56.68
N ARG L 281 50.22 12.56 -56.42
CA ARG L 281 48.92 13.10 -56.06
C ARG L 281 47.84 12.74 -57.08
N PHE L 282 48.12 12.92 -58.37
CA PHE L 282 47.14 12.73 -59.43
C PHE L 282 47.18 11.31 -60.00
N ASN L 283 48.36 10.75 -60.19
CA ASN L 283 48.54 9.36 -60.58
C ASN L 283 49.88 8.86 -60.08
N ALA L 284 50.19 7.61 -60.39
CA ALA L 284 51.48 7.00 -60.09
C ALA L 284 51.79 5.92 -61.11
N PRO L 285 53.07 5.68 -61.38
CA PRO L 285 53.44 4.52 -62.21
C PRO L 285 52.98 3.23 -61.54
N GLU L 286 52.49 2.30 -62.36
CA GLU L 286 51.95 1.06 -61.82
C GLU L 286 53.00 0.28 -61.05
N GLY L 287 54.21 0.16 -61.61
CA GLY L 287 55.25 -0.63 -60.96
C GLY L 287 55.69 -0.04 -59.64
N LEU L 288 55.91 1.28 -59.60
CA LEU L 288 56.34 1.92 -58.36
C LEU L 288 55.23 1.93 -57.32
N GLU L 289 53.97 2.08 -57.76
CA GLU L 289 52.86 1.98 -56.83
C GLU L 289 52.78 0.57 -56.24
N ARG L 290 53.02 -0.45 -57.07
CA ARG L 290 53.05 -1.81 -56.55
C ARG L 290 54.22 -2.01 -55.59
N LEU L 291 55.35 -1.36 -55.85
CA LEU L 291 56.47 -1.42 -54.92
C LEU L 291 56.08 -0.83 -53.57
N LEU L 292 55.40 0.31 -53.59
CA LEU L 292 54.91 0.90 -52.35
C LEU L 292 53.93 -0.03 -51.64
N TRP L 293 53.04 -0.66 -52.42
CA TRP L 293 52.09 -1.63 -51.85
C TRP L 293 52.83 -2.77 -51.17
N ILE L 294 53.86 -3.30 -51.82
CA ILE L 294 54.63 -4.40 -51.26
C ILE L 294 55.35 -3.96 -49.99
N TYR L 295 55.89 -2.74 -50.00
CA TYR L 295 56.56 -2.22 -48.80
C TYR L 295 55.58 -2.14 -47.64
N LEU L 296 54.39 -1.59 -47.89
CA LEU L 296 53.38 -1.49 -46.83
C LEU L 296 52.97 -2.86 -46.32
N LEU L 297 52.76 -3.81 -47.24
CA LEU L 297 52.37 -5.16 -46.84
C LEU L 297 53.45 -5.82 -45.99
N ILE L 298 54.71 -5.67 -46.40
CA ILE L 298 55.81 -6.26 -45.65
C ILE L 298 55.89 -5.64 -44.26
N GLN L 299 55.78 -4.32 -44.18
CA GLN L 299 55.83 -3.65 -42.89
C GLN L 299 54.71 -4.14 -41.98
N ASN L 300 53.49 -4.23 -42.51
CA ASN L 300 52.36 -4.65 -41.69
C ASN L 300 52.50 -6.11 -41.25
N GLN L 301 52.98 -6.99 -42.14
CA GLN L 301 53.21 -8.38 -41.76
C GLN L 301 54.25 -8.48 -40.65
N TYR L 302 55.35 -7.74 -40.79
CA TYR L 302 56.39 -7.75 -39.76
C TYR L 302 55.84 -7.26 -38.43
N LEU L 303 55.06 -6.19 -38.46
CA LEU L 303 54.49 -5.65 -37.21
C LEU L 303 53.52 -6.64 -36.58
N THR L 304 52.70 -7.32 -37.40
CA THR L 304 51.80 -8.34 -36.88
C THR L 304 52.58 -9.44 -36.18
N LEU L 305 53.61 -9.97 -36.84
CA LEU L 305 54.44 -11.00 -36.23
C LEU L 305 55.07 -10.51 -34.94
N LEU L 306 55.60 -9.29 -34.95
CA LEU L 306 56.27 -8.76 -33.76
C LEU L 306 55.31 -8.60 -32.59
N VAL L 307 54.12 -8.04 -32.84
CA VAL L 307 53.17 -7.84 -31.74
C VAL L 307 52.67 -9.18 -31.22
N GLN L 308 52.52 -10.18 -32.08
CA GLN L 308 52.01 -11.47 -31.61
C GLN L 308 53.09 -12.32 -30.94
N ARG L 309 54.36 -11.90 -30.97
CA ARG L 309 55.38 -12.59 -30.20
C ARG L 309 55.16 -12.39 -28.71
N THR L 322 66.11 -11.16 -28.03
CA THR L 322 66.86 -10.69 -26.87
C THR L 322 67.82 -9.65 -27.38
N MET L 323 68.31 -9.95 -28.57
CA MET L 323 69.46 -9.26 -29.13
C MET L 323 69.10 -7.87 -29.63
N THR L 324 68.10 -7.79 -30.51
CA THR L 324 67.57 -6.50 -30.93
C THR L 324 67.18 -5.68 -29.70
N GLU L 325 66.75 -6.36 -28.63
CA GLU L 325 66.49 -5.66 -27.38
C GLU L 325 67.78 -5.14 -26.74
N LEU L 326 68.85 -5.93 -26.81
CA LEU L 326 70.14 -5.43 -26.32
C LEU L 326 70.50 -4.15 -27.02
N ARG L 327 70.15 -4.04 -28.30
CA ARG L 327 70.46 -2.82 -29.04
C ARG L 327 69.67 -1.62 -28.54
N GLU L 328 68.69 -1.81 -27.67
CA GLU L 328 68.03 -0.71 -26.96
C GLU L 328 68.71 -0.42 -25.63
N GLU L 329 70.02 -0.69 -25.52
CA GLU L 329 70.79 -0.47 -24.30
C GLU L 329 71.69 0.75 -24.44
N THR L 330 71.23 1.77 -25.16
CA THR L 330 71.89 3.06 -25.26
C THR L 330 70.97 4.14 -24.70
N GLU L 331 71.54 5.33 -24.48
CA GLU L 331 70.73 6.43 -23.96
C GLU L 331 70.03 7.19 -25.09
N LYS L 332 69.40 6.46 -26.01
CA LYS L 332 68.62 6.89 -27.17
C LYS L 332 67.19 6.41 -27.12
N SER L 333 66.99 5.10 -26.97
CA SER L 333 65.64 4.58 -26.89
C SER L 333 64.93 5.12 -25.67
N TYR L 334 65.65 5.23 -24.54
CA TYR L 334 65.05 5.76 -23.33
C TYR L 334 64.81 7.27 -23.44
N LEU L 335 65.73 8.00 -24.08
CA LEU L 335 65.51 9.43 -24.29
C LEU L 335 64.27 9.65 -25.16
N SER L 336 64.13 8.87 -26.23
CA SER L 336 62.93 8.97 -27.06
C SER L 336 61.69 8.58 -26.28
N ARG L 337 61.81 7.56 -25.43
CA ARG L 337 60.70 7.14 -24.58
C ARG L 337 60.22 8.29 -23.71
N PHE L 338 61.16 8.99 -23.07
CA PHE L 338 60.78 10.08 -22.17
C PHE L 338 60.25 11.27 -22.95
N LYS L 339 60.88 11.60 -24.09
CA LYS L 339 60.37 12.68 -24.92
C LYS L 339 58.97 12.40 -25.43
N HIS L 340 58.67 11.13 -25.71
CA HIS L 340 57.35 10.74 -26.18
C HIS L 340 56.32 10.76 -25.06
N ALA L 341 56.70 10.28 -23.88
CA ALA L 341 55.81 10.39 -22.73
C ALA L 341 55.47 11.85 -22.45
N HIS L 342 56.49 12.71 -22.48
CA HIS L 342 56.25 14.15 -22.53
C HIS L 342 55.55 14.49 -23.85
N GLY L 343 54.55 15.35 -23.77
CA GLY L 343 53.83 15.75 -24.97
C GLY L 343 54.66 16.68 -25.84
N ALA L 344 53.99 17.42 -26.71
CA ALA L 344 54.65 18.45 -27.50
C ALA L 344 54.71 19.79 -26.77
N GLY L 345 54.08 19.90 -25.61
CA GLY L 345 54.06 21.14 -24.85
C GLY L 345 55.19 21.23 -23.85
N VAL L 346 55.19 22.35 -23.12
CA VAL L 346 56.24 22.61 -22.14
C VAL L 346 56.10 21.67 -20.95
N TYR L 347 54.87 21.43 -20.51
CA TYR L 347 54.56 20.58 -19.36
C TYR L 347 54.19 19.18 -19.82
N SER L 348 54.80 18.19 -19.18
CA SER L 348 54.67 16.81 -19.63
C SER L 348 53.24 16.32 -19.47
N GLN L 349 52.78 15.55 -20.47
CA GLN L 349 51.49 14.88 -20.39
C GLN L 349 51.48 13.78 -19.34
N VAL L 350 52.61 13.12 -19.13
CA VAL L 350 52.73 12.00 -18.20
C VAL L 350 53.55 12.46 -17.00
N ARG L 351 52.98 12.31 -15.81
CA ARG L 351 53.65 12.78 -14.59
C ARG L 351 54.51 11.69 -13.96
N TYR L 352 53.92 10.54 -13.63
CA TYR L 352 54.62 9.46 -12.93
C TYR L 352 54.74 8.28 -13.89
N LEU L 353 55.95 8.01 -14.36
CA LEU L 353 56.20 6.94 -15.31
C LEU L 353 56.95 5.81 -14.63
N GLU L 354 56.38 4.60 -14.68
CA GLU L 354 57.05 3.38 -14.25
C GLU L 354 57.69 2.75 -15.48
N GLY L 355 58.99 2.50 -15.43
CA GLY L 355 59.85 1.93 -16.44
C GLY L 355 60.34 0.55 -16.05
N ARG L 356 59.86 -0.45 -16.78
CA ARG L 356 60.11 -1.85 -16.45
C ARG L 356 61.13 -2.44 -17.41
N PHE L 357 62.16 -3.08 -16.87
CA PHE L 357 63.24 -3.62 -17.69
C PHE L 357 63.64 -5.00 -17.18
N ALA L 358 64.09 -5.86 -18.10
CA ALA L 358 64.52 -7.19 -17.70
C ALA L 358 65.88 -7.12 -17.01
N PRO L 359 66.03 -7.69 -15.80
CA PRO L 359 67.33 -7.65 -15.14
C PRO L 359 68.30 -8.63 -15.78
N LYS L 360 69.53 -8.18 -15.99
CA LYS L 360 70.55 -8.97 -16.66
C LYS L 360 71.32 -9.85 -15.67
N SER L 361 71.71 -11.02 -16.14
CA SER L 361 72.47 -11.98 -15.36
C SER L 361 73.95 -11.65 -15.30
N ASP L 362 74.40 -10.64 -16.04
CA ASP L 362 75.77 -10.19 -16.03
C ASP L 362 75.86 -8.84 -15.32
N PRO L 363 76.66 -8.69 -14.25
CA PRO L 363 76.71 -7.40 -13.56
C PRO L 363 77.07 -6.25 -14.47
N ASN L 364 78.00 -6.48 -15.39
CA ASN L 364 78.36 -5.48 -16.39
C ASN L 364 77.15 -5.06 -17.21
N LYS L 365 76.40 -6.03 -17.76
CA LYS L 365 75.25 -5.69 -18.58
C LYS L 365 74.19 -4.96 -17.78
N MET L 366 74.03 -5.33 -16.50
CA MET L 366 73.05 -4.65 -15.65
C MET L 366 73.45 -3.20 -15.40
N GLN L 367 74.70 -2.98 -14.99
CA GLN L 367 75.19 -1.61 -14.84
C GLN L 367 75.00 -0.85 -16.13
N LYS L 368 75.22 -1.53 -17.24
CA LYS L 368 75.12 -0.94 -18.56
C LYS L 368 73.72 -0.45 -18.85
N LEU L 369 72.75 -1.34 -18.68
CA LEU L 369 71.37 -0.99 -18.92
C LEU L 369 70.92 0.15 -18.02
N LEU L 370 71.33 0.11 -16.75
CA LEU L 370 70.86 1.12 -15.81
C LEU L 370 71.50 2.48 -16.10
N PHE L 371 72.78 2.51 -16.45
CA PHE L 371 73.40 3.76 -16.84
C PHE L 371 72.72 4.33 -18.07
N SER L 372 72.39 3.47 -19.05
CA SER L 372 71.69 3.96 -20.23
C SER L 372 70.37 4.61 -19.85
N VAL L 373 69.57 3.93 -19.01
CA VAL L 373 68.26 4.47 -18.65
C VAL L 373 68.40 5.79 -17.91
N LEU L 374 69.29 5.82 -16.91
CA LEU L 374 69.43 7.02 -16.09
C LEU L 374 69.97 8.19 -16.92
N ARG L 375 70.90 7.92 -17.84
CA ARG L 375 71.46 9.01 -18.64
C ARG L 375 70.43 9.52 -19.65
N GLY L 376 69.61 8.63 -20.21
CA GLY L 376 68.53 9.10 -21.06
C GLY L 376 67.56 9.99 -20.29
N TYR L 377 67.22 9.59 -19.07
CA TYR L 377 66.35 10.42 -18.24
C TYR L 377 67.00 11.78 -17.96
N TRP L 378 68.30 11.78 -17.66
CA TRP L 378 68.98 13.03 -17.38
C TRP L 378 69.00 13.94 -18.59
N GLU L 379 69.25 13.39 -19.78
CA GLU L 379 69.24 14.20 -20.99
C GLU L 379 67.85 14.77 -21.25
N TYR L 380 66.81 13.95 -21.06
CA TYR L 380 65.45 14.43 -21.20
C TYR L 380 65.18 15.59 -20.26
N LEU L 381 65.63 15.48 -19.01
CA LEU L 381 65.43 16.56 -18.05
C LEU L 381 66.23 17.80 -18.43
N SER L 382 67.45 17.62 -18.92
CA SER L 382 68.28 18.75 -19.34
C SER L 382 67.65 19.50 -20.49
N ALA L 383 66.90 18.82 -21.34
CA ALA L 383 66.20 19.49 -22.44
C ALA L 383 64.95 20.24 -21.99
N HIS L 384 64.62 20.22 -20.69
CA HIS L 384 63.43 20.91 -20.20
C HIS L 384 63.69 21.79 -18.98
N MET L 385 64.84 21.71 -18.34
CA MET L 385 65.18 22.64 -17.28
C MET L 385 66.65 23.03 -17.37
N SER L 386 66.95 24.24 -16.92
CA SER L 386 68.31 24.77 -16.90
C SER L 386 68.75 24.93 -15.44
N MET L 387 69.86 24.28 -15.10
CA MET L 387 70.37 24.31 -13.73
C MET L 387 71.84 23.91 -13.76
N GLU L 388 72.54 24.21 -12.66
CA GLU L 388 73.92 23.78 -12.50
C GLU L 388 73.96 22.27 -12.35
N TRP L 389 74.51 21.59 -13.35
CA TRP L 389 74.40 20.13 -13.47
C TRP L 389 75.61 19.40 -12.89
N VAL L 390 76.50 20.09 -12.17
CA VAL L 390 77.69 19.48 -11.60
C VAL L 390 78.55 18.90 -12.72
N HIS L 391 78.31 17.63 -13.07
CA HIS L 391 78.96 16.98 -14.20
C HIS L 391 78.15 17.28 -15.46
N GLU L 392 78.67 18.16 -16.31
CA GLU L 392 77.96 18.50 -17.53
C GLU L 392 77.86 17.30 -18.45
N LYS L 393 78.81 16.36 -18.34
CA LYS L 393 78.86 15.18 -19.18
C LYS L 393 79.06 13.95 -18.31
N PRO L 394 78.01 13.47 -17.64
CA PRO L 394 78.16 12.29 -16.79
C PRO L 394 78.57 11.07 -17.59
N LEU L 395 79.46 10.26 -17.02
CA LEU L 395 79.94 9.03 -17.62
C LEU L 395 79.61 7.80 -16.82
N THR L 396 79.31 7.94 -15.53
CA THR L 396 79.05 6.82 -14.64
C THR L 396 77.71 7.02 -13.95
N ILE L 397 77.20 5.92 -13.40
CA ILE L 397 75.92 5.97 -12.68
C ILE L 397 76.02 6.93 -11.50
N SER L 398 77.18 6.96 -10.83
CA SER L 398 77.35 7.87 -9.71
C SER L 398 77.22 9.33 -10.17
N GLN L 399 77.84 9.67 -11.30
CA GLN L 399 77.74 11.04 -11.81
C GLN L 399 76.31 11.37 -12.24
N VAL L 400 75.63 10.43 -12.89
CA VAL L 400 74.25 10.68 -13.29
C VAL L 400 73.37 10.89 -12.06
N LEU L 401 73.62 10.13 -11.00
CA LEU L 401 72.85 10.30 -9.77
C LEU L 401 73.17 11.63 -9.10
N ASP L 402 74.43 12.05 -9.13
CA ASP L 402 74.78 13.38 -8.64
C ASP L 402 73.99 14.44 -9.39
N ASN L 403 73.88 14.29 -10.71
CA ASN L 403 73.07 15.21 -11.50
C ASN L 403 71.61 15.17 -11.08
N LEU L 404 71.05 13.97 -10.94
CA LEU L 404 69.61 13.82 -10.72
C LEU L 404 69.20 14.23 -9.31
N GLU L 405 70.12 14.22 -8.35
CA GLU L 405 69.77 14.61 -6.99
C GLU L 405 69.29 16.06 -6.92
N LEU L 406 69.69 16.89 -7.87
CA LEU L 406 69.31 18.30 -7.89
C LEU L 406 67.91 18.55 -8.44
N VAL L 407 67.29 17.53 -9.03
CA VAL L 407 65.99 17.70 -9.69
C VAL L 407 64.90 17.66 -8.64
N GLU L 408 64.09 18.71 -8.58
CA GLU L 408 62.97 18.79 -7.66
C GLU L 408 61.70 18.27 -8.31
N PRO L 409 60.78 17.68 -7.55
CA PRO L 409 59.52 17.19 -8.12
C PRO L 409 58.53 18.31 -8.38
N HIS L 410 58.93 19.29 -9.18
CA HIS L 410 58.04 20.41 -9.50
C HIS L 410 56.80 19.94 -10.23
N GLY L 411 56.96 18.99 -11.16
CA GLY L 411 55.86 18.48 -11.95
C GLY L 411 55.92 18.83 -13.42
N LYS L 412 56.96 19.54 -13.86
CA LYS L 412 57.07 19.93 -15.25
C LYS L 412 57.33 18.72 -16.16
N CYS L 413 58.21 17.82 -15.72
CA CYS L 413 58.67 16.71 -16.54
C CYS L 413 58.19 15.39 -15.93
N VAL L 414 58.51 14.30 -16.63
CA VAL L 414 58.18 12.97 -16.13
C VAL L 414 59.06 12.66 -14.91
N GLU L 415 58.54 11.83 -14.03
CA GLU L 415 59.29 11.33 -12.88
C GLU L 415 59.39 9.81 -13.02
N LEU L 416 60.62 9.32 -13.09
CA LEU L 416 60.90 7.94 -13.42
C LEU L 416 60.94 7.08 -12.17
N ALA L 417 60.35 5.89 -12.27
CA ALA L 417 60.50 4.85 -11.26
C ALA L 417 60.83 3.55 -11.97
N LEU L 418 62.01 3.00 -11.70
CA LEU L 418 62.48 1.81 -12.37
C LEU L 418 62.03 0.55 -11.64
N VAL L 419 61.55 -0.42 -12.40
CA VAL L 419 61.09 -1.70 -11.86
C VAL L 419 61.73 -2.82 -12.68
N PRO L 420 62.70 -3.54 -12.12
CA PRO L 420 63.18 -4.75 -12.79
C PRO L 420 62.12 -5.84 -12.83
N HIS L 421 62.12 -6.57 -13.94
CA HIS L 421 61.27 -7.73 -14.13
C HIS L 421 61.81 -8.92 -13.37
N PHE L 422 61.10 -10.03 -13.48
CA PHE L 422 61.66 -11.35 -13.24
C PHE L 422 60.90 -12.30 -14.15
N ILE L 423 61.58 -12.80 -15.18
CA ILE L 423 60.95 -13.65 -16.19
C ILE L 423 60.90 -15.07 -15.64
N LYS L 424 59.69 -15.63 -15.56
CA LYS L 424 59.50 -17.00 -15.09
C LYS L 424 59.49 -17.94 -16.29
N ARG L 425 60.25 -19.02 -16.19
CA ARG L 425 60.36 -20.01 -17.25
C ARG L 425 59.77 -21.34 -16.77
N LYS L 426 59.38 -22.16 -17.74
CA LYS L 426 58.81 -23.45 -17.41
C LYS L 426 59.87 -24.34 -16.73
N PRO L 427 59.44 -25.21 -15.82
CA PRO L 427 60.40 -26.12 -15.18
C PRO L 427 61.00 -27.08 -16.19
N LYS L 428 62.24 -27.49 -15.94
CA LYS L 428 62.95 -28.34 -16.87
C LYS L 428 62.82 -29.81 -16.47
N ASN L 429 63.35 -30.68 -17.32
CA ASN L 429 63.11 -32.12 -17.17
C ASN L 429 63.65 -32.64 -15.84
N GLY L 430 64.88 -32.26 -15.49
CA GLY L 430 65.50 -32.79 -14.29
C GLY L 430 66.08 -31.72 -13.39
N GLU L 431 65.58 -31.63 -12.16
CA GLU L 431 66.10 -30.69 -11.17
C GLU L 431 65.71 -31.20 -9.79
N ALA L 432 66.38 -30.65 -8.78
CA ALA L 432 66.14 -31.09 -7.41
C ALA L 432 64.68 -30.90 -7.02
N TYR L 433 64.15 -29.72 -7.26
CA TYR L 433 62.74 -29.40 -7.01
C TYR L 433 62.22 -28.58 -8.17
N PRO L 434 60.90 -28.50 -8.34
CA PRO L 434 60.36 -27.75 -9.48
C PRO L 434 60.84 -26.30 -9.46
N HIS L 435 61.20 -25.82 -10.65
CA HIS L 435 61.69 -24.45 -10.82
C HIS L 435 62.96 -24.21 -10.00
N ALA L 436 63.79 -25.24 -9.80
CA ALA L 436 65.04 -25.05 -9.07
C ALA L 436 65.99 -24.16 -9.87
N LEU L 437 66.18 -24.48 -11.15
CA LEU L 437 67.09 -23.70 -11.98
C LEU L 437 66.53 -22.29 -12.24
N LEU L 438 65.22 -22.17 -12.39
CA LEU L 438 64.61 -20.85 -12.51
C LEU L 438 64.82 -20.02 -11.25
N PHE L 439 64.53 -20.61 -10.08
CA PHE L 439 64.76 -19.91 -8.83
C PHE L 439 66.22 -19.50 -8.73
N LYS L 440 67.12 -20.37 -9.21
CA LYS L 440 68.53 -20.01 -9.29
C LYS L 440 68.75 -18.73 -10.07
N ASP L 441 68.39 -18.75 -11.36
CA ASP L 441 68.68 -17.63 -12.23
C ASP L 441 68.11 -16.35 -11.64
N LEU L 442 66.91 -16.45 -11.04
CA LEU L 442 66.34 -15.32 -10.33
C LEU L 442 67.23 -14.92 -9.17
N LYS L 443 67.82 -15.91 -8.49
CA LYS L 443 68.69 -15.61 -7.36
C LYS L 443 69.91 -14.81 -7.81
N ASN L 444 70.52 -15.23 -8.92
CA ASN L 444 71.69 -14.51 -9.41
C ASN L 444 71.32 -13.10 -9.86
N GLN L 445 70.19 -12.96 -10.56
CA GLN L 445 69.75 -11.63 -10.98
C GLN L 445 69.50 -10.73 -9.77
N ALA L 446 68.83 -11.27 -8.75
CA ALA L 446 68.56 -10.51 -7.54
C ALA L 446 69.85 -10.16 -6.81
N ALA L 447 70.82 -11.09 -6.82
CA ALA L 447 72.11 -10.79 -6.21
C ALA L 447 72.78 -9.63 -6.92
N ILE L 448 72.78 -9.64 -8.25
CA ILE L 448 73.36 -8.53 -9.00
C ILE L 448 72.66 -7.23 -8.62
N LEU L 449 71.33 -7.26 -8.55
CA LEU L 449 70.58 -6.05 -8.21
C LEU L 449 70.95 -5.54 -6.82
N MET L 450 71.05 -6.46 -5.85
CA MET L 450 71.39 -6.06 -4.49
C MET L 450 72.80 -5.51 -4.39
N ASP L 451 73.76 -6.11 -5.11
CA ASP L 451 75.11 -5.55 -5.11
C ASP L 451 75.13 -4.15 -5.74
N MET L 452 74.34 -3.94 -6.78
CA MET L 452 74.22 -2.60 -7.35
C MET L 452 73.69 -1.62 -6.31
N LEU L 453 72.56 -1.97 -5.67
CA LEU L 453 71.97 -1.08 -4.68
C LEU L 453 72.95 -0.80 -3.55
N LYS L 454 73.72 -1.81 -3.14
CA LYS L 454 74.76 -1.57 -2.15
C LYS L 454 75.74 -0.53 -2.63
N SER L 455 76.49 -0.90 -3.69
CA SER L 455 77.59 -0.06 -4.15
C SER L 455 77.12 1.34 -4.47
N GLU L 456 75.81 1.54 -4.60
CA GLU L 456 75.24 2.86 -4.81
C GLU L 456 73.90 2.94 -4.09
N PRO L 457 73.90 3.34 -2.82
CA PRO L 457 72.62 3.42 -2.09
C PRO L 457 71.62 4.37 -2.72
N ARG L 458 72.08 5.41 -3.41
CA ARG L 458 71.17 6.35 -4.04
C ARG L 458 70.30 5.70 -5.11
N LEU L 459 70.68 4.52 -5.59
CA LEU L 459 69.86 3.85 -6.60
C LEU L 459 68.54 3.35 -6.03
N THR L 460 68.37 3.36 -4.71
CA THR L 460 67.08 2.98 -4.14
C THR L 460 66.03 4.05 -4.38
N GLY L 461 66.43 5.28 -4.68
CA GLY L 461 65.49 6.31 -5.05
C GLY L 461 65.02 6.27 -6.48
N TRP L 462 65.57 5.36 -7.29
CA TRP L 462 65.18 5.20 -8.67
C TRP L 462 64.74 3.79 -9.03
N ILE L 463 65.23 2.78 -8.32
CA ILE L 463 64.75 1.40 -8.47
C ILE L 463 63.72 1.18 -7.37
N ARG L 464 62.45 1.27 -7.72
CA ARG L 464 61.35 1.14 -6.77
C ARG L 464 60.42 0.05 -7.28
N GLY L 465 60.74 -1.18 -6.92
CA GLY L 465 59.84 -2.29 -7.20
C GLY L 465 60.53 -3.41 -7.94
N VAL L 466 60.15 -4.63 -7.59
CA VAL L 466 60.51 -5.80 -8.37
C VAL L 466 59.22 -6.45 -8.84
N ASP L 467 58.97 -6.36 -10.14
CA ASP L 467 57.84 -7.04 -10.75
C ASP L 467 58.27 -8.39 -11.29
N ALA L 468 57.40 -9.39 -11.15
CA ALA L 468 57.61 -10.68 -11.80
C ALA L 468 56.53 -10.85 -12.85
N ALA L 469 56.89 -10.60 -14.10
CA ALA L 469 56.02 -10.81 -15.27
C ALA L 469 56.40 -12.14 -15.92
N ALA L 470 55.91 -12.34 -17.14
CA ALA L 470 56.05 -13.51 -18.00
C ALA L 470 54.84 -14.43 -17.77
N ASN L 471 54.87 -15.59 -18.40
CA ASN L 471 53.73 -16.50 -18.40
C ASN L 471 53.43 -16.98 -17.00
N GLU L 472 52.14 -17.03 -16.67
CA GLU L 472 51.74 -17.38 -15.31
C GLU L 472 52.02 -18.84 -15.01
N MET L 473 51.69 -19.71 -15.95
CA MET L 473 51.68 -21.16 -15.76
C MET L 473 53.07 -21.74 -15.61
N HIS L 474 54.09 -20.93 -15.87
CA HIS L 474 55.47 -21.38 -15.88
C HIS L 474 56.09 -21.36 -14.50
N ALA L 475 55.56 -20.54 -13.59
CA ALA L 475 56.04 -20.47 -12.23
C ALA L 475 54.94 -19.89 -11.34
N PRO L 476 54.60 -20.54 -10.24
CA PRO L 476 53.54 -20.02 -9.37
C PRO L 476 54.05 -18.86 -8.53
N PRO L 477 53.13 -18.07 -7.94
CA PRO L 477 53.58 -16.94 -7.11
C PRO L 477 54.40 -17.36 -5.91
N GLU L 478 54.15 -18.55 -5.34
CA GLU L 478 54.86 -18.95 -4.13
C GLU L 478 56.35 -19.11 -4.35
N LEU L 479 56.80 -19.22 -5.60
CA LEU L 479 58.23 -19.38 -5.88
C LEU L 479 58.99 -18.08 -5.66
N PHE L 480 58.35 -16.93 -5.85
CA PHE L 480 59.03 -15.64 -5.77
C PHE L 480 59.00 -15.03 -4.38
N CYS L 481 58.30 -15.64 -3.42
CA CYS L 481 58.19 -15.05 -2.08
C CYS L 481 59.54 -14.87 -1.42
N PRO L 482 60.42 -15.88 -1.35
CA PRO L 482 61.74 -15.64 -0.73
C PRO L 482 62.52 -14.53 -1.40
N LEU L 483 62.48 -14.48 -2.73
CA LEU L 483 63.18 -13.45 -3.47
C LEU L 483 62.66 -12.07 -3.11
N PHE L 484 61.33 -11.92 -3.07
CA PHE L 484 60.73 -10.63 -2.76
C PHE L 484 61.05 -10.20 -1.33
N ARG L 485 61.03 -11.14 -0.39
CA ARG L 485 61.40 -10.81 0.99
C ARG L 485 62.83 -10.30 1.07
N VAL L 486 63.76 -11.04 0.46
CA VAL L 486 65.17 -10.64 0.50
C VAL L 486 65.36 -9.27 -0.15
N LEU L 487 64.68 -9.03 -1.28
CA LEU L 487 64.78 -7.73 -1.93
C LEU L 487 64.20 -6.62 -1.07
N ALA L 488 63.07 -6.89 -0.41
CA ALA L 488 62.50 -5.92 0.52
C ALA L 488 63.55 -5.46 1.52
N LYS L 489 64.32 -6.41 2.05
CA LYS L 489 65.37 -6.02 2.98
C LYS L 489 66.56 -5.35 2.30
N SER L 490 66.90 -5.75 1.08
CA SER L 490 67.97 -5.10 0.35
C SER L 490 67.61 -3.66 -0.01
N GLY L 491 66.36 -3.26 0.19
CA GLY L 491 65.95 -1.88 0.02
C GLY L 491 64.96 -1.65 -1.10
N ILE L 492 64.37 -2.70 -1.64
CA ILE L 492 63.42 -2.59 -2.74
C ILE L 492 62.02 -2.44 -2.15
N ALA L 493 61.49 -1.22 -2.17
CA ALA L 493 60.11 -0.95 -1.80
C ALA L 493 59.19 -1.30 -2.96
N HIS L 494 57.96 -1.68 -2.63
CA HIS L 494 56.91 -1.98 -3.59
C HIS L 494 57.23 -3.26 -4.36
N PHE L 495 56.21 -4.09 -4.52
CA PHE L 495 56.35 -5.34 -5.24
C PHE L 495 55.19 -5.52 -6.20
N THR L 496 55.47 -6.15 -7.34
CA THR L 496 54.44 -6.39 -8.34
C THR L 496 54.58 -7.80 -8.88
N TYR L 497 53.45 -8.39 -9.27
CA TYR L 497 53.45 -9.77 -9.73
C TYR L 497 52.25 -9.98 -10.65
N HIS L 498 52.51 -10.40 -11.88
CA HIS L 498 51.43 -10.67 -12.82
C HIS L 498 50.61 -11.87 -12.36
N VAL L 499 49.31 -11.69 -12.21
CA VAL L 499 48.40 -12.77 -11.81
C VAL L 499 47.09 -12.63 -12.57
N GLY L 500 46.47 -13.76 -12.85
CA GLY L 500 45.15 -13.80 -13.45
C GLY L 500 45.11 -13.57 -14.95
N GLU L 501 46.25 -13.46 -15.62
CA GLU L 501 46.26 -13.19 -17.05
C GLU L 501 45.81 -14.41 -17.85
N ASP L 502 46.56 -15.50 -17.80
CA ASP L 502 46.22 -16.73 -18.50
C ASP L 502 46.18 -17.87 -17.50
N PHE L 503 45.08 -18.63 -17.52
CA PHE L 503 44.80 -19.68 -16.55
C PHE L 503 44.11 -20.84 -17.25
N PRO L 504 44.37 -22.08 -16.85
CA PRO L 504 43.62 -23.21 -17.43
C PRO L 504 42.15 -23.15 -17.10
N HIS L 505 41.78 -22.53 -15.99
CA HIS L 505 40.40 -22.41 -15.57
C HIS L 505 40.24 -21.10 -14.81
N LEU L 506 39.01 -20.58 -14.81
CA LEU L 506 38.73 -19.34 -14.09
C LEU L 506 38.96 -19.54 -12.60
N ILE L 507 38.57 -20.69 -12.06
CA ILE L 507 38.86 -21.00 -10.67
C ILE L 507 40.37 -21.01 -10.44
N SER L 508 41.11 -21.54 -11.41
CA SER L 508 42.57 -21.55 -11.29
C SER L 508 43.13 -20.14 -11.23
N GLY L 509 42.62 -19.23 -12.06
CA GLY L 509 43.10 -17.86 -12.02
C GLY L 509 42.77 -17.16 -10.72
N ILE L 510 41.54 -17.35 -10.24
CA ILE L 510 41.15 -16.76 -8.95
C ILE L 510 42.03 -17.31 -7.84
N ARG L 511 42.29 -18.61 -7.87
CA ARG L 511 43.16 -19.23 -6.87
C ARG L 511 44.57 -18.66 -6.96
N SER L 512 45.06 -18.42 -8.18
CA SER L 512 46.38 -17.83 -8.33
C SER L 512 46.45 -16.45 -7.70
N ILE L 513 45.42 -15.64 -7.92
CA ILE L 513 45.40 -14.31 -7.30
C ILE L 513 45.39 -14.43 -5.78
N ASP L 514 44.59 -15.35 -5.24
CA ASP L 514 44.53 -15.53 -3.79
C ASP L 514 45.88 -16.01 -3.25
N ASP L 515 46.54 -16.92 -3.96
CA ASP L 515 47.86 -17.38 -3.53
C ASP L 515 48.86 -16.23 -3.54
N ALA L 516 48.81 -15.40 -4.57
CA ALA L 516 49.69 -14.23 -4.60
C ALA L 516 49.43 -13.34 -3.40
N LEU L 517 48.15 -13.14 -3.06
CA LEU L 517 47.81 -12.29 -1.92
C LEU L 517 48.35 -12.86 -0.62
N ARG L 518 48.15 -14.15 -0.39
CA ARG L 518 48.45 -14.74 0.90
C ARG L 518 49.86 -15.34 1.00
N PHE L 519 50.67 -15.22 -0.04
CA PHE L 519 52.06 -15.69 0.01
C PHE L 519 53.07 -14.61 -0.27
N LEU L 520 52.82 -13.73 -1.24
CA LEU L 520 53.77 -12.68 -1.55
C LEU L 520 53.79 -11.63 -0.44
N PRO L 521 54.94 -10.99 -0.21
CA PRO L 521 55.02 -9.94 0.82
C PRO L 521 54.46 -8.61 0.33
N LEU L 522 53.20 -8.61 -0.07
CA LEU L 522 52.54 -7.40 -0.57
C LEU L 522 52.08 -6.56 0.60
N ARG L 523 52.60 -5.34 0.68
CA ARG L 523 52.28 -4.42 1.77
C ARG L 523 51.15 -3.49 1.32
N ASN L 524 50.81 -2.55 2.18
CA ASN L 524 49.75 -1.59 1.86
C ASN L 524 50.23 -0.68 0.72
N GLY L 525 49.40 -0.55 -0.31
CA GLY L 525 49.72 0.28 -1.45
C GLY L 525 50.40 -0.44 -2.60
N ASP L 526 50.67 -1.74 -2.47
CA ASP L 526 51.28 -2.49 -3.55
C ASP L 526 50.26 -2.78 -4.65
N ARG L 527 50.77 -3.14 -5.82
CA ARG L 527 49.95 -3.46 -6.97
C ARG L 527 50.24 -4.87 -7.44
N LEU L 528 49.22 -5.56 -7.94
CA LEU L 528 49.39 -6.93 -8.41
C LEU L 528 49.66 -7.01 -9.90
N GLY L 529 48.72 -6.57 -10.72
CA GLY L 529 48.86 -6.75 -12.16
C GLY L 529 47.53 -6.76 -12.88
N HIS L 530 47.39 -7.65 -13.86
CA HIS L 530 46.16 -7.69 -14.66
C HIS L 530 44.98 -8.18 -13.84
N CYS L 531 45.13 -9.30 -13.15
CA CYS L 531 44.08 -9.86 -12.31
C CYS L 531 42.78 -10.04 -13.10
N THR L 532 42.90 -10.53 -14.33
CA THR L 532 41.73 -10.74 -15.18
C THR L 532 40.78 -11.78 -14.61
N ALA L 533 41.28 -12.73 -13.80
CA ALA L 533 40.43 -13.82 -13.34
C ALA L 533 39.32 -13.32 -12.41
N ILE L 534 39.53 -12.22 -11.71
CA ILE L 534 38.52 -11.67 -10.82
C ILE L 534 37.75 -10.53 -11.46
N GLY L 535 37.99 -10.24 -12.74
CA GLY L 535 37.25 -9.23 -13.45
C GLY L 535 36.36 -9.81 -14.53
N ILE L 536 36.83 -10.87 -15.18
CA ILE L 536 36.08 -11.51 -16.24
C ILE L 536 34.92 -12.30 -15.64
N THR L 537 33.74 -12.15 -16.22
CA THR L 537 32.60 -12.86 -15.70
C THR L 537 32.59 -14.30 -16.19
N PRO L 538 32.04 -15.23 -15.40
CA PRO L 538 31.87 -16.59 -15.91
C PRO L 538 31.02 -16.65 -17.16
N SER L 539 30.03 -15.76 -17.29
CA SER L 539 29.23 -15.71 -18.50
C SER L 539 30.13 -15.46 -19.71
N ILE L 540 30.76 -14.29 -19.78
CA ILE L 540 31.79 -14.09 -20.78
C ILE L 540 33.14 -14.46 -20.17
N TRP L 541 33.34 -15.75 -19.97
CA TRP L 541 34.65 -16.40 -20.02
C TRP L 541 34.59 -17.71 -20.77
N LYS L 542 33.43 -18.35 -20.86
CA LYS L 542 33.21 -19.60 -21.57
C LYS L 542 32.26 -19.30 -22.73
N ARG L 543 32.84 -18.89 -23.85
CA ARG L 543 32.07 -18.52 -25.03
C ARG L 543 32.46 -19.32 -26.26
N SER L 544 33.73 -19.69 -26.40
CA SER L 544 34.19 -20.59 -27.45
C SER L 544 35.05 -21.70 -26.87
N LEU L 545 34.88 -22.00 -25.59
CA LEU L 545 35.72 -22.95 -24.90
C LEU L 545 35.11 -24.34 -24.91
N PRO L 546 35.92 -25.39 -24.96
CA PRO L 546 35.35 -26.74 -24.91
C PRO L 546 34.70 -27.01 -23.57
N LEU L 547 33.70 -27.91 -23.59
CA LEU L 547 32.96 -28.21 -22.38
C LEU L 547 33.83 -28.82 -21.29
N SER L 548 35.00 -29.33 -21.64
CA SER L 548 35.95 -29.85 -20.65
C SER L 548 37.31 -29.26 -20.90
N LEU L 549 37.93 -28.72 -19.86
CA LEU L 549 39.27 -28.15 -19.93
C LEU L 549 40.21 -29.02 -19.11
N SER L 550 41.38 -29.31 -19.67
CA SER L 550 42.35 -30.16 -19.00
C SER L 550 43.40 -29.28 -18.31
N MET L 551 43.74 -29.65 -17.07
CA MET L 551 44.73 -28.94 -16.29
C MET L 551 45.71 -29.95 -15.72
N THR L 552 46.69 -29.45 -14.98
CA THR L 552 47.59 -30.32 -14.24
C THR L 552 46.99 -30.70 -12.90
N LYS L 553 47.39 -31.86 -12.38
CA LYS L 553 46.85 -32.35 -11.12
C LYS L 553 47.18 -31.41 -9.96
N GLU L 554 48.36 -30.80 -9.99
CA GLU L 554 48.71 -29.87 -8.91
C GLU L 554 47.77 -28.67 -8.88
N THR L 555 47.52 -28.08 -10.06
CA THR L 555 46.56 -26.99 -10.14
C THR L 555 45.16 -27.44 -9.76
N ARG L 556 44.74 -28.63 -10.17
CA ARG L 556 43.43 -29.15 -9.82
C ARG L 556 43.28 -29.29 -8.30
N LEU L 557 44.27 -29.88 -7.65
CA LEU L 557 44.21 -30.07 -6.20
C LEU L 557 44.20 -28.74 -5.48
N LEU L 558 45.08 -27.81 -5.90
CA LEU L 558 45.11 -26.50 -5.27
C LEU L 558 43.79 -25.75 -5.47
N ASP L 559 43.19 -25.87 -6.66
CA ASP L 559 41.91 -25.24 -6.92
C ASP L 559 40.82 -25.83 -6.03
N LEU L 560 40.82 -27.16 -5.84
CA LEU L 560 39.82 -27.77 -4.97
C LEU L 560 40.00 -27.28 -3.53
N VAL L 561 41.23 -27.22 -3.06
CA VAL L 561 41.48 -26.73 -1.71
C VAL L 561 41.02 -25.28 -1.56
N PHE L 562 41.30 -24.47 -2.57
CA PHE L 562 40.86 -23.07 -2.54
C PHE L 562 39.35 -22.96 -2.52
N ILE L 563 38.66 -23.77 -3.33
CA ILE L 563 37.21 -23.75 -3.35
C ILE L 563 36.67 -24.10 -1.97
N TRP L 564 37.23 -25.15 -1.35
CA TRP L 564 36.80 -25.52 -0.01
C TRP L 564 37.03 -24.38 0.97
N ARG L 565 38.22 -23.79 0.94
CA ARG L 565 38.55 -22.71 1.88
C ARG L 565 37.57 -21.56 1.75
N GLU L 566 37.24 -21.17 0.52
CA GLU L 566 36.43 -19.98 0.31
C GLU L 566 34.94 -20.24 0.43
N LEU L 567 34.47 -21.47 0.24
CA LEU L 567 33.05 -21.77 0.32
C LEU L 567 32.66 -22.55 1.55
N ARG L 568 33.60 -22.77 2.49
CA ARG L 568 33.25 -23.35 3.77
C ARG L 568 32.13 -22.56 4.45
N SER L 569 32.29 -21.24 4.54
CA SER L 569 31.40 -20.39 5.30
C SER L 569 30.18 -19.94 4.51
N HIS L 570 30.10 -20.27 3.23
CA HIS L 570 28.97 -19.83 2.42
C HIS L 570 27.79 -20.79 2.61
N PRO L 571 26.71 -20.38 3.26
CA PRO L 571 25.59 -21.32 3.48
C PRO L 571 24.99 -21.86 2.20
N GLU L 572 25.00 -21.07 1.13
CA GLU L 572 24.39 -21.46 -0.13
C GLU L 572 25.32 -22.31 -1.00
N LEU L 573 26.59 -22.45 -0.64
CA LEU L 573 27.57 -23.17 -1.45
C LEU L 573 28.26 -24.26 -0.65
N LEU L 574 27.64 -24.70 0.45
CA LEU L 574 28.24 -25.74 1.28
C LEU L 574 28.38 -27.05 0.51
N ARG L 575 27.43 -27.35 -0.38
CA ARG L 575 27.54 -28.55 -1.20
C ARG L 575 28.81 -28.53 -2.05
N TYR L 576 29.06 -27.39 -2.70
CA TYR L 576 30.26 -27.27 -3.52
C TYR L 576 31.51 -27.35 -2.67
N ALA L 577 31.50 -26.74 -1.48
CA ALA L 577 32.66 -26.84 -0.60
C ALA L 577 32.93 -28.29 -0.22
N SER L 578 31.88 -29.04 0.14
CA SER L 578 32.06 -30.43 0.55
C SER L 578 32.56 -31.28 -0.62
N ASP L 579 31.99 -31.10 -1.80
CA ASP L 579 32.45 -31.87 -2.95
C ASP L 579 33.91 -31.53 -3.27
N ALA L 580 34.28 -30.26 -3.16
CA ALA L 580 35.66 -29.88 -3.37
C ALA L 580 36.59 -30.56 -2.37
N ALA L 581 36.17 -30.61 -1.11
CA ALA L 581 36.99 -31.30 -0.10
C ALA L 581 37.17 -32.77 -0.44
N ILE L 582 36.07 -33.44 -0.82
CA ILE L 582 36.14 -34.87 -1.11
C ILE L 582 37.04 -35.12 -2.31
N GLU L 583 36.86 -34.35 -3.37
CA GLU L 583 37.69 -34.50 -4.56
C GLU L 583 39.15 -34.19 -4.26
N ALA L 584 39.41 -33.20 -3.40
CA ALA L 584 40.78 -32.86 -3.04
C ALA L 584 41.45 -34.01 -2.30
N VAL L 585 40.74 -34.62 -1.35
CA VAL L 585 41.31 -35.76 -0.64
C VAL L 585 41.61 -36.88 -1.62
N ARG L 586 40.68 -37.16 -2.53
CA ARG L 586 40.90 -38.22 -3.52
C ARG L 586 42.12 -37.96 -4.38
N LEU L 587 42.18 -36.77 -4.97
CA LEU L 587 43.29 -36.47 -5.85
C LEU L 587 44.61 -36.46 -5.11
N ALA L 588 44.61 -36.01 -3.86
CA ALA L 588 45.82 -36.11 -3.04
C ALA L 588 46.21 -37.56 -2.83
N HIS L 589 45.23 -38.46 -2.71
CA HIS L 589 45.54 -39.86 -2.48
C HIS L 589 46.45 -40.45 -3.57
N LYS L 590 46.18 -40.18 -4.85
CA LYS L 590 47.18 -40.64 -5.85
C LYS L 590 48.38 -39.71 -5.92
N VAL L 591 48.16 -38.40 -5.93
CA VAL L 591 49.29 -37.49 -6.18
C VAL L 591 50.41 -37.77 -5.20
N PHE L 592 50.06 -38.04 -3.95
CA PHE L 592 51.03 -38.38 -2.92
C PHE L 592 51.26 -39.88 -2.77
N SER L 593 50.51 -40.71 -3.49
CA SER L 593 50.61 -42.16 -3.35
C SER L 593 50.48 -42.57 -1.88
N LEU L 594 49.52 -41.95 -1.21
CA LEU L 594 49.35 -42.14 0.23
C LEU L 594 48.55 -43.41 0.49
N GLU L 595 48.95 -44.15 1.53
CA GLU L 595 48.16 -45.30 1.92
C GLU L 595 47.23 -44.97 3.06
N GLU L 596 47.62 -44.02 3.90
CA GLU L 596 46.87 -43.62 5.09
C GLU L 596 45.76 -42.65 4.68
N GLU L 597 45.14 -42.02 5.67
CA GLU L 597 44.06 -41.06 5.44
C GLU L 597 44.59 -39.65 5.68
N VAL L 598 44.37 -38.78 4.69
CA VAL L 598 44.76 -37.37 4.78
C VAL L 598 43.49 -36.54 4.68
N SER L 599 43.25 -35.70 5.69
CA SER L 599 42.07 -34.86 5.71
C SER L 599 42.33 -33.55 4.96
N ILE L 600 41.23 -32.87 4.62
CA ILE L 600 41.35 -31.58 3.95
C ILE L 600 42.07 -30.57 4.85
N THR L 601 41.93 -30.72 6.18
CA THR L 601 42.64 -29.83 7.10
C THR L 601 44.15 -29.97 6.94
N THR L 602 44.66 -31.21 6.93
CA THR L 602 46.09 -31.40 6.78
C THR L 602 46.54 -31.08 5.36
N LEU L 603 45.67 -31.24 4.36
CA LEU L 603 46.00 -30.76 3.02
C LEU L 603 46.21 -29.26 3.02
N ASP L 604 45.33 -28.52 3.72
CA ASP L 604 45.49 -27.08 3.86
C ASP L 604 46.80 -26.74 4.57
N GLN L 605 47.12 -27.48 5.63
CA GLN L 605 48.40 -27.26 6.31
C GLN L 605 49.56 -27.47 5.36
N VAL L 606 49.51 -28.54 4.56
CA VAL L 606 50.59 -28.83 3.62
C VAL L 606 50.74 -27.69 2.62
N PHE L 607 49.62 -27.19 2.10
CA PHE L 607 49.67 -26.20 1.03
C PHE L 607 49.82 -24.77 1.52
N GLU L 608 49.79 -24.52 2.83
CA GLU L 608 50.16 -23.20 3.32
C GLU L 608 51.67 -23.02 3.42
N MET L 609 52.45 -24.08 3.21
CA MET L 609 53.90 -24.02 3.33
C MET L 609 54.59 -23.83 1.99
N ARG L 610 53.84 -23.48 0.94
CA ARG L 610 54.43 -23.25 -0.36
C ARG L 610 55.29 -21.99 -0.40
N GLY L 611 55.07 -21.06 0.53
CA GLY L 611 55.89 -19.86 0.60
C GLY L 611 57.27 -20.07 1.17
N LEU L 612 57.53 -21.25 1.74
CA LEU L 612 58.85 -21.55 2.29
C LEU L 612 59.85 -21.77 1.17
N LEU L 613 61.08 -21.30 1.39
CA LEU L 613 62.16 -21.61 0.48
C LEU L 613 62.40 -23.12 0.47
N ALA L 614 62.51 -23.70 -0.73
CA ALA L 614 62.65 -25.15 -0.83
C ALA L 614 63.89 -25.62 -0.09
N GLU L 615 65.01 -24.96 -0.32
CA GLU L 615 66.29 -25.34 0.30
C GLU L 615 66.56 -24.52 1.56
N SER L 616 65.60 -24.48 2.48
CA SER L 616 65.81 -23.76 3.74
C SER L 616 66.27 -24.70 4.83
N GLU L 617 65.41 -25.65 5.23
CA GLU L 617 65.82 -26.73 6.13
C GLU L 617 65.13 -28.04 5.79
N GLY L 618 64.41 -28.10 4.67
CA GLY L 618 63.66 -29.30 4.31
C GLY L 618 64.12 -29.90 3.01
N LEU L 619 65.30 -29.49 2.52
CA LEU L 619 65.82 -29.98 1.26
C LEU L 619 67.30 -29.62 1.12
N SER L 631 73.84 -13.37 3.50
CA SER L 631 73.49 -12.80 4.79
C SER L 631 71.99 -12.56 4.88
N LEU L 632 71.45 -11.82 3.93
CA LEU L 632 70.01 -11.53 3.92
C LEU L 632 69.19 -12.78 3.69
N TRP L 633 69.77 -13.82 3.09
CA TRP L 633 69.07 -15.08 2.84
C TRP L 633 68.94 -15.93 4.09
N LEU L 634 69.63 -15.58 5.17
CA LEU L 634 69.63 -16.38 6.40
C LEU L 634 68.23 -16.46 7.00
N GLU L 635 67.50 -15.34 7.00
CA GLU L 635 66.18 -15.32 7.62
C GLU L 635 65.27 -16.39 7.04
N GLU L 636 65.18 -16.46 5.71
CA GLU L 636 64.31 -17.46 5.09
C GLU L 636 64.98 -18.81 4.89
N TYR L 637 66.30 -18.91 5.07
CA TYR L 637 66.93 -20.21 5.26
C TYR L 637 66.44 -20.87 6.55
N GLU L 638 66.32 -20.11 7.63
CA GLU L 638 65.78 -20.64 8.88
C GLU L 638 64.28 -20.45 9.05
N ARG L 639 63.59 -19.80 8.10
CA ARG L 639 62.15 -19.63 8.29
C ARG L 639 61.44 -20.96 8.51
N ALA L 640 61.98 -22.05 7.96
CA ALA L 640 61.38 -23.37 8.15
C ALA L 640 61.62 -23.94 9.54
N ARG L 641 62.58 -23.39 10.30
CA ARG L 641 62.88 -23.96 11.62
C ARG L 641 61.70 -23.83 12.57
N GLU L 642 60.99 -22.70 12.52
CA GLU L 642 59.80 -22.57 13.35
C GLU L 642 58.79 -23.67 13.03
N LEU L 643 58.58 -23.94 11.74
CA LEU L 643 57.68 -25.01 11.32
C LEU L 643 58.12 -26.35 11.87
N VAL L 644 59.41 -26.67 11.75
CA VAL L 644 59.90 -27.98 12.19
C VAL L 644 59.96 -28.05 13.70
N LYS L 645 59.90 -26.89 14.37
CA LYS L 645 59.82 -26.86 15.83
C LYS L 645 58.42 -27.22 16.32
N THR L 646 57.38 -26.69 15.67
CA THR L 646 56.02 -27.04 16.05
C THR L 646 55.82 -28.54 16.02
N THR L 647 55.56 -29.12 17.20
CA THR L 647 55.51 -30.58 17.32
C THR L 647 54.43 -31.20 16.45
N GLY L 648 53.35 -30.47 16.19
CA GLY L 648 52.20 -31.01 15.50
C GLY L 648 52.24 -30.83 14.00
N MET L 649 53.38 -30.42 13.45
CA MET L 649 53.48 -30.07 12.03
C MET L 649 54.25 -31.15 11.27
N LYS L 650 54.29 -32.36 11.86
CA LYS L 650 54.87 -33.56 11.25
C LYS L 650 54.41 -33.83 9.84
N ARG L 651 53.15 -34.21 9.72
CA ARG L 651 52.62 -34.84 8.52
C ARG L 651 52.51 -33.80 7.42
N PRO L 652 52.11 -32.57 7.71
CA PRO L 652 52.26 -31.52 6.71
C PRO L 652 53.69 -31.38 6.24
N LEU L 653 54.68 -31.49 7.13
CA LEU L 653 56.04 -31.27 6.66
C LEU L 653 56.50 -32.38 5.74
N LYS L 654 56.31 -33.63 6.16
CA LYS L 654 56.75 -34.75 5.33
C LYS L 654 56.00 -34.76 4.01
N LEU L 655 54.71 -34.44 4.05
CA LEU L 655 53.92 -34.39 2.82
C LEU L 655 54.44 -33.31 1.88
N TYR L 656 54.79 -32.14 2.41
CA TYR L 656 55.35 -31.10 1.56
C TYR L 656 56.69 -31.52 1.00
N LYS L 657 57.49 -32.24 1.78
CA LYS L 657 58.77 -32.73 1.27
C LYS L 657 58.55 -33.72 0.13
N GLN L 658 57.56 -34.60 0.26
CA GLN L 658 57.20 -35.47 -0.85
C GLN L 658 56.74 -34.66 -2.05
N TRP L 659 55.95 -33.61 -1.81
CA TRP L 659 55.48 -32.74 -2.87
C TRP L 659 56.62 -32.07 -3.61
N LEU L 660 57.71 -31.76 -2.90
CA LEU L 660 58.84 -31.06 -3.50
C LEU L 660 59.81 -32.01 -4.19
N THR L 661 60.13 -33.14 -3.57
CA THR L 661 61.24 -33.99 -4.01
C THR L 661 60.80 -35.28 -4.68
N SER L 662 59.73 -35.91 -4.22
CA SER L 662 59.38 -37.24 -4.71
C SER L 662 59.17 -37.23 -6.21
N ASP L 663 59.91 -38.10 -6.91
CA ASP L 663 59.76 -38.20 -8.35
C ASP L 663 58.36 -38.64 -8.76
N ASN L 664 57.79 -39.59 -8.02
CA ASN L 664 56.42 -40.02 -8.31
C ASN L 664 55.44 -38.87 -8.15
N VAL L 665 55.56 -38.11 -7.06
CA VAL L 665 54.65 -37.00 -6.82
C VAL L 665 54.83 -35.93 -7.89
N ARG L 666 56.07 -35.72 -8.35
CA ARG L 666 56.30 -34.72 -9.38
C ARG L 666 55.73 -35.14 -10.73
N LYS L 667 55.85 -36.43 -11.07
CA LYS L 667 55.22 -36.94 -12.28
C LYS L 667 53.71 -36.80 -12.19
N GLN L 668 53.12 -37.14 -11.04
CA GLN L 668 51.68 -36.99 -10.86
C GLN L 668 51.26 -35.51 -10.90
N ARG L 669 52.13 -34.62 -10.41
CA ARG L 669 51.83 -33.19 -10.49
C ARG L 669 51.78 -32.73 -11.94
N ALA L 670 52.71 -33.20 -12.76
CA ALA L 670 52.71 -32.84 -14.18
C ALA L 670 51.63 -33.56 -14.97
N GLU L 671 51.07 -34.64 -14.43
CA GLU L 671 49.95 -35.31 -15.08
C GLU L 671 48.81 -34.32 -15.35
N TYR L 672 47.91 -34.72 -16.24
CA TYR L 672 46.77 -33.91 -16.63
C TYR L 672 45.46 -34.61 -16.29
N VAL L 673 44.45 -33.81 -15.95
CA VAL L 673 43.12 -34.30 -15.63
C VAL L 673 42.11 -33.30 -16.17
N GLU L 674 40.92 -33.80 -16.54
CA GLU L 674 39.88 -32.97 -17.14
C GLU L 674 38.93 -32.44 -16.08
N VAL L 675 38.49 -31.20 -16.26
CA VAL L 675 37.54 -30.55 -15.39
C VAL L 675 36.43 -29.95 -16.26
N ALA L 676 35.19 -30.16 -15.84
CA ALA L 676 34.07 -29.60 -16.58
C ALA L 676 34.09 -28.08 -16.51
N LEU L 677 33.65 -27.44 -17.59
CA LEU L 677 33.56 -25.99 -17.62
C LEU L 677 32.59 -25.48 -16.57
N GLU L 678 31.44 -26.12 -16.46
CA GLU L 678 30.49 -25.83 -15.38
C GLU L 678 30.76 -26.73 -14.17
N TYR L 679 32.01 -26.82 -13.75
CA TYR L 679 32.29 -27.55 -12.52
C TYR L 679 31.70 -26.82 -11.32
N LEU L 680 31.83 -25.49 -11.31
CA LEU L 680 31.17 -24.64 -10.34
C LEU L 680 30.21 -23.72 -11.08
N PRO L 681 29.01 -23.48 -10.54
CA PRO L 681 28.07 -22.59 -11.22
C PRO L 681 28.58 -21.16 -11.24
N ASP L 682 27.99 -20.37 -12.15
CA ASP L 682 28.35 -18.95 -12.26
C ASP L 682 28.28 -18.27 -10.91
N GLU L 683 27.27 -18.61 -10.10
CA GLU L 683 27.14 -17.98 -8.79
C GLU L 683 28.36 -18.29 -7.92
N ALA L 684 28.78 -19.55 -7.89
CA ALA L 684 29.92 -19.93 -7.07
C ALA L 684 31.21 -19.26 -7.55
N VAL L 685 31.40 -19.20 -8.87
CA VAL L 685 32.60 -18.56 -9.40
C VAL L 685 32.61 -17.08 -9.03
N VAL L 686 31.44 -16.42 -9.12
CA VAL L 686 31.37 -15.02 -8.75
C VAL L 686 31.62 -14.86 -7.25
N ALA L 687 31.16 -15.81 -6.44
CA ALA L 687 31.42 -15.75 -5.01
C ALA L 687 32.91 -15.82 -4.72
N LEU L 688 33.62 -16.73 -5.39
CA LEU L 688 35.07 -16.80 -5.24
C LEU L 688 35.73 -15.50 -5.68
N GLN L 689 35.29 -14.96 -6.82
CA GLN L 689 35.84 -13.69 -7.31
C GLN L 689 35.65 -12.58 -6.28
N GLN L 690 34.46 -12.52 -5.67
CA GLN L 690 34.17 -11.46 -4.71
C GLN L 690 34.92 -11.67 -3.40
N ALA L 691 35.17 -12.92 -3.02
CA ALA L 691 36.01 -13.16 -1.85
C ALA L 691 37.42 -12.64 -2.09
N VAL L 692 37.98 -12.92 -3.27
CA VAL L 692 39.31 -12.39 -3.59
C VAL L 692 39.27 -10.87 -3.67
N MET L 693 38.18 -10.32 -4.19
CA MET L 693 37.98 -8.87 -4.21
C MET L 693 38.05 -8.29 -2.81
N ALA L 694 37.33 -8.91 -1.87
CA ALA L 694 37.32 -8.43 -0.49
C ALA L 694 38.70 -8.51 0.12
N LYS L 695 39.43 -9.60 -0.14
CA LYS L 695 40.81 -9.69 0.35
C LYS L 695 41.65 -8.56 -0.19
N MET L 696 41.53 -8.28 -1.49
CA MET L 696 42.33 -7.21 -2.11
C MET L 696 41.99 -5.86 -1.52
N ALA L 697 40.69 -5.59 -1.33
CA ALA L 697 40.28 -4.30 -0.75
C ALA L 697 40.79 -4.17 0.68
N ASP L 698 40.70 -5.25 1.46
CA ASP L 698 41.18 -5.21 2.84
C ASP L 698 42.68 -4.93 2.90
N ARG L 699 43.46 -5.58 2.03
CA ARG L 699 44.90 -5.36 2.04
C ARG L 699 45.31 -4.14 1.24
N ASN L 700 44.36 -3.43 0.62
CA ASN L 700 44.63 -2.22 -0.15
C ASN L 700 45.67 -2.48 -1.23
N ILE L 701 45.39 -3.48 -2.05
CA ILE L 701 46.22 -3.86 -3.18
C ILE L 701 45.55 -3.39 -4.46
N ALA L 702 46.27 -2.62 -5.26
CA ALA L 702 45.73 -2.08 -6.49
C ALA L 702 45.95 -3.05 -7.65
N ILE L 703 45.18 -2.82 -8.71
CA ILE L 703 45.20 -3.66 -9.91
C ILE L 703 45.52 -2.78 -11.10
N GLU L 704 46.68 -3.00 -11.72
CA GLU L 704 46.99 -2.34 -12.99
C GLU L 704 46.25 -3.08 -14.10
N CYS L 705 45.29 -2.39 -14.71
CA CYS L 705 44.46 -2.99 -15.75
C CYS L 705 44.71 -2.29 -17.08
N PRO L 706 45.54 -2.85 -17.96
CA PRO L 706 45.63 -2.32 -19.31
C PRO L 706 44.56 -2.92 -20.20
N PRO L 707 44.31 -2.35 -21.37
CA PRO L 707 43.26 -2.87 -22.23
C PRO L 707 43.76 -3.98 -23.14
N THR L 708 43.12 -5.15 -23.07
CA THR L 708 43.52 -6.29 -23.86
C THR L 708 42.45 -6.66 -24.87
N SER L 714 40.56 -11.69 -25.19
CA SER L 714 40.47 -12.60 -26.33
C SER L 714 39.02 -13.01 -26.56
N GLN L 715 38.29 -13.13 -25.47
CA GLN L 715 36.88 -13.51 -25.45
C GLN L 715 35.96 -12.30 -25.55
N TYR L 716 36.50 -11.08 -25.58
CA TYR L 716 35.70 -9.87 -25.75
C TYR L 716 35.56 -9.56 -27.23
N ARG L 717 34.33 -9.58 -27.72
CA ARG L 717 34.09 -9.10 -29.08
C ARG L 717 34.33 -7.60 -29.18
N ASN L 718 33.67 -6.84 -28.32
CA ASN L 718 33.73 -5.40 -28.29
C ASN L 718 34.37 -4.94 -26.98
N VAL L 719 34.96 -3.74 -27.02
CA VAL L 719 35.64 -3.22 -25.85
C VAL L 719 34.67 -2.95 -24.70
N SER L 720 33.38 -2.81 -24.99
CA SER L 720 32.40 -2.54 -23.94
C SER L 720 32.21 -3.73 -23.00
N GLU L 721 32.69 -4.92 -23.38
CA GLU L 721 32.60 -6.10 -22.55
C GLU L 721 33.79 -6.27 -21.62
N HIS L 722 34.76 -5.34 -21.66
CA HIS L 722 35.94 -5.45 -20.83
C HIS L 722 35.56 -5.34 -19.35
N HIS L 723 36.31 -6.06 -18.51
CA HIS L 723 36.05 -6.12 -17.08
C HIS L 723 36.45 -4.85 -16.35
N ILE L 724 37.17 -3.94 -17.00
CA ILE L 724 37.50 -2.67 -16.36
C ILE L 724 36.23 -1.91 -15.99
N PHE L 725 35.20 -2.00 -16.83
CA PHE L 725 33.94 -1.34 -16.54
C PHE L 725 33.22 -1.99 -15.38
N ARG L 726 33.28 -3.32 -15.26
CA ARG L 726 32.75 -3.97 -14.07
C ARG L 726 33.47 -3.48 -12.82
N TRP L 727 34.80 -3.37 -12.89
CA TRP L 727 35.56 -2.89 -11.74
C TRP L 727 35.21 -1.43 -11.42
N MET L 728 34.98 -0.62 -12.44
CA MET L 728 34.61 0.78 -12.26
C MET L 728 33.17 0.93 -11.79
N GLY L 729 32.37 -0.13 -11.87
CA GLY L 729 31.04 -0.11 -11.29
C GLY L 729 29.94 0.40 -12.20
N LEU L 730 30.12 0.30 -13.51
CA LEU L 730 29.09 0.77 -14.42
C LEU L 730 27.83 -0.07 -14.25
N PRO L 731 26.65 0.53 -14.29
CA PRO L 731 25.41 -0.26 -14.24
C PRO L 731 25.36 -1.24 -15.41
N GLY L 732 24.89 -2.45 -15.13
CA GLY L 732 24.82 -3.50 -16.12
C GLY L 732 26.08 -4.33 -16.25
N GLU L 733 27.20 -3.86 -15.70
CA GLU L 733 28.45 -4.60 -15.70
C GLU L 733 28.88 -5.05 -14.32
N ALA L 734 28.62 -4.25 -13.30
CA ALA L 734 28.95 -4.62 -11.93
C ALA L 734 27.98 -5.67 -11.42
N ILE L 735 28.49 -6.57 -10.60
CA ILE L 735 27.70 -7.64 -10.01
C ILE L 735 27.40 -7.28 -8.56
N GLU L 736 26.32 -7.85 -8.03
CA GLU L 736 25.73 -7.36 -6.78
C GLU L 736 26.77 -7.30 -5.66
N GLY L 737 27.54 -8.37 -5.48
CA GLY L 737 28.44 -8.47 -4.35
C GLY L 737 29.86 -8.06 -4.64
N ASP L 738 30.06 -7.16 -5.59
CA ASP L 738 31.41 -6.72 -5.96
C ASP L 738 31.96 -5.75 -4.91
N VAL L 739 33.28 -5.60 -4.91
CA VAL L 739 33.99 -4.72 -3.99
C VAL L 739 34.96 -3.87 -4.81
N PRO L 740 34.99 -2.55 -4.61
CA PRO L 740 35.98 -1.72 -5.31
C PRO L 740 37.40 -2.14 -4.96
N MET L 741 38.32 -1.96 -5.92
CA MET L 741 39.64 -2.58 -5.82
C MET L 741 40.80 -1.69 -6.23
N SER L 742 40.59 -0.39 -6.44
CA SER L 742 41.70 0.52 -6.75
C SER L 742 42.41 0.09 -8.03
N ILE L 743 41.69 0.28 -9.14
CA ILE L 743 42.25 0.02 -10.46
C ILE L 743 43.13 1.19 -10.87
N CYS L 744 44.32 0.86 -11.37
CA CYS L 744 45.25 1.80 -11.99
C CYS L 744 45.34 1.53 -13.48
N LEU L 745 45.78 2.53 -14.23
CA LEU L 745 45.86 2.46 -15.67
C LEU L 745 47.25 2.00 -16.12
N GLY L 746 47.29 1.39 -17.30
CA GLY L 746 48.55 0.99 -17.90
C GLY L 746 48.45 0.98 -19.41
N SER L 747 49.50 1.45 -20.07
CA SER L 747 49.55 1.50 -21.54
C SER L 747 50.21 0.23 -22.05
N ASP L 748 49.40 -0.83 -22.18
CA ASP L 748 49.88 -2.12 -22.66
C ASP L 748 48.75 -2.77 -23.45
N ASP L 749 48.78 -2.61 -24.77
CA ASP L 749 47.82 -3.26 -25.65
C ASP L 749 48.54 -4.35 -26.44
N PRO L 750 48.26 -5.63 -26.18
CA PRO L 750 49.05 -6.69 -26.84
C PRO L 750 49.04 -6.63 -28.36
N GLY L 751 47.93 -6.26 -28.98
CA GLY L 751 47.80 -6.39 -30.42
C GLY L 751 47.56 -5.10 -31.18
N ILE L 752 48.26 -4.03 -30.81
CA ILE L 752 48.15 -2.75 -31.51
C ILE L 752 49.55 -2.21 -31.79
N PHE L 753 49.65 -1.40 -32.83
CA PHE L 753 50.86 -0.65 -33.13
C PHE L 753 50.65 0.81 -32.72
N ALA L 754 51.66 1.39 -32.09
CA ALA L 754 51.63 2.81 -31.73
C ALA L 754 50.45 3.12 -30.81
N ALA L 755 50.51 2.55 -29.61
CA ALA L 755 49.57 2.86 -28.55
C ALA L 755 50.23 3.75 -27.51
N ASP L 756 49.40 4.45 -26.75
CA ASP L 756 49.88 5.37 -25.75
C ASP L 756 48.92 5.40 -24.58
N LEU L 757 49.42 5.90 -23.45
CA LEU L 757 48.58 6.11 -22.27
C LEU L 757 47.44 7.08 -22.57
N LYS L 758 47.74 8.15 -23.31
CA LYS L 758 46.69 9.06 -23.73
C LYS L 758 45.70 8.36 -24.65
N SER L 759 46.19 7.49 -25.54
CA SER L 759 45.29 6.76 -26.42
C SER L 759 44.34 5.88 -25.62
N GLU L 760 44.84 5.16 -24.62
CA GLU L 760 43.98 4.29 -23.83
C GLU L 760 43.01 5.10 -22.96
N PHE L 761 43.47 6.23 -22.42
CA PHE L 761 42.58 7.11 -21.67
C PHE L 761 41.43 7.58 -22.56
N TYR L 762 41.76 8.03 -23.77
CA TYR L 762 40.72 8.48 -24.70
C TYR L 762 39.81 7.34 -25.12
N HIS L 763 40.35 6.13 -25.29
CA HIS L 763 39.52 4.99 -25.64
C HIS L 763 38.51 4.69 -24.54
N LEU L 764 38.97 4.69 -23.28
CA LEU L 764 38.05 4.48 -22.17
C LEU L 764 37.00 5.57 -22.13
N PHE L 765 37.41 6.83 -22.33
CA PHE L 765 36.45 7.93 -22.33
C PHE L 765 35.41 7.76 -23.43
N VAL L 766 35.86 7.38 -24.63
CA VAL L 766 34.95 7.22 -25.76
C VAL L 766 33.96 6.11 -25.48
N VAL L 767 34.45 4.97 -24.98
CA VAL L 767 33.56 3.86 -24.69
C VAL L 767 32.54 4.26 -23.64
N LEU L 768 32.99 4.92 -22.57
CA LEU L 768 32.07 5.34 -21.51
C LEU L 768 31.01 6.30 -22.03
N THR L 769 31.42 7.25 -22.88
CA THR L 769 30.48 8.27 -23.33
C THR L 769 29.50 7.76 -24.38
N ARG L 770 29.94 6.85 -25.26
CA ARG L 770 29.12 6.44 -26.40
C ARG L 770 28.36 5.15 -26.16
N LYS L 771 28.95 4.19 -25.45
CA LYS L 771 28.36 2.87 -25.26
C LYS L 771 27.63 2.73 -23.94
N PHE L 772 28.03 3.48 -22.93
CA PHE L 772 27.38 3.46 -21.63
C PHE L 772 26.53 4.70 -21.39
N GLY L 773 26.51 5.65 -22.31
CA GLY L 773 25.63 6.79 -22.23
C GLY L 773 26.02 7.82 -21.21
N LEU L 774 27.21 7.70 -20.62
CA LEU L 774 27.61 8.64 -19.58
C LEU L 774 27.98 9.98 -20.19
N SER L 775 27.66 11.04 -19.47
CA SER L 775 28.02 12.38 -19.92
C SER L 775 29.53 12.54 -19.88
N PRO L 776 30.07 13.52 -20.61
CA PRO L 776 31.52 13.73 -20.55
C PRO L 776 32.05 13.91 -19.15
N ALA L 777 31.32 14.62 -18.28
CA ALA L 777 31.80 14.83 -16.92
C ALA L 777 31.85 13.53 -16.13
N ASP L 778 30.79 12.72 -16.21
CA ASP L 778 30.77 11.46 -15.47
C ASP L 778 31.83 10.50 -15.99
N ALA L 779 31.96 10.41 -17.31
CA ALA L 779 32.99 9.54 -17.89
C ALA L 779 34.38 10.00 -17.46
N LEU L 780 34.62 11.31 -17.47
CA LEU L 780 35.90 11.83 -17.03
C LEU L 780 36.15 11.51 -15.56
N ARG L 781 35.11 11.59 -14.72
CA ARG L 781 35.27 11.23 -13.32
C ARG L 781 35.68 9.76 -13.18
N LYS L 782 35.02 8.89 -13.94
CA LYS L 782 35.31 7.46 -13.82
C LYS L 782 36.72 7.14 -14.30
N VAL L 783 37.14 7.70 -15.43
CA VAL L 783 38.50 7.43 -15.91
C VAL L 783 39.53 8.09 -15.00
N ALA L 784 39.22 9.28 -14.49
CA ALA L 784 40.15 10.00 -13.63
C ALA L 784 40.39 9.27 -12.32
N GLU L 785 39.39 8.54 -11.83
CA GLU L 785 39.61 7.81 -10.59
C GLU L 785 40.69 6.74 -10.78
N VAL L 786 40.61 6.00 -11.88
CA VAL L 786 41.64 5.01 -12.20
C VAL L 786 42.99 5.70 -12.40
N ASN L 787 43.01 6.79 -13.17
CA ASN L 787 44.27 7.48 -13.41
C ASN L 787 44.90 7.95 -12.11
N GLU L 788 44.10 8.56 -11.22
CA GLU L 788 44.59 9.00 -9.92
C GLU L 788 45.02 7.83 -9.05
N ASN L 789 44.41 6.66 -9.22
CA ASN L 789 44.91 5.48 -8.52
C ASN L 789 46.34 5.20 -8.90
N GLY L 790 46.70 5.44 -10.16
CA GLY L 790 48.09 5.33 -10.55
C GLY L 790 49.03 6.17 -9.72
N ARG L 791 48.66 7.42 -9.44
CA ARG L 791 49.45 8.32 -8.60
C ARG L 791 49.44 7.90 -7.14
N ILE L 792 48.27 7.50 -6.63
CA ILE L 792 48.17 7.12 -5.22
C ILE L 792 49.04 5.90 -4.94
N TYR L 793 49.03 4.92 -5.85
CA TYR L 793 49.81 3.70 -5.68
C TYR L 793 51.10 3.71 -6.49
N ARG L 794 51.63 4.88 -6.80
CA ARG L 794 52.91 4.98 -7.49
C ARG L 794 54.03 4.42 -6.62
N PHE L 795 55.08 3.95 -7.28
CA PHE L 795 56.27 3.44 -6.61
C PHE L 795 57.36 4.50 -6.47
N HIS L 796 57.14 5.70 -6.97
CA HIS L 796 58.17 6.73 -6.97
C HIS L 796 58.50 7.16 -5.55
N ASP L 797 59.75 7.58 -5.35
CA ASP L 797 60.20 8.06 -4.05
C ASP L 797 59.48 9.35 -3.70
N VAL L 798 58.95 9.41 -2.48
CA VAL L 798 58.25 10.60 -2.00
C VAL L 798 59.25 11.51 -1.29
ZN ZN M . 15.92 -23.32 -47.16
ZN ZN N . 4.59 -54.50 -5.24
ZN ZN O . 27.83 -15.39 44.83
ZN ZN P . 42.82 25.44 23.25
ZN ZN Q . -19.08 -38.64 34.07
ZN ZN R . -17.63 12.16 50.61
ZN ZN S . -49.61 18.52 14.62
ZN ZN T . -34.72 -29.13 -31.07
ZN ZN U . -35.84 19.06 -37.02
ZN ZN V . -13.02 53.31 -2.90
ZN ZN W . 27.60 39.86 -25.92
ZN ZN X . 51.39 -7.34 -18.07
#